data_8UAO
#
_entry.id   8UAO
#
_cell.length_a   1.00
_cell.length_b   1.00
_cell.length_c   1.00
_cell.angle_alpha   90.00
_cell.angle_beta   90.00
_cell.angle_gamma   90.00
#
_symmetry.space_group_name_H-M   'P 1'
#
_entity_poly.entity_id   1
_entity_poly.type   'polypeptide(L)'
_entity_poly.pdbx_seq_one_letter_code
;MGHHHHHHGGSGGSGSEEEIAKALEELVASLAELKRATLKLLVITEELKKNPSESALVSHNKAIVEHNAIIVENNRIIAA
VLELIVRAVGMTDEILLALLELKASTARLKVATALLRMITEELKKNPSEDALVEHNRAIVNHNAIIVENNRIIAAVLELI
VRALNLTDEEVRKALEELKASTAELKRATASLRAITEELKKNPSEDALVEHNRAIVEHNAIIVENNRIIALVLLLIVLAI
;
_entity_poly.pdbx_strand_id   A,B,C,N,D,O,E,P,F,Q,G,R,H,S,I,T,J,U,K,V,L,W,M,X
#
# COMPACT_ATOMS: atom_id res chain seq x y z
N GLY A 15 75.50 91.58 28.36
CA GLY A 15 75.35 90.21 28.81
C GLY A 15 75.97 89.20 27.86
N SER A 16 75.91 87.93 28.23
CA SER A 16 76.38 86.85 27.39
C SER A 16 75.31 86.41 26.40
N GLU A 17 75.75 85.69 25.36
CA GLU A 17 74.83 85.20 24.35
C GLU A 17 73.74 84.32 24.95
N GLU A 18 74.07 83.59 26.02
CA GLU A 18 73.05 82.82 26.72
C GLU A 18 72.03 83.75 27.36
N GLU A 19 72.48 84.83 28.00
CA GLU A 19 71.55 85.77 28.60
C GLU A 19 70.66 86.41 27.55
N ILE A 20 71.26 86.88 26.46
CA ILE A 20 70.49 87.52 25.40
C ILE A 20 69.44 86.56 24.85
N ALA A 21 69.85 85.32 24.56
CA ALA A 21 68.90 84.34 24.01
C ALA A 21 67.78 84.02 24.99
N LYS A 22 68.12 83.80 26.25
CA LYS A 22 67.10 83.59 27.28
C LYS A 22 66.11 84.76 27.34
N ALA A 23 66.64 85.98 27.38
CA ALA A 23 65.77 87.15 27.44
C ALA A 23 64.90 87.30 26.20
N LEU A 24 65.40 86.90 25.02
CA LEU A 24 64.54 86.88 23.84
C LEU A 24 63.49 85.79 23.88
N GLU A 25 63.79 84.66 24.51
CA GLU A 25 62.74 83.68 24.78
C GLU A 25 61.66 84.25 25.72
N GLU A 26 62.08 84.99 26.74
CA GLU A 26 61.12 85.67 27.60
C GLU A 26 60.33 86.71 26.83
N LEU A 27 60.97 87.42 25.91
CA LEU A 27 60.28 88.42 25.10
C LEU A 27 59.22 87.78 24.21
N VAL A 28 59.57 86.71 23.50
CA VAL A 28 58.61 86.05 22.63
C VAL A 28 57.47 85.42 23.44
N ALA A 29 57.77 84.88 24.62
CA ALA A 29 56.70 84.45 25.54
C ALA A 29 55.77 85.60 25.92
N SER A 30 56.34 86.76 26.25
CA SER A 30 55.53 87.93 26.56
C SER A 30 54.72 88.39 25.37
N LEU A 31 55.28 88.28 24.17
CA LEU A 31 54.53 88.65 22.96
C LEU A 31 53.35 87.73 22.72
N ALA A 32 53.56 86.41 22.87
CA ALA A 32 52.43 85.48 22.74
C ALA A 32 51.34 85.77 23.77
N GLU A 33 51.75 85.99 25.02
CA GLU A 33 50.79 86.38 26.06
C GLU A 33 50.07 87.69 25.72
N LEU A 34 50.80 88.67 25.20
CA LEU A 34 50.20 89.93 24.80
C LEU A 34 49.19 89.76 23.67
N LYS A 35 49.51 88.94 22.67
CA LYS A 35 48.56 88.66 21.61
C LYS A 35 47.28 88.04 22.16
N ARG A 36 47.44 87.01 22.98
CA ARG A 36 46.27 86.35 23.60
C ARG A 36 45.42 87.34 24.39
N ALA A 37 46.06 88.17 25.21
CA ALA A 37 45.34 89.19 25.97
C ALA A 37 44.66 90.20 25.07
N THR A 38 45.29 90.57 23.95
CA THR A 38 44.65 91.51 23.03
C THR A 38 43.41 90.90 22.41
N LEU A 39 43.47 89.62 22.04
CA LEU A 39 42.28 88.95 21.52
C LEU A 39 41.15 88.93 22.55
N LYS A 40 41.47 88.51 23.78
CA LYS A 40 40.48 88.55 24.85
C LYS A 40 39.87 89.94 25.04
N LEU A 41 40.71 90.97 25.03
CA LEU A 41 40.20 92.34 25.19
C LEU A 41 39.29 92.72 24.04
N LEU A 42 39.62 92.28 22.83
CA LEU A 42 38.72 92.54 21.70
C LEU A 42 37.38 91.84 21.91
N VAL A 43 37.41 90.64 22.48
CA VAL A 43 36.16 89.94 22.77
C VAL A 43 35.30 90.77 23.69
N ILE A 44 35.85 91.14 24.85
CA ILE A 44 35.02 91.85 25.81
C ILE A 44 34.62 93.22 25.30
N THR A 45 35.44 93.84 24.45
CA THR A 45 35.02 95.07 23.77
C THR A 45 33.78 94.84 22.92
N GLU A 46 33.73 93.73 22.19
CA GLU A 46 32.53 93.43 21.42
C GLU A 46 31.33 93.16 22.32
N GLU A 47 31.53 92.38 23.38
CA GLU A 47 30.44 92.08 24.30
C GLU A 47 29.89 93.35 24.94
N LEU A 48 30.77 94.27 25.33
CA LEU A 48 30.35 95.57 25.83
C LEU A 48 29.58 96.37 24.78
N LYS A 49 30.06 96.35 23.53
CA LYS A 49 29.35 97.05 22.45
C LYS A 49 27.94 96.50 22.26
N LYS A 50 27.78 95.18 22.28
CA LYS A 50 26.47 94.57 22.06
C LYS A 50 25.53 94.78 23.24
N ASN A 51 26.03 94.68 24.48
CA ASN A 51 25.18 94.70 25.67
C ASN A 51 25.77 95.63 26.73
N PRO A 52 25.88 96.92 26.40
CA PRO A 52 26.61 97.84 27.28
C PRO A 52 25.89 98.07 28.60
N SER A 53 26.66 98.11 29.67
CA SER A 53 26.12 98.31 31.01
C SER A 53 27.24 98.76 31.94
N GLU A 54 26.84 99.29 33.09
CA GLU A 54 27.80 99.89 34.01
C GLU A 54 28.79 98.86 34.52
N SER A 55 28.31 97.69 34.94
CA SER A 55 29.23 96.65 35.40
C SER A 55 30.04 96.07 34.25
N ALA A 56 29.48 96.05 33.04
CA ALA A 56 30.28 95.71 31.86
C ALA A 56 31.39 96.73 31.65
N LEU A 57 31.07 98.02 31.82
CA LEU A 57 32.10 99.06 31.71
C LEU A 57 33.20 98.87 32.75
N VAL A 58 32.84 98.62 34.00
CA VAL A 58 33.83 98.40 35.05
C VAL A 58 34.73 97.22 34.72
N SER A 59 34.14 96.09 34.29
CA SER A 59 34.96 94.92 34.00
C SER A 59 35.82 95.11 32.77
N HIS A 60 35.30 95.82 31.76
CA HIS A 60 36.10 96.15 30.59
C HIS A 60 37.30 97.01 30.95
N ASN A 61 37.06 98.06 31.74
CA ASN A 61 38.17 98.90 32.19
C ASN A 61 39.21 98.12 32.99
N LYS A 62 38.77 97.25 33.91
CA LYS A 62 39.73 96.42 34.63
C LYS A 62 40.54 95.50 33.71
N ALA A 63 39.89 94.94 32.69
CA ALA A 63 40.63 94.15 31.72
C ALA A 63 41.63 94.98 30.94
N ILE A 64 41.27 96.22 30.59
CA ILE A 64 42.22 97.13 29.96
C ILE A 64 43.40 97.40 30.88
N VAL A 65 43.15 97.54 32.18
CA VAL A 65 44.25 97.74 33.12
C VAL A 65 45.20 96.54 33.16
N GLU A 66 44.65 95.32 33.13
CA GLU A 66 45.53 94.15 33.10
C GLU A 66 46.26 94.00 31.78
N HIS A 67 45.63 94.38 30.68
CA HIS A 67 46.30 94.42 29.39
C HIS A 67 47.46 95.42 29.40
N ASN A 68 47.21 96.62 29.92
CA ASN A 68 48.28 97.60 30.05
C ASN A 68 49.42 97.09 30.92
N ALA A 69 49.11 96.40 32.02
CA ALA A 69 50.17 95.81 32.83
C ALA A 69 51.00 94.81 32.04
N ILE A 70 50.36 94.04 31.16
CA ILE A 70 51.12 93.15 30.28
C ILE A 70 52.01 93.94 29.32
N ILE A 71 51.50 95.02 28.76
CA ILE A 71 52.33 95.88 27.91
C ILE A 71 53.55 96.40 28.67
N VAL A 72 53.33 96.85 29.90
CA VAL A 72 54.43 97.37 30.72
C VAL A 72 55.49 96.31 30.97
N GLU A 73 55.07 95.08 31.32
CA GLU A 73 56.06 94.00 31.43
C GLU A 73 56.79 93.73 30.12
N ASN A 74 56.09 93.81 28.99
CA ASN A 74 56.75 93.69 27.70
C ASN A 74 57.83 94.74 27.51
N ASN A 75 57.52 95.99 27.84
CA ASN A 75 58.48 97.07 27.69
C ASN A 75 59.64 96.94 28.67
N ARG A 76 59.40 96.42 29.86
CA ARG A 76 60.50 96.15 30.78
C ARG A 76 61.45 95.11 30.22
N ILE A 77 60.92 94.02 29.67
CA ILE A 77 61.80 93.00 29.11
C ILE A 77 62.56 93.55 27.91
N ILE A 78 61.90 94.36 27.08
CA ILE A 78 62.58 94.99 25.96
C ILE A 78 63.73 95.88 26.43
N ALA A 79 63.48 96.71 27.45
CA ALA A 79 64.53 97.55 28.01
C ALA A 79 65.69 96.72 28.56
N ALA A 80 65.39 95.57 29.16
CA ALA A 80 66.46 94.70 29.65
C ALA A 80 67.30 94.19 28.50
N VAL A 81 66.65 93.69 27.45
CA VAL A 81 67.39 93.17 26.31
C VAL A 81 68.26 94.27 25.71
N LEU A 82 67.70 95.46 25.53
CA LEU A 82 68.46 96.57 24.98
C LEU A 82 69.67 96.91 25.84
N GLU A 83 69.53 96.88 27.16
CA GLU A 83 70.69 97.13 28.02
C GLU A 83 71.76 96.06 27.85
N LEU A 84 71.36 94.80 27.72
CA LEU A 84 72.35 93.75 27.45
C LEU A 84 73.01 93.90 26.08
N ILE A 85 72.26 94.30 25.06
CA ILE A 85 72.83 94.50 23.74
C ILE A 85 73.84 95.64 23.75
N VAL A 86 73.47 96.78 24.34
CA VAL A 86 74.40 97.90 24.36
C VAL A 86 75.65 97.56 25.17
N ARG A 87 75.49 96.88 26.32
CA ARG A 87 76.69 96.46 27.02
C ARG A 87 77.52 95.47 26.20
N ALA A 88 76.87 94.69 25.33
CA ALA A 88 77.61 93.83 24.42
C ALA A 88 78.47 94.64 23.45
N VAL A 89 77.85 95.61 22.78
CA VAL A 89 78.57 96.43 21.79
C VAL A 89 79.44 97.49 22.47
N GLY A 90 79.04 98.00 23.63
CA GLY A 90 79.61 99.22 24.17
C GLY A 90 78.70 100.42 24.01
N MET A 91 78.58 101.18 25.10
CA MET A 91 77.89 102.46 25.09
C MET A 91 78.57 103.47 24.16
N THR A 92 77.82 104.52 23.83
CA THR A 92 78.34 105.72 23.20
C THR A 92 77.58 106.91 23.75
N ASP A 93 78.13 108.11 23.51
CA ASP A 93 77.52 109.32 24.06
C ASP A 93 76.02 109.40 23.79
N GLU A 94 75.62 109.29 22.52
CA GLU A 94 74.21 109.40 22.19
C GLU A 94 73.43 108.18 22.64
N ILE A 95 74.07 107.01 22.63
CA ILE A 95 73.42 105.81 23.13
C ILE A 95 73.21 105.94 24.64
N LEU A 96 74.26 106.34 25.36
CA LEU A 96 74.14 106.45 26.81
C LEU A 96 73.07 107.48 27.21
N LEU A 97 73.01 108.60 26.48
CA LEU A 97 71.98 109.59 26.75
C LEU A 97 70.58 109.06 26.43
N ALA A 98 70.45 108.24 25.39
CA ALA A 98 69.15 107.65 25.10
C ALA A 98 68.78 106.57 26.11
N LEU A 99 69.74 105.82 26.62
CA LEU A 99 69.45 104.84 27.66
C LEU A 99 69.08 105.52 28.98
N LEU A 100 69.70 106.65 29.30
CA LEU A 100 69.25 107.41 30.48
C LEU A 100 67.85 107.95 30.28
N GLU A 101 67.50 108.35 29.06
CA GLU A 101 66.13 108.74 28.76
C GLU A 101 65.18 107.55 28.87
N LEU A 102 65.64 106.37 28.45
CA LEU A 102 64.83 105.16 28.58
C LEU A 102 64.61 104.79 30.03
N LYS A 103 65.65 104.84 30.86
CA LYS A 103 65.49 104.52 32.27
C LYS A 103 64.55 105.51 32.97
N ALA A 104 64.63 106.79 32.60
CA ALA A 104 63.67 107.75 33.12
C ALA A 104 62.24 107.40 32.70
N SER A 105 62.03 107.13 31.40
CA SER A 105 60.69 106.80 30.93
C SER A 105 60.18 105.51 31.58
N THR A 106 61.06 104.55 31.80
CA THR A 106 60.70 103.33 32.53
C THR A 106 60.19 103.63 33.94
N ALA A 107 60.89 104.52 34.66
CA ALA A 107 60.42 104.83 36.01
C ALA A 107 59.11 105.61 35.97
N ARG A 108 58.99 106.57 35.06
CA ARG A 108 57.74 107.30 34.92
C ARG A 108 56.58 106.38 34.60
N LEU A 109 56.83 105.37 33.76
CA LEU A 109 55.78 104.40 33.46
C LEU A 109 55.43 103.54 34.66
N LYS A 110 56.42 103.08 35.42
CA LYS A 110 56.10 102.31 36.62
C LYS A 110 55.25 103.13 37.59
N VAL A 111 55.56 104.42 37.72
CA VAL A 111 54.77 105.32 38.56
C VAL A 111 53.34 105.44 38.05
N ALA A 112 53.17 105.76 36.76
CA ALA A 112 51.82 105.88 36.23
C ALA A 112 51.06 104.56 36.25
N THR A 113 51.76 103.44 36.12
CA THR A 113 51.14 102.12 36.27
C THR A 113 50.56 101.92 37.67
N ALA A 114 51.34 102.22 38.70
CA ALA A 114 50.79 102.19 40.05
C ALA A 114 49.62 103.16 40.22
N LEU A 115 49.74 104.37 39.68
CA LEU A 115 48.63 105.32 39.72
C LEU A 115 47.36 104.70 39.13
N LEU A 116 47.49 104.12 37.93
CA LEU A 116 46.35 103.52 37.27
C LEU A 116 45.76 102.40 38.10
N ARG A 117 46.61 101.50 38.61
CA ARG A 117 46.09 100.43 39.46
C ARG A 117 45.33 100.97 40.66
N MET A 118 45.77 102.08 41.21
CA MET A 118 45.11 102.62 42.40
C MET A 118 43.76 103.26 42.08
N ILE A 119 43.69 104.06 41.02
CA ILE A 119 42.38 104.56 40.60
C ILE A 119 41.48 103.46 40.03
N THR A 120 42.04 102.40 39.46
CA THR A 120 41.26 101.20 39.14
C THR A 120 40.60 100.60 40.38
N GLU A 121 41.36 100.42 41.46
CA GLU A 121 40.77 99.88 42.69
C GLU A 121 39.73 100.83 43.27
N GLU A 122 39.98 102.14 43.22
CA GLU A 122 38.96 103.10 43.63
C GLU A 122 37.69 103.00 42.79
N LEU A 123 37.82 102.88 41.47
CA LEU A 123 36.65 102.75 40.61
C LEU A 123 35.89 101.47 40.91
N LYS A 124 36.60 100.35 40.98
CA LYS A 124 35.94 99.08 41.29
C LYS A 124 35.17 99.17 42.59
N LYS A 125 35.78 99.77 43.63
CA LYS A 125 35.10 99.87 44.91
C LYS A 125 33.94 100.87 44.86
N ASN A 126 34.12 102.01 44.21
CA ASN A 126 33.14 103.09 44.22
C ASN A 126 32.86 103.59 42.81
N PRO A 127 32.32 102.72 41.94
CA PRO A 127 32.16 103.08 40.53
C PRO A 127 31.02 104.06 40.32
N SER A 128 31.21 104.94 39.34
CA SER A 128 30.18 105.87 38.89
C SER A 128 30.59 106.43 37.55
N GLU A 129 29.64 107.10 36.88
CA GLU A 129 29.93 107.63 35.55
C GLU A 129 31.06 108.66 35.59
N ASP A 130 31.05 109.55 36.58
CA ASP A 130 32.16 110.48 36.73
C ASP A 130 33.48 109.74 36.90
N ALA A 131 33.46 108.68 37.72
CA ALA A 131 34.65 107.87 37.94
C ALA A 131 35.07 107.17 36.66
N LEU A 132 34.11 106.74 35.84
CA LEU A 132 34.47 106.13 34.55
C LEU A 132 35.13 107.14 33.63
N VAL A 133 34.61 108.37 33.58
CA VAL A 133 35.25 109.39 32.75
C VAL A 133 36.68 109.64 33.22
N GLU A 134 36.85 109.88 34.52
CA GLU A 134 38.18 110.12 35.06
C GLU A 134 39.11 108.94 34.79
N HIS A 135 38.60 107.72 34.91
CA HIS A 135 39.39 106.53 34.66
C HIS A 135 39.80 106.42 33.19
N ASN A 136 38.87 106.69 32.27
CA ASN A 136 39.24 106.67 30.86
C ASN A 136 40.31 107.72 30.53
N ARG A 137 40.17 108.92 31.11
CA ARG A 137 41.20 109.94 30.90
C ARG A 137 42.56 109.50 31.46
N ALA A 138 42.56 108.80 32.60
CA ALA A 138 43.82 108.31 33.14
C ALA A 138 44.38 107.16 32.31
N ILE A 139 43.53 106.33 31.72
CA ILE A 139 43.99 105.33 30.76
C ILE A 139 44.65 105.99 29.57
N VAL A 140 44.04 107.05 29.03
CA VAL A 140 44.63 107.73 27.88
C VAL A 140 45.96 108.38 28.23
N ASN A 141 46.11 108.91 29.44
CA ASN A 141 47.41 109.41 29.85
C ASN A 141 48.44 108.29 30.04
N HIS A 142 48.01 107.17 30.61
CA HIS A 142 48.90 106.02 30.73
C HIS A 142 49.38 105.55 29.37
N ASN A 143 48.46 105.40 28.42
CA ASN A 143 48.84 105.07 27.06
C ASN A 143 49.80 106.09 26.45
N ALA A 144 49.53 107.39 26.62
CA ALA A 144 50.47 108.38 26.11
C ALA A 144 51.88 108.19 26.68
N ILE A 145 51.98 107.71 27.92
CA ILE A 145 53.29 107.37 28.47
C ILE A 145 53.87 106.13 27.81
N ILE A 146 53.04 105.13 27.55
CA ILE A 146 53.49 103.98 26.76
C ILE A 146 54.05 104.42 25.41
N VAL A 147 53.34 105.30 24.72
CA VAL A 147 53.83 105.88 23.47
C VAL A 147 55.20 106.52 23.63
N GLU A 148 55.38 107.35 24.65
CA GLU A 148 56.70 107.96 24.84
C GLU A 148 57.78 106.90 25.10
N ASN A 149 57.44 105.85 25.84
CA ASN A 149 58.36 104.73 26.02
C ASN A 149 58.74 104.10 24.68
N ASN A 150 57.76 103.96 23.78
CA ASN A 150 58.04 103.33 22.50
C ASN A 150 58.88 104.26 21.63
N ARG A 151 58.67 105.57 21.74
CA ARG A 151 59.45 106.50 20.94
C ARG A 151 60.90 106.46 21.38
N ILE A 152 61.14 106.35 22.69
CA ILE A 152 62.52 106.30 23.18
C ILE A 152 63.19 104.99 22.77
N ILE A 153 62.48 103.87 22.90
CA ILE A 153 62.99 102.58 22.44
C ILE A 153 63.33 102.59 20.95
N ALA A 154 62.45 103.14 20.12
CA ALA A 154 62.76 103.31 18.70
C ALA A 154 63.98 104.20 18.46
N ALA A 155 64.11 105.29 19.21
CA ALA A 155 65.30 106.13 19.03
C ALA A 155 66.56 105.38 19.41
N VAL A 156 66.50 104.58 20.48
CA VAL A 156 67.64 103.74 20.86
C VAL A 156 68.01 102.77 19.75
N LEU A 157 67.02 102.06 19.20
CA LEU A 157 67.34 101.11 18.13
C LEU A 157 67.88 101.80 16.88
N GLU A 158 67.34 102.98 16.53
CA GLU A 158 67.90 103.77 15.45
C GLU A 158 69.37 104.08 15.68
N LEU A 159 69.72 104.48 16.91
CA LEU A 159 71.12 104.77 17.22
C LEU A 159 71.99 103.52 17.19
N ILE A 160 71.49 102.41 17.74
CA ILE A 160 72.26 101.18 17.74
C ILE A 160 72.58 100.72 16.31
N VAL A 161 71.58 100.72 15.43
CA VAL A 161 71.83 100.34 14.04
C VAL A 161 72.80 101.31 13.36
N ARG A 162 72.59 102.61 13.51
CA ARG A 162 73.53 103.54 12.88
C ARG A 162 74.94 103.40 13.45
N ALA A 163 75.07 103.09 14.73
CA ALA A 163 76.39 102.88 15.33
C ALA A 163 77.07 101.64 14.77
N LEU A 164 76.34 100.54 14.60
CA LEU A 164 76.91 99.38 13.95
C LEU A 164 77.25 99.65 12.49
N ASN A 165 76.54 100.56 11.84
CA ASN A 165 76.70 100.78 10.40
C ASN A 165 76.22 99.56 9.61
N LEU A 166 75.16 98.93 10.10
CA LEU A 166 74.73 97.66 9.55
C LEU A 166 74.04 97.84 8.21
N THR A 167 74.49 97.09 7.21
CA THR A 167 74.09 97.28 5.82
C THR A 167 72.98 96.32 5.40
N ASP A 168 72.48 95.49 6.31
CA ASP A 168 71.50 94.48 5.96
C ASP A 168 70.20 95.14 5.50
N GLU A 169 69.77 94.84 4.28
CA GLU A 169 68.53 95.37 3.75
C GLU A 169 67.31 94.90 4.54
N GLU A 170 67.38 93.71 5.13
CA GLU A 170 66.31 93.27 6.01
C GLU A 170 66.19 94.17 7.23
N VAL A 171 67.32 94.64 7.76
CA VAL A 171 67.28 95.56 8.88
C VAL A 171 66.74 96.92 8.45
N ARG A 172 67.20 97.44 7.31
CA ARG A 172 66.68 98.72 6.86
C ARG A 172 65.19 98.67 6.64
N LYS A 173 64.70 97.59 6.00
CA LYS A 173 63.27 97.41 5.84
C LYS A 173 62.53 97.38 7.18
N ALA A 174 63.05 96.61 8.14
CA ALA A 174 62.40 96.57 9.45
C ALA A 174 62.42 97.92 10.16
N LEU A 175 63.44 98.73 9.94
CA LEU A 175 63.44 100.08 10.49
C LEU A 175 62.45 101.00 9.80
N GLU A 176 62.25 100.83 8.50
CA GLU A 176 61.19 101.56 7.81
C GLU A 176 59.81 101.17 8.34
N GLU A 177 59.63 99.89 8.64
CA GLU A 177 58.41 99.45 9.34
C GLU A 177 58.30 100.09 10.73
N LEU A 178 59.39 100.17 11.46
CA LEU A 178 59.32 100.73 12.81
C LEU A 178 59.01 102.22 12.80
N LYS A 179 59.59 102.96 11.87
CA LYS A 179 59.27 104.37 11.71
C LYS A 179 57.82 104.60 11.26
N ALA A 180 57.32 103.78 10.33
CA ALA A 180 55.91 103.88 9.98
C ALA A 180 54.99 103.58 11.17
N SER A 181 55.26 102.52 11.90
CA SER A 181 54.48 102.22 13.09
C SER A 181 54.55 103.35 14.13
N THR A 182 55.71 103.99 14.27
CA THR A 182 55.84 105.09 15.20
C THR A 182 55.00 106.30 14.81
N ALA A 183 55.07 106.70 13.53
CA ALA A 183 54.21 107.80 13.08
C ALA A 183 52.73 107.46 13.17
N GLU A 184 52.36 106.22 12.84
CA GLU A 184 50.98 105.79 13.04
C GLU A 184 50.55 105.88 14.49
N LEU A 185 51.43 105.49 15.41
CA LEU A 185 51.10 105.55 16.83
C LEU A 185 50.96 106.99 17.32
N LYS A 186 51.80 107.90 16.82
CA LYS A 186 51.59 109.32 17.12
C LYS A 186 50.23 109.82 16.65
N ARG A 187 49.88 109.52 15.40
CA ARG A 187 48.58 109.95 14.89
C ARG A 187 47.43 109.37 15.70
N ALA A 188 47.48 108.08 16.01
CA ALA A 188 46.42 107.46 16.80
C ALA A 188 46.34 108.06 18.20
N THR A 189 47.49 108.36 18.81
CA THR A 189 47.48 109.00 20.12
C THR A 189 46.81 110.37 20.07
N ALA A 190 47.16 111.19 19.09
CA ALA A 190 46.50 112.49 18.95
C ALA A 190 44.99 112.34 18.77
N SER A 191 44.57 111.42 17.89
CA SER A 191 43.13 111.18 17.70
C SER A 191 42.46 110.75 19.01
N LEU A 192 43.14 109.92 19.80
CA LEU A 192 42.54 109.44 21.03
C LEU A 192 42.45 110.54 22.07
N ARG A 193 43.46 111.42 22.13
CA ARG A 193 43.36 112.56 23.03
C ARG A 193 42.24 113.50 22.60
N ALA A 194 41.99 113.60 21.30
CA ALA A 194 40.90 114.45 20.82
C ALA A 194 39.54 113.92 21.26
N ILE A 195 39.28 112.63 21.01
CA ILE A 195 38.01 112.09 21.48
C ILE A 195 37.92 112.03 23.00
N THR A 196 39.04 111.87 23.70
CA THR A 196 39.04 112.01 25.15
C THR A 196 38.61 113.38 25.62
N GLU A 197 39.09 114.44 24.97
CA GLU A 197 38.61 115.79 25.28
C GLU A 197 37.14 115.99 24.91
N GLU A 198 36.65 115.29 23.88
CA GLU A 198 35.21 115.29 23.64
C GLU A 198 34.47 114.62 24.79
N LEU A 199 34.90 113.41 25.19
CA LEU A 199 34.20 112.69 26.25
C LEU A 199 34.17 113.53 27.52
N LYS A 200 35.32 114.07 27.91
CA LYS A 200 35.39 114.94 29.08
C LYS A 200 34.42 116.11 28.95
N LYS A 201 34.23 116.64 27.74
CA LYS A 201 33.23 117.68 27.56
C LYS A 201 31.81 117.13 27.60
N ASN A 202 31.57 115.99 26.97
CA ASN A 202 30.21 115.46 26.77
C ASN A 202 30.12 113.99 27.17
N PRO A 203 30.33 113.69 28.45
CA PRO A 203 30.35 112.28 28.89
C PRO A 203 28.96 111.65 28.83
N SER A 204 28.90 110.46 28.22
CA SER A 204 27.68 109.67 28.18
C SER A 204 28.05 108.21 27.99
N GLU A 205 27.13 107.32 28.40
CA GLU A 205 27.36 105.89 28.22
C GLU A 205 27.69 105.55 26.78
N ASP A 206 26.95 106.10 25.82
CA ASP A 206 27.27 105.84 24.43
C ASP A 206 28.66 106.36 24.08
N ALA A 207 29.03 107.49 24.70
CA ALA A 207 30.35 108.02 24.45
C ALA A 207 31.40 107.16 25.13
N LEU A 208 31.13 106.75 26.38
CA LEU A 208 32.07 105.89 27.09
C LEU A 208 32.36 104.63 26.29
N VAL A 209 31.33 104.08 25.64
CA VAL A 209 31.51 102.88 24.83
C VAL A 209 32.35 103.18 23.59
N GLU A 210 31.99 104.22 22.83
CA GLU A 210 32.78 104.57 21.65
C GLU A 210 34.23 104.88 22.04
N HIS A 211 34.42 105.46 23.22
CA HIS A 211 35.75 105.83 23.67
C HIS A 211 36.55 104.59 24.02
N ASN A 212 35.97 103.69 24.82
CA ASN A 212 36.66 102.46 25.16
C ASN A 212 37.03 101.66 23.92
N ARG A 213 36.16 101.69 22.91
CA ARG A 213 36.49 101.12 21.61
C ARG A 213 37.74 101.75 21.01
N ALA A 214 37.80 103.08 21.00
CA ALA A 214 38.99 103.76 20.47
C ALA A 214 40.24 103.45 21.30
N ILE A 215 40.10 103.33 22.62
CA ILE A 215 41.20 102.86 23.44
C ILE A 215 41.71 101.50 22.97
N VAL A 216 40.79 100.56 22.76
CA VAL A 216 41.22 99.22 22.35
C VAL A 216 41.90 99.24 20.98
N GLU A 217 41.46 100.12 20.08
CA GLU A 217 42.17 100.29 18.81
C GLU A 217 43.57 100.86 19.02
N HIS A 218 43.71 101.82 19.94
CA HIS A 218 45.02 102.39 20.21
C HIS A 218 45.95 101.34 20.79
N ASN A 219 45.47 100.57 21.76
CA ASN A 219 46.27 99.49 22.31
C ASN A 219 46.67 98.48 21.23
N ALA A 220 45.77 98.16 20.30
CA ALA A 220 46.13 97.28 19.20
C ALA A 220 47.28 97.83 18.36
N ILE A 221 47.27 99.13 18.11
CA ILE A 221 48.38 99.74 17.39
C ILE A 221 49.68 99.67 18.19
N ILE A 222 49.58 99.83 19.52
CA ILE A 222 50.77 99.66 20.36
C ILE A 222 51.29 98.23 20.28
N VAL A 223 50.40 97.25 20.22
CA VAL A 223 50.84 95.86 20.09
C VAL A 223 51.54 95.61 18.76
N GLU A 224 51.04 96.21 17.67
CA GLU A 224 51.80 96.19 16.43
C GLU A 224 53.18 96.83 16.57
N ASN A 225 53.27 97.94 17.31
CA ASN A 225 54.57 98.55 17.54
C ASN A 225 55.50 97.59 18.28
N ASN A 226 55.01 96.90 19.30
CA ASN A 226 55.85 95.97 20.04
C ASN A 226 56.28 94.78 19.19
N ARG A 227 55.43 94.33 18.27
CA ARG A 227 55.84 93.28 17.34
C ARG A 227 57.00 93.75 16.47
N ILE A 228 56.88 94.96 15.90
CA ILE A 228 57.95 95.45 15.03
C ILE A 228 59.23 95.63 15.84
N ILE A 229 59.12 96.18 17.04
CA ILE A 229 60.27 96.32 17.91
C ILE A 229 60.96 94.98 18.12
N ALA A 230 60.18 93.94 18.40
CA ALA A 230 60.78 92.62 18.57
C ALA A 230 61.44 92.09 17.30
N LEU A 231 60.89 92.39 16.12
CA LEU A 231 61.60 91.99 14.91
C LEU A 231 62.91 92.73 14.74
N VAL A 232 62.94 94.01 15.08
CA VAL A 232 64.20 94.74 15.02
C VAL A 232 65.22 94.17 15.99
N LEU A 233 64.83 93.94 17.24
CA LEU A 233 65.77 93.33 18.18
C LEU A 233 66.30 91.98 17.68
N LEU A 234 65.42 91.12 17.19
CA LEU A 234 65.87 89.82 16.67
C LEU A 234 66.83 89.96 15.50
N LEU A 235 66.54 90.85 14.56
CA LEU A 235 67.46 91.10 13.46
C LEU A 235 68.80 91.64 13.93
N ILE A 236 68.81 92.55 14.90
CA ILE A 236 70.08 93.07 15.40
C ILE A 236 70.88 91.96 16.07
N VAL A 237 70.25 91.20 16.96
CA VAL A 237 70.96 90.14 17.67
C VAL A 237 71.48 89.09 16.71
N LEU A 238 70.79 88.85 15.60
CA LEU A 238 71.37 87.97 14.58
C LEU A 238 72.51 88.64 13.83
N ALA A 239 72.41 89.94 13.57
CA ALA A 239 73.45 90.63 12.81
C ALA A 239 74.73 90.81 13.60
N ILE A 240 74.65 91.02 14.91
CA ILE A 240 75.86 91.07 15.73
C ILE A 240 76.55 89.71 15.73
N GLY B 15 17.61 56.79 34.04
CA GLY B 15 18.89 56.58 34.72
C GLY B 15 18.82 56.91 36.19
N SER B 16 19.94 56.71 36.89
CA SER B 16 20.04 57.06 38.29
C SER B 16 20.42 58.53 38.46
N GLU B 17 20.20 59.04 39.67
CA GLU B 17 20.54 60.43 39.97
C GLU B 17 22.01 60.72 39.73
N GLU B 18 22.86 59.72 39.95
CA GLU B 18 24.28 59.87 39.62
C GLU B 18 24.49 60.02 38.12
N GLU B 19 23.81 59.22 37.31
CA GLU B 19 23.97 59.33 35.87
C GLU B 19 23.49 60.69 35.37
N ILE B 20 22.31 61.10 35.80
CA ILE B 20 21.77 62.40 35.37
C ILE B 20 22.72 63.51 35.77
N ALA B 21 23.18 63.50 37.03
CA ALA B 21 24.07 64.55 37.50
C ALA B 21 25.39 64.56 36.75
N LYS B 22 26.00 63.38 36.54
CA LYS B 22 27.21 63.30 35.74
C LYS B 22 27.00 63.87 34.34
N ALA B 23 25.91 63.46 33.68
CA ALA B 23 25.64 63.96 32.34
C ALA B 23 25.39 65.46 32.32
N LEU B 24 24.80 66.02 33.37
CA LEU B 24 24.67 67.47 33.46
C LEU B 24 26.00 68.17 33.73
N GLU B 25 26.91 67.51 34.45
CA GLU B 25 28.28 68.00 34.54
C GLU B 25 28.95 68.02 33.17
N GLU B 26 28.72 66.98 32.37
CA GLU B 26 29.23 66.96 31.00
C GLU B 26 28.58 68.06 30.16
N LEU B 27 27.30 68.33 30.40
CA LEU B 27 26.61 69.39 29.67
C LEU B 27 27.19 70.75 30.00
N VAL B 28 27.36 71.04 31.29
CA VAL B 28 27.92 72.34 31.67
C VAL B 28 29.37 72.50 31.21
N ALA B 29 30.16 71.41 31.23
CA ALA B 29 31.48 71.44 30.60
C ALA B 29 31.41 71.76 29.11
N SER B 30 30.49 71.12 28.39
CA SER B 30 30.32 71.41 26.97
C SER B 30 29.85 72.84 26.74
N LEU B 31 29.01 73.36 27.62
CA LEU B 31 28.57 74.75 27.51
C LEU B 31 29.71 75.73 27.73
N ALA B 32 30.54 75.50 28.74
CA ALA B 32 31.71 76.34 28.93
C ALA B 32 32.62 76.31 27.70
N GLU B 33 32.87 75.12 27.17
CA GLU B 33 33.64 75.00 25.93
C GLU B 33 32.98 75.73 24.78
N LEU B 34 31.65 75.64 24.66
CA LEU B 34 30.93 76.35 23.62
C LEU B 34 31.04 77.86 23.76
N LYS B 35 30.93 78.37 24.98
CA LYS B 35 31.12 79.81 25.20
C LYS B 35 32.52 80.24 24.76
N ARG B 36 33.54 79.52 25.24
CA ARG B 36 34.91 79.83 24.86
C ARG B 36 35.10 79.83 23.35
N ALA B 37 34.58 78.80 22.67
CA ALA B 37 34.67 78.74 21.22
C ALA B 37 33.92 79.90 20.56
N THR B 38 32.79 80.31 21.13
CA THR B 38 32.07 81.45 20.55
C THR B 38 32.89 82.72 20.66
N LEU B 39 33.55 82.92 21.80
CA LEU B 39 34.41 84.09 21.95
C LEU B 39 35.55 84.07 20.93
N LYS B 40 36.26 82.94 20.83
CA LYS B 40 37.31 82.80 19.82
C LYS B 40 36.81 83.07 18.41
N LEU B 41 35.64 82.53 18.06
CA LEU B 41 35.09 82.75 16.72
C LEU B 41 34.78 84.22 16.50
N LEU B 42 34.27 84.90 17.53
CA LEU B 42 34.05 86.34 17.40
C LEU B 42 35.36 87.07 17.17
N VAL B 43 36.44 86.63 17.82
CA VAL B 43 37.73 87.26 17.61
C VAL B 43 38.13 87.15 16.15
N ILE B 44 38.16 85.92 15.64
CA ILE B 44 38.64 85.77 14.27
C ILE B 44 37.69 86.41 13.27
N THR B 45 36.39 86.49 13.57
CA THR B 45 35.49 87.28 12.75
C THR B 45 35.88 88.75 12.70
N GLU B 46 36.26 89.32 13.84
CA GLU B 46 36.72 90.71 13.82
C GLU B 46 38.01 90.86 13.04
N GLU B 47 38.96 89.96 13.26
CA GLU B 47 40.23 90.02 12.53
C GLU B 47 39.99 89.93 11.01
N LEU B 48 39.09 89.04 10.60
CA LEU B 48 38.70 88.96 9.19
C LEU B 48 38.07 90.24 8.70
N LYS B 49 37.19 90.86 9.50
CA LYS B 49 36.59 92.12 9.11
C LYS B 49 37.65 93.21 8.89
N LYS B 50 38.63 93.29 9.78
CA LYS B 50 39.65 94.32 9.66
C LYS B 50 40.61 94.07 8.49
N ASN B 51 41.00 92.81 8.27
CA ASN B 51 42.03 92.48 7.29
C ASN B 51 41.60 91.30 6.42
N PRO B 52 40.51 91.46 5.68
CA PRO B 52 39.91 90.31 4.98
C PRO B 52 40.79 89.82 3.85
N SER B 53 40.87 88.50 3.71
CA SER B 53 41.69 87.89 2.67
C SER B 53 41.24 86.45 2.47
N GLU B 54 41.65 85.87 1.33
CA GLU B 54 41.18 84.54 0.95
C GLU B 54 41.62 83.47 1.95
N SER B 55 42.88 83.49 2.36
CA SER B 55 43.33 82.52 3.36
C SER B 55 42.72 82.78 4.73
N ALA B 56 42.46 84.04 5.05
CA ALA B 56 41.69 84.34 6.25
C ALA B 56 40.29 83.77 6.16
N LEU B 57 39.65 83.88 4.99
CA LEU B 57 38.33 83.28 4.81
C LEU B 57 38.35 81.77 4.99
N VAL B 58 39.32 81.10 4.36
CA VAL B 58 39.43 79.65 4.50
C VAL B 58 39.63 79.24 5.96
N SER B 59 40.54 79.90 6.67
CA SER B 59 40.79 79.51 8.06
C SER B 59 39.61 79.85 8.96
N HIS B 60 38.93 80.97 8.70
CA HIS B 60 37.74 81.31 9.44
C HIS B 60 36.64 80.27 9.23
N ASN B 61 36.39 79.89 7.99
CA ASN B 61 35.41 78.84 7.71
C ASN B 61 35.74 77.52 8.40
N LYS B 62 37.01 77.10 8.36
CA LYS B 62 37.36 75.89 9.10
C LYS B 62 37.12 76.01 10.59
N ALA B 63 37.40 77.19 11.16
CA ALA B 63 37.08 77.40 12.57
C ALA B 63 35.57 77.34 12.83
N ILE B 64 34.78 77.88 11.91
CA ILE B 64 33.32 77.76 12.02
C ILE B 64 32.89 76.30 11.99
N VAL B 65 33.54 75.49 11.15
CA VAL B 65 33.22 74.05 11.12
C VAL B 65 33.53 73.39 12.45
N GLU B 66 34.66 73.72 13.08
CA GLU B 66 34.94 73.13 14.38
C GLU B 66 34.00 73.63 15.48
N HIS B 67 33.59 74.89 15.40
CA HIS B 67 32.57 75.39 16.32
C HIS B 67 31.25 74.66 16.14
N ASN B 68 30.82 74.48 14.90
CA ASN B 68 29.61 73.71 14.64
C ASN B 68 29.72 72.27 15.16
N ALA B 69 30.88 71.65 15.00
CA ALA B 69 31.04 70.31 15.57
C ALA B 69 30.88 70.31 17.09
N ILE B 70 31.36 71.36 17.76
CA ILE B 70 31.11 71.49 19.21
C ILE B 70 29.62 71.64 19.51
N ILE B 71 28.91 72.43 18.73
CA ILE B 71 27.45 72.56 18.91
C ILE B 71 26.77 71.19 18.77
N VAL B 72 27.16 70.43 17.75
CA VAL B 72 26.56 69.11 17.53
C VAL B 72 26.80 68.19 18.72
N GLU B 73 28.03 68.16 19.25
CA GLU B 73 28.27 67.39 20.47
C GLU B 73 27.45 67.88 21.66
N ASN B 74 27.26 69.19 21.77
CA ASN B 74 26.37 69.72 22.81
C ASN B 74 24.95 69.16 22.68
N ASN B 75 24.42 69.17 21.46
CA ASN B 75 23.07 68.66 21.23
C ASN B 75 22.98 67.16 21.46
N ARG B 76 24.04 66.41 21.16
CA ARG B 76 24.05 64.99 21.48
C ARG B 76 23.96 64.75 22.98
N ILE B 77 24.75 65.49 23.76
CA ILE B 77 24.69 65.30 25.21
C ILE B 77 23.32 65.69 25.75
N ILE B 78 22.73 66.76 25.23
CA ILE B 78 21.38 67.15 25.65
C ILE B 78 20.37 66.05 25.33
N ALA B 79 20.42 65.49 24.11
CA ALA B 79 19.52 64.39 23.77
C ALA B 79 19.71 63.18 24.68
N ALA B 80 20.94 62.91 25.09
CA ALA B 80 21.19 61.81 26.02
C ALA B 80 20.52 62.09 27.35
N VAL B 81 20.71 63.30 27.87
CA VAL B 81 20.12 63.67 29.15
C VAL B 81 18.61 63.52 29.08
N LEU B 82 18.00 64.03 28.01
CA LEU B 82 16.55 63.92 27.88
C LEU B 82 16.09 62.48 27.85
N GLU B 83 16.83 61.59 27.19
CA GLU B 83 16.43 60.19 27.22
C GLU B 83 16.48 59.61 28.63
N LEU B 84 17.49 59.99 29.41
CA LEU B 84 17.52 59.54 30.80
C LEU B 84 16.39 60.14 31.64
N ILE B 85 16.07 61.41 31.40
CA ILE B 85 14.97 62.05 32.13
C ILE B 85 13.63 61.39 31.80
N VAL B 86 13.35 61.19 30.52
CA VAL B 86 12.08 60.58 30.17
C VAL B 86 11.98 59.16 30.68
N ARG B 87 13.07 58.39 30.61
CA ARG B 87 12.99 57.06 31.20
C ARG B 87 12.79 57.13 32.71
N ALA B 88 13.28 58.20 33.35
CA ALA B 88 13.01 58.42 34.77
C ALA B 88 11.52 58.65 35.04
N VAL B 89 10.92 59.60 34.33
CA VAL B 89 9.51 59.93 34.55
C VAL B 89 8.56 58.91 33.91
N GLY B 90 8.94 58.29 32.80
CA GLY B 90 7.99 57.58 31.97
C GLY B 90 7.60 58.31 30.70
N MET B 91 7.62 57.56 29.60
CA MET B 91 7.12 58.02 28.31
C MET B 91 5.63 58.35 28.33
N THR B 92 5.22 59.09 27.30
CA THR B 92 3.81 59.29 26.95
C THR B 92 3.74 59.37 25.44
N ASP B 93 2.52 59.24 24.91
CA ASP B 93 2.31 59.23 23.45
C ASP B 93 3.05 60.37 22.75
N GLU B 94 2.80 61.61 23.18
CA GLU B 94 3.43 62.73 22.50
C GLU B 94 4.92 62.79 22.78
N ILE B 95 5.34 62.36 23.97
CA ILE B 95 6.76 62.30 24.27
C ILE B 95 7.42 61.25 23.39
N LEU B 96 6.84 60.06 23.31
CA LEU B 96 7.48 59.02 22.50
C LEU B 96 7.60 59.43 21.04
N LEU B 97 6.56 60.07 20.49
CA LEU B 97 6.66 60.55 19.12
C LEU B 97 7.72 61.65 18.98
N ALA B 98 7.86 62.51 19.99
CA ALA B 98 8.90 63.52 19.91
C ALA B 98 10.30 62.95 20.09
N LEU B 99 10.45 61.90 20.90
CA LEU B 99 11.76 61.27 21.01
C LEU B 99 12.14 60.52 19.74
N LEU B 100 11.18 59.91 19.05
CA LEU B 100 11.50 59.34 17.75
C LEU B 100 11.87 60.43 16.74
N GLU B 101 11.21 61.57 16.82
CA GLU B 101 11.61 62.71 15.99
C GLU B 101 13.00 63.22 16.36
N LEU B 102 13.31 63.23 17.65
CA LEU B 102 14.64 63.64 18.10
C LEU B 102 15.72 62.69 17.62
N LYS B 103 15.51 61.38 17.76
CA LYS B 103 16.51 60.42 17.30
C LYS B 103 16.72 60.50 15.80
N ALA B 104 15.65 60.72 15.04
CA ALA B 104 15.81 60.95 13.61
C ALA B 104 16.63 62.20 13.34
N SER B 105 16.30 63.31 13.99
CA SER B 105 17.04 64.54 13.76
C SER B 105 18.50 64.42 14.19
N THR B 106 18.78 63.68 15.25
CA THR B 106 20.15 63.38 15.64
C THR B 106 20.92 62.66 14.54
N ALA B 107 20.30 61.65 13.93
CA ALA B 107 21.02 60.95 12.86
C ALA B 107 21.20 61.84 11.64
N ARG B 108 20.17 62.58 11.27
CA ARG B 108 20.29 63.50 10.15
C ARG B 108 21.39 64.53 10.40
N LEU B 109 21.52 64.98 11.65
CA LEU B 109 22.59 65.91 11.97
C LEU B 109 23.97 65.26 11.86
N LYS B 110 24.14 64.02 12.34
CA LYS B 110 25.44 63.38 12.16
C LYS B 110 25.81 63.27 10.68
N VAL B 111 24.81 62.97 9.84
CA VAL B 111 25.05 62.91 8.40
C VAL B 111 25.46 64.27 7.85
N ALA B 112 24.69 65.32 8.15
CA ALA B 112 25.05 66.64 7.64
C ALA B 112 26.38 67.14 8.20
N THR B 113 26.71 66.76 9.42
CA THR B 113 28.02 67.06 9.98
C THR B 113 29.16 66.45 9.18
N ALA B 114 29.05 65.16 8.86
CA ALA B 114 30.04 64.56 7.96
C ALA B 114 30.07 65.23 6.59
N LEU B 115 28.91 65.55 6.03
CA LEU B 115 28.90 66.27 4.75
C LEU B 115 29.68 67.57 4.84
N LEU B 116 29.41 68.37 5.87
CA LEU B 116 30.10 69.63 6.03
C LEU B 116 31.60 69.44 6.19
N ARG B 117 32.02 68.52 7.05
CA ARG B 117 33.45 68.28 7.21
C ARG B 117 34.12 67.86 5.90
N MET B 118 33.42 67.10 5.07
CA MET B 118 34.05 66.64 3.83
C MET B 118 34.16 67.75 2.79
N ILE B 119 33.11 68.55 2.61
CA ILE B 119 33.28 69.71 1.74
C ILE B 119 34.24 70.75 2.33
N THR B 120 34.35 70.83 3.65
CA THR B 120 35.43 71.60 4.27
C THR B 120 36.81 71.13 3.82
N GLU B 121 37.06 69.82 3.86
CA GLU B 121 38.34 69.32 3.40
C GLU B 121 38.55 69.58 1.92
N GLU B 122 37.49 69.48 1.12
CA GLU B 122 37.60 69.87 -0.28
C GLU B 122 37.98 71.33 -0.44
N LEU B 123 37.36 72.21 0.34
CA LEU B 123 37.70 73.64 0.26
C LEU B 123 39.14 73.90 0.67
N LYS B 124 39.55 73.33 1.80
CA LYS B 124 40.93 73.49 2.27
C LYS B 124 41.92 73.05 1.21
N LYS B 125 41.67 71.89 0.57
CA LYS B 125 42.59 71.38 -0.44
C LYS B 125 42.57 72.22 -1.72
N ASN B 126 41.39 72.66 -2.17
CA ASN B 126 41.25 73.33 -3.46
C ASN B 126 40.42 74.60 -3.31
N PRO B 127 40.90 75.57 -2.53
CA PRO B 127 40.10 76.76 -2.23
C PRO B 127 39.99 77.70 -3.42
N SER B 128 38.82 78.33 -3.51
CA SER B 128 38.56 79.37 -4.50
C SER B 128 37.30 80.09 -4.07
N GLU B 129 37.04 81.24 -4.71
CA GLU B 129 35.88 82.04 -4.32
C GLU B 129 34.58 81.26 -4.52
N ASP B 130 34.45 80.54 -5.63
CA ASP B 130 33.28 79.71 -5.84
C ASP B 130 33.15 78.68 -4.74
N ALA B 131 34.27 78.05 -4.36
CA ALA B 131 34.24 77.07 -3.28
C ALA B 131 33.86 77.71 -1.95
N LEU B 132 34.29 78.95 -1.70
CA LEU B 132 33.88 79.62 -0.48
C LEU B 132 32.38 79.89 -0.47
N VAL B 133 31.82 80.32 -1.59
CA VAL B 133 30.38 80.54 -1.65
C VAL B 133 29.64 79.24 -1.38
N GLU B 134 30.02 78.17 -2.09
CA GLU B 134 29.37 76.88 -1.87
C GLU B 134 29.49 76.43 -0.42
N HIS B 135 30.66 76.66 0.18
CA HIS B 135 30.88 76.28 1.56
C HIS B 135 29.99 77.08 2.51
N ASN B 136 29.87 78.39 2.28
CA ASN B 136 28.97 79.20 3.11
C ASN B 136 27.53 78.74 2.99
N ARG B 137 27.07 78.42 1.78
CA ARG B 137 25.71 77.90 1.64
C ARG B 137 25.54 76.57 2.37
N ALA B 138 26.56 75.72 2.36
CA ALA B 138 26.45 74.47 3.10
C ALA B 138 26.52 74.68 4.61
N ILE B 139 27.27 75.68 5.08
CA ILE B 139 27.21 76.05 6.49
C ILE B 139 25.81 76.51 6.88
N VAL B 140 25.19 77.32 6.05
CA VAL B 140 23.83 77.79 6.37
C VAL B 140 22.83 76.65 6.40
N ASN B 141 22.99 75.65 5.51
CA ASN B 141 22.12 74.47 5.61
C ASN B 141 22.40 73.64 6.86
N HIS B 142 23.66 73.48 7.22
CA HIS B 142 24.00 72.78 8.46
C HIS B 142 23.37 73.46 9.67
N ASN B 143 23.51 74.78 9.75
CA ASN B 143 22.85 75.52 10.81
C ASN B 143 21.34 75.33 10.79
N ALA B 144 20.70 75.38 9.62
CA ALA B 144 19.26 75.12 9.60
C ALA B 144 18.90 73.75 10.17
N ILE B 145 19.77 72.76 10.00
CA ILE B 145 19.50 71.47 10.64
C ILE B 145 19.69 71.53 12.15
N ILE B 146 20.73 72.23 12.62
CA ILE B 146 20.88 72.46 14.06
C ILE B 146 19.62 73.13 14.63
N VAL B 147 19.14 74.17 13.97
CA VAL B 147 17.89 74.82 14.40
C VAL B 147 16.75 73.82 14.53
N GLU B 148 16.54 72.99 13.50
CA GLU B 148 15.45 72.02 13.64
C GLU B 148 15.67 71.05 14.80
N ASN B 149 16.92 70.65 15.03
CA ASN B 149 17.22 69.83 16.21
C ASN B 149 16.84 70.55 17.50
N ASN B 150 17.12 71.84 17.58
CA ASN B 150 16.80 72.58 18.80
C ASN B 150 15.31 72.74 18.96
N ARG B 151 14.57 72.90 17.86
CA ARG B 151 13.13 73.03 17.96
C ARG B 151 12.52 71.75 18.49
N ILE B 152 13.04 70.61 18.05
CA ILE B 152 12.51 69.34 18.52
C ILE B 152 12.83 69.12 19.99
N ILE B 153 14.07 69.44 20.40
CA ILE B 153 14.42 69.37 21.81
C ILE B 153 13.54 70.27 22.67
N ALA B 154 13.29 71.49 22.23
CA ALA B 154 12.34 72.36 22.94
C ALA B 154 10.94 71.78 22.99
N ALA B 155 10.47 71.16 21.92
CA ALA B 155 9.14 70.55 21.97
C ALA B 155 9.11 69.40 22.98
N VAL B 156 10.18 68.60 23.03
CA VAL B 156 10.26 67.54 24.03
C VAL B 156 10.19 68.11 25.44
N LEU B 157 10.97 69.15 25.72
CA LEU B 157 10.92 69.73 27.07
C LEU B 157 9.56 70.33 27.40
N GLU B 158 8.93 70.98 26.43
CA GLU B 158 7.56 71.45 26.63
C GLU B 158 6.63 70.32 27.02
N LEU B 159 6.75 69.18 26.34
CA LEU B 159 5.92 68.02 26.66
C LEU B 159 6.25 67.43 28.03
N ILE B 160 7.54 67.31 28.35
CA ILE B 160 7.92 66.75 29.66
C ILE B 160 7.37 67.60 30.79
N VAL B 161 7.53 68.93 30.70
CA VAL B 161 6.97 69.80 31.74
C VAL B 161 5.45 69.69 31.80
N ARG B 162 4.77 69.74 30.65
CA ARG B 162 3.31 69.61 30.71
C ARG B 162 2.87 68.25 31.24
N ALA B 163 3.60 67.19 30.94
CA ALA B 163 3.27 65.87 31.47
C ALA B 163 3.44 65.80 32.97
N LEU B 164 4.53 66.37 33.49
CA LEU B 164 4.67 66.45 34.94
C LEU B 164 3.60 67.33 35.56
N ASN B 165 3.08 68.30 34.81
CA ASN B 165 2.14 69.29 35.35
C ASN B 165 2.85 70.20 36.35
N LEU B 166 4.11 70.52 36.05
CA LEU B 166 4.95 71.20 37.02
C LEU B 166 4.55 72.67 37.14
N THR B 167 4.32 73.10 38.37
CA THR B 167 3.74 74.41 38.67
C THR B 167 4.78 75.44 39.03
N ASP B 168 6.06 75.09 38.98
CA ASP B 168 7.13 75.98 39.40
C ASP B 168 7.20 77.20 38.49
N GLU B 169 7.07 78.38 39.09
CA GLU B 169 7.15 79.62 38.32
C GLU B 169 8.52 79.81 37.70
N GLU B 170 9.56 79.27 38.31
CA GLU B 170 10.88 79.29 37.68
C GLU B 170 10.88 78.50 36.37
N VAL B 171 10.16 77.39 36.32
CA VAL B 171 10.06 76.63 35.09
C VAL B 171 9.21 77.36 34.06
N ARG B 172 8.08 77.92 34.47
CA ARG B 172 7.25 78.64 33.50
C ARG B 172 8.01 79.81 32.89
N LYS B 173 8.71 80.58 33.73
CA LYS B 173 9.54 81.67 33.23
C LYS B 173 10.60 81.16 32.25
N ALA B 174 11.31 80.09 32.62
CA ALA B 174 12.31 79.55 31.69
C ALA B 174 11.72 79.03 30.40
N LEU B 175 10.49 78.51 30.42
CA LEU B 175 9.85 78.12 29.16
C LEU B 175 9.40 79.31 28.33
N GLU B 176 8.97 80.39 28.96
CA GLU B 176 8.69 81.60 28.19
C GLU B 176 9.95 82.15 27.53
N GLU B 177 11.08 82.08 28.23
CA GLU B 177 12.36 82.39 27.62
C GLU B 177 12.69 81.43 26.48
N LEU B 178 12.43 80.15 26.66
CA LEU B 178 12.77 79.18 25.62
C LEU B 178 11.92 79.35 24.36
N LYS B 179 10.63 79.61 24.51
CA LYS B 179 9.79 79.91 23.34
C LYS B 179 10.19 81.20 22.64
N ALA B 180 10.52 82.25 23.40
CA ALA B 180 11.03 83.46 22.76
C ALA B 180 12.33 83.21 22.01
N SER B 181 13.28 82.50 22.62
CA SER B 181 14.52 82.17 21.93
C SER B 181 14.26 81.34 20.68
N THR B 182 13.30 80.43 20.71
CA THR B 182 12.97 79.63 19.53
C THR B 182 12.40 80.46 18.38
N ALA B 183 11.44 81.34 18.67
CA ALA B 183 10.94 82.22 17.62
C ALA B 183 12.01 83.16 17.09
N GLU B 184 12.86 83.67 17.97
CA GLU B 184 14.00 84.46 17.52
C GLU B 184 14.92 83.66 16.60
N LEU B 185 15.16 82.40 16.92
CA LEU B 185 16.02 81.57 16.10
C LEU B 185 15.41 81.28 14.74
N LYS B 186 14.09 81.07 14.67
CA LYS B 186 13.45 80.99 13.36
C LYS B 186 13.65 82.26 12.54
N ARG B 187 13.39 83.41 13.14
CA ARG B 187 13.57 84.66 12.40
C ARG B 187 15.01 84.84 11.92
N ALA B 188 15.99 84.59 12.80
CA ALA B 188 17.39 84.72 12.40
C ALA B 188 17.77 83.74 11.30
N THR B 189 17.26 82.51 11.37
CA THR B 189 17.51 81.52 10.31
C THR B 189 16.95 82.00 8.97
N ALA B 190 15.71 82.47 8.96
CA ALA B 190 15.15 83.01 7.72
C ALA B 190 15.99 84.16 7.18
N SER B 191 16.37 85.10 8.04
CA SER B 191 17.22 86.21 7.60
C SER B 191 18.54 85.72 7.01
N LEU B 192 19.12 84.69 7.61
CA LEU B 192 20.39 84.19 7.12
C LEU B 192 20.23 83.47 5.78
N ARG B 193 19.12 82.74 5.60
CA ARG B 193 18.87 82.16 4.29
C ARG B 193 18.63 83.24 3.24
N ALA B 194 18.05 84.38 3.64
CA ALA B 194 17.84 85.46 2.69
C ALA B 194 19.15 86.07 2.21
N ILE B 195 20.04 86.42 3.15
CA ILE B 195 21.33 86.94 2.70
C ILE B 195 22.18 85.87 2.00
N THR B 196 22.03 84.60 2.36
CA THR B 196 22.67 83.53 1.60
C THR B 196 22.19 83.48 0.15
N GLU B 197 20.89 83.62 -0.07
CA GLU B 197 20.38 83.73 -1.44
C GLU B 197 20.86 84.99 -2.16
N GLU B 198 21.08 86.07 -1.42
CA GLU B 198 21.74 87.23 -2.01
C GLU B 198 23.16 86.89 -2.43
N LEU B 199 23.94 86.30 -1.52
CA LEU B 199 25.32 85.98 -1.82
C LEU B 199 25.39 85.09 -3.05
N LYS B 200 24.58 84.03 -3.07
CA LYS B 200 24.55 83.15 -4.23
C LYS B 200 24.23 83.93 -5.51
N LYS B 201 23.38 84.96 -5.43
CA LYS B 201 23.18 85.77 -6.62
C LYS B 201 24.38 86.67 -6.91
N ASN B 202 24.96 87.30 -5.89
CA ASN B 202 25.98 88.34 -6.08
C ASN B 202 27.21 88.09 -5.21
N PRO B 203 27.92 86.99 -5.46
CA PRO B 203 29.06 86.63 -4.60
C PRO B 203 30.24 87.60 -4.78
N SER B 204 30.77 88.07 -3.66
CA SER B 204 31.96 88.92 -3.68
C SER B 204 32.65 88.81 -2.31
N GLU B 205 33.96 89.10 -2.30
CA GLU B 205 34.71 89.08 -1.04
C GLU B 205 34.06 89.94 0.02
N ASP B 206 33.61 91.15 -0.32
CA ASP B 206 32.94 91.98 0.67
C ASP B 206 31.66 91.29 1.14
N ALA B 207 31.00 90.58 0.22
CA ALA B 207 29.79 89.88 0.60
C ALA B 207 30.15 88.66 1.45
N LEU B 208 31.20 87.93 1.06
CA LEU B 208 31.60 86.77 1.84
C LEU B 208 31.89 87.17 3.28
N VAL B 209 32.50 88.34 3.48
CA VAL B 209 32.79 88.83 4.82
C VAL B 209 31.51 89.18 5.56
N GLU B 210 30.64 89.98 4.93
CA GLU B 210 29.37 90.33 5.58
C GLU B 210 28.56 89.08 5.91
N HIS B 211 28.67 88.06 5.07
CA HIS B 211 27.91 86.84 5.27
C HIS B 211 28.48 86.07 6.46
N ASN B 212 29.80 85.89 6.51
CA ASN B 212 30.39 85.20 7.65
C ASN B 212 30.04 85.93 8.95
N ARG B 213 29.98 87.25 8.92
CA ARG B 213 29.48 88.02 10.06
C ARG B 213 28.06 87.61 10.45
N ALA B 214 27.16 87.55 9.48
CA ALA B 214 25.79 87.13 9.80
C ALA B 214 25.72 85.69 10.30
N ILE B 215 26.55 84.81 9.76
CA ILE B 215 26.68 83.46 10.31
C ILE B 215 27.04 83.51 11.79
N VAL B 216 28.05 84.29 12.13
CA VAL B 216 28.48 84.34 13.53
C VAL B 216 27.39 84.89 14.44
N GLU B 217 26.59 85.83 13.94
CA GLU B 217 25.42 86.27 14.72
C GLU B 217 24.41 85.14 14.90
N HIS B 218 24.19 84.35 13.86
CA HIS B 218 23.26 83.23 13.96
C HIS B 218 23.76 82.20 14.99
N ASN B 219 25.05 81.87 14.91
CA ASN B 219 25.63 80.96 15.89
C ASN B 219 25.49 81.49 17.32
N ALA B 220 25.66 82.80 17.50
CA ALA B 220 25.45 83.37 18.83
C ALA B 220 24.02 83.13 19.32
N ILE B 221 23.04 83.27 18.42
CA ILE B 221 21.65 82.99 18.80
C ILE B 221 21.44 81.52 19.12
N ILE B 222 22.11 80.61 18.39
CA ILE B 222 22.03 79.19 18.73
C ILE B 222 22.62 78.92 20.11
N VAL B 223 23.72 79.58 20.44
CA VAL B 223 24.31 79.40 21.77
C VAL B 223 23.39 79.91 22.88
N GLU B 224 22.72 81.04 22.66
CA GLU B 224 21.67 81.44 23.59
C GLU B 224 20.55 80.41 23.71
N ASN B 225 20.15 79.81 22.60
CA ASN B 225 19.13 78.77 22.69
C ASN B 225 19.61 77.59 23.53
N ASN B 226 20.84 77.14 23.32
CA ASN B 226 21.34 76.01 24.10
C ASN B 226 21.51 76.34 25.57
N ARG B 227 21.84 77.59 25.90
CA ARG B 227 21.87 77.98 27.30
C ARG B 227 20.48 77.89 27.93
N ILE B 228 19.48 78.43 27.26
CA ILE B 228 18.13 78.37 27.83
C ILE B 228 17.66 76.93 27.98
N ILE B 229 17.90 76.11 26.95
CA ILE B 229 17.54 74.69 27.03
C ILE B 229 18.20 74.04 28.24
N ALA B 230 19.49 74.29 28.45
CA ALA B 230 20.14 73.69 29.62
C ALA B 230 19.58 74.21 30.94
N LEU B 231 19.17 75.47 31.01
CA LEU B 231 18.53 75.93 32.25
C LEU B 231 17.21 75.23 32.49
N VAL B 232 16.44 75.00 31.42
CA VAL B 232 15.20 74.25 31.58
C VAL B 232 15.47 72.84 32.06
N LEU B 233 16.43 72.15 31.44
CA LEU B 233 16.76 70.81 31.95
C LEU B 233 17.13 70.82 33.43
N LEU B 234 17.96 71.77 33.85
CA LEU B 234 18.34 71.83 35.26
C LEU B 234 17.13 72.06 36.17
N LEU B 235 16.24 72.98 35.78
CA LEU B 235 15.03 73.18 36.57
C LEU B 235 14.15 71.93 36.61
N ILE B 236 14.02 71.23 35.50
CA ILE B 236 13.21 70.01 35.50
C ILE B 236 13.83 68.95 36.40
N VAL B 237 15.13 68.71 36.27
CA VAL B 237 15.77 67.68 37.07
C VAL B 237 15.71 68.01 38.55
N LEU B 238 15.70 69.29 38.91
CA LEU B 238 15.45 69.63 40.31
C LEU B 238 13.99 69.41 40.70
N ALA B 239 13.06 69.71 39.80
CA ALA B 239 11.65 69.58 40.14
C ALA B 239 11.17 68.13 40.23
N ILE B 240 11.70 67.23 39.42
CA ILE B 240 11.35 65.82 39.59
C ILE B 240 11.87 65.32 40.93
N GLY C 15 78.35 63.05 31.60
CA GLY C 15 77.28 62.32 32.27
C GLY C 15 77.63 60.86 32.51
N SER C 16 76.72 60.14 33.16
CA SER C 16 76.87 58.72 33.39
C SER C 16 76.37 57.93 32.18
N GLU C 17 76.77 56.65 32.13
CA GLU C 17 76.35 55.79 31.04
C GLU C 17 74.84 55.68 30.95
N GLU C 18 74.15 55.76 32.09
CA GLU C 18 72.69 55.81 32.07
C GLU C 18 72.20 57.08 31.41
N GLU C 19 72.80 58.23 31.73
CA GLU C 19 72.40 59.49 31.13
C GLU C 19 72.64 59.46 29.63
N ILE C 20 73.84 59.05 29.22
CA ILE C 20 74.18 59.00 27.80
C ILE C 20 73.21 58.09 27.05
N ALA C 21 72.96 56.90 27.59
CA ALA C 21 72.05 55.96 26.94
C ALA C 21 70.64 56.52 26.85
N LYS C 22 70.12 57.09 27.94
CA LYS C 22 68.81 57.74 27.89
C LYS C 22 68.76 58.82 26.81
N ALA C 23 69.77 59.68 26.79
CA ALA C 23 69.80 60.74 25.80
C ALA C 23 69.90 60.23 24.37
N LEU C 24 70.58 59.09 24.16
CA LEU C 24 70.57 58.47 22.84
C LEU C 24 69.24 57.83 22.49
N GLU C 25 68.50 57.33 23.48
CA GLU C 25 67.13 56.92 23.22
C GLU C 25 66.27 58.11 22.80
N GLU C 26 66.46 59.26 23.46
CA GLU C 26 65.78 60.48 23.05
C GLU C 26 66.20 60.93 21.66
N LEU C 27 67.48 60.76 21.33
CA LEU C 27 67.97 61.12 20.01
C LEU C 27 67.35 60.26 18.93
N VAL C 28 67.34 58.95 19.12
CA VAL C 28 66.74 58.06 18.12
C VAL C 28 65.23 58.29 18.00
N ALA C 29 64.56 58.59 19.10
CA ALA C 29 63.17 59.04 19.03
C ALA C 29 63.01 60.31 18.20
N SER C 30 63.90 61.28 18.39
CA SER C 30 63.87 62.50 17.60
C SER C 30 64.16 62.21 16.12
N LEU C 31 65.05 61.27 15.85
CA LEU C 31 65.33 60.90 14.47
C LEU C 31 64.13 60.26 13.79
N ALA C 32 63.45 59.34 14.48
CA ALA C 32 62.23 58.76 13.94
C ALA C 32 61.18 59.83 13.66
N GLU C 33 60.97 60.74 14.62
CA GLU C 33 60.05 61.86 14.42
C GLU C 33 60.47 62.73 13.24
N LEU C 34 61.77 62.99 13.10
CA LEU C 34 62.26 63.78 11.96
C LEU C 34 62.01 63.08 10.63
N LYS C 35 62.26 61.78 10.56
CA LYS C 35 61.95 61.04 9.34
C LYS C 35 60.47 61.16 8.99
N ARG C 36 59.60 60.88 9.96
CA ARG C 36 58.16 60.98 9.73
C ARG C 36 57.76 62.37 9.25
N ALA C 37 58.27 63.42 9.90
CA ALA C 37 57.98 64.78 9.46
C ALA C 37 58.51 65.06 8.07
N THR C 38 59.66 64.52 7.71
CA THR C 38 60.19 64.72 6.37
C THR C 38 59.30 64.08 5.33
N LEU C 39 58.80 62.88 5.62
CA LEU C 39 57.87 62.22 4.70
C LEU C 39 56.60 63.05 4.53
N LYS C 40 56.00 63.49 5.64
CA LYS C 40 54.83 64.37 5.56
C LYS C 40 55.10 65.62 4.74
N LEU C 41 56.24 66.26 4.95
CA LEU C 41 56.55 67.47 4.20
C LEU C 41 56.70 67.17 2.72
N LEU C 42 57.28 66.02 2.37
CA LEU C 42 57.34 65.65 0.96
C LEU C 42 55.95 65.46 0.39
N VAL C 43 55.03 64.90 1.18
CA VAL C 43 53.66 64.74 0.71
C VAL C 43 53.07 66.09 0.35
N ILE C 44 53.08 67.01 1.31
CA ILE C 44 52.42 68.29 1.04
C ILE C 44 53.14 69.07 -0.05
N THR C 45 54.46 68.88 -0.20
CA THR C 45 55.16 69.45 -1.35
C THR C 45 54.62 68.92 -2.67
N GLU C 46 54.34 67.62 -2.74
CA GLU C 46 53.75 67.07 -3.96
C GLU C 46 52.34 67.62 -4.18
N GLU C 47 51.54 67.68 -3.12
CA GLU C 47 50.18 68.21 -3.26
C GLU C 47 50.20 69.66 -3.74
N LEU C 48 51.13 70.46 -3.21
CA LEU C 48 51.31 71.82 -3.69
C LEU C 48 51.73 71.86 -5.16
N LYS C 49 52.63 70.98 -5.56
CA LYS C 49 53.03 70.92 -6.96
C LYS C 49 51.84 70.62 -7.87
N LYS C 50 51.00 69.67 -7.48
CA LYS C 50 49.86 69.29 -8.32
C LYS C 50 48.77 70.34 -8.35
N ASN C 51 48.47 70.98 -7.22
CA ASN C 51 47.33 71.90 -7.11
C ASN C 51 47.72 73.20 -6.42
N PRO C 52 48.63 73.96 -7.03
CA PRO C 52 49.20 75.12 -6.33
C PRO C 52 48.17 76.21 -6.13
N SER C 53 48.21 76.82 -4.95
CA SER C 53 47.28 77.89 -4.60
C SER C 53 47.85 78.64 -3.41
N GLU C 54 47.30 79.84 -3.18
CA GLU C 54 47.85 80.71 -2.15
C GLU C 54 47.76 80.09 -0.76
N SER C 55 46.59 79.53 -0.42
CA SER C 55 46.48 78.87 0.87
C SER C 55 47.29 77.59 0.94
N ALA C 56 47.47 76.89 -0.18
CA ALA C 56 48.41 75.79 -0.21
C ALA C 56 49.84 76.25 0.07
N LEU C 57 50.24 77.38 -0.51
CA LEU C 57 51.56 77.93 -0.24
C LEU C 57 51.72 78.29 1.24
N VAL C 58 50.73 78.97 1.81
CA VAL C 58 50.79 79.35 3.23
C VAL C 58 50.90 78.11 4.12
N SER C 59 50.08 77.08 3.85
CA SER C 59 50.11 75.89 4.69
C SER C 59 51.41 75.11 4.51
N HIS C 60 51.94 75.09 3.28
CA HIS C 60 53.24 74.46 3.05
C HIS C 60 54.34 75.15 3.84
N ASN C 61 54.38 76.48 3.78
CA ASN C 61 55.37 77.22 4.57
C ASN C 61 55.23 76.96 6.07
N LYS C 62 54.01 76.96 6.60
CA LYS C 62 53.85 76.63 8.02
C LYS C 62 54.32 75.22 8.36
N ALA C 63 54.07 74.26 7.47
CA ALA C 63 54.59 72.92 7.69
C ALA C 63 56.12 72.88 7.66
N ILE C 64 56.73 73.67 6.77
CA ILE C 64 58.18 73.78 6.77
C ILE C 64 58.69 74.35 8.08
N VAL C 65 57.96 75.32 8.66
CA VAL C 65 58.36 75.86 9.95
C VAL C 65 58.30 74.81 11.05
N GLU C 66 57.27 73.97 11.05
CA GLU C 66 57.23 72.92 12.08
C GLU C 66 58.29 71.84 11.85
N HIS C 67 58.60 71.53 10.59
CA HIS C 67 59.72 70.64 10.29
C HIS C 67 61.04 71.21 10.77
N ASN C 68 61.30 72.48 10.50
CA ASN C 68 62.50 73.12 11.00
C ASN C 68 62.57 73.10 12.52
N ALA C 69 61.44 73.33 13.19
CA ALA C 69 61.45 73.23 14.64
C ALA C 69 61.84 71.83 15.12
N ILE C 70 61.40 70.79 14.41
CA ILE C 70 61.84 69.43 14.74
C ILE C 70 63.35 69.28 14.53
N ILE C 71 63.89 69.82 13.44
CA ILE C 71 65.33 69.78 13.23
C ILE C 71 66.08 70.47 14.36
N VAL C 72 65.59 71.64 14.79
CA VAL C 72 66.23 72.38 15.88
C VAL C 72 66.23 71.56 17.16
N GLU C 73 65.11 70.93 17.51
CA GLU C 73 65.14 70.04 18.66
C GLU C 73 66.13 68.88 18.51
N ASN C 74 66.24 68.33 17.31
CA ASN C 74 67.25 67.30 17.06
C ASN C 74 68.65 67.81 17.33
N ASN C 75 68.97 69.01 16.83
CA ASN C 75 70.30 69.57 17.03
C ASN C 75 70.57 69.95 18.48
N ARG C 76 69.53 70.36 19.21
CA ARG C 76 69.69 70.61 20.64
C ARG C 76 70.02 69.33 21.38
N ILE C 77 69.31 68.25 21.09
CA ILE C 77 69.60 66.99 21.77
C ILE C 77 71.00 66.50 21.40
N ILE C 78 71.41 66.66 20.14
CA ILE C 78 72.77 66.28 19.76
C ILE C 78 73.80 67.07 20.54
N ALA C 79 73.62 68.39 20.64
CA ALA C 79 74.56 69.20 21.43
C ALA C 79 74.59 68.77 22.90
N ALA C 80 73.44 68.38 23.45
CA ALA C 80 73.42 67.90 24.82
C ALA C 80 74.24 66.62 24.97
N VAL C 81 74.00 65.66 24.07
CA VAL C 81 74.73 64.40 24.13
C VAL C 81 76.22 64.66 24.01
N LEU C 82 76.61 65.52 23.06
CA LEU C 82 78.03 65.84 22.90
C LEU C 82 78.62 66.45 24.15
N GLU C 83 77.87 67.31 24.84
CA GLU C 83 78.39 67.84 26.09
C GLU C 83 78.59 66.76 27.14
N LEU C 84 77.69 65.80 27.22
CA LEU C 84 77.90 64.67 28.14
C LEU C 84 79.08 63.80 27.74
N ILE C 85 79.26 63.56 26.44
CA ILE C 85 80.40 62.77 25.97
C ILE C 85 81.71 63.47 26.27
N VAL C 86 81.81 64.76 25.96
CA VAL C 86 83.06 65.46 26.21
C VAL C 86 83.35 65.53 27.70
N ARG C 87 82.33 65.77 28.53
CA ARG C 87 82.59 65.71 29.97
C ARG C 87 83.01 64.31 30.40
N ALA C 88 82.55 63.27 29.71
CA ALA C 88 83.01 61.92 29.97
C ALA C 88 84.50 61.77 29.68
N VAL C 89 84.93 62.17 28.48
CA VAL C 89 86.33 62.04 28.11
C VAL C 89 87.20 63.12 28.74
N GLY C 90 86.66 64.31 28.98
CA GLY C 90 87.48 65.47 29.28
C GLY C 90 87.61 66.43 28.11
N MET C 91 87.44 67.72 28.42
CA MET C 91 87.70 68.79 27.48
C MET C 91 89.16 68.81 27.04
N THR C 92 89.39 69.53 25.93
CA THR C 92 90.74 69.91 25.51
C THR C 92 90.63 71.29 24.87
N ASP C 93 91.79 71.94 24.71
CA ASP C 93 91.81 73.30 24.17
C ASP C 93 90.96 73.44 22.92
N GLU C 94 91.23 72.62 21.91
CA GLU C 94 90.48 72.74 20.66
C GLU C 94 89.06 72.24 20.82
N ILE C 95 88.84 71.24 21.68
CA ILE C 95 87.49 70.79 21.94
C ILE C 95 86.71 71.89 22.67
N LEU C 96 87.31 72.48 23.70
CA LEU C 96 86.61 73.51 24.45
C LEU C 96 86.26 74.70 23.56
N LEU C 97 87.19 75.08 22.68
CA LEU C 97 86.90 76.17 21.74
C LEU C 97 85.80 75.79 20.76
N ALA C 98 85.75 74.53 20.34
CA ALA C 98 84.66 74.11 19.45
C ALA C 98 83.33 74.02 20.18
N LEU C 99 83.34 73.63 21.45
CA LEU C 99 82.10 73.61 22.22
C LEU C 99 81.59 75.02 22.51
N LEU C 100 82.49 75.98 22.74
CA LEU C 100 82.05 77.37 22.85
C LEU C 100 81.47 77.88 21.54
N GLU C 101 82.05 77.44 20.41
CA GLU C 101 81.46 77.76 19.12
C GLU C 101 80.10 77.09 18.94
N LEU C 102 79.96 75.86 19.44
CA LEU C 102 78.69 75.16 19.37
C LEU C 102 77.62 75.85 20.20
N LYS C 103 77.96 76.25 21.42
CA LYS C 103 76.99 76.94 22.27
C LYS C 103 76.58 78.28 21.65
N ALA C 104 77.52 78.99 21.03
CA ALA C 104 77.16 80.20 20.30
C ALA C 104 76.20 79.89 19.16
N SER C 105 76.53 78.90 18.34
CA SER C 105 75.66 78.56 17.22
C SER C 105 74.28 78.10 17.68
N THR C 106 74.22 77.39 18.80
CA THR C 106 72.94 77.03 19.42
C THR C 106 72.12 78.25 19.78
N ALA C 107 72.74 79.27 20.38
CA ALA C 107 71.96 80.45 20.73
C ALA C 107 71.53 81.21 19.49
N ARG C 108 72.42 81.34 18.51
CA ARG C 108 72.06 82.00 17.26
C ARG C 108 70.89 81.28 16.59
N LEU C 109 70.88 79.95 16.65
CA LEU C 109 69.76 79.20 16.09
C LEU C 109 68.47 79.42 16.87
N LYS C 110 68.52 79.42 18.20
CA LYS C 110 67.28 79.70 18.95
C LYS C 110 66.72 81.08 18.61
N VAL C 111 67.60 82.06 18.44
CA VAL C 111 67.15 83.40 18.03
C VAL C 111 66.51 83.38 16.66
N ALA C 112 67.21 82.81 15.66
CA ALA C 112 66.63 82.76 14.31
C ALA C 112 65.37 81.92 14.25
N THR C 113 65.28 80.87 15.08
CA THR C 113 64.05 80.09 15.17
C THR C 113 62.87 80.92 15.63
N ALA C 114 63.05 81.69 16.70
CA ALA C 114 61.99 82.62 17.10
C ALA C 114 61.67 83.63 16.01
N LEU C 115 62.69 84.19 15.37
CA LEU C 115 62.44 85.11 14.26
C LEU C 115 61.56 84.46 13.18
N LEU C 116 61.93 83.26 12.76
CA LEU C 116 61.17 82.57 11.73
C LEU C 116 59.74 82.32 12.17
N ARG C 117 59.55 81.82 13.38
CA ARG C 117 58.18 81.59 13.85
C ARG C 117 57.35 82.87 13.85
N MET C 118 57.98 84.01 14.17
CA MET C 118 57.22 85.25 14.22
C MET C 118 56.86 85.78 12.83
N ILE C 119 57.79 85.76 11.89
CA ILE C 119 57.43 86.10 10.51
C ILE C 119 56.50 85.08 9.89
N THR C 120 56.57 83.81 10.31
CA THR C 120 55.54 82.84 9.94
C THR C 120 54.16 83.28 10.39
N GLU C 121 54.03 83.71 11.64
CA GLU C 121 52.74 84.20 12.13
C GLU C 121 52.28 85.45 11.37
N GLU C 122 53.22 86.34 11.04
CA GLU C 122 52.87 87.47 10.19
C GLU C 122 52.35 87.03 8.83
N LEU C 123 53.01 86.07 8.19
CA LEU C 123 52.53 85.59 6.89
C LEU C 123 51.16 84.94 7.00
N LYS C 124 50.98 84.04 7.95
CA LYS C 124 49.69 83.38 8.15
C LYS C 124 48.58 84.41 8.34
N LYS C 125 48.82 85.43 9.17
CA LYS C 125 47.79 86.43 9.40
C LYS C 125 47.55 87.31 8.18
N ASN C 126 48.60 87.73 7.48
CA ASN C 126 48.49 88.69 6.38
C ASN C 126 49.24 88.21 5.15
N PRO C 127 48.82 87.08 4.59
CA PRO C 127 49.57 86.46 3.48
C PRO C 127 49.42 87.23 2.18
N SER C 128 50.50 87.23 1.40
CA SER C 128 50.52 87.78 0.05
C SER C 128 51.78 87.26 -0.63
N GLU C 129 51.83 87.47 -1.96
CA GLU C 129 52.96 86.95 -2.72
C GLU C 129 54.27 87.56 -2.26
N ASP C 130 54.29 88.87 -2.02
CA ASP C 130 55.50 89.49 -1.48
C ASP C 130 55.88 88.87 -0.15
N ALA C 131 54.88 88.61 0.71
CA ALA C 131 55.13 87.99 1.99
C ALA C 131 55.64 86.55 1.82
N LEU C 132 55.14 85.84 0.81
CA LEU C 132 55.67 84.50 0.56
C LEU C 132 57.13 84.55 0.14
N VAL C 133 57.49 85.49 -0.73
CA VAL C 133 58.89 85.63 -1.11
C VAL C 133 59.76 85.93 0.10
N GLU C 134 59.36 86.94 0.89
CA GLU C 134 60.13 87.30 2.07
C GLU C 134 60.26 86.12 3.03
N HIS C 135 59.18 85.36 3.20
CA HIS C 135 59.20 84.20 4.08
C HIS C 135 60.13 83.11 3.57
N ASN C 136 60.09 82.82 2.27
CA ASN C 136 61.00 81.83 1.70
C ASN C 136 62.45 82.24 1.88
N ARG C 137 62.76 83.52 1.66
CA ARG C 137 64.13 83.98 1.89
C ARG C 137 64.54 83.84 3.36
N ALA C 138 63.61 84.08 4.28
CA ALA C 138 63.95 83.87 5.69
C ALA C 138 64.10 82.40 6.05
N ILE C 139 63.34 81.52 5.41
CA ILE C 139 63.56 80.10 5.57
C ILE C 139 64.95 79.70 5.08
N VAL C 140 65.36 80.23 3.93
CA VAL C 140 66.69 79.91 3.40
C VAL C 140 67.80 80.41 4.32
N ASN C 141 67.61 81.58 4.94
CA ASN C 141 68.61 82.01 5.93
C ASN C 141 68.60 81.14 7.18
N HIS C 142 67.42 80.72 7.63
CA HIS C 142 67.34 79.81 8.77
C HIS C 142 68.07 78.50 8.47
N ASN C 143 67.81 77.92 7.29
CA ASN C 143 68.54 76.73 6.88
C ASN C 143 70.05 76.96 6.82
N ALA C 144 70.51 78.08 6.26
CA ALA C 144 71.95 78.33 6.27
C ALA C 144 72.53 78.33 7.68
N ILE C 145 71.75 78.78 8.67
CA ILE C 145 72.20 78.70 10.06
C ILE C 145 72.21 77.25 10.57
N ILE C 146 71.21 76.46 10.20
CA ILE C 146 71.24 75.03 10.49
C ILE C 146 72.51 74.39 9.94
N VAL C 147 72.83 74.68 8.69
CA VAL C 147 74.08 74.19 8.08
C VAL C 147 75.29 74.55 8.92
N GLU C 148 75.42 75.83 9.32
CA GLU C 148 76.57 76.17 10.16
C GLU C 148 76.57 75.42 11.49
N ASN C 149 75.39 75.22 12.09
CA ASN C 149 75.31 74.39 13.28
C ASN C 149 75.83 72.97 13.04
N ASN C 150 75.49 72.40 11.89
CA ASN C 150 75.93 71.04 11.60
C ASN C 150 77.42 71.00 11.32
N ARG C 151 77.96 72.06 10.72
CA ARG C 151 79.39 72.07 10.47
C ARG C 151 80.15 72.12 11.78
N ILE C 152 79.64 72.88 12.75
CA ILE C 152 80.34 72.96 14.03
C ILE C 152 80.24 71.63 14.77
N ILE C 153 79.06 71.01 14.76
CA ILE C 153 78.90 69.68 15.35
C ILE C 153 79.83 68.64 14.71
N ALA C 154 79.93 68.66 13.39
CA ALA C 154 80.90 67.79 12.71
C ALA C 154 82.34 68.10 13.10
N ALA C 155 82.69 69.37 13.25
CA ALA C 155 84.05 69.68 13.68
C ALA C 155 84.31 69.16 15.09
N VAL C 156 83.33 69.27 15.97
CA VAL C 156 83.45 68.72 17.31
C VAL C 156 83.68 67.22 17.26
N LEU C 157 82.87 66.50 16.48
CA LEU C 157 83.07 65.05 16.41
C LEU C 157 84.41 64.67 15.80
N GLU C 158 84.86 65.41 14.79
CA GLU C 158 86.19 65.21 14.24
C GLU C 158 87.26 65.35 15.32
N LEU C 159 87.12 66.37 16.18
CA LEU C 159 88.07 66.57 17.25
C LEU C 159 87.98 65.46 18.30
N ILE C 160 86.78 65.06 18.67
CA ILE C 160 86.63 64.00 19.66
C ILE C 160 87.27 62.70 19.18
N VAL C 161 87.01 62.30 17.93
CA VAL C 161 87.62 61.09 17.41
C VAL C 161 89.14 61.23 17.34
N ARG C 162 89.66 62.35 16.82
CA ARG C 162 91.11 62.49 16.78
C ARG C 162 91.73 62.52 18.17
N ALA C 163 91.02 63.10 19.15
CA ALA C 163 91.52 63.11 20.52
C ALA C 163 91.58 61.71 21.13
N LEU C 164 90.55 60.91 20.90
CA LEU C 164 90.61 59.52 21.34
C LEU C 164 91.69 58.74 20.62
N ASN C 165 92.02 59.12 19.39
CA ASN C 165 92.95 58.33 18.57
C ASN C 165 92.31 57.00 18.20
N LEU C 166 91.02 57.03 17.95
CA LEU C 166 90.24 55.81 17.76
C LEU C 166 90.53 55.19 16.42
N THR C 167 90.88 53.90 16.43
CA THR C 167 91.37 53.18 15.27
C THR C 167 90.30 52.37 14.58
N ASP C 168 89.06 52.44 15.04
CA ASP C 168 87.99 51.61 14.49
C ASP C 168 87.74 51.99 13.04
N GLU C 169 87.86 51.00 12.15
CA GLU C 169 87.60 51.24 10.73
C GLU C 169 86.14 51.61 10.48
N GLU C 170 85.22 51.11 11.30
CA GLU C 170 83.84 51.54 11.21
C GLU C 170 83.70 53.03 11.49
N VAL C 171 84.48 53.55 12.45
CA VAL C 171 84.46 54.97 12.73
C VAL C 171 85.09 55.76 11.60
N ARG C 172 86.22 55.32 11.07
CA ARG C 172 86.84 56.05 9.97
C ARG C 172 85.90 56.11 8.77
N LYS C 173 85.28 54.99 8.44
CA LYS C 173 84.28 54.98 7.36
C LYS C 173 83.14 55.95 7.64
N ALA C 174 82.58 55.92 8.85
CA ALA C 174 81.50 56.84 9.19
C ALA C 174 81.94 58.30 9.12
N LEU C 175 83.20 58.59 9.44
CA LEU C 175 83.68 59.96 9.26
C LEU C 175 83.86 60.34 7.80
N GLU C 176 84.24 59.39 6.95
CA GLU C 176 84.25 59.67 5.52
C GLU C 176 82.84 59.95 4.99
N GLU C 177 81.85 59.22 5.49
CA GLU C 177 80.46 59.55 5.20
C GLU C 177 80.07 60.93 5.72
N LEU C 178 80.50 61.28 6.93
CA LEU C 178 80.11 62.57 7.50
C LEU C 178 80.74 63.73 6.75
N LYS C 179 82.01 63.61 6.36
CA LYS C 179 82.65 64.63 5.53
C LYS C 179 82.02 64.75 4.14
N ALA C 180 81.68 63.62 3.50
CA ALA C 180 80.95 63.71 2.24
C ALA C 180 79.60 64.40 2.39
N SER C 181 78.84 64.01 3.40
CA SER C 181 77.57 64.67 3.67
C SER C 181 77.74 66.16 3.95
N THR C 182 78.81 66.54 4.64
CA THR C 182 79.07 67.96 4.91
C THR C 182 79.36 68.75 3.65
N ALA C 183 80.24 68.24 2.79
CA ALA C 183 80.49 68.92 1.51
C ALA C 183 79.25 68.97 0.63
N GLU C 184 78.47 67.89 0.61
CA GLU C 184 77.20 67.90 -0.11
C GLU C 184 76.27 68.97 0.43
N LEU C 185 76.20 69.12 1.75
CA LEU C 185 75.33 70.13 2.34
C LEU C 185 75.79 71.54 2.04
N LYS C 186 77.10 71.79 2.02
CA LYS C 186 77.58 73.09 1.54
C LYS C 186 77.16 73.37 0.10
N ARG C 187 77.36 72.41 -0.79
CA ARG C 187 76.97 72.61 -2.19
C ARG C 187 75.46 72.87 -2.32
N ALA C 188 74.64 72.07 -1.63
CA ALA C 188 73.20 72.28 -1.69
C ALA C 188 72.79 73.63 -1.13
N THR C 189 73.44 74.08 -0.06
CA THR C 189 73.17 75.41 0.47
C THR C 189 73.47 76.49 -0.55
N ALA C 190 74.63 76.41 -1.19
CA ALA C 190 74.97 77.38 -2.23
C ALA C 190 73.93 77.37 -3.37
N SER C 191 73.54 76.19 -3.84
CA SER C 191 72.53 76.11 -4.88
C SER C 191 71.20 76.75 -4.44
N LEU C 192 70.82 76.54 -3.18
CA LEU C 192 69.56 77.10 -2.73
C LEU C 192 69.64 78.61 -2.58
N ARG C 193 70.77 79.13 -2.13
CA ARG C 193 70.93 80.58 -2.12
C ARG C 193 70.92 81.17 -3.53
N ALA C 194 71.42 80.42 -4.50
CA ALA C 194 71.39 80.92 -5.88
C ALA C 194 69.97 81.04 -6.40
N ILE C 195 69.18 79.97 -6.27
CA ILE C 195 67.79 80.09 -6.72
C ILE C 195 66.97 81.06 -5.85
N THR C 196 67.31 81.19 -4.57
CA THR C 196 66.70 82.24 -3.75
C THR C 196 66.99 83.65 -4.28
N GLU C 197 68.23 83.92 -4.69
CA GLU C 197 68.54 85.19 -5.34
C GLU C 197 67.82 85.35 -6.68
N GLU C 198 67.57 84.25 -7.38
CA GLU C 198 66.71 84.34 -8.55
C GLU C 198 65.29 84.73 -8.15
N LEU C 199 64.72 84.04 -7.17
CA LEU C 199 63.34 84.33 -6.77
C LEU C 199 63.21 85.78 -6.35
N LYS C 200 64.13 86.24 -5.50
CA LYS C 200 64.12 87.65 -5.09
C LYS C 200 64.18 88.57 -6.29
N LYS C 201 64.92 88.19 -7.34
CA LYS C 201 64.91 89.01 -8.54
C LYS C 201 63.61 88.85 -9.33
N ASN C 202 63.09 87.63 -9.47
CA ASN C 202 61.95 87.35 -10.36
C ASN C 202 60.87 86.54 -9.67
N PRO C 203 60.23 87.09 -8.64
CA PRO C 203 59.24 86.32 -7.87
C PRO C 203 57.98 86.06 -8.68
N SER C 204 57.55 84.80 -8.68
CA SER C 204 56.29 84.40 -9.30
C SER C 204 55.82 83.11 -8.65
N GLU C 205 54.50 82.87 -8.73
CA GLU C 205 53.94 81.63 -8.17
C GLU C 205 54.65 80.39 -8.72
N ASP C 206 54.93 80.34 -10.02
CA ASP C 206 55.67 79.18 -10.53
C ASP C 206 57.04 79.11 -9.88
N ALA C 207 57.63 80.27 -9.63
CA ALA C 207 58.93 80.29 -8.98
C ALA C 207 58.78 79.90 -7.52
N LEU C 208 57.77 80.42 -6.83
CA LEU C 208 57.57 80.06 -5.44
C LEU C 208 57.44 78.55 -5.28
N VAL C 209 56.77 77.89 -6.23
CA VAL C 209 56.61 76.44 -6.17
C VAL C 209 57.94 75.74 -6.40
N GLU C 210 58.65 76.11 -7.48
CA GLU C 210 59.95 75.50 -7.74
C GLU C 210 60.91 75.72 -6.58
N HIS C 211 60.80 76.88 -5.93
CA HIS C 211 61.68 77.22 -4.84
C HIS C 211 61.37 76.38 -3.62
N ASN C 212 60.09 76.31 -3.24
CA ASN C 212 59.72 75.49 -2.09
C ASN C 212 60.14 74.03 -2.30
N ARG C 213 60.03 73.53 -3.53
CA ARG C 213 60.58 72.22 -3.85
C ARG C 213 62.07 72.13 -3.55
N ALA C 214 62.85 73.12 -4.00
CA ALA C 214 64.28 73.08 -3.71
C ALA C 214 64.58 73.19 -2.23
N ILE C 215 63.79 73.97 -1.48
CA ILE C 215 63.90 73.98 -0.03
C ILE C 215 63.73 72.58 0.53
N VAL C 216 62.68 71.88 0.12
CA VAL C 216 62.43 70.55 0.67
C VAL C 216 63.56 69.57 0.34
N GLU C 217 64.17 69.71 -0.84
CA GLU C 217 65.35 68.91 -1.15
C GLU C 217 66.53 69.26 -0.23
N HIS C 218 66.70 70.55 0.07
CA HIS C 218 67.77 70.96 0.96
C HIS C 218 67.55 70.38 2.36
N ASN C 219 66.32 70.48 2.86
CA ASN C 219 65.99 69.89 4.14
C ASN C 219 66.24 68.38 4.16
N ALA C 220 65.93 67.69 3.05
CA ALA C 220 66.24 66.26 2.99
C ALA C 220 67.74 65.99 3.14
N ILE C 221 68.58 66.82 2.53
CA ILE C 221 70.02 66.64 2.71
C ILE C 221 70.43 66.92 4.15
N ILE C 222 69.80 67.89 4.80
CA ILE C 222 70.08 68.14 6.21
C ILE C 222 69.69 66.94 7.07
N VAL C 223 68.57 66.29 6.74
CA VAL C 223 68.16 65.10 7.48
C VAL C 223 69.15 63.95 7.32
N GLU C 224 69.67 63.76 6.10
CA GLU C 224 70.77 62.82 5.92
C GLU C 224 72.00 63.19 6.74
N ASN C 225 72.33 64.47 6.83
CA ASN C 225 73.45 64.87 7.66
C ASN C 225 73.22 64.50 9.13
N ASN C 226 72.02 64.77 9.64
CA ASN C 226 71.75 64.43 11.03
C ASN C 226 71.76 62.94 11.29
N ARG C 227 71.34 62.13 10.31
CA ARG C 227 71.45 60.69 10.46
C ARG C 227 72.91 60.25 10.57
N ILE C 228 73.77 60.75 9.69
CA ILE C 228 75.17 60.34 9.74
C ILE C 228 75.80 60.80 11.05
N ILE C 229 75.51 62.03 11.46
CA ILE C 229 76.01 62.53 12.74
C ILE C 229 75.61 61.59 13.88
N ALA C 230 74.35 61.16 13.90
CA ALA C 230 73.92 60.24 14.94
C ALA C 230 74.64 58.89 14.86
N LEU C 231 74.97 58.42 13.65
CA LEU C 231 75.77 57.19 13.59
C LEU C 231 77.15 57.39 14.17
N VAL C 232 77.75 58.54 13.93
CA VAL C 232 79.05 58.82 14.53
C VAL C 232 78.95 58.86 16.05
N LEU C 233 77.95 59.56 16.60
CA LEU C 233 77.78 59.55 18.05
C LEU C 233 77.63 58.16 18.62
N LEU C 234 76.80 57.31 17.99
CA LEU C 234 76.65 55.95 18.48
C LEU C 234 77.95 55.16 18.44
N LEU C 235 78.71 55.29 17.36
CA LEU C 235 80.01 54.63 17.30
C LEU C 235 80.97 55.14 18.36
N ILE C 236 80.97 56.45 18.61
CA ILE C 236 81.86 56.97 19.65
C ILE C 236 81.47 56.42 21.02
N VAL C 237 80.18 56.49 21.36
CA VAL C 237 79.74 56.02 22.67
C VAL C 237 80.02 54.54 22.84
N LEU C 238 79.98 53.76 21.75
CA LEU C 238 80.41 52.37 21.87
C LEU C 238 81.92 52.24 22.02
N ALA C 239 82.69 53.10 21.33
CA ALA C 239 84.14 52.99 21.40
C ALA C 239 84.72 53.45 22.73
N ILE C 240 84.12 54.44 23.37
CA ILE C 240 84.57 54.82 24.70
C ILE C 240 84.30 53.68 25.68
N GLY D 15 16.91 50.21 5.96
CA GLY D 15 17.34 50.25 7.35
C GLY D 15 16.81 51.47 8.10
N SER D 16 17.15 51.56 9.38
CA SER D 16 16.78 52.72 10.17
C SER D 16 17.81 53.83 10.02
N GLU D 17 17.41 55.04 10.41
CA GLU D 17 18.30 56.20 10.33
C GLU D 17 19.58 55.99 11.12
N GLU D 18 19.51 55.26 12.23
CA GLU D 18 20.71 54.92 12.99
C GLU D 18 21.65 54.02 12.20
N GLU D 19 21.12 52.99 11.52
CA GLU D 19 22.00 52.12 10.75
C GLU D 19 22.69 52.88 9.62
N ILE D 20 21.92 53.64 8.85
CA ILE D 20 22.49 54.40 7.74
C ILE D 20 23.57 55.36 8.26
N ALA D 21 23.25 56.09 9.32
CA ALA D 21 24.21 57.06 9.87
C ALA D 21 25.47 56.37 10.38
N LYS D 22 25.32 55.28 11.13
CA LYS D 22 26.49 54.52 11.56
C LYS D 22 27.34 54.06 10.39
N ALA D 23 26.71 53.49 9.36
CA ALA D 23 27.45 53.04 8.19
C ALA D 23 28.13 54.18 7.45
N LEU D 24 27.53 55.37 7.43
CA LEU D 24 28.21 56.54 6.87
C LEU D 24 29.36 57.04 7.74
N GLU D 25 29.26 56.88 9.06
CA GLU D 25 30.43 57.11 9.90
C GLU D 25 31.55 56.13 9.56
N GLU D 26 31.21 54.87 9.32
CA GLU D 26 32.21 53.90 8.87
C GLU D 26 32.77 54.29 7.52
N LEU D 27 31.93 54.82 6.63
CA LEU D 27 32.38 55.25 5.32
C LEU D 27 33.37 56.40 5.41
N VAL D 28 33.04 57.42 6.19
CA VAL D 28 33.96 58.56 6.34
C VAL D 28 35.26 58.14 7.04
N ALA D 29 35.18 57.23 8.01
CA ALA D 29 36.40 56.64 8.57
C ALA D 29 37.24 55.91 7.52
N SER D 30 36.60 55.12 6.66
CA SER D 30 37.32 54.45 5.59
C SER D 30 37.91 55.45 4.60
N LEU D 31 37.22 56.56 4.33
CA LEU D 31 37.76 57.59 3.46
C LEU D 31 38.98 58.26 4.07
N ALA D 32 38.93 58.58 5.36
CA ALA D 32 40.12 59.13 6.02
C ALA D 32 41.29 58.16 5.94
N GLU D 33 41.04 56.88 6.23
CA GLU D 33 42.08 55.86 6.10
C GLU D 33 42.61 55.77 4.66
N LEU D 34 41.73 55.84 3.68
CA LEU D 34 42.14 55.81 2.28
C LEU D 34 43.00 57.02 1.92
N LYS D 35 42.61 58.20 2.37
CA LYS D 35 43.43 59.39 2.14
C LYS D 35 44.82 59.22 2.73
N ARG D 36 44.88 58.82 4.00
CA ARG D 36 46.17 58.60 4.66
C ARG D 36 47.03 57.60 3.89
N ALA D 37 46.43 56.47 3.47
CA ALA D 37 47.16 55.48 2.68
C ALA D 37 47.63 56.04 1.36
N THR D 38 46.83 56.91 0.73
CA THR D 38 47.27 57.51 -0.53
C THR D 38 48.47 58.40 -0.32
N LEU D 39 48.47 59.18 0.76
CA LEU D 39 49.63 60.01 1.06
C LEU D 39 50.88 59.16 1.30
N LYS D 40 50.77 58.14 2.15
CA LYS D 40 51.89 57.23 2.37
C LYS D 40 52.39 56.61 1.07
N LEU D 41 51.48 56.15 0.21
CA LEU D 41 51.90 55.55 -1.04
C LEU D 41 52.61 56.56 -1.94
N LEU D 42 52.15 57.81 -1.93
CA LEU D 42 52.88 58.83 -2.69
C LEU D 42 54.28 59.02 -2.13
N VAL D 43 54.43 58.95 -0.81
CA VAL D 43 55.76 59.08 -0.22
C VAL D 43 56.67 57.99 -0.77
N ILE D 44 56.25 56.73 -0.62
CA ILE D 44 57.15 55.66 -1.03
C ILE D 44 57.35 55.66 -2.54
N THR D 45 56.36 56.13 -3.31
CA THR D 45 56.57 56.34 -4.74
C THR D 45 57.68 57.34 -5.02
N GLU D 46 57.74 58.44 -4.26
CA GLU D 46 58.83 59.38 -4.44
C GLU D 46 60.16 58.76 -4.06
N GLU D 47 60.20 58.05 -2.93
CA GLU D 47 61.44 57.41 -2.50
C GLU D 47 61.94 56.41 -3.54
N LEU D 48 61.02 55.63 -4.11
CA LEU D 48 61.36 54.72 -5.20
C LEU D 48 61.87 55.45 -6.43
N LYS D 49 61.24 56.57 -6.79
CA LYS D 49 61.73 57.35 -7.92
C LYS D 49 63.15 57.83 -7.69
N LYS D 50 63.44 58.32 -6.48
CA LYS D 50 64.78 58.83 -6.19
C LYS D 50 65.83 57.74 -6.09
N ASN D 51 65.49 56.60 -5.47
CA ASN D 51 66.47 55.54 -5.18
C ASN D 51 65.95 54.17 -5.56
N PRO D 52 65.68 53.96 -6.85
CA PRO D 52 65.00 52.73 -7.28
C PRO D 52 65.88 51.50 -7.11
N SER D 53 65.26 50.42 -6.65
CA SER D 53 65.97 49.16 -6.43
C SER D 53 64.97 48.02 -6.36
N GLU D 54 65.48 46.80 -6.49
CA GLU D 54 64.62 45.62 -6.58
C GLU D 54 63.81 45.42 -5.30
N SER D 55 64.45 45.51 -4.14
CA SER D 55 63.70 45.39 -2.90
C SER D 55 62.78 46.57 -2.66
N ALA D 56 63.17 47.76 -3.11
CA ALA D 56 62.25 48.88 -3.11
C ALA D 56 61.05 48.62 -4.00
N LEU D 57 61.26 48.04 -5.17
CA LEU D 57 60.13 47.69 -6.04
C LEU D 57 59.20 46.69 -5.38
N VAL D 58 59.76 45.63 -4.78
CA VAL D 58 58.92 44.64 -4.11
C VAL D 58 58.11 45.26 -2.97
N SER D 59 58.75 46.08 -2.14
CA SER D 59 58.02 46.67 -1.02
C SER D 59 56.99 47.70 -1.48
N HIS D 60 57.31 48.46 -2.53
CA HIS D 60 56.33 49.38 -3.09
C HIS D 60 55.12 48.65 -3.62
N ASN D 61 55.33 47.58 -4.40
CA ASN D 61 54.21 46.79 -4.90
C ASN D 61 53.37 46.21 -3.77
N LYS D 62 53.99 45.67 -2.73
CA LYS D 62 53.19 45.19 -1.61
C LYS D 62 52.38 46.30 -0.93
N ALA D 63 52.95 47.50 -0.83
CA ALA D 63 52.18 48.62 -0.30
C ALA D 63 51.01 48.98 -1.20
N ILE D 64 51.21 48.91 -2.53
CA ILE D 64 50.10 49.11 -3.46
C ILE D 64 49.01 48.06 -3.27
N VAL D 65 49.40 46.82 -3.00
CA VAL D 65 48.41 45.79 -2.73
C VAL D 65 47.61 46.08 -1.47
N GLU D 66 48.25 46.57 -0.42
CA GLU D 66 47.48 46.92 0.78
C GLU D 66 46.60 48.15 0.56
N HIS D 67 47.06 49.11 -0.23
CA HIS D 67 46.21 50.24 -0.61
C HIS D 67 44.98 49.78 -1.39
N ASN D 68 45.17 48.90 -2.38
CA ASN D 68 44.03 48.36 -3.11
C ASN D 68 43.08 47.60 -2.19
N ALA D 69 43.59 46.84 -1.23
CA ALA D 69 42.70 46.19 -0.27
C ALA D 69 41.88 47.19 0.52
N ILE D 70 42.46 48.34 0.88
CA ILE D 70 41.67 49.39 1.51
C ILE D 70 40.59 49.93 0.58
N ILE D 71 40.92 50.13 -0.70
CA ILE D 71 39.90 50.56 -1.66
C ILE D 71 38.75 49.55 -1.74
N VAL D 72 39.09 48.26 -1.80
CA VAL D 72 38.06 47.23 -1.87
C VAL D 72 37.14 47.26 -0.66
N GLU D 73 37.70 47.39 0.55
CA GLU D 73 36.84 47.56 1.72
C GLU D 73 35.98 48.83 1.64
N ASN D 74 36.52 49.91 1.11
CA ASN D 74 35.71 51.11 0.88
C ASN D 74 34.52 50.82 -0.01
N ASN D 75 34.75 50.10 -1.11
CA ASN D 75 33.67 49.78 -2.04
C ASN D 75 32.66 48.81 -1.42
N ARG D 76 33.11 47.91 -0.55
CA ARG D 76 32.17 47.06 0.15
C ARG D 76 31.25 47.87 1.05
N ILE D 77 31.82 48.80 1.81
CA ILE D 77 30.97 49.62 2.68
C ILE D 77 30.01 50.47 1.86
N ILE D 78 30.46 51.02 0.74
CA ILE D 78 29.56 51.78 -0.12
C ILE D 78 28.41 50.92 -0.63
N ALA D 79 28.72 49.70 -1.11
CA ALA D 79 27.66 48.81 -1.56
C ALA D 79 26.68 48.45 -0.44
N ALA D 80 27.18 48.32 0.79
CA ALA D 80 26.29 48.06 1.91
C ALA D 80 25.35 49.24 2.13
N VAL D 81 25.91 50.44 2.14
CA VAL D 81 25.10 51.63 2.36
C VAL D 81 24.03 51.73 1.28
N LEU D 82 24.41 51.52 0.02
CA LEU D 82 23.43 51.59 -1.06
C LEU D 82 22.32 50.56 -0.88
N GLU D 83 22.65 49.35 -0.43
CA GLU D 83 21.58 48.38 -0.20
C GLU D 83 20.62 48.84 0.89
N LEU D 84 21.15 49.46 1.95
CA LEU D 84 20.27 50.01 2.99
C LEU D 84 19.43 51.18 2.47
N ILE D 85 20.02 52.04 1.63
CA ILE D 85 19.28 53.16 1.06
C ILE D 85 18.17 52.68 0.14
N VAL D 86 18.48 51.74 -0.75
CA VAL D 86 17.44 51.26 -1.66
C VAL D 86 16.34 50.53 -0.91
N ARG D 87 16.68 49.72 0.10
CA ARG D 87 15.62 49.13 0.88
C ARG D 87 14.80 50.18 1.62
N ALA D 88 15.43 51.31 1.98
CA ALA D 88 14.67 52.42 2.56
C ALA D 88 13.65 52.99 1.56
N VAL D 89 14.12 53.34 0.37
CA VAL D 89 13.22 53.94 -0.63
C VAL D 89 12.35 52.91 -1.33
N GLY D 90 12.82 51.68 -1.50
CA GLY D 90 12.19 50.76 -2.42
C GLY D 90 12.94 50.57 -3.73
N MET D 91 13.08 49.30 -4.12
CA MET D 91 13.61 48.89 -5.40
C MET D 91 12.76 49.38 -6.58
N THR D 92 13.38 49.34 -7.76
CA THR D 92 12.72 49.48 -9.05
C THR D 92 13.44 48.59 -10.05
N ASP D 93 12.79 48.35 -11.19
CA ASP D 93 13.34 47.45 -12.20
C ASP D 93 14.81 47.75 -12.50
N GLU D 94 15.12 48.99 -12.86
CA GLU D 94 16.50 49.31 -13.22
C GLU D 94 17.40 49.29 -12.01
N ILE D 95 16.86 49.65 -10.85
CA ILE D 95 17.65 49.56 -9.63
C ILE D 95 17.94 48.10 -9.31
N LEU D 96 16.93 47.24 -9.37
CA LEU D 96 17.18 45.84 -9.03
C LEU D 96 18.20 45.20 -9.98
N LEU D 97 18.11 45.50 -11.27
CA LEU D 97 19.11 44.97 -12.20
C LEU D 97 20.50 45.54 -11.94
N ALA D 98 20.58 46.80 -11.53
CA ALA D 98 21.88 47.36 -11.19
C ALA D 98 22.43 46.81 -9.88
N LEU D 99 21.57 46.52 -8.91
CA LEU D 99 22.05 45.89 -7.68
C LEU D 99 22.50 44.45 -7.92
N LEU D 100 21.84 43.72 -8.81
CA LEU D 100 22.37 42.40 -9.16
C LEU D 100 23.72 42.51 -9.87
N GLU D 101 23.89 43.54 -10.70
CA GLU D 101 25.19 43.79 -11.30
C GLU D 101 26.22 44.18 -10.25
N LEU D 102 25.81 44.96 -9.27
CA LEU D 102 26.71 45.34 -8.18
C LEU D 102 27.14 44.14 -7.34
N LYS D 103 26.19 43.28 -6.98
CA LYS D 103 26.55 42.11 -6.19
C LYS D 103 27.47 41.17 -6.95
N ALA D 104 27.25 41.02 -8.26
CA ALA D 104 28.18 40.26 -9.07
C ALA D 104 29.57 40.90 -9.07
N SER D 105 29.64 42.20 -9.33
CA SER D 105 30.95 42.87 -9.35
C SER D 105 31.65 42.82 -8.00
N THR D 106 30.90 42.90 -6.91
CA THR D 106 31.46 42.71 -5.58
C THR D 106 32.10 41.34 -5.42
N ALA D 107 31.43 40.28 -5.88
CA ALA D 107 32.04 38.97 -5.75
C ALA D 107 33.26 38.84 -6.63
N ARG D 108 33.16 39.33 -7.87
CA ARG D 108 34.31 39.31 -8.77
C ARG D 108 35.50 40.06 -8.17
N LEU D 109 35.22 41.16 -7.47
CA LEU D 109 36.31 41.88 -6.81
C LEU D 109 36.91 41.09 -5.67
N LYS D 110 36.11 40.42 -4.85
CA LYS D 110 36.71 39.60 -3.81
C LYS D 110 37.62 38.52 -4.40
N VAL D 111 37.18 37.93 -5.52
CA VAL D 111 38.01 36.94 -6.22
C VAL D 111 39.32 37.54 -6.71
N ALA D 112 39.24 38.65 -7.44
CA ALA D 112 40.48 39.26 -7.93
C ALA D 112 41.38 39.75 -6.81
N THR D 113 40.80 40.17 -5.69
CA THR D 113 41.59 40.52 -4.51
C THR D 113 42.39 39.34 -3.99
N ALA D 114 41.75 38.18 -3.83
CA ALA D 114 42.51 36.98 -3.47
C ALA D 114 43.57 36.63 -4.52
N LEU D 115 43.23 36.71 -5.79
CA LEU D 115 44.25 36.47 -6.83
C LEU D 115 45.46 37.36 -6.64
N LEU D 116 45.22 38.66 -6.49
CA LEU D 116 46.32 39.60 -6.31
C LEU D 116 47.15 39.29 -5.08
N ARG D 117 46.50 39.06 -3.93
CA ARG D 117 47.26 38.73 -2.73
C ARG D 117 48.12 37.49 -2.91
N MET D 118 47.64 36.51 -3.66
CA MET D 118 48.40 35.27 -3.81
C MET D 118 49.60 35.45 -4.74
N ILE D 119 49.40 36.12 -5.88
CA ILE D 119 50.57 36.43 -6.72
C ILE D 119 51.51 37.43 -6.04
N THR D 120 51.01 38.31 -5.18
CA THR D 120 51.89 39.10 -4.33
C THR D 120 52.80 38.23 -3.47
N GLU D 121 52.24 37.23 -2.80
CA GLU D 121 53.08 36.34 -2.00
C GLU D 121 54.07 35.57 -2.86
N GLU D 122 53.65 35.15 -4.05
CA GLU D 122 54.60 34.54 -4.99
C GLU D 122 55.73 35.48 -5.35
N LEU D 123 55.43 36.75 -5.62
CA LEU D 123 56.48 37.70 -5.95
C LEU D 123 57.43 37.92 -4.79
N LYS D 124 56.88 38.16 -3.60
CA LYS D 124 57.69 38.36 -2.41
C LYS D 124 58.64 37.19 -2.17
N LYS D 125 58.14 35.96 -2.31
CA LYS D 125 58.97 34.79 -2.06
C LYS D 125 60.04 34.59 -3.14
N ASN D 126 59.70 34.79 -4.41
CA ASN D 126 60.62 34.49 -5.52
C ASN D 126 60.68 35.66 -6.50
N PRO D 127 61.16 36.81 -6.04
CA PRO D 127 61.12 38.02 -6.87
C PRO D 127 62.13 38.00 -8.00
N SER D 128 61.73 38.59 -9.11
CA SER D 128 62.58 38.79 -10.27
C SER D 128 61.91 39.81 -11.18
N GLU D 129 62.67 40.30 -12.15
CA GLU D 129 62.14 41.35 -13.04
C GLU D 129 60.90 40.85 -13.79
N ASP D 130 60.95 39.62 -14.29
CA ASP D 130 59.77 39.06 -14.94
C ASP D 130 58.59 39.01 -13.98
N ALA D 131 58.85 38.61 -12.73
CA ALA D 131 57.78 38.57 -11.74
C ALA D 131 57.25 39.96 -11.43
N LEU D 132 58.11 40.98 -11.43
CA LEU D 132 57.61 42.34 -11.23
C LEU D 132 56.74 42.79 -12.39
N VAL D 133 57.12 42.48 -13.62
CA VAL D 133 56.28 42.83 -14.76
C VAL D 133 54.92 42.16 -14.64
N GLU D 134 54.93 40.84 -14.41
CA GLU D 134 53.66 40.11 -14.27
C GLU D 134 52.83 40.68 -13.13
N HIS D 135 53.46 41.05 -12.03
CA HIS D 135 52.74 41.62 -10.90
C HIS D 135 52.13 42.97 -11.26
N ASN D 136 52.88 43.83 -11.95
CA ASN D 136 52.31 45.10 -12.37
C ASN D 136 51.12 44.90 -13.30
N ARG D 137 51.22 43.96 -14.25
CA ARG D 137 50.06 43.69 -15.10
C ARG D 137 48.86 43.19 -14.30
N ALA D 138 49.11 42.38 -13.27
CA ALA D 138 47.98 41.94 -12.45
C ALA D 138 47.42 43.05 -11.58
N ILE D 139 48.25 43.99 -11.12
CA ILE D 139 47.73 45.17 -10.46
C ILE D 139 46.85 45.98 -11.40
N VAL D 140 47.28 46.17 -12.64
CA VAL D 140 46.47 46.92 -13.60
C VAL D 140 45.14 46.22 -13.89
N ASN D 141 45.13 44.89 -13.94
CA ASN D 141 43.84 44.21 -14.09
C ASN D 141 42.96 44.34 -12.85
N HIS D 142 43.55 44.26 -11.66
CA HIS D 142 42.79 44.48 -10.43
C HIS D 142 42.16 45.87 -10.41
N ASN D 143 42.95 46.89 -10.74
CA ASN D 143 42.40 48.23 -10.85
C ASN D 143 41.29 48.32 -11.87
N ALA D 144 41.45 47.71 -13.04
CA ALA D 144 40.33 47.73 -14.00
C ALA D 144 39.06 47.15 -13.42
N ILE D 145 39.18 46.15 -12.53
CA ILE D 145 37.98 45.64 -11.87
C ILE D 145 37.43 46.63 -10.84
N ILE D 146 38.29 47.29 -10.09
CA ILE D 146 37.84 48.37 -9.20
C ILE D 146 37.08 49.43 -9.99
N VAL D 147 37.63 49.86 -11.12
CA VAL D 147 36.95 50.80 -12.00
C VAL D 147 35.55 50.32 -12.37
N GLU D 148 35.42 49.07 -12.82
CA GLU D 148 34.07 48.59 -13.15
C GLU D 148 33.14 48.60 -11.93
N ASN D 149 33.66 48.26 -10.76
CA ASN D 149 32.84 48.39 -9.55
C ASN D 149 32.38 49.82 -9.33
N ASN D 150 33.25 50.79 -9.58
CA ASN D 150 32.87 52.18 -9.36
C ASN D 150 31.88 52.64 -10.40
N ARG D 151 31.99 52.14 -11.63
CA ARG D 151 31.04 52.54 -12.66
C ARG D 151 29.65 52.03 -12.31
N ILE D 152 29.57 50.82 -11.79
CA ILE D 152 28.27 50.26 -11.44
C ILE D 152 27.67 51.01 -10.25
N ILE D 153 28.48 51.31 -9.24
CA ILE D 153 28.00 52.11 -8.11
C ILE D 153 27.50 53.49 -8.55
N ALA D 154 28.24 54.16 -9.44
CA ALA D 154 27.74 55.42 -10.01
C ALA D 154 26.45 55.25 -10.79
N ALA D 155 26.32 54.18 -11.56
CA ALA D 155 25.06 53.98 -12.28
C ALA D 155 23.90 53.76 -11.32
N VAL D 156 24.14 53.03 -10.24
CA VAL D 156 23.11 52.84 -9.22
C VAL D 156 22.69 54.18 -8.63
N LEU D 157 23.65 55.02 -8.26
CA LEU D 157 23.28 56.32 -7.70
C LEU D 157 22.54 57.20 -8.70
N GLU D 158 22.95 57.16 -9.97
CA GLU D 158 22.20 57.87 -11.00
C GLU D 158 20.75 57.42 -11.05
N LEU D 159 20.53 56.10 -10.97
CA LEU D 159 19.16 55.58 -10.99
C LEU D 159 18.39 55.93 -9.72
N ILE D 160 19.02 55.85 -8.56
CA ILE D 160 18.34 56.20 -7.30
C ILE D 160 17.89 57.65 -7.32
N VAL D 161 18.77 58.56 -7.73
CA VAL D 161 18.38 59.96 -7.81
C VAL D 161 17.27 60.17 -8.84
N ARG D 162 17.41 59.59 -10.04
CA ARG D 162 16.33 59.76 -11.00
C ARG D 162 15.01 59.15 -10.55
N ALA D 163 15.05 58.04 -9.81
CA ALA D 163 13.84 57.43 -9.28
C ALA D 163 13.18 58.31 -8.23
N LEU D 164 13.97 58.91 -7.33
CA LEU D 164 13.40 59.86 -6.40
C LEU D 164 12.86 61.09 -7.12
N ASN D 165 13.44 61.44 -8.28
CA ASN D 165 13.09 62.68 -8.99
C ASN D 165 13.57 63.90 -8.20
N LEU D 166 14.73 63.76 -7.57
CA LEU D 166 15.20 64.76 -6.64
C LEU D 166 15.69 65.99 -7.37
N THR D 167 15.18 67.15 -6.98
CA THR D 167 15.39 68.41 -7.69
C THR D 167 16.49 69.26 -7.08
N ASP D 168 17.15 68.76 -6.05
CA ASP D 168 18.15 69.53 -5.32
C ASP D 168 19.34 69.83 -6.23
N GLU D 169 19.65 71.11 -6.39
CA GLU D 169 20.78 71.52 -7.22
C GLU D 169 22.10 71.02 -6.66
N GLU D 170 22.19 70.84 -5.34
CA GLU D 170 23.39 70.22 -4.79
C GLU D 170 23.56 68.80 -5.31
N VAL D 171 22.46 68.06 -5.47
CA VAL D 171 22.55 66.71 -6.02
C VAL D 171 22.89 66.75 -7.50
N ARG D 172 22.26 67.61 -8.28
CA ARG D 172 22.57 67.68 -9.69
C ARG D 172 24.05 68.04 -9.91
N LYS D 173 24.54 69.03 -9.18
CA LYS D 173 25.96 69.38 -9.25
C LYS D 173 26.86 68.20 -8.91
N ALA D 174 26.56 67.50 -7.81
CA ALA D 174 27.39 66.35 -7.47
C ALA D 174 27.32 65.23 -8.50
N LEU D 175 26.18 65.05 -9.17
CA LEU D 175 26.13 64.06 -10.25
C LEU D 175 26.88 64.49 -11.50
N GLU D 176 26.89 65.78 -11.82
CA GLU D 176 27.73 66.24 -12.92
C GLU D 176 29.21 66.03 -12.62
N GLU D 177 29.60 66.27 -11.37
CA GLU D 177 30.95 65.90 -10.93
C GLU D 177 31.19 64.40 -11.03
N LEU D 178 30.22 63.59 -10.65
CA LEU D 178 30.43 62.15 -10.67
C LEU D 178 30.55 61.60 -12.09
N LYS D 179 29.75 62.10 -13.03
CA LYS D 179 29.92 61.70 -14.43
C LYS D 179 31.23 62.17 -15.03
N ALA D 180 31.67 63.39 -14.72
CA ALA D 180 32.99 63.81 -15.17
C ALA D 180 34.10 62.94 -14.60
N SER D 181 34.06 62.67 -13.29
CA SER D 181 35.05 61.78 -12.70
C SER D 181 35.03 60.38 -13.32
N THR D 182 33.84 59.87 -13.67
CA THR D 182 33.75 58.56 -14.30
C THR D 182 34.39 58.53 -15.69
N ALA D 183 34.08 59.51 -16.53
CA ALA D 183 34.73 59.55 -17.84
C ALA D 183 36.24 59.75 -17.72
N GLU D 184 36.68 60.58 -16.78
CA GLU D 184 38.10 60.71 -16.52
C GLU D 184 38.73 59.39 -16.11
N LEU D 185 38.03 58.62 -15.28
CA LEU D 185 38.56 57.33 -14.83
C LEU D 185 38.63 56.32 -15.97
N LYS D 186 37.66 56.32 -16.88
CA LYS D 186 37.81 55.50 -18.08
C LYS D 186 39.04 55.88 -18.88
N ARG D 187 39.22 57.17 -19.15
CA ARG D 187 40.41 57.59 -19.91
C ARG D 187 41.71 57.18 -19.21
N ALA D 188 41.80 57.41 -17.91
CA ALA D 188 43.00 57.03 -17.18
C ALA D 188 43.23 55.52 -17.19
N THR D 189 42.16 54.74 -17.09
CA THR D 189 42.30 53.28 -17.18
C THR D 189 42.85 52.86 -18.53
N ALA D 190 42.30 53.41 -19.62
CA ALA D 190 42.82 53.10 -20.94
C ALA D 190 44.30 53.49 -21.07
N SER D 191 44.66 54.68 -20.60
CA SER D 191 46.07 55.09 -20.63
C SER D 191 46.97 54.13 -19.86
N LEU D 192 46.49 53.65 -18.72
CA LEU D 192 47.31 52.75 -17.92
C LEU D 192 47.44 51.39 -18.59
N ARG D 193 46.38 50.91 -19.24
CA ARG D 193 46.51 49.67 -20.00
C ARG D 193 47.47 49.85 -21.17
N ALA D 194 47.53 51.05 -21.73
CA ALA D 194 48.46 51.30 -22.83
C ALA D 194 49.91 51.23 -22.36
N ILE D 195 50.24 51.93 -21.28
CA ILE D 195 51.62 51.82 -20.79
C ILE D 195 51.92 50.43 -20.24
N THR D 196 50.93 49.72 -19.70
CA THR D 196 51.13 48.32 -19.34
C THR D 196 51.50 47.45 -20.54
N GLU D 197 50.83 47.65 -21.68
CA GLU D 197 51.24 46.97 -22.91
C GLU D 197 52.63 47.39 -23.39
N GLU D 198 53.02 48.63 -23.13
CA GLU D 198 54.42 49.00 -23.38
C GLU D 198 55.36 48.23 -22.47
N LEU D 199 55.10 48.22 -21.18
CA LEU D 199 56.00 47.55 -20.25
C LEU D 199 56.15 46.08 -20.63
N LYS D 200 55.01 45.41 -20.85
CA LYS D 200 55.05 44.02 -21.27
C LYS D 200 55.88 43.84 -22.54
N LYS D 201 55.82 44.81 -23.46
CA LYS D 201 56.68 44.72 -24.63
C LYS D 201 58.14 45.03 -24.31
N ASN D 202 58.42 46.04 -23.48
CA ASN D 202 59.78 46.54 -23.25
C ASN D 202 60.08 46.68 -21.77
N PRO D 203 60.10 45.57 -21.03
CA PRO D 203 60.29 45.65 -19.58
C PRO D 203 61.71 46.06 -19.20
N SER D 204 61.79 47.04 -18.30
CA SER D 204 63.07 47.50 -17.74
C SER D 204 62.79 48.14 -16.40
N GLU D 205 63.81 48.17 -15.53
CA GLU D 205 63.68 48.82 -14.24
C GLU D 205 63.17 50.26 -14.39
N ASP D 206 63.74 51.02 -15.33
CA ASP D 206 63.25 52.38 -15.54
C ASP D 206 61.79 52.37 -15.97
N ALA D 207 61.40 51.36 -16.75
CA ALA D 207 60.01 51.27 -17.15
C ALA D 207 59.14 50.88 -15.97
N LEU D 208 59.60 49.91 -15.18
CA LEU D 208 58.83 49.49 -14.01
C LEU D 208 58.56 50.69 -13.10
N VAL D 209 59.55 51.58 -12.96
CA VAL D 209 59.38 52.77 -12.13
C VAL D 209 58.37 53.73 -12.75
N GLU D 210 58.54 54.06 -14.03
CA GLU D 210 57.58 54.94 -14.69
C GLU D 210 56.17 54.38 -14.63
N HIS D 211 56.06 53.05 -14.69
CA HIS D 211 54.76 52.41 -14.68
C HIS D 211 54.14 52.52 -13.30
N ASN D 212 54.91 52.18 -12.25
CA ASN D 212 54.39 52.31 -10.90
C ASN D 212 53.95 53.74 -10.61
N ARG D 213 54.68 54.72 -11.15
CA ARG D 213 54.23 56.12 -11.06
C ARG D 213 52.85 56.31 -11.69
N ALA D 214 52.66 55.80 -12.90
CA ALA D 214 51.34 55.93 -13.53
C ALA D 214 50.25 55.18 -12.76
N ILE D 215 50.58 54.02 -12.19
CA ILE D 215 49.64 53.34 -11.29
C ILE D 215 49.23 54.24 -10.14
N VAL D 216 50.19 54.86 -9.47
CA VAL D 216 49.83 55.69 -8.32
C VAL D 216 48.97 56.88 -8.72
N GLU D 217 49.19 57.43 -9.91
CA GLU D 217 48.27 58.45 -10.41
C GLU D 217 46.88 57.90 -10.64
N HIS D 218 46.78 56.68 -11.17
CA HIS D 218 45.49 56.06 -11.40
C HIS D 218 44.75 55.82 -10.09
N ASN D 219 45.44 55.28 -9.09
CA ASN D 219 44.83 55.10 -7.78
C ASN D 219 44.36 56.43 -7.19
N ALA D 220 45.12 57.50 -7.37
CA ALA D 220 44.67 58.80 -6.91
C ALA D 220 43.36 59.21 -7.58
N ILE D 221 43.22 58.94 -8.88
CA ILE D 221 41.96 59.23 -9.56
C ILE D 221 40.82 58.38 -9.03
N ILE D 222 41.08 57.12 -8.69
CA ILE D 222 40.04 56.30 -8.07
C ILE D 222 39.62 56.86 -6.74
N VAL D 223 40.56 57.38 -5.97
CA VAL D 223 40.22 57.99 -4.69
C VAL D 223 39.36 59.24 -4.86
N GLU D 224 39.66 60.06 -5.87
CA GLU D 224 38.74 61.15 -6.20
C GLU D 224 37.35 60.64 -6.58
N ASN D 225 37.27 59.53 -7.32
CA ASN D 225 35.95 58.98 -7.63
C ASN D 225 35.20 58.58 -6.38
N ASN D 226 35.89 57.91 -5.45
CA ASN D 226 35.22 57.49 -4.21
C ASN D 226 34.80 58.67 -3.35
N ARG D 227 35.56 59.76 -3.37
CA ARG D 227 35.14 60.97 -2.66
C ARG D 227 33.84 61.52 -3.26
N ILE D 228 33.77 61.63 -4.58
CA ILE D 228 32.55 62.18 -5.18
C ILE D 228 31.37 61.25 -4.91
N ILE D 229 31.58 59.94 -5.02
CA ILE D 229 30.52 58.98 -4.69
C ILE D 229 30.01 59.20 -3.27
N ALA D 230 30.93 59.37 -2.32
CA ALA D 230 30.48 59.62 -0.95
C ALA D 230 29.71 60.94 -0.82
N LEU D 231 30.08 61.98 -1.58
CA LEU D 231 29.25 63.19 -1.52
C LEU D 231 27.86 62.95 -2.05
N VAL D 232 27.74 62.17 -3.12
CA VAL D 232 26.41 61.85 -3.62
C VAL D 232 25.60 61.06 -2.62
N LEU D 233 26.19 60.02 -2.01
CA LEU D 233 25.45 59.30 -0.98
C LEU D 233 24.99 60.20 0.15
N LEU D 234 25.87 61.08 0.66
CA LEU D 234 25.45 61.98 1.73
C LEU D 234 24.32 62.91 1.32
N LEU D 235 24.41 63.49 0.12
CA LEU D 235 23.30 64.32 -0.36
C LEU D 235 22.01 63.53 -0.52
N ILE D 236 22.07 62.31 -1.03
CA ILE D 236 20.86 61.50 -1.16
C ILE D 236 20.26 61.20 0.19
N VAL D 237 21.08 60.73 1.13
CA VAL D 237 20.57 60.38 2.46
C VAL D 237 19.99 61.58 3.16
N LEU D 238 20.50 62.78 2.91
CA LEU D 238 19.83 63.96 3.45
C LEU D 238 18.53 64.26 2.71
N ALA D 239 18.50 64.05 1.40
CA ALA D 239 17.30 64.38 0.63
C ALA D 239 16.15 63.40 0.85
N ILE D 240 16.43 62.12 1.07
CA ILE D 240 15.36 61.18 1.40
C ILE D 240 14.77 61.53 2.76
N GLY E 15 62.60 43.62 45.88
CA GLY E 15 61.16 43.65 45.71
C GLY E 15 60.45 42.67 46.64
N SER E 16 59.13 42.66 46.56
CA SER E 16 58.33 41.71 47.34
C SER E 16 58.19 40.38 46.59
N GLU E 17 57.79 39.36 47.35
CA GLU E 17 57.60 38.03 46.75
C GLU E 17 56.60 38.07 45.62
N GLU E 18 55.60 38.96 45.72
CA GLU E 18 54.68 39.15 44.62
C GLU E 18 55.40 39.73 43.42
N GLU E 19 56.27 40.73 43.64
CA GLU E 19 57.01 41.32 42.53
C GLU E 19 57.92 40.29 41.88
N ILE E 20 58.69 39.55 42.68
CA ILE E 20 59.60 38.55 42.13
C ILE E 20 58.82 37.53 41.31
N ALA E 21 57.71 37.03 41.87
CA ALA E 21 56.90 36.04 41.16
C ALA E 21 56.32 36.59 39.86
N LYS E 22 55.76 37.80 39.92
CA LYS E 22 55.27 38.45 38.71
C LYS E 22 56.37 38.58 37.66
N ALA E 23 57.55 39.06 38.07
CA ALA E 23 58.66 39.21 37.13
C ALA E 23 59.12 37.88 36.56
N LEU E 24 59.08 36.80 37.33
CA LEU E 24 59.38 35.48 36.77
C LEU E 24 58.30 34.98 35.82
N GLU E 25 57.04 35.33 36.06
CA GLU E 25 56.01 35.07 35.05
C GLU E 25 56.29 35.84 33.76
N GLU E 26 56.71 37.10 33.89
CA GLU E 26 57.11 37.88 32.73
C GLU E 26 58.34 37.28 32.05
N LEU E 27 59.27 36.74 32.83
CA LEU E 27 60.46 36.12 32.26
C LEU E 27 60.12 34.87 31.47
N VAL E 28 59.30 33.99 32.04
CA VAL E 28 58.91 32.77 31.34
C VAL E 28 58.06 33.09 30.11
N ALA E 29 57.21 34.12 30.19
CA ALA E 29 56.54 34.62 28.99
C ALA E 29 57.51 35.09 27.93
N SER E 30 58.55 35.83 28.34
CA SER E 30 59.57 36.26 27.39
C SER E 30 60.33 35.07 26.80
N LEU E 31 60.58 34.04 27.59
CA LEU E 31 61.24 32.85 27.07
C LEU E 31 60.37 32.11 26.05
N ALA E 32 59.08 31.95 26.35
CA ALA E 32 58.19 31.34 25.36
C ALA E 32 58.15 32.14 24.06
N GLU E 33 58.02 33.47 24.18
CA GLU E 33 58.07 34.33 22.99
C GLU E 33 59.41 34.21 22.26
N LEU E 34 60.51 34.16 22.99
CA LEU E 34 61.83 34.00 22.38
C LEU E 34 61.96 32.68 21.65
N LYS E 35 61.49 31.59 22.26
CA LYS E 35 61.49 30.30 21.59
C LYS E 35 60.69 30.35 20.29
N ARG E 36 59.46 30.87 20.37
CA ARG E 36 58.63 31.00 19.17
C ARG E 36 59.34 31.79 18.08
N ALA E 37 59.94 32.93 18.45
CA ALA E 37 60.68 33.73 17.49
C ALA E 37 61.88 32.98 16.92
N THR E 38 62.54 32.17 17.74
CA THR E 38 63.67 31.40 17.24
C THR E 38 63.22 30.39 16.22
N LEU E 39 62.08 29.73 16.47
CA LEU E 39 61.54 28.79 15.50
C LEU E 39 61.22 29.50 14.18
N LYS E 40 60.50 30.62 14.26
CA LYS E 40 60.21 31.42 13.07
C LYS E 40 61.49 31.80 12.31
N LEU E 41 62.51 32.26 13.02
CA LEU E 41 63.76 32.65 12.36
C LEU E 41 64.42 31.45 11.69
N LEU E 42 64.33 30.28 12.31
CA LEU E 42 64.86 29.08 11.66
C LEU E 42 64.09 28.80 10.38
N VAL E 43 62.78 29.02 10.40
CA VAL E 43 61.98 28.82 9.20
C VAL E 43 62.49 29.71 8.07
N ILE E 44 62.56 31.01 8.32
CA ILE E 44 62.95 31.90 7.23
C ILE E 44 64.39 31.66 6.82
N THR E 45 65.25 31.19 7.74
CA THR E 45 66.58 30.75 7.35
C THR E 45 66.54 29.61 6.36
N GLU E 46 65.63 28.65 6.57
CA GLU E 46 65.49 27.58 5.59
C GLU E 46 64.98 28.11 4.26
N GLU E 47 63.98 29.00 4.31
CA GLU E 47 63.43 29.58 3.08
C GLU E 47 64.51 30.31 2.29
N LEU E 48 65.36 31.06 3.00
CA LEU E 48 66.50 31.72 2.36
C LEU E 48 67.48 30.72 1.76
N LYS E 49 67.77 29.63 2.49
CA LYS E 49 68.65 28.61 1.95
C LYS E 49 68.12 28.00 0.65
N LYS E 50 66.83 27.70 0.60
CA LYS E 50 66.26 27.07 -0.60
C LYS E 50 66.16 28.02 -1.79
N ASN E 51 65.78 29.28 -1.57
CA ASN E 51 65.50 30.22 -2.66
C ASN E 51 66.16 31.57 -2.44
N PRO E 52 67.49 31.60 -2.38
CA PRO E 52 68.18 32.82 -1.96
C PRO E 52 68.04 33.94 -2.98
N SER E 53 67.83 35.15 -2.47
CA SER E 53 67.66 36.33 -3.30
C SER E 53 67.89 37.57 -2.45
N GLU E 54 68.10 38.70 -3.13
CA GLU E 54 68.46 39.93 -2.43
C GLU E 54 67.37 40.40 -1.48
N SER E 55 66.11 40.40 -1.93
CA SER E 55 65.03 40.79 -1.03
C SER E 55 64.81 39.78 0.08
N ALA E 56 65.07 38.49 -0.18
CA ALA E 56 65.07 37.52 0.90
C ALA E 56 66.16 37.82 1.92
N LEU E 57 67.36 38.19 1.45
CA LEU E 57 68.42 38.57 2.38
C LEU E 57 68.03 39.77 3.23
N VAL E 58 67.49 40.82 2.60
CA VAL E 58 67.06 42.00 3.35
C VAL E 58 66.01 41.65 4.40
N SER E 59 65.00 40.87 4.02
CA SER E 59 63.94 40.54 4.98
C SER E 59 64.45 39.61 6.07
N HIS E 60 65.34 38.70 5.74
CA HIS E 60 65.97 37.84 6.75
C HIS E 60 66.75 38.66 7.76
N ASN E 61 67.57 39.59 7.29
CA ASN E 61 68.30 40.47 8.20
C ASN E 61 67.37 41.28 9.10
N LYS E 62 66.31 41.84 8.55
CA LYS E 62 65.35 42.56 9.39
C LYS E 62 64.70 41.66 10.44
N ALA E 63 64.38 40.42 10.07
CA ALA E 63 63.85 39.48 11.07
C ALA E 63 64.87 39.16 12.14
N ILE E 64 66.14 39.04 11.77
CA ILE E 64 67.20 38.86 12.78
C ILE E 64 67.26 40.05 13.73
N VAL E 65 67.06 41.26 13.20
CA VAL E 65 67.03 42.44 14.07
C VAL E 65 65.87 42.39 15.06
N GLU E 66 64.69 41.96 14.62
CA GLU E 66 63.59 41.85 15.57
C GLU E 66 63.78 40.72 16.58
N HIS E 67 64.41 39.61 16.17
CA HIS E 67 64.76 38.56 17.10
C HIS E 67 65.76 39.03 18.15
N ASN E 68 66.81 39.74 17.72
CA ASN E 68 67.76 40.30 18.67
C ASN E 68 67.10 41.28 19.63
N ALA E 69 66.17 42.10 19.14
CA ALA E 69 65.45 42.98 20.06
C ALA E 69 64.67 42.20 21.12
N ILE E 70 64.10 41.05 20.74
CA ILE E 70 63.47 40.18 21.74
C ILE E 70 64.48 39.66 22.75
N ILE E 71 65.66 39.25 22.28
CA ILE E 71 66.72 38.81 23.20
C ILE E 71 67.08 39.93 24.18
N VAL E 72 67.23 41.15 23.68
CA VAL E 72 67.56 42.29 24.53
C VAL E 72 66.50 42.52 25.60
N GLU E 73 65.23 42.47 25.22
CA GLU E 73 64.18 42.56 26.25
C GLU E 73 64.27 41.42 27.27
N ASN E 74 64.61 40.21 26.82
CA ASN E 74 64.82 39.12 27.77
C ASN E 74 65.93 39.44 28.77
N ASN E 75 67.05 39.96 28.28
CA ASN E 75 68.17 40.29 29.16
C ASN E 75 67.84 41.46 30.09
N ARG E 76 67.03 42.41 29.63
CA ARG E 76 66.58 43.49 30.50
C ARG E 76 65.72 42.94 31.64
N ILE E 77 64.78 42.06 31.34
CA ILE E 77 63.95 41.51 32.40
C ILE E 77 64.79 40.68 33.37
N ILE E 78 65.77 39.93 32.86
CA ILE E 78 66.66 39.18 33.75
C ILE E 78 67.43 40.12 34.67
N ALA E 79 67.99 41.20 34.13
CA ALA E 79 68.69 42.16 34.98
C ALA E 79 67.77 42.78 36.03
N ALA E 80 66.50 43.01 35.68
CA ALA E 80 65.56 43.54 36.67
C ALA E 80 65.34 42.53 37.78
N VAL E 81 65.09 41.27 37.42
CA VAL E 81 64.87 40.24 38.43
C VAL E 81 66.07 40.13 39.34
N LEU E 82 67.27 40.12 38.76
CA LEU E 82 68.48 40.02 39.58
C LEU E 82 68.60 41.19 40.54
N GLU E 83 68.24 42.40 40.10
CA GLU E 83 68.27 43.53 41.01
C GLU E 83 67.29 43.36 42.17
N LEU E 84 66.09 42.83 41.90
CA LEU E 84 65.15 42.55 42.98
C LEU E 84 65.65 41.45 43.92
N ILE E 85 66.27 40.41 43.38
CA ILE E 85 66.80 39.33 44.21
C ILE E 85 67.94 39.83 45.09
N VAL E 86 68.88 40.58 44.52
CA VAL E 86 69.98 41.06 45.33
C VAL E 86 69.48 42.04 46.39
N ARG E 87 68.52 42.91 46.05
CA ARG E 87 67.97 43.74 47.11
C ARG E 87 67.26 42.91 48.17
N ALA E 88 66.71 41.75 47.79
CA ALA E 88 66.14 40.84 48.79
C ALA E 88 67.21 40.32 49.73
N VAL E 89 68.30 39.77 49.19
CA VAL E 89 69.35 39.20 50.03
C VAL E 89 70.27 40.27 50.62
N GLY E 90 70.46 41.39 49.93
CA GLY E 90 71.55 42.29 50.27
C GLY E 90 72.74 42.21 49.34
N MET E 91 73.22 43.38 48.93
CA MET E 91 74.46 43.51 48.17
C MET E 91 75.67 43.00 48.95
N THR E 92 76.74 42.76 48.21
CA THR E 92 78.08 42.55 48.76
C THR E 92 79.09 43.16 47.81
N ASP E 93 80.32 43.34 48.30
CA ASP E 93 81.36 43.99 47.50
C ASP E 93 81.43 43.43 46.08
N GLU E 94 81.60 42.11 45.97
CA GLU E 94 81.73 41.52 44.64
C GLU E 94 80.41 41.55 43.89
N ILE E 95 79.31 41.44 44.62
CA ILE E 95 78.00 41.56 43.98
C ILE E 95 77.81 42.97 43.46
N LEU E 96 78.10 43.98 44.29
CA LEU E 96 77.89 45.35 43.84
C LEU E 96 78.75 45.69 42.63
N LEU E 97 80.00 45.23 42.61
CA LEU E 97 80.84 45.44 41.44
C LEU E 97 80.32 44.70 40.21
N ALA E 98 79.76 43.51 40.40
CA ALA E 98 79.19 42.83 39.24
C ALA E 98 77.90 43.46 38.76
N LEU E 99 77.09 44.00 39.66
CA LEU E 99 75.89 44.72 39.23
C LEU E 99 76.22 46.05 38.54
N LEU E 100 77.27 46.74 38.98
CA LEU E 100 77.70 47.92 38.23
C LEU E 100 78.21 47.53 36.84
N GLU E 101 78.89 46.39 36.73
CA GLU E 101 79.28 45.89 35.43
C GLU E 101 78.06 45.52 34.59
N LEU E 102 77.04 44.94 35.22
CA LEU E 102 75.82 44.60 34.52
C LEU E 102 75.09 45.84 34.01
N LYS E 103 74.95 46.87 34.86
CA LYS E 103 74.29 48.09 34.41
C LYS E 103 75.04 48.77 33.28
N ALA E 104 76.37 48.75 33.33
CA ALA E 104 77.14 49.26 32.19
C ALA E 104 76.86 48.47 30.93
N SER E 105 76.94 47.15 31.01
CA SER E 105 76.68 46.32 29.84
C SER E 105 75.26 46.50 29.31
N THR E 106 74.28 46.66 30.21
CA THR E 106 72.92 46.96 29.80
C THR E 106 72.82 48.26 29.00
N ALA E 107 73.50 49.32 29.46
CA ALA E 107 73.43 50.57 28.70
C ALA E 107 74.14 50.43 27.37
N ARG E 108 75.30 49.79 27.36
CA ARG E 108 76.02 49.55 26.11
C ARG E 108 75.15 48.76 25.14
N LEU E 109 74.38 47.80 25.65
CA LEU E 109 73.48 47.04 24.79
C LEU E 109 72.36 47.91 24.24
N LYS E 110 71.75 48.77 25.06
CA LYS E 110 70.73 49.65 24.50
C LYS E 110 71.28 50.53 23.38
N VAL E 111 72.51 51.01 23.56
CA VAL E 111 73.17 51.80 22.52
C VAL E 111 73.38 50.98 21.25
N ALA E 112 74.00 49.81 21.37
CA ALA E 112 74.24 48.99 20.19
C ALA E 112 72.94 48.52 19.54
N THR E 113 71.89 48.31 20.33
CA THR E 113 70.58 47.99 19.77
C THR E 113 70.05 49.10 18.88
N ALA E 114 70.10 50.34 19.37
CA ALA E 114 69.74 51.46 18.51
C ALA E 114 70.64 51.56 17.28
N LEU E 115 71.94 51.39 17.44
CA LEU E 115 72.83 51.39 16.29
C LEU E 115 72.41 50.38 15.23
N LEU E 116 72.18 49.14 15.67
CA LEU E 116 71.78 48.09 14.74
C LEU E 116 70.46 48.42 14.06
N ARG E 117 69.46 48.83 14.82
CA ARG E 117 68.18 49.18 14.19
C ARG E 117 68.34 50.29 13.15
N MET E 118 69.23 51.24 13.39
CA MET E 118 69.37 52.35 12.46
C MET E 118 70.11 51.94 11.19
N ILE E 119 71.20 51.19 11.31
CA ILE E 119 71.83 50.65 10.10
C ILE E 119 70.95 49.62 9.38
N THR E 120 70.10 48.90 10.10
CA THR E 120 69.06 48.10 9.47
C THR E 120 68.16 48.95 8.59
N GLU E 121 67.68 50.08 9.11
CA GLU E 121 66.85 50.96 8.29
C GLU E 121 67.60 51.53 7.09
N GLU E 122 68.88 51.85 7.28
CA GLU E 122 69.70 52.25 6.13
C GLU E 122 69.79 51.15 5.08
N LEU E 123 70.00 49.90 5.49
CA LEU E 123 70.07 48.81 4.53
C LEU E 123 68.74 48.62 3.80
N LYS E 124 67.65 48.58 4.56
CA LYS E 124 66.33 48.43 3.95
C LYS E 124 66.08 49.51 2.92
N LYS E 125 66.43 50.76 3.23
CA LYS E 125 66.19 51.85 2.28
C LYS E 125 67.12 51.77 1.07
N ASN E 126 68.39 51.44 1.26
CA ASN E 126 69.39 51.48 0.19
C ASN E 126 70.20 50.18 0.16
N PRO E 127 69.54 49.06 -0.10
CA PRO E 127 70.22 47.76 0.01
C PRO E 127 71.18 47.48 -1.14
N SER E 128 72.26 46.79 -0.81
CA SER E 128 73.23 46.31 -1.78
C SER E 128 74.10 45.25 -1.10
N GLU E 129 74.86 44.51 -1.92
CA GLU E 129 75.68 43.44 -1.38
C GLU E 129 76.70 43.95 -0.38
N ASP E 130 77.35 45.07 -0.69
CA ASP E 130 78.29 45.66 0.27
C ASP E 130 77.56 45.99 1.57
N ALA E 131 76.35 46.54 1.45
CA ALA E 131 75.56 46.87 2.63
C ALA E 131 75.18 45.61 3.40
N LEU E 132 74.91 44.51 2.71
CA LEU E 132 74.63 43.26 3.42
C LEU E 132 75.85 42.77 4.18
N VAL E 133 77.03 42.86 3.59
CA VAL E 133 78.24 42.46 4.32
C VAL E 133 78.41 43.31 5.56
N GLU E 134 78.34 44.64 5.40
CA GLU E 134 78.49 45.54 6.54
C GLU E 134 77.43 45.27 7.61
N HIS E 135 76.20 44.98 7.18
CA HIS E 135 75.13 44.69 8.12
C HIS E 135 75.37 43.41 8.88
N ASN E 136 75.82 42.36 8.20
CA ASN E 136 76.13 41.11 8.88
C ASN E 136 77.26 41.30 9.89
N ARG E 137 78.29 42.06 9.53
CA ARG E 137 79.35 42.35 10.50
C ARG E 137 78.83 43.11 11.72
N ALA E 138 77.88 44.03 11.51
CA ALA E 138 77.31 44.73 12.65
C ALA E 138 76.39 43.83 13.49
N ILE E 139 75.71 42.89 12.86
CA ILE E 139 74.97 41.88 13.62
C ILE E 139 75.92 41.06 14.49
N VAL E 140 77.05 40.65 13.93
CA VAL E 140 78.01 39.87 14.71
C VAL E 140 78.57 40.67 15.88
N ASN E 141 78.79 41.97 15.69
CA ASN E 141 79.19 42.79 16.84
C ASN E 141 78.09 42.92 17.89
N HIS E 142 76.84 43.08 17.44
CA HIS E 142 75.73 43.13 18.39
C HIS E 142 75.64 41.84 19.20
N ASN E 143 75.71 40.69 18.55
CA ASN E 143 75.74 39.43 19.27
C ASN E 143 76.92 39.33 20.24
N ALA E 144 78.13 39.73 19.81
CA ALA E 144 79.24 39.71 20.76
C ALA E 144 78.97 40.55 22.01
N ILE E 145 78.21 41.63 21.88
CA ILE E 145 77.82 42.39 23.06
C ILE E 145 76.80 41.64 23.91
N ILE E 146 75.84 40.98 23.26
CA ILE E 146 74.94 40.09 24.00
C ILE E 146 75.72 39.06 24.80
N VAL E 147 76.70 38.41 24.16
CA VAL E 147 77.58 37.47 24.86
C VAL E 147 78.21 38.08 26.10
N GLU E 148 78.80 39.28 25.97
CA GLU E 148 79.38 39.89 27.16
C GLU E 148 78.33 40.15 28.24
N ASN E 149 77.12 40.55 27.84
CA ASN E 149 76.03 40.68 28.80
C ASN E 149 75.74 39.37 29.51
N ASN E 150 75.78 38.26 28.78
CA ASN E 150 75.48 36.97 29.41
C ASN E 150 76.60 36.55 30.33
N ARG E 151 77.84 36.89 30.00
CA ARG E 151 78.93 36.53 30.89
C ARG E 151 78.81 37.28 32.20
N ILE E 152 78.40 38.55 32.12
CA ILE E 152 78.27 39.32 33.36
C ILE E 152 77.10 38.80 34.20
N ILE E 153 75.96 38.49 33.57
CA ILE E 153 74.84 37.88 34.29
C ILE E 153 75.23 36.55 34.94
N ALA E 154 75.95 35.69 34.22
CA ALA E 154 76.45 34.46 34.82
C ALA E 154 77.41 34.72 35.97
N ALA E 155 78.27 35.73 35.87
CA ALA E 155 79.15 36.03 37.00
C ALA E 155 78.34 36.49 38.20
N VAL E 156 77.30 37.29 37.97
CA VAL E 156 76.43 37.71 39.06
C VAL E 156 75.78 36.51 39.72
N LEU E 157 75.21 35.59 38.94
CA LEU E 157 74.57 34.42 39.55
C LEU E 157 75.57 33.54 40.29
N GLU E 158 76.78 33.37 39.74
CA GLU E 158 77.82 32.67 40.47
C GLU E 158 78.10 33.31 41.83
N LEU E 159 78.17 34.65 41.86
CA LEU E 159 78.40 35.34 43.12
C LEU E 159 77.22 35.23 44.07
N ILE E 160 76.00 35.35 43.57
CA ILE E 160 74.81 35.23 44.43
C ILE E 160 74.74 33.86 45.07
N VAL E 161 74.94 32.80 44.29
CA VAL E 161 74.92 31.46 44.87
C VAL E 161 76.05 31.28 45.87
N ARG E 162 77.27 31.68 45.53
CA ARG E 162 78.35 31.53 46.50
C ARG E 162 78.11 32.36 47.76
N ALA E 163 77.51 33.54 47.63
CA ALA E 163 77.20 34.36 48.80
C ALA E 163 76.15 33.72 49.69
N LEU E 164 75.11 33.15 49.10
CA LEU E 164 74.14 32.41 49.92
C LEU E 164 74.77 31.17 50.55
N ASN E 165 75.79 30.60 49.92
CA ASN E 165 76.38 29.33 50.37
C ASN E 165 75.38 28.19 50.17
N LEU E 166 74.64 28.25 49.08
CA LEU E 166 73.53 27.33 48.86
C LEU E 166 74.04 25.95 48.49
N THR E 167 73.56 24.94 49.22
CA THR E 167 74.09 23.59 49.14
C THR E 167 73.26 22.67 48.24
N ASP E 168 72.22 23.19 47.61
CA ASP E 168 71.32 22.36 46.82
C ASP E 168 72.05 21.76 45.63
N GLU E 169 72.05 20.43 45.54
CA GLU E 169 72.70 19.75 44.42
C GLU E 169 72.02 20.07 43.09
N GLU E 170 70.71 20.36 43.11
CA GLU E 170 70.06 20.84 41.91
C GLU E 170 70.65 22.16 41.44
N VAL E 171 70.99 23.03 42.38
CA VAL E 171 71.63 24.29 42.02
C VAL E 171 73.04 24.06 41.50
N ARG E 172 73.82 23.21 42.16
CA ARG E 172 75.17 22.95 41.67
C ARG E 172 75.14 22.37 40.26
N LYS E 173 74.25 21.41 40.02
CA LYS E 173 74.09 20.87 38.67
C LYS E 173 73.72 21.95 37.66
N ALA E 174 72.74 22.79 37.99
CA ALA E 174 72.36 23.86 37.08
C ALA E 174 73.49 24.86 36.83
N LEU E 175 74.34 25.10 37.83
CA LEU E 175 75.50 25.95 37.59
C LEU E 175 76.56 25.28 36.73
N GLU E 176 76.73 23.97 36.84
CA GLU E 176 77.61 23.26 35.93
C GLU E 176 77.10 23.34 34.49
N GLU E 177 75.78 23.24 34.32
CA GLU E 177 75.19 23.51 33.01
C GLU E 177 75.42 24.95 32.55
N LEU E 178 75.29 25.92 33.46
CA LEU E 178 75.47 27.31 33.04
C LEU E 178 76.91 27.62 32.64
N LYS E 179 77.88 27.10 33.38
CA LYS E 179 79.28 27.25 32.99
C LYS E 179 79.62 26.53 31.68
N ALA E 180 79.09 25.33 31.47
CA ALA E 180 79.29 24.68 30.18
C ALA E 180 78.68 25.49 29.04
N SER E 181 77.45 25.95 29.20
CA SER E 181 76.83 26.80 28.19
C SER E 181 77.63 28.08 27.95
N THR E 182 78.22 28.66 28.99
CA THR E 182 79.03 29.87 28.82
C THR E 182 80.30 29.60 28.02
N ALA E 183 81.03 28.54 28.34
CA ALA E 183 82.21 28.21 27.53
C ALA E 183 81.83 27.85 26.09
N GLU E 184 80.72 27.14 25.91
CA GLU E 184 80.22 26.88 24.56
C GLU E 184 79.92 28.17 23.83
N LEU E 185 79.32 29.14 24.50
CA LEU E 185 79.00 30.41 23.87
C LEU E 185 80.24 31.20 23.50
N LYS E 186 81.29 31.15 24.33
CA LYS E 186 82.57 31.74 23.92
C LYS E 186 83.11 31.08 22.65
N ARG E 187 83.14 29.74 22.62
CA ARG E 187 83.63 29.07 21.42
C ARG E 187 82.82 29.43 20.18
N ALA E 188 81.49 29.43 20.29
CA ALA E 188 80.65 29.78 19.16
C ALA E 188 80.86 31.23 18.72
N THR E 189 81.05 32.13 19.67
CA THR E 189 81.35 33.52 19.32
C THR E 189 82.65 33.63 18.54
N ALA E 190 83.70 32.97 19.01
CA ALA E 190 84.95 32.97 18.27
C ALA E 190 84.79 32.42 16.85
N SER E 191 84.08 31.29 16.71
CA SER E 191 83.84 30.73 15.38
C SER E 191 83.09 31.71 14.47
N LEU E 192 82.12 32.43 15.03
CA LEU E 192 81.35 33.34 14.19
C LEU E 192 82.18 34.56 13.81
N ARG E 193 83.02 35.06 14.72
CA ARG E 193 83.93 36.13 14.33
C ARG E 193 84.92 35.68 13.28
N ALA E 194 85.33 34.41 13.30
CA ALA E 194 86.25 33.91 12.29
C ALA E 194 85.61 33.89 10.91
N ILE E 195 84.42 33.31 10.80
CA ILE E 195 83.77 33.33 9.49
C ILE E 195 83.35 34.74 9.08
N THR E 196 83.04 35.62 10.04
CA THR E 196 82.82 37.02 9.70
C THR E 196 84.05 37.68 9.08
N GLU E 197 85.24 37.43 9.63
CA GLU E 197 86.46 37.91 8.99
C GLU E 197 86.71 37.27 7.63
N GLU E 198 86.28 36.02 7.44
CA GLU E 198 86.30 35.45 6.09
C GLU E 198 85.37 36.20 5.15
N LEU E 199 84.12 36.39 5.57
CA LEU E 199 83.15 37.05 4.71
C LEU E 199 83.65 38.44 4.33
N LYS E 200 84.11 39.20 5.31
CA LYS E 200 84.66 40.52 5.04
C LYS E 200 85.80 40.43 4.03
N LYS E 201 86.60 39.36 4.08
CA LYS E 201 87.63 39.20 3.05
C LYS E 201 87.05 38.77 1.70
N ASN E 202 86.08 37.86 1.69
CA ASN E 202 85.60 37.25 0.44
C ASN E 202 84.08 37.26 0.35
N PRO E 203 83.47 38.44 0.27
CA PRO E 203 82.00 38.52 0.28
C PRO E 203 81.39 38.00 -1.01
N SER E 204 80.39 37.14 -0.87
CA SER E 204 79.62 36.63 -2.01
C SER E 204 78.26 36.19 -1.50
N GLU E 205 77.28 36.16 -2.41
CA GLU E 205 75.93 35.70 -2.04
C GLU E 205 75.97 34.31 -1.40
N ASP E 206 76.77 33.38 -1.95
CA ASP E 206 76.85 32.08 -1.30
C ASP E 206 77.43 32.23 0.10
N ALA E 207 78.35 33.17 0.26
CA ALA E 207 78.92 33.41 1.58
C ALA E 207 77.89 34.07 2.47
N LEU E 208 77.16 35.06 1.95
CA LEU E 208 76.15 35.73 2.76
C LEU E 208 75.15 34.72 3.31
N VAL E 209 74.80 33.72 2.50
CA VAL E 209 73.87 32.68 2.94
C VAL E 209 74.50 31.81 4.02
N GLU E 210 75.71 31.31 3.77
CA GLU E 210 76.39 30.49 4.78
C GLU E 210 76.56 31.27 6.08
N HIS E 211 76.76 32.58 5.96
CA HIS E 211 76.98 33.42 7.13
C HIS E 211 75.69 33.58 7.91
N ASN E 212 74.59 33.93 7.24
CA ASN E 212 73.32 34.06 7.93
C ASN E 212 72.94 32.77 8.64
N ARG E 213 73.24 31.62 8.01
CA ARG E 213 73.07 30.33 8.69
C ARG E 213 73.89 30.24 9.97
N ALA E 214 75.17 30.59 9.92
CA ALA E 214 75.99 30.54 11.13
C ALA E 214 75.51 31.53 12.19
N ILE E 215 75.04 32.71 11.78
CA ILE E 215 74.40 33.62 12.73
C ILE E 215 73.23 32.96 13.44
N VAL E 216 72.36 32.31 12.68
CA VAL E 216 71.19 31.69 13.30
C VAL E 216 71.59 30.58 14.27
N GLU E 217 72.66 29.85 13.96
CA GLU E 217 73.17 28.89 14.93
C GLU E 217 73.69 29.57 16.20
N HIS E 218 74.36 30.70 16.04
CA HIS E 218 74.87 31.43 17.20
C HIS E 218 73.71 31.93 18.07
N ASN E 219 72.69 32.50 17.44
CA ASN E 219 71.51 32.93 18.18
C ASN E 219 70.85 31.78 18.92
N ALA E 220 70.79 30.59 18.29
CA ALA E 220 70.24 29.45 19.00
C ALA E 220 71.03 29.11 20.27
N ILE E 221 72.36 29.20 20.20
CA ILE E 221 73.15 28.96 21.40
C ILE E 221 72.92 30.02 22.47
N ILE E 222 72.73 31.28 22.07
CA ILE E 222 72.39 32.32 23.04
C ILE E 222 71.05 32.04 23.70
N VAL E 223 70.07 31.57 22.94
CA VAL E 223 68.77 31.23 23.52
C VAL E 223 68.87 30.08 24.52
N GLU E 224 69.68 29.07 24.21
CA GLU E 224 69.97 28.04 25.22
C GLU E 224 70.62 28.62 26.47
N ASN E 225 71.53 29.58 26.31
CA ASN E 225 72.12 30.22 27.48
C ASN E 225 71.06 30.92 28.32
N ASN E 226 70.15 31.65 27.69
CA ASN E 226 69.12 32.35 28.45
C ASN E 226 68.17 31.39 29.15
N ARG E 227 67.90 30.22 28.55
CA ARG E 227 67.09 29.22 29.25
C ARG E 227 67.80 28.74 30.51
N ILE E 228 69.08 28.42 30.41
CA ILE E 228 69.79 27.92 31.59
C ILE E 228 69.83 29.01 32.67
N ILE E 229 70.11 30.24 32.26
CA ILE E 229 70.10 31.36 33.21
C ILE E 229 68.77 31.42 33.94
N ALA E 230 67.66 31.31 33.21
CA ALA E 230 66.36 31.34 33.86
C ALA E 230 66.16 30.15 34.81
N LEU E 231 66.71 28.98 34.50
CA LEU E 231 66.61 27.89 35.49
C LEU E 231 67.39 28.21 36.75
N VAL E 232 68.55 28.83 36.61
CA VAL E 232 69.30 29.22 37.81
C VAL E 232 68.51 30.25 38.62
N LEU E 233 67.96 31.27 37.97
CA LEU E 233 67.14 32.22 38.72
C LEU E 233 65.98 31.56 39.46
N LEU E 234 65.27 30.66 38.80
CA LEU E 234 64.16 29.98 39.47
C LEU E 234 64.62 29.16 40.68
N LEU E 235 65.72 28.44 40.54
CA LEU E 235 66.27 27.71 41.69
C LEU E 235 66.68 28.64 42.82
N ILE E 236 67.29 29.78 42.49
CA ILE E 236 67.68 30.72 43.54
C ILE E 236 66.45 31.27 44.26
N VAL E 237 65.46 31.72 43.50
CA VAL E 237 64.27 32.30 44.13
C VAL E 237 63.54 31.28 44.99
N LEU E 238 63.59 30.00 44.63
CA LEU E 238 63.05 28.99 45.54
C LEU E 238 63.94 28.78 46.75
N ALA E 239 65.26 28.83 46.59
CA ALA E 239 66.16 28.56 47.71
C ALA E 239 66.19 29.67 48.76
N ILE E 240 66.06 30.94 48.36
CA ILE E 240 65.96 32.00 49.36
C ILE E 240 64.67 31.85 50.16
N GLY F 15 26.46 27.27 -9.00
CA GLY F 15 26.13 28.12 -7.87
C GLY F 15 26.14 29.59 -8.22
N SER F 16 25.82 30.44 -7.24
CA SER F 16 25.87 31.87 -7.42
C SER F 16 27.28 32.40 -7.14
N GLU F 17 27.53 33.63 -7.62
CA GLU F 17 28.82 34.27 -7.41
C GLU F 17 29.18 34.40 -5.93
N GLU F 18 28.19 34.57 -5.07
CA GLU F 18 28.45 34.59 -3.64
C GLU F 18 28.97 33.24 -3.14
N GLU F 19 28.36 32.13 -3.57
CA GLU F 19 28.84 30.83 -3.11
C GLU F 19 30.27 30.58 -3.57
N ILE F 20 30.55 30.80 -4.85
CA ILE F 20 31.89 30.58 -5.36
C ILE F 20 32.90 31.44 -4.63
N ALA F 21 32.59 32.73 -4.48
CA ALA F 21 33.51 33.64 -3.81
C ALA F 21 33.75 33.26 -2.35
N LYS F 22 32.68 32.95 -1.61
CA LYS F 22 32.84 32.47 -0.24
C LYS F 22 33.73 31.24 -0.18
N ALA F 23 33.45 30.25 -1.03
CA ALA F 23 34.25 29.03 -1.04
C ALA F 23 35.70 29.28 -1.41
N LEU F 24 35.97 30.25 -2.30
CA LEU F 24 37.35 30.62 -2.58
C LEU F 24 38.01 31.36 -1.43
N GLU F 25 37.25 32.14 -0.66
CA GLU F 25 37.78 32.67 0.59
C GLU F 25 38.14 31.55 1.57
N GLU F 26 37.29 30.52 1.64
CA GLU F 26 37.64 29.36 2.47
C GLU F 26 38.88 28.66 1.93
N LEU F 27 39.02 28.59 0.61
CA LEU F 27 40.19 27.96 0.01
C LEU F 27 41.46 28.73 0.34
N VAL F 28 41.45 30.05 0.17
CA VAL F 28 42.64 30.84 0.47
C VAL F 28 42.97 30.81 1.97
N ALA F 29 41.94 30.80 2.83
CA ALA F 29 42.18 30.55 4.25
C ALA F 29 42.83 29.21 4.51
N SER F 30 42.35 28.16 3.84
CA SER F 30 42.97 26.84 3.98
C SER F 30 44.40 26.83 3.44
N LEU F 31 44.67 27.58 2.38
CA LEU F 31 46.02 27.68 1.85
C LEU F 31 46.95 28.38 2.84
N ALA F 32 46.51 29.48 3.44
CA ALA F 32 47.32 30.13 4.46
C ALA F 32 47.60 29.18 5.62
N GLU F 33 46.57 28.48 6.10
CA GLU F 33 46.75 27.48 7.15
C GLU F 33 47.71 26.37 6.72
N LEU F 34 47.61 25.91 5.47
CA LEU F 34 48.52 24.89 4.97
C LEU F 34 49.97 25.39 4.92
N LYS F 35 50.18 26.62 4.46
CA LYS F 35 51.52 27.19 4.47
C LYS F 35 52.07 27.24 5.89
N ARG F 36 51.27 27.79 6.82
CA ARG F 36 51.69 27.86 8.21
C ARG F 36 52.07 26.49 8.77
N ALA F 37 51.24 25.48 8.50
CA ALA F 37 51.53 24.12 8.93
C ALA F 37 52.81 23.58 8.29
N THR F 38 53.06 23.93 7.03
CA THR F 38 54.31 23.48 6.39
C THR F 38 55.51 24.09 7.06
N LEU F 39 55.43 25.37 7.41
CA LEU F 39 56.52 26.02 8.14
C LEU F 39 56.77 25.34 9.48
N LYS F 40 55.70 25.14 10.26
CA LYS F 40 55.82 24.41 11.52
C LYS F 40 56.44 23.04 11.35
N LEU F 41 56.01 22.29 10.33
CA LEU F 41 56.57 20.97 10.11
C LEU F 41 58.05 21.05 9.77
N LEU F 42 58.46 22.05 9.00
CA LEU F 42 59.89 22.22 8.74
C LEU F 42 60.64 22.50 10.03
N VAL F 43 60.04 23.28 10.93
CA VAL F 43 60.70 23.55 12.20
C VAL F 43 60.97 22.24 12.94
N ILE F 44 59.91 21.47 13.15
CA ILE F 44 60.10 20.26 13.95
C ILE F 44 60.97 19.24 13.21
N THR F 45 60.96 19.25 11.88
CA THR F 45 61.91 18.44 11.12
C THR F 45 63.35 18.82 11.42
N GLU F 46 63.63 20.12 11.50
CA GLU F 46 64.99 20.53 11.85
C GLU F 46 65.33 20.13 13.27
N GLU F 47 64.41 20.34 14.21
CA GLU F 47 64.68 19.95 15.59
C GLU F 47 64.95 18.46 15.72
N LEU F 48 64.18 17.64 15.00
CA LEU F 48 64.43 16.21 14.96
C LEU F 48 65.79 15.87 14.35
N LYS F 49 66.16 16.55 13.26
CA LYS F 49 67.47 16.31 12.68
C LYS F 49 68.61 16.63 13.66
N LYS F 50 68.49 17.74 14.38
CA LYS F 50 69.55 18.14 15.31
C LYS F 50 69.59 17.25 16.54
N ASN F 51 68.44 16.86 17.09
CA ASN F 51 68.37 16.13 18.36
C ASN F 51 67.44 14.94 18.25
N PRO F 52 67.77 13.99 17.39
CA PRO F 52 66.85 12.90 17.07
C PRO F 52 66.66 11.96 18.26
N SER F 53 65.42 11.53 18.45
CA SER F 53 65.09 10.63 19.55
C SER F 53 63.75 9.97 19.28
N GLU F 54 63.49 8.88 20.00
CA GLU F 54 62.30 8.08 19.74
C GLU F 54 61.02 8.87 19.97
N SER F 55 60.93 9.60 21.08
CA SER F 55 59.74 10.42 21.32
C SER F 55 59.67 11.60 20.35
N ALA F 56 60.82 12.14 19.95
CA ALA F 56 60.83 13.13 18.87
C ALA F 56 60.31 12.54 17.57
N LEU F 57 60.71 11.32 17.23
CA LEU F 57 60.19 10.67 16.03
C LEU F 57 58.67 10.49 16.09
N VAL F 58 58.17 9.99 17.22
CA VAL F 58 56.72 9.80 17.38
C VAL F 58 55.97 11.12 17.24
N SER F 59 56.44 12.18 17.91
CA SER F 59 55.74 13.44 17.85
C SER F 59 55.84 14.09 16.46
N HIS F 60 56.97 13.93 15.80
CA HIS F 60 57.10 14.40 14.43
C HIS F 60 56.13 13.71 13.50
N ASN F 61 56.05 12.38 13.58
CA ASN F 61 55.09 11.64 12.78
C ASN F 61 53.65 12.07 13.03
N LYS F 62 53.27 12.24 14.29
CA LYS F 62 51.91 12.74 14.56
C LYS F 62 51.68 14.13 13.96
N ALA F 63 52.68 15.00 14.01
CA ALA F 63 52.53 16.30 13.36
C ALA F 63 52.39 16.17 11.85
N ILE F 64 53.11 15.24 11.23
CA ILE F 64 52.94 14.96 9.81
C ILE F 64 51.51 14.48 9.52
N VAL F 65 50.95 13.67 10.40
CA VAL F 65 49.56 13.23 10.21
C VAL F 65 48.58 14.40 10.27
N GLU F 66 48.80 15.33 11.20
CA GLU F 66 47.90 16.49 11.23
C GLU F 66 48.09 17.42 10.02
N HIS F 67 49.32 17.54 9.53
CA HIS F 67 49.56 18.28 8.30
C HIS F 67 48.86 17.63 7.11
N ASN F 68 48.96 16.30 6.99
CA ASN F 68 48.23 15.60 5.93
C ASN F 68 46.73 15.82 6.06
N ALA F 69 46.19 15.80 7.27
CA ALA F 69 44.77 16.09 7.43
C ALA F 69 44.40 17.48 6.93
N ILE F 70 45.29 18.46 7.14
CA ILE F 70 45.05 19.78 6.56
C ILE F 70 45.05 19.74 5.03
N ILE F 71 45.99 19.01 4.44
CA ILE F 71 46.01 18.85 2.98
C ILE F 71 44.71 18.23 2.49
N VAL F 72 44.23 17.20 3.17
CA VAL F 72 42.99 16.54 2.77
C VAL F 72 41.81 17.50 2.81
N GLU F 73 41.68 18.29 3.86
CA GLU F 73 40.64 19.32 3.87
C GLU F 73 40.80 20.33 2.74
N ASN F 74 42.03 20.71 2.42
CA ASN F 74 42.26 21.58 1.26
C ASN F 74 41.74 20.97 -0.03
N ASN F 75 42.04 19.69 -0.25
CA ASN F 75 41.59 19.02 -1.46
C ASN F 75 40.09 18.85 -1.49
N ARG F 76 39.46 18.65 -0.33
CA ARG F 76 38.00 18.61 -0.29
C ARG F 76 37.41 19.95 -0.72
N ILE F 77 37.94 21.05 -0.21
CA ILE F 77 37.40 22.35 -0.59
C ILE F 77 37.63 22.61 -2.07
N ILE F 78 38.78 22.22 -2.61
CA ILE F 78 39.01 22.38 -4.04
C ILE F 78 38.00 21.59 -4.86
N ALA F 79 37.76 20.33 -4.48
CA ALA F 79 36.75 19.53 -5.18
C ALA F 79 35.36 20.14 -5.08
N ALA F 80 35.04 20.75 -3.95
CA ALA F 80 33.74 21.43 -3.82
C ALA F 80 33.65 22.59 -4.78
N VAL F 81 34.69 23.42 -4.81
CA VAL F 81 34.69 24.57 -5.70
C VAL F 81 34.52 24.11 -7.14
N LEU F 82 35.26 23.07 -7.53
CA LEU F 82 35.14 22.57 -8.90
C LEU F 82 33.73 22.10 -9.20
N GLU F 83 33.06 21.44 -8.25
CA GLU F 83 31.68 21.05 -8.53
C GLU F 83 30.77 22.26 -8.74
N LEU F 84 30.97 23.32 -7.95
CA LEU F 84 30.20 24.54 -8.18
C LEU F 84 30.54 25.21 -9.51
N ILE F 85 31.82 25.21 -9.88
CA ILE F 85 32.23 25.79 -11.17
C ILE F 85 31.66 25.01 -12.33
N VAL F 86 31.76 23.68 -12.31
CA VAL F 86 31.23 22.90 -13.42
C VAL F 86 29.73 23.04 -13.50
N ARG F 87 29.03 23.05 -12.37
CA ARG F 87 27.60 23.29 -12.47
C ARG F 87 27.31 24.68 -13.02
N ALA F 88 28.21 25.64 -12.79
CA ALA F 88 28.06 26.96 -13.41
C ALA F 88 28.18 26.89 -14.92
N VAL F 89 29.26 26.28 -15.43
CA VAL F 89 29.46 26.21 -16.87
C VAL F 89 28.61 25.14 -17.55
N GLY F 90 28.30 24.05 -16.86
CA GLY F 90 27.78 22.86 -17.51
C GLY F 90 28.79 21.74 -17.68
N MET F 91 28.35 20.54 -17.34
CA MET F 91 29.10 19.32 -17.57
C MET F 91 29.34 19.05 -19.05
N THR F 92 30.30 18.16 -19.31
CA THR F 92 30.52 17.54 -20.60
C THR F 92 30.98 16.10 -20.36
N ASP F 93 30.92 15.28 -21.41
CA ASP F 93 31.27 13.86 -21.28
C ASP F 93 32.59 13.64 -20.55
N GLU F 94 33.67 14.28 -21.02
CA GLU F 94 34.97 14.05 -20.38
C GLU F 94 35.01 14.69 -19.01
N ILE F 95 34.33 15.80 -18.82
CA ILE F 95 34.25 16.41 -17.50
C ILE F 95 33.50 15.49 -16.56
N LEU F 96 32.34 14.97 -16.98
CA LEU F 96 31.58 14.11 -16.07
C LEU F 96 32.36 12.87 -15.70
N LEU F 97 33.08 12.27 -16.64
CA LEU F 97 33.91 11.11 -16.30
C LEU F 97 35.05 11.49 -15.36
N ALA F 98 35.62 12.68 -15.53
CA ALA F 98 36.66 13.11 -14.61
C ALA F 98 36.12 13.46 -13.23
N LEU F 99 34.91 14.01 -13.15
CA LEU F 99 34.31 14.27 -11.85
C LEU F 99 33.93 12.98 -11.13
N LEU F 100 33.48 11.96 -11.87
CA LEU F 100 33.26 10.67 -11.21
C LEU F 100 34.57 10.07 -10.72
N GLU F 101 35.66 10.26 -11.47
CA GLU F 101 36.97 9.84 -10.99
C GLU F 101 37.40 10.65 -9.77
N LEU F 102 37.08 11.94 -9.77
CA LEU F 102 37.39 12.78 -8.62
C LEU F 102 36.61 12.38 -7.38
N LYS F 103 35.32 12.13 -7.52
CA LYS F 103 34.51 11.73 -6.37
C LYS F 103 34.98 10.39 -5.80
N ALA F 104 35.36 9.46 -6.68
CA ALA F 104 35.97 8.22 -6.19
C ALA F 104 37.26 8.48 -5.43
N SER F 105 38.16 9.27 -6.00
CA SER F 105 39.43 9.54 -5.32
C SER F 105 39.22 10.28 -4.00
N THR F 106 38.24 11.17 -3.93
CA THR F 106 37.88 11.81 -2.67
C THR F 106 37.47 10.81 -1.61
N ALA F 107 36.65 9.82 -1.98
CA ALA F 107 36.25 8.84 -0.97
C ALA F 107 37.43 7.97 -0.58
N ARG F 108 38.24 7.55 -1.55
CA ARG F 108 39.43 6.77 -1.24
C ARG F 108 40.35 7.53 -0.31
N LEU F 109 40.47 8.85 -0.49
CA LEU F 109 41.29 9.63 0.42
C LEU F 109 40.71 9.67 1.82
N LYS F 110 39.39 9.85 1.97
CA LYS F 110 38.84 9.83 3.32
C LYS F 110 39.11 8.49 4.00
N VAL F 111 39.03 7.40 3.24
CA VAL F 111 39.34 6.08 3.79
C VAL F 111 40.80 5.98 4.22
N ALA F 112 41.73 6.35 3.34
CA ALA F 112 43.14 6.27 3.72
C ALA F 112 43.48 7.22 4.86
N THR F 113 42.80 8.35 4.96
CA THR F 113 42.98 9.25 6.10
C THR F 113 42.60 8.58 7.41
N ALA F 114 41.43 7.93 7.46
CA ALA F 114 41.09 7.15 8.65
C ALA F 114 42.08 6.03 8.92
N LEU F 115 42.51 5.30 7.89
CA LEU F 115 43.54 4.28 8.08
C LEU F 115 44.78 4.85 8.74
N LEU F 116 45.29 5.96 8.20
CA LEU F 116 46.48 6.58 8.74
C LEU F 116 46.30 7.01 10.18
N ARG F 117 45.18 7.69 10.47
CA ARG F 117 44.94 8.10 11.85
C ARG F 117 44.91 6.92 12.82
N MET F 118 44.39 5.78 12.38
CA MET F 118 44.29 4.64 13.29
C MET F 118 45.64 3.99 13.52
N ILE F 119 46.44 3.80 12.47
CA ILE F 119 47.80 3.32 12.71
C ILE F 119 48.67 4.35 13.43
N THR F 120 48.38 5.64 13.27
CA THR F 120 48.98 6.66 14.13
C THR F 120 48.69 6.41 15.60
N GLU F 121 47.43 6.15 15.95
CA GLU F 121 47.11 5.86 17.35
C GLU F 121 47.79 4.59 17.83
N GLU F 122 47.88 3.58 16.97
CA GLU F 122 48.65 2.39 17.33
C GLU F 122 50.12 2.72 17.60
N LEU F 123 50.75 3.54 16.76
CA LEU F 123 52.15 3.89 17.00
C LEU F 123 52.31 4.68 18.29
N LYS F 124 51.48 5.71 18.48
CA LYS F 124 51.56 6.51 19.70
C LYS F 124 51.42 5.65 20.95
N LYS F 125 50.47 4.71 20.94
CA LYS F 125 50.27 3.88 22.12
C LYS F 125 51.41 2.87 22.33
N ASN F 126 51.92 2.25 21.28
CA ASN F 126 52.91 1.18 21.39
C ASN F 126 54.08 1.41 20.45
N PRO F 127 54.82 2.50 20.64
CA PRO F 127 55.86 2.87 19.68
C PRO F 127 57.09 1.98 19.78
N SER F 128 57.70 1.76 18.61
CA SER F 128 58.95 1.03 18.48
C SER F 128 59.49 1.31 17.09
N GLU F 129 60.75 0.95 16.87
CA GLU F 129 61.38 1.22 15.58
C GLU F 129 60.64 0.53 14.44
N ASP F 130 60.25 -0.72 14.63
CA ASP F 130 59.46 -1.42 13.61
C ASP F 130 58.17 -0.66 13.32
N ALA F 131 57.51 -0.16 14.38
CA ALA F 131 56.29 0.59 14.19
C ALA F 131 56.56 1.90 13.45
N LEU F 132 57.71 2.53 13.70
CA LEU F 132 58.05 3.73 12.94
C LEU F 132 58.26 3.43 11.46
N VAL F 133 58.93 2.32 11.13
CA VAL F 133 59.08 1.96 9.74
C VAL F 133 57.72 1.75 9.09
N GLU F 134 56.88 0.92 9.71
CA GLU F 134 55.55 0.69 9.15
C GLU F 134 54.75 1.98 9.00
N HIS F 135 54.86 2.87 9.98
CA HIS F 135 54.16 4.14 9.92
C HIS F 135 54.67 5.02 8.79
N ASN F 136 56.00 5.09 8.61
CA ASN F 136 56.54 5.86 7.49
C ASN F 136 56.08 5.30 6.15
N ARG F 137 56.06 3.98 5.99
CA ARG F 137 55.54 3.41 4.75
C ARG F 137 54.07 3.75 4.55
N ALA F 138 53.29 3.77 5.61
CA ALA F 138 51.89 4.15 5.46
C ALA F 138 51.71 5.64 5.17
N ILE F 139 52.58 6.50 5.70
CA ILE F 139 52.57 7.89 5.30
C ILE F 139 52.87 8.04 3.83
N VAL F 140 53.85 7.30 3.33
CA VAL F 140 54.19 7.38 1.91
C VAL F 140 53.05 6.89 1.03
N ASN F 141 52.32 5.87 1.46
CA ASN F 141 51.14 5.47 0.70
C ASN F 141 50.02 6.52 0.76
N HIS F 142 49.80 7.12 1.92
CA HIS F 142 48.81 8.20 2.00
C HIS F 142 49.16 9.35 1.07
N ASN F 143 50.41 9.79 1.10
CA ASN F 143 50.85 10.82 0.16
C ASN F 143 50.65 10.40 -1.28
N ALA F 144 51.00 9.17 -1.65
CA ALA F 144 50.74 8.74 -3.02
C ALA F 144 49.27 8.87 -3.41
N ILE F 145 48.36 8.66 -2.46
CA ILE F 145 46.94 8.88 -2.75
C ILE F 145 46.60 10.36 -2.89
N ILE F 146 47.18 11.21 -2.05
CA ILE F 146 47.04 12.66 -2.26
C ILE F 146 47.50 13.06 -3.65
N VAL F 147 48.67 12.57 -4.07
CA VAL F 147 49.16 12.82 -5.43
C VAL F 147 48.13 12.43 -6.48
N GLU F 148 47.58 11.21 -6.38
CA GLU F 148 46.56 10.84 -7.37
C GLU F 148 45.35 11.77 -7.35
N ASN F 149 44.93 12.21 -6.16
CA ASN F 149 43.88 13.21 -6.08
C ASN F 149 44.25 14.48 -6.83
N ASN F 150 45.50 14.92 -6.69
CA ASN F 150 45.91 16.15 -7.36
C ASN F 150 46.01 15.97 -8.86
N ARG F 151 46.39 14.78 -9.32
CA ARG F 151 46.47 14.57 -10.76
C ARG F 151 45.08 14.64 -11.36
N ILE F 152 44.09 14.08 -10.67
CA ILE F 152 42.74 14.10 -11.20
C ILE F 152 42.18 15.53 -11.19
N ILE F 153 42.40 16.27 -10.11
CA ILE F 153 41.99 17.68 -10.07
C ILE F 153 42.64 18.50 -11.18
N ALA F 154 43.93 18.32 -11.42
CA ALA F 154 44.58 18.98 -12.54
C ALA F 154 43.98 18.58 -13.89
N ALA F 155 43.66 17.30 -14.06
CA ALA F 155 43.03 16.90 -15.32
C ALA F 155 41.67 17.55 -15.49
N VAL F 156 40.91 17.66 -14.41
CA VAL F 156 39.61 18.34 -14.45
C VAL F 156 39.78 19.79 -14.88
N LEU F 157 40.72 20.51 -14.26
CA LEU F 157 40.92 21.91 -14.65
C LEU F 157 41.39 22.04 -16.08
N GLU F 158 42.26 21.15 -16.53
CA GLU F 158 42.64 21.11 -17.94
C GLU F 158 41.42 20.96 -18.85
N LEU F 159 40.50 20.07 -18.48
CA LEU F 159 39.29 19.88 -19.26
C LEU F 159 38.36 21.10 -19.22
N ILE F 160 38.19 21.71 -18.05
CA ILE F 160 37.33 22.88 -17.95
C ILE F 160 37.85 24.01 -18.83
N VAL F 161 39.16 24.28 -18.76
CA VAL F 161 39.73 25.32 -19.62
C VAL F 161 39.59 24.96 -21.09
N ARG F 162 39.92 23.73 -21.47
CA ARG F 162 39.77 23.38 -22.88
C ARG F 162 38.31 23.43 -23.35
N ALA F 163 37.36 23.08 -22.48
CA ALA F 163 35.95 23.17 -22.83
C ALA F 163 35.48 24.60 -23.02
N LEU F 164 35.91 25.50 -22.15
CA LEU F 164 35.60 26.91 -22.38
C LEU F 164 36.26 27.45 -23.64
N ASN F 165 37.40 26.88 -24.03
CA ASN F 165 38.19 27.42 -25.13
C ASN F 165 38.78 28.77 -24.74
N LEU F 166 39.19 28.87 -23.48
CA LEU F 166 39.59 30.14 -22.91
C LEU F 166 40.96 30.55 -23.43
N THR F 167 41.03 31.79 -23.94
CA THR F 167 42.19 32.27 -24.67
C THR F 167 43.12 33.11 -23.81
N ASP F 168 42.82 33.26 -22.52
CA ASP F 168 43.60 34.14 -21.65
C ASP F 168 45.01 33.59 -21.51
N GLU F 169 46.01 34.41 -21.87
CA GLU F 169 47.40 34.00 -21.75
C GLU F 169 47.79 33.77 -20.31
N GLU F 170 47.16 34.47 -19.37
CA GLU F 170 47.37 34.18 -17.95
C GLU F 170 46.95 32.76 -17.61
N VAL F 171 45.85 32.28 -18.19
CA VAL F 171 45.41 30.92 -17.96
C VAL F 171 46.37 29.92 -18.60
N ARG F 172 46.78 30.16 -19.84
CA ARG F 172 47.71 29.23 -20.49
C ARG F 172 49.01 29.13 -19.70
N LYS F 173 49.55 30.27 -19.26
CA LYS F 173 50.74 30.26 -18.42
C LYS F 173 50.52 29.45 -17.14
N ALA F 174 49.41 29.70 -16.45
CA ALA F 174 49.15 28.93 -15.23
C ALA F 174 48.98 27.44 -15.49
N LEU F 175 48.45 27.04 -16.65
CA LEU F 175 48.39 25.61 -16.97
C LEU F 175 49.76 25.02 -17.32
N GLU F 176 50.63 25.79 -17.95
CA GLU F 176 51.99 25.29 -18.13
C GLU F 176 52.70 25.10 -16.79
N GLU F 177 52.47 26.01 -15.85
CA GLU F 177 52.95 25.80 -14.49
C GLU F 177 52.32 24.57 -13.84
N LEU F 178 51.02 24.36 -14.04
CA LEU F 178 50.36 23.23 -13.41
C LEU F 178 50.83 21.89 -13.97
N LYS F 179 51.03 21.79 -15.28
CA LYS F 179 51.61 20.58 -15.85
C LYS F 179 53.04 20.33 -15.42
N ALA F 180 53.87 21.37 -15.34
CA ALA F 180 55.21 21.19 -14.80
C ALA F 180 55.19 20.73 -13.35
N SER F 181 54.38 21.36 -12.51
CA SER F 181 54.25 20.92 -11.12
C SER F 181 53.76 19.49 -11.02
N THR F 182 52.85 19.06 -11.89
CA THR F 182 52.37 17.69 -11.86
C THR F 182 53.45 16.68 -12.21
N ALA F 183 54.21 16.93 -13.29
CA ALA F 183 55.32 16.03 -13.60
C ALA F 183 56.39 16.02 -12.51
N GLU F 184 56.69 17.18 -11.93
CA GLU F 184 57.60 17.23 -10.79
C GLU F 184 57.07 16.41 -9.62
N LEU F 185 55.78 16.47 -9.35
CA LEU F 185 55.20 15.71 -8.26
C LEU F 185 55.24 14.21 -8.51
N LYS F 186 55.03 13.78 -9.76
CA LYS F 186 55.26 12.37 -10.08
C LYS F 186 56.69 11.95 -9.80
N ARG F 187 57.66 12.73 -10.27
CA ARG F 187 59.06 12.36 -10.01
C ARG F 187 59.36 12.29 -8.52
N ALA F 188 58.93 13.28 -7.75
CA ALA F 188 59.17 13.26 -6.31
C ALA F 188 58.48 12.08 -5.62
N THR F 189 57.27 11.74 -6.05
CA THR F 189 56.59 10.57 -5.49
C THR F 189 57.38 9.29 -5.76
N ALA F 190 57.82 9.09 -7.00
CA ALA F 190 58.64 7.93 -7.30
C ALA F 190 59.91 7.89 -6.46
N SER F 191 60.62 9.02 -6.35
CA SER F 191 61.82 9.06 -5.52
C SER F 191 61.53 8.71 -4.07
N LEU F 192 60.40 9.16 -3.54
CA LEU F 192 60.09 8.88 -2.15
C LEU F 192 59.72 7.42 -1.97
N ARG F 193 59.02 6.81 -2.94
CA ARG F 193 58.77 5.38 -2.85
C ARG F 193 60.06 4.58 -2.93
N ALA F 194 61.04 5.10 -3.68
CA ALA F 194 62.33 4.41 -3.76
C ALA F 194 63.07 4.41 -2.43
N ILE F 195 63.20 5.58 -1.81
CA ILE F 195 63.86 5.59 -0.49
C ILE F 195 63.03 4.88 0.57
N THR F 196 61.70 4.87 0.45
CA THR F 196 60.89 4.04 1.34
C THR F 196 61.22 2.56 1.22
N GLU F 197 61.40 2.06 -0.01
CA GLU F 197 61.87 0.68 -0.18
C GLU F 197 63.28 0.47 0.35
N GLU F 198 64.13 1.50 0.31
CA GLU F 198 65.41 1.40 0.98
C GLU F 198 65.23 1.25 2.50
N LEU F 199 64.44 2.14 3.10
CA LEU F 199 64.27 2.09 4.55
C LEU F 199 63.73 0.73 4.97
N LYS F 200 62.69 0.27 4.29
CA LYS F 200 62.14 -1.04 4.58
C LYS F 200 63.20 -2.13 4.49
N LYS F 201 64.14 -2.01 3.56
CA LYS F 201 65.23 -2.99 3.52
C LYS F 201 66.22 -2.79 4.67
N ASN F 202 66.59 -1.56 5.00
CA ASN F 202 67.69 -1.28 5.93
C ASN F 202 67.27 -0.26 6.99
N PRO F 203 66.30 -0.61 7.83
CA PRO F 203 65.78 0.36 8.81
C PRO F 203 66.77 0.70 9.91
N SER F 204 66.94 2.00 10.14
CA SER F 204 67.77 2.52 11.22
C SER F 204 67.30 3.92 11.57
N GLU F 205 67.59 4.35 12.80
CA GLU F 205 67.24 5.70 13.24
C GLU F 205 67.78 6.76 12.28
N ASP F 206 69.03 6.62 11.84
CA ASP F 206 69.57 7.58 10.89
C ASP F 206 68.78 7.54 9.59
N ALA F 207 68.32 6.36 9.19
CA ALA F 207 67.53 6.27 7.97
C ALA F 207 66.17 6.87 8.21
N LEU F 208 65.55 6.57 9.36
CA LEU F 208 64.25 7.14 9.67
C LEU F 208 64.28 8.67 9.60
N VAL F 209 65.38 9.26 10.07
CA VAL F 209 65.51 10.72 10.03
C VAL F 209 65.64 11.22 8.60
N GLU F 210 66.56 10.63 7.83
CA GLU F 210 66.72 11.04 6.43
C GLU F 210 65.41 10.86 5.66
N HIS F 211 64.66 9.83 6.01
CA HIS F 211 63.42 9.54 5.32
C HIS F 211 62.38 10.60 5.66
N ASN F 212 62.20 10.89 6.94
CA ASN F 212 61.24 11.92 7.33
C ASN F 212 61.57 13.25 6.65
N ARG F 213 62.86 13.55 6.50
CA ARG F 213 63.27 14.72 5.71
C ARG F 213 62.74 14.65 4.27
N ALA F 214 62.93 13.51 3.61
CA ALA F 214 62.42 13.39 2.25
C ALA F 214 60.89 13.47 2.18
N ILE F 215 60.20 12.92 3.18
CA ILE F 215 58.76 13.11 3.27
C ILE F 215 58.40 14.59 3.31
N VAL F 216 59.08 15.36 4.16
CA VAL F 216 58.74 16.77 4.28
C VAL F 216 59.01 17.52 2.98
N GLU F 217 60.04 17.14 2.24
CA GLU F 217 60.23 17.72 0.91
C GLU F 217 59.10 17.37 -0.03
N HIS F 218 58.62 16.13 0.03
CA HIS F 218 57.50 15.73 -0.81
C HIS F 218 56.24 16.52 -0.47
N ASN F 219 55.94 16.67 0.81
CA ASN F 219 54.79 17.48 1.21
C ASN F 219 54.94 18.93 0.73
N ALA F 220 56.15 19.47 0.77
CA ALA F 220 56.35 20.82 0.23
C ALA F 220 56.01 20.89 -1.25
N ILE F 221 56.38 19.86 -2.01
CA ILE F 221 56.01 19.85 -3.43
C ILE F 221 54.50 19.73 -3.62
N ILE F 222 53.82 18.98 -2.77
CA ILE F 222 52.36 18.93 -2.83
C ILE F 222 51.74 20.30 -2.54
N VAL F 223 52.31 21.03 -1.59
CA VAL F 223 51.81 22.36 -1.29
C VAL F 223 52.00 23.33 -2.46
N GLU F 224 53.15 23.25 -3.15
CA GLU F 224 53.29 23.99 -4.40
C GLU F 224 52.25 23.60 -5.44
N ASN F 225 51.94 22.31 -5.53
CA ASN F 225 50.90 21.90 -6.47
C ASN F 225 49.56 22.52 -6.10
N ASN F 226 49.21 22.53 -4.81
CA ASN F 226 47.94 23.11 -4.40
C ASN F 226 47.89 24.62 -4.63
N ARG F 227 49.04 25.30 -4.52
CA ARG F 227 49.08 26.72 -4.86
C ARG F 227 48.78 26.93 -6.34
N ILE F 228 49.42 26.16 -7.21
CA ILE F 228 49.17 26.35 -8.64
C ILE F 228 47.71 26.03 -8.97
N ILE F 229 47.17 24.96 -8.39
CA ILE F 229 45.77 24.63 -8.59
C ILE F 229 44.87 25.80 -8.20
N ALA F 230 45.15 26.42 -7.05
CA ALA F 230 44.35 27.57 -6.65
C ALA F 230 44.51 28.75 -7.61
N LEU F 231 45.70 28.95 -8.20
CA LEU F 231 45.79 30.02 -9.20
C LEU F 231 44.95 29.72 -10.42
N VAL F 232 44.92 28.47 -10.85
CA VAL F 232 44.07 28.11 -11.97
C VAL F 232 42.59 28.33 -11.64
N LEU F 233 42.14 27.86 -10.47
CA LEU F 233 40.74 28.13 -10.13
C LEU F 233 40.40 29.62 -10.11
N LEU F 234 41.25 30.45 -9.51
CA LEU F 234 40.98 31.89 -9.50
C LEU F 234 40.94 32.49 -10.90
N LEU F 235 41.88 32.12 -11.77
CA LEU F 235 41.85 32.59 -13.14
C LEU F 235 40.61 32.12 -13.89
N ILE F 236 40.19 30.88 -13.68
CA ILE F 236 38.98 30.39 -14.35
C ILE F 236 37.77 31.16 -13.88
N VAL F 237 37.61 31.31 -12.56
CA VAL F 237 36.44 32.00 -12.03
C VAL F 237 36.39 33.44 -12.50
N LEU F 238 37.56 34.07 -12.71
CA LEU F 238 37.53 35.40 -13.32
C LEU F 238 37.18 35.34 -14.80
N ALA F 239 37.65 34.32 -15.52
CA ALA F 239 37.40 34.24 -16.95
C ALA F 239 35.96 33.87 -17.31
N ILE F 240 35.30 33.04 -16.52
CA ILE F 240 33.89 32.78 -16.78
C ILE F 240 33.07 34.05 -16.55
N GLY G 15 34.44 40.82 50.27
CA GLY G 15 33.56 40.95 49.12
C GLY G 15 32.09 40.83 49.50
N SER G 16 31.22 40.97 48.51
CA SER G 16 29.79 40.81 48.70
C SER G 16 29.40 39.35 48.58
N GLU G 17 28.19 39.03 49.08
CA GLU G 17 27.66 37.68 49.03
C GLU G 17 27.58 37.17 47.59
N GLU G 18 27.33 38.05 46.63
CA GLU G 18 27.37 37.64 45.24
C GLU G 18 28.77 37.22 44.83
N GLU G 19 29.80 37.98 45.22
CA GLU G 19 31.16 37.60 44.86
C GLU G 19 31.54 36.27 45.48
N ILE G 20 31.28 36.10 46.78
CA ILE G 20 31.63 34.84 47.45
C ILE G 20 30.91 33.67 46.78
N ALA G 21 29.62 33.82 46.53
CA ALA G 21 28.85 32.74 45.91
C ALA G 21 29.37 32.42 44.50
N LYS G 22 29.61 33.45 43.69
CA LYS G 22 30.18 33.24 42.37
C LYS G 22 31.52 32.49 42.46
N ALA G 23 32.40 32.95 43.35
CA ALA G 23 33.69 32.29 43.51
C ALA G 23 33.56 30.85 43.99
N LEU G 24 32.57 30.55 44.82
CA LEU G 24 32.32 29.15 45.19
C LEU G 24 31.75 28.33 44.06
N GLU G 25 30.97 28.92 43.17
CA GLU G 25 30.60 28.24 41.93
C GLU G 25 31.83 27.95 41.07
N GLU G 26 32.75 28.90 40.99
CA GLU G 26 34.01 28.67 40.29
C GLU G 26 34.84 27.59 40.99
N LEU G 27 34.80 27.57 42.32
CA LEU G 27 35.52 26.55 43.08
C LEU G 27 34.98 25.17 42.81
N VAL G 28 33.66 25.00 42.87
CA VAL G 28 33.06 23.70 42.60
C VAL G 28 33.28 23.27 41.16
N ALA G 29 33.23 24.23 40.22
CA ALA G 29 33.64 23.94 38.84
C ALA G 29 35.08 23.45 38.76
N SER G 30 35.99 24.11 39.47
CA SER G 30 37.38 23.66 39.49
C SER G 30 37.52 22.29 40.12
N LEU G 31 36.71 21.98 41.13
CA LEU G 31 36.75 20.65 41.73
C LEU G 31 36.25 19.60 40.76
N ALA G 32 35.17 19.86 40.05
CA ALA G 32 34.71 18.93 39.03
C ALA G 32 35.78 18.70 37.96
N GLU G 33 36.39 19.78 37.48
CA GLU G 33 37.50 19.65 36.52
C GLU G 33 38.66 18.87 37.11
N LEU G 34 38.99 19.10 38.37
CA LEU G 34 40.06 18.36 39.03
C LEU G 34 39.74 16.87 39.15
N LYS G 35 38.51 16.55 39.53
CA LYS G 35 38.09 15.15 39.57
C LYS G 35 38.21 14.49 38.21
N ARG G 36 37.66 15.13 37.18
CA ARG G 36 37.76 14.60 35.82
C ARG G 36 39.21 14.37 35.41
N ALA G 37 40.08 15.34 35.68
CA ALA G 37 41.50 15.18 35.38
C ALA G 37 42.12 14.05 36.18
N THR G 38 41.70 13.86 37.43
CA THR G 38 42.23 12.75 38.22
C THR G 38 41.84 11.42 37.62
N LEU G 39 40.59 11.29 37.17
CA LEU G 39 40.16 10.06 36.53
C LEU G 39 40.98 9.78 35.27
N LYS G 40 41.10 10.79 34.40
CA LYS G 40 41.93 10.66 33.21
C LYS G 40 43.37 10.26 33.54
N LEU G 41 43.97 10.91 34.55
CA LEU G 41 45.34 10.57 34.92
C LEU G 41 45.46 9.15 35.41
N LEU G 42 44.45 8.67 36.15
CA LEU G 42 44.48 7.26 36.56
C LEU G 42 44.40 6.35 35.33
N VAL G 43 43.62 6.76 34.32
CA VAL G 43 43.56 5.95 33.10
C VAL G 43 44.95 5.83 32.49
N ILE G 44 45.59 6.96 32.22
CA ILE G 44 46.88 6.88 31.53
C ILE G 44 47.92 6.22 32.41
N THR G 45 47.80 6.33 33.74
CA THR G 45 48.66 5.53 34.62
C THR G 45 48.48 4.05 34.39
N GLU G 46 47.24 3.59 34.21
CA GLU G 46 47.02 2.18 33.91
C GLU G 46 47.61 1.81 32.55
N GLU G 47 47.39 2.65 31.55
CA GLU G 47 47.93 2.38 30.23
C GLU G 47 49.45 2.28 30.25
N LEU G 48 50.11 3.18 31.00
CA LEU G 48 51.56 3.09 31.19
C LEU G 48 51.96 1.81 31.92
N LYS G 49 51.21 1.43 32.95
CA LYS G 49 51.52 0.18 33.65
C LYS G 49 51.45 -1.04 32.74
N LYS G 50 50.43 -1.11 31.88
CA LYS G 50 50.27 -2.27 31.01
C LYS G 50 51.31 -2.31 29.90
N ASN G 51 51.65 -1.17 29.29
CA ASN G 51 52.51 -1.12 28.11
C ASN G 51 53.59 -0.06 28.24
N PRO G 52 54.47 -0.21 29.23
CA PRO G 52 55.40 0.89 29.55
C PRO G 52 56.43 1.09 28.45
N SER G 53 56.71 2.37 28.18
CA SER G 53 57.66 2.74 27.14
C SER G 53 58.08 4.18 27.36
N GLU G 54 59.18 4.56 26.71
CA GLU G 54 59.78 5.87 26.94
C GLU G 54 58.83 7.01 26.55
N SER G 55 58.20 6.91 25.38
CA SER G 55 57.25 7.95 24.99
C SER G 55 56.00 7.93 25.85
N ALA G 56 55.59 6.75 26.33
CA ALA G 56 54.53 6.71 27.32
C ALA G 56 54.93 7.41 28.60
N LEU G 57 56.17 7.23 29.06
CA LEU G 57 56.64 7.93 30.25
C LEU G 57 56.63 9.45 30.05
N VAL G 58 57.15 9.92 28.92
CA VAL G 58 57.15 11.35 28.63
C VAL G 58 55.72 11.91 28.61
N SER G 59 54.79 11.23 27.94
CA SER G 59 53.44 11.75 27.85
C SER G 59 52.71 11.68 29.20
N HIS G 60 52.98 10.65 29.99
CA HIS G 60 52.42 10.57 31.33
C HIS G 60 52.90 11.73 32.20
N ASN G 61 54.21 11.98 32.19
CA ASN G 61 54.74 13.11 32.94
C ASN G 61 54.13 14.45 32.50
N LYS G 62 54.00 14.67 31.20
CA LYS G 62 53.34 15.91 30.75
C LYS G 62 51.90 16.01 31.23
N ALA G 63 51.17 14.88 31.25
CA ALA G 63 49.81 14.90 31.79
C ALA G 63 49.81 15.22 33.28
N ILE G 64 50.79 14.71 34.02
CA ILE G 64 50.94 15.07 35.44
C ILE G 64 51.18 16.57 35.59
N VAL G 65 51.96 17.15 34.69
CA VAL G 65 52.18 18.60 34.74
C VAL G 65 50.90 19.38 34.51
N GLU G 66 50.06 18.95 33.56
CA GLU G 66 48.79 19.66 33.38
C GLU G 66 47.82 19.45 34.54
N HIS G 67 47.83 18.27 35.15
CA HIS G 67 47.04 18.03 36.35
C HIS G 67 47.49 18.91 37.51
N ASN G 68 48.80 19.01 37.73
CA ASN G 68 49.32 19.90 38.76
C ASN G 68 48.94 21.36 38.48
N ALA G 69 49.00 21.79 37.24
CA ALA G 69 48.56 23.16 36.93
C ALA G 69 47.09 23.38 37.29
N ILE G 70 46.25 22.38 37.08
CA ILE G 70 44.86 22.50 37.53
C ILE G 70 44.77 22.58 39.05
N ILE G 71 45.55 21.79 39.76
CA ILE G 71 45.59 21.89 41.23
C ILE G 71 45.98 23.30 41.67
N VAL G 72 47.01 23.87 41.04
CA VAL G 72 47.47 25.21 41.38
C VAL G 72 46.37 26.24 41.16
N GLU G 73 45.66 26.17 40.04
CA GLU G 73 44.52 27.07 39.88
C GLU G 73 43.44 26.85 40.95
N ASN G 74 43.20 25.61 41.35
CA ASN G 74 42.29 25.35 42.46
C ASN G 74 42.72 26.06 43.74
N ASN G 75 44.01 25.97 44.06
CA ASN G 75 44.53 26.61 45.26
C ASN G 75 44.49 28.14 45.16
N ARG G 76 44.67 28.68 43.95
CA ARG G 76 44.51 30.12 43.77
C ARG G 76 43.08 30.56 44.07
N ILE G 77 42.11 29.83 43.54
CA ILE G 77 40.72 30.20 43.80
C ILE G 77 40.38 30.07 45.28
N ILE G 78 40.90 29.03 45.94
CA ILE G 78 40.68 28.90 47.38
C ILE G 78 41.26 30.08 48.14
N ALA G 79 42.50 30.47 47.82
CA ALA G 79 43.09 31.63 48.48
C ALA G 79 42.29 32.91 48.22
N ALA G 80 41.72 33.06 47.02
CA ALA G 80 40.88 34.23 46.76
C ALA G 80 39.64 34.21 47.62
N VAL G 81 38.97 33.07 47.68
CA VAL G 81 37.76 32.97 48.48
C VAL G 81 38.07 33.27 49.93
N LEU G 82 39.15 32.70 50.46
CA LEU G 82 39.51 32.97 51.84
C LEU G 82 39.78 34.45 52.09
N GLU G 83 40.41 35.13 51.14
CA GLU G 83 40.62 36.56 51.31
C GLU G 83 39.31 37.32 51.36
N LEU G 84 38.33 36.95 50.53
CA LEU G 84 37.03 37.59 50.61
C LEU G 84 36.29 37.28 51.91
N ILE G 85 36.39 36.04 52.39
CA ILE G 85 35.76 35.66 53.65
C ILE G 85 36.39 36.42 54.82
N VAL G 86 37.71 36.45 54.89
CA VAL G 86 38.34 37.15 56.00
C VAL G 86 38.05 38.63 55.94
N ARG G 87 38.05 39.24 54.75
CA ARG G 87 37.63 40.65 54.71
C ARG G 87 36.18 40.81 55.14
N ALA G 88 35.35 39.79 54.92
CA ALA G 88 33.98 39.81 55.44
C ALA G 88 33.94 39.84 56.97
N VAL G 89 34.65 38.90 57.60
CA VAL G 89 34.64 38.81 59.06
C VAL G 89 35.54 39.86 59.72
N GLY G 90 36.63 40.25 59.06
CA GLY G 90 37.69 40.98 59.73
C GLY G 90 38.90 40.15 60.05
N MET G 91 40.07 40.72 59.74
CA MET G 91 41.35 40.14 60.12
C MET G 91 41.50 40.06 61.64
N THR G 92 42.48 39.25 62.06
CA THR G 92 43.00 39.20 63.42
C THR G 92 44.49 38.91 63.32
N ASP G 93 45.20 39.14 64.43
CA ASP G 93 46.65 38.97 64.44
C ASP G 93 47.07 37.65 63.82
N GLU G 94 46.53 36.54 64.32
CA GLU G 94 46.93 35.24 63.81
C GLU G 94 46.40 35.00 62.40
N ILE G 95 45.24 35.55 62.08
CA ILE G 95 44.74 35.44 60.72
C ILE G 95 45.64 36.21 59.77
N LEU G 96 45.99 37.45 60.12
CA LEU G 96 46.81 38.22 59.20
C LEU G 96 48.17 37.56 58.99
N LEU G 97 48.77 37.02 60.05
CA LEU G 97 50.03 36.30 59.89
C LEU G 97 49.88 35.05 59.04
N ALA G 98 48.75 34.34 59.16
CA ALA G 98 48.55 33.18 58.32
C ALA G 98 48.25 33.56 56.87
N LEU G 99 47.56 34.66 56.63
CA LEU G 99 47.35 35.11 55.25
C LEU G 99 48.65 35.61 54.61
N LEU G 100 49.53 36.25 55.36
CA LEU G 100 50.83 36.59 54.80
C LEU G 100 51.64 35.33 54.49
N GLU G 101 51.52 34.31 55.33
CA GLU G 101 52.16 33.04 55.02
C GLU G 101 51.53 32.39 53.78
N LEU G 102 50.22 32.51 53.64
CA LEU G 102 49.54 31.97 52.47
C LEU G 102 49.96 32.69 51.20
N LYS G 103 50.02 34.02 51.23
CA LYS G 103 50.43 34.76 50.03
C LYS G 103 51.87 34.44 49.65
N ALA G 104 52.74 34.26 50.64
CA ALA G 104 54.10 33.81 50.33
C ALA G 104 54.07 32.45 49.66
N SER G 105 53.36 31.49 50.24
CA SER G 105 53.29 30.16 49.67
C SER G 105 52.67 30.16 48.27
N THR G 106 51.68 31.02 48.04
CA THR G 106 51.12 31.20 46.70
C THR G 106 52.17 31.65 45.70
N ALA G 107 53.01 32.62 46.08
CA ALA G 107 54.03 33.05 45.14
C ALA G 107 55.06 31.95 44.92
N ARG G 108 55.47 31.28 45.99
CA ARG G 108 56.40 30.17 45.85
C ARG G 108 55.84 29.09 44.94
N LEU G 109 54.54 28.85 45.01
CA LEU G 109 53.93 27.87 44.11
C LEU G 109 53.94 28.34 42.67
N LYS G 110 53.63 29.61 42.40
CA LYS G 110 53.72 30.07 41.02
C LYS G 110 55.14 29.92 40.46
N VAL G 111 56.14 30.19 41.30
CA VAL G 111 57.53 30.00 40.90
C VAL G 111 57.82 28.54 40.59
N ALA G 112 57.50 27.64 41.51
CA ALA G 112 57.77 26.22 41.26
C ALA G 112 56.97 25.68 40.09
N THR G 113 55.76 26.19 39.86
CA THR G 113 54.98 25.83 38.69
C THR G 113 55.69 26.20 37.39
N ALA G 114 56.18 27.43 37.29
CA ALA G 114 57.00 27.79 36.13
C ALA G 114 58.25 26.94 36.00
N LEU G 115 58.94 26.69 37.11
CA LEU G 115 60.11 25.80 37.06
C LEU G 115 59.76 24.44 36.48
N LEU G 116 58.69 23.84 37.00
CA LEU G 116 58.27 22.52 36.53
C LEU G 116 57.93 22.54 35.06
N ARG G 117 57.12 23.52 34.63
CA ARG G 117 56.77 23.59 33.21
C ARG G 117 58.00 23.71 32.32
N MET G 118 59.02 24.44 32.77
CA MET G 118 60.19 24.63 31.94
C MET G 118 61.07 23.38 31.87
N ILE G 119 61.31 22.71 33.00
CA ILE G 119 62.01 21.42 32.92
C ILE G 119 61.18 20.34 32.23
N THR G 120 59.85 20.43 32.29
CA THR G 120 59.00 19.60 31.44
C THR G 120 59.31 19.82 29.97
N GLU G 121 59.39 21.06 29.53
CA GLU G 121 59.73 21.34 28.14
C GLU G 121 61.12 20.83 27.79
N GLU G 122 62.08 20.96 28.71
CA GLU G 122 63.39 20.36 28.49
C GLU G 122 63.32 18.85 28.32
N LEU G 123 62.55 18.15 29.16
CA LEU G 123 62.41 16.71 29.03
C LEU G 123 61.74 16.32 27.72
N LYS G 124 60.62 16.96 27.40
CA LYS G 124 59.93 16.68 26.15
C LYS G 124 60.85 16.86 24.96
N LYS G 125 61.63 17.93 24.95
CA LYS G 125 62.53 18.20 23.84
C LYS G 125 63.71 17.22 23.80
N ASN G 126 64.29 16.90 24.96
CA ASN G 126 65.51 16.09 25.03
C ASN G 126 65.38 14.95 26.04
N PRO G 127 64.44 14.04 25.80
CA PRO G 127 64.15 13.00 26.80
C PRO G 127 65.23 11.93 26.89
N SER G 128 65.44 11.45 28.11
CA SER G 128 66.33 10.34 28.40
C SER G 128 66.00 9.84 29.80
N GLU G 129 66.53 8.67 30.14
CA GLU G 129 66.22 8.11 31.45
C GLU G 129 66.68 9.01 32.58
N ASP G 130 67.87 9.59 32.47
CA ASP G 130 68.33 10.55 33.46
C ASP G 130 67.37 11.73 33.54
N ALA G 131 66.92 12.21 32.39
CA ALA G 131 65.97 13.31 32.39
C ALA G 131 64.64 12.93 33.01
N LEU G 132 64.21 11.68 32.83
CA LEU G 132 62.98 11.24 33.49
C LEU G 132 63.15 11.20 35.00
N VAL G 133 64.31 10.72 35.48
CA VAL G 133 64.54 10.72 36.92
C VAL G 133 64.51 12.15 37.46
N GLU G 134 65.25 13.05 36.81
CA GLU G 134 65.27 14.45 37.26
C GLU G 134 63.87 15.06 37.24
N HIS G 135 63.09 14.75 36.21
CA HIS G 135 61.73 15.27 36.11
C HIS G 135 60.84 14.73 37.23
N ASN G 136 60.92 13.44 37.51
CA ASN G 136 60.13 12.88 38.61
C ASN G 136 60.51 13.51 39.94
N ARG G 137 61.80 13.71 40.19
CA ARG G 137 62.21 14.38 41.42
C ARG G 137 61.68 15.81 41.50
N ALA G 138 61.63 16.52 40.37
CA ALA G 138 61.06 17.85 40.40
C ALA G 138 59.55 17.85 40.57
N ILE G 139 58.87 16.83 40.05
CA ILE G 139 57.45 16.65 40.36
C ILE G 139 57.24 16.44 41.85
N VAL G 140 58.06 15.62 42.48
CA VAL G 140 57.92 15.38 43.90
C VAL G 140 58.16 16.65 44.72
N ASN G 141 59.10 17.49 44.28
CA ASN G 141 59.25 18.77 44.97
C ASN G 141 58.06 19.71 44.75
N HIS G 142 57.52 19.74 43.54
CA HIS G 142 56.32 20.54 43.29
C HIS G 142 55.16 20.10 44.18
N ASN G 143 54.91 18.79 44.26
CA ASN G 143 53.89 18.30 45.17
C ASN G 143 54.17 18.68 46.61
N ALA G 144 55.41 18.55 47.09
CA ALA G 144 55.70 18.98 48.45
C ALA G 144 55.35 20.45 48.69
N ILE G 145 55.49 21.30 47.68
CA ILE G 145 55.06 22.68 47.82
C ILE G 145 53.53 22.81 47.87
N ILE G 146 52.83 22.04 47.04
CA ILE G 146 51.37 21.99 47.15
C ILE G 146 50.95 21.59 48.57
N VAL G 147 51.56 20.54 49.10
CA VAL G 147 51.29 20.13 50.49
C VAL G 147 51.46 21.29 51.47
N GLU G 148 52.58 22.00 51.39
CA GLU G 148 52.74 23.13 52.32
C GLU G 148 51.65 24.19 52.12
N ASN G 149 51.27 24.44 50.87
CA ASN G 149 50.13 25.34 50.61
C ASN G 149 48.87 24.86 51.29
N ASN G 150 48.61 23.56 51.26
CA ASN G 150 47.40 23.03 51.86
C ASN G 150 47.47 23.10 53.38
N ARG G 151 48.66 22.94 53.95
CA ARG G 151 48.75 23.03 55.40
C ARG G 151 48.45 24.44 55.84
N ILE G 152 48.93 25.43 55.09
CA ILE G 152 48.67 26.81 55.47
C ILE G 152 47.19 27.15 55.31
N ILE G 153 46.57 26.73 54.22
CA ILE G 153 45.13 26.93 54.04
C ILE G 153 44.31 26.27 55.15
N ALA G 154 44.65 25.03 55.53
CA ALA G 154 43.99 24.42 56.67
C ALA G 154 44.20 25.19 57.97
N ALA G 155 45.41 25.70 58.20
CA ALA G 155 45.61 26.48 59.42
C ALA G 155 44.77 27.75 59.40
N VAL G 156 44.66 28.39 58.24
CA VAL G 156 43.81 29.57 58.10
C VAL G 156 42.36 29.24 58.43
N LEU G 157 41.83 28.15 57.86
CA LEU G 157 40.44 27.79 58.16
C LEU G 157 40.23 27.45 59.63
N GLU G 158 41.20 26.75 60.23
CA GLU G 158 41.14 26.51 61.66
C GLU G 158 41.04 27.82 62.45
N LEU G 159 41.84 28.82 62.05
CA LEU G 159 41.79 30.11 62.73
C LEU G 159 40.48 30.85 62.48
N ILE G 160 39.98 30.82 61.26
CA ILE G 160 38.71 31.50 60.95
C ILE G 160 37.58 30.92 61.77
N VAL G 161 37.48 29.59 61.82
CA VAL G 161 36.42 28.97 62.63
C VAL G 161 36.61 29.30 64.11
N ARG G 162 37.82 29.17 64.65
CA ARG G 162 37.99 29.51 66.06
C ARG G 162 37.71 30.98 66.35
N ALA G 163 38.04 31.87 65.41
CA ALA G 163 37.74 33.28 65.60
C ALA G 163 36.23 33.56 65.61
N LEU G 164 35.49 32.93 64.70
CA LEU G 164 34.04 33.06 64.75
C LEU G 164 33.46 32.45 66.02
N ASN G 165 34.12 31.44 66.59
CA ASN G 165 33.58 30.69 67.72
C ASN G 165 32.37 29.86 67.28
N LEU G 166 32.45 29.32 66.07
CA LEU G 166 31.31 28.67 65.45
C LEU G 166 31.05 27.31 66.09
N THR G 167 29.82 27.09 66.51
CA THR G 167 29.44 25.94 67.33
C THR G 167 28.83 24.80 66.52
N ASP G 168 28.74 24.93 65.19
CA ASP G 168 28.06 23.93 64.38
C ASP G 168 28.81 22.61 64.43
N GLU G 169 28.12 21.55 64.84
CA GLU G 169 28.73 20.22 64.91
C GLU G 169 29.11 19.72 63.52
N GLU G 170 28.40 20.15 62.48
CA GLU G 170 28.82 19.83 61.12
C GLU G 170 30.17 20.44 60.81
N VAL G 171 30.42 21.65 61.31
CA VAL G 171 31.73 22.27 61.11
C VAL G 171 32.81 21.56 61.91
N ARG G 172 32.53 21.22 63.17
CA ARG G 172 33.53 20.50 63.96
C ARG G 172 33.89 19.17 63.31
N LYS G 173 32.88 18.42 62.86
CA LYS G 173 33.14 17.18 62.14
C LYS G 173 34.00 17.41 60.91
N ALA G 174 33.65 18.41 60.09
CA ALA G 174 34.45 18.69 58.91
C ALA G 174 35.88 19.11 59.25
N LEU G 175 36.08 19.79 60.38
CA LEU G 175 37.46 20.10 60.78
C LEU G 175 38.22 18.88 61.28
N GLU G 176 37.55 17.94 61.93
CA GLU G 176 38.21 16.68 62.27
C GLU G 176 38.60 15.90 61.03
N GLU G 177 37.74 15.91 60.01
CA GLU G 177 38.12 15.37 58.71
C GLU G 177 39.29 16.11 58.09
N LEU G 178 39.31 17.44 58.17
CA LEU G 178 40.40 18.17 57.55
C LEU G 178 41.73 17.95 58.24
N LYS G 179 41.74 17.90 59.57
CA LYS G 179 42.98 17.55 60.29
C LYS G 179 43.44 16.12 60.03
N ALA G 180 42.52 15.15 59.96
CA ALA G 180 42.92 13.81 59.58
C ALA G 180 43.51 13.76 58.18
N SER G 181 42.85 14.39 57.22
CA SER G 181 43.40 14.45 55.87
C SER G 181 44.76 15.13 55.83
N THR G 182 44.97 16.17 56.64
CA THR G 182 46.26 16.84 56.68
C THR G 182 47.37 15.95 57.22
N ALA G 183 47.13 15.26 58.33
CA ALA G 183 48.13 14.33 58.84
C ALA G 183 48.38 13.18 57.86
N GLU G 184 47.33 12.68 57.23
CA GLU G 184 47.51 11.67 56.18
C GLU G 184 48.36 12.20 55.03
N LEU G 185 48.15 13.46 54.66
CA LEU G 185 48.93 14.05 53.57
C LEU G 185 50.38 14.24 53.95
N LYS G 186 50.67 14.60 55.21
CA LYS G 186 52.06 14.60 55.67
C LYS G 186 52.70 13.22 55.54
N ARG G 187 52.00 12.18 56.03
CA ARG G 187 52.56 10.84 55.93
C ARG G 187 52.79 10.42 54.47
N ALA G 188 51.82 10.68 53.60
CA ALA G 188 51.99 10.33 52.20
C ALA G 188 53.12 11.11 51.54
N THR G 189 53.29 12.38 51.90
CA THR G 189 54.42 13.16 51.38
C THR G 189 55.75 12.54 51.80
N ALA G 190 55.88 12.20 53.07
CA ALA G 190 57.10 11.54 53.53
C ALA G 190 57.36 10.23 52.78
N SER G 191 56.31 9.41 52.62
CA SER G 191 56.47 8.16 51.87
C SER G 191 56.92 8.41 50.43
N LEU G 192 56.40 9.45 49.79
CA LEU G 192 56.78 9.71 48.41
C LEU G 192 58.21 10.22 48.32
N ARG G 193 58.63 11.05 49.27
CA ARG G 193 60.02 11.45 49.29
C ARG G 193 60.96 10.27 49.55
N ALA G 194 60.51 9.29 50.33
CA ALA G 194 61.32 8.12 50.59
C ALA G 194 61.53 7.27 49.33
N ILE G 195 60.45 6.95 48.63
CA ILE G 195 60.63 6.19 47.39
C ILE G 195 61.33 7.03 46.32
N THR G 196 61.15 8.34 46.32
CA THR G 196 61.95 9.19 45.43
C THR G 196 63.43 9.08 45.71
N GLU G 197 63.84 9.07 46.98
CA GLU G 197 65.24 8.83 47.30
C GLU G 197 65.70 7.42 46.91
N GLU G 198 64.81 6.44 46.94
CA GLU G 198 65.16 5.15 46.37
C GLU G 198 65.38 5.25 44.87
N LEU G 199 64.44 5.85 44.14
CA LEU G 199 64.57 5.94 42.69
C LEU G 199 65.86 6.64 42.32
N LYS G 200 66.12 7.79 42.95
CA LYS G 200 67.36 8.52 42.70
C LYS G 200 68.56 7.63 42.96
N LYS G 201 68.48 6.75 43.95
CA LYS G 201 69.59 5.82 44.16
C LYS G 201 69.61 4.71 43.10
N ASN G 202 68.46 4.16 42.73
CA ASN G 202 68.41 2.97 41.86
C ASN G 202 67.42 3.16 40.70
N PRO G 203 67.70 4.10 39.80
CA PRO G 203 66.74 4.38 38.72
C PRO G 203 66.68 3.26 37.69
N SER G 204 65.45 2.85 37.36
CA SER G 204 65.20 1.86 36.32
C SER G 204 63.78 2.07 35.81
N GLU G 205 63.55 1.64 34.56
CA GLU G 205 62.20 1.73 34.00
C GLU G 205 61.15 1.10 34.91
N ASP G 206 61.43 -0.10 35.46
CA ASP G 206 60.44 -0.65 36.38
C ASP G 206 60.25 0.26 37.58
N ALA G 207 61.34 0.91 38.01
CA ALA G 207 61.22 1.83 39.12
C ALA G 207 60.49 3.09 38.69
N LEU G 208 60.81 3.61 37.50
CA LEU G 208 60.13 4.81 37.03
C LEU G 208 58.63 4.59 36.99
N VAL G 209 58.19 3.39 36.59
CA VAL G 209 56.76 3.08 36.55
C VAL G 209 56.18 3.02 37.96
N GLU G 210 56.81 2.24 38.85
CA GLU G 210 56.31 2.16 40.22
C GLU G 210 56.28 3.53 40.88
N HIS G 211 57.22 4.39 40.53
CA HIS G 211 57.32 5.71 41.13
C HIS G 211 56.19 6.59 40.61
N ASN G 212 55.99 6.62 39.29
CA ASN G 212 54.90 7.42 38.74
C ASN G 212 53.55 6.98 39.31
N ARG G 213 53.38 5.68 39.54
CA ARG G 213 52.21 5.19 40.26
C ARG G 213 52.08 5.80 41.65
N ALA G 214 53.16 5.81 42.43
CA ALA G 214 53.10 6.41 43.75
C ALA G 214 52.82 7.91 43.70
N ILE G 215 53.37 8.61 42.69
CA ILE G 215 53.01 10.01 42.48
C ILE G 215 51.52 10.16 42.30
N VAL G 216 50.93 9.34 41.43
CA VAL G 216 49.50 9.48 41.17
C VAL G 216 48.67 9.18 42.42
N GLU G 217 49.12 8.26 43.26
CA GLU G 217 48.46 8.08 44.55
C GLU G 217 48.56 9.30 45.44
N HIS G 218 49.72 9.95 45.46
CA HIS G 218 49.89 11.15 46.26
C HIS G 218 48.96 12.26 45.76
N ASN G 219 48.91 12.45 44.44
CA ASN G 219 47.99 13.44 43.89
C ASN G 219 46.54 13.14 44.26
N ALA G 220 46.16 11.86 44.25
CA ALA G 220 44.80 11.52 44.67
C ALA G 220 44.53 11.95 46.11
N ILE G 221 45.50 11.77 47.00
CA ILE G 221 45.32 12.23 48.38
C ILE G 221 45.23 13.75 48.46
N ILE G 222 45.99 14.46 47.64
CA ILE G 222 45.85 15.93 47.60
C ILE G 222 44.46 16.34 47.13
N VAL G 223 43.90 15.62 46.16
CA VAL G 223 42.55 15.94 45.69
C VAL G 223 41.51 15.70 46.78
N GLU G 224 41.65 14.63 47.56
CA GLU G 224 40.80 14.47 48.74
C GLU G 224 40.96 15.62 49.73
N ASN G 225 42.18 16.10 49.93
CA ASN G 225 42.36 17.24 50.80
C ASN G 225 41.63 18.47 50.28
N ASN G 226 41.71 18.73 48.98
CA ASN G 226 41.03 19.90 48.43
C ASN G 226 39.51 19.77 48.50
N ARG G 227 38.98 18.55 48.39
CA ARG G 227 37.54 18.38 48.59
C ARG G 227 37.14 18.74 50.03
N ILE G 228 37.88 18.23 51.01
CA ILE G 228 37.53 18.54 52.39
C ILE G 228 37.66 20.04 52.66
N ILE G 229 38.72 20.66 52.15
CA ILE G 229 38.88 22.11 52.29
C ILE G 229 37.67 22.84 51.75
N ALA G 230 37.19 22.44 50.56
CA ALA G 230 36.01 23.08 50.01
C ALA G 230 34.78 22.85 50.87
N LEU G 231 34.65 21.69 51.53
CA LEU G 231 33.53 21.53 52.44
C LEU G 231 33.62 22.47 53.62
N VAL G 232 34.82 22.68 54.14
CA VAL G 232 34.97 23.64 55.23
C VAL G 232 34.61 25.05 54.77
N LEU G 233 35.11 25.48 53.61
CA LEU G 233 34.71 26.80 53.12
C LEU G 233 33.20 26.95 52.97
N LEU G 234 32.54 25.95 52.40
CA LEU G 234 31.08 26.04 52.25
C LEU G 234 30.36 26.13 53.59
N LEU G 235 30.78 25.32 54.57
CA LEU G 235 30.19 25.42 55.90
C LEU G 235 30.42 26.78 56.54
N ILE G 236 31.62 27.35 56.39
CA ILE G 236 31.88 28.67 56.95
C ILE G 236 31.00 29.72 56.30
N VAL G 237 30.95 29.74 54.96
CA VAL G 237 30.17 30.75 54.27
C VAL G 237 28.69 30.64 54.60
N LEU G 238 28.20 29.44 54.88
CA LEU G 238 26.83 29.34 55.38
C LEU G 238 26.69 29.81 56.82
N ALA G 239 27.69 29.53 57.67
CA ALA G 239 27.56 29.90 59.08
C ALA G 239 27.68 31.40 59.36
N ILE G 240 28.50 32.13 58.61
CA ILE G 240 28.49 33.58 58.80
C ILE G 240 27.15 34.15 58.37
N GLY H 15 27.36 -1.23 -1.98
CA GLY H 15 27.08 0.21 -1.98
C GLY H 15 28.08 0.99 -2.80
N SER H 16 27.87 2.30 -2.88
CA SER H 16 28.79 3.19 -3.57
C SER H 16 29.93 3.62 -2.63
N GLU H 17 30.99 4.14 -3.24
CA GLU H 17 32.14 4.60 -2.47
C GLU H 17 31.75 5.66 -1.46
N GLU H 18 30.75 6.48 -1.77
CA GLU H 18 30.27 7.42 -0.75
C GLU H 18 29.64 6.68 0.42
N GLU H 19 28.81 5.66 0.15
CA GLU H 19 28.20 4.92 1.25
C GLU H 19 29.26 4.20 2.09
N ILE H 20 30.16 3.48 1.42
CA ILE H 20 31.20 2.75 2.15
C ILE H 20 32.04 3.71 3.00
N ALA H 21 32.48 4.81 2.39
CA ALA H 21 33.30 5.77 3.11
C ALA H 21 32.55 6.40 4.28
N LYS H 22 31.31 6.82 4.07
CA LYS H 22 30.49 7.34 5.16
C LYS H 22 30.38 6.33 6.29
N ALA H 23 30.06 5.08 5.96
CA ALA H 23 29.93 4.05 6.98
C ALA H 23 31.24 3.77 7.70
N LEU H 24 32.38 3.87 7.01
CA LEU H 24 33.67 3.76 7.69
C LEU H 24 33.98 4.96 8.57
N GLU H 25 33.52 6.15 8.20
CA GLU H 25 33.58 7.29 9.12
C GLU H 25 32.73 7.03 10.35
N GLU H 26 31.54 6.45 10.18
CA GLU H 26 30.72 6.07 11.32
C GLU H 26 31.40 4.99 12.15
N LEU H 27 32.10 4.07 11.50
CA LEU H 27 32.81 3.01 12.21
C LEU H 27 33.93 3.59 13.06
N VAL H 28 34.75 4.47 12.48
CA VAL H 28 35.84 5.07 13.25
C VAL H 28 35.30 5.95 14.38
N ALA H 29 34.19 6.65 14.15
CA ALA H 29 33.51 7.34 15.25
C ALA H 29 33.06 6.38 16.35
N SER H 30 32.50 5.24 15.97
CA SER H 30 32.11 4.23 16.96
C SER H 30 33.33 3.67 17.69
N LEU H 31 34.45 3.52 16.99
CA LEU H 31 35.67 3.06 17.65
C LEU H 31 36.19 4.08 18.66
N ALA H 32 36.18 5.35 18.30
CA ALA H 32 36.56 6.38 19.26
C ALA H 32 35.65 6.37 20.48
N GLU H 33 34.34 6.29 20.26
CA GLU H 33 33.40 6.17 21.37
C GLU H 33 33.65 4.92 22.21
N LEU H 34 33.93 3.80 21.56
CA LEU H 34 34.23 2.56 22.28
C LEU H 34 35.50 2.67 23.11
N LYS H 35 36.54 3.26 22.55
CA LYS H 35 37.77 3.48 23.30
C LYS H 35 37.50 4.35 24.53
N ARG H 36 36.81 5.47 24.33
CA ARG H 36 36.47 6.35 25.45
C ARG H 36 35.71 5.60 26.53
N ALA H 37 34.70 4.82 26.14
CA ALA H 37 33.96 4.02 27.11
C ALA H 37 34.83 3.00 27.82
N THR H 38 35.80 2.40 27.11
CA THR H 38 36.68 1.45 27.76
C THR H 38 37.53 2.13 28.82
N LEU H 39 38.04 3.33 28.50
CA LEU H 39 38.79 4.08 29.49
C LEU H 39 37.94 4.41 30.71
N LYS H 40 36.74 4.93 30.49
CA LYS H 40 35.81 5.18 31.60
C LYS H 40 35.56 3.94 32.44
N LEU H 41 35.34 2.80 31.79
CA LEU H 41 35.11 1.56 32.53
C LEU H 41 36.32 1.18 33.36
N LEU H 42 37.53 1.39 32.82
CA LEU H 42 38.71 1.13 33.63
C LEU H 42 38.76 2.04 34.84
N VAL H 43 38.32 3.29 34.67
CA VAL H 43 38.29 4.22 35.81
C VAL H 43 37.40 3.66 36.91
N ILE H 44 36.15 3.37 36.55
CA ILE H 44 35.22 2.95 37.59
C ILE H 44 35.62 1.59 38.15
N THR H 45 36.28 0.75 37.36
CA THR H 45 36.86 -0.48 37.90
C THR H 45 37.89 -0.20 38.98
N GLU H 46 38.74 0.81 38.77
CA GLU H 46 39.70 1.15 39.80
C GLU H 46 38.99 1.69 41.04
N GLU H 47 38.01 2.58 40.85
CA GLU H 47 37.28 3.12 41.99
C GLU H 47 36.60 2.03 42.80
N LEU H 48 36.00 1.05 42.11
CA LEU H 48 35.42 -0.10 42.78
C LEU H 48 36.47 -0.94 43.52
N LYS H 49 37.62 -1.15 42.90
CA LYS H 49 38.69 -1.89 43.58
C LYS H 49 39.12 -1.20 44.87
N LYS H 50 39.29 0.12 44.82
CA LYS H 50 39.74 0.87 45.99
C LYS H 50 38.67 0.97 47.08
N ASN H 51 37.40 1.18 46.69
CA ASN H 51 36.33 1.46 47.65
C ASN H 51 35.08 0.62 47.37
N PRO H 52 35.21 -0.69 47.43
CA PRO H 52 34.11 -1.56 46.99
C PRO H 52 32.91 -1.45 47.89
N SER H 53 31.72 -1.44 47.26
CA SER H 53 30.47 -1.32 48.02
C SER H 53 29.32 -1.77 47.13
N GLU H 54 28.19 -2.05 47.77
CA GLU H 54 27.05 -2.62 47.06
C GLU H 54 26.51 -1.69 45.97
N SER H 55 26.33 -0.41 46.29
CA SER H 55 25.88 0.52 45.27
C SER H 55 26.93 0.79 44.21
N ALA H 56 28.21 0.75 44.61
CA ALA H 56 29.29 0.78 43.62
C ALA H 56 29.24 -0.42 42.70
N LEU H 57 29.00 -1.61 43.24
CA LEU H 57 28.86 -2.79 42.39
C LEU H 57 27.71 -2.67 41.40
N VAL H 58 26.54 -2.23 41.87
CA VAL H 58 25.40 -2.05 40.99
C VAL H 58 25.70 -1.04 39.88
N SER H 59 26.28 0.10 40.23
CA SER H 59 26.56 1.12 39.21
C SER H 59 27.64 0.67 38.24
N HIS H 60 28.64 -0.05 38.74
CA HIS H 60 29.66 -0.61 37.86
C HIS H 60 29.06 -1.58 36.86
N ASN H 61 28.23 -2.50 37.33
CA ASN H 61 27.55 -3.43 36.42
C ASN H 61 26.70 -2.71 35.37
N LYS H 62 25.93 -1.70 35.77
CA LYS H 62 25.18 -0.95 34.78
C LYS H 62 26.09 -0.26 33.75
N ALA H 63 27.23 0.26 34.20
CA ALA H 63 28.18 0.82 33.25
C ALA H 63 28.74 -0.23 32.29
N ILE H 64 28.99 -1.44 32.79
CA ILE H 64 29.40 -2.53 31.92
C ILE H 64 28.33 -2.85 30.89
N VAL H 65 27.06 -2.79 31.29
CA VAL H 65 25.97 -3.00 30.33
C VAL H 65 25.96 -1.93 29.25
N GLU H 66 26.19 -0.68 29.61
CA GLU H 66 26.24 0.36 28.57
C GLU H 66 27.47 0.23 27.67
N HIS H 67 28.59 -0.20 28.22
CA HIS H 67 29.76 -0.50 27.40
C HIS H 67 29.48 -1.63 26.41
N ASN H 68 28.87 -2.71 26.88
CA ASN H 68 28.48 -3.79 25.97
C ASN H 68 27.51 -3.30 24.89
N ALA H 69 26.56 -2.45 25.24
CA ALA H 69 25.68 -1.91 24.20
C ALA H 69 26.44 -1.14 23.14
N ILE H 70 27.48 -0.40 23.54
CA ILE H 70 28.33 0.26 22.54
C ILE H 70 29.07 -0.76 21.67
N ILE H 71 29.58 -1.84 22.26
CA ILE H 71 30.21 -2.89 21.46
C ILE H 71 29.23 -3.47 20.44
N VAL H 72 28.01 -3.74 20.87
CA VAL H 72 27.00 -4.30 19.97
C VAL H 72 26.71 -3.36 18.80
N GLU H 73 26.56 -2.07 19.07
CA GLU H 73 26.42 -1.14 17.95
C GLU H 73 27.64 -1.13 17.03
N ASN H 74 28.84 -1.25 17.58
CA ASN H 74 30.03 -1.37 16.75
C ASN H 74 29.95 -2.57 15.82
N ASN H 75 29.54 -3.72 16.36
CA ASN H 75 29.43 -4.94 15.55
C ASN H 75 28.33 -4.83 14.52
N ARG H 76 27.25 -4.12 14.83
CA ARG H 76 26.21 -3.89 13.83
C ARG H 76 26.75 -3.08 12.67
N ILE H 77 27.48 -2.00 12.96
CA ILE H 77 28.03 -1.20 11.87
C ILE H 77 29.05 -2.00 11.06
N ILE H 78 29.86 -2.82 11.71
CA ILE H 78 30.80 -3.66 10.97
C ILE H 78 30.06 -4.63 10.04
N ALA H 79 29.01 -5.29 10.53
CA ALA H 79 28.24 -6.18 9.67
C ALA H 79 27.60 -5.44 8.50
N ALA H 80 27.16 -4.20 8.71
CA ALA H 80 26.60 -3.42 7.62
C ALA H 80 27.67 -3.14 6.57
N VAL H 81 28.83 -2.69 7.02
CA VAL H 81 29.91 -2.37 6.09
C VAL H 81 30.28 -3.62 5.29
N LEU H 82 30.41 -4.77 5.96
CA LEU H 82 30.74 -5.99 5.25
C LEU H 82 29.70 -6.36 4.21
N GLU H 83 28.42 -6.16 4.51
CA GLU H 83 27.42 -6.44 3.48
C GLU H 83 27.57 -5.52 2.27
N LEU H 84 27.89 -4.24 2.50
CA LEU H 84 28.15 -3.35 1.37
C LEU H 84 29.41 -3.73 0.60
N ILE H 85 30.46 -4.15 1.31
CA ILE H 85 31.69 -4.57 0.65
C ILE H 85 31.46 -5.83 -0.19
N VAL H 86 30.79 -6.82 0.38
CA VAL H 86 30.56 -8.05 -0.38
C VAL H 86 29.66 -7.77 -1.58
N ARG H 87 28.62 -6.94 -1.43
CA ARG H 87 27.85 -6.61 -2.62
C ARG H 87 28.69 -5.87 -3.64
N ALA H 88 29.71 -5.12 -3.20
CA ALA H 88 30.63 -4.51 -4.13
C ALA H 88 31.43 -5.55 -4.91
N VAL H 89 32.06 -6.49 -4.20
CA VAL H 89 32.88 -7.51 -4.85
C VAL H 89 32.04 -8.63 -5.46
N GLY H 90 30.88 -8.94 -4.89
CA GLY H 90 30.18 -10.18 -5.21
C GLY H 90 30.28 -11.28 -4.18
N MET H 91 29.14 -11.88 -3.88
CA MET H 91 29.04 -13.06 -3.05
C MET H 91 29.79 -14.26 -3.65
N THR H 92 30.04 -15.24 -2.79
CA THR H 92 30.46 -16.58 -3.18
C THR H 92 29.84 -17.58 -2.20
N ASP H 93 29.86 -18.86 -2.59
CA ASP H 93 29.23 -19.90 -1.77
C ASP H 93 29.63 -19.81 -0.30
N GLU H 94 30.93 -19.80 -0.02
CA GLU H 94 31.37 -19.78 1.37
C GLU H 94 31.09 -18.42 2.01
N ILE H 95 31.15 -17.36 1.21
CA ILE H 95 30.80 -16.05 1.73
C ILE H 95 29.32 -16.01 2.06
N LEU H 96 28.46 -16.50 1.16
CA LEU H 96 27.03 -16.44 1.43
C LEU H 96 26.67 -17.24 2.67
N LEU H 97 27.29 -18.40 2.86
CA LEU H 97 27.04 -19.17 4.08
C LEU H 97 27.55 -18.45 5.33
N ALA H 98 28.67 -17.76 5.21
CA ALA H 98 29.16 -17.00 6.36
C ALA H 98 28.32 -15.76 6.63
N LEU H 99 27.79 -15.11 5.61
CA LEU H 99 26.89 -13.99 5.85
C LEU H 99 25.55 -14.43 6.44
N LEU H 100 25.04 -15.59 6.05
CA LEU H 100 23.85 -16.10 6.74
C LEU H 100 24.15 -16.42 8.20
N GLU H 101 25.34 -16.94 8.48
CA GLU H 101 25.75 -17.13 9.86
C GLU H 101 25.91 -15.82 10.60
N LEU H 102 26.44 -14.80 9.91
CA LEU H 102 26.58 -13.48 10.53
C LEU H 102 25.22 -12.85 10.84
N LYS H 103 24.27 -12.91 9.91
CA LYS H 103 22.96 -12.34 10.18
C LYS H 103 22.26 -13.06 11.32
N ALA H 104 22.41 -14.39 11.40
CA ALA H 104 21.88 -15.11 12.55
C ALA H 104 22.52 -14.64 13.85
N SER H 105 23.85 -14.57 13.89
CA SER H 105 24.54 -14.15 15.10
C SER H 105 24.19 -12.71 15.49
N THR H 106 23.99 -11.83 14.51
CA THR H 106 23.51 -10.48 14.80
C THR H 106 22.16 -10.49 15.49
N ALA H 107 21.23 -11.31 15.03
CA ALA H 107 19.93 -11.36 15.69
C ALA H 107 20.05 -11.96 17.08
N ARG H 108 20.83 -13.02 17.22
CA ARG H 108 21.04 -13.61 18.53
C ARG H 108 21.64 -12.58 19.49
N LEU H 109 22.52 -11.73 18.99
CA LEU H 109 23.09 -10.70 19.85
C LEU H 109 22.04 -9.67 20.25
N LYS H 110 21.18 -9.23 19.34
CA LYS H 110 20.13 -8.30 19.77
C LYS H 110 19.25 -8.92 20.86
N VAL H 111 18.96 -10.22 20.73
CA VAL H 111 18.19 -10.92 21.76
C VAL H 111 18.92 -10.93 23.09
N ALA H 112 20.19 -11.37 23.08
CA ALA H 112 20.94 -11.40 24.35
C ALA H 112 21.13 -10.01 24.93
N THR H 113 21.23 -8.98 24.09
CA THR H 113 21.28 -7.61 24.57
C THR H 113 20.03 -7.23 25.34
N ALA H 114 18.85 -7.52 24.78
CA ALA H 114 17.62 -7.31 25.55
C ALA H 114 17.57 -8.13 26.84
N LEU H 115 17.98 -9.40 26.77
CA LEU H 115 18.04 -10.21 27.98
C LEU H 115 18.89 -9.56 29.07
N LEU H 116 20.10 -9.14 28.70
CA LEU H 116 21.00 -8.53 29.65
C LEU H 116 20.42 -7.24 30.22
N ARG H 117 19.90 -6.37 29.36
CA ARG H 117 19.30 -5.13 29.86
C ARG H 117 18.16 -5.40 30.85
N MET H 118 17.39 -6.45 30.62
CA MET H 118 16.25 -6.70 31.50
C MET H 118 16.69 -7.27 32.85
N ILE H 119 17.63 -8.21 32.86
CA ILE H 119 18.17 -8.63 34.15
C ILE H 119 18.98 -7.54 34.84
N THR H 120 19.60 -6.64 34.08
CA THR H 120 20.17 -5.42 34.66
C THR H 120 19.12 -4.60 35.42
N GLU H 121 17.97 -4.36 34.80
CA GLU H 121 16.92 -3.62 35.49
C GLU H 121 16.40 -4.35 36.72
N GLU H 122 16.29 -5.68 36.65
CA GLU H 122 15.95 -6.45 37.86
C GLU H 122 17.00 -6.27 38.95
N LEU H 123 18.28 -6.32 38.62
CA LEU H 123 19.31 -6.13 39.63
C LEU H 123 19.26 -4.74 40.23
N LYS H 124 19.18 -3.72 39.39
CA LYS H 124 19.09 -2.34 39.87
C LYS H 124 17.91 -2.16 40.82
N LYS H 125 16.76 -2.73 40.48
CA LYS H 125 15.59 -2.57 41.35
C LYS H 125 15.73 -3.35 42.66
N ASN H 126 16.24 -4.57 42.63
CA ASN H 126 16.26 -5.45 43.81
C ASN H 126 17.64 -6.07 44.00
N PRO H 127 18.64 -5.24 44.25
CA PRO H 127 20.02 -5.74 44.29
C PRO H 127 20.32 -6.53 45.55
N SER H 128 21.17 -7.54 45.38
CA SER H 128 21.68 -8.36 46.47
C SER H 128 22.88 -9.12 45.93
N GLU H 129 23.65 -9.73 46.84
CA GLU H 129 24.85 -10.45 46.42
C GLU H 129 24.52 -11.59 45.47
N ASP H 130 23.46 -12.35 45.76
CA ASP H 130 23.04 -13.40 44.84
C ASP H 130 22.71 -12.83 43.47
N ALA H 131 22.01 -11.69 43.45
CA ALA H 131 21.68 -11.04 42.20
C ALA H 131 22.93 -10.57 41.47
N LEU H 132 23.94 -10.11 42.20
CA LEU H 132 25.19 -9.74 41.54
C LEU H 132 25.87 -10.94 40.92
N VAL H 133 25.88 -12.08 41.61
CA VAL H 133 26.46 -13.27 41.01
C VAL H 133 25.73 -13.64 39.72
N GLU H 134 24.40 -13.72 39.78
CA GLU H 134 23.63 -14.05 38.59
C GLU H 134 23.87 -13.06 37.46
N HIS H 135 23.97 -11.77 37.80
CA HIS H 135 24.21 -10.75 36.79
C HIS H 135 25.60 -10.89 36.16
N ASN H 136 26.62 -11.16 36.97
CA ASN H 136 27.95 -11.38 36.41
C ASN H 136 27.99 -12.59 35.49
N ARG H 137 27.32 -13.68 35.87
CA ARG H 137 27.26 -14.83 34.98
C ARG H 137 26.54 -14.50 33.67
N ALA H 138 25.50 -13.66 33.73
CA ALA H 138 24.85 -13.27 32.49
C ALA H 138 25.69 -12.32 31.65
N ILE H 139 26.49 -11.46 32.28
CA ILE H 139 27.46 -10.67 31.53
C ILE H 139 28.46 -11.57 30.81
N VAL H 140 28.95 -12.59 31.49
CA VAL H 140 29.91 -13.50 30.86
C VAL H 140 29.28 -14.26 29.68
N ASN H 141 28.00 -14.62 29.79
CA ASN H 141 27.35 -15.22 28.62
C ASN H 141 27.16 -14.23 27.48
N HIS H 142 26.79 -12.99 27.79
CA HIS H 142 26.67 -11.97 26.74
C HIS H 142 27.99 -11.76 26.02
N ASN H 143 29.08 -11.61 26.78
CA ASN H 143 30.39 -11.51 26.16
C ASN H 143 30.72 -12.73 25.30
N ALA H 144 30.45 -13.94 25.78
CA ALA H 144 30.70 -15.10 24.93
C ALA H 144 29.96 -15.02 23.60
N ILE H 145 28.76 -14.42 23.59
CA ILE H 145 28.06 -14.22 22.32
C ILE H 145 28.73 -13.15 21.46
N ILE H 146 29.19 -12.06 22.06
CA ILE H 146 29.99 -11.08 21.32
C ILE H 146 31.20 -11.74 20.66
N VAL H 147 31.93 -12.54 21.43
CA VAL H 147 33.06 -13.29 20.88
C VAL H 147 32.66 -14.12 19.67
N GLU H 148 31.58 -14.90 19.76
CA GLU H 148 31.18 -15.67 18.58
C GLU H 148 30.84 -14.76 17.39
N ASN H 149 30.21 -13.62 17.66
CA ASN H 149 29.99 -12.65 16.58
C ASN H 149 31.29 -12.21 15.94
N ASN H 150 32.33 -11.99 16.76
CA ASN H 150 33.59 -11.53 16.21
C ASN H 150 34.29 -12.64 15.44
N ARG H 151 34.13 -13.88 15.87
CA ARG H 151 34.77 -14.98 15.14
C ARG H 151 34.15 -15.11 13.77
N ILE H 152 32.83 -14.94 13.68
CA ILE H 152 32.18 -15.04 12.38
C ILE H 152 32.57 -13.89 11.48
N ILE H 153 32.62 -12.67 12.02
CA ILE H 153 33.09 -11.52 11.25
C ILE H 153 34.52 -11.70 10.74
N ALA H 154 35.41 -12.21 11.59
CA ALA H 154 36.76 -12.56 11.14
C ALA H 154 36.76 -13.62 10.05
N ALA H 155 35.90 -14.63 10.17
CA ALA H 155 35.84 -15.64 9.11
C ALA H 155 35.38 -15.04 7.80
N VAL H 156 34.41 -14.12 7.86
CA VAL H 156 33.96 -13.42 6.66
C VAL H 156 35.11 -12.66 6.03
N LEU H 157 35.86 -11.90 6.83
CA LEU H 157 36.99 -11.14 6.25
C LEU H 157 38.06 -12.06 5.68
N GLU H 158 38.35 -13.17 6.35
CA GLU H 158 39.27 -14.16 5.80
C GLU H 158 38.80 -14.66 4.43
N LEU H 159 37.51 -14.93 4.29
CA LEU H 159 36.96 -15.38 3.03
C LEU H 159 36.99 -14.28 1.97
N ILE H 160 36.65 -13.04 2.33
CA ILE H 160 36.68 -11.95 1.37
C ILE H 160 38.08 -11.75 0.81
N VAL H 161 39.09 -11.73 1.68
CA VAL H 161 40.46 -11.59 1.21
C VAL H 161 40.86 -12.78 0.33
N ARG H 162 40.57 -14.01 0.75
CA ARG H 162 40.93 -15.14 -0.10
C ARG H 162 40.18 -15.13 -1.43
N ALA H 163 38.94 -14.66 -1.46
CA ALA H 163 38.19 -14.57 -2.70
C ALA H 163 38.77 -13.54 -3.65
N LEU H 164 39.15 -12.37 -3.13
CA LEU H 164 39.84 -11.40 -3.98
C LEU H 164 41.19 -11.92 -4.44
N ASN H 165 41.84 -12.80 -3.67
CA ASN H 165 43.19 -13.24 -3.96
C ASN H 165 44.17 -12.09 -3.76
N LEU H 166 43.89 -11.27 -2.74
CA LEU H 166 44.61 -10.03 -2.54
C LEU H 166 46.01 -10.29 -2.02
N THR H 167 46.99 -9.71 -2.69
CA THR H 167 48.41 -9.99 -2.46
C THR H 167 49.09 -8.97 -1.58
N ASP H 168 48.35 -7.98 -1.07
CA ASP H 168 48.94 -6.90 -0.30
C ASP H 168 49.54 -7.44 0.98
N GLU H 169 50.83 -7.21 1.19
CA GLU H 169 51.49 -7.66 2.40
C GLU H 169 50.93 -6.96 3.64
N GLU H 170 50.43 -5.74 3.49
CA GLU H 170 49.74 -5.09 4.59
C GLU H 170 48.49 -5.87 5.00
N VAL H 171 47.78 -6.43 4.02
CA VAL H 171 46.60 -7.24 4.32
C VAL H 171 47.00 -8.56 4.96
N ARG H 172 48.02 -9.23 4.43
CA ARG H 172 48.44 -10.49 5.03
C ARG H 172 48.89 -10.29 6.48
N LYS H 173 49.68 -9.25 6.72
CA LYS H 173 50.06 -8.91 8.09
C LYS H 173 48.86 -8.66 8.98
N ALA H 174 47.90 -7.86 8.51
CA ALA H 174 46.71 -7.62 9.32
C ALA H 174 45.90 -8.88 9.57
N LEU H 175 45.88 -9.82 8.63
CA LEU H 175 45.20 -11.09 8.92
C LEU H 175 45.96 -11.97 9.91
N GLU H 176 47.29 -11.93 9.89
CA GLU H 176 48.03 -12.63 10.94
C GLU H 176 47.76 -12.03 12.32
N GLU H 177 47.65 -10.70 12.39
CA GLU H 177 47.20 -10.06 13.62
C GLU H 177 45.78 -10.47 13.99
N LEU H 178 44.88 -10.55 13.03
CA LEU H 178 43.50 -10.89 13.34
C LEU H 178 43.34 -12.33 13.82
N LYS H 179 44.06 -13.26 13.20
CA LYS H 179 44.05 -14.65 13.69
C LYS H 179 44.67 -14.80 15.07
N ALA H 180 45.78 -14.09 15.34
CA ALA H 180 46.32 -14.11 16.69
C ALA H 180 45.34 -13.53 17.70
N SER H 181 44.74 -12.39 17.39
CA SER H 181 43.74 -11.81 18.29
C SER H 181 42.55 -12.74 18.50
N THR H 182 42.13 -13.48 17.47
CA THR H 182 41.02 -14.41 17.63
C THR H 182 41.36 -15.57 18.57
N ALA H 183 42.52 -16.19 18.39
CA ALA H 183 42.91 -17.25 19.33
C ALA H 183 43.10 -16.71 20.75
N GLU H 184 43.68 -15.53 20.88
CA GLU H 184 43.78 -14.89 22.19
C GLU H 184 42.41 -14.67 22.82
N LEU H 185 41.44 -14.24 22.01
CA LEU H 185 40.10 -13.99 22.54
C LEU H 185 39.41 -15.28 22.95
N LYS H 186 39.62 -16.39 22.22
CA LYS H 186 39.13 -17.67 22.72
C LYS H 186 39.73 -18.03 24.07
N ARG H 187 41.05 -17.90 24.20
CA ARG H 187 41.66 -18.22 25.49
C ARG H 187 41.12 -17.35 26.62
N ALA H 188 41.00 -16.05 26.38
CA ALA H 188 40.46 -15.16 27.41
C ALA H 188 39.01 -15.49 27.75
N THR H 189 38.21 -15.84 26.76
CA THR H 189 36.83 -16.25 27.02
C THR H 189 36.77 -17.50 27.90
N ALA H 190 37.57 -18.51 27.57
CA ALA H 190 37.62 -19.71 28.40
C ALA H 190 38.05 -19.38 29.83
N SER H 191 39.10 -18.57 29.98
CA SER H 191 39.53 -18.18 31.33
C SER H 191 38.43 -17.46 32.10
N LEU H 192 37.66 -16.61 31.43
CA LEU H 192 36.62 -15.88 32.12
C LEU H 192 35.47 -16.79 32.50
N ARG H 193 35.13 -17.76 31.65
CA ARG H 193 34.12 -18.74 32.03
C ARG H 193 34.60 -19.60 33.19
N ALA H 194 35.89 -19.87 33.27
CA ALA H 194 36.42 -20.65 34.39
C ALA H 194 36.29 -19.90 35.71
N ILE H 195 36.73 -18.65 35.77
CA ILE H 195 36.56 -17.91 37.00
C ILE H 195 35.09 -17.61 37.31
N THR H 196 34.24 -17.47 36.29
CA THR H 196 32.81 -17.38 36.53
C THR H 196 32.24 -18.62 37.22
N GLU H 197 32.65 -19.81 36.78
CA GLU H 197 32.26 -21.04 37.47
C GLU H 197 32.84 -21.11 38.89
N GLU H 198 34.01 -20.51 39.11
CA GLU H 198 34.50 -20.37 40.48
C GLU H 198 33.58 -19.47 41.29
N LEU H 199 33.25 -18.30 40.77
CA LEU H 199 32.42 -17.37 41.52
C LEU H 199 31.10 -18.03 41.89
N LYS H 200 30.46 -18.67 40.92
CA LYS H 200 29.22 -19.39 41.20
C LYS H 200 29.40 -20.40 42.32
N LYS H 201 30.57 -21.05 42.40
CA LYS H 201 30.77 -21.93 43.54
C LYS H 201 31.00 -21.18 44.85
N ASN H 202 31.79 -20.11 44.85
CA ASN H 202 32.20 -19.43 46.08
C ASN H 202 32.00 -17.92 46.02
N PRO H 203 30.75 -17.46 45.92
CA PRO H 203 30.50 -16.03 45.75
C PRO H 203 30.82 -15.23 47.00
N SER H 204 31.57 -14.15 46.82
CA SER H 204 31.88 -13.21 47.90
C SER H 204 32.22 -11.88 47.27
N GLU H 205 32.05 -10.81 48.05
CA GLU H 205 32.40 -9.47 47.58
C GLU H 205 33.84 -9.41 47.06
N ASP H 206 34.80 -10.03 47.77
CA ASP H 206 36.16 -10.02 47.24
C ASP H 206 36.21 -10.75 45.89
N ALA H 207 35.40 -11.79 45.75
CA ALA H 207 35.38 -12.50 44.48
C ALA H 207 34.69 -11.65 43.43
N LEU H 208 33.58 -11.02 43.79
CA LEU H 208 32.89 -10.16 42.83
C LEU H 208 33.83 -9.10 42.27
N VAL H 209 34.70 -8.55 43.13
CA VAL H 209 35.65 -7.54 42.67
C VAL H 209 36.68 -8.16 41.72
N GLU H 210 37.31 -9.25 42.13
CA GLU H 210 38.29 -9.90 41.26
C GLU H 210 37.66 -10.31 39.93
N HIS H 211 36.39 -10.70 39.97
CA HIS H 211 35.70 -11.15 38.77
C HIS H 211 35.43 -9.97 37.84
N ASN H 212 34.88 -8.88 38.38
CA ASN H 212 34.63 -7.72 37.55
C ASN H 212 35.92 -7.20 36.91
N ARG H 213 37.03 -7.29 37.64
CA ARG H 213 38.34 -6.99 37.05
C ARG H 213 38.64 -7.88 35.84
N ALA H 214 38.45 -9.20 35.98
CA ALA H 214 38.69 -10.08 34.83
C ALA H 214 37.74 -9.81 33.67
N ILE H 215 36.48 -9.48 33.96
CA ILE H 215 35.56 -9.05 32.91
C ILE H 215 36.12 -7.84 32.17
N VAL H 216 36.58 -6.83 32.89
CA VAL H 216 37.07 -5.64 32.22
C VAL H 216 38.30 -5.93 31.37
N GLU H 217 39.14 -6.86 31.80
CA GLU H 217 40.24 -7.29 30.94
C GLU H 217 39.74 -7.98 29.68
N HIS H 218 38.70 -8.81 29.81
CA HIS H 218 38.13 -9.47 28.64
C HIS H 218 37.55 -8.47 27.65
N ASN H 219 36.79 -7.50 28.17
CA ASN H 219 36.25 -6.45 27.30
C ASN H 219 37.36 -5.68 26.59
N ALA H 220 38.47 -5.41 27.29
CA ALA H 220 39.59 -4.76 26.63
C ALA H 220 40.13 -5.59 25.47
N ILE H 221 40.20 -6.91 25.64
CA ILE H 221 40.64 -7.76 24.54
C ILE H 221 39.65 -7.74 23.38
N ILE H 222 38.35 -7.67 23.67
CA ILE H 222 37.36 -7.54 22.59
C ILE H 222 37.55 -6.23 21.83
N VAL H 223 37.87 -5.15 22.54
CA VAL H 223 38.10 -3.87 21.88
C VAL H 223 39.34 -3.92 20.99
N GLU H 224 40.40 -4.59 21.43
CA GLU H 224 41.53 -4.84 20.53
C GLU H 224 41.12 -5.65 19.31
N ASN H 225 40.25 -6.63 19.49
CA ASN H 225 39.78 -7.39 18.33
C ASN H 225 39.05 -6.49 17.35
N ASN H 226 38.18 -5.60 17.85
CA ASN H 226 37.47 -4.70 16.95
C ASN H 226 38.40 -3.73 16.25
N ARG H 227 39.48 -3.32 16.89
CA ARG H 227 40.48 -2.50 16.22
C ARG H 227 41.11 -3.26 15.05
N ILE H 228 41.53 -4.50 15.27
CA ILE H 228 42.16 -5.25 14.18
C ILE H 228 41.15 -5.47 13.05
N ILE H 229 39.92 -5.82 13.40
CA ILE H 229 38.88 -5.98 12.38
C ILE H 229 38.75 -4.72 11.54
N ALA H 230 38.72 -3.55 12.21
CA ALA H 230 38.62 -2.31 11.44
C ALA H 230 39.85 -2.08 10.55
N LEU H 231 41.05 -2.49 10.99
CA LEU H 231 42.18 -2.37 10.07
C LEU H 231 42.02 -3.27 8.85
N VAL H 232 41.50 -4.46 9.04
CA VAL H 232 41.27 -5.33 7.89
C VAL H 232 40.23 -4.72 6.95
N LEU H 233 39.11 -4.23 7.49
CA LEU H 233 38.15 -3.58 6.59
C LEU H 233 38.74 -2.43 5.81
N LEU H 234 39.50 -1.55 6.47
CA LEU H 234 40.11 -0.43 5.77
C LEU H 234 41.09 -0.86 4.68
N LEU H 235 41.93 -1.85 4.98
CA LEU H 235 42.83 -2.38 3.96
C LEU H 235 42.09 -3.02 2.79
N ILE H 236 41.00 -3.75 3.07
CA ILE H 236 40.24 -4.34 1.98
C ILE H 236 39.62 -3.26 1.10
N VAL H 237 38.96 -2.28 1.73
CA VAL H 237 38.30 -1.24 0.95
C VAL H 237 39.30 -0.44 0.13
N LEU H 238 40.53 -0.29 0.60
CA LEU H 238 41.54 0.32 -0.26
C LEU H 238 41.99 -0.62 -1.37
N ALA H 239 42.10 -1.91 -1.09
CA ALA H 239 42.58 -2.84 -2.12
C ALA H 239 41.58 -3.12 -3.23
N ILE H 240 40.28 -3.14 -2.93
CA ILE H 240 39.31 -3.29 -4.01
C ILE H 240 39.35 -2.04 -4.89
N GLY I 15 11.56 46.03 33.36
CA GLY I 15 11.63 45.53 32.00
C GLY I 15 10.38 45.85 31.20
N SER I 16 10.39 45.45 29.93
CA SER I 16 9.23 45.63 29.07
C SER I 16 8.24 44.49 29.24
N GLU I 17 7.00 44.74 28.77
CA GLU I 17 5.95 43.73 28.85
C GLU I 17 6.34 42.44 28.14
N GLU I 18 7.14 42.54 27.08
CA GLU I 18 7.64 41.34 26.43
C GLU I 18 8.57 40.57 27.35
N GLU I 19 9.46 41.26 28.07
CA GLU I 19 10.36 40.54 28.97
C GLU I 19 9.57 39.85 30.09
N ILE I 20 8.65 40.58 30.73
CA ILE I 20 7.86 39.99 31.80
C ILE I 20 7.08 38.78 31.30
N ALA I 21 6.42 38.92 30.15
CA ALA I 21 5.63 37.82 29.61
C ALA I 21 6.51 36.62 29.25
N LYS I 22 7.64 36.85 28.59
CA LYS I 22 8.58 35.77 28.32
C LYS I 22 9.01 35.06 29.60
N ALA I 23 9.40 35.84 30.60
CA ALA I 23 9.82 35.25 31.87
C ALA I 23 8.69 34.48 32.56
N LEU I 24 7.45 34.93 32.43
CA LEU I 24 6.33 34.15 32.95
C LEU I 24 6.07 32.89 32.14
N GLU I 25 6.32 32.90 30.84
CA GLU I 25 6.32 31.65 30.08
C GLU I 25 7.41 30.69 30.58
N GLU I 26 8.60 31.22 30.88
CA GLU I 26 9.64 30.40 31.48
C GLU I 26 9.24 29.90 32.86
N LEU I 27 8.54 30.74 33.63
CA LEU I 27 8.09 30.34 34.96
C LEU I 27 7.06 29.22 34.89
N VAL I 28 6.06 29.36 34.02
CA VAL I 28 5.05 28.31 33.89
C VAL I 28 5.66 27.03 33.33
N ALA I 29 6.62 27.14 32.40
CA ALA I 29 7.39 25.97 31.98
C ALA I 29 8.12 25.31 33.14
N SER I 30 8.77 26.12 33.99
CA SER I 30 9.44 25.57 35.16
C SER I 30 8.46 24.93 36.14
N LEU I 31 7.27 25.49 36.27
CA LEU I 31 6.25 24.88 37.13
C LEU I 31 5.79 23.54 36.60
N ALA I 32 5.54 23.45 35.29
CA ALA I 32 5.20 22.16 34.70
C ALA I 32 6.30 21.14 34.91
N GLU I 33 7.56 21.54 34.66
CA GLU I 33 8.70 20.66 34.93
C GLU I 33 8.79 20.26 36.39
N LEU I 34 8.54 21.19 37.31
CA LEU I 34 8.55 20.88 38.73
C LEU I 34 7.45 19.89 39.10
N LYS I 35 6.25 20.08 38.57
CA LYS I 35 5.16 19.12 38.80
C LYS I 35 5.54 17.74 38.30
N ARG I 36 6.02 17.65 37.06
CA ARG I 36 6.45 16.37 36.51
C ARG I 36 7.48 15.70 37.40
N ALA I 37 8.49 16.46 37.84
CA ALA I 37 9.50 15.91 38.73
C ALA I 37 8.91 15.48 40.07
N THR I 38 7.92 16.20 40.58
CA THR I 38 7.28 15.80 41.83
C THR I 38 6.55 14.48 41.67
N LEU I 39 5.86 14.30 40.56
CA LEU I 39 5.20 13.02 40.30
C LEU I 39 6.21 11.88 40.25
N LYS I 40 7.27 12.07 39.44
CA LYS I 40 8.34 11.07 39.39
C LYS I 40 8.91 10.75 40.77
N LEU I 41 9.16 11.79 41.58
CA LEU I 41 9.72 11.56 42.90
C LEU I 41 8.75 10.79 43.77
N LEU I 42 7.46 11.05 43.65
CA LEU I 42 6.49 10.24 44.39
C LEU I 42 6.55 8.79 43.94
N VAL I 43 6.74 8.56 42.65
CA VAL I 43 6.86 7.18 42.17
C VAL I 43 8.02 6.49 42.86
N ILE I 44 9.21 7.08 42.75
CA ILE I 44 10.37 6.38 43.30
C ILE I 44 10.30 6.30 44.82
N THR I 45 9.63 7.25 45.48
CA THR I 45 9.35 7.11 46.91
C THR I 45 8.51 5.88 47.19
N GLU I 46 7.50 5.61 46.36
CA GLU I 46 6.72 4.39 46.54
C GLU I 46 7.56 3.15 46.30
N GLU I 47 8.37 3.15 45.25
CA GLU I 47 9.23 2.01 44.96
C GLU I 47 10.18 1.73 46.12
N LEU I 48 10.76 2.78 46.69
CA LEU I 48 11.59 2.64 47.88
C LEU I 48 10.82 2.09 49.07
N LYS I 49 9.60 2.58 49.29
CA LYS I 49 8.77 2.06 50.38
C LYS I 49 8.48 0.57 50.22
N LYS I 50 8.14 0.13 49.01
CA LYS I 50 7.81 -1.28 48.79
C LYS I 50 9.02 -2.20 48.86
N ASN I 51 10.17 -1.80 48.33
CA ASN I 51 11.34 -2.67 48.20
C ASN I 51 12.60 -1.97 48.67
N PRO I 52 12.66 -1.58 49.94
CA PRO I 52 13.75 -0.72 50.42
C PRO I 52 15.08 -1.44 50.41
N SER I 53 16.12 -0.72 49.98
CA SER I 53 17.46 -1.27 49.90
C SER I 53 18.46 -0.12 49.82
N GLU I 54 19.71 -0.44 50.08
CA GLU I 54 20.75 0.59 50.17
C GLU I 54 20.93 1.35 48.86
N SER I 55 21.01 0.63 47.73
CA SER I 55 21.12 1.31 46.46
C SER I 55 19.85 2.06 46.07
N ALA I 56 18.69 1.55 46.48
CA ALA I 56 17.47 2.31 46.32
C ALA I 56 17.50 3.60 47.13
N LEU I 57 18.01 3.54 48.36
CA LEU I 57 18.15 4.75 49.17
C LEU I 57 19.07 5.76 48.51
N VAL I 58 20.23 5.31 48.04
CA VAL I 58 21.17 6.21 47.37
C VAL I 58 20.53 6.86 46.14
N SER I 59 19.86 6.07 45.31
CA SER I 59 19.26 6.64 44.09
C SER I 59 18.09 7.57 44.43
N HIS I 60 17.32 7.24 45.45
CA HIS I 60 16.25 8.14 45.90
C HIS I 60 16.81 9.47 46.36
N ASN I 61 17.85 9.45 47.19
CA ASN I 61 18.47 10.69 47.62
C ASN I 61 19.01 11.51 46.45
N LYS I 62 19.66 10.87 45.49
CA LYS I 62 20.11 11.61 44.30
C LYS I 62 18.94 12.23 43.53
N ALA I 63 17.83 11.52 43.42
CA ALA I 63 16.65 12.10 42.78
C ALA I 63 16.10 13.29 43.56
N ILE I 64 16.13 13.23 44.89
CA ILE I 64 15.76 14.39 45.69
C ILE I 64 16.68 15.57 45.42
N VAL I 65 17.97 15.30 45.23
CA VAL I 65 18.90 16.39 44.90
C VAL I 65 18.57 17.03 43.55
N GLU I 66 18.23 16.22 42.55
CA GLU I 66 17.85 16.83 41.27
C GLU I 66 16.52 17.57 41.32
N HIS I 67 15.58 17.07 42.11
CA HIS I 67 14.33 17.80 42.33
C HIS I 67 14.58 19.14 43.02
N ASN I 68 15.40 19.14 44.06
CA ASN I 68 15.76 20.40 44.71
C ASN I 68 16.46 21.37 43.77
N ALA I 69 17.34 20.88 42.91
CA ALA I 69 17.95 21.78 41.93
C ALA I 69 16.92 22.42 41.01
N ILE I 70 15.89 21.66 40.63
CA ILE I 70 14.78 22.26 39.86
C ILE I 70 14.04 23.33 40.67
N ILE I 71 13.77 23.05 41.94
CA ILE I 71 13.14 24.06 42.80
C ILE I 71 13.98 25.33 42.87
N VAL I 72 15.29 25.18 43.04
CA VAL I 72 16.17 26.34 43.11
C VAL I 72 16.12 27.16 41.83
N GLU I 73 16.16 26.50 40.67
CA GLU I 73 15.97 27.25 39.43
C GLU I 73 14.61 27.95 39.36
N ASN I 74 13.56 27.31 39.87
CA ASN I 74 12.26 27.98 39.94
C ASN I 74 12.32 29.25 40.77
N ASN I 75 12.97 29.18 41.93
CA ASN I 75 13.08 30.34 42.80
C ASN I 75 13.97 31.43 42.19
N ARG I 76 14.97 31.03 41.42
CA ARG I 76 15.77 32.01 40.70
C ARG I 76 14.93 32.76 39.68
N ILE I 77 14.12 32.03 38.92
CA ILE I 77 13.28 32.69 37.92
C ILE I 77 12.27 33.61 38.60
N ILE I 78 11.71 33.19 39.73
CA ILE I 78 10.80 34.07 40.46
C ILE I 78 11.50 35.35 40.90
N ALA I 79 12.71 35.23 41.46
CA ALA I 79 13.44 36.44 41.85
C ALA I 79 13.74 37.34 40.66
N ALA I 80 14.01 36.75 39.49
CA ALA I 80 14.23 37.57 38.31
C ALA I 80 12.96 38.32 37.93
N VAL I 81 11.84 37.61 37.89
CA VAL I 81 10.59 38.25 37.53
C VAL I 81 10.28 39.38 38.50
N LEU I 82 10.44 39.14 39.80
CA LEU I 82 10.18 40.19 40.77
C LEU I 82 11.08 41.40 40.57
N GLU I 83 12.35 41.19 40.23
CA GLU I 83 13.21 42.33 39.96
C GLU I 83 12.73 43.13 38.75
N LEU I 84 12.26 42.45 37.69
CA LEU I 84 11.70 43.18 36.56
C LEU I 84 10.39 43.90 36.90
N ILE I 85 9.55 43.27 37.71
CA ILE I 85 8.30 43.88 38.14
C ILE I 85 8.55 45.11 39.00
N VAL I 86 9.44 45.00 39.99
CA VAL I 86 9.71 46.14 40.84
C VAL I 86 10.35 47.27 40.05
N ARG I 87 11.27 46.97 39.13
CA ARG I 87 11.78 48.05 38.30
C ARG I 87 10.67 48.66 37.44
N ALA I 88 9.67 47.87 37.06
CA ALA I 88 8.51 48.43 36.35
C ALA I 88 7.72 49.41 37.22
N VAL I 89 7.35 48.99 38.42
CA VAL I 89 6.56 49.85 39.30
C VAL I 89 7.39 50.92 40.00
N GLY I 90 8.66 50.65 40.28
CA GLY I 90 9.44 51.46 41.20
C GLY I 90 9.63 50.85 42.57
N MET I 91 10.88 50.90 43.04
CA MET I 91 11.24 50.52 44.40
C MET I 91 10.57 51.41 45.44
N THR I 92 10.59 50.90 46.68
CA THR I 92 10.26 51.68 47.86
C THR I 92 11.16 51.19 48.99
N ASP I 93 11.23 51.99 50.07
CA ASP I 93 12.12 51.65 51.19
C ASP I 93 11.97 50.20 51.63
N GLU I 94 10.75 49.78 51.94
CA GLU I 94 10.55 48.41 52.43
C GLU I 94 10.76 47.40 51.32
N ILE I 95 10.44 47.76 50.08
CA ILE I 95 10.70 46.86 48.97
C ILE I 95 12.20 46.71 48.78
N LEU I 96 12.94 47.81 48.78
CA LEU I 96 14.39 47.70 48.57
C LEU I 96 15.04 46.88 49.67
N LEU I 97 14.62 47.06 50.92
CA LEU I 97 15.16 46.24 52.00
C LEU I 97 14.79 44.76 51.85
N ALA I 98 13.59 44.48 51.36
CA ALA I 98 13.23 43.09 51.12
C ALA I 98 13.96 42.49 49.92
N LEU I 99 14.23 43.28 48.89
CA LEU I 99 15.02 42.77 47.77
C LEU I 99 16.48 42.53 48.15
N LEU I 100 17.06 43.36 49.01
CA LEU I 100 18.40 43.04 49.50
C LEU I 100 18.40 41.77 50.34
N GLU I 101 17.33 41.56 51.12
CA GLU I 101 17.20 40.29 51.83
C GLU I 101 17.01 39.12 50.87
N LEU I 102 16.27 39.33 49.79
CA LEU I 102 16.08 38.29 48.79
C LEU I 102 17.37 37.94 48.08
N LYS I 103 18.14 38.93 47.66
CA LYS I 103 19.40 38.64 46.99
C LYS I 103 20.39 37.92 47.91
N ALA I 104 20.41 38.30 49.19
CA ALA I 104 21.23 37.54 50.13
C ALA I 104 20.76 36.09 50.21
N SER I 105 19.46 35.88 50.39
CA SER I 105 18.96 34.52 50.50
C SER I 105 19.19 33.71 49.22
N THR I 106 19.10 34.36 48.06
CA THR I 106 19.45 33.71 46.79
C THR I 106 20.90 33.22 46.79
N ALA I 107 21.83 34.05 47.25
CA ALA I 107 23.21 33.61 47.25
C ALA I 107 23.41 32.48 48.27
N ARG I 108 22.81 32.61 49.44
CA ARG I 108 22.90 31.55 50.44
C ARG I 108 22.36 30.24 49.88
N LEU I 109 21.28 30.31 49.10
CA LEU I 109 20.75 29.10 48.48
C LEU I 109 21.69 28.52 47.45
N LYS I 110 22.31 29.34 46.59
CA LYS I 110 23.28 28.76 45.66
C LYS I 110 24.42 28.06 46.39
N VAL I 111 24.86 28.64 47.50
CA VAL I 111 25.90 28.01 48.31
C VAL I 111 25.42 26.67 48.87
N ALA I 112 24.26 26.65 49.52
CA ALA I 112 23.77 25.39 50.08
C ALA I 112 23.49 24.35 49.00
N THR I 113 23.07 24.79 47.81
CA THR I 113 22.90 23.87 46.68
C THR I 113 24.22 23.19 46.30
N ALA I 114 25.28 23.97 46.14
CA ALA I 114 26.59 23.36 45.92
C ALA I 114 27.02 22.45 47.07
N LEU I 115 26.81 22.87 48.31
CA LEU I 115 27.11 22.00 49.44
C LEU I 115 26.41 20.65 49.33
N LEU I 116 25.10 20.70 49.08
CA LEU I 116 24.32 19.47 48.96
C LEU I 116 24.82 18.61 47.82
N ARG I 117 25.04 19.18 46.64
CA ARG I 117 25.54 18.38 45.53
C ARG I 117 26.87 17.70 45.85
N MET I 118 27.73 18.38 46.60
CA MET I 118 29.05 17.80 46.88
C MET I 118 28.96 16.67 47.91
N ILE I 119 28.21 16.86 48.99
CA ILE I 119 27.99 15.74 49.90
C ILE I 119 27.16 14.62 49.27
N THR I 120 26.29 14.93 48.31
CA THR I 120 25.67 13.90 47.50
C THR I 120 26.71 13.05 46.77
N GLU I 121 27.67 13.70 46.11
CA GLU I 121 28.72 12.93 45.44
C GLU I 121 29.55 12.11 46.42
N GLU I 122 29.83 12.66 47.60
CA GLU I 122 30.49 11.85 48.64
C GLU I 122 29.66 10.63 49.01
N LEU I 123 28.36 10.79 49.20
CA LEU I 123 27.51 9.64 49.54
C LEU I 123 27.49 8.61 48.43
N LYS I 124 27.26 9.06 47.19
CA LYS I 124 27.24 8.16 46.05
C LYS I 124 28.53 7.35 45.96
N LYS I 125 29.67 8.02 46.15
CA LYS I 125 30.95 7.33 46.06
C LYS I 125 31.17 6.38 47.24
N ASN I 126 30.82 6.77 48.45
CA ASN I 126 31.14 5.99 49.65
C ASN I 126 29.91 5.85 50.54
N PRO I 127 28.86 5.19 50.04
CA PRO I 127 27.60 5.13 50.78
C PRO I 127 27.64 4.20 51.97
N SER I 128 26.91 4.60 53.01
CA SER I 128 26.72 3.79 54.21
C SER I 128 25.55 4.41 54.98
N GLU I 129 25.05 3.67 55.97
CA GLU I 129 23.91 4.15 56.73
C GLU I 129 24.21 5.47 57.42
N ASP I 130 25.39 5.59 58.03
CA ASP I 130 25.77 6.86 58.63
C ASP I 130 25.77 7.97 57.59
N ALA I 131 26.29 7.68 56.40
CA ALA I 131 26.30 8.66 55.33
C ALA I 131 24.89 9.01 54.88
N LEU I 132 23.97 8.04 54.88
CA LEU I 132 22.58 8.36 54.56
C LEU I 132 21.97 9.27 55.60
N VAL I 133 22.24 9.02 56.88
CA VAL I 133 21.72 9.93 57.91
C VAL I 133 22.25 11.34 57.71
N GLU I 134 23.57 11.47 57.55
CA GLU I 134 24.16 12.78 57.33
C GLU I 134 23.58 13.46 56.11
N HIS I 135 23.35 12.70 55.04
CA HIS I 135 22.79 13.25 53.82
C HIS I 135 21.35 13.71 54.03
N ASN I 136 20.54 12.91 54.72
CA ASN I 136 19.17 13.32 55.01
C ASN I 136 19.13 14.60 55.85
N ARG I 137 20.01 14.71 56.84
CA ARG I 137 20.08 15.94 57.63
C ARG I 137 20.47 17.13 56.77
N ALA I 138 21.38 16.93 55.80
CA ALA I 138 21.71 18.04 54.92
C ALA I 138 20.60 18.39 53.94
N ILE I 139 19.82 17.41 53.51
CA ILE I 139 18.61 17.71 52.72
C ILE I 139 17.63 18.53 53.54
N VAL I 140 17.43 18.17 54.81
CA VAL I 140 16.50 18.91 55.65
C VAL I 140 16.98 20.35 55.87
N ASN I 141 18.29 20.56 56.00
CA ASN I 141 18.78 21.93 56.07
C ASN I 141 18.61 22.69 54.75
N HIS I 142 18.86 22.02 53.63
CA HIS I 142 18.63 22.65 52.33
C HIS I 142 17.18 23.08 52.18
N ASN I 143 16.25 22.19 52.49
CA ASN I 143 14.84 22.56 52.47
C ASN I 143 14.53 23.73 53.40
N ALA I 144 15.04 23.73 54.63
CA ALA I 144 14.81 24.88 55.49
C ALA I 144 15.29 26.19 54.88
N ILE I 145 16.35 26.14 54.09
CA ILE I 145 16.78 27.35 53.39
C ILE I 145 15.82 27.72 52.25
N ILE I 146 15.33 26.73 51.52
CA ILE I 146 14.26 26.98 50.54
C ILE I 146 13.07 27.66 51.20
N VAL I 147 12.63 27.13 52.34
CA VAL I 147 11.53 27.76 53.08
C VAL I 147 11.82 29.23 53.37
N GLU I 148 12.99 29.55 53.90
CA GLU I 148 13.29 30.96 54.14
C GLU I 148 13.27 31.79 52.85
N ASN I 149 13.77 31.21 51.75
CA ASN I 149 13.66 31.89 50.46
C ASN I 149 12.21 32.16 50.09
N ASN I 150 11.32 31.22 50.36
CA ASN I 150 9.93 31.41 49.99
C ASN I 150 9.27 32.44 50.90
N ARG I 151 9.68 32.50 52.16
CA ARG I 151 9.07 33.51 53.02
C ARG I 151 9.47 34.90 52.56
N ILE I 152 10.72 35.07 52.14
CA ILE I 152 11.15 36.38 51.68
C ILE I 152 10.46 36.77 50.38
N ILE I 153 10.36 35.83 49.44
CA ILE I 153 9.61 36.11 48.20
C ILE I 153 8.15 36.46 48.48
N ALA I 154 7.50 35.73 49.38
CA ALA I 154 6.15 36.11 49.79
C ALA I 154 6.09 37.48 50.45
N ALA I 155 7.09 37.83 51.26
CA ALA I 155 7.09 39.16 51.86
C ALA I 155 7.23 40.24 50.78
N VAL I 156 8.06 39.98 49.77
CA VAL I 156 8.19 40.92 48.66
C VAL I 156 6.85 41.10 47.97
N LEU I 157 6.15 40.01 47.66
CA LEU I 157 4.86 40.15 46.98
C LEU I 157 3.84 40.87 47.86
N GLU I 158 3.85 40.58 49.17
CA GLU I 158 3.00 41.33 50.10
C GLU I 158 3.28 42.83 50.04
N LEU I 159 4.55 43.22 49.99
CA LEU I 159 4.90 44.62 49.90
C LEU I 159 4.50 45.23 48.57
N ILE I 160 4.72 44.52 47.46
CA ILE I 160 4.34 45.06 46.16
C ILE I 160 2.84 45.31 46.10
N VAL I 161 2.04 44.35 46.53
CA VAL I 161 0.59 44.56 46.52
C VAL I 161 0.19 45.72 47.44
N ARG I 162 0.70 45.75 48.68
CA ARG I 162 0.33 46.87 49.54
C ARG I 162 0.80 48.22 49.00
N ALA I 163 1.96 48.27 48.35
CA ALA I 163 2.45 49.51 47.76
C ALA I 163 1.58 49.97 46.59
N LEU I 164 1.18 49.05 45.72
CA LEU I 164 0.25 49.43 44.66
C LEU I 164 -1.10 49.85 45.21
N ASN I 165 -1.50 49.33 46.38
CA ASN I 165 -2.84 49.57 46.91
C ASN I 165 -3.89 48.86 46.05
N LEU I 166 -3.54 47.68 45.57
CA LEU I 166 -4.36 46.99 44.58
C LEU I 166 -5.60 46.40 45.24
N THR I 167 -6.76 46.72 44.65
CA THR I 167 -8.05 46.43 45.26
C THR I 167 -8.70 45.16 44.72
N ASP I 168 -8.03 44.43 43.82
CA ASP I 168 -8.64 43.27 43.20
C ASP I 168 -8.90 42.20 44.25
N GLU I 169 -10.16 41.78 44.36
CA GLU I 169 -10.51 40.72 45.31
C GLU I 169 -9.86 39.40 44.96
N GLU I 170 -9.60 39.15 43.67
CA GLU I 170 -8.83 37.97 43.30
C GLU I 170 -7.43 38.02 43.87
N VAL I 171 -6.82 39.20 43.91
CA VAL I 171 -5.49 39.33 44.52
C VAL I 171 -5.57 39.13 46.02
N ARG I 172 -6.55 39.73 46.69
CA ARG I 172 -6.65 39.54 48.14
C ARG I 172 -6.86 38.07 48.48
N LYS I 173 -7.74 37.39 47.75
CA LYS I 173 -7.93 35.96 47.95
C LYS I 173 -6.63 35.18 47.75
N ALA I 174 -5.91 35.46 46.67
CA ALA I 174 -4.64 34.77 46.47
C ALA I 174 -3.62 35.07 47.55
N LEU I 175 -3.63 36.27 48.13
CA LEU I 175 -2.75 36.54 49.26
C LEU I 175 -3.17 35.83 50.53
N GLU I 176 -4.47 35.66 50.76
CA GLU I 176 -4.91 34.84 51.89
C GLU I 176 -4.47 33.39 51.71
N GLU I 177 -4.55 32.88 50.49
CA GLU I 177 -3.98 31.57 50.20
C GLU I 177 -2.47 31.54 50.42
N LEU I 178 -1.75 32.58 50.01
CA LEU I 178 -0.30 32.56 50.16
C LEU I 178 0.13 32.63 51.62
N LYS I 179 -0.53 33.45 52.44
CA LYS I 179 -0.24 33.48 53.87
C LYS I 179 -0.62 32.18 54.58
N ALA I 180 -1.74 31.57 54.23
CA ALA I 180 -2.05 30.25 54.79
C ALA I 180 -1.00 29.21 54.40
N SER I 181 -0.63 29.16 53.13
CA SER I 181 0.42 28.24 52.70
C SER I 181 1.74 28.51 53.41
N THR I 182 2.07 29.77 53.67
CA THR I 182 3.31 30.10 54.38
C THR I 182 3.30 29.60 55.83
N ALA I 183 2.22 29.85 56.56
CA ALA I 183 2.14 29.32 57.92
C ALA I 183 2.14 27.79 57.94
N GLU I 184 1.46 27.17 56.99
CA GLU I 184 1.52 25.73 56.84
C GLU I 184 2.95 25.26 56.58
N LEU I 185 3.70 25.99 55.76
CA LEU I 185 5.07 25.61 55.46
C LEU I 185 5.98 25.76 56.67
N LYS I 186 5.77 26.79 57.51
CA LYS I 186 6.50 26.83 58.78
C LYS I 186 6.21 25.60 59.63
N ARG I 187 4.93 25.26 59.81
CA ARG I 187 4.61 24.09 60.62
C ARG I 187 5.22 22.81 60.05
N ALA I 188 5.12 22.60 58.74
CA ALA I 188 5.71 21.41 58.14
C ALA I 188 7.23 21.39 58.28
N THR I 189 7.88 22.54 58.16
CA THR I 189 9.32 22.60 58.37
C THR I 189 9.70 22.20 59.79
N ALA I 190 8.99 22.76 60.77
CA ALA I 190 9.24 22.36 62.16
C ALA I 190 9.03 20.86 62.37
N SER I 191 7.95 20.31 61.84
CA SER I 191 7.71 18.87 61.95
C SER I 191 8.84 18.05 61.34
N LEU I 192 9.37 18.50 60.20
CA LEU I 192 10.43 17.74 59.56
C LEU I 192 11.73 17.85 60.34
N ARG I 193 12.02 19.01 60.92
CA ARG I 193 13.19 19.11 61.79
C ARG I 193 13.04 18.25 63.04
N ALA I 194 11.81 18.08 63.53
CA ALA I 194 11.60 17.22 64.70
C ALA I 194 11.89 15.76 64.39
N ILE I 195 11.30 15.24 63.32
CA ILE I 195 11.61 13.85 62.97
C ILE I 195 13.06 13.68 62.53
N THR I 196 13.67 14.70 61.93
CA THR I 196 15.11 14.64 61.66
C THR I 196 15.94 14.49 62.93
N GLU I 197 15.60 15.24 63.99
CA GLU I 197 16.28 15.03 65.27
C GLU I 197 16.00 13.66 65.87
N GLU I 198 14.82 13.10 65.61
CA GLU I 198 14.60 11.70 65.99
C GLU I 198 15.51 10.77 65.21
N LEU I 199 15.56 10.92 63.89
CA LEU I 199 16.37 10.03 63.07
C LEU I 199 17.81 10.08 63.53
N LYS I 200 18.34 11.29 63.69
CA LYS I 200 19.71 11.45 64.17
C LYS I 200 19.90 10.74 65.50
N LYS I 201 18.88 10.73 66.35
CA LYS I 201 18.99 9.96 67.58
C LYS I 201 18.89 8.46 67.34
N ASN I 202 17.98 8.01 66.49
CA ASN I 202 17.69 6.57 66.33
C ASN I 202 17.69 6.14 64.86
N PRO I 203 18.84 6.23 64.19
CA PRO I 203 18.88 5.92 62.76
C PRO I 203 18.70 4.43 62.49
N SER I 204 17.80 4.13 61.54
CA SER I 204 17.59 2.76 61.09
C SER I 204 17.00 2.81 59.68
N GLU I 205 17.18 1.73 58.93
CA GLU I 205 16.61 1.65 57.59
C GLU I 205 15.11 1.95 57.60
N ASP I 206 14.37 1.38 58.56
CA ASP I 206 12.95 1.69 58.63
C ASP I 206 12.75 3.18 58.90
N ALA I 207 13.65 3.76 59.71
CA ALA I 207 13.55 5.18 59.98
C ALA I 207 13.94 5.97 58.75
N LEU I 208 15.01 5.57 58.08
CA LEU I 208 15.43 6.27 56.87
C LEU I 208 14.28 6.33 55.85
N VAL I 209 13.52 5.24 55.74
CA VAL I 209 12.39 5.20 54.81
C VAL I 209 11.29 6.15 55.27
N GLU I 210 10.87 6.05 56.53
CA GLU I 210 9.84 6.95 57.04
C GLU I 210 10.27 8.40 56.91
N HIS I 211 11.55 8.66 57.07
CA HIS I 211 12.07 10.02 57.01
C HIS I 211 12.03 10.52 55.57
N ASN I 212 12.54 9.74 54.63
CA ASN I 212 12.49 10.16 53.23
C ASN I 212 11.05 10.42 52.78
N ARG I 213 10.11 9.61 53.27
CA ARG I 213 8.70 9.91 53.04
C ARG I 213 8.30 11.28 53.55
N ALA I 214 8.67 11.61 54.79
CA ALA I 214 8.33 12.94 55.31
C ALA I 214 9.02 14.06 54.53
N ILE I 215 10.25 13.83 54.08
CA ILE I 215 10.90 14.79 53.17
C ILE I 215 10.04 15.03 51.94
N VAL I 216 9.59 13.95 51.30
CA VAL I 216 8.81 14.11 50.08
C VAL I 216 7.49 14.84 50.32
N GLU I 217 6.88 14.62 51.49
CA GLU I 217 5.70 15.44 51.84
C GLU I 217 6.04 16.91 51.99
N HIS I 218 7.19 17.20 52.61
CA HIS I 218 7.61 18.59 52.77
C HIS I 218 7.84 19.24 51.41
N ASN I 219 8.55 18.56 50.52
CA ASN I 219 8.75 19.08 49.17
C ASN I 219 7.44 19.30 48.44
N ALA I 220 6.46 18.42 48.61
CA ALA I 220 5.16 18.65 47.99
C ALA I 220 4.51 19.94 48.49
N ILE I 221 4.63 20.22 49.78
CA ILE I 221 4.09 21.47 50.32
C ILE I 221 4.84 22.68 49.76
N ILE I 222 6.16 22.57 49.58
CA ILE I 222 6.90 23.66 48.95
C ILE I 222 6.44 23.90 47.52
N VAL I 223 6.14 22.82 46.78
CA VAL I 223 5.64 22.99 45.42
C VAL I 223 4.28 23.67 45.39
N GLU I 224 3.39 23.33 46.32
CA GLU I 224 2.14 24.09 46.46
C GLU I 224 2.40 25.56 46.78
N ASN I 225 3.39 25.85 47.62
CA ASN I 225 3.72 27.25 47.89
C ASN I 225 4.18 27.96 46.62
N ASN I 226 5.01 27.31 45.81
CA ASN I 226 5.48 27.93 44.58
C ASN I 226 4.34 28.13 43.58
N ARG I 227 3.36 27.24 43.57
CA ARG I 227 2.18 27.46 42.72
C ARG I 227 1.43 28.72 43.15
N ILE I 228 1.18 28.87 44.45
CA ILE I 228 0.44 30.05 44.89
C ILE I 228 1.24 31.32 44.59
N ILE I 229 2.55 31.29 44.83
CA ILE I 229 3.40 32.41 44.50
C ILE I 229 3.26 32.79 43.03
N ALA I 230 3.29 31.79 42.14
CA ALA I 230 3.12 32.10 40.73
C ALA I 230 1.74 32.68 40.41
N LEU I 231 0.70 32.26 41.12
CA LEU I 231 -0.60 32.90 40.89
C LEU I 231 -0.58 34.36 41.32
N VAL I 232 0.09 34.66 42.43
CA VAL I 232 0.18 36.06 42.83
C VAL I 232 0.96 36.88 41.81
N LEU I 233 2.11 36.38 41.34
CA LEU I 233 2.81 37.13 40.29
C LEU I 233 1.95 37.37 39.07
N LEU I 234 1.24 36.35 38.59
CA LEU I 234 0.38 36.53 37.42
C LEU I 234 -0.72 37.56 37.65
N LEU I 235 -1.37 37.51 38.81
CA LEU I 235 -2.37 38.53 39.14
C LEU I 235 -1.79 39.93 39.22
N ILE I 236 -0.61 40.08 39.80
CA ILE I 236 0.01 41.40 39.87
C ILE I 236 0.33 41.92 38.48
N VAL I 237 0.98 41.10 37.65
CA VAL I 237 1.36 41.55 36.32
C VAL I 237 0.14 41.91 35.48
N LEU I 238 -0.99 41.23 35.70
CA LEU I 238 -2.22 41.67 35.04
C LEU I 238 -2.78 42.96 35.63
N ALA I 239 -2.68 43.15 36.94
CA ALA I 239 -3.27 44.34 37.56
C ALA I 239 -2.51 45.63 37.28
N ILE I 240 -1.18 45.59 37.17
CA ILE I 240 -0.46 46.80 36.78
C ILE I 240 -0.85 47.18 35.36
N GLY J 15 8.50 -18.03 12.14
CA GLY J 15 9.15 -16.93 11.47
C GLY J 15 10.66 -17.07 11.38
N SER J 16 11.30 -16.10 10.75
CA SER J 16 12.75 -16.05 10.66
C SER J 16 13.35 -15.38 11.88
N GLU J 17 14.65 -15.59 12.07
CA GLU J 17 15.36 -14.98 13.19
C GLU J 17 15.25 -13.47 13.18
N GLU J 18 15.17 -12.86 12.00
CA GLU J 18 14.93 -11.42 11.96
C GLU J 18 13.56 -11.08 12.53
N GLU J 19 12.53 -11.85 12.15
CA GLU J 19 11.19 -11.58 12.68
C GLU J 19 11.15 -11.79 14.19
N ILE J 20 11.68 -12.90 14.67
CA ILE J 20 11.66 -13.17 16.11
C ILE J 20 12.39 -12.07 16.87
N ALA J 21 13.59 -11.69 16.42
CA ALA J 21 14.35 -10.65 17.09
C ALA J 21 13.63 -9.30 17.06
N LYS J 22 13.11 -8.91 15.89
CA LYS J 22 12.33 -7.69 15.81
C LYS J 22 11.15 -7.71 16.77
N ALA J 23 10.39 -8.80 16.78
CA ALA J 23 9.24 -8.91 17.66
C ALA J 23 9.63 -8.88 19.14
N LEU J 24 10.78 -9.43 19.50
CA LEU J 24 11.27 -9.30 20.88
C LEU J 24 11.72 -7.88 21.21
N GLU J 25 12.26 -7.15 20.23
CA GLU J 25 12.48 -5.72 20.42
C GLU J 25 11.17 -4.98 20.64
N GLU J 26 10.12 -5.34 19.89
CA GLU J 26 8.81 -4.76 20.12
C GLU J 26 8.25 -5.15 21.48
N LEU J 27 8.52 -6.37 21.92
CA LEU J 27 8.06 -6.81 23.23
C LEU J 27 8.72 -6.02 24.34
N VAL J 28 10.05 -5.87 24.28
CA VAL J 28 10.75 -5.11 25.32
C VAL J 28 10.36 -3.63 25.28
N ALA J 29 10.12 -3.08 24.09
CA ALA J 29 9.53 -1.74 23.99
C ALA J 29 8.17 -1.66 24.68
N SER J 30 7.32 -2.65 24.45
CA SER J 30 6.02 -2.68 25.10
C SER J 30 6.16 -2.85 26.61
N LEU J 31 7.16 -3.60 27.07
CA LEU J 31 7.40 -3.72 28.50
C LEU J 31 7.83 -2.41 29.12
N ALA J 32 8.74 -1.69 28.45
CA ALA J 32 9.12 -0.38 28.95
C ALA J 32 7.93 0.57 29.02
N GLU J 33 7.12 0.59 27.95
CA GLU J 33 5.89 1.39 27.96
C GLU J 33 4.94 0.97 29.08
N LEU J 34 4.79 -0.33 29.31
CA LEU J 34 3.95 -0.83 30.39
C LEU J 34 4.46 -0.41 31.76
N LYS J 35 5.77 -0.50 31.98
CA LYS J 35 6.35 -0.03 33.24
C LYS J 35 6.07 1.45 33.45
N ARG J 36 6.34 2.26 32.43
CA ARG J 36 6.09 3.69 32.52
C ARG J 36 4.62 3.97 32.88
N ALA J 37 3.69 3.28 32.21
CA ALA J 37 2.28 3.44 32.51
C ALA J 37 1.95 3.00 33.93
N THR J 38 2.61 1.95 34.44
CA THR J 38 2.35 1.53 35.81
C THR J 38 2.80 2.58 36.79
N LEU J 39 3.95 3.20 36.54
CA LEU J 39 4.42 4.27 37.41
C LEU J 39 3.43 5.44 37.40
N LYS J 40 3.03 5.89 36.21
CA LYS J 40 2.02 6.94 36.10
C LYS J 40 0.73 6.59 36.86
N LEU J 41 0.26 5.35 36.71
CA LEU J 41 -0.96 4.96 37.40
C LEU J 41 -0.78 5.00 38.92
N LEU J 42 0.40 4.62 39.41
CA LEU J 42 0.64 4.75 40.84
C LEU J 42 0.60 6.20 41.27
N VAL J 43 1.11 7.10 40.43
CA VAL J 43 1.07 8.52 40.76
C VAL J 43 -0.38 8.96 40.95
N ILE J 44 -1.20 8.73 39.93
CA ILE J 44 -2.57 9.23 40.02
C ILE J 44 -3.35 8.50 41.11
N THR J 45 -2.99 7.25 41.42
CA THR J 45 -3.56 6.57 42.57
C THR J 45 -3.25 7.30 43.86
N GLU J 46 -2.02 7.79 44.02
CA GLU J 46 -1.70 8.56 45.21
C GLU J 46 -2.48 9.88 45.24
N GLU J 47 -2.54 10.57 44.11
CA GLU J 47 -3.28 11.83 44.06
C GLU J 47 -4.75 11.63 44.41
N LEU J 48 -5.35 10.57 43.89
CA LEU J 48 -6.73 10.22 44.25
C LEU J 48 -6.87 9.89 45.74
N LYS J 49 -5.91 9.14 46.29
CA LYS J 49 -5.96 8.84 47.72
C LYS J 49 -5.92 10.11 48.57
N LYS J 50 -5.05 11.05 48.21
CA LYS J 50 -4.91 12.27 49.00
C LYS J 50 -6.12 13.21 48.85
N ASN J 51 -6.66 13.34 47.65
CA ASN J 51 -7.71 14.33 47.36
C ASN J 51 -8.85 13.72 46.58
N PRO J 52 -9.54 12.73 47.16
CA PRO J 52 -10.51 11.95 46.38
C PRO J 52 -11.72 12.79 46.02
N SER J 53 -12.19 12.61 44.79
CA SER J 53 -13.34 13.36 44.29
C SER J 53 -13.92 12.65 43.08
N GLU J 54 -15.15 13.02 42.73
CA GLU J 54 -15.87 12.32 41.68
C GLU J 54 -15.18 12.42 40.33
N SER J 55 -14.74 13.63 39.95
CA SER J 55 -14.01 13.75 38.69
C SER J 55 -12.63 13.10 38.75
N ALA J 56 -12.01 13.11 39.92
CA ALA J 56 -10.79 12.34 40.12
C ALA J 56 -11.03 10.84 39.96
N LEU J 57 -12.14 10.32 40.51
CA LEU J 57 -12.47 8.92 40.32
C LEU J 57 -12.67 8.58 38.86
N VAL J 58 -13.44 9.39 38.13
CA VAL J 58 -13.67 9.15 36.71
C VAL J 58 -12.36 9.14 35.93
N SER J 59 -11.49 10.14 36.17
CA SER J 59 -10.24 10.19 35.41
C SER J 59 -9.29 9.06 35.79
N HIS J 60 -9.27 8.68 37.06
CA HIS J 60 -8.47 7.53 37.47
C HIS J 60 -8.94 6.25 36.78
N ASN J 61 -10.25 6.00 36.79
CA ASN J 61 -10.77 4.83 36.09
C ASN J 61 -10.42 4.84 34.61
N LYS J 62 -10.57 5.98 33.94
CA LYS J 62 -10.17 6.03 32.53
C LYS J 62 -8.68 5.74 32.34
N ALA J 63 -7.83 6.22 33.25
CA ALA J 63 -6.41 5.87 33.16
C ALA J 63 -6.17 4.37 33.36
N ILE J 64 -6.91 3.74 34.27
CA ILE J 64 -6.84 2.28 34.43
C ILE J 64 -7.25 1.57 33.15
N VAL J 65 -8.26 2.09 32.47
CA VAL J 65 -8.67 1.49 31.19
C VAL J 65 -7.57 1.60 30.14
N GLU J 66 -6.88 2.74 30.07
CA GLU J 66 -5.78 2.83 29.11
C GLU J 66 -4.58 1.95 29.50
N HIS J 67 -4.32 1.80 30.79
CA HIS J 67 -3.30 0.87 31.24
C HIS J 67 -3.64 -0.58 30.86
N ASN J 68 -4.88 -0.99 31.10
CA ASN J 68 -5.30 -2.33 30.68
C ASN J 68 -5.18 -2.50 29.17
N ALA J 69 -5.54 -1.49 28.38
CA ALA J 69 -5.35 -1.61 26.94
C ALA J 69 -3.89 -1.83 26.56
N ILE J 70 -2.96 -1.18 27.27
CA ILE J 70 -1.54 -1.46 27.04
C ILE J 70 -1.19 -2.90 27.39
N ILE J 71 -1.70 -3.41 28.51
CA ILE J 71 -1.46 -4.81 28.85
C ILE J 71 -1.96 -5.74 27.75
N VAL J 72 -3.16 -5.47 27.24
CA VAL J 72 -3.74 -6.30 26.18
C VAL J 72 -2.86 -6.30 24.93
N GLU J 73 -2.38 -5.12 24.52
CA GLU J 73 -1.42 -5.10 23.41
C GLU J 73 -0.14 -5.88 23.71
N ASN J 74 0.34 -5.82 24.95
CA ASN J 74 1.48 -6.66 25.35
C ASN J 74 1.19 -8.14 25.15
N ASN J 75 0.01 -8.59 25.59
CA ASN J 75 -0.35 -9.99 25.45
C ASN J 75 -0.55 -10.39 23.99
N ARG J 76 -1.02 -9.47 23.15
CA ARG J 76 -1.10 -9.78 21.73
C ARG J 76 0.29 -10.00 21.15
N ILE J 77 1.24 -9.13 21.49
CA ILE J 77 2.59 -9.30 20.97
C ILE J 77 3.21 -10.60 21.48
N ILE J 78 2.98 -10.94 22.74
CA ILE J 78 3.48 -12.20 23.27
C ILE J 78 2.91 -13.39 22.51
N ALA J 79 1.60 -13.39 22.27
CA ALA J 79 0.99 -14.47 21.50
C ALA J 79 1.57 -14.57 20.08
N ALA J 80 1.87 -13.43 19.48
CA ALA J 80 2.49 -13.45 18.15
C ALA J 80 3.86 -14.11 18.22
N VAL J 81 4.68 -13.68 19.18
CA VAL J 81 6.01 -14.23 19.31
C VAL J 81 5.93 -15.73 19.54
N LEU J 82 5.04 -16.17 20.43
CA LEU J 82 4.91 -17.61 20.69
C LEU J 82 4.51 -18.38 19.44
N GLU J 83 3.63 -17.81 18.61
CA GLU J 83 3.30 -18.51 17.37
C GLU J 83 4.51 -18.65 16.45
N LEU J 84 5.33 -17.61 16.37
CA LEU J 84 6.56 -17.72 15.56
C LEU J 84 7.55 -18.72 16.17
N ILE J 85 7.68 -18.74 17.50
CA ILE J 85 8.56 -19.69 18.16
C ILE J 85 8.10 -21.12 17.94
N VAL J 86 6.81 -21.38 18.14
CA VAL J 86 6.31 -22.74 17.95
C VAL J 86 6.44 -23.18 16.51
N ARG J 87 6.15 -22.28 15.55
CA ARG J 87 6.39 -22.69 14.17
C ARG J 87 7.87 -22.95 13.91
N ALA J 88 8.76 -22.28 14.65
CA ALA J 88 10.18 -22.59 14.56
C ALA J 88 10.48 -24.01 15.06
N VAL J 89 10.01 -24.33 16.27
CA VAL J 89 10.28 -25.65 16.84
C VAL J 89 9.38 -26.74 16.26
N GLY J 90 8.16 -26.42 15.86
CA GLY J 90 7.16 -27.43 15.59
C GLY J 90 6.11 -27.60 16.66
N MET J 91 4.86 -27.68 16.22
CA MET J 91 3.74 -28.00 17.08
C MET J 91 3.88 -29.39 17.69
N THR J 92 3.10 -29.63 18.75
CA THR J 92 2.85 -30.94 19.31
C THR J 92 1.42 -30.97 19.81
N ASP J 93 0.90 -32.17 20.07
CA ASP J 93 -0.50 -32.31 20.49
C ASP J 93 -0.86 -31.34 21.60
N GLU J 94 -0.10 -31.35 22.70
CA GLU J 94 -0.44 -30.47 23.80
C GLU J 94 -0.14 -29.02 23.48
N ILE J 95 0.87 -28.76 22.66
CA ILE J 95 1.12 -27.39 22.23
C ILE J 95 -0.02 -26.92 21.35
N LEU J 96 -0.44 -27.72 20.37
CA LEU J 96 -1.50 -27.27 19.49
C LEU J 96 -2.79 -27.02 20.25
N LEU J 97 -3.12 -27.88 21.23
CA LEU J 97 -4.30 -27.64 22.04
C LEU J 97 -4.15 -26.39 22.91
N ALA J 98 -2.95 -26.11 23.41
CA ALA J 98 -2.76 -24.88 24.16
C ALA J 98 -2.77 -23.64 23.29
N LEU J 99 -2.28 -23.72 22.07
CA LEU J 99 -2.37 -22.58 21.17
C LEU J 99 -3.81 -22.31 20.72
N LEU J 100 -4.62 -23.36 20.53
CA LEU J 100 -6.04 -23.11 20.27
C LEU J 100 -6.73 -22.49 21.47
N GLU J 101 -6.35 -22.91 22.67
CA GLU J 101 -6.87 -22.26 23.87
C GLU J 101 -6.39 -20.82 23.98
N LEU J 102 -5.16 -20.56 23.59
CA LEU J 102 -4.62 -19.21 23.60
C LEU J 102 -5.35 -18.32 22.60
N LYS J 103 -5.58 -18.80 21.38
CA LYS J 103 -6.29 -17.99 20.40
C LYS J 103 -7.72 -17.70 20.84
N ALA J 104 -8.38 -18.67 21.49
CA ALA J 104 -9.68 -18.40 22.07
C ALA J 104 -9.60 -17.31 23.13
N SER J 105 -8.68 -17.44 24.07
CA SER J 105 -8.56 -16.43 25.13
C SER J 105 -8.20 -15.06 24.58
N THR J 106 -7.39 -14.99 23.52
CA THR J 106 -7.10 -13.74 22.84
C THR J 106 -8.37 -13.09 22.30
N ALA J 107 -9.23 -13.88 21.66
CA ALA J 107 -10.46 -13.28 21.14
C ALA J 107 -11.38 -12.84 22.27
N ARG J 108 -11.52 -13.66 23.31
CA ARG J 108 -12.33 -13.27 24.46
C ARG J 108 -11.81 -11.97 25.06
N LEU J 109 -10.49 -11.80 25.10
CA LEU J 109 -9.93 -10.56 25.62
C LEU J 109 -10.25 -9.38 24.72
N LYS J 110 -10.15 -9.52 23.39
CA LYS J 110 -10.54 -8.39 22.54
C LYS J 110 -11.99 -7.99 22.77
N VAL J 111 -12.86 -8.98 22.96
CA VAL J 111 -14.26 -8.70 23.27
C VAL J 111 -14.41 -7.96 24.58
N ALA J 112 -13.81 -8.48 25.65
CA ALA J 112 -13.92 -7.81 26.95
C ALA J 112 -13.28 -6.42 26.94
N THR J 113 -12.24 -6.22 26.15
CA THR J 113 -11.65 -4.90 25.98
C THR J 113 -12.64 -3.91 25.38
N ALA J 114 -13.31 -4.29 24.30
CA ALA J 114 -14.37 -3.44 23.77
C ALA J 114 -15.50 -3.21 24.77
N LEU J 115 -15.93 -4.26 25.47
CA LEU J 115 -16.95 -4.08 26.51
C LEU J 115 -16.53 -3.03 27.52
N LEU J 116 -15.32 -3.17 28.05
CA LEU J 116 -14.82 -2.23 29.05
C LEU J 116 -14.76 -0.82 28.51
N ARG J 117 -14.21 -0.63 27.32
CA ARG J 117 -14.16 0.72 26.75
C ARG J 117 -15.55 1.33 26.60
N MET J 118 -16.55 0.53 26.27
CA MET J 118 -17.87 1.10 26.07
C MET J 118 -18.55 1.47 27.39
N ILE J 119 -18.47 0.60 28.39
CA ILE J 119 -18.98 1.02 29.71
C ILE J 119 -18.15 2.14 30.34
N THR J 120 -16.86 2.22 30.02
CA THR J 120 -16.08 3.41 30.38
C THR J 120 -16.67 4.68 29.78
N GLU J 121 -16.99 4.67 28.49
CA GLU J 121 -17.61 5.84 27.88
C GLU J 121 -18.96 6.16 28.48
N GLU J 122 -19.74 5.14 28.82
CA GLU J 122 -21.00 5.39 29.56
C GLU J 122 -20.73 6.06 30.90
N LEU J 123 -19.73 5.61 31.64
CA LEU J 123 -19.42 6.24 32.93
C LEU J 123 -18.98 7.68 32.74
N LYS J 124 -18.06 7.92 31.80
CA LYS J 124 -17.59 9.27 31.52
C LYS J 124 -18.74 10.20 31.18
N LYS J 125 -19.69 9.74 30.36
CA LYS J 125 -20.81 10.58 29.97
C LYS J 125 -21.78 10.83 31.11
N ASN J 126 -22.11 9.81 31.91
CA ASN J 126 -23.15 9.91 32.94
C ASN J 126 -22.65 9.37 34.27
N PRO J 127 -21.64 9.99 34.86
CA PRO J 127 -21.01 9.44 36.05
C PRO J 127 -21.87 9.60 37.31
N SER J 128 -21.77 8.60 38.17
CA SER J 128 -22.40 8.59 39.48
C SER J 128 -21.75 7.48 40.29
N GLU J 129 -22.01 7.48 41.60
CA GLU J 129 -21.40 6.49 42.47
C GLU J 129 -21.78 5.07 42.08
N ASP J 130 -23.05 4.85 41.75
CA ASP J 130 -23.46 3.53 41.28
C ASP J 130 -22.70 3.15 40.02
N ALA J 131 -22.53 4.10 39.11
CA ALA J 131 -21.78 3.83 37.88
C ALA J 131 -20.31 3.53 38.19
N LEU J 132 -19.73 4.18 39.19
CA LEU J 132 -18.36 3.85 39.58
C LEU J 132 -18.27 2.44 40.13
N VAL J 133 -19.24 2.02 40.95
CA VAL J 133 -19.22 0.65 41.45
C VAL J 133 -19.29 -0.33 40.29
N GLU J 134 -20.25 -0.14 39.39
CA GLU J 134 -20.38 -1.05 38.25
C GLU J 134 -19.12 -1.07 37.41
N HIS J 135 -18.50 0.09 37.21
CA HIS J 135 -17.27 0.17 36.43
C HIS J 135 -16.12 -0.57 37.12
N ASN J 136 -15.97 -0.39 38.42
CA ASN J 136 -14.92 -1.12 39.13
C ASN J 136 -15.13 -2.63 39.05
N ARG J 137 -16.38 -3.10 39.19
CA ARG J 137 -16.62 -4.53 39.03
C ARG J 137 -16.29 -5.00 37.61
N ALA J 138 -16.56 -4.19 36.60
CA ALA J 138 -16.19 -4.59 35.25
C ALA J 138 -14.68 -4.56 35.02
N ILE J 139 -13.97 -3.64 35.66
CA ILE J 139 -12.51 -3.69 35.64
C ILE J 139 -12.01 -4.98 36.26
N VAL J 140 -12.59 -5.38 37.39
CA VAL J 140 -12.15 -6.61 38.04
C VAL J 140 -12.42 -7.84 37.17
N ASN J 141 -13.54 -7.86 36.44
CA ASN J 141 -13.75 -8.96 35.50
C ASN J 141 -12.77 -8.93 34.33
N HIS J 142 -12.48 -7.74 33.80
CA HIS J 142 -11.50 -7.62 32.73
C HIS J 142 -10.13 -8.14 33.18
N ASN J 143 -9.70 -7.72 34.36
CA ASN J 143 -8.45 -8.25 34.91
C ASN J 143 -8.49 -9.77 35.06
N ALA J 144 -9.58 -10.32 35.59
CA ALA J 144 -9.65 -11.78 35.67
C ALA J 144 -9.47 -12.46 34.31
N ILE J 145 -9.92 -11.81 33.24
CA ILE J 145 -9.66 -12.37 31.91
C ILE J 145 -8.21 -12.24 31.51
N ILE J 146 -7.57 -11.11 31.81
CA ILE J 146 -6.13 -10.99 31.62
C ILE J 146 -5.37 -12.09 32.34
N VAL J 147 -5.72 -12.33 33.61
CA VAL J 147 -5.11 -13.44 34.36
C VAL J 147 -5.25 -14.76 33.62
N GLU J 148 -6.46 -15.11 33.16
CA GLU J 148 -6.58 -16.37 32.42
C GLU J 148 -5.72 -16.40 31.14
N ASN J 149 -5.63 -15.26 30.44
CA ASN J 149 -4.72 -15.18 29.30
C ASN J 149 -3.29 -15.48 29.70
N ASN J 150 -2.87 -14.95 30.85
CA ASN J 150 -1.48 -15.16 31.28
C ASN J 150 -1.27 -16.60 31.71
N ARG J 151 -2.28 -17.23 32.29
CA ARG J 151 -2.11 -18.61 32.69
C ARG J 151 -1.92 -19.49 31.48
N ILE J 152 -2.66 -19.21 30.41
CA ILE J 152 -2.53 -20.01 29.21
C ILE J 152 -1.17 -19.78 28.55
N ILE J 153 -0.72 -18.53 28.48
CA ILE J 153 0.62 -18.23 27.96
C ILE J 153 1.72 -18.93 28.77
N ALA J 154 1.62 -18.91 30.09
CA ALA J 154 2.55 -19.68 30.91
C ALA J 154 2.49 -21.17 30.65
N ALA J 155 1.29 -21.72 30.46
CA ALA J 155 1.20 -23.14 30.15
C ALA J 155 1.86 -23.46 28.82
N VAL J 156 1.68 -22.59 27.83
CA VAL J 156 2.34 -22.78 26.54
C VAL J 156 3.85 -22.79 26.71
N LEU J 157 4.40 -21.82 27.45
CA LEU J 157 5.85 -21.81 27.64
C LEU J 157 6.34 -23.03 28.41
N GLU J 158 5.59 -23.47 29.41
CA GLU J 158 5.92 -24.72 30.11
C GLU J 158 5.99 -25.89 29.14
N LEU J 159 5.03 -25.98 28.22
CA LEU J 159 5.04 -27.06 27.24
C LEU J 159 6.18 -26.92 26.24
N ILE J 160 6.47 -25.71 25.77
CA ILE J 160 7.57 -25.53 24.83
C ILE J 160 8.89 -25.95 25.45
N VAL J 161 9.16 -25.53 26.68
CA VAL J 161 10.39 -25.94 27.34
C VAL J 161 10.43 -27.45 27.55
N ARG J 162 9.34 -28.04 28.05
CA ARG J 162 9.36 -29.50 28.22
C ARG J 162 9.51 -30.25 26.90
N ALA J 163 8.93 -29.73 25.83
CA ALA J 163 9.06 -30.35 24.51
C ALA J 163 10.48 -30.29 23.97
N LEU J 164 11.15 -29.15 24.13
CA LEU J 164 12.56 -29.08 23.74
C LEU J 164 13.42 -30.00 24.59
N ASN J 165 13.02 -30.28 25.84
CA ASN J 165 13.86 -31.04 26.78
C ASN J 165 15.08 -30.21 27.19
N LEU J 166 14.86 -28.90 27.32
CA LEU J 166 15.94 -27.96 27.52
C LEU J 166 16.49 -28.05 28.93
N THR J 167 17.80 -28.20 29.05
CA THR J 167 18.46 -28.50 30.30
C THR J 167 19.06 -27.26 30.98
N ASP J 168 18.87 -26.09 30.39
CA ASP J 168 19.51 -24.88 30.91
C ASP J 168 18.95 -24.55 32.28
N GLU J 169 19.84 -24.45 33.27
CA GLU J 169 19.43 -24.09 34.62
C GLU J 169 18.86 -22.69 34.70
N GLU J 170 19.29 -21.77 33.83
CA GLU J 170 18.66 -20.46 33.77
C GLU J 170 17.19 -20.56 33.36
N VAL J 171 16.86 -21.48 32.46
CA VAL J 171 15.47 -21.68 32.08
C VAL J 171 14.69 -22.30 33.22
N ARG J 172 15.24 -23.30 33.90
CA ARG J 172 14.53 -23.90 35.01
C ARG J 172 14.26 -22.87 36.10
N LYS J 173 15.26 -22.05 36.44
CA LYS J 173 15.05 -20.98 37.41
C LYS J 173 13.94 -20.03 36.96
N ALA J 174 13.98 -19.58 35.71
CA ALA J 174 12.91 -18.69 35.25
C ALA J 174 11.54 -19.35 35.26
N LEU J 175 11.46 -20.66 35.04
CA LEU J 175 10.16 -21.33 35.17
C LEU J 175 9.71 -21.48 36.62
N GLU J 176 10.63 -21.66 37.56
CA GLU J 176 10.22 -21.64 38.96
C GLU J 176 9.70 -20.27 39.36
N GLU J 177 10.32 -19.20 38.86
CA GLU J 177 9.76 -17.87 39.03
C GLU J 177 8.39 -17.74 38.37
N LEU J 178 8.22 -18.27 37.17
CA LEU J 178 6.95 -18.12 36.47
C LEU J 178 5.82 -18.88 37.15
N LYS J 179 6.07 -20.09 37.63
CA LYS J 179 5.06 -20.81 38.39
C LYS J 179 4.72 -20.15 39.73
N ALA J 180 5.72 -19.62 40.44
CA ALA J 180 5.42 -18.86 41.64
C ALA J 180 4.60 -17.61 41.34
N SER J 181 4.99 -16.85 40.33
CA SER J 181 4.21 -15.69 39.92
C SER J 181 2.79 -16.05 39.51
N THR J 182 2.59 -17.18 38.85
CA THR J 182 1.24 -17.58 38.47
C THR J 182 0.37 -17.91 39.67
N ALA J 183 0.88 -18.69 40.62
CA ALA J 183 0.10 -18.95 41.83
C ALA J 183 -0.15 -17.67 42.64
N GLU J 184 0.83 -16.79 42.71
CA GLU J 184 0.63 -15.50 43.34
C GLU J 184 -0.47 -14.70 42.65
N LEU J 185 -0.50 -14.73 41.32
CA LEU J 185 -1.51 -14.01 40.57
C LEU J 185 -2.91 -14.60 40.79
N LYS J 186 -3.01 -15.92 40.91
CA LYS J 186 -4.29 -16.50 41.32
C LYS J 186 -4.75 -15.99 42.68
N ARG J 187 -3.86 -16.03 43.67
CA ARG J 187 -4.24 -15.54 44.99
C ARG J 187 -4.67 -14.06 44.95
N ALA J 188 -3.89 -13.23 44.27
CA ALA J 188 -4.25 -11.81 44.19
C ALA J 188 -5.58 -11.60 43.46
N THR J 189 -5.84 -12.37 42.41
CA THR J 189 -7.13 -12.28 41.73
C THR J 189 -8.29 -12.63 42.67
N ALA J 190 -8.16 -13.73 43.39
CA ALA J 190 -9.18 -14.10 44.36
C ALA J 190 -9.39 -13.01 45.41
N SER J 191 -8.31 -12.46 45.96
CA SER J 191 -8.43 -11.37 46.93
C SER J 191 -9.15 -10.17 46.35
N LEU J 192 -8.88 -9.84 45.09
CA LEU J 192 -9.54 -8.68 44.51
C LEU J 192 -11.01 -8.95 44.25
N ARG J 193 -11.35 -10.17 43.84
CA ARG J 193 -12.77 -10.50 43.72
C ARG J 193 -13.47 -10.47 45.07
N ALA J 194 -12.77 -10.81 46.14
CA ALA J 194 -13.37 -10.76 47.47
C ALA J 194 -13.69 -9.33 47.88
N ILE J 195 -12.73 -8.42 47.77
CA ILE J 195 -13.05 -7.04 48.12
C ILE J 195 -14.02 -6.41 47.14
N THR J 196 -14.03 -6.82 45.86
CA THR J 196 -15.07 -6.39 44.95
C THR J 196 -16.47 -6.80 45.40
N GLU J 197 -16.62 -8.04 45.87
CA GLU J 197 -17.89 -8.45 46.46
C GLU J 197 -18.23 -7.68 47.74
N GLU J 198 -17.23 -7.27 48.49
CA GLU J 198 -17.50 -6.35 49.60
C GLU J 198 -18.02 -5.01 49.08
N LEU J 199 -17.33 -4.42 48.11
CA LEU J 199 -17.76 -3.11 47.62
C LEU J 199 -19.19 -3.18 47.11
N LYS J 200 -19.48 -4.18 46.29
CA LYS J 200 -20.84 -4.35 45.79
C LYS J 200 -21.82 -4.46 46.93
N LYS J 201 -21.42 -5.08 48.04
CA LYS J 201 -22.31 -5.11 49.20
C LYS J 201 -22.37 -3.75 49.91
N ASN J 202 -21.24 -3.06 50.07
CA ASN J 202 -21.18 -1.84 50.88
C ASN J 202 -20.47 -0.69 50.16
N PRO J 203 -21.05 -0.21 49.04
CA PRO J 203 -20.36 0.82 48.25
C PRO J 203 -20.30 2.17 48.94
N SER J 204 -19.11 2.76 48.97
CA SER J 204 -18.91 4.10 49.50
C SER J 204 -17.64 4.67 48.86
N GLU J 205 -17.56 6.01 48.83
CA GLU J 205 -16.38 6.68 48.30
C GLU J 205 -15.10 6.19 48.99
N ASP J 206 -15.12 6.03 50.32
CA ASP J 206 -13.92 5.51 50.97
C ASP J 206 -13.61 4.10 50.45
N ALA J 207 -14.66 3.33 50.16
CA ALA J 207 -14.44 2.00 49.62
C ALA J 207 -13.93 2.10 48.20
N LEU J 208 -14.52 2.98 47.39
CA LEU J 208 -14.04 3.12 46.02
C LEU J 208 -12.55 3.43 45.99
N VAL J 209 -12.08 4.25 46.92
CA VAL J 209 -10.65 4.58 46.97
C VAL J 209 -9.82 3.36 47.37
N GLU J 210 -10.20 2.71 48.48
CA GLU J 210 -9.46 1.52 48.92
C GLU J 210 -9.47 0.44 47.83
N HIS J 211 -10.56 0.35 47.09
CA HIS J 211 -10.71 -0.67 46.07
C HIS J 211 -9.80 -0.35 44.89
N ASN J 212 -9.84 0.89 44.41
CA ASN J 212 -8.96 1.27 43.31
C ASN J 212 -7.51 1.05 43.66
N ARG J 213 -7.14 1.30 44.93
CA ARG J 213 -5.81 0.94 45.40
C ARG J 213 -5.51 -0.55 45.22
N ALA J 214 -6.42 -1.41 45.66
CA ALA J 214 -6.19 -2.85 45.48
C ALA J 214 -6.14 -3.25 44.01
N ILE J 215 -6.96 -2.63 43.16
CA ILE J 215 -6.83 -2.83 41.72
C ILE J 215 -5.43 -2.52 41.24
N VAL J 216 -4.90 -1.35 41.62
CA VAL J 216 -3.58 -0.97 41.14
C VAL J 216 -2.50 -1.94 41.62
N GLU J 217 -2.65 -2.48 42.83
CA GLU J 217 -1.74 -3.53 43.27
C GLU J 217 -1.86 -4.79 42.40
N HIS J 218 -3.08 -5.16 42.05
CA HIS J 218 -3.28 -6.32 41.19
C HIS J 218 -2.65 -6.13 39.82
N ASN J 219 -2.87 -4.96 39.22
CA ASN J 219 -2.23 -4.66 37.94
C ASN J 219 -0.71 -4.71 38.04
N ALA J 220 -0.15 -4.24 39.15
CA ALA J 220 1.30 -4.34 39.32
C ALA J 220 1.75 -5.80 39.33
N ILE J 221 0.99 -6.68 39.96
CA ILE J 221 1.33 -8.11 39.94
C ILE J 221 1.23 -8.68 38.53
N ILE J 222 0.25 -8.25 37.75
CA ILE J 222 0.18 -8.68 36.35
C ILE J 222 1.40 -8.22 35.56
N VAL J 223 1.87 -7.01 35.81
CA VAL J 223 3.06 -6.52 35.13
C VAL J 223 4.31 -7.33 35.50
N GLU J 224 4.44 -7.69 36.78
CA GLU J 224 5.50 -8.64 37.15
C GLU J 224 5.36 -9.98 36.44
N ASN J 225 4.13 -10.47 36.27
CA ASN J 225 3.95 -11.70 35.52
C ASN J 225 4.43 -11.55 34.08
N ASN J 226 4.11 -10.44 33.44
CA ASN J 226 4.54 -10.22 32.07
C ASN J 226 6.05 -10.09 31.96
N ARG J 227 6.70 -9.53 32.97
CA ARG J 227 8.17 -9.51 32.97
C ARG J 227 8.74 -10.92 33.01
N ILE J 228 8.23 -11.77 33.90
CA ILE J 228 8.76 -13.13 33.98
C ILE J 228 8.50 -13.87 32.68
N ILE J 229 7.31 -13.72 32.12
CA ILE J 229 6.99 -14.33 30.83
C ILE J 229 8.03 -13.91 29.78
N ALA J 230 8.34 -12.62 29.72
CA ALA J 230 9.34 -12.17 28.75
C ALA J 230 10.72 -12.76 29.02
N LEU J 231 11.09 -12.98 30.29
CA LEU J 231 12.37 -13.66 30.52
C LEU J 231 12.34 -15.08 30.01
N VAL J 232 11.23 -15.78 30.19
CA VAL J 232 11.16 -17.13 29.65
C VAL J 232 11.24 -17.11 28.13
N LEU J 233 10.50 -16.24 27.45
CA LEU J 233 10.64 -16.19 26.00
C LEU J 233 12.07 -15.90 25.54
N LEU J 234 12.74 -14.93 26.17
CA LEU J 234 14.12 -14.65 25.78
C LEU J 234 15.07 -15.83 26.01
N LEU J 235 14.95 -16.50 27.15
CA LEU J 235 15.76 -17.68 27.39
C LEU J 235 15.46 -18.81 26.39
N ILE J 236 14.21 -19.02 26.03
CA ILE J 236 13.89 -20.06 25.06
C ILE J 236 14.49 -19.71 23.71
N VAL J 237 14.28 -18.48 23.24
CA VAL J 237 14.79 -18.09 21.93
C VAL J 237 16.30 -18.16 21.87
N LEU J 238 16.99 -17.92 22.98
CA LEU J 238 18.44 -18.17 22.97
C LEU J 238 18.78 -19.65 22.98
N ALA J 239 18.00 -20.46 23.70
CA ALA J 239 18.33 -21.89 23.78
C ALA J 239 18.05 -22.67 22.50
N ILE J 240 17.03 -22.32 21.74
CA ILE J 240 16.84 -22.99 20.46
C ILE J 240 17.99 -22.64 19.53
N GLY K 15 7.33 42.12 5.29
CA GLY K 15 7.77 40.90 4.65
C GLY K 15 7.52 40.90 3.16
N SER K 16 7.93 39.82 2.49
CA SER K 16 7.69 39.65 1.07
C SER K 16 6.31 39.05 0.83
N GLU K 17 5.84 39.18 -0.42
CA GLU K 17 4.54 38.64 -0.79
C GLU K 17 4.44 37.15 -0.53
N GLU K 18 5.56 36.42 -0.65
CA GLU K 18 5.54 35.02 -0.28
C GLU K 18 5.29 34.84 1.21
N GLU K 19 5.94 35.63 2.05
CA GLU K 19 5.73 35.53 3.49
C GLU K 19 4.28 35.86 3.85
N ILE K 20 3.77 36.98 3.33
CA ILE K 20 2.40 37.38 3.63
C ILE K 20 1.42 36.30 3.18
N ALA K 21 1.59 35.78 1.96
CA ALA K 21 0.69 34.75 1.47
C ALA K 21 0.76 33.49 2.32
N LYS K 22 1.97 33.04 2.65
CA LYS K 22 2.11 31.91 3.56
C LYS K 22 1.39 32.15 4.88
N ALA K 23 1.60 33.32 5.48
CA ALA K 23 0.95 33.65 6.75
C ALA K 23 -0.56 33.72 6.63
N LEU K 24 -1.09 34.15 5.49
CA LEU K 24 -2.54 34.10 5.28
C LEU K 24 -3.05 32.68 5.08
N GLU K 25 -2.24 31.80 4.49
CA GLU K 25 -2.58 30.37 4.51
C GLU K 25 -2.62 29.83 5.93
N GLU K 26 -1.67 30.24 6.77
CA GLU K 26 -1.70 29.87 8.17
C GLU K 26 -2.92 30.44 8.89
N LEU K 27 -3.29 31.67 8.54
CA LEU K 27 -4.47 32.29 9.15
C LEU K 27 -5.74 31.55 8.77
N VAL K 28 -5.93 31.26 7.48
CA VAL K 28 -7.13 30.55 7.06
C VAL K 28 -7.16 29.12 7.63
N ALA K 29 -6.00 28.47 7.73
CA ALA K 29 -5.93 27.20 8.45
C ALA K 29 -6.35 27.33 9.91
N SER K 30 -5.89 28.38 10.60
CA SER K 30 -6.31 28.63 11.96
C SER K 30 -7.79 28.93 12.06
N LEU K 31 -8.35 29.62 11.07
CA LEU K 31 -9.78 29.88 11.05
C LEU K 31 -10.59 28.60 10.87
N ALA K 32 -10.17 27.73 9.96
CA ALA K 32 -10.84 26.44 9.82
C ALA K 32 -10.78 25.64 11.11
N GLU K 33 -9.60 25.58 11.74
CA GLU K 33 -9.48 24.92 13.04
C GLU K 33 -10.37 25.56 14.10
N LEU K 34 -10.44 26.89 14.12
CA LEU K 34 -11.31 27.57 15.07
C LEU K 34 -12.77 27.25 14.84
N LYS K 35 -13.21 27.24 13.58
CA LYS K 35 -14.59 26.85 13.28
C LYS K 35 -14.88 25.43 13.75
N ARG K 36 -14.00 24.49 13.41
CA ARG K 36 -14.18 23.11 13.86
C ARG K 36 -14.29 23.02 15.38
N ALA K 37 -13.40 23.71 16.08
CA ALA K 37 -13.45 23.73 17.54
C ALA K 37 -14.75 24.36 18.05
N THR K 38 -15.25 25.39 17.37
CA THR K 38 -16.51 26.00 17.81
C THR K 38 -17.65 25.02 17.67
N LEU K 39 -17.69 24.27 16.58
CA LEU K 39 -18.73 23.27 16.41
C LEU K 39 -18.64 22.22 17.52
N LYS K 40 -17.45 21.68 17.75
CA LYS K 40 -17.24 20.73 18.84
C LYS K 40 -17.69 21.30 20.18
N LEU K 41 -17.34 22.55 20.48
CA LEU K 41 -17.73 23.15 21.74
C LEU K 41 -19.25 23.26 21.84
N LEU K 42 -19.92 23.58 20.74
CA LEU K 42 -21.38 23.60 20.79
C LEU K 42 -21.92 22.21 21.09
N VAL K 43 -21.28 21.17 20.54
CA VAL K 43 -21.71 19.81 20.83
C VAL K 43 -21.65 19.55 22.33
N ILE K 44 -20.47 19.75 22.91
CA ILE K 44 -20.34 19.41 24.33
C ILE K 44 -21.20 20.30 25.21
N THR K 45 -21.46 21.54 24.78
CA THR K 45 -22.44 22.38 25.46
C THR K 45 -23.83 21.75 25.46
N GLU K 46 -24.24 21.18 24.33
CA GLU K 46 -25.54 20.51 24.31
C GLU K 46 -25.53 19.27 25.20
N GLU K 47 -24.47 18.48 25.12
CA GLU K 47 -24.39 17.28 25.97
C GLU K 47 -24.44 17.63 27.45
N LEU K 48 -23.75 18.69 27.85
CA LEU K 48 -23.82 19.18 29.22
C LEU K 48 -25.21 19.67 29.58
N LYS K 49 -25.88 20.37 28.68
CA LYS K 49 -27.25 20.82 28.95
C LYS K 49 -28.19 19.64 29.17
N LYS K 50 -28.08 18.60 28.35
CA LYS K 50 -28.98 17.45 28.47
C LYS K 50 -28.69 16.59 29.70
N ASN K 51 -27.42 16.38 30.05
CA ASN K 51 -27.04 15.44 31.12
C ASN K 51 -26.01 16.07 32.06
N PRO K 52 -26.38 17.16 32.74
CA PRO K 52 -25.40 17.93 33.49
C PRO K 52 -24.88 17.16 34.69
N SER K 53 -23.57 17.28 34.93
CA SER K 53 -22.91 16.60 36.03
C SER K 53 -21.58 17.28 36.30
N GLU K 54 -21.03 16.99 37.48
CA GLU K 54 -19.82 17.67 37.93
C GLU K 54 -18.63 17.41 37.02
N SER K 55 -18.40 16.15 36.65
CA SER K 55 -17.31 15.85 35.74
C SER K 55 -17.57 16.38 34.33
N ALA K 56 -18.83 16.42 33.92
CA ALA K 56 -19.19 17.10 32.69
C ALA K 56 -18.87 18.59 32.75
N LEU K 57 -19.16 19.24 33.87
CA LEU K 57 -18.81 20.65 34.02
C LEU K 57 -17.31 20.87 33.93
N VAL K 58 -16.53 20.06 34.63
CA VAL K 58 -15.07 20.19 34.58
C VAL K 58 -14.56 20.00 33.15
N SER K 59 -15.04 18.97 32.45
CA SER K 59 -14.55 18.72 31.10
C SER K 59 -15.00 19.80 30.12
N HIS K 60 -16.21 20.34 30.30
CA HIS K 60 -16.64 21.45 29.47
C HIS K 60 -15.75 22.67 29.66
N ASN K 61 -15.47 23.02 30.90
CA ASN K 61 -14.57 24.14 31.16
C ASN K 61 -13.18 23.92 30.55
N LYS K 62 -12.63 22.70 30.69
CA LYS K 62 -11.34 22.43 30.05
C LYS K 62 -11.40 22.57 28.53
N ALA K 63 -12.49 22.14 27.91
CA ALA K 63 -12.65 22.34 26.47
C ALA K 63 -12.73 23.82 26.11
N ILE K 64 -13.39 24.63 26.93
CA ILE K 64 -13.40 26.07 26.72
C ILE K 64 -11.99 26.64 26.81
N VAL K 65 -11.18 26.13 27.74
CA VAL K 65 -9.80 26.60 27.83
C VAL K 65 -8.99 26.27 26.57
N GLU K 66 -9.17 25.07 26.02
CA GLU K 66 -8.45 24.76 24.78
C GLU K 66 -8.96 25.55 23.58
N HIS K 67 -10.26 25.83 23.53
CA HIS K 67 -10.80 26.71 22.49
C HIS K 67 -10.22 28.11 22.61
N ASN K 68 -10.18 28.66 23.82
CA ASN K 68 -9.56 29.96 24.03
C ASN K 68 -8.09 29.98 23.61
N ALA K 69 -7.35 28.92 23.92
CA ALA K 69 -5.96 28.88 23.46
C ALA K 69 -5.87 28.93 21.93
N ILE K 70 -6.79 28.27 21.23
CA ILE K 70 -6.82 28.39 19.76
C ILE K 70 -7.14 29.82 19.32
N ILE K 71 -8.09 30.47 19.97
CA ILE K 71 -8.38 31.88 19.64
C ILE K 71 -7.13 32.74 19.81
N VAL K 72 -6.42 32.56 20.92
CA VAL K 72 -5.22 33.33 21.19
C VAL K 72 -4.16 33.12 20.10
N GLU K 73 -3.94 31.87 19.70
CA GLU K 73 -3.03 31.65 18.57
C GLU K 73 -3.51 32.32 17.29
N ASN K 74 -4.83 32.34 17.04
CA ASN K 74 -5.35 33.08 15.89
C ASN K 74 -4.99 34.56 15.98
N ASN K 75 -5.15 35.16 17.16
CA ASN K 75 -4.84 36.56 17.34
C ASN K 75 -3.34 36.83 17.22
N ARG K 76 -2.51 35.88 17.63
CA ARG K 76 -1.08 36.03 17.42
C ARG K 76 -0.74 36.06 15.93
N ILE K 77 -1.33 35.15 15.16
CA ILE K 77 -1.06 35.15 13.73
C ILE K 77 -1.56 36.45 13.08
N ILE K 78 -2.72 36.94 13.50
CA ILE K 78 -3.21 38.20 12.96
C ILE K 78 -2.25 39.34 13.27
N ALA K 79 -1.77 39.44 14.51
CA ALA K 79 -0.80 40.48 14.84
C ALA K 79 0.48 40.35 14.03
N ALA K 80 0.92 39.13 13.76
CA ALA K 80 2.11 38.95 12.93
C ALA K 80 1.87 39.47 11.52
N VAL K 81 0.74 39.07 10.93
CA VAL K 81 0.42 39.51 9.59
C VAL K 81 0.36 41.03 9.54
N LEU K 82 -0.31 41.64 10.51
CA LEU K 82 -0.40 43.09 10.52
C LEU K 82 0.96 43.76 10.61
N GLU K 83 1.87 43.21 11.40
CA GLU K 83 3.21 43.80 11.43
C GLU K 83 3.91 43.70 10.08
N LEU K 84 3.76 42.57 9.38
CA LEU K 84 4.33 42.47 8.03
C LEU K 84 3.65 43.40 7.04
N ILE K 85 2.35 43.57 7.14
CA ILE K 85 1.62 44.49 6.26
C ILE K 85 2.05 45.92 6.50
N VAL K 86 2.11 46.35 7.76
CA VAL K 86 2.50 47.72 8.04
C VAL K 86 3.93 47.98 7.62
N ARG K 87 4.84 47.02 7.85
CA ARG K 87 6.19 47.24 7.34
C ARG K 87 6.20 47.29 5.82
N ALA K 88 5.27 46.61 5.16
CA ALA K 88 5.13 46.73 3.71
C ALA K 88 4.72 48.14 3.31
N VAL K 89 3.65 48.66 3.91
CA VAL K 89 3.15 49.99 3.55
C VAL K 89 3.97 51.12 4.17
N GLY K 90 4.55 50.91 5.35
CA GLY K 90 5.07 52.00 6.15
C GLY K 90 4.21 52.38 7.33
N MET K 91 4.88 52.55 8.47
CA MET K 91 4.27 53.08 9.68
C MET K 91 3.77 54.51 9.50
N THR K 92 2.92 54.92 10.44
CA THR K 92 2.52 56.31 10.64
C THR K 92 2.33 56.52 12.13
N ASP K 93 2.26 57.78 12.55
CA ASP K 93 2.16 58.11 13.98
C ASP K 93 1.07 57.28 14.67
N GLU K 94 -0.15 57.34 14.15
CA GLU K 94 -1.23 56.62 14.80
C GLU K 94 -1.09 55.12 14.64
N ILE K 95 -0.51 54.67 13.53
CA ILE K 95 -0.27 53.24 13.38
C ILE K 95 0.77 52.79 14.39
N LEU K 96 1.89 53.52 14.52
CA LEU K 96 2.91 53.08 15.46
C LEU K 96 2.39 53.04 16.89
N LEU K 97 1.60 54.06 17.28
CA LEU K 97 1.01 54.02 18.62
C LEU K 97 0.02 52.88 18.80
N ALA K 98 -0.72 52.54 17.75
CA ALA K 98 -1.63 51.41 17.84
C ALA K 98 -0.90 50.08 17.84
N LEU K 99 0.22 49.96 17.13
CA LEU K 99 0.99 48.72 17.19
C LEU K 99 1.67 48.54 18.54
N LEU K 100 2.12 49.62 19.18
CA LEU K 100 2.63 49.47 20.54
C LEU K 100 1.52 49.06 21.51
N GLU K 101 0.31 49.59 21.30
CA GLU K 101 -0.83 49.14 22.08
C GLU K 101 -1.16 47.67 21.80
N LEU K 102 -1.04 47.26 20.55
CA LEU K 102 -1.29 45.88 20.19
C LEU K 102 -0.27 44.94 20.82
N LYS K 103 1.02 45.29 20.76
CA LYS K 103 2.04 44.42 21.36
C LYS K 103 1.86 44.33 22.87
N ALA K 104 1.47 45.43 23.52
CA ALA K 104 1.15 45.35 24.94
C ALA K 104 -0.01 44.40 25.19
N SER K 105 -1.10 44.55 24.45
CA SER K 105 -2.26 43.69 24.65
C SER K 105 -1.93 42.23 24.35
N THR K 106 -1.08 41.97 23.35
CA THR K 106 -0.59 40.62 23.09
C THR K 106 0.13 40.01 24.27
N ALA K 107 1.01 40.79 24.92
CA ALA K 107 1.70 40.23 26.08
C ALA K 107 0.74 40.01 27.23
N ARG K 108 -0.16 40.96 27.46
CA ARG K 108 -1.16 40.80 28.51
C ARG K 108 -2.00 39.55 28.27
N LEU K 109 -2.32 39.28 27.00
CA LEU K 109 -3.07 38.08 26.69
C LEU K 109 -2.26 36.82 26.96
N LYS K 110 -0.98 36.78 26.59
CA LYS K 110 -0.20 35.59 26.93
C LYS K 110 -0.17 35.34 28.43
N VAL K 111 -0.06 36.42 29.21
CA VAL K 111 -0.10 36.30 30.66
C VAL K 111 -1.43 35.74 31.15
N ALA K 112 -2.55 36.35 30.71
CA ALA K 112 -3.85 35.84 31.17
C ALA K 112 -4.10 34.43 30.68
N THR K 113 -3.58 34.05 29.53
CA THR K 113 -3.68 32.67 29.05
C THR K 113 -2.99 31.70 30.01
N ALA K 114 -1.76 32.00 30.41
CA ALA K 114 -1.11 31.19 31.44
C ALA K 114 -1.88 31.17 32.75
N LEU K 115 -2.38 32.32 33.19
CA LEU K 115 -3.20 32.35 34.40
C LEU K 115 -4.39 31.39 34.30
N LEU K 116 -5.13 31.48 33.19
CA LEU K 116 -6.28 30.62 33.00
C LEU K 116 -5.90 29.15 32.99
N ARG K 117 -4.85 28.79 32.24
CA ARG K 117 -4.42 27.39 32.22
C ARG K 117 -4.08 26.88 33.62
N MET K 118 -3.48 27.73 34.45
CA MET K 118 -3.07 27.27 35.77
C MET K 118 -4.25 27.10 36.71
N ILE K 119 -5.18 28.06 36.73
CA ILE K 119 -6.40 27.84 37.52
C ILE K 119 -7.27 26.72 36.93
N THR K 120 -7.21 26.47 35.63
CA THR K 120 -7.80 25.26 35.07
C THR K 120 -7.22 24.00 35.68
N GLU K 121 -5.90 23.91 35.79
CA GLU K 121 -5.30 22.75 36.42
C GLU K 121 -5.68 22.64 37.89
N GLU K 122 -5.78 23.76 38.59
CA GLU K 122 -6.31 23.72 39.96
C GLU K 122 -7.73 23.17 40.02
N LEU K 123 -8.60 23.62 39.12
CA LEU K 123 -9.97 23.11 39.10
C LEU K 123 -10.01 21.62 38.80
N LYS K 124 -9.31 21.20 37.75
CA LYS K 124 -9.26 19.79 37.39
C LYS K 124 -8.79 18.92 38.57
N LYS K 125 -7.75 19.37 39.27
CA LYS K 125 -7.22 18.61 40.40
C LYS K 125 -8.15 18.62 41.60
N ASN K 126 -8.77 19.76 41.92
CA ASN K 126 -9.56 19.90 43.14
C ASN K 126 -10.92 20.53 42.85
N PRO K 127 -11.75 19.85 42.07
CA PRO K 127 -13.01 20.45 41.62
C PRO K 127 -14.06 20.53 42.71
N SER K 128 -14.85 21.61 42.64
CA SER K 128 -15.99 21.82 43.51
C SER K 128 -16.83 22.92 42.88
N GLU K 129 -18.04 23.09 43.38
CA GLU K 129 -18.94 24.09 42.81
C GLU K 129 -18.34 25.50 42.93
N ASP K 130 -17.76 25.81 44.09
CA ASP K 130 -17.08 27.09 44.24
C ASP K 130 -15.96 27.24 43.21
N ALA K 131 -15.20 26.17 43.00
CA ALA K 131 -14.13 26.23 42.01
C ALA K 131 -14.67 26.41 40.60
N LEU K 132 -15.81 25.83 40.29
CA LEU K 132 -16.41 26.06 38.97
C LEU K 132 -16.84 27.51 38.82
N VAL K 133 -17.43 28.10 39.85
CA VAL K 133 -17.79 29.51 39.77
C VAL K 133 -16.55 30.37 39.54
N GLU K 134 -15.52 30.16 40.36
CA GLU K 134 -14.29 30.93 40.20
C GLU K 134 -13.69 30.76 38.82
N HIS K 135 -13.73 29.53 38.30
CA HIS K 135 -13.20 29.26 36.97
C HIS K 135 -14.01 29.96 35.89
N ASN K 136 -15.34 29.93 35.99
CA ASN K 136 -16.17 30.65 35.03
C ASN K 136 -15.88 32.14 35.04
N ARG K 137 -15.73 32.74 36.23
CA ARG K 137 -15.37 34.15 36.29
C ARG K 137 -14.01 34.42 35.64
N ALA K 138 -13.06 33.51 35.81
CA ALA K 138 -11.77 33.70 35.15
C ALA K 138 -11.85 33.50 33.64
N ILE K 139 -12.70 32.61 33.17
CA ILE K 139 -12.95 32.52 31.72
C ILE K 139 -13.53 33.82 31.20
N VAL K 140 -14.48 34.39 31.92
CA VAL K 140 -15.08 35.65 31.47
C VAL K 140 -14.06 36.78 31.43
N ASN K 141 -13.12 36.81 32.39
CA ASN K 141 -12.06 37.81 32.29
C ASN K 141 -11.10 37.55 31.12
N HIS K 142 -10.77 36.28 30.88
CA HIS K 142 -9.92 35.97 29.72
C HIS K 142 -10.59 36.42 28.43
N ASN K 143 -11.86 36.09 28.25
CA ASN K 143 -12.59 36.57 27.09
C ASN K 143 -12.60 38.09 27.00
N ALA K 144 -12.86 38.79 28.10
CA ALA K 144 -12.80 40.25 28.04
C ALA K 144 -11.44 40.77 27.54
N ILE K 145 -10.37 40.05 27.86
CA ILE K 145 -9.06 40.44 27.30
C ILE K 145 -8.98 40.14 25.81
N ILE K 146 -9.50 39.00 25.38
CA ILE K 146 -9.60 38.74 23.94
C ILE K 146 -10.36 39.86 23.23
N VAL K 147 -11.50 40.26 23.77
CA VAL K 147 -12.24 41.39 23.21
C VAL K 147 -11.36 42.63 23.07
N GLU K 148 -10.65 43.03 24.12
CA GLU K 148 -9.77 44.19 23.97
C GLU K 148 -8.71 43.99 22.89
N ASN K 149 -8.16 42.78 22.78
CA ASN K 149 -7.24 42.49 21.70
C ASN K 149 -7.91 42.71 20.33
N ASN K 150 -9.16 42.30 20.21
CA ASN K 150 -9.84 42.46 18.92
C ASN K 150 -10.14 43.91 18.64
N ARG K 151 -10.43 44.71 19.67
CA ARG K 151 -10.69 46.11 19.41
C ARG K 151 -9.43 46.79 18.92
N ILE K 152 -8.28 46.44 19.48
CA ILE K 152 -7.05 47.07 19.03
C ILE K 152 -6.70 46.64 17.62
N ILE K 153 -6.84 45.35 17.30
CA ILE K 153 -6.63 44.88 15.93
C ILE K 153 -7.56 45.57 14.93
N ALA K 154 -8.84 45.72 15.26
CA ALA K 154 -9.74 46.48 14.41
C ALA K 154 -9.32 47.93 14.27
N ALA K 155 -8.84 48.56 15.34
CA ALA K 155 -8.38 49.93 15.22
C ALA K 155 -7.17 50.03 14.30
N VAL K 156 -6.27 49.05 14.39
CA VAL K 156 -5.12 49.01 13.48
C VAL K 156 -5.59 48.92 12.03
N LEU K 157 -6.51 48.01 11.73
CA LEU K 157 -6.97 47.89 10.36
C LEU K 157 -7.68 49.14 9.87
N GLU K 158 -8.48 49.77 10.74
CA GLU K 158 -9.08 51.05 10.40
C GLU K 158 -8.03 52.10 10.04
N LEU K 159 -6.95 52.15 10.80
CA LEU K 159 -5.87 53.11 10.52
C LEU K 159 -5.14 52.75 9.24
N ILE K 160 -4.84 51.48 9.01
CA ILE K 160 -4.14 51.08 7.79
C ILE K 160 -4.96 51.45 6.55
N VAL K 161 -6.25 51.15 6.57
CA VAL K 161 -7.09 51.52 5.43
C VAL K 161 -7.16 53.04 5.26
N ARG K 162 -7.39 53.78 6.35
CA ARG K 162 -7.43 55.24 6.19
C ARG K 162 -6.09 55.83 5.73
N ALA K 163 -4.97 55.25 6.17
CA ALA K 163 -3.66 55.70 5.74
C ALA K 163 -3.42 55.43 4.26
N LEU K 164 -3.81 54.25 3.78
CA LEU K 164 -3.72 53.98 2.35
C LEU K 164 -4.64 54.89 1.54
N ASN K 165 -5.74 55.34 2.13
CA ASN K 165 -6.76 56.09 1.39
C ASN K 165 -7.47 55.18 0.39
N LEU K 166 -7.68 53.93 0.78
CA LEU K 166 -8.17 52.93 -0.13
C LEU K 166 -9.65 53.13 -0.42
N THR K 167 -9.99 53.18 -1.71
CA THR K 167 -11.32 53.58 -2.15
C THR K 167 -12.23 52.41 -2.49
N ASP K 168 -11.76 51.17 -2.30
CA ASP K 168 -12.53 50.00 -2.70
C ASP K 168 -13.81 49.90 -1.86
N GLU K 169 -14.95 49.86 -2.56
CA GLU K 169 -16.23 49.72 -1.87
C GLU K 169 -16.34 48.38 -1.15
N GLU K 170 -15.68 47.35 -1.65
CA GLU K 170 -15.61 46.08 -0.91
C GLU K 170 -14.91 46.27 0.42
N VAL K 171 -13.88 47.09 0.47
CA VAL K 171 -13.20 47.37 1.73
C VAL K 171 -14.09 48.19 2.65
N ARG K 172 -14.74 49.22 2.14
CA ARG K 172 -15.63 50.02 2.99
C ARG K 172 -16.74 49.16 3.57
N LYS K 173 -17.34 48.31 2.74
CA LYS K 173 -18.35 47.39 3.23
C LYS K 173 -17.81 46.49 4.34
N ALA K 174 -16.62 45.89 4.12
CA ALA K 174 -16.05 45.05 5.16
C ALA K 174 -15.74 45.82 6.44
N LEU K 175 -15.37 47.09 6.34
CA LEU K 175 -15.19 47.89 7.55
C LEU K 175 -16.50 48.24 8.24
N GLU K 176 -17.58 48.44 7.49
CA GLU K 176 -18.88 48.61 8.14
C GLU K 176 -19.30 47.35 8.89
N GLU K 177 -19.03 46.18 8.31
CA GLU K 177 -19.20 44.94 9.04
C GLU K 177 -18.31 44.85 10.26
N LEU K 178 -17.05 45.26 10.15
CA LEU K 178 -16.14 45.14 11.29
C LEU K 178 -16.53 46.07 12.44
N LYS K 179 -16.92 47.31 12.15
CA LYS K 179 -17.41 48.19 13.20
C LYS K 179 -18.72 47.71 13.83
N ALA K 180 -19.66 47.20 13.02
CA ALA K 180 -20.86 46.62 13.61
C ALA K 180 -20.54 45.43 14.51
N SER K 181 -19.69 44.52 14.03
CA SER K 181 -19.27 43.39 14.86
C SER K 181 -18.58 43.84 16.15
N THR K 182 -17.78 44.90 16.08
CA THR K 182 -17.12 45.40 17.28
C THR K 182 -18.10 45.96 18.31
N ALA K 183 -19.04 46.80 17.88
CA ALA K 183 -20.06 47.28 18.82
C ALA K 183 -20.92 46.14 19.37
N GLU K 184 -21.27 45.18 18.52
CA GLU K 184 -21.98 43.99 19.01
C GLU K 184 -21.16 43.24 20.06
N LEU K 185 -19.86 43.12 19.84
CA LEU K 185 -19.00 42.41 20.79
C LEU K 185 -18.88 43.15 22.11
N LYS K 186 -18.81 44.49 22.08
CA LYS K 186 -18.91 45.23 23.35
C LYS K 186 -20.20 44.95 24.09
N ARG K 187 -21.33 45.03 23.40
CA ARG K 187 -22.61 44.75 24.06
C ARG K 187 -22.66 43.33 24.64
N ALA K 188 -22.22 42.35 23.86
CA ALA K 188 -22.23 40.97 24.36
C ALA K 188 -21.29 40.78 25.54
N THR K 189 -20.13 41.44 25.53
CA THR K 189 -19.23 41.37 26.68
C THR K 189 -19.88 41.94 27.92
N ALA K 190 -20.50 43.12 27.81
CA ALA K 190 -21.22 43.68 28.95
C ALA K 190 -22.30 42.74 29.46
N SER K 191 -23.11 42.18 28.56
CA SER K 191 -24.13 41.22 28.97
C SER K 191 -23.55 40.03 29.71
N LEU K 192 -22.40 39.54 29.24
CA LEU K 192 -21.81 38.37 29.89
C LEU K 192 -21.26 38.73 31.26
N ARG K 193 -20.69 39.91 31.41
CA ARG K 193 -20.26 40.34 32.73
C ARG K 193 -21.46 40.52 33.67
N ALA K 194 -22.61 40.91 33.13
CA ALA K 194 -23.81 41.05 33.95
C ALA K 194 -24.29 39.71 34.49
N ILE K 195 -24.44 38.72 33.61
CA ILE K 195 -24.84 37.41 34.11
C ILE K 195 -23.76 36.77 34.97
N THR K 196 -22.49 37.07 34.72
CA THR K 196 -21.43 36.64 35.63
C THR K 196 -21.59 37.22 37.03
N GLU K 197 -21.93 38.50 37.14
CA GLU K 197 -22.23 39.07 38.45
C GLU K 197 -23.47 38.46 39.10
N GLU K 198 -24.45 38.06 38.29
CA GLU K 198 -25.55 37.27 38.86
C GLU K 198 -25.06 35.94 39.40
N LEU K 199 -24.30 35.21 38.60
CA LEU K 199 -23.84 33.89 39.02
C LEU K 199 -23.04 34.01 40.31
N LYS K 200 -22.08 34.94 40.35
CA LYS K 200 -21.29 35.16 41.54
C LYS K 200 -22.17 35.46 42.75
N LYS K 201 -23.29 36.16 42.55
CA LYS K 201 -24.19 36.35 43.68
C LYS K 201 -24.96 35.07 44.03
N ASN K 202 -25.45 34.33 43.03
CA ASN K 202 -26.36 33.19 43.27
C ASN K 202 -25.91 31.94 42.52
N PRO K 203 -24.74 31.40 42.87
CA PRO K 203 -24.20 30.25 42.13
C PRO K 203 -24.99 28.97 42.37
N SER K 204 -25.33 28.29 41.28
CA SER K 204 -25.99 26.99 41.33
C SER K 204 -25.69 26.24 40.04
N GLU K 205 -25.79 24.91 40.11
CA GLU K 205 -25.58 24.09 38.91
C GLU K 205 -26.47 24.53 37.76
N ASP K 206 -27.76 24.83 38.02
CA ASP K 206 -28.59 25.31 36.91
C ASP K 206 -28.02 26.62 36.38
N ALA K 207 -27.47 27.44 37.27
CA ALA K 207 -26.88 28.69 36.82
C ALA K 207 -25.59 28.40 36.07
N LEU K 208 -24.76 27.48 36.58
CA LEU K 208 -23.53 27.16 35.89
C LEU K 208 -23.81 26.72 34.46
N VAL K 209 -24.89 25.97 34.25
CA VAL K 209 -25.24 25.54 32.91
C VAL K 209 -25.67 26.72 32.03
N GLU K 210 -26.61 27.53 32.53
CA GLU K 210 -27.03 28.70 31.76
C GLU K 210 -25.86 29.63 31.46
N HIS K 211 -24.92 29.72 32.40
CA HIS K 211 -23.79 30.61 32.25
C HIS K 211 -22.83 30.07 31.20
N ASN K 212 -22.47 28.79 31.29
CA ASN K 212 -21.59 28.20 30.29
C ASN K 212 -22.19 28.32 28.89
N ARG K 213 -23.51 28.18 28.78
CA ARG K 213 -24.18 28.47 27.51
C ARG K 213 -23.92 29.89 27.03
N ALA K 214 -24.09 30.88 27.90
CA ALA K 214 -23.81 32.25 27.49
C ALA K 214 -22.35 32.48 27.13
N ILE K 215 -21.42 31.85 27.85
CA ILE K 215 -20.02 31.88 27.44
C ILE K 215 -19.84 31.37 26.02
N VAL K 216 -20.42 30.21 25.72
CA VAL K 216 -20.23 29.64 24.38
C VAL K 216 -20.82 30.55 23.31
N GLU K 217 -21.93 31.23 23.62
CA GLU K 217 -22.43 32.23 22.67
C GLU K 217 -21.46 33.39 22.49
N HIS K 218 -20.83 33.82 23.58
CA HIS K 218 -19.86 34.90 23.49
C HIS K 218 -18.67 34.49 22.63
N ASN K 219 -18.14 33.29 22.86
CA ASN K 219 -17.06 32.78 22.04
C ASN K 219 -17.44 32.70 20.57
N ALA K 220 -18.68 32.29 20.27
CA ALA K 220 -19.12 32.28 18.88
C ALA K 220 -19.07 33.67 18.26
N ILE K 221 -19.47 34.70 19.02
CA ILE K 221 -19.39 36.07 18.52
C ILE K 221 -17.94 36.51 18.30
N ILE K 222 -17.03 36.09 19.18
CA ILE K 222 -15.62 36.39 18.95
C ILE K 222 -15.11 35.73 17.67
N VAL K 223 -15.55 34.51 17.40
CA VAL K 223 -15.15 33.84 16.17
C VAL K 223 -15.68 34.54 14.93
N GLU K 224 -16.92 35.03 14.99
CA GLU K 224 -17.41 35.89 13.92
C GLU K 224 -16.57 37.15 13.75
N ASN K 225 -16.14 37.75 14.85
CA ASN K 225 -15.27 38.91 14.75
C ASN K 225 -13.96 38.56 14.05
N ASN K 226 -13.36 37.43 14.40
CA ASN K 226 -12.11 37.03 13.76
C ASN K 226 -12.29 36.73 12.28
N ARG K 227 -13.45 36.20 11.89
CA ARG K 227 -13.72 36.03 10.46
C ARG K 227 -13.76 37.37 9.73
N ILE K 228 -14.47 38.35 10.28
CA ILE K 228 -14.54 39.65 9.60
C ILE K 228 -13.17 40.28 9.54
N ILE K 229 -12.41 40.22 10.64
CA ILE K 229 -11.05 40.74 10.64
C ILE K 229 -10.23 40.10 9.53
N ALA K 230 -10.32 38.79 9.37
CA ALA K 230 -9.58 38.16 8.29
C ALA K 230 -10.05 38.62 6.91
N LEU K 231 -11.33 38.92 6.74
CA LEU K 231 -11.73 39.49 5.44
C LEU K 231 -11.12 40.85 5.22
N VAL K 232 -11.04 41.67 6.25
CA VAL K 232 -10.38 42.97 6.09
C VAL K 232 -8.90 42.79 5.73
N LEU K 233 -8.18 41.93 6.44
CA LEU K 233 -6.79 41.71 6.04
C LEU K 233 -6.65 41.26 4.60
N LEU K 234 -7.46 40.30 4.16
CA LEU K 234 -7.39 39.84 2.77
C LEU K 234 -7.67 40.95 1.76
N LEU K 235 -8.69 41.76 2.01
CA LEU K 235 -8.96 42.90 1.12
C LEU K 235 -7.83 43.92 1.12
N ILE K 236 -7.23 44.19 2.27
CA ILE K 236 -6.11 45.14 2.29
C ILE K 236 -4.93 44.58 1.50
N VAL K 237 -4.56 43.33 1.76
CA VAL K 237 -3.41 42.75 1.07
C VAL K 237 -3.63 42.66 -0.42
N LEU K 238 -4.87 42.51 -0.88
CA LEU K 238 -5.11 42.60 -2.31
C LEU K 238 -5.03 44.04 -2.81
N ALA K 239 -5.50 45.01 -2.03
CA ALA K 239 -5.50 46.39 -2.51
C ALA K 239 -4.12 47.03 -2.56
N ILE K 240 -3.23 46.70 -1.65
CA ILE K 240 -1.87 47.21 -1.77
C ILE K 240 -1.22 46.61 -3.02
N GLY L 15 -19.82 -19.05 13.24
CA GLY L 15 -18.46 -18.69 12.89
C GLY L 15 -17.46 -19.02 13.99
N SER L 16 -16.20 -18.75 13.72
CA SER L 16 -15.15 -18.93 14.71
C SER L 16 -15.02 -17.71 15.61
N GLU L 17 -14.35 -17.89 16.75
CA GLU L 17 -14.14 -16.80 17.69
C GLU L 17 -13.40 -15.64 17.06
N GLU L 18 -12.52 -15.91 16.09
CA GLU L 18 -11.88 -14.83 15.37
C GLU L 18 -12.90 -14.02 14.56
N GLU L 19 -13.83 -14.71 13.88
CA GLU L 19 -14.83 -13.97 13.11
C GLU L 19 -15.70 -13.13 14.02
N ILE L 20 -16.21 -13.71 15.11
CA ILE L 20 -17.07 -12.98 16.02
C ILE L 20 -16.34 -11.76 16.58
N ALA L 21 -15.10 -11.96 17.03
CA ALA L 21 -14.33 -10.84 17.59
C ALA L 21 -14.07 -9.75 16.55
N LYS L 22 -13.67 -10.15 15.34
CA LYS L 22 -13.50 -9.17 14.27
C LYS L 22 -14.78 -8.38 14.02
N ALA L 23 -15.91 -9.09 13.90
CA ALA L 23 -17.18 -8.43 13.66
C ALA L 23 -17.60 -7.52 14.81
N LEU L 24 -17.28 -7.88 16.06
CA LEU L 24 -17.54 -6.96 17.17
C LEU L 24 -16.61 -5.75 17.17
N GLU L 25 -15.38 -5.90 16.69
CA GLU L 25 -14.54 -4.74 16.43
C GLU L 25 -15.15 -3.84 15.37
N GLU L 26 -15.70 -4.44 14.31
CA GLU L 26 -16.41 -3.66 13.29
C GLU L 26 -17.65 -3.00 13.87
N LEU L 27 -18.34 -3.68 14.77
CA LEU L 27 -19.53 -3.10 15.40
C LEU L 27 -19.16 -1.89 16.26
N VAL L 28 -18.14 -2.02 17.10
CA VAL L 28 -17.73 -0.90 17.95
C VAL L 28 -17.17 0.26 17.11
N ALA L 29 -16.47 -0.05 16.01
CA ALA L 29 -16.09 0.98 15.05
C ALA L 29 -17.31 1.70 14.47
N SER L 30 -18.34 0.95 14.09
CA SER L 30 -19.56 1.56 13.58
C SER L 30 -20.25 2.38 14.65
N LEU L 31 -20.21 1.95 15.91
CA LEU L 31 -20.79 2.74 16.98
C LEU L 31 -20.04 4.06 17.19
N ALA L 32 -18.72 4.03 17.19
CA ALA L 32 -17.95 5.27 17.28
C ALA L 32 -18.27 6.21 16.12
N GLU L 33 -18.31 5.68 14.90
CA GLU L 33 -18.70 6.49 13.75
C GLU L 33 -20.11 7.04 13.88
N LEU L 34 -21.04 6.23 14.38
CA LEU L 34 -22.41 6.69 14.60
C LEU L 34 -22.48 7.81 15.64
N LYS L 35 -21.75 7.66 16.74
CA LYS L 35 -21.69 8.73 17.73
C LYS L 35 -21.16 10.02 17.12
N ARG L 36 -20.03 9.93 16.42
CA ARG L 36 -19.46 11.12 15.77
C ARG L 36 -20.47 11.79 14.83
N ALA L 37 -21.15 10.98 14.01
CA ALA L 37 -22.17 11.53 13.12
C ALA L 37 -23.32 12.16 13.89
N THR L 38 -23.70 11.58 15.03
CA THR L 38 -24.78 12.17 15.82
C THR L 38 -24.36 13.53 16.35
N LEU L 39 -23.13 13.65 16.81
CA LEU L 39 -22.64 14.95 17.28
C LEU L 39 -22.67 15.98 16.16
N LYS L 40 -22.13 15.63 15.00
CA LYS L 40 -22.19 16.50 13.83
C LYS L 40 -23.62 16.92 13.50
N LEU L 41 -24.55 15.96 13.51
CA LEU L 41 -25.93 16.29 13.19
C LEU L 41 -26.53 17.25 14.21
N LEU L 42 -26.19 17.09 15.48
CA LEU L 42 -26.65 18.06 16.47
C LEU L 42 -26.11 19.45 16.18
N VAL L 43 -24.85 19.51 15.72
CA VAL L 43 -24.27 20.80 15.36
C VAL L 43 -25.09 21.46 14.27
N ILE L 44 -25.27 20.76 13.16
CA ILE L 44 -25.96 21.40 12.04
C ILE L 44 -27.41 21.68 12.38
N THR L 45 -28.02 20.88 13.25
CA THR L 45 -29.35 21.23 13.77
C THR L 45 -29.36 22.56 14.51
N GLU L 46 -28.32 22.82 15.32
CA GLU L 46 -28.26 24.12 15.97
C GLU L 46 -28.04 25.24 14.96
N GLU L 47 -27.14 25.04 14.01
CA GLU L 47 -26.89 26.06 13.00
C GLU L 47 -28.14 26.39 12.19
N LEU L 48 -28.90 25.35 11.81
CA LEU L 48 -30.17 25.56 11.14
C LEU L 48 -31.18 26.30 12.02
N LYS L 49 -31.24 25.94 13.31
CA LYS L 49 -32.13 26.65 14.22
C LYS L 49 -31.80 28.13 14.31
N LYS L 50 -30.51 28.47 14.39
CA LYS L 50 -30.11 29.87 14.53
C LYS L 50 -30.32 30.68 13.26
N ASN L 51 -30.03 30.10 12.09
CA ASN L 51 -30.05 30.84 10.82
C ASN L 51 -30.78 30.08 9.73
N PRO L 52 -32.08 29.83 9.93
CA PRO L 52 -32.80 28.92 9.03
C PRO L 52 -32.96 29.51 7.64
N SER L 53 -32.80 28.65 6.64
CA SER L 53 -32.89 29.06 5.25
C SER L 53 -33.11 27.83 4.39
N GLU L 54 -33.57 28.08 3.15
CA GLU L 54 -33.95 26.98 2.26
C GLU L 54 -32.77 26.06 1.93
N SER L 55 -31.62 26.63 1.58
CA SER L 55 -30.46 25.78 1.32
C SER L 55 -29.94 25.11 2.57
N ALA L 56 -30.06 25.78 3.72
CA ALA L 56 -29.77 25.12 5.00
C ALA L 56 -30.69 23.95 5.26
N LEU L 57 -32.00 24.11 4.99
CA LEU L 57 -32.93 23.00 5.15
C LEU L 57 -32.57 21.82 4.26
N VAL L 58 -32.30 22.09 2.98
CA VAL L 58 -31.93 21.02 2.06
C VAL L 58 -30.66 20.31 2.52
N SER L 59 -29.64 21.06 2.93
CA SER L 59 -28.39 20.41 3.35
C SER L 59 -28.55 19.65 4.66
N HIS L 60 -29.36 20.17 5.57
CA HIS L 60 -29.65 19.45 6.80
C HIS L 60 -30.33 18.12 6.51
N ASN L 61 -31.36 18.14 5.67
CA ASN L 61 -32.02 16.89 5.28
C ASN L 61 -31.06 15.90 4.64
N LYS L 62 -30.20 16.35 3.73
CA LYS L 62 -29.21 15.44 3.16
C LYS L 62 -28.27 14.86 4.21
N ALA L 63 -27.87 15.66 5.20
CA ALA L 63 -27.07 15.12 6.29
C ALA L 63 -27.82 14.08 7.10
N ILE L 64 -29.12 14.30 7.32
CA ILE L 64 -29.94 13.28 7.98
C ILE L 64 -29.98 12.00 7.17
N VAL L 65 -30.04 12.11 5.85
CA VAL L 65 -30.01 10.91 5.01
C VAL L 65 -28.69 10.16 5.15
N GLU L 66 -27.57 10.87 5.21
CA GLU L 66 -26.31 10.15 5.41
C GLU L 66 -26.17 9.55 6.81
N HIS L 67 -26.72 10.21 7.82
CA HIS L 67 -26.75 9.62 9.15
C HIS L 67 -27.60 8.36 9.18
N ASN L 68 -28.77 8.39 8.57
CA ASN L 68 -29.59 7.19 8.47
C ASN L 68 -28.87 6.06 7.73
N ALA L 69 -28.15 6.38 6.67
CA ALA L 69 -27.37 5.33 6.00
C ALA L 69 -26.34 4.70 6.94
N ILE L 70 -25.71 5.51 7.80
CA ILE L 70 -24.81 4.94 8.81
C ILE L 70 -25.56 4.03 9.79
N ILE L 71 -26.74 4.46 10.24
CA ILE L 71 -27.54 3.59 11.11
C ILE L 71 -27.86 2.26 10.43
N VAL L 72 -28.26 2.31 9.17
CA VAL L 72 -28.58 1.09 8.42
C VAL L 72 -27.38 0.16 8.33
N GLU L 73 -26.21 0.69 8.03
CA GLU L 73 -25.01 -0.16 8.08
C GLU L 73 -24.76 -0.74 9.46
N ASN L 74 -25.01 0.03 10.52
CA ASN L 74 -24.90 -0.52 11.87
C ASN L 74 -25.84 -1.71 12.07
N ASN L 75 -27.09 -1.58 11.63
CA ASN L 75 -28.06 -2.65 11.79
C ASN L 75 -27.72 -3.86 10.94
N ARG L 76 -27.12 -3.65 9.77
CA ARG L 76 -26.65 -4.78 8.98
C ARG L 76 -25.56 -5.55 9.71
N ILE L 77 -24.60 -4.82 10.29
CA ILE L 77 -23.53 -5.49 11.02
C ILE L 77 -24.08 -6.22 12.25
N ILE L 78 -25.05 -5.63 12.94
CA ILE L 78 -25.67 -6.32 14.08
C ILE L 78 -26.34 -7.62 13.63
N ALA L 79 -27.10 -7.56 12.54
CA ALA L 79 -27.73 -8.78 12.03
C ALA L 79 -26.70 -9.84 11.65
N ALA L 80 -25.56 -9.43 11.11
CA ALA L 80 -24.52 -10.40 10.78
C ALA L 80 -23.99 -11.06 12.05
N VAL L 81 -23.67 -10.25 13.04
CA VAL L 81 -23.16 -10.79 14.29
C VAL L 81 -24.15 -11.76 14.89
N LEU L 82 -25.43 -11.38 14.93
CA LEU L 82 -26.45 -12.28 15.48
C LEU L 82 -26.54 -13.59 14.73
N GLU L 83 -26.42 -13.56 13.40
CA GLU L 83 -26.43 -14.84 12.69
C GLU L 83 -25.24 -15.73 13.07
N LEU L 84 -24.05 -15.13 13.23
CA LEU L 84 -22.91 -15.92 13.69
C LEU L 84 -23.08 -16.43 15.13
N ILE L 85 -23.64 -15.60 16.01
CA ILE L 85 -23.89 -16.01 17.39
C ILE L 85 -24.91 -17.14 17.45
N VAL L 86 -26.02 -17.01 16.74
CA VAL L 86 -27.03 -18.06 16.79
C VAL L 86 -26.48 -19.34 16.19
N ARG L 87 -25.73 -19.26 15.09
CA ARG L 87 -25.12 -20.49 14.61
C ARG L 87 -24.13 -21.07 15.62
N ALA L 88 -23.52 -20.22 16.44
CA ALA L 88 -22.68 -20.72 17.53
C ALA L 88 -23.49 -21.50 18.57
N VAL L 89 -24.59 -20.91 19.06
CA VAL L 89 -25.40 -21.58 20.08
C VAL L 89 -26.30 -22.66 19.49
N GLY L 90 -26.75 -22.49 18.25
CA GLY L 90 -27.84 -23.28 17.72
C GLY L 90 -29.17 -22.56 17.67
N MET L 91 -29.84 -22.70 16.53
CA MET L 91 -31.19 -22.23 16.34
C MET L 91 -32.18 -22.91 17.29
N THR L 92 -33.34 -22.29 17.43
CA THR L 92 -34.53 -22.88 18.03
C THR L 92 -35.74 -22.35 17.30
N ASP L 93 -36.88 -23.01 17.51
CA ASP L 93 -38.10 -22.64 16.79
C ASP L 93 -38.37 -21.14 16.83
N GLU L 94 -38.40 -20.56 18.04
CA GLU L 94 -38.70 -19.14 18.15
C GLU L 94 -37.55 -18.30 17.62
N ILE L 95 -36.32 -18.77 17.77
CA ILE L 95 -35.19 -18.06 17.20
C ILE L 95 -35.27 -18.08 15.69
N LEU L 96 -35.52 -19.24 15.09
CA LEU L 96 -35.56 -19.30 13.64
C LEU L 96 -36.68 -18.42 13.08
N LEU L 97 -37.85 -18.41 13.73
CA LEU L 97 -38.92 -17.52 13.28
C LEU L 97 -38.57 -16.06 13.45
N ALA L 98 -37.83 -15.71 14.51
CA ALA L 98 -37.41 -14.33 14.68
C ALA L 98 -36.32 -13.94 13.70
N LEU L 99 -35.42 -14.87 13.35
CA LEU L 99 -34.43 -14.56 12.33
C LEU L 99 -35.04 -14.41 10.95
N LEU L 100 -36.08 -15.19 10.63
CA LEU L 100 -36.77 -14.95 9.36
C LEU L 100 -37.48 -13.59 9.37
N GLU L 101 -38.02 -13.19 10.52
CA GLU L 101 -38.58 -11.85 10.63
C GLU L 101 -37.50 -10.78 10.50
N LEU L 102 -36.32 -11.04 11.07
CA LEU L 102 -35.21 -10.11 10.95
C LEU L 102 -34.74 -9.98 9.52
N LYS L 103 -34.58 -11.08 8.80
CA LYS L 103 -34.14 -11.01 7.41
C LYS L 103 -35.16 -10.28 6.54
N ALA L 104 -36.45 -10.50 6.80
CA ALA L 104 -37.45 -9.71 6.09
C ALA L 104 -37.31 -8.22 6.37
N SER L 105 -37.21 -7.85 7.66
CA SER L 105 -37.07 -6.44 8.00
C SER L 105 -35.80 -5.83 7.44
N THR L 106 -34.70 -6.58 7.40
CA THR L 106 -33.48 -6.13 6.75
C THR L 106 -33.69 -5.80 5.27
N ALA L 107 -34.40 -6.66 4.56
CA ALA L 107 -34.63 -6.36 3.14
C ALA L 107 -35.55 -5.14 2.99
N ARG L 108 -36.60 -5.08 3.80
CA ARG L 108 -37.49 -3.92 3.75
C ARG L 108 -36.73 -2.63 4.03
N LEU L 109 -35.77 -2.69 4.95
CA LEU L 109 -34.96 -1.51 5.22
C LEU L 109 -34.07 -1.15 4.04
N LYS L 110 -33.43 -2.11 3.38
CA LYS L 110 -32.63 -1.75 2.21
C LYS L 110 -33.49 -1.08 1.14
N VAL L 111 -34.73 -1.56 0.97
CA VAL L 111 -35.65 -0.94 0.03
C VAL L 111 -35.98 0.50 0.44
N ALA L 112 -36.39 0.70 1.69
CA ALA L 112 -36.72 2.05 2.12
C ALA L 112 -35.52 2.98 2.10
N THR L 113 -34.32 2.47 2.33
CA THR L 113 -33.11 3.26 2.19
C THR L 113 -32.92 3.76 0.77
N ALA L 114 -33.04 2.88 -0.22
CA ALA L 114 -33.02 3.35 -1.61
C ALA L 114 -34.13 4.34 -1.93
N LEU L 115 -35.35 4.07 -1.45
CA LEU L 115 -36.44 5.03 -1.64
C LEU L 115 -36.07 6.41 -1.12
N LEU L 116 -35.58 6.45 0.12
CA LEU L 116 -35.21 7.73 0.74
C LEU L 116 -34.12 8.43 -0.05
N ARG L 117 -33.05 7.71 -0.42
CA ARG L 117 -32.00 8.35 -1.20
C ARG L 117 -32.52 8.94 -2.51
N MET L 118 -33.48 8.26 -3.13
CA MET L 118 -33.97 8.76 -4.42
C MET L 118 -34.84 9.99 -4.26
N ILE L 119 -35.75 10.00 -3.29
CA ILE L 119 -36.50 11.24 -3.03
C ILE L 119 -35.60 12.34 -2.46
N THR L 120 -34.51 11.99 -1.76
CA THR L 120 -33.49 12.98 -1.43
C THR L 120 -32.91 13.65 -2.67
N GLU L 121 -32.53 12.86 -3.67
CA GLU L 121 -32.01 13.45 -4.91
C GLU L 121 -33.06 14.30 -5.60
N GLU L 122 -34.32 13.87 -5.60
CA GLU L 122 -35.38 14.73 -6.12
C GLU L 122 -35.47 16.06 -5.37
N LEU L 123 -35.41 16.03 -4.04
CA LEU L 123 -35.47 17.27 -3.27
C LEU L 123 -34.28 18.17 -3.56
N LYS L 124 -33.07 17.61 -3.53
CA LYS L 124 -31.86 18.38 -3.81
C LYS L 124 -31.95 19.04 -5.19
N LYS L 125 -32.43 18.31 -6.19
CA LYS L 125 -32.54 18.86 -7.54
C LYS L 125 -33.64 19.91 -7.65
N ASN L 126 -34.80 19.68 -7.04
CA ASN L 126 -35.96 20.55 -7.21
C ASN L 126 -36.58 20.95 -5.87
N PRO L 127 -35.83 21.66 -5.03
CA PRO L 127 -36.32 21.94 -3.67
C PRO L 127 -37.42 22.96 -3.63
N SER L 128 -38.34 22.77 -2.69
CA SER L 128 -39.42 23.69 -2.39
C SER L 128 -40.00 23.28 -1.04
N GLU L 129 -40.83 24.15 -0.48
CA GLU L 129 -41.39 23.87 0.85
C GLU L 129 -42.22 22.59 0.84
N ASP L 130 -43.04 22.39 -0.19
CA ASP L 130 -43.80 21.15 -0.30
C ASP L 130 -42.86 19.95 -0.35
N ALA L 131 -41.77 20.07 -1.10
CA ALA L 131 -40.80 18.99 -1.18
C ALA L 131 -40.12 18.74 0.16
N LEU L 132 -39.87 19.81 0.94
CA LEU L 132 -39.30 19.61 2.26
C LEU L 132 -40.28 18.89 3.18
N VAL L 133 -41.56 19.24 3.13
CA VAL L 133 -42.54 18.51 3.93
C VAL L 133 -42.56 17.04 3.56
N GLU L 134 -42.68 16.75 2.27
CA GLU L 134 -42.71 15.36 1.83
C GLU L 134 -41.44 14.61 2.23
N HIS L 135 -40.30 15.27 2.13
CA HIS L 135 -39.04 14.63 2.51
C HIS L 135 -38.98 14.36 4.01
N ASN L 136 -39.40 15.31 4.83
CA ASN L 136 -39.42 15.07 6.28
C ASN L 136 -40.35 13.92 6.63
N ARG L 137 -41.53 13.86 6.00
CA ARG L 137 -42.42 12.73 6.25
C ARG L 137 -41.79 11.41 5.83
N ALA L 138 -41.04 11.42 4.73
CA ALA L 138 -40.37 10.18 4.33
C ALA L 138 -39.21 9.82 5.25
N ILE L 139 -38.53 10.80 5.82
CA ILE L 139 -37.55 10.51 6.86
C ILE L 139 -38.23 9.87 8.07
N VAL L 140 -39.38 10.40 8.47
CA VAL L 140 -40.09 9.83 9.61
C VAL L 140 -40.56 8.40 9.34
N ASN L 141 -40.97 8.10 8.11
CA ASN L 141 -41.29 6.71 7.79
C ASN L 141 -40.06 5.81 7.77
N HIS L 142 -38.95 6.32 7.23
CA HIS L 142 -37.71 5.54 7.26
C HIS L 142 -37.30 5.22 8.68
N ASN L 143 -37.32 6.22 9.56
CA ASN L 143 -37.04 5.98 10.96
C ASN L 143 -38.00 4.95 11.58
N ALA L 144 -39.30 5.06 11.29
CA ALA L 144 -40.21 4.04 11.82
C ALA L 144 -39.83 2.62 11.39
N ILE L 145 -39.26 2.48 10.19
CA ILE L 145 -38.77 1.16 9.78
C ILE L 145 -37.51 0.76 10.53
N ILE L 146 -36.60 1.71 10.76
CA ILE L 146 -35.44 1.43 11.63
C ILE L 146 -35.91 0.95 13.00
N VAL L 147 -36.88 1.64 13.60
CA VAL L 147 -37.45 1.20 14.87
C VAL L 147 -37.93 -0.25 14.81
N GLU L 148 -38.71 -0.61 13.79
CA GLU L 148 -39.14 -2.00 13.72
C GLU L 148 -37.97 -2.97 13.59
N ASN L 149 -36.93 -2.60 12.84
CA ASN L 149 -35.72 -3.41 12.80
C ASN L 149 -35.11 -3.59 14.19
N ASN L 150 -35.10 -2.53 14.98
CA ASN L 150 -34.50 -2.62 16.31
C ASN L 150 -35.36 -3.46 17.23
N ARG L 151 -36.68 -3.41 17.07
CA ARG L 151 -37.52 -4.24 17.93
C ARG L 151 -37.28 -5.70 17.64
N ILE L 152 -37.11 -6.04 16.37
CA ILE L 152 -36.88 -7.45 16.04
C ILE L 152 -35.52 -7.91 16.53
N ILE L 153 -34.49 -7.08 16.37
CA ILE L 153 -33.16 -7.40 16.93
C ILE L 153 -33.20 -7.58 18.44
N ALA L 154 -33.90 -6.71 19.16
CA ALA L 154 -34.09 -6.90 20.58
C ALA L 154 -34.84 -8.19 20.91
N ALA L 155 -35.86 -8.53 20.13
CA ALA L 155 -36.56 -9.78 20.40
C ALA L 155 -35.65 -10.98 20.19
N VAL L 156 -34.80 -10.93 19.16
CA VAL L 156 -33.82 -12.00 18.94
C VAL L 156 -32.90 -12.14 20.14
N LEU L 157 -32.34 -11.03 20.63
CA LEU L 157 -31.45 -11.11 21.78
C LEU L 157 -32.16 -11.61 23.03
N GLU L 158 -33.39 -11.19 23.25
CA GLU L 158 -34.20 -11.73 24.35
C GLU L 158 -34.34 -13.24 24.25
N LEU L 159 -34.61 -13.74 23.04
CA LEU L 159 -34.73 -15.19 22.85
C LEU L 159 -33.40 -15.90 23.04
N ILE L 160 -32.31 -15.35 22.52
CA ILE L 160 -31.01 -16.00 22.69
C ILE L 160 -30.65 -16.12 24.16
N VAL L 161 -30.83 -15.04 24.93
CA VAL L 161 -30.54 -15.12 26.36
C VAL L 161 -31.45 -16.11 27.06
N ARG L 162 -32.76 -16.07 26.80
CA ARG L 162 -33.64 -17.05 27.45
C ARG L 162 -33.31 -18.49 27.03
N ALA L 163 -32.91 -18.70 25.79
CA ALA L 163 -32.54 -20.04 25.33
C ALA L 163 -31.27 -20.56 26.00
N LEU L 164 -30.25 -19.72 26.16
CA LEU L 164 -29.09 -20.14 26.93
C LEU L 164 -29.43 -20.41 28.39
N ASN L 165 -30.45 -19.75 28.93
CA ASN L 165 -30.76 -19.83 30.35
C ASN L 165 -29.67 -19.14 31.16
N LEU L 166 -29.15 -18.06 30.60
CA LEU L 166 -27.98 -17.40 31.15
C LEU L 166 -28.34 -16.63 32.42
N THR L 167 -27.60 -16.87 33.49
CA THR L 167 -27.94 -16.38 34.82
C THR L 167 -27.18 -15.12 35.19
N ASP L 168 -26.36 -14.58 34.30
CA ASP L 168 -25.52 -13.43 34.64
C ASP L 168 -26.37 -12.21 34.93
N GLU L 169 -26.20 -11.65 36.12
CA GLU L 169 -26.93 -10.45 36.50
C GLU L 169 -26.56 -9.25 35.64
N GLU L 170 -25.33 -9.22 35.12
CA GLU L 170 -24.98 -8.18 34.15
C GLU L 170 -25.85 -8.28 32.90
N VAL L 171 -26.16 -9.49 32.47
CA VAL L 171 -27.03 -9.67 31.32
C VAL L 171 -28.47 -9.25 31.66
N ARG L 172 -28.96 -9.66 32.82
CA ARG L 172 -30.32 -9.27 33.21
C ARG L 172 -30.45 -7.75 33.29
N LYS L 173 -29.48 -7.09 33.91
CA LYS L 173 -29.47 -5.63 33.94
C LYS L 173 -29.48 -5.02 32.54
N ALA L 174 -28.62 -5.51 31.65
CA ALA L 174 -28.62 -4.98 30.30
C ALA L 174 -29.93 -5.24 29.57
N LEU L 175 -30.61 -6.34 29.85
CA LEU L 175 -31.93 -6.56 29.25
C LEU L 175 -33.01 -5.66 29.85
N GLU L 176 -32.92 -5.33 31.14
CA GLU L 176 -33.85 -4.33 31.67
C GLU L 176 -33.64 -2.98 31.02
N GLU L 177 -32.38 -2.61 30.77
CA GLU L 177 -32.11 -1.42 29.98
C GLU L 177 -32.65 -1.53 28.56
N LEU L 178 -32.50 -2.69 27.92
CA LEU L 178 -32.95 -2.82 26.54
C LEU L 178 -34.48 -2.78 26.42
N LYS L 179 -35.20 -3.42 27.33
CA LYS L 179 -36.66 -3.32 27.34
C LYS L 179 -37.16 -1.90 27.65
N ALA L 180 -36.53 -1.21 28.59
CA ALA L 180 -36.88 0.18 28.83
C ALA L 180 -36.62 1.05 27.59
N SER L 181 -35.45 0.90 26.98
CA SER L 181 -35.15 1.63 25.75
C SER L 181 -36.13 1.31 24.63
N THR L 182 -36.57 0.07 24.52
CA THR L 182 -37.55 -0.29 23.49
C THR L 182 -38.90 0.39 23.71
N ALA L 183 -39.43 0.34 24.93
CA ALA L 183 -40.69 1.05 25.19
C ALA L 183 -40.54 2.56 25.01
N GLU L 184 -39.41 3.12 25.43
CA GLU L 184 -39.13 4.53 25.17
C GLU L 184 -39.11 4.83 23.68
N LEU L 185 -38.52 3.94 22.88
CA LEU L 185 -38.45 4.15 21.44
C LEU L 185 -39.82 4.06 20.78
N LYS L 186 -40.69 3.16 21.24
CA LYS L 186 -42.07 3.19 20.75
C LYS L 186 -42.76 4.51 21.05
N ARG L 187 -42.67 4.98 22.30
CA ARG L 187 -43.32 6.26 22.61
C ARG L 187 -42.75 7.41 21.78
N ALA L 188 -41.42 7.49 21.64
CA ALA L 188 -40.83 8.56 20.85
C ALA L 188 -41.23 8.48 19.38
N THR L 189 -41.32 7.26 18.83
CA THR L 189 -41.78 7.11 17.45
C THR L 189 -43.20 7.61 17.27
N ALA L 190 -44.09 7.23 18.18
CA ALA L 190 -45.46 7.73 18.13
C ALA L 190 -45.52 9.25 18.21
N SER L 191 -44.75 9.85 19.13
CA SER L 191 -44.71 11.30 19.24
C SER L 191 -44.24 11.95 17.95
N LEU L 192 -43.26 11.35 17.28
CA LEU L 192 -42.75 11.94 16.05
C LEU L 192 -43.76 11.82 14.93
N ARG L 193 -44.49 10.70 14.87
CA ARG L 193 -45.56 10.61 13.88
C ARG L 193 -46.66 11.62 14.16
N ALA L 194 -46.90 11.94 15.42
CA ALA L 194 -47.92 12.94 15.76
C ALA L 194 -47.53 14.33 15.26
N ILE L 195 -46.32 14.77 15.57
CA ILE L 195 -45.91 16.09 15.06
C ILE L 195 -45.75 16.07 13.54
N THR L 196 -45.39 14.95 12.94
CA THR L 196 -45.41 14.85 11.48
C THR L 196 -46.80 15.06 10.88
N GLU L 197 -47.83 14.47 11.49
CA GLU L 197 -49.20 14.74 11.06
C GLU L 197 -49.62 16.19 11.29
N GLU L 198 -49.09 16.83 12.33
CA GLU L 198 -49.30 18.27 12.47
C GLU L 198 -48.65 19.02 11.31
N LEU L 199 -47.38 18.74 11.03
CA LEU L 199 -46.68 19.47 9.98
C LEU L 199 -47.41 19.31 8.66
N LYS L 200 -47.77 18.07 8.32
CA LYS L 200 -48.52 17.84 7.09
C LYS L 200 -49.80 18.65 7.05
N LYS L 201 -50.45 18.86 8.20
CA LYS L 201 -51.63 19.73 8.18
C LYS L 201 -51.25 21.22 8.04
N ASN L 202 -50.21 21.69 8.73
CA ASN L 202 -49.90 23.12 8.81
C ASN L 202 -48.42 23.39 8.53
N PRO L 203 -47.95 23.11 7.32
CA PRO L 203 -46.52 23.26 7.01
C PRO L 203 -46.07 24.71 6.97
N SER L 204 -44.97 24.99 7.66
CA SER L 204 -44.33 26.30 7.64
C SER L 204 -42.86 26.11 8.01
N GLU L 205 -42.03 27.08 7.59
CA GLU L 205 -40.61 27.04 7.92
C GLU L 205 -40.37 26.92 9.43
N ASP L 206 -41.11 27.65 10.26
CA ASP L 206 -40.92 27.48 11.69
C ASP L 206 -41.25 26.05 12.11
N ALA L 207 -42.25 25.47 11.45
CA ALA L 207 -42.59 24.10 11.77
C ALA L 207 -41.52 23.16 11.26
N LEU L 208 -41.03 23.38 10.03
CA LEU L 208 -39.99 22.52 9.50
C LEU L 208 -38.79 22.48 10.43
N VAL L 209 -38.44 23.63 11.03
CA VAL L 209 -37.31 23.68 11.95
C VAL L 209 -37.61 22.90 13.23
N GLU L 210 -38.76 23.18 13.86
CA GLU L 210 -39.12 22.44 15.07
C GLU L 210 -39.20 20.94 14.82
N HIS L 211 -39.63 20.57 13.62
CA HIS L 211 -39.80 19.17 13.27
C HIS L 211 -38.44 18.51 13.10
N ASN L 212 -37.55 19.14 12.34
CA ASN L 212 -36.21 18.58 12.17
C ASN L 212 -35.51 18.42 13.51
N ARG L 213 -35.74 19.36 14.43
CA ARG L 213 -35.25 19.18 15.80
C ARG L 213 -35.78 17.91 16.45
N ALA L 214 -37.10 17.69 16.36
CA ALA L 214 -37.65 16.46 16.95
C ALA L 214 -37.12 15.21 16.25
N ILE L 215 -36.92 15.25 14.94
CA ILE L 215 -36.26 14.15 14.24
C ILE L 215 -34.89 13.86 14.83
N VAL L 216 -34.07 14.90 15.02
CA VAL L 216 -32.73 14.66 15.53
C VAL L 216 -32.76 14.08 16.95
N GLU L 217 -33.74 14.48 17.76
CA GLU L 217 -33.92 13.82 19.05
C GLU L 217 -34.28 12.35 18.90
N HIS L 218 -35.14 12.04 17.93
CA HIS L 218 -35.52 10.66 17.69
C HIS L 218 -34.32 9.81 17.26
N ASN L 219 -33.52 10.33 16.33
CA ASN L 219 -32.31 9.63 15.91
C ASN L 219 -31.36 9.41 17.08
N ALA L 220 -31.23 10.39 17.97
CA ALA L 220 -30.40 10.20 19.15
C ALA L 220 -30.90 9.04 20.02
N ILE L 221 -32.22 8.92 20.17
CA ILE L 221 -32.77 7.79 20.92
C ILE L 221 -32.52 6.46 20.22
N ILE L 222 -32.57 6.43 18.89
CA ILE L 222 -32.20 5.21 18.17
C ILE L 222 -30.74 4.85 18.40
N VAL L 223 -29.86 5.84 18.44
CA VAL L 223 -28.45 5.58 18.71
C VAL L 223 -28.24 5.02 20.12
N GLU L 224 -28.95 5.55 21.11
CA GLU L 224 -28.93 4.92 22.43
C GLU L 224 -29.43 3.48 22.40
N ASN L 225 -30.46 3.21 21.61
CA ASN L 225 -30.92 1.83 21.48
C ASN L 225 -29.82 0.94 20.91
N ASN L 226 -29.13 1.42 19.88
CA ASN L 226 -28.06 0.61 19.29
C ASN L 226 -26.91 0.40 20.25
N ARG L 227 -26.62 1.37 21.12
CA ARG L 227 -25.61 1.16 22.16
C ARG L 227 -26.02 0.04 23.11
N ILE L 228 -27.27 0.07 23.58
CA ILE L 228 -27.70 -0.97 24.52
C ILE L 228 -27.67 -2.33 23.83
N ILE L 229 -28.13 -2.40 22.59
CA ILE L 229 -28.08 -3.65 21.83
C ILE L 229 -26.65 -4.16 21.78
N ALA L 230 -25.69 -3.29 21.49
CA ALA L 230 -24.30 -3.74 21.47
C ALA L 230 -23.82 -4.22 22.84
N LEU L 231 -24.29 -3.62 23.93
CA LEU L 231 -23.90 -4.17 25.24
C LEU L 231 -24.47 -5.57 25.43
N VAL L 232 -25.70 -5.80 25.00
CA VAL L 232 -26.24 -7.14 25.11
C VAL L 232 -25.44 -8.14 24.26
N LEU L 233 -25.14 -7.79 23.01
CA LEU L 233 -24.30 -8.71 22.23
C LEU L 233 -22.97 -9.01 22.90
N LEU L 234 -22.28 -7.98 23.40
CA LEU L 234 -21.01 -8.22 24.07
C LEU L 234 -21.13 -9.13 25.29
N LEU L 235 -22.14 -8.89 26.13
CA LEU L 235 -22.37 -9.77 27.27
C LEU L 235 -22.69 -11.20 26.85
N ILE L 236 -23.49 -11.38 25.81
CA ILE L 236 -23.79 -12.74 25.35
C ILE L 236 -22.54 -13.43 24.85
N VAL L 237 -21.77 -12.75 23.99
CA VAL L 237 -20.57 -13.38 23.43
C VAL L 237 -19.56 -13.70 24.51
N LEU L 238 -19.50 -12.93 25.59
CA LEU L 238 -18.66 -13.33 26.72
C LEU L 238 -19.25 -14.50 27.49
N ALA L 239 -20.57 -14.55 27.65
CA ALA L 239 -21.17 -15.63 28.44
C ALA L 239 -21.14 -16.99 27.76
N ILE L 240 -21.28 -17.06 26.43
CA ILE L 240 -21.12 -18.36 25.77
C ILE L 240 -19.70 -18.85 25.93
N GLY M 15 19.62 -5.96 -11.12
CA GLY M 15 18.61 -6.74 -10.45
C GLY M 15 18.99 -8.20 -10.31
N SER M 16 18.11 -8.96 -9.66
CA SER M 16 18.29 -10.41 -9.50
C SER M 16 17.75 -11.16 -10.72
N GLU M 17 18.17 -12.42 -10.83
CA GLU M 17 17.72 -13.27 -11.93
C GLU M 17 16.20 -13.39 -11.97
N GLU M 18 15.54 -13.35 -10.81
CA GLU M 18 14.09 -13.33 -10.83
C GLU M 18 13.57 -12.06 -11.47
N GLU M 19 14.15 -10.90 -11.12
CA GLU M 19 13.70 -9.65 -11.72
C GLU M 19 13.95 -9.64 -13.22
N ILE M 20 15.16 -10.02 -13.65
CA ILE M 20 15.47 -10.02 -15.08
C ILE M 20 14.52 -10.94 -15.84
N ALA M 21 14.32 -12.16 -15.32
CA ALA M 21 13.43 -13.10 -16.01
C ALA M 21 11.99 -12.60 -16.05
N LYS M 22 11.47 -12.10 -14.93
CA LYS M 22 10.15 -11.51 -14.92
C LYS M 22 10.02 -10.37 -15.93
N ALA M 23 10.99 -9.46 -15.93
CA ALA M 23 10.96 -8.34 -16.87
C ALA M 23 11.05 -8.79 -18.34
N LEU M 24 11.79 -9.87 -18.62
CA LEU M 24 11.78 -10.42 -19.98
C LEU M 24 10.47 -11.10 -20.34
N GLU M 25 9.79 -11.70 -19.36
CA GLU M 25 8.41 -12.14 -19.59
C GLU M 25 7.49 -10.97 -19.89
N GLU M 26 7.66 -9.86 -19.18
CA GLU M 26 6.90 -8.65 -19.49
C GLU M 26 7.25 -8.10 -20.86
N LEU M 27 8.52 -8.20 -21.25
CA LEU M 27 8.93 -7.73 -22.57
C LEU M 27 8.31 -8.56 -23.67
N VAL M 28 8.35 -9.88 -23.55
CA VAL M 28 7.75 -10.73 -24.57
C VAL M 28 6.23 -10.58 -24.61
N ALA M 29 5.60 -10.37 -23.44
CA ALA M 29 4.19 -9.99 -23.43
C ALA M 29 3.93 -8.68 -24.18
N SER M 30 4.78 -7.68 -23.95
CA SER M 30 4.64 -6.42 -24.68
C SER M 30 4.88 -6.60 -26.17
N LEU M 31 5.80 -7.49 -26.54
CA LEU M 31 6.02 -7.76 -27.96
C LEU M 31 4.82 -8.42 -28.61
N ALA M 32 4.22 -9.40 -27.93
CA ALA M 32 2.99 -10.00 -28.44
C ALA M 32 1.88 -8.97 -28.60
N GLU M 33 1.69 -8.13 -27.58
CA GLU M 33 0.72 -7.04 -27.67
C GLU M 33 1.03 -6.08 -28.82
N LEU M 34 2.31 -5.75 -29.01
CA LEU M 34 2.71 -4.88 -30.11
C LEU M 34 2.44 -5.50 -31.47
N LYS M 35 2.74 -6.79 -31.63
CA LYS M 35 2.42 -7.49 -32.87
C LYS M 35 0.93 -7.45 -33.15
N ARG M 36 0.12 -7.81 -32.15
CA ARG M 36 -1.34 -7.78 -32.29
C ARG M 36 -1.82 -6.39 -32.73
N ALA M 37 -1.31 -5.35 -32.07
CA ALA M 37 -1.68 -3.98 -32.45
C ALA M 37 -1.24 -3.65 -33.86
N THR M 38 -0.08 -4.15 -34.29
CA THR M 38 0.36 -3.88 -35.66
C THR M 38 -0.57 -4.52 -36.66
N LEU M 39 -1.01 -5.75 -36.39
CA LEU M 39 -1.98 -6.40 -37.27
C LEU M 39 -3.28 -5.61 -37.35
N LYS M 40 -3.82 -5.24 -36.19
CA LYS M 40 -5.02 -4.40 -36.16
C LYS M 40 -4.85 -3.11 -36.96
N LEU M 41 -3.70 -2.44 -36.79
CA LEU M 41 -3.48 -1.20 -37.52
C LEU M 41 -3.42 -1.44 -39.01
N LEU M 42 -2.84 -2.57 -39.44
CA LEU M 42 -2.87 -2.88 -40.86
C LEU M 42 -4.30 -3.08 -41.35
N VAL M 43 -5.15 -3.69 -40.51
CA VAL M 43 -6.55 -3.87 -40.90
C VAL M 43 -7.19 -2.52 -41.16
N ILE M 44 -7.12 -1.63 -40.17
CA ILE M 44 -7.82 -0.36 -40.34
C ILE M 44 -7.18 0.47 -41.44
N THR M 45 -5.88 0.31 -41.68
CA THR M 45 -5.26 0.93 -42.85
C THR M 45 -5.87 0.45 -44.15
N GLU M 46 -6.17 -0.84 -44.25
CA GLU M 46 -6.83 -1.33 -45.46
C GLU M 46 -8.24 -0.77 -45.57
N GLU M 47 -8.99 -0.77 -44.47
CA GLU M 47 -10.34 -0.23 -44.49
C GLU M 47 -10.36 1.24 -44.91
N LEU M 48 -9.42 2.03 -44.39
CA LEU M 48 -9.27 3.41 -44.81
C LEU M 48 -8.91 3.54 -46.28
N LYS M 49 -8.00 2.68 -46.77
CA LYS M 49 -7.66 2.72 -48.18
C LYS M 49 -8.86 2.44 -49.07
N LYS M 50 -9.68 1.45 -48.70
CA LYS M 50 -10.83 1.10 -49.52
C LYS M 50 -11.94 2.15 -49.46
N ASN M 51 -12.21 2.72 -48.29
CA ASN M 51 -13.36 3.61 -48.09
C ASN M 51 -12.96 4.87 -47.34
N PRO M 52 -12.06 5.67 -47.91
CA PRO M 52 -11.47 6.79 -47.17
C PRO M 52 -12.51 7.87 -46.89
N SER M 53 -12.45 8.42 -45.68
CA SER M 53 -13.38 9.45 -45.26
C SER M 53 -12.82 10.18 -44.05
N GLU M 54 -13.38 11.35 -43.77
CA GLU M 54 -12.85 12.22 -42.73
C GLU M 54 -12.90 11.57 -41.35
N SER M 55 -14.03 10.97 -40.99
CA SER M 55 -14.10 10.27 -39.71
C SER M 55 -13.24 9.01 -39.69
N ALA M 56 -13.10 8.35 -40.83
CA ALA M 56 -12.14 7.26 -40.94
C ALA M 56 -10.71 7.74 -40.75
N LEU M 57 -10.36 8.88 -41.31
CA LEU M 57 -9.03 9.44 -41.10
C LEU M 57 -8.78 9.76 -39.63
N VAL M 58 -9.73 10.41 -38.98
CA VAL M 58 -9.59 10.73 -37.56
C VAL M 58 -9.41 9.46 -36.72
N SER M 59 -10.25 8.44 -36.96
CA SER M 59 -10.14 7.23 -36.15
C SER M 59 -8.86 6.45 -36.44
N HIS M 60 -8.42 6.45 -37.70
CA HIS M 60 -7.14 5.82 -38.03
C HIS M 60 -5.99 6.51 -37.32
N ASN M 61 -5.94 7.84 -37.37
CA ASN M 61 -4.90 8.57 -36.66
C ASN M 61 -4.92 8.28 -35.16
N LYS M 62 -6.10 8.26 -34.54
CA LYS M 62 -6.15 7.92 -33.12
C LYS M 62 -5.64 6.50 -32.85
N ALA M 63 -5.94 5.56 -33.74
CA ALA M 63 -5.38 4.21 -33.58
C ALA M 63 -3.86 4.20 -33.71
N ILE M 64 -3.32 4.99 -34.63
CA ILE M 64 -1.86 5.14 -34.73
C ILE M 64 -1.27 5.70 -33.45
N VAL M 65 -1.97 6.65 -32.83
CA VAL M 65 -1.49 7.19 -31.55
C VAL M 65 -1.47 6.12 -30.46
N GLU M 66 -2.49 5.27 -30.40
CA GLU M 66 -2.45 4.21 -29.41
C GLU M 66 -1.38 3.14 -29.71
N HIS M 67 -1.14 2.86 -30.98
CA HIS M 67 -0.04 1.98 -31.35
C HIS M 67 1.33 2.56 -30.94
N ASN M 68 1.55 3.84 -31.21
CA ASN M 68 2.77 4.48 -30.76
C ASN M 68 2.91 4.44 -29.24
N ALA M 69 1.82 4.67 -28.51
CA ALA M 69 1.90 4.55 -27.05
C ALA M 69 2.33 3.15 -26.60
N ILE M 70 1.86 2.11 -27.31
CA ILE M 70 2.35 0.75 -27.00
C ILE M 70 3.83 0.62 -27.29
N ILE M 71 4.31 1.17 -28.40
CA ILE M 71 5.75 1.14 -28.69
C ILE M 71 6.54 1.83 -27.57
N VAL M 72 6.07 2.98 -27.13
CA VAL M 72 6.75 3.72 -26.05
C VAL M 72 6.82 2.90 -24.77
N GLU M 73 5.73 2.25 -24.39
CA GLU M 73 5.81 1.35 -23.24
C GLU M 73 6.79 0.20 -23.46
N ASN M 74 6.86 -0.33 -24.68
CA ASN M 74 7.88 -1.34 -25.00
C ASN M 74 9.29 -0.82 -24.76
N ASN M 75 9.56 0.40 -25.22
CA ASN M 75 10.89 0.98 -25.05
C ASN M 75 11.19 1.29 -23.59
N ARG M 76 10.18 1.64 -22.81
CA ARG M 76 10.40 1.82 -21.38
C ARG M 76 10.81 0.51 -20.74
N ILE M 77 10.11 -0.57 -21.06
CA ILE M 77 10.47 -1.87 -20.48
C ILE M 77 11.87 -2.30 -20.92
N ILE M 78 12.23 -2.06 -22.19
CA ILE M 78 13.58 -2.38 -22.64
C ILE M 78 14.62 -1.60 -21.86
N ALA M 79 14.40 -0.29 -21.68
CA ALA M 79 15.36 0.50 -20.88
C ALA M 79 15.47 0.00 -19.45
N ALA M 80 14.36 -0.46 -18.88
CA ALA M 80 14.43 -1.02 -17.52
C ALA M 80 15.29 -2.27 -17.51
N VAL M 81 15.03 -3.17 -18.45
CA VAL M 81 15.79 -4.41 -18.50
C VAL M 81 17.28 -4.11 -18.68
N LEU M 82 17.61 -3.19 -19.59
CA LEU M 82 19.01 -2.85 -19.79
C LEU M 82 19.65 -2.28 -18.54
N GLU M 83 18.94 -1.47 -17.77
CA GLU M 83 19.51 -0.99 -16.53
C GLU M 83 19.80 -2.12 -15.55
N LEU M 84 18.89 -3.11 -15.46
CA LEU M 84 19.16 -4.27 -14.61
C LEU M 84 20.32 -5.11 -15.12
N ILE M 85 20.43 -5.28 -16.44
CA ILE M 85 21.53 -6.03 -17.03
C ILE M 85 22.86 -5.34 -16.78
N VAL M 86 22.93 -4.04 -17.03
CA VAL M 86 24.18 -3.33 -16.81
C VAL M 86 24.56 -3.33 -15.34
N ARG M 87 23.60 -3.15 -14.43
CA ARG M 87 23.96 -3.27 -13.03
C ARG M 87 24.45 -4.67 -12.70
N ALA M 88 23.95 -5.69 -13.42
CA ALA M 88 24.48 -7.04 -13.27
C ALA M 88 25.94 -7.13 -13.69
N VAL M 89 26.25 -6.67 -14.91
CA VAL M 89 27.62 -6.75 -15.42
C VAL M 89 28.53 -5.67 -14.84
N GLY M 90 28.00 -4.50 -14.50
CA GLY M 90 28.84 -3.35 -14.24
C GLY M 90 28.88 -2.32 -15.36
N MET M 91 28.74 -1.06 -14.96
CA MET M 91 28.94 0.07 -15.86
C MET M 91 30.35 0.12 -16.41
N THR M 92 30.51 0.89 -17.50
CA THR M 92 31.80 1.31 -18.03
C THR M 92 31.62 2.72 -18.59
N ASP M 93 32.75 3.40 -18.83
CA ASP M 93 32.69 4.78 -19.29
C ASP M 93 31.71 4.95 -20.46
N GLU M 94 31.89 4.15 -21.52
CA GLU M 94 31.02 4.31 -22.68
C GLU M 94 29.62 3.82 -22.38
N ILE M 95 29.48 2.81 -21.54
CA ILE M 95 28.16 2.36 -21.15
C ILE M 95 27.46 3.45 -20.33
N LEU M 96 28.16 4.02 -19.35
CA LEU M 96 27.51 5.03 -18.53
C LEU M 96 27.10 6.24 -19.36
N LEU M 97 27.94 6.65 -20.31
CA LEU M 97 27.55 7.75 -21.20
C LEU M 97 26.38 7.38 -22.09
N ALA M 98 26.31 6.13 -22.54
CA ALA M 98 25.17 5.73 -23.34
C ALA M 98 23.90 5.57 -22.51
N LEU M 99 24.00 5.15 -21.26
CA LEU M 99 22.81 5.10 -20.41
C LEU M 99 22.32 6.49 -20.03
N LEU M 100 23.22 7.46 -19.84
CA LEU M 100 22.74 8.83 -19.64
C LEU M 100 22.07 9.37 -20.90
N GLU M 101 22.59 9.02 -22.07
CA GLU M 101 21.93 9.39 -23.32
C GLU M 101 20.58 8.69 -23.45
N LEU M 102 20.50 7.44 -23.02
CA LEU M 102 19.25 6.70 -23.06
C LEU M 102 18.22 7.32 -22.12
N LYS M 103 18.60 7.67 -20.90
CA LYS M 103 17.66 8.28 -19.98
C LYS M 103 17.17 9.63 -20.50
N ALA M 104 18.05 10.40 -21.13
CA ALA M 104 17.60 11.63 -21.78
C ALA M 104 16.59 11.34 -22.88
N SER M 105 16.89 10.41 -23.77
CA SER M 105 15.97 10.10 -24.85
C SER M 105 14.64 9.56 -24.34
N THR M 106 14.66 8.78 -23.26
CA THR M 106 13.44 8.33 -22.61
C THR M 106 12.58 9.50 -22.14
N ALA M 107 13.20 10.50 -21.52
CA ALA M 107 12.39 11.64 -21.07
C ALA M 107 11.86 12.43 -22.25
N ARG M 108 12.70 12.65 -23.27
CA ARG M 108 12.23 13.35 -24.46
C ARG M 108 11.06 12.61 -25.09
N LEU M 109 11.10 11.28 -25.08
CA LEU M 109 9.98 10.52 -25.62
C LEU M 109 8.73 10.69 -24.77
N LYS M 110 8.83 10.66 -23.44
CA LYS M 110 7.62 10.89 -22.65
C LYS M 110 7.00 12.26 -22.96
N VAL M 111 7.86 13.26 -23.15
CA VAL M 111 7.37 14.59 -23.52
C VAL M 111 6.67 14.58 -24.87
N ALA M 112 7.33 14.02 -25.89
CA ALA M 112 6.70 13.99 -27.22
C ALA M 112 5.44 13.13 -27.23
N THR M 113 5.36 12.10 -26.40
CA THR M 113 4.14 11.33 -26.26
C THR M 113 2.99 12.17 -25.74
N ALA M 114 3.22 12.93 -24.67
CA ALA M 114 2.18 13.86 -24.22
C ALA M 114 1.83 14.90 -25.28
N LEU M 115 2.83 15.47 -25.96
CA LEU M 115 2.54 16.40 -27.03
C LEU M 115 1.60 15.79 -28.08
N LEU M 116 1.96 14.60 -28.55
CA LEU M 116 1.15 13.92 -29.56
C LEU M 116 -0.26 13.66 -29.07
N ARG M 117 -0.41 13.12 -27.85
CA ARG M 117 -1.76 12.89 -27.34
C ARG M 117 -2.59 14.17 -27.27
N MET M 118 -1.97 15.30 -26.95
CA MET M 118 -2.74 16.52 -26.83
C MET M 118 -3.15 17.09 -28.18
N ILE M 119 -2.24 17.11 -29.15
CA ILE M 119 -2.68 17.50 -30.50
C ILE M 119 -3.63 16.48 -31.14
N THR M 120 -3.52 15.20 -30.77
CA THR M 120 -4.56 14.23 -31.12
C THR M 120 -5.94 14.64 -30.60
N GLU M 121 -6.02 15.01 -29.33
CA GLU M 121 -7.30 15.45 -28.78
C GLU M 121 -7.81 16.72 -29.46
N GLU M 122 -6.90 17.64 -29.79
CA GLU M 122 -7.32 18.80 -30.58
C GLU M 122 -7.88 18.38 -31.93
N LEU M 123 -7.25 17.44 -32.63
CA LEU M 123 -7.77 16.98 -33.91
C LEU M 123 -9.13 16.33 -33.76
N LYS M 124 -9.25 15.42 -32.80
CA LYS M 124 -10.53 14.75 -32.54
C LYS M 124 -11.65 15.75 -32.27
N LYS M 125 -11.37 16.78 -31.47
CA LYS M 125 -12.40 17.76 -31.16
C LYS M 125 -12.74 18.66 -32.35
N ASN M 126 -11.75 19.10 -33.12
CA ASN M 126 -11.98 20.09 -34.18
C ASN M 126 -11.31 19.64 -35.48
N PRO M 127 -11.74 18.51 -36.04
CA PRO M 127 -11.05 17.94 -37.19
C PRO M 127 -11.29 18.72 -38.48
N SER M 128 -10.24 18.74 -39.30
CA SER M 128 -10.27 19.32 -40.64
C SER M 128 -9.06 18.82 -41.38
N GLU M 129 -9.04 19.03 -42.70
CA GLU M 129 -7.93 18.55 -43.51
C GLU M 129 -6.60 19.16 -43.08
N ASP M 130 -6.59 20.46 -42.82
CA ASP M 130 -5.38 21.09 -42.31
C ASP M 130 -4.93 20.44 -41.01
N ALA M 131 -5.88 20.16 -40.13
CA ALA M 131 -5.54 19.50 -38.86
C ALA M 131 -5.01 18.10 -39.10
N LEU M 132 -5.52 17.39 -40.10
CA LEU M 132 -4.97 16.07 -40.42
C LEU M 132 -3.54 16.18 -40.91
N VAL M 133 -3.25 17.16 -41.75
CA VAL M 133 -1.88 17.34 -42.21
C VAL M 133 -0.96 17.60 -41.03
N GLU M 134 -1.33 18.57 -40.18
CA GLU M 134 -0.50 18.87 -39.01
C GLU M 134 -0.31 17.66 -38.12
N HIS M 135 -1.37 16.88 -37.94
CA HIS M 135 -1.29 15.68 -37.10
C HIS M 135 -0.36 14.64 -37.71
N ASN M 136 -0.45 14.41 -39.03
CA ASN M 136 0.46 13.47 -39.66
C ASN M 136 1.91 13.92 -39.54
N ARG M 137 2.18 15.21 -39.70
CA ARG M 137 3.55 15.69 -39.51
C ARG M 137 4.02 15.49 -38.07
N ALA M 138 3.13 15.66 -37.10
CA ALA M 138 3.52 15.41 -35.71
C ALA M 138 3.72 13.93 -35.41
N ILE M 139 2.95 13.06 -36.07
CA ILE M 139 3.23 11.62 -35.98
C ILE M 139 4.61 11.30 -36.54
N VAL M 140 4.96 11.90 -37.67
CA VAL M 140 6.27 11.65 -38.26
C VAL M 140 7.40 12.13 -37.36
N ASN M 141 7.21 13.26 -36.68
CA ASN M 141 8.23 13.68 -35.71
C ASN M 141 8.30 12.75 -34.49
N HIS M 142 7.15 12.30 -34.00
CA HIS M 142 7.14 11.35 -32.90
C HIS M 142 7.88 10.07 -33.27
N ASN M 143 7.59 9.52 -34.44
CA ASN M 143 8.32 8.36 -34.91
C ASN M 143 9.82 8.63 -35.02
N ALA M 144 10.22 9.78 -35.57
CA ALA M 144 11.65 10.07 -35.60
C ALA M 144 12.29 10.05 -34.21
N ILE M 145 11.54 10.43 -33.18
CA ILE M 145 12.07 10.31 -31.82
C ILE M 145 12.15 8.86 -31.36
N ILE M 146 11.15 8.05 -31.68
CA ILE M 146 11.24 6.61 -31.44
C ILE M 146 12.48 6.02 -32.08
N VAL M 147 12.72 6.35 -33.35
CA VAL M 147 13.94 5.90 -34.04
C VAL M 147 15.19 6.26 -33.25
N GLU M 148 15.32 7.52 -32.84
CA GLU M 148 16.52 7.87 -32.05
C GLU M 148 16.62 7.08 -30.74
N ASN M 149 15.49 6.84 -30.08
CA ASN M 149 15.51 5.97 -28.90
C ASN M 149 16.03 4.58 -29.23
N ASN M 150 15.63 4.04 -30.38
CA ASN M 150 16.06 2.70 -30.74
C ASN M 150 17.53 2.70 -31.12
N ARG M 151 18.03 3.77 -31.72
CA ARG M 151 19.44 3.80 -32.06
C ARG M 151 20.29 3.80 -30.79
N ILE M 152 19.84 4.52 -29.77
CA ILE M 152 20.61 4.56 -28.53
C ILE M 152 20.56 3.21 -27.83
N ILE M 153 19.39 2.57 -27.78
CA ILE M 153 19.28 1.22 -27.23
C ILE M 153 20.17 0.21 -27.96
N ALA M 154 20.19 0.27 -29.29
CA ALA M 154 21.13 -0.57 -30.04
C ALA M 154 22.58 -0.26 -29.73
N ALA M 155 22.93 1.01 -29.57
CA ALA M 155 24.31 1.34 -29.22
C ALA M 155 24.67 0.80 -27.84
N VAL M 156 23.73 0.87 -26.89
CA VAL M 156 23.97 0.29 -25.57
C VAL M 156 24.23 -1.21 -25.68
N LEU M 157 23.39 -1.93 -26.43
CA LEU M 157 23.61 -3.37 -26.55
C LEU M 157 24.92 -3.70 -27.25
N GLU M 158 25.28 -2.92 -28.28
CA GLU M 158 26.59 -3.08 -28.90
C GLU M 158 27.72 -2.93 -27.90
N LEU M 159 27.63 -1.93 -27.02
CA LEU M 159 28.64 -1.73 -26.00
C LEU M 159 28.65 -2.85 -24.96
N ILE M 160 27.47 -3.31 -24.51
CA ILE M 160 27.41 -4.38 -23.54
C ILE M 160 28.07 -5.64 -24.08
N VAL M 161 27.74 -6.01 -25.32
CA VAL M 161 28.38 -7.19 -25.91
C VAL M 161 29.88 -6.99 -26.06
N ARG M 162 30.32 -5.85 -26.58
CA ARG M 162 31.76 -5.65 -26.70
C ARG M 162 32.47 -5.63 -25.35
N ALA M 163 31.82 -5.09 -24.31
CA ALA M 163 32.40 -5.08 -22.97
C ALA M 163 32.53 -6.48 -22.37
N LEU M 164 31.52 -7.32 -22.55
CA LEU M 164 31.66 -8.71 -22.10
C LEU M 164 32.74 -9.45 -22.88
N ASN M 165 33.01 -9.06 -24.13
CA ASN M 165 33.91 -9.79 -25.01
C ASN M 165 33.30 -11.13 -25.39
N LEU M 166 31.99 -11.14 -25.58
CA LEU M 166 31.24 -12.37 -25.76
C LEU M 166 31.47 -12.95 -27.16
N THR M 167 31.83 -14.22 -27.21
CA THR M 167 32.28 -14.87 -28.43
C THR M 167 31.18 -15.68 -29.11
N ASP M 168 29.96 -15.66 -28.58
CA ASP M 168 28.88 -16.49 -29.11
C ASP M 168 28.52 -16.04 -30.51
N GLU M 169 28.61 -16.98 -31.47
CA GLU M 169 28.25 -16.67 -32.84
C GLU M 169 26.78 -16.32 -33.00
N GLU M 170 25.92 -16.86 -32.14
CA GLU M 170 24.51 -16.44 -32.16
C GLU M 170 24.37 -14.96 -31.81
N VAL M 171 25.19 -14.46 -30.89
CA VAL M 171 25.15 -13.04 -30.57
C VAL M 171 25.69 -12.21 -31.73
N ARG M 172 26.80 -12.62 -32.32
CA ARG M 172 27.33 -11.87 -33.45
C ARG M 172 26.32 -11.80 -34.59
N LYS M 173 25.69 -12.93 -34.91
CA LYS M 173 24.64 -12.93 -35.93
C LYS M 173 23.50 -11.97 -35.58
N ALA M 174 23.02 -12.02 -34.33
CA ALA M 174 21.95 -11.10 -33.95
C ALA M 174 22.39 -9.65 -34.00
N LEU M 175 23.65 -9.35 -33.73
CA LEU M 175 24.12 -7.97 -33.90
C LEU M 175 24.26 -7.56 -35.36
N GLU M 176 24.63 -8.48 -36.25
CA GLU M 176 24.60 -8.13 -37.67
C GLU M 176 23.18 -7.83 -38.15
N GLU M 177 22.21 -8.60 -37.65
CA GLU M 177 20.81 -8.25 -37.90
C GLU M 177 20.43 -6.91 -37.30
N LEU M 178 20.89 -6.61 -36.09
CA LEU M 178 20.52 -5.36 -35.45
C LEU M 178 21.12 -4.14 -36.15
N LYS M 179 22.37 -4.22 -36.58
CA LYS M 179 22.96 -3.13 -37.36
C LYS M 179 22.30 -2.96 -38.72
N ALA M 180 21.97 -4.05 -39.41
CA ALA M 180 21.23 -3.92 -40.66
C ALA M 180 19.85 -3.29 -40.43
N SER M 181 19.12 -3.76 -39.43
CA SER M 181 17.83 -3.16 -39.11
C SER M 181 17.95 -1.68 -38.75
N THR M 182 19.01 -1.29 -38.06
CA THR M 182 19.18 0.12 -37.71
C THR M 182 19.43 0.99 -38.94
N ALA M 183 20.32 0.58 -39.84
CA ALA M 183 20.50 1.34 -41.07
C ALA M 183 19.23 1.36 -41.93
N GLU M 184 18.52 0.24 -42.00
CA GLU M 184 17.23 0.22 -42.68
C GLU M 184 16.24 1.20 -42.07
N LEU M 185 16.22 1.29 -40.74
CA LEU M 185 15.32 2.21 -40.07
C LEU M 185 15.69 3.66 -40.32
N LYS M 186 16.99 3.97 -40.39
CA LYS M 186 17.38 5.31 -40.83
C LYS M 186 16.87 5.63 -42.23
N ARG M 187 17.08 4.73 -43.18
CA ARG M 187 16.59 4.99 -44.54
C ARG M 187 15.07 5.17 -44.56
N ALA M 188 14.33 4.30 -43.88
CA ALA M 188 12.88 4.44 -43.86
C ALA M 188 12.43 5.74 -43.20
N THR M 189 13.11 6.16 -42.14
CA THR M 189 12.79 7.44 -41.52
C THR M 189 13.00 8.60 -42.49
N ALA M 190 14.14 8.62 -43.17
CA ALA M 190 14.38 9.66 -44.17
C ALA M 190 13.31 9.65 -45.26
N SER M 191 12.97 8.47 -45.78
CA SER M 191 11.91 8.40 -46.80
C SER M 191 10.58 8.94 -46.29
N LEU M 192 10.26 8.67 -45.03
CA LEU M 192 8.98 9.15 -44.51
C LEU M 192 9.01 10.65 -44.31
N ARG M 193 10.14 11.20 -43.88
CA ARG M 193 10.24 12.65 -43.80
C ARG M 193 10.16 13.30 -45.19
N ALA M 194 10.65 12.61 -46.22
CA ALA M 194 10.55 13.15 -47.56
C ALA M 194 9.11 13.24 -48.04
N ILE M 195 8.36 12.14 -47.92
CA ILE M 195 6.96 12.22 -48.32
C ILE M 195 6.14 13.12 -47.41
N THR M 196 6.51 13.23 -46.13
CA THR M 196 5.88 14.23 -45.27
C THR M 196 6.08 15.66 -45.76
N GLU M 197 7.30 15.99 -46.20
CA GLU M 197 7.53 17.29 -46.82
C GLU M 197 6.76 17.46 -48.14
N GLU M 198 6.54 16.37 -48.87
CA GLU M 198 5.64 16.45 -50.01
C GLU M 198 4.22 16.77 -49.57
N LEU M 199 3.69 16.04 -48.59
CA LEU M 199 2.31 16.26 -48.16
C LEU M 199 2.14 17.70 -47.71
N LYS M 200 3.05 18.18 -46.87
CA LYS M 200 2.98 19.56 -46.42
C LYS M 200 2.98 20.52 -47.61
N LYS M 201 3.70 20.17 -48.68
CA LYS M 201 3.63 20.99 -49.88
C LYS M 201 2.31 20.82 -50.63
N ASN M 202 1.81 19.59 -50.76
CA ASN M 202 0.65 19.31 -51.62
C ASN M 202 -0.39 18.46 -50.90
N PRO M 203 -1.02 18.99 -49.84
CA PRO M 203 -1.96 18.19 -49.05
C PRO M 203 -3.25 17.89 -49.80
N SER M 204 -3.64 16.61 -49.79
CA SER M 204 -4.92 16.19 -50.35
C SER M 204 -5.32 14.87 -49.69
N GLU M 205 -6.62 14.59 -49.70
CA GLU M 205 -7.12 13.33 -49.16
C GLU M 205 -6.40 12.13 -49.77
N ASP M 206 -6.20 12.11 -51.08
CA ASP M 206 -5.46 10.99 -51.65
C ASP M 206 -4.05 10.94 -51.08
N ALA M 207 -3.48 12.10 -50.81
CA ALA M 207 -2.15 12.12 -50.22
C ALA M 207 -2.22 11.66 -48.77
N LEU M 208 -3.22 12.12 -48.01
CA LEU M 208 -3.34 11.69 -46.63
C LEU M 208 -3.41 10.16 -46.55
N VAL M 209 -4.11 9.53 -47.48
CA VAL M 209 -4.21 8.07 -47.49
C VAL M 209 -2.87 7.43 -47.81
N GLU M 210 -2.24 7.86 -48.91
CA GLU M 210 -0.93 7.30 -49.27
C GLU M 210 0.10 7.52 -48.17
N HIS M 211 -0.01 8.65 -47.48
CA HIS M 211 0.93 8.99 -46.42
C HIS M 211 0.71 8.10 -45.22
N ASN M 212 -0.53 7.95 -44.77
CA ASN M 212 -0.81 7.07 -43.64
C ASN M 212 -0.36 5.65 -43.93
N ARG M 213 -0.50 5.21 -45.18
CA ARG M 213 0.08 3.92 -45.59
C ARG M 213 1.59 3.87 -45.35
N ALA M 214 2.31 4.90 -45.81
CA ALA M 214 3.76 4.90 -45.57
C ALA M 214 4.11 4.96 -44.09
N ILE M 215 3.34 5.71 -43.30
CA ILE M 215 3.51 5.67 -41.83
C ILE M 215 3.39 4.25 -41.31
N VAL M 216 2.34 3.53 -41.70
CA VAL M 216 2.15 2.20 -41.17
C VAL M 216 3.29 1.26 -41.58
N GLU M 217 3.85 1.45 -42.77
CA GLU M 217 5.05 0.70 -43.13
C GLU M 217 6.23 1.04 -42.24
N HIS M 218 6.39 2.32 -41.92
CA HIS M 218 7.49 2.73 -41.04
C HIS M 218 7.32 2.12 -39.64
N ASN M 219 6.12 2.18 -39.10
CA ASN M 219 5.88 1.55 -37.80
C ASN M 219 6.16 0.05 -37.84
N ALA M 220 5.81 -0.61 -38.93
CA ALA M 220 6.16 -2.03 -39.04
C ALA M 220 7.66 -2.25 -38.98
N ILE M 221 8.44 -1.38 -39.61
CA ILE M 221 9.90 -1.50 -39.52
C ILE M 221 10.40 -1.26 -38.10
N ILE M 222 9.78 -0.33 -37.37
CA ILE M 222 10.15 -0.13 -35.97
C ILE M 222 9.85 -1.38 -35.14
N VAL M 223 8.74 -2.05 -35.42
CA VAL M 223 8.41 -3.28 -34.70
C VAL M 223 9.41 -4.39 -35.00
N GLU M 224 9.85 -4.51 -36.25
CA GLU M 224 10.96 -5.42 -36.55
C GLU M 224 12.23 -5.06 -35.78
N ASN M 225 12.52 -3.76 -35.66
CA ASN M 225 13.67 -3.36 -34.87
C ASN M 225 13.53 -3.80 -33.43
N ASN M 226 12.35 -3.63 -32.84
CA ASN M 226 12.15 -4.04 -31.46
C ASN M 226 12.25 -5.56 -31.29
N ARG M 227 11.85 -6.33 -32.29
CA ARG M 227 12.05 -7.78 -32.23
C ARG M 227 13.53 -8.12 -32.19
N ILE M 228 14.33 -7.52 -33.07
CA ILE M 228 15.76 -7.83 -33.08
C ILE M 228 16.40 -7.42 -31.76
N ILE M 229 16.04 -6.24 -31.25
CA ILE M 229 16.54 -5.79 -29.95
C ILE M 229 16.23 -6.82 -28.89
N ALA M 230 15.00 -7.33 -28.86
CA ALA M 230 14.67 -8.36 -27.87
C ALA M 230 15.49 -9.64 -28.06
N LEU M 231 15.81 -10.02 -29.30
CA LEU M 231 16.70 -11.18 -29.45
C LEU M 231 18.07 -10.92 -28.89
N VAL M 232 18.59 -9.72 -29.09
CA VAL M 232 19.89 -9.41 -28.50
C VAL M 232 19.82 -9.45 -26.98
N LEU M 233 18.81 -8.82 -26.38
CA LEU M 233 18.73 -8.92 -24.91
C LEU M 233 18.65 -10.36 -24.42
N LEU M 234 17.82 -11.20 -25.04
CA LEU M 234 17.74 -12.59 -24.61
C LEU M 234 19.06 -13.35 -24.75
N LEU M 235 19.75 -13.16 -25.86
CA LEU M 235 21.05 -13.79 -26.03
C LEU M 235 22.08 -13.29 -25.01
N ILE M 236 22.08 -12.00 -24.70
CA ILE M 236 23.00 -11.49 -23.70
C ILE M 236 22.69 -12.09 -22.33
N VAL M 237 21.43 -12.05 -21.92
CA VAL M 237 21.07 -12.57 -20.61
C VAL M 237 21.37 -14.06 -20.48
N LEU M 238 21.29 -14.81 -21.57
CA LEU M 238 21.76 -16.19 -21.49
C LEU M 238 23.28 -16.30 -21.42
N ALA M 239 23.99 -15.43 -22.14
CA ALA M 239 25.44 -15.53 -22.16
C ALA M 239 26.12 -15.08 -20.87
N ILE M 240 25.58 -14.10 -20.16
CA ILE M 240 26.15 -13.77 -18.86
C ILE M 240 25.94 -14.93 -17.90
N GLY N 15 -42.26 -19.78 -34.45
CA GLY N 15 -41.79 -19.71 -33.09
C GLY N 15 -42.34 -18.50 -32.35
N SER N 16 -41.98 -18.39 -31.07
CA SER N 16 -42.37 -17.24 -30.27
C SER N 16 -41.39 -16.08 -30.45
N GLU N 17 -41.85 -14.89 -30.05
CA GLU N 17 -41.01 -13.70 -30.15
C GLU N 17 -39.71 -13.86 -29.38
N GLU N 18 -39.73 -14.61 -28.29
CA GLU N 18 -38.49 -14.90 -27.58
C GLU N 18 -37.55 -15.73 -28.43
N GLU N 19 -38.05 -16.75 -29.13
CA GLU N 19 -37.18 -17.57 -29.96
C GLU N 19 -36.58 -16.73 -31.09
N ILE N 20 -37.40 -15.97 -31.79
CA ILE N 20 -36.90 -15.13 -32.89
C ILE N 20 -35.84 -14.15 -32.37
N ALA N 21 -36.14 -13.47 -31.26
CA ALA N 21 -35.19 -12.51 -30.72
C ALA N 21 -33.89 -13.16 -30.28
N LYS N 22 -33.97 -14.29 -29.57
CA LYS N 22 -32.76 -15.03 -29.23
C LYS N 22 -31.95 -15.40 -30.45
N ALA N 23 -32.60 -15.95 -31.47
CA ALA N 23 -31.90 -16.32 -32.69
C ALA N 23 -31.29 -15.13 -33.41
N LEU N 24 -31.94 -13.96 -33.35
CA LEU N 24 -31.32 -12.75 -33.89
C LEU N 24 -30.15 -12.25 -33.05
N GLU N 25 -30.17 -12.47 -31.75
CA GLU N 25 -28.98 -12.24 -30.94
C GLU N 25 -27.84 -13.17 -31.35
N GLU N 26 -28.16 -14.43 -31.62
CA GLU N 26 -27.15 -15.36 -32.14
C GLU N 26 -26.68 -14.94 -33.52
N LEU N 27 -27.57 -14.42 -34.36
CA LEU N 27 -27.20 -13.96 -35.68
C LEU N 27 -26.25 -12.77 -35.61
N VAL N 28 -26.58 -11.77 -34.81
CA VAL N 28 -25.72 -10.60 -34.69
C VAL N 28 -24.37 -10.97 -34.05
N ALA N 29 -24.38 -11.90 -33.09
CA ALA N 29 -23.12 -12.46 -32.59
C ALA N 29 -22.31 -13.13 -33.68
N SER N 30 -22.97 -13.92 -34.54
CA SER N 30 -22.28 -14.56 -35.65
C SER N 30 -21.75 -13.53 -36.65
N LEU N 31 -22.49 -12.45 -36.86
CA LEU N 31 -22.00 -11.39 -37.75
C LEU N 31 -20.77 -10.69 -37.18
N ALA N 32 -20.78 -10.38 -35.90
CA ALA N 32 -19.59 -9.81 -35.27
C ALA N 32 -18.39 -10.76 -35.40
N GLU N 33 -18.60 -12.04 -35.11
CA GLU N 33 -17.55 -13.04 -35.29
C GLU N 33 -17.07 -13.13 -36.73
N LEU N 34 -18.00 -13.07 -37.69
CA LEU N 34 -17.63 -13.08 -39.10
C LEU N 34 -16.81 -11.86 -39.49
N LYS N 35 -17.20 -10.68 -39.01
CA LYS N 35 -16.43 -9.48 -39.27
C LYS N 35 -15.02 -9.61 -38.70
N ARG N 36 -14.90 -10.03 -37.45
CA ARG N 36 -13.60 -10.22 -36.83
C ARG N 36 -12.73 -11.18 -37.65
N ALA N 37 -13.31 -12.31 -38.07
CA ALA N 37 -12.59 -13.25 -38.91
C ALA N 37 -12.19 -12.64 -40.24
N THR N 38 -13.04 -11.80 -40.82
CA THR N 38 -12.69 -11.16 -42.08
C THR N 38 -11.51 -10.23 -41.91
N LEU N 39 -11.48 -9.47 -40.82
CA LEU N 39 -10.34 -8.60 -40.54
C LEU N 39 -9.06 -9.42 -40.39
N LYS N 40 -9.10 -10.47 -39.57
CA LYS N 40 -7.96 -11.37 -39.43
C LYS N 40 -7.50 -11.94 -40.78
N LEU N 41 -8.45 -12.39 -41.60
CA LEU N 41 -8.08 -12.94 -42.90
C LEU N 41 -7.42 -11.89 -43.78
N LEU N 42 -7.89 -10.64 -43.72
CA LEU N 42 -7.22 -9.60 -44.47
C LEU N 42 -5.79 -9.40 -43.98
N VAL N 43 -5.58 -9.52 -42.67
CA VAL N 43 -4.23 -9.39 -42.13
C VAL N 43 -3.33 -10.46 -42.75
N ILE N 44 -3.73 -11.72 -42.61
CA ILE N 44 -2.85 -12.78 -43.07
C ILE N 44 -2.71 -12.75 -44.59
N THR N 45 -3.72 -12.27 -45.32
CA THR N 45 -3.57 -12.02 -46.75
C THR N 45 -2.47 -11.01 -47.03
N GLU N 46 -2.40 -9.95 -46.23
CA GLU N 46 -1.31 -8.99 -46.41
C GLU N 46 0.03 -9.62 -46.10
N GLU N 47 0.11 -10.38 -45.00
CA GLU N 47 1.36 -11.04 -44.64
C GLU N 47 1.83 -11.99 -45.74
N LEU N 48 0.90 -12.74 -46.33
CA LEU N 48 1.23 -13.59 -47.46
C LEU N 48 1.69 -12.79 -48.67
N LYS N 49 1.04 -11.67 -48.96
CA LYS N 49 1.46 -10.82 -50.07
C LYS N 49 2.88 -10.30 -49.88
N LYS N 50 3.21 -9.85 -48.67
CA LYS N 50 4.55 -9.29 -48.42
C LYS N 50 5.65 -10.34 -48.41
N ASN N 51 5.40 -11.52 -47.83
CA ASN N 51 6.44 -12.53 -47.62
C ASN N 51 5.96 -13.91 -48.04
N PRO N 52 5.64 -14.08 -49.33
CA PRO N 52 4.97 -15.31 -49.77
C PRO N 52 5.89 -16.50 -49.68
N SER N 53 5.33 -17.62 -49.22
CA SER N 53 6.07 -18.86 -49.07
C SER N 53 5.09 -20.01 -48.98
N GLU N 54 5.61 -21.22 -49.18
CA GLU N 54 4.75 -22.40 -49.26
C GLU N 54 3.98 -22.65 -47.96
N SER N 55 4.65 -22.57 -46.82
CA SER N 55 3.94 -22.75 -45.55
C SER N 55 3.00 -21.59 -45.25
N ALA N 56 3.33 -20.38 -45.69
CA ALA N 56 2.39 -19.28 -45.62
C ALA N 56 1.16 -19.55 -46.47
N LEU N 57 1.34 -20.09 -47.68
CA LEU N 57 0.20 -20.44 -48.52
C LEU N 57 -0.68 -21.49 -47.86
N VAL N 58 -0.07 -22.55 -47.31
CA VAL N 58 -0.85 -23.59 -46.64
C VAL N 58 -1.64 -23.02 -45.46
N SER N 59 -0.99 -22.18 -44.64
CA SER N 59 -1.70 -21.65 -43.47
C SER N 59 -2.78 -20.65 -43.87
N HIS N 60 -2.53 -19.87 -44.93
CA HIS N 60 -3.56 -18.97 -45.45
C HIS N 60 -4.78 -19.75 -45.93
N ASN N 61 -4.56 -20.79 -46.72
CA ASN N 61 -5.67 -21.62 -47.17
C ASN N 61 -6.45 -22.23 -46.01
N LYS N 62 -5.75 -22.75 -44.99
CA LYS N 62 -6.47 -23.26 -43.82
C LYS N 62 -7.29 -22.18 -43.11
N ALA N 63 -6.76 -20.97 -43.04
CA ALA N 63 -7.54 -19.87 -42.46
C ALA N 63 -8.78 -19.55 -43.30
N ILE N 64 -8.66 -19.62 -44.63
CA ILE N 64 -9.82 -19.45 -45.48
C ILE N 64 -10.86 -20.54 -45.21
N VAL N 65 -10.41 -21.76 -44.98
CA VAL N 65 -11.35 -22.83 -44.64
C VAL N 65 -12.08 -22.57 -43.34
N GLU N 66 -11.39 -22.06 -42.32
CA GLU N 66 -12.09 -21.74 -41.08
C GLU N 66 -13.03 -20.55 -41.20
N HIS N 67 -12.65 -19.56 -42.01
CA HIS N 67 -13.55 -18.46 -42.32
C HIS N 67 -14.80 -18.93 -43.04
N ASN N 68 -14.64 -19.78 -44.05
CA ASN N 68 -15.79 -20.35 -44.73
C ASN N 68 -16.69 -21.16 -43.79
N ALA N 69 -16.10 -21.92 -42.88
CA ALA N 69 -16.93 -22.64 -41.91
C ALA N 69 -17.76 -21.68 -41.06
N ILE N 70 -17.19 -20.53 -40.69
CA ILE N 70 -18.00 -19.52 -39.98
C ILE N 70 -19.12 -18.98 -40.87
N ILE N 71 -18.84 -18.71 -42.14
CA ILE N 71 -19.90 -18.27 -43.05
C ILE N 71 -21.02 -19.31 -43.13
N VAL N 72 -20.67 -20.58 -43.25
CA VAL N 72 -21.66 -21.64 -43.32
C VAL N 72 -22.54 -21.67 -42.07
N GLU N 73 -21.93 -21.57 -40.89
CA GLU N 73 -22.76 -21.45 -39.69
C GLU N 73 -23.66 -20.21 -39.70
N ASN N 74 -23.17 -19.09 -40.22
CA ASN N 74 -24.02 -17.92 -40.37
C ASN N 74 -25.23 -18.21 -41.25
N ASN N 75 -25.02 -18.87 -42.38
CA ASN N 75 -26.11 -19.21 -43.29
C ASN N 75 -27.06 -20.22 -42.67
N ARG N 76 -26.56 -21.13 -41.85
CA ARG N 76 -27.43 -22.04 -41.14
C ARG N 76 -28.34 -21.29 -40.18
N ILE N 77 -27.78 -20.35 -39.43
CA ILE N 77 -28.60 -19.59 -38.49
C ILE N 77 -29.64 -18.76 -39.24
N ILE N 78 -29.26 -18.18 -40.38
CA ILE N 78 -30.24 -17.44 -41.19
C ILE N 78 -31.38 -18.35 -41.64
N ALA N 79 -31.05 -19.55 -42.14
CA ALA N 79 -32.11 -20.47 -42.54
C ALA N 79 -33.01 -20.86 -41.37
N ALA N 80 -32.44 -20.99 -40.17
CA ALA N 80 -33.26 -21.29 -39.01
C ALA N 80 -34.21 -20.14 -38.71
N VAL N 81 -33.69 -18.92 -38.70
CA VAL N 81 -34.52 -17.76 -38.42
C VAL N 81 -35.65 -17.68 -39.45
N LEU N 82 -35.32 -17.84 -40.73
CA LEU N 82 -36.36 -17.80 -41.75
C LEU N 82 -37.43 -18.86 -41.55
N GLU N 83 -37.03 -20.06 -41.15
CA GLU N 83 -38.05 -21.07 -40.88
C GLU N 83 -38.97 -20.68 -39.72
N LEU N 84 -38.41 -20.09 -38.67
CA LEU N 84 -39.26 -19.60 -37.58
C LEU N 84 -40.16 -18.43 -38.02
N ILE N 85 -39.63 -17.52 -38.84
CA ILE N 85 -40.41 -16.40 -39.34
C ILE N 85 -41.55 -16.88 -40.24
N VAL N 86 -41.25 -17.78 -41.18
CA VAL N 86 -42.31 -18.26 -42.06
C VAL N 86 -43.35 -19.03 -41.28
N ARG N 87 -42.96 -19.85 -40.31
CA ARG N 87 -43.99 -20.48 -39.50
C ARG N 87 -44.79 -19.46 -38.71
N ALA N 88 -44.19 -18.32 -38.36
CA ALA N 88 -44.93 -17.24 -37.73
C ALA N 88 -45.99 -16.66 -38.66
N VAL N 89 -45.58 -16.26 -39.87
CA VAL N 89 -46.52 -15.65 -40.81
C VAL N 89 -47.42 -16.66 -41.51
N GLY N 90 -46.94 -17.89 -41.72
CA GLY N 90 -47.58 -18.82 -42.64
C GLY N 90 -46.89 -18.97 -43.97
N MET N 91 -46.73 -20.22 -44.38
CA MET N 91 -46.24 -20.58 -45.71
C MET N 91 -47.18 -20.09 -46.81
N THR N 92 -46.62 -20.08 -48.03
CA THR N 92 -47.39 -19.92 -49.25
C THR N 92 -46.73 -20.78 -50.33
N ASP N 93 -47.45 -21.01 -51.43
CA ASP N 93 -46.94 -21.87 -52.48
C ASP N 93 -45.50 -21.53 -52.88
N GLU N 94 -45.26 -20.27 -53.23
CA GLU N 94 -43.92 -19.87 -53.67
C GLU N 94 -42.94 -19.88 -52.52
N ILE N 95 -43.40 -19.57 -51.31
CA ILE N 95 -42.52 -19.64 -50.15
C ILE N 95 -42.15 -21.10 -49.90
N LEU N 96 -43.12 -22.00 -49.90
CA LEU N 96 -42.80 -23.40 -49.63
C LEU N 96 -41.83 -23.96 -50.66
N LEU N 97 -42.03 -23.61 -51.94
CA LEU N 97 -41.08 -24.06 -52.97
C LEU N 97 -39.69 -23.46 -52.78
N ALA N 98 -39.62 -22.22 -52.32
CA ALA N 98 -38.31 -21.64 -52.05
C ALA N 98 -37.66 -22.22 -50.80
N LEU N 99 -38.44 -22.58 -49.79
CA LEU N 99 -37.86 -23.24 -48.62
C LEU N 99 -37.39 -24.65 -48.92
N LEU N 100 -38.08 -25.38 -49.79
CA LEU N 100 -37.53 -26.67 -50.21
C LEU N 100 -36.25 -26.50 -51.00
N GLU N 101 -36.17 -25.45 -51.81
CA GLU N 101 -34.90 -25.14 -52.49
C GLU N 101 -33.82 -24.75 -51.49
N LEU N 102 -34.19 -23.99 -50.46
CA LEU N 102 -33.24 -23.62 -49.43
C LEU N 102 -32.72 -24.81 -48.65
N LYS N 103 -33.60 -25.72 -48.23
CA LYS N 103 -33.14 -26.89 -47.50
C LYS N 103 -32.25 -27.77 -48.35
N ALA N 104 -32.56 -27.91 -49.64
CA ALA N 104 -31.64 -28.64 -50.51
C ALA N 104 -30.29 -27.96 -50.57
N SER N 105 -30.27 -26.64 -50.80
CA SER N 105 -28.99 -25.93 -50.88
C SER N 105 -28.22 -25.99 -49.57
N THR N 106 -28.92 -25.96 -48.44
CA THR N 106 -28.28 -26.15 -47.13
C THR N 106 -27.58 -27.51 -47.04
N ALA N 107 -28.23 -28.57 -47.48
CA ALA N 107 -27.58 -29.87 -47.42
C ALA N 107 -26.39 -29.93 -48.38
N ARG N 108 -26.56 -29.40 -49.59
CA ARG N 108 -25.45 -29.36 -50.53
C ARG N 108 -24.28 -28.60 -49.96
N LEU N 109 -24.54 -27.52 -49.22
CA LEU N 109 -23.45 -26.78 -48.59
C LEU N 109 -22.77 -27.58 -47.50
N LYS N 110 -23.53 -28.29 -46.65
CA LYS N 110 -22.85 -29.12 -45.64
C LYS N 110 -21.96 -30.16 -46.31
N VAL N 111 -22.40 -30.73 -47.42
CA VAL N 111 -21.59 -31.69 -48.15
C VAL N 111 -20.32 -31.03 -48.69
N ALA N 112 -20.45 -29.91 -49.39
CA ALA N 112 -19.25 -29.25 -49.92
C ALA N 112 -18.32 -28.76 -48.81
N THR N 113 -18.87 -28.38 -47.66
CA THR N 113 -18.05 -28.03 -46.51
C THR N 113 -17.18 -29.20 -46.05
N ALA N 114 -17.79 -30.37 -45.88
CA ALA N 114 -16.99 -31.56 -45.57
C ALA N 114 -15.98 -31.88 -46.66
N LEU N 115 -16.37 -31.79 -47.93
CA LEU N 115 -15.42 -31.99 -49.02
C LEU N 115 -14.21 -31.08 -48.88
N LEU N 116 -14.47 -29.79 -48.69
CA LEU N 116 -13.38 -28.82 -48.56
C LEU N 116 -12.49 -29.14 -47.37
N ARG N 117 -13.08 -29.40 -46.22
CA ARG N 117 -12.25 -29.74 -45.05
C ARG N 117 -11.37 -30.95 -45.29
N MET N 118 -11.88 -31.94 -46.03
CA MET N 118 -11.09 -33.15 -46.23
C MET N 118 -9.95 -32.94 -47.23
N ILE N 119 -10.20 -32.25 -48.34
CA ILE N 119 -9.10 -31.89 -49.22
C ILE N 119 -8.14 -30.88 -48.59
N THR N 120 -8.62 -30.03 -47.69
CA THR N 120 -7.72 -29.23 -46.85
C THR N 120 -6.76 -30.09 -46.06
N GLU N 121 -7.27 -31.13 -45.38
CA GLU N 121 -6.38 -32.02 -44.65
C GLU N 121 -5.41 -32.74 -45.57
N GLU N 122 -5.85 -33.15 -46.76
CA GLU N 122 -4.92 -33.70 -47.73
C GLU N 122 -3.82 -32.72 -48.10
N LEU N 123 -4.18 -31.45 -48.35
CA LEU N 123 -3.15 -30.46 -48.68
C LEU N 123 -2.19 -30.23 -47.53
N LYS N 124 -2.71 -30.04 -46.32
CA LYS N 124 -1.87 -29.84 -45.15
C LYS N 124 -0.88 -30.98 -44.99
N LYS N 125 -1.36 -32.22 -45.16
CA LYS N 125 -0.48 -33.38 -45.00
C LYS N 125 0.55 -33.49 -46.13
N ASN N 126 0.15 -33.23 -47.37
CA ASN N 126 1.03 -33.46 -48.53
C ASN N 126 1.02 -32.25 -49.46
N PRO N 127 1.48 -31.10 -48.98
CA PRO N 127 1.37 -29.87 -49.75
C PRO N 127 2.33 -29.80 -50.92
N SER N 128 1.87 -29.19 -52.00
CA SER N 128 2.67 -28.91 -53.18
C SER N 128 1.93 -27.88 -54.01
N GLU N 129 2.63 -27.32 -55.00
CA GLU N 129 2.00 -26.29 -55.83
C GLU N 129 0.78 -26.83 -56.55
N ASP N 130 0.87 -28.04 -57.11
CA ASP N 130 -0.31 -28.64 -57.74
C ASP N 130 -1.44 -28.77 -56.73
N ALA N 131 -1.11 -29.20 -55.50
CA ALA N 131 -2.13 -29.32 -54.47
C ALA N 131 -2.71 -27.97 -54.10
N LEU N 132 -1.90 -26.91 -54.11
CA LEU N 132 -2.44 -25.58 -53.85
C LEU N 132 -3.40 -25.15 -54.94
N VAL N 133 -3.06 -25.43 -56.20
CA VAL N 133 -3.98 -25.09 -57.29
C VAL N 133 -5.30 -25.83 -57.10
N GLU N 134 -5.23 -27.14 -56.90
CA GLU N 134 -6.46 -27.93 -56.70
C GLU N 134 -7.27 -27.41 -55.52
N HIS N 135 -6.58 -27.04 -54.43
CA HIS N 135 -7.27 -26.52 -53.26
C HIS N 135 -7.94 -25.18 -53.55
N ASN N 136 -7.25 -24.28 -54.24
CA ASN N 136 -7.86 -23.00 -54.60
C ASN N 136 -9.08 -23.19 -55.48
N ARG N 137 -9.01 -24.11 -56.45
CA ARG N 137 -10.19 -24.40 -57.26
C ARG N 137 -11.34 -24.94 -56.44
N ALA N 138 -11.04 -25.76 -55.43
CA ALA N 138 -12.12 -26.25 -54.58
C ALA N 138 -12.67 -25.16 -53.66
N ILE N 139 -11.85 -24.22 -53.21
CA ILE N 139 -12.35 -23.05 -52.51
C ILE N 139 -13.28 -22.23 -53.39
N VAL N 140 -12.91 -22.03 -54.64
CA VAL N 140 -13.75 -21.26 -55.55
C VAL N 140 -15.08 -21.96 -55.81
N ASN N 141 -15.09 -23.28 -55.89
CA ASN N 141 -16.36 -23.99 -56.00
C ASN N 141 -17.18 -23.90 -54.71
N HIS N 142 -16.54 -23.99 -53.56
CA HIS N 142 -17.25 -23.82 -52.29
C HIS N 142 -17.91 -22.45 -52.21
N ASN N 143 -17.15 -21.40 -52.53
CA ASN N 143 -17.75 -20.07 -52.58
C ASN N 143 -18.90 -19.98 -53.57
N ALA N 144 -18.77 -20.54 -54.77
CA ALA N 144 -19.90 -20.52 -55.69
C ALA N 144 -21.15 -21.17 -55.11
N ILE N 145 -20.98 -22.19 -54.27
CA ILE N 145 -22.14 -22.77 -53.59
C ILE N 145 -22.69 -21.84 -52.52
N ILE N 146 -21.82 -21.17 -51.77
CA ILE N 146 -22.28 -20.13 -50.85
C ILE N 146 -23.10 -19.07 -51.58
N VAL N 147 -22.61 -18.59 -52.71
CA VAL N 147 -23.36 -17.64 -53.53
C VAL N 147 -24.76 -18.15 -53.86
N GLU N 148 -24.86 -19.39 -54.35
CA GLU N 148 -26.21 -19.90 -54.63
C GLU N 148 -27.08 -19.97 -53.37
N ASN N 149 -26.49 -20.34 -52.23
CA ASN N 149 -27.22 -20.29 -50.98
C ASN N 149 -27.74 -18.89 -50.67
N ASN N 150 -26.93 -17.87 -50.93
CA ASN N 150 -27.35 -16.51 -50.64
C ASN N 150 -28.42 -16.07 -51.61
N ARG N 151 -28.37 -16.51 -52.86
CA ARG N 151 -29.42 -16.10 -53.78
C ARG N 151 -30.74 -16.70 -53.36
N ILE N 152 -30.73 -17.95 -52.89
CA ILE N 152 -31.99 -18.55 -52.46
C ILE N 152 -32.54 -17.89 -51.21
N ILE N 153 -31.67 -17.60 -50.22
CA ILE N 153 -32.10 -16.87 -49.04
C ILE N 153 -32.67 -15.49 -49.39
N ALA N 154 -32.02 -14.76 -50.29
CA ALA N 154 -32.57 -13.51 -50.78
C ALA N 154 -33.91 -13.69 -51.47
N ALA N 155 -34.07 -14.75 -52.27
CA ALA N 155 -35.35 -14.99 -52.90
C ALA N 155 -36.44 -15.26 -51.87
N VAL N 156 -36.10 -15.99 -50.82
CA VAL N 156 -37.06 -16.23 -49.74
C VAL N 156 -37.48 -14.91 -49.11
N LEU N 157 -36.52 -14.04 -48.78
CA LEU N 157 -36.89 -12.76 -48.18
C LEU N 157 -37.71 -11.89 -49.12
N GLU N 158 -37.38 -11.91 -50.41
CA GLU N 158 -38.20 -11.23 -51.41
C GLU N 158 -39.63 -11.73 -51.38
N LEU N 159 -39.82 -13.04 -51.29
CA LEU N 159 -41.16 -13.60 -51.25
C LEU N 159 -41.89 -13.25 -49.95
N ILE N 160 -41.20 -13.31 -48.81
CA ILE N 160 -41.85 -12.98 -47.55
C ILE N 160 -42.32 -11.54 -47.56
N VAL N 161 -41.48 -10.61 -47.99
CA VAL N 161 -41.91 -9.21 -48.06
C VAL N 161 -43.07 -9.02 -49.03
N ARG N 162 -42.97 -9.58 -50.24
CA ARG N 162 -44.10 -9.41 -51.16
C ARG N 162 -45.38 -10.06 -50.66
N ALA N 163 -45.28 -11.19 -49.96
CA ALA N 163 -46.46 -11.85 -49.40
C ALA N 163 -47.10 -11.02 -48.28
N LEU N 164 -46.29 -10.44 -47.40
CA LEU N 164 -46.84 -9.55 -46.40
C LEU N 164 -47.44 -8.29 -47.02
N ASN N 165 -46.95 -7.87 -48.19
CA ASN N 165 -47.36 -6.59 -48.77
C ASN N 165 -46.86 -5.42 -47.93
N LEU N 166 -45.65 -5.57 -47.39
CA LEU N 166 -45.14 -4.62 -46.42
C LEU N 166 -44.73 -3.32 -47.10
N THR N 167 -45.24 -2.20 -46.58
CA THR N 167 -45.12 -0.91 -47.22
C THR N 167 -43.99 -0.06 -46.67
N ASP N 168 -43.20 -0.57 -45.73
CA ASP N 168 -42.18 0.24 -45.08
C ASP N 168 -41.11 0.63 -46.10
N GLU N 169 -40.89 1.93 -46.25
CA GLU N 169 -39.87 2.41 -47.17
C GLU N 169 -38.47 1.98 -46.75
N GLU N 170 -38.24 1.79 -45.44
CA GLU N 170 -36.98 1.23 -44.98
C GLU N 170 -36.79 -0.18 -45.50
N VAL N 171 -37.86 -0.96 -45.57
CA VAL N 171 -37.76 -2.31 -46.12
C VAL N 171 -37.51 -2.26 -47.63
N ARG N 172 -38.23 -1.41 -48.36
CA ARG N 172 -37.99 -1.32 -49.79
C ARG N 172 -36.55 -0.90 -50.09
N LYS N 173 -36.05 0.10 -49.37
CA LYS N 173 -34.65 0.50 -49.51
C LYS N 173 -33.70 -0.67 -49.24
N ALA N 174 -33.91 -1.39 -48.14
CA ALA N 174 -33.05 -2.53 -47.86
C ALA N 174 -33.14 -3.62 -48.91
N LEU N 175 -34.31 -3.81 -49.53
CA LEU N 175 -34.39 -4.77 -50.63
C LEU N 175 -33.70 -4.28 -51.90
N GLU N 176 -33.72 -2.98 -52.17
CA GLU N 176 -32.93 -2.46 -53.29
C GLU N 176 -31.44 -2.66 -53.04
N GLU N 177 -31.00 -2.47 -51.80
CA GLU N 177 -29.63 -2.83 -51.44
C GLU N 177 -29.35 -4.32 -51.60
N LEU N 178 -30.29 -5.17 -51.19
CA LEU N 178 -30.05 -6.60 -51.29
C LEU N 178 -29.99 -7.09 -52.73
N LYS N 179 -30.87 -6.60 -53.60
CA LYS N 179 -30.79 -6.94 -55.03
C LYS N 179 -29.53 -6.39 -55.70
N ALA N 180 -29.11 -5.16 -55.37
CA ALA N 180 -27.84 -4.69 -55.90
C ALA N 180 -26.67 -5.54 -55.43
N SER N 181 -26.62 -5.86 -54.13
CA SER N 181 -25.57 -6.73 -53.64
C SER N 181 -25.59 -8.10 -54.30
N THR N 182 -26.79 -8.64 -54.59
CA THR N 182 -26.88 -9.94 -55.26
C THR N 182 -26.33 -9.90 -56.69
N ALA N 183 -26.72 -8.89 -57.48
CA ALA N 183 -26.15 -8.79 -58.82
C ALA N 183 -24.63 -8.55 -58.78
N GLU N 184 -24.17 -7.74 -57.84
CA GLU N 184 -22.74 -7.58 -57.63
C GLU N 184 -22.07 -8.91 -57.30
N LEU N 185 -22.72 -9.72 -56.47
CA LEU N 185 -22.15 -11.02 -56.09
C LEU N 185 -22.10 -11.98 -57.27
N LYS N 186 -23.10 -11.97 -58.15
CA LYS N 186 -22.97 -12.73 -59.40
C LYS N 186 -21.78 -12.28 -60.22
N ARG N 187 -21.63 -10.98 -60.43
CA ARG N 187 -20.49 -10.49 -61.20
C ARG N 187 -19.16 -10.89 -60.57
N ALA N 188 -19.02 -10.71 -59.25
CA ALA N 188 -17.78 -11.09 -58.59
C ALA N 188 -17.51 -12.58 -58.67
N THR N 189 -18.55 -13.41 -58.55
CA THR N 189 -18.38 -14.85 -58.71
C THR N 189 -17.88 -15.20 -60.10
N ALA N 190 -18.49 -14.62 -61.13
CA ALA N 190 -18.01 -14.85 -62.49
C ALA N 190 -16.55 -14.43 -62.66
N SER N 191 -16.19 -13.24 -62.14
CA SER N 191 -14.80 -12.80 -62.24
C SER N 191 -13.85 -13.76 -61.54
N LEU N 192 -14.25 -14.31 -60.39
CA LEU N 192 -13.36 -15.23 -59.69
C LEU N 192 -13.24 -16.54 -60.41
N ARG N 193 -14.33 -17.03 -61.02
CA ARG N 193 -14.22 -18.23 -61.84
C ARG N 193 -13.33 -18.00 -63.06
N ALA N 194 -13.34 -16.78 -63.60
CA ALA N 194 -12.49 -16.48 -64.75
C ALA N 194 -11.00 -16.53 -64.38
N ILE N 195 -10.62 -15.83 -63.31
CA ILE N 195 -9.21 -15.91 -62.91
C ILE N 195 -8.84 -17.30 -62.40
N THR N 196 -9.78 -18.04 -61.81
CA THR N 196 -9.51 -19.43 -61.48
C THR N 196 -9.19 -20.28 -62.71
N GLU N 197 -9.95 -20.10 -63.80
CA GLU N 197 -9.60 -20.78 -65.05
C GLU N 197 -8.25 -20.33 -65.63
N GLU N 198 -7.88 -19.07 -65.40
CA GLU N 198 -6.53 -18.66 -65.75
C GLU N 198 -5.50 -19.39 -64.90
N LEU N 199 -5.68 -19.40 -63.59
CA LEU N 199 -4.71 -20.03 -62.71
C LEU N 199 -4.55 -21.50 -63.08
N LYS N 200 -5.66 -22.20 -63.25
CA LYS N 200 -5.61 -23.60 -63.66
C LYS N 200 -4.84 -23.75 -64.96
N LYS N 201 -4.96 -22.77 -65.87
CA LYS N 201 -4.14 -22.84 -67.08
C LYS N 201 -2.67 -22.52 -66.80
N ASN N 202 -2.39 -21.51 -65.98
CA ASN N 202 -1.03 -20.98 -65.81
C ASN N 202 -0.66 -20.85 -64.33
N PRO N 203 -0.59 -21.96 -63.60
CA PRO N 203 -0.34 -21.90 -62.16
C PRO N 203 1.10 -21.47 -61.84
N SER N 204 1.22 -20.50 -60.95
CA SER N 204 2.52 -20.05 -60.46
C SER N 204 2.33 -19.41 -59.08
N GLU N 205 3.41 -19.39 -58.30
CA GLU N 205 3.34 -18.76 -56.98
C GLU N 205 2.83 -17.33 -57.05
N ASP N 206 3.31 -16.55 -58.03
CA ASP N 206 2.78 -15.19 -58.16
C ASP N 206 1.30 -15.24 -58.48
N ALA N 207 0.88 -16.23 -59.25
CA ALA N 207 -0.53 -16.37 -59.57
C ALA N 207 -1.28 -16.83 -58.34
N LEU N 208 -0.74 -17.81 -57.62
CA LEU N 208 -1.42 -18.28 -56.41
C LEU N 208 -1.68 -17.14 -55.45
N VAL N 209 -0.73 -16.21 -55.33
CA VAL N 209 -0.89 -15.05 -54.44
C VAL N 209 -1.98 -14.12 -54.98
N GLU N 210 -1.89 -13.74 -56.26
CA GLU N 210 -2.92 -12.88 -56.83
C GLU N 210 -4.30 -13.52 -56.72
N HIS N 211 -4.36 -14.84 -56.83
CA HIS N 211 -5.61 -15.55 -56.79
C HIS N 211 -6.18 -15.54 -55.37
N ASN N 212 -5.36 -15.88 -54.38
CA ASN N 212 -5.84 -15.85 -53.00
C ASN N 212 -6.33 -14.45 -52.63
N ARG N 213 -5.66 -13.41 -53.13
CA ARG N 213 -6.18 -12.05 -52.98
C ARG N 213 -7.58 -11.89 -53.55
N ALA N 214 -7.79 -12.36 -54.79
CA ALA N 214 -9.13 -12.26 -55.36
C ALA N 214 -10.17 -13.08 -54.59
N ILE N 215 -9.78 -14.24 -54.07
CA ILE N 215 -10.66 -14.99 -53.18
C ILE N 215 -11.07 -14.13 -51.99
N VAL N 216 -10.10 -13.50 -51.33
CA VAL N 216 -10.43 -12.71 -50.15
C VAL N 216 -11.34 -11.53 -50.48
N GLU N 217 -11.19 -10.94 -51.67
CA GLU N 217 -12.15 -9.92 -52.09
C GLU N 217 -13.54 -10.50 -52.29
N HIS N 218 -13.63 -11.69 -52.86
CA HIS N 218 -14.93 -12.32 -53.05
C HIS N 218 -15.59 -12.61 -51.71
N ASN N 219 -14.84 -13.17 -50.77
CA ASN N 219 -15.38 -13.40 -49.43
C ASN N 219 -15.84 -12.11 -48.76
N ALA N 220 -15.11 -11.01 -48.94
CA ALA N 220 -15.57 -9.74 -48.38
C ALA N 220 -16.92 -9.32 -48.96
N ILE N 221 -17.12 -9.53 -50.26
CA ILE N 221 -18.42 -9.22 -50.86
C ILE N 221 -19.52 -10.12 -50.32
N ILE N 222 -19.21 -11.40 -50.07
CA ILE N 222 -20.20 -12.28 -49.44
C ILE N 222 -20.57 -11.81 -48.04
N VAL N 223 -19.59 -11.32 -47.29
CA VAL N 223 -19.88 -10.81 -45.95
C VAL N 223 -20.77 -9.56 -46.01
N GLU N 224 -20.53 -8.66 -46.97
CA GLU N 224 -21.47 -7.56 -47.18
C GLU N 224 -22.87 -8.06 -47.54
N ASN N 225 -22.97 -9.11 -48.35
CA ASN N 225 -24.29 -9.67 -48.65
C ASN N 225 -24.96 -10.17 -47.38
N ASN N 226 -24.23 -10.87 -46.52
CA ASN N 226 -24.82 -11.38 -45.29
C ASN N 226 -25.24 -10.26 -44.35
N ARG N 227 -24.51 -9.15 -44.35
CA ARG N 227 -24.95 -7.99 -43.57
C ARG N 227 -26.29 -7.46 -44.07
N ILE N 228 -26.42 -7.28 -45.39
CA ILE N 228 -27.68 -6.76 -45.90
C ILE N 228 -28.82 -7.73 -45.61
N ILE N 229 -28.58 -9.02 -45.79
CA ILE N 229 -29.57 -10.03 -45.47
C ILE N 229 -30.03 -9.89 -44.02
N ALA N 230 -29.08 -9.74 -43.09
CA ALA N 230 -29.47 -9.57 -41.70
C ALA N 230 -30.27 -8.29 -41.47
N LEU N 231 -29.98 -7.20 -42.20
CA LEU N 231 -30.84 -6.02 -42.05
C LEU N 231 -32.25 -6.29 -42.54
N VAL N 232 -32.39 -7.03 -43.63
CA VAL N 232 -33.74 -7.36 -44.08
C VAL N 232 -34.47 -8.22 -43.06
N LEU N 233 -33.82 -9.25 -42.52
CA LEU N 233 -34.50 -10.02 -41.47
C LEU N 233 -34.93 -9.18 -40.28
N LEU N 234 -34.05 -8.29 -39.80
CA LEU N 234 -34.40 -7.43 -38.68
C LEU N 234 -35.58 -6.52 -39.00
N LEU N 235 -35.59 -5.90 -40.19
CA LEU N 235 -36.72 -5.08 -40.58
C LEU N 235 -38.02 -5.88 -40.70
N ILE N 236 -37.96 -7.10 -41.23
CA ILE N 236 -39.17 -7.91 -41.33
C ILE N 236 -39.70 -8.26 -39.94
N VAL N 237 -38.81 -8.74 -39.06
CA VAL N 237 -39.26 -9.13 -37.73
C VAL N 237 -39.83 -7.96 -36.96
N LEU N 238 -39.33 -6.74 -37.20
CA LEU N 238 -39.98 -5.58 -36.61
C LEU N 238 -41.32 -5.24 -37.26
N ALA N 239 -41.43 -5.40 -38.58
CA ALA N 239 -42.66 -5.04 -39.27
C ALA N 239 -43.83 -5.98 -39.01
N ILE N 240 -43.60 -7.27 -38.85
CA ILE N 240 -44.71 -8.16 -38.48
C ILE N 240 -45.21 -7.79 -37.09
N GLY O 15 5.36 -26.69 3.17
CA GLY O 15 3.91 -26.65 3.11
C GLY O 15 3.25 -27.72 3.95
N SER O 16 1.93 -27.71 3.97
CA SER O 16 1.16 -28.73 4.66
C SER O 16 0.95 -29.95 3.78
N GLU O 17 0.58 -31.06 4.41
CA GLU O 17 0.32 -32.30 3.68
C GLU O 17 -0.74 -32.11 2.61
N GLU O 18 -1.72 -31.25 2.85
CA GLU O 18 -2.68 -30.95 1.79
C GLU O 18 -2.00 -30.26 0.61
N GLU O 19 -1.13 -29.28 0.88
CA GLU O 19 -0.44 -28.60 -0.21
C GLU O 19 0.46 -29.57 -0.98
N ILE O 20 1.28 -30.33 -0.26
CA ILE O 20 2.19 -31.26 -0.91
C ILE O 20 1.41 -32.28 -1.75
N ALA O 21 0.36 -32.85 -1.16
CA ALA O 21 -0.45 -33.84 -1.89
C ALA O 21 -1.13 -33.24 -3.11
N LYS O 22 -1.74 -32.07 -2.96
CA LYS O 22 -2.32 -31.38 -4.11
C LYS O 22 -1.29 -31.16 -5.21
N ALA O 23 -0.12 -30.64 -4.84
CA ALA O 23 0.93 -30.39 -5.84
C ALA O 23 1.43 -31.67 -6.48
N LEU O 24 1.47 -32.79 -5.75
CA LEU O 24 1.80 -34.07 -6.38
C LEU O 24 0.70 -34.59 -7.28
N GLU O 25 -0.56 -34.30 -6.96
CA GLU O 25 -1.64 -34.56 -7.93
C GLU O 25 -1.46 -33.72 -9.19
N GLU O 26 -1.08 -32.46 -9.04
CA GLU O 26 -0.76 -31.64 -10.21
C GLU O 26 0.44 -32.18 -10.96
N LEU O 27 1.42 -32.70 -10.25
CA LEU O 27 2.60 -33.28 -10.90
C LEU O 27 2.24 -34.50 -11.72
N VAL O 28 1.46 -35.42 -11.13
CA VAL O 28 1.06 -36.61 -11.87
C VAL O 28 0.16 -36.25 -13.05
N ALA O 29 -0.70 -35.26 -12.90
CA ALA O 29 -1.44 -34.72 -14.05
C ALA O 29 -0.52 -34.18 -15.13
N SER O 30 0.52 -33.43 -14.74
CA SER O 30 1.49 -32.95 -15.70
C SER O 30 2.27 -34.09 -16.35
N LEU O 31 2.55 -35.15 -15.61
CA LEU O 31 3.21 -36.31 -16.20
C LEU O 31 2.33 -37.00 -17.22
N ALA O 32 1.05 -37.19 -16.90
CA ALA O 32 0.13 -37.75 -17.88
C ALA O 32 0.06 -36.90 -19.14
N GLU O 33 -0.07 -35.58 -18.97
CA GLU O 33 -0.05 -34.68 -20.12
C GLU O 33 1.26 -34.76 -20.90
N LEU O 34 2.38 -34.84 -20.21
CA LEU O 34 3.68 -34.97 -20.86
C LEU O 34 3.80 -36.27 -21.63
N LYS O 35 3.35 -37.38 -21.06
CA LYS O 35 3.34 -38.65 -21.76
C LYS O 35 2.51 -38.55 -23.03
N ARG O 36 1.29 -38.06 -22.90
CA ARG O 36 0.41 -37.90 -24.06
C ARG O 36 1.08 -37.06 -25.15
N ALA O 37 1.68 -35.93 -24.77
CA ALA O 37 2.39 -35.10 -25.74
C ALA O 37 3.57 -35.84 -26.37
N THR O 38 4.27 -36.67 -25.60
CA THR O 38 5.38 -37.42 -26.19
C THR O 38 4.88 -38.42 -27.23
N LEU O 39 3.76 -39.07 -26.94
CA LEU O 39 3.17 -39.98 -27.91
C LEU O 39 2.77 -39.23 -29.19
N LYS O 40 2.07 -38.11 -29.03
CA LYS O 40 1.71 -37.27 -30.18
C LYS O 40 2.94 -36.87 -30.99
N LEU O 41 4.01 -36.45 -30.31
CA LEU O 41 5.21 -36.05 -31.02
C LEU O 41 5.82 -37.22 -31.78
N LEU O 42 5.77 -38.42 -31.20
CA LEU O 42 6.24 -39.58 -31.95
C LEU O 42 5.39 -39.81 -33.19
N VAL O 43 4.08 -39.57 -33.07
CA VAL O 43 3.20 -39.72 -34.24
C VAL O 43 3.66 -38.79 -35.35
N ILE O 44 3.74 -37.49 -35.05
CA ILE O 44 4.06 -36.55 -36.11
C ILE O 44 5.49 -36.76 -36.62
N THR O 45 6.40 -37.25 -35.76
CA THR O 45 7.71 -37.66 -36.24
C THR O 45 7.63 -38.76 -37.28
N GLU O 46 6.75 -39.74 -37.05
CA GLU O 46 6.58 -40.78 -38.07
C GLU O 46 6.00 -40.21 -39.36
N GLU O 47 4.98 -39.37 -39.23
CA GLU O 47 4.37 -38.77 -40.42
C GLU O 47 5.40 -37.96 -41.21
N LEU O 48 6.24 -37.20 -40.53
CA LEU O 48 7.32 -36.48 -41.19
C LEU O 48 8.32 -37.41 -41.84
N LYS O 49 8.69 -38.51 -41.17
CA LYS O 49 9.60 -39.47 -41.77
C LYS O 49 9.04 -40.06 -43.06
N LYS O 50 7.76 -40.41 -43.05
CA LYS O 50 7.15 -41.03 -44.23
C LYS O 50 6.93 -40.02 -45.36
N ASN O 51 6.52 -38.80 -45.06
CA ASN O 51 6.13 -37.82 -46.07
C ASN O 51 6.76 -36.45 -45.80
N PRO O 52 8.09 -36.37 -45.83
CA PRO O 52 8.76 -35.14 -45.39
C PRO O 52 8.51 -34.00 -46.35
N SER O 53 8.30 -32.81 -45.80
CA SER O 53 8.02 -31.63 -46.59
C SER O 53 8.25 -30.39 -45.74
N GLU O 54 8.38 -29.25 -46.42
CA GLU O 54 8.75 -28.00 -45.74
C GLU O 54 7.71 -27.57 -44.71
N SER O 55 6.43 -27.60 -45.08
CA SER O 55 5.40 -27.26 -44.11
C SER O 55 5.25 -28.32 -43.02
N ALA O 56 5.51 -29.58 -43.35
CA ALA O 56 5.60 -30.62 -42.34
C ALA O 56 6.73 -30.35 -41.37
N LEU O 57 7.90 -29.94 -41.87
CA LEU O 57 9.01 -29.59 -41.00
C LEU O 57 8.66 -28.44 -40.06
N VAL O 58 8.07 -27.37 -40.60
CA VAL O 58 7.68 -26.23 -39.76
C VAL O 58 6.69 -26.64 -38.69
N SER O 59 5.66 -27.42 -39.05
CA SER O 59 4.66 -27.81 -38.06
C SER O 59 5.23 -28.78 -37.03
N HIS O 60 6.12 -29.67 -37.45
CA HIS O 60 6.80 -30.55 -36.52
C HIS O 60 7.61 -29.77 -35.50
N ASN O 61 8.42 -28.81 -35.98
CA ASN O 61 9.18 -27.97 -35.06
C ASN O 61 8.30 -27.21 -34.09
N LYS O 62 7.20 -26.62 -34.56
CA LYS O 62 6.29 -25.96 -33.61
C LYS O 62 5.71 -26.92 -32.58
N ALA O 63 5.40 -28.16 -33.00
CA ALA O 63 4.95 -29.15 -32.02
C ALA O 63 6.03 -29.50 -31.01
N ILE O 64 7.28 -29.58 -31.45
CA ILE O 64 8.39 -29.78 -30.53
C ILE O 64 8.48 -28.63 -29.53
N VAL O 65 8.25 -27.40 -29.99
CA VAL O 65 8.25 -26.26 -29.07
C VAL O 65 7.15 -26.37 -28.03
N GLU O 66 5.96 -26.82 -28.43
CA GLU O 66 4.91 -26.99 -27.42
C GLU O 66 5.19 -28.15 -26.47
N HIS O 67 5.81 -29.21 -26.95
CA HIS O 67 6.25 -30.29 -26.08
C HIS O 67 7.28 -29.79 -25.06
N ASN O 68 8.27 -29.04 -25.51
CA ASN O 68 9.24 -28.45 -24.58
C ASN O 68 8.56 -27.54 -23.56
N ALA O 69 7.59 -26.74 -23.98
CA ALA O 69 6.87 -25.92 -23.01
C ALA O 69 6.19 -26.75 -21.94
N ILE O 70 5.63 -27.91 -22.31
CA ILE O 70 5.08 -28.83 -21.30
C ILE O 70 6.16 -29.35 -20.36
N ILE O 71 7.32 -29.71 -20.90
CA ILE O 71 8.43 -30.14 -20.04
C ILE O 71 8.82 -29.05 -19.04
N VAL O 72 8.90 -27.81 -19.52
CA VAL O 72 9.26 -26.70 -18.64
C VAL O 72 8.24 -26.52 -17.52
N GLU O 73 6.95 -26.57 -17.84
CA GLU O 73 5.96 -26.55 -16.76
C GLU O 73 6.10 -27.71 -15.79
N ASN O 74 6.43 -28.91 -16.29
CA ASN O 74 6.70 -30.02 -15.39
C ASN O 74 7.85 -29.72 -14.42
N ASN O 75 8.93 -29.15 -14.95
CA ASN O 75 10.08 -28.83 -14.10
C ASN O 75 9.76 -27.72 -13.12
N ARG O 76 8.91 -26.78 -13.50
CA ARG O 76 8.47 -25.75 -12.56
C ARG O 76 7.70 -26.37 -11.41
N ILE O 77 6.77 -27.28 -11.71
CA ILE O 77 6.02 -27.91 -10.62
C ILE O 77 6.93 -28.75 -9.74
N ILE O 78 7.89 -29.45 -10.33
CA ILE O 78 8.84 -30.22 -9.52
C ILE O 78 9.63 -29.31 -8.58
N ALA O 79 10.15 -28.19 -9.09
CA ALA O 79 10.87 -27.26 -8.23
C ALA O 79 9.99 -26.70 -7.12
N ALA O 80 8.71 -26.46 -7.41
CA ALA O 80 7.81 -25.99 -6.36
C ALA O 80 7.65 -27.05 -5.27
N VAL O 81 7.40 -28.28 -5.68
CA VAL O 81 7.22 -29.36 -4.72
C VAL O 81 8.47 -29.50 -3.86
N LEU O 82 9.65 -29.48 -4.49
CA LEU O 82 10.88 -29.59 -3.72
C LEU O 82 11.04 -28.46 -2.71
N GLU O 83 10.66 -27.24 -3.08
CA GLU O 83 10.73 -26.17 -2.09
C GLU O 83 9.80 -26.42 -0.90
N LEU O 84 8.60 -26.94 -1.16
CA LEU O 84 7.71 -27.30 -0.06
C LEU O 84 8.24 -28.45 0.78
N ILE O 85 8.85 -29.44 0.14
CA ILE O 85 9.43 -30.57 0.86
C ILE O 85 10.59 -30.12 1.73
N VAL O 86 11.50 -29.32 1.18
CA VAL O 86 12.63 -28.87 1.97
C VAL O 86 12.17 -27.99 3.12
N ARG O 87 11.21 -27.10 2.88
CA ARG O 87 10.70 -26.34 4.03
C ARG O 87 10.05 -27.25 5.06
N ALA O 88 9.48 -28.37 4.63
CA ALA O 88 8.98 -29.35 5.59
C ALA O 88 10.11 -29.94 6.44
N VAL O 89 11.15 -30.45 5.79
CA VAL O 89 12.27 -31.07 6.52
C VAL O 89 13.21 -30.05 7.13
N GLY O 90 13.37 -28.87 6.52
CA GLY O 90 14.47 -27.99 6.86
C GLY O 90 15.62 -27.97 5.86
N MET O 91 16.05 -26.75 5.55
CA MET O 91 17.24 -26.50 4.75
C MET O 91 18.51 -27.02 5.42
N THR O 92 19.56 -27.15 4.61
CA THR O 92 20.92 -27.35 5.07
C THR O 92 21.84 -26.63 4.11
N ASP O 93 23.10 -26.43 4.53
CA ASP O 93 24.06 -25.68 3.73
C ASP O 93 24.10 -26.14 2.27
N GLU O 94 24.31 -27.43 2.06
CA GLU O 94 24.42 -27.92 0.68
C GLU O 94 23.07 -27.88 -0.01
N ILE O 95 21.99 -28.08 0.74
CA ILE O 95 20.67 -27.95 0.17
C ILE O 95 20.41 -26.52 -0.23
N LEU O 96 20.73 -25.55 0.65
CA LEU O 96 20.46 -24.16 0.31
C LEU O 96 21.24 -23.72 -0.91
N LEU O 97 22.50 -24.16 -1.03
CA LEU O 97 23.26 -23.83 -2.23
C LEU O 97 22.70 -24.49 -3.47
N ALA O 98 22.18 -25.72 -3.34
CA ALA O 98 21.55 -26.35 -4.50
C ALA O 98 20.21 -25.73 -4.85
N LEU O 99 19.45 -25.26 -3.87
CA LEU O 99 18.20 -24.56 -4.18
C LEU O 99 18.46 -23.20 -4.82
N LEU O 100 19.51 -22.50 -4.41
CA LEU O 100 19.85 -21.27 -5.13
C LEU O 100 20.28 -21.57 -6.57
N GLU O 101 20.99 -22.67 -6.76
CA GLU O 101 21.31 -23.10 -8.12
C GLU O 101 20.06 -23.49 -8.90
N LEU O 102 19.11 -24.14 -8.24
CA LEU O 102 17.85 -24.51 -8.89
C LEU O 102 17.04 -23.28 -9.28
N LYS O 103 16.91 -22.30 -8.39
CA LYS O 103 16.16 -21.10 -8.74
C LYS O 103 16.82 -20.33 -9.88
N ALA O 104 18.14 -20.29 -9.91
CA ALA O 104 18.82 -19.70 -11.05
C ALA O 104 18.51 -20.45 -12.34
N SER O 105 18.66 -21.78 -12.32
CA SER O 105 18.39 -22.56 -13.52
C SER O 105 16.94 -22.44 -13.98
N THR O 106 16.00 -22.36 -13.04
CA THR O 106 14.60 -22.11 -13.39
C THR O 106 14.43 -20.79 -14.14
N ALA O 107 15.08 -19.73 -13.68
CA ALA O 107 14.95 -18.46 -14.40
C ALA O 107 15.62 -18.54 -15.76
N ARG O 108 16.79 -19.15 -15.83
CA ARG O 108 17.46 -19.31 -17.11
C ARG O 108 16.58 -20.09 -18.08
N LEU O 109 15.86 -21.09 -17.58
CA LEU O 109 14.96 -21.84 -18.44
C LEU O 109 13.80 -20.98 -18.93
N LYS O 110 13.20 -20.16 -18.08
CA LYS O 110 12.14 -19.28 -18.59
C LYS O 110 12.66 -18.36 -19.69
N VAL O 111 13.89 -17.87 -19.52
CA VAL O 111 14.51 -17.04 -20.55
C VAL O 111 14.70 -17.81 -21.84
N ALA O 112 15.31 -18.99 -21.78
CA ALA O 112 15.52 -19.77 -23.00
C ALA O 112 14.20 -20.20 -23.63
N THR O 113 13.16 -20.42 -22.82
CA THR O 113 11.83 -20.70 -23.35
C THR O 113 11.31 -19.56 -24.19
N ALA O 114 11.38 -18.32 -23.67
CA ALA O 114 11.02 -17.18 -24.50
C ALA O 114 11.88 -17.05 -25.75
N LEU O 115 13.19 -17.24 -25.62
CA LEU O 115 14.05 -17.23 -26.81
C LEU O 115 13.58 -18.20 -27.87
N LEU O 116 13.35 -19.46 -27.47
CA LEU O 116 12.91 -20.48 -28.40
C LEU O 116 11.59 -20.13 -29.04
N ARG O 117 10.60 -19.71 -28.24
CA ARG O 117 9.32 -19.33 -28.81
C ARG O 117 9.45 -18.20 -29.83
N MET O 118 10.35 -17.26 -29.59
CA MET O 118 10.46 -16.13 -30.52
C MET O 118 11.14 -16.52 -31.83
N ILE O 119 12.22 -17.30 -31.76
CA ILE O 119 12.78 -17.82 -33.02
C ILE O 119 11.84 -18.82 -33.71
N THR O 120 11.02 -19.53 -32.96
CA THR O 120 9.93 -20.31 -33.56
C THR O 120 8.99 -19.44 -34.38
N GLU O 121 8.55 -18.32 -33.82
CA GLU O 121 7.69 -17.42 -34.58
C GLU O 121 8.38 -16.85 -35.81
N GLU O 122 9.67 -16.52 -35.68
CA GLU O 122 10.42 -16.11 -36.87
C GLU O 122 10.45 -17.20 -37.94
N LEU O 123 10.68 -18.44 -37.55
CA LEU O 123 10.69 -19.53 -38.52
C LEU O 123 9.34 -19.72 -39.18
N LYS O 124 8.29 -19.77 -38.37
CA LYS O 124 6.93 -19.92 -38.90
C LYS O 124 6.60 -18.82 -39.91
N LYS O 125 6.97 -17.58 -39.60
CA LYS O 125 6.67 -16.48 -40.51
C LYS O 125 7.50 -16.52 -41.78
N ASN O 126 8.79 -16.83 -41.69
CA ASN O 126 9.71 -16.76 -42.83
C ASN O 126 10.54 -18.03 -42.95
N PRO O 127 9.89 -19.16 -43.18
CA PRO O 127 10.60 -20.45 -43.15
C PRO O 127 11.48 -20.67 -44.37
N SER O 128 12.59 -21.34 -44.12
CA SER O 128 13.53 -21.77 -45.16
C SER O 128 14.45 -22.81 -44.54
N GLU O 129 15.19 -23.50 -45.40
CA GLU O 129 16.06 -24.57 -44.91
C GLU O 129 17.11 -24.04 -43.93
N ASP O 130 17.71 -22.89 -44.24
CA ASP O 130 18.66 -22.28 -43.31
C ASP O 130 17.99 -21.99 -41.98
N ALA O 131 16.75 -21.48 -42.02
CA ALA O 131 16.01 -21.20 -40.80
C ALA O 131 15.71 -22.48 -40.04
N LEU O 132 15.44 -23.58 -40.74
CA LEU O 132 15.23 -24.85 -40.05
C LEU O 132 16.50 -25.32 -39.36
N VAL O 133 17.65 -25.17 -40.01
CA VAL O 133 18.90 -25.55 -39.35
C VAL O 133 19.10 -24.72 -38.08
N GLU O 134 18.98 -23.40 -38.19
CA GLU O 134 19.14 -22.54 -37.02
C GLU O 134 18.15 -22.89 -35.92
N HIS O 135 16.92 -23.20 -36.29
CA HIS O 135 15.90 -23.56 -35.31
C HIS O 135 16.23 -24.88 -34.62
N ASN O 136 16.67 -25.89 -35.37
CA ASN O 136 17.08 -27.15 -34.76
C ASN O 136 18.23 -26.95 -33.80
N ARG O 137 19.23 -26.15 -34.16
CA ARG O 137 20.33 -25.87 -33.23
C ARG O 137 19.83 -25.16 -31.96
N ALA O 138 18.86 -24.27 -32.10
CA ALA O 138 18.31 -23.64 -30.91
C ALA O 138 17.46 -24.58 -30.06
N ILE O 139 16.77 -25.54 -30.68
CA ILE O 139 16.11 -26.59 -29.92
C ILE O 139 17.12 -27.40 -29.13
N VAL O 140 18.24 -27.76 -29.76
CA VAL O 140 19.25 -28.53 -29.05
C VAL O 140 19.85 -27.75 -27.88
N ASN O 141 20.03 -26.44 -28.03
CA ASN O 141 20.46 -25.67 -26.86
C ASN O 141 19.40 -25.58 -25.77
N HIS O 142 18.14 -25.42 -26.14
CA HIS O 142 17.08 -25.42 -25.13
C HIS O 142 17.04 -26.74 -24.37
N ASN O 143 17.09 -27.85 -25.08
CA ASN O 143 17.17 -29.15 -24.41
C ASN O 143 18.38 -29.25 -23.49
N ALA O 144 19.56 -28.81 -23.94
CA ALA O 144 20.71 -28.85 -23.04
C ALA O 144 20.46 -28.08 -21.74
N ILE O 145 19.68 -26.99 -21.81
CA ILE O 145 19.33 -26.29 -20.58
C ILE O 145 18.34 -27.09 -19.73
N ILE O 146 17.35 -27.73 -20.35
CA ILE O 146 16.48 -28.64 -19.61
C ILE O 146 17.29 -29.71 -18.88
N VAL O 147 18.23 -30.34 -19.59
CA VAL O 147 19.12 -31.31 -18.97
C VAL O 147 19.82 -30.75 -17.74
N GLU O 148 20.43 -29.56 -17.85
CA GLU O 148 21.07 -29.00 -16.66
C GLU O 148 20.08 -28.77 -15.52
N ASN O 149 18.86 -28.33 -15.84
CA ASN O 149 17.83 -28.22 -14.83
C ASN O 149 17.57 -29.56 -14.14
N ASN O 150 17.54 -30.64 -14.92
CA ASN O 150 17.26 -31.95 -14.34
C ASN O 150 18.43 -32.43 -13.50
N ARG O 151 19.66 -32.09 -13.89
CA ARG O 151 20.80 -32.53 -13.10
C ARG O 151 20.77 -31.84 -11.75
N ILE O 152 20.40 -30.57 -11.72
CA ILE O 152 20.35 -29.86 -10.45
C ILE O 152 19.22 -30.39 -9.58
N ILE O 153 18.05 -30.64 -10.15
CA ILE O 153 16.95 -31.26 -9.41
C ILE O 153 17.35 -32.62 -8.83
N ALA O 154 18.02 -33.46 -9.63
CA ALA O 154 18.55 -34.72 -9.10
C ALA O 154 19.56 -34.51 -7.98
N ALA O 155 20.43 -33.52 -8.10
CA ALA O 155 21.37 -33.26 -7.01
C ALA O 155 20.64 -32.85 -5.74
N VAL O 156 19.59 -32.04 -5.88
CA VAL O 156 18.78 -31.67 -4.72
C VAL O 156 18.18 -32.90 -4.07
N LEU O 157 17.58 -33.79 -4.86
CA LEU O 157 16.98 -34.98 -4.26
C LEU O 157 18.02 -35.89 -3.62
N GLU O 158 19.20 -36.02 -4.24
CA GLU O 158 20.29 -36.75 -3.60
C GLU O 158 20.64 -36.17 -2.24
N LEU O 159 20.71 -34.84 -2.15
CA LEU O 159 21.02 -34.18 -0.89
C LEU O 159 19.90 -34.34 0.13
N ILE O 160 18.64 -34.21 -0.30
CA ILE O 160 17.52 -34.37 0.63
C ILE O 160 17.52 -35.77 1.23
N VAL O 161 17.69 -36.80 0.41
CA VAL O 161 17.75 -38.16 0.94
C VAL O 161 18.93 -38.33 1.87
N ARG O 162 20.13 -37.87 1.48
CA ARG O 162 21.26 -38.01 2.39
C ARG O 162 21.07 -37.23 3.69
N ALA O 163 20.42 -36.07 3.64
CA ALA O 163 20.15 -35.30 4.86
C ALA O 163 19.18 -35.99 5.78
N LEU O 164 18.11 -36.58 5.24
CA LEU O 164 17.23 -37.38 6.08
C LEU O 164 17.93 -38.62 6.62
N ASN O 165 18.93 -39.14 5.91
CA ASN O 165 19.57 -40.40 6.28
C ASN O 165 18.59 -41.55 6.07
N LEU O 166 17.79 -41.45 5.01
CA LEU O 166 16.68 -42.36 4.81
C LEU O 166 17.17 -43.71 4.34
N THR O 167 16.73 -44.76 5.05
CA THR O 167 17.23 -46.12 4.88
C THR O 167 16.36 -46.98 3.99
N ASP O 168 15.30 -46.42 3.41
CA ASP O 168 14.35 -47.21 2.64
C ASP O 168 15.04 -47.75 1.40
N GLU O 169 15.02 -49.08 1.25
CA GLU O 169 15.62 -49.70 0.07
C GLU O 169 14.91 -49.30 -1.20
N GLU O 170 13.61 -49.00 -1.13
CA GLU O 170 12.91 -48.46 -2.29
C GLU O 170 13.50 -47.11 -2.71
N VAL O 171 13.89 -46.30 -1.75
CA VAL O 171 14.52 -45.01 -2.07
C VAL O 171 15.92 -45.22 -2.64
N ARG O 172 16.71 -46.10 -2.04
CA ARG O 172 18.05 -46.34 -2.57
C ARG O 172 17.99 -46.86 -4.00
N LYS O 173 17.09 -47.82 -4.25
CA LYS O 173 16.89 -48.31 -5.61
C LYS O 173 16.49 -47.18 -6.57
N ALA O 174 15.53 -46.36 -6.17
CA ALA O 174 15.13 -45.26 -7.04
C ALA O 174 16.25 -44.26 -7.27
N LEU O 175 17.15 -44.05 -6.30
CA LEU O 175 18.30 -43.19 -6.58
C LEU O 175 19.33 -43.84 -7.50
N GLU O 176 19.50 -45.16 -7.43
CA GLU O 176 20.36 -45.82 -8.41
C GLU O 176 19.78 -45.70 -9.81
N GLU O 177 18.45 -45.80 -9.94
CA GLU O 177 17.81 -45.51 -11.22
C GLU O 177 18.01 -44.06 -11.64
N LEU O 178 17.90 -43.11 -10.71
CA LEU O 178 18.03 -41.71 -11.07
C LEU O 178 19.45 -41.35 -11.50
N LYS O 179 20.46 -41.88 -10.83
CA LYS O 179 21.84 -41.68 -11.25
C LYS O 179 22.15 -42.32 -12.60
N ALA O 180 21.65 -43.53 -12.85
CA ALA O 180 21.80 -44.12 -14.17
C ALA O 180 21.12 -43.28 -15.25
N SER O 181 19.88 -42.86 -15.02
CA SER O 181 19.20 -41.99 -15.96
C SER O 181 19.95 -40.68 -16.19
N THR O 182 20.55 -40.11 -15.16
CA THR O 182 21.30 -38.87 -15.34
C THR O 182 22.54 -39.06 -16.22
N ALA O 183 23.33 -40.10 -15.97
CA ALA O 183 24.47 -40.36 -16.84
C ALA O 183 24.04 -40.68 -18.27
N GLU O 184 22.96 -41.44 -18.42
CA GLU O 184 22.41 -41.69 -19.75
C GLU O 184 21.99 -40.40 -20.44
N LEU O 185 21.38 -39.47 -19.70
CA LEU O 185 20.96 -38.21 -20.28
C LEU O 185 22.14 -37.33 -20.68
N LYS O 186 23.23 -37.34 -19.90
CA LYS O 186 24.45 -36.68 -20.37
C LYS O 186 24.95 -37.27 -21.68
N ARG O 187 25.04 -38.59 -21.76
CA ARG O 187 25.51 -39.19 -23.01
C ARG O 187 24.60 -38.84 -24.19
N ALA O 188 23.29 -38.92 -24.01
CA ALA O 188 22.38 -38.57 -25.09
C ALA O 188 22.50 -37.10 -25.49
N THR O 189 22.68 -36.21 -24.51
CA THR O 189 22.87 -34.79 -24.81
C THR O 189 24.13 -34.57 -25.65
N ALA O 190 25.24 -35.18 -25.24
CA ALA O 190 26.47 -35.08 -26.04
C ALA O 190 26.28 -35.61 -27.46
N SER O 191 25.64 -36.77 -27.60
CA SER O 191 25.38 -37.31 -28.94
C SER O 191 24.53 -36.37 -29.78
N LEU O 192 23.54 -35.72 -29.17
CA LEU O 192 22.69 -34.83 -29.93
C LEU O 192 23.43 -33.56 -30.33
N ARG O 193 24.29 -33.04 -29.45
CA ARG O 193 25.12 -31.91 -29.85
C ARG O 193 26.09 -32.28 -30.96
N ALA O 194 26.55 -33.53 -30.98
CA ALA O 194 27.45 -33.97 -32.04
C ALA O 194 26.75 -34.00 -33.39
N ILE O 195 25.59 -34.64 -33.47
CA ILE O 195 24.88 -34.63 -34.75
C ILE O 195 24.37 -33.24 -35.11
N THR O 196 24.06 -32.39 -34.14
CA THR O 196 23.75 -30.99 -34.45
C THR O 196 24.92 -30.26 -35.11
N GLU O 197 26.14 -30.47 -34.61
CA GLU O 197 27.31 -29.92 -35.29
C GLU O 197 27.53 -30.52 -36.67
N GLU O 198 27.13 -31.78 -36.86
CA GLU O 198 27.12 -32.34 -38.22
C GLU O 198 26.13 -31.60 -39.10
N LEU O 199 24.89 -31.44 -38.63
CA LEU O 199 23.87 -30.79 -39.45
C LEU O 199 24.34 -29.40 -39.85
N LYS O 200 24.84 -28.63 -38.88
CA LYS O 200 25.35 -27.30 -39.18
C LYS O 200 26.43 -27.36 -40.25
N LYS O 201 27.25 -28.41 -40.26
CA LYS O 201 28.21 -28.52 -41.35
C LYS O 201 27.56 -28.92 -42.67
N ASN O 202 26.62 -29.87 -42.67
CA ASN O 202 26.08 -30.45 -43.91
C ASN O 202 24.56 -30.47 -43.92
N PRO O 203 23.91 -29.31 -43.90
CA PRO O 203 22.45 -29.27 -43.80
C PRO O 203 21.77 -29.77 -45.07
N SER O 204 20.81 -30.67 -44.89
CA SER O 204 19.98 -31.16 -45.99
C SER O 204 18.67 -31.67 -45.40
N GLU O 205 17.63 -31.69 -46.24
CA GLU O 205 16.34 -32.23 -45.79
C GLU O 205 16.48 -33.64 -45.21
N ASP O 206 17.26 -34.52 -45.86
CA ASP O 206 17.44 -35.84 -45.26
C ASP O 206 18.10 -35.73 -43.90
N ALA O 207 19.01 -34.77 -43.75
CA ALA O 207 19.66 -34.59 -42.46
C ALA O 207 18.67 -33.99 -41.47
N LEU O 208 17.88 -33.01 -41.90
CA LEU O 208 16.90 -32.43 -41.00
C LEU O 208 15.96 -33.50 -40.44
N VAL O 209 15.60 -34.47 -41.28
CA VAL O 209 14.72 -35.55 -40.82
C VAL O 209 15.45 -36.44 -39.81
N GLU O 210 16.66 -36.91 -40.16
CA GLU O 210 17.40 -37.74 -39.22
C GLU O 210 17.65 -37.02 -37.91
N HIS O 211 17.85 -35.71 -37.97
CA HIS O 211 18.15 -34.91 -36.80
C HIS O 211 16.91 -34.79 -35.92
N ASN O 212 15.78 -34.42 -36.52
CA ASN O 212 14.54 -34.33 -35.74
C ASN O 212 14.21 -35.65 -35.07
N ARG O 213 14.49 -36.77 -35.74
CA ARG O 213 14.36 -38.08 -35.10
C ARG O 213 15.25 -38.19 -33.86
N ALA O 214 16.52 -37.82 -33.97
CA ALA O 214 17.37 -37.89 -32.78
C ALA O 214 16.93 -36.94 -31.66
N ILE O 215 16.43 -35.76 -32.02
CA ILE O 215 15.81 -34.89 -31.02
C ILE O 215 14.69 -35.60 -30.30
N VAL O 216 13.78 -36.23 -31.04
CA VAL O 216 12.65 -36.88 -30.38
C VAL O 216 13.10 -38.01 -29.48
N GLU O 217 14.16 -38.72 -29.85
CA GLU O 217 14.72 -39.71 -28.93
C GLU O 217 15.27 -39.05 -27.65
N HIS O 218 15.93 -37.90 -27.80
CA HIS O 218 16.46 -37.21 -26.63
C HIS O 218 15.33 -36.75 -25.71
N ASN O 219 14.28 -36.16 -26.28
CA ASN O 219 13.13 -35.77 -25.48
C ASN O 219 12.51 -36.96 -24.75
N ALA O 220 12.45 -38.12 -25.42
CA ALA O 220 11.95 -39.30 -24.74
C ALA O 220 12.80 -39.67 -23.52
N ILE O 221 14.12 -39.53 -23.65
CA ILE O 221 14.99 -39.79 -22.50
C ILE O 221 14.77 -38.79 -21.38
N ILE O 222 14.51 -37.52 -21.73
CA ILE O 222 14.18 -36.53 -20.70
C ILE O 222 12.88 -36.89 -19.98
N VAL O 223 11.89 -37.39 -20.71
CA VAL O 223 10.64 -37.81 -20.08
C VAL O 223 10.84 -38.98 -19.14
N GLU O 224 11.68 -39.95 -19.52
CA GLU O 224 12.07 -40.99 -18.57
C GLU O 224 12.76 -40.42 -17.33
N ASN O 225 13.61 -39.41 -17.52
CA ASN O 225 14.23 -38.76 -16.37
C ASN O 225 13.18 -38.15 -15.45
N ASN O 226 12.20 -37.48 -16.02
CA ASN O 226 11.14 -36.88 -15.21
C ASN O 226 10.30 -37.92 -14.50
N ARG O 227 10.11 -39.09 -15.10
CA ARG O 227 9.42 -40.17 -14.39
C ARG O 227 10.21 -40.62 -13.16
N ILE O 228 11.52 -40.84 -13.31
CA ILE O 228 12.31 -41.29 -12.17
C ILE O 228 12.33 -40.23 -11.08
N ILE O 229 12.49 -38.97 -11.47
CA ILE O 229 12.45 -37.88 -10.50
C ILE O 229 11.14 -37.92 -9.72
N ALA O 230 10.02 -38.10 -10.41
CA ALA O 230 8.75 -38.16 -9.70
C ALA O 230 8.66 -39.38 -8.78
N LEU O 231 9.27 -40.51 -9.13
CA LEU O 231 9.28 -41.62 -8.17
C LEU O 231 10.08 -41.29 -6.93
N VAL O 232 11.21 -40.59 -7.10
CA VAL O 232 11.96 -40.19 -5.92
C VAL O 232 11.16 -39.22 -5.06
N LEU O 233 10.54 -38.20 -5.66
CA LEU O 233 9.71 -37.32 -4.83
C LEU O 233 8.62 -38.07 -4.07
N LEU O 234 7.90 -38.97 -4.73
CA LEU O 234 6.86 -39.73 -4.04
C LEU O 234 7.40 -40.58 -2.90
N LEU O 235 8.51 -41.27 -3.12
CA LEU O 235 9.13 -42.04 -2.05
C LEU O 235 9.59 -41.15 -0.89
N ILE O 236 10.16 -39.99 -1.18
CA ILE O 236 10.59 -39.10 -0.11
C ILE O 236 9.37 -38.62 0.69
N VAL O 237 8.34 -38.15 0.01
CA VAL O 237 7.17 -37.62 0.71
C VAL O 237 6.50 -38.71 1.55
N LEU O 238 6.57 -39.97 1.12
CA LEU O 238 6.09 -41.03 2.02
C LEU O 238 7.04 -41.28 3.18
N ALA O 239 8.35 -41.20 2.95
CA ALA O 239 9.28 -41.49 4.03
C ALA O 239 9.36 -40.40 5.10
N ILE O 240 9.19 -39.13 4.75
CA ILE O 240 9.12 -38.11 5.78
C ILE O 240 7.87 -38.30 6.62
N GLY P 15 -32.83 -42.16 -50.21
CA GLY P 15 -33.14 -41.27 -49.11
C GLY P 15 -33.23 -39.81 -49.54
N SER P 16 -33.53 -38.94 -48.59
CA SER P 16 -33.58 -37.51 -48.84
C SER P 16 -32.20 -36.89 -48.70
N GLU P 17 -32.06 -35.67 -49.23
CA GLU P 17 -30.80 -34.95 -49.15
C GLU P 17 -30.36 -34.73 -47.72
N GLU P 18 -31.31 -34.58 -46.79
CA GLU P 18 -30.95 -34.50 -45.39
C GLU P 18 -30.34 -35.81 -44.90
N GLU P 19 -30.92 -36.95 -45.27
CA GLU P 19 -30.36 -38.22 -44.84
C GLU P 19 -28.96 -38.42 -45.41
N ILE P 20 -28.78 -38.19 -46.70
CA ILE P 20 -27.46 -38.37 -47.31
C ILE P 20 -26.44 -37.47 -46.64
N ALA P 21 -26.78 -36.19 -46.45
CA ALA P 21 -25.86 -35.25 -45.83
C ALA P 21 -25.53 -35.65 -44.40
N LYS P 22 -26.54 -36.01 -43.61
CA LYS P 22 -26.30 -36.50 -42.26
C LYS P 22 -25.36 -37.69 -42.26
N ALA P 23 -25.63 -38.68 -43.12
CA ALA P 23 -24.78 -39.86 -43.20
C ALA P 23 -23.37 -39.54 -43.63
N LEU P 24 -23.18 -38.54 -44.50
CA LEU P 24 -21.83 -38.09 -44.83
C LEU P 24 -21.14 -37.35 -43.69
N GLU P 25 -21.89 -36.63 -42.86
CA GLU P 25 -21.32 -36.12 -41.62
C GLU P 25 -20.88 -37.25 -40.70
N GLU P 26 -21.68 -38.31 -40.60
CA GLU P 26 -21.29 -39.49 -39.84
C GLU P 26 -20.08 -40.17 -40.46
N LEU P 27 -20.00 -40.18 -41.79
CA LEU P 27 -18.86 -40.78 -42.47
C LEU P 27 -17.58 -40.01 -42.19
N VAL P 28 -17.61 -38.69 -42.31
CA VAL P 28 -16.42 -37.89 -42.02
C VAL P 28 -16.04 -37.96 -40.55
N ALA P 29 -17.03 -38.03 -39.65
CA ALA P 29 -16.74 -38.33 -38.25
C ALA P 29 -16.05 -39.68 -38.07
N SER P 30 -16.52 -40.71 -38.77
CA SER P 30 -15.88 -42.02 -38.71
C SER P 30 -14.47 -41.96 -39.27
N LEU P 31 -14.25 -41.17 -40.32
CA LEU P 31 -12.91 -41.02 -40.86
C LEU P 31 -11.97 -40.33 -39.89
N ALA P 32 -12.44 -39.26 -39.23
CA ALA P 32 -11.62 -38.63 -38.20
C ALA P 32 -11.27 -39.61 -37.08
N GLU P 33 -12.27 -40.35 -36.60
CA GLU P 33 -12.02 -41.38 -35.60
C GLU P 33 -11.04 -42.45 -36.10
N LEU P 34 -11.17 -42.86 -37.35
CA LEU P 34 -10.24 -43.83 -37.94
C LEU P 34 -8.83 -43.29 -38.02
N LYS P 35 -8.68 -42.03 -38.44
CA LYS P 35 -7.36 -41.41 -38.46
C LYS P 35 -6.75 -41.38 -37.07
N ARG P 36 -7.51 -40.90 -36.09
CA ARG P 36 -7.02 -40.86 -34.71
C ARG P 36 -6.58 -42.25 -34.23
N ALA P 37 -7.40 -43.26 -34.49
CA ALA P 37 -7.04 -44.63 -34.12
C ALA P 37 -5.79 -45.09 -34.86
N THR P 38 -5.61 -44.69 -36.12
CA THR P 38 -4.42 -45.08 -36.84
C THR P 38 -3.18 -44.47 -36.22
N LEU P 39 -3.27 -43.20 -35.82
CA LEU P 39 -2.14 -42.56 -35.16
C LEU P 39 -1.80 -43.28 -33.85
N LYS P 40 -2.81 -43.53 -33.01
CA LYS P 40 -2.59 -44.28 -31.78
C LYS P 40 -1.97 -45.65 -32.04
N LEU P 41 -2.46 -46.37 -33.04
CA LEU P 41 -1.92 -47.69 -33.34
C LEU P 41 -0.47 -47.59 -33.78
N LEU P 42 -0.12 -46.56 -34.54
CA LEU P 42 1.29 -46.37 -34.90
C LEU P 42 2.13 -46.13 -33.65
N VAL P 43 1.57 -45.38 -32.69
CA VAL P 43 2.30 -45.15 -31.45
C VAL P 43 2.62 -46.47 -30.77
N ILE P 44 1.58 -47.27 -30.51
CA ILE P 44 1.83 -48.50 -29.77
C ILE P 44 2.68 -49.47 -30.58
N THR P 45 2.62 -49.42 -31.92
CA THR P 45 3.56 -50.17 -32.73
C THR P 45 5.00 -49.77 -32.46
N GLU P 46 5.24 -48.46 -32.33
CA GLU P 46 6.60 -48.03 -31.98
C GLU P 46 7.00 -48.50 -30.59
N GLU P 47 6.09 -48.37 -29.63
CA GLU P 47 6.38 -48.81 -28.27
C GLU P 47 6.71 -50.30 -28.23
N LEU P 48 5.97 -51.11 -28.97
CA LEU P 48 6.27 -52.53 -29.10
C LEU P 48 7.63 -52.76 -29.76
N LYS P 49 7.94 -52.01 -30.81
CA LYS P 49 9.24 -52.15 -31.45
C LYS P 49 10.40 -51.87 -30.51
N LYS P 50 10.28 -50.81 -29.69
CA LYS P 50 11.37 -50.45 -28.79
C LYS P 50 11.52 -51.43 -27.63
N ASN P 51 10.42 -51.91 -27.05
CA ASN P 51 10.45 -52.72 -25.83
C ASN P 51 9.57 -53.96 -25.96
N PRO P 52 9.88 -54.84 -26.90
CA PRO P 52 8.96 -55.94 -27.21
C PRO P 52 8.86 -56.95 -26.08
N SER P 53 7.65 -57.41 -25.84
CA SER P 53 7.37 -58.36 -24.78
C SER P 53 6.02 -59.01 -25.03
N GLU P 54 5.80 -60.13 -24.35
CA GLU P 54 4.60 -60.93 -24.60
C GLU P 54 3.32 -60.17 -24.29
N SER P 55 3.27 -59.48 -23.14
CA SER P 55 2.08 -58.69 -22.82
C SER P 55 1.94 -57.48 -23.74
N ALA P 56 3.06 -56.91 -24.19
CA ALA P 56 2.99 -55.89 -25.22
C ALA P 56 2.40 -56.44 -26.51
N LEU P 57 2.80 -57.64 -26.90
CA LEU P 57 2.22 -58.27 -28.10
C LEU P 57 0.73 -58.48 -27.96
N VAL P 58 0.28 -59.02 -26.82
CA VAL P 58 -1.14 -59.24 -26.60
C VAL P 58 -1.91 -57.92 -26.65
N SER P 59 -1.42 -56.88 -25.99
CA SER P 59 -2.14 -55.61 -25.98
C SER P 59 -2.13 -54.94 -27.35
N HIS P 60 -1.03 -55.06 -28.08
CA HIS P 60 -0.98 -54.54 -29.45
C HIS P 60 -2.01 -55.23 -30.34
N ASN P 61 -2.07 -56.55 -30.29
CA ASN P 61 -3.07 -57.28 -31.05
C ASN P 61 -4.49 -56.88 -30.69
N LYS P 62 -4.80 -56.73 -29.40
CA LYS P 62 -6.13 -56.26 -29.03
C LYS P 62 -6.43 -54.87 -29.57
N ALA P 63 -5.43 -53.98 -29.57
CA ALA P 63 -5.64 -52.66 -30.17
C ALA P 63 -5.89 -52.76 -31.67
N ILE P 64 -5.20 -53.67 -32.36
CA ILE P 64 -5.48 -53.92 -33.77
C ILE P 64 -6.92 -54.40 -33.97
N VAL P 65 -7.42 -55.23 -33.06
CA VAL P 65 -8.81 -55.67 -33.16
C VAL P 65 -9.79 -54.52 -33.01
N GLU P 66 -9.52 -53.60 -32.08
CA GLU P 66 -10.43 -52.44 -31.98
C GLU P 66 -10.32 -51.49 -33.16
N HIS P 67 -9.13 -51.33 -33.72
CA HIS P 67 -8.97 -50.56 -34.95
C HIS P 67 -9.73 -51.20 -36.12
N ASN P 68 -9.61 -52.51 -36.29
CA ASN P 68 -10.37 -53.19 -37.33
C ASN P 68 -11.87 -53.04 -37.12
N ALA P 69 -12.35 -53.12 -35.88
CA ALA P 69 -13.77 -52.89 -35.66
C ALA P 69 -14.21 -51.49 -36.08
N ILE P 70 -13.36 -50.49 -35.87
CA ILE P 70 -13.67 -49.15 -36.39
C ILE P 70 -13.71 -49.13 -37.91
N ILE P 71 -12.77 -49.81 -38.57
CA ILE P 71 -12.81 -49.91 -40.02
C ILE P 71 -14.11 -50.54 -40.50
N VAL P 72 -14.54 -51.62 -39.85
CA VAL P 72 -15.78 -52.30 -40.22
C VAL P 72 -16.98 -51.37 -40.08
N GLU P 73 -17.07 -50.61 -38.99
CA GLU P 73 -18.13 -49.62 -38.91
C GLU P 73 -18.05 -48.57 -40.02
N ASN P 74 -16.83 -48.15 -40.38
CA ASN P 74 -16.68 -47.24 -41.52
C ASN P 74 -17.26 -47.83 -42.80
N ASN P 75 -16.95 -49.10 -43.07
CA ASN P 75 -17.46 -49.75 -44.27
C ASN P 75 -18.96 -49.94 -44.23
N ARG P 76 -19.53 -50.16 -43.04
CA ARG P 76 -20.98 -50.23 -42.92
C ARG P 76 -21.62 -48.90 -43.28
N ILE P 77 -21.07 -47.80 -42.78
CA ILE P 77 -21.65 -46.50 -43.10
C ILE P 77 -21.51 -46.20 -44.59
N ILE P 78 -20.37 -46.57 -45.18
CA ILE P 78 -20.21 -46.38 -46.63
C ILE P 78 -21.26 -47.18 -47.41
N ALA P 79 -21.47 -48.43 -47.05
CA ALA P 79 -22.50 -49.23 -47.73
C ALA P 79 -23.89 -48.63 -47.56
N ALA P 80 -24.17 -48.05 -46.39
CA ALA P 80 -25.47 -47.40 -46.20
C ALA P 80 -25.62 -46.20 -47.12
N VAL P 81 -24.59 -45.35 -47.16
CA VAL P 81 -24.64 -44.16 -48.01
C VAL P 81 -24.83 -44.58 -49.46
N LEU P 82 -24.08 -45.58 -49.91
CA LEU P 82 -24.21 -46.03 -51.29
C LEU P 82 -25.62 -46.53 -51.58
N GLU P 83 -26.24 -47.23 -50.63
CA GLU P 83 -27.61 -47.66 -50.86
C GLU P 83 -28.58 -46.48 -50.98
N LEU P 84 -28.39 -45.43 -50.18
CA LEU P 84 -29.22 -44.24 -50.34
C LEU P 84 -28.97 -43.52 -51.66
N ILE P 85 -27.70 -43.45 -52.09
CA ILE P 85 -27.37 -42.81 -53.36
C ILE P 85 -27.97 -43.59 -54.53
N VAL P 86 -27.79 -44.90 -54.54
CA VAL P 86 -28.34 -45.68 -55.65
C VAL P 86 -29.86 -45.61 -55.66
N ARG P 87 -30.51 -45.66 -54.50
CA ARG P 87 -31.96 -45.46 -54.53
C ARG P 87 -32.31 -44.07 -55.03
N ALA P 88 -31.44 -43.08 -54.80
CA ALA P 88 -31.66 -41.76 -55.39
C ALA P 88 -31.62 -41.78 -56.90
N VAL P 89 -30.55 -42.36 -57.48
CA VAL P 89 -30.42 -42.39 -58.93
C VAL P 89 -31.27 -43.46 -59.58
N GLY P 90 -31.53 -44.57 -58.90
CA GLY P 90 -32.07 -45.75 -59.55
C GLY P 90 -31.05 -46.84 -59.78
N MET P 91 -31.44 -48.07 -59.45
CA MET P 91 -30.67 -49.26 -59.76
C MET P 91 -30.48 -49.45 -61.26
N THR P 92 -29.51 -50.30 -61.60
CA THR P 92 -29.34 -50.86 -62.93
C THR P 92 -28.82 -52.28 -62.77
N ASP P 93 -28.90 -53.06 -63.85
CA ASP P 93 -28.51 -54.46 -63.78
C ASP P 93 -27.16 -54.66 -63.10
N GLU P 94 -26.13 -53.97 -63.57
CA GLU P 94 -24.80 -54.14 -63.00
C GLU P 94 -24.71 -53.53 -61.62
N ILE P 95 -25.45 -52.45 -61.36
CA ILE P 95 -25.47 -51.89 -60.02
C ILE P 95 -26.13 -52.87 -59.06
N LEU P 96 -27.29 -53.41 -59.44
CA LEU P 96 -27.97 -54.32 -58.51
C LEU P 96 -27.12 -55.55 -58.22
N LEU P 97 -26.44 -56.09 -59.24
CA LEU P 97 -25.55 -57.22 -58.98
C LEU P 97 -24.36 -56.84 -58.11
N ALA P 98 -23.84 -55.63 -58.26
CA ALA P 98 -22.77 -55.22 -57.37
C ALA P 98 -23.25 -54.93 -55.95
N LEU P 99 -24.45 -54.41 -55.78
CA LEU P 99 -24.99 -54.23 -54.44
C LEU P 99 -25.31 -55.55 -53.76
N LEU P 100 -25.77 -56.56 -54.50
CA LEU P 100 -25.93 -57.88 -53.89
C LEU P 100 -24.58 -58.46 -53.50
N GLU P 101 -23.55 -58.22 -54.31
CA GLU P 101 -22.20 -58.64 -53.92
C GLU P 101 -21.71 -57.88 -52.70
N LEU P 102 -22.04 -56.59 -52.62
CA LEU P 102 -21.66 -55.80 -51.45
C LEU P 102 -22.37 -56.27 -50.20
N LYS P 103 -23.67 -56.54 -50.27
CA LYS P 103 -24.38 -57.02 -49.08
C LYS P 103 -23.86 -58.37 -48.63
N ALA P 104 -23.51 -59.25 -49.58
CA ALA P 104 -22.88 -60.50 -49.18
C ALA P 104 -21.56 -60.24 -48.46
N SER P 105 -20.70 -59.40 -49.05
CA SER P 105 -19.41 -59.12 -48.42
C SER P 105 -19.57 -58.45 -47.06
N THR P 106 -20.58 -57.60 -46.91
CA THR P 106 -20.90 -57.03 -45.60
C THR P 106 -21.23 -58.10 -44.57
N ALA P 107 -22.03 -59.08 -44.94
CA ALA P 107 -22.34 -60.13 -43.97
C ALA P 107 -21.11 -60.98 -43.67
N ARG P 108 -20.34 -61.31 -44.70
CA ARG P 108 -19.11 -62.05 -44.48
C ARG P 108 -18.17 -61.30 -43.55
N LEU P 109 -18.12 -59.97 -43.68
CA LEU P 109 -17.29 -59.19 -42.78
C LEU P 109 -17.82 -59.22 -41.35
N LYS P 110 -19.13 -59.10 -41.14
CA LYS P 110 -19.63 -59.20 -39.77
C LYS P 110 -19.28 -60.55 -39.15
N VAL P 111 -19.36 -61.61 -39.95
CA VAL P 111 -18.99 -62.95 -39.48
C VAL P 111 -17.51 -63.00 -39.10
N ALA P 112 -16.63 -62.58 -40.01
CA ALA P 112 -15.21 -62.63 -39.69
C ALA P 112 -14.84 -61.70 -38.54
N THR P 113 -15.55 -60.58 -38.39
CA THR P 113 -15.36 -59.71 -37.24
C THR P 113 -15.66 -60.42 -35.92
N ALA P 114 -16.81 -61.09 -35.84
CA ALA P 114 -17.08 -61.91 -34.66
C ALA P 114 -16.05 -63.01 -34.45
N LEU P 115 -15.65 -63.69 -35.52
CA LEU P 115 -14.60 -64.70 -35.39
C LEU P 115 -13.34 -64.12 -34.77
N LEU P 116 -12.88 -63.00 -35.32
CA LEU P 116 -11.67 -62.37 -34.81
C LEU P 116 -11.81 -61.97 -33.36
N ARG P 117 -12.91 -61.31 -33.00
CA ARG P 117 -13.09 -60.93 -31.60
C ARG P 117 -13.06 -62.13 -30.67
N MET P 118 -13.60 -63.27 -31.10
CA MET P 118 -13.64 -64.44 -30.23
C MET P 118 -12.28 -65.10 -30.08
N ILE P 119 -11.54 -65.26 -31.17
CA ILE P 119 -10.16 -65.75 -31.02
C ILE P 119 -9.25 -64.74 -30.34
N THR P 120 -9.53 -63.44 -30.45
CA THR P 120 -8.88 -62.45 -29.61
C THR P 120 -9.10 -62.73 -28.13
N GLU P 121 -10.35 -63.00 -27.74
CA GLU P 121 -10.62 -63.33 -26.35
C GLU P 121 -9.91 -64.62 -25.92
N GLU P 122 -9.86 -65.61 -26.81
CA GLU P 122 -9.06 -66.80 -26.51
C GLU P 122 -7.59 -66.49 -26.29
N LEU P 123 -7.00 -65.64 -27.14
CA LEU P 123 -5.59 -65.28 -26.96
C LEU P 123 -5.37 -64.52 -25.66
N LYS P 124 -6.19 -63.50 -25.41
CA LYS P 124 -6.07 -62.73 -24.18
C LYS P 124 -6.15 -63.63 -22.95
N LYS P 125 -7.10 -64.57 -22.96
CA LYS P 125 -7.25 -65.47 -21.82
C LYS P 125 -6.11 -66.47 -21.71
N ASN P 126 -5.65 -67.04 -22.82
CA ASN P 126 -4.66 -68.11 -22.81
C ASN P 126 -3.53 -67.83 -23.79
N PRO P 127 -2.77 -66.76 -23.56
CA PRO P 127 -1.75 -66.34 -24.53
C PRO P 127 -0.53 -67.24 -24.54
N SER P 128 0.03 -67.41 -25.74
CA SER P 128 1.27 -68.13 -25.95
C SER P 128 1.77 -67.78 -27.34
N GLU P 129 3.03 -68.14 -27.63
CA GLU P 129 3.59 -67.79 -28.93
C GLU P 129 2.81 -68.43 -30.06
N ASP P 130 2.43 -69.69 -29.91
CA ASP P 130 1.58 -70.33 -30.91
C ASP P 130 0.28 -69.57 -31.08
N ALA P 131 -0.32 -69.15 -29.97
CA ALA P 131 -1.56 -68.39 -30.04
C ALA P 131 -1.35 -67.04 -30.70
N LEU P 132 -0.20 -66.41 -30.50
CA LEU P 132 0.08 -65.16 -31.20
C LEU P 132 0.21 -65.38 -32.69
N VAL P 133 0.87 -66.46 -33.11
CA VAL P 133 0.95 -66.75 -34.53
C VAL P 133 -0.43 -66.95 -35.12
N GLU P 134 -1.24 -67.80 -34.48
CA GLU P 134 -2.58 -68.05 -34.97
C GLU P 134 -3.41 -66.77 -35.03
N HIS P 135 -3.26 -65.91 -34.03
CA HIS P 135 -3.99 -64.65 -34.00
C HIS P 135 -3.56 -63.72 -35.13
N ASN P 136 -2.25 -63.60 -35.36
CA ASN P 136 -1.78 -62.78 -36.47
C ASN P 136 -2.28 -63.30 -37.82
N ARG P 137 -2.27 -64.61 -38.01
CA ARG P 137 -2.82 -65.16 -39.25
C ARG P 137 -4.31 -64.86 -39.40
N ALA P 138 -5.06 -64.89 -38.30
CA ALA P 138 -6.47 -64.55 -38.40
C ALA P 138 -6.68 -63.05 -38.64
N ILE P 139 -5.81 -62.20 -38.10
CA ILE P 139 -5.84 -60.78 -38.46
C ILE P 139 -5.61 -60.59 -39.95
N VAL P 140 -4.63 -61.30 -40.51
CA VAL P 140 -4.37 -61.17 -41.94
C VAL P 140 -5.54 -61.63 -42.78
N ASN P 141 -6.25 -62.67 -42.35
CA ASN P 141 -7.47 -63.05 -43.07
C ASN P 141 -8.57 -62.01 -42.94
N HIS P 142 -8.74 -61.43 -41.76
CA HIS P 142 -9.72 -60.37 -41.58
C HIS P 142 -9.43 -59.19 -42.50
N ASN P 143 -8.18 -58.74 -42.54
CA ASN P 143 -7.81 -57.69 -43.47
C ASN P 143 -8.08 -58.08 -44.92
N ALA P 144 -7.73 -59.30 -45.33
CA ALA P 144 -8.07 -59.70 -46.70
C ALA P 144 -9.56 -59.60 -47.01
N ILE P 145 -10.42 -59.82 -46.02
CA ILE P 145 -11.84 -59.62 -46.24
C ILE P 145 -12.21 -58.14 -46.35
N ILE P 146 -11.59 -57.30 -45.53
CA ILE P 146 -11.76 -55.85 -45.71
C ILE P 146 -11.37 -55.42 -47.11
N VAL P 147 -10.21 -55.89 -47.59
CA VAL P 147 -9.80 -55.61 -48.96
C VAL P 147 -10.87 -55.99 -49.98
N GLU P 148 -11.40 -57.20 -49.89
CA GLU P 148 -12.46 -57.56 -50.84
C GLU P 148 -13.68 -56.65 -50.73
N ASN P 149 -14.04 -56.26 -49.51
CA ASN P 149 -15.11 -55.29 -49.33
C ASN P 149 -14.80 -53.98 -50.05
N ASN P 150 -13.55 -53.53 -49.98
CA ASN P 150 -13.20 -52.27 -50.62
C ASN P 150 -13.20 -52.40 -52.12
N ARG P 151 -12.82 -53.57 -52.64
CA ARG P 151 -12.83 -53.73 -54.09
C ARG P 151 -14.26 -53.66 -54.60
N ILE P 152 -15.19 -54.26 -53.86
CA ILE P 152 -16.58 -54.24 -54.30
C ILE P 152 -17.16 -52.83 -54.22
N ILE P 153 -16.88 -52.11 -53.14
CA ILE P 153 -17.30 -50.72 -53.03
C ILE P 153 -16.73 -49.84 -54.15
N ALA P 154 -15.45 -50.00 -54.46
CA ALA P 154 -14.89 -49.29 -55.61
C ALA P 154 -15.55 -49.67 -56.93
N ALA P 155 -15.87 -50.94 -57.13
CA ALA P 155 -16.55 -51.32 -58.36
C ALA P 155 -17.94 -50.68 -58.43
N VAL P 156 -18.64 -50.63 -57.29
CA VAL P 156 -19.94 -49.96 -57.24
C VAL P 156 -19.81 -48.49 -57.61
N LEU P 157 -18.85 -47.78 -57.02
CA LEU P 157 -18.71 -46.36 -57.37
C LEU P 157 -18.33 -46.16 -58.83
N GLU P 158 -17.46 -47.02 -59.37
CA GLU P 158 -17.18 -46.98 -60.79
C GLU P 158 -18.45 -47.12 -61.63
N LEU P 159 -19.33 -48.04 -61.24
CA LEU P 159 -20.58 -48.22 -61.97
C LEU P 159 -21.52 -47.04 -61.80
N ILE P 160 -21.63 -46.49 -60.60
CA ILE P 160 -22.50 -45.34 -60.37
C ILE P 160 -22.06 -44.15 -61.22
N VAL P 161 -20.77 -43.84 -61.22
CA VAL P 161 -20.29 -42.74 -62.06
C VAL P 161 -20.51 -43.02 -63.53
N ARG P 162 -20.16 -44.23 -64.02
CA ARG P 162 -20.41 -44.50 -65.43
C ARG P 162 -21.89 -44.46 -65.79
N ALA P 163 -22.77 -44.88 -64.88
CA ALA P 163 -24.20 -44.81 -65.13
C ALA P 163 -24.70 -43.38 -65.20
N LEU P 164 -24.24 -42.51 -64.31
CA LEU P 164 -24.58 -41.10 -64.43
C LEU P 164 -24.00 -40.48 -65.69
N ASN P 165 -22.89 -41.00 -66.20
CA ASN P 165 -22.19 -40.37 -67.32
C ASN P 165 -21.57 -39.03 -66.90
N LEU P 166 -21.08 -39.00 -65.67
CA LEU P 166 -20.64 -37.75 -65.07
C LEU P 166 -19.31 -37.30 -65.66
N THR P 167 -19.27 -36.05 -66.13
CA THR P 167 -18.15 -35.53 -66.91
C THR P 167 -17.17 -34.73 -66.09
N ASP P 168 -17.36 -34.61 -64.78
CA ASP P 168 -16.52 -33.76 -63.96
C ASP P 168 -15.10 -34.29 -63.92
N GLU P 169 -14.14 -33.45 -64.33
CA GLU P 169 -12.74 -33.85 -64.31
C GLU P 169 -12.24 -34.11 -62.88
N GLU P 170 -12.82 -33.43 -61.90
CA GLU P 170 -12.51 -33.75 -60.51
C GLU P 170 -12.91 -35.18 -60.17
N VAL P 171 -14.04 -35.63 -60.70
CA VAL P 171 -14.47 -37.01 -60.48
C VAL P 171 -13.56 -37.98 -61.20
N ARG P 172 -13.21 -37.70 -62.46
CA ARG P 172 -12.31 -38.60 -63.18
C ARG P 172 -10.97 -38.73 -62.46
N LYS P 173 -10.41 -37.61 -62.03
CA LYS P 173 -9.18 -37.64 -61.24
C LYS P 173 -9.32 -38.48 -59.98
N ALA P 174 -10.40 -38.26 -59.23
CA ALA P 174 -10.61 -39.06 -58.03
C ALA P 174 -10.79 -40.55 -58.33
N LEU P 175 -11.38 -40.90 -59.47
CA LEU P 175 -11.46 -42.31 -59.83
C LEU P 175 -10.11 -42.89 -60.25
N GLU P 176 -9.26 -42.10 -60.89
CA GLU P 176 -7.91 -42.57 -61.16
C GLU P 176 -7.12 -42.80 -59.86
N GLU P 177 -7.31 -41.92 -58.88
CA GLU P 177 -6.77 -42.16 -57.56
C GLU P 177 -7.34 -43.41 -56.91
N LEU P 178 -8.65 -43.63 -57.04
CA LEU P 178 -9.25 -44.80 -56.40
C LEU P 178 -8.78 -46.11 -57.04
N LYS P 179 -8.66 -46.16 -58.36
CA LYS P 179 -8.11 -47.34 -59.01
C LYS P 179 -6.63 -47.57 -58.68
N ALA P 180 -5.84 -46.51 -58.62
CA ALA P 180 -4.45 -46.69 -58.17
C ALA P 180 -4.38 -47.21 -56.74
N SER P 181 -5.15 -46.62 -55.83
CA SER P 181 -5.18 -47.12 -54.46
C SER P 181 -5.65 -48.57 -54.39
N THR P 182 -6.60 -48.96 -55.23
CA THR P 182 -7.07 -50.36 -55.24
C THR P 182 -5.98 -51.33 -55.71
N ALA P 183 -5.30 -51.02 -56.81
CA ALA P 183 -4.19 -51.88 -57.23
C ALA P 183 -3.06 -51.92 -56.20
N GLU P 184 -2.76 -50.78 -55.59
CA GLU P 184 -1.79 -50.76 -54.50
C GLU P 184 -2.23 -51.64 -53.35
N LEU P 185 -3.51 -51.61 -53.01
CA LEU P 185 -4.03 -52.43 -51.92
C LEU P 185 -3.97 -53.92 -52.25
N LYS P 186 -4.23 -54.30 -53.50
CA LYS P 186 -3.99 -55.69 -53.91
C LYS P 186 -2.54 -56.09 -53.71
N ARG P 187 -1.60 -55.27 -54.18
CA ARG P 187 -0.19 -55.61 -54.01
C ARG P 187 0.19 -55.71 -52.53
N ALA P 188 -0.24 -54.77 -51.71
CA ALA P 188 0.06 -54.83 -50.28
C ALA P 188 -0.56 -56.05 -49.62
N THR P 189 -1.77 -56.42 -50.02
CA THR P 189 -2.38 -57.64 -49.48
C THR P 189 -1.56 -58.86 -49.81
N ALA P 190 -1.14 -58.99 -51.07
CA ALA P 190 -0.29 -60.11 -51.44
C ALA P 190 1.01 -60.13 -50.64
N SER P 191 1.66 -58.98 -50.49
CA SER P 191 2.88 -58.90 -49.69
C SER P 191 2.65 -59.34 -48.25
N LEU P 192 1.52 -58.96 -47.67
CA LEU P 192 1.26 -59.32 -46.28
C LEU P 192 0.97 -60.81 -46.15
N ARG P 193 0.26 -61.39 -47.11
CA ARG P 193 0.07 -62.84 -47.09
C ARG P 193 1.39 -63.58 -47.28
N ALA P 194 2.32 -63.01 -48.04
CA ALA P 194 3.63 -63.64 -48.22
C ALA P 194 4.43 -63.68 -46.93
N ILE P 195 4.56 -62.53 -46.26
CA ILE P 195 5.28 -62.56 -44.98
C ILE P 195 4.52 -63.33 -43.92
N THR P 196 3.19 -63.36 -43.98
CA THR P 196 2.43 -64.25 -43.09
C THR P 196 2.79 -65.72 -43.30
N GLU P 197 2.90 -66.16 -44.55
CA GLU P 197 3.38 -67.51 -44.82
C GLU P 197 4.81 -67.74 -44.36
N GLU P 198 5.65 -66.71 -44.39
CA GLU P 198 6.97 -66.84 -43.76
C GLU P 198 6.84 -67.03 -42.25
N LEU P 199 6.08 -66.17 -41.59
CA LEU P 199 5.96 -66.25 -40.14
C LEU P 199 5.43 -67.62 -39.74
N LYS P 200 4.36 -68.06 -40.39
CA LYS P 200 3.81 -69.38 -40.12
C LYS P 200 4.88 -70.46 -40.30
N LYS P 201 5.78 -70.28 -41.27
CA LYS P 201 6.87 -71.23 -41.40
C LYS P 201 7.92 -71.06 -40.29
N ASN P 202 8.28 -69.82 -39.95
CA ASN P 202 9.40 -69.54 -39.04
C ASN P 202 9.03 -68.56 -37.94
N PRO P 203 8.10 -68.95 -37.06
CA PRO P 203 7.61 -68.01 -36.03
C PRO P 203 8.67 -67.72 -34.97
N SER P 204 8.86 -66.44 -34.67
CA SER P 204 9.75 -66.00 -33.60
C SER P 204 9.31 -64.61 -33.16
N GLU P 205 9.66 -64.27 -31.91
CA GLU P 205 9.33 -62.94 -31.39
C GLU P 205 9.82 -61.82 -32.30
N ASP P 206 11.05 -61.92 -32.81
CA ASP P 206 11.50 -60.89 -33.74
C ASP P 206 10.64 -60.88 -34.99
N ALA P 207 10.20 -62.07 -35.40
CA ALA P 207 9.33 -62.14 -36.57
C ALA P 207 7.95 -61.62 -36.22
N LEU P 208 7.43 -61.98 -35.06
CA LEU P 208 6.12 -61.49 -34.66
C LEU P 208 6.09 -59.96 -34.67
N VAL P 209 7.19 -59.34 -34.24
CA VAL P 209 7.26 -57.88 -34.23
C VAL P 209 7.30 -57.33 -35.65
N GLU P 210 8.20 -57.86 -36.48
CA GLU P 210 8.27 -57.39 -37.87
C GLU P 210 6.94 -57.59 -38.58
N HIS P 211 6.23 -58.66 -38.22
CA HIS P 211 4.96 -58.97 -38.85
C HIS P 211 3.90 -57.97 -38.42
N ASN P 212 3.79 -57.73 -37.11
CA ASN P 212 2.81 -56.75 -36.64
C ASN P 212 3.06 -55.38 -37.26
N ARG P 213 4.33 -55.03 -37.45
CA ARG P 213 4.67 -53.82 -38.20
C ARG P 213 4.09 -53.84 -39.62
N ALA P 214 4.29 -54.94 -40.34
CA ALA P 214 3.73 -55.01 -41.69
C ALA P 214 2.20 -54.97 -41.69
N ILE P 215 1.56 -55.58 -40.70
CA ILE P 215 0.12 -55.44 -40.54
C ILE P 215 -0.26 -53.97 -40.42
N VAL P 216 0.41 -53.23 -39.56
CA VAL P 216 0.05 -51.83 -39.36
C VAL P 216 0.26 -51.02 -40.63
N GLU P 217 1.28 -51.35 -41.43
CA GLU P 217 1.42 -50.70 -42.73
C GLU P 217 0.25 -51.04 -43.67
N HIS P 218 -0.20 -52.28 -43.65
CA HIS P 218 -1.34 -52.66 -44.49
C HIS P 218 -2.59 -51.91 -44.07
N ASN P 219 -2.85 -51.84 -42.77
CA ASN P 219 -3.98 -51.05 -42.28
C ASN P 219 -3.89 -49.60 -42.70
N ALA P 220 -2.69 -49.02 -42.66
CA ALA P 220 -2.54 -47.64 -43.13
C ALA P 220 -2.95 -47.49 -44.60
N ILE P 221 -2.59 -48.46 -45.44
CA ILE P 221 -3.01 -48.41 -46.83
C ILE P 221 -4.52 -48.55 -46.98
N ILE P 222 -5.15 -49.37 -46.14
CA ILE P 222 -6.61 -49.46 -46.16
C ILE P 222 -7.26 -48.14 -45.77
N VAL P 223 -6.67 -47.44 -44.80
CA VAL P 223 -7.20 -46.14 -44.40
C VAL P 223 -7.09 -45.11 -45.52
N GLU P 224 -5.97 -45.12 -46.25
CA GLU P 224 -5.90 -44.30 -47.47
C GLU P 224 -6.97 -44.67 -48.49
N ASN P 225 -7.25 -45.96 -48.65
CA ASN P 225 -8.32 -46.34 -49.56
C ASN P 225 -9.66 -45.78 -49.11
N ASN P 226 -9.96 -45.86 -47.81
CA ASN P 226 -11.23 -45.35 -47.32
C ASN P 226 -11.33 -43.83 -47.47
N ARG P 227 -10.22 -43.12 -47.34
CA ARG P 227 -10.26 -41.68 -47.59
C ARG P 227 -10.62 -41.39 -49.06
N ILE P 228 -9.97 -42.09 -49.99
CA ILE P 228 -10.27 -41.83 -51.40
C ILE P 228 -11.72 -42.20 -51.71
N ILE P 229 -12.19 -43.34 -51.19
CA ILE P 229 -13.58 -43.73 -51.37
C ILE P 229 -14.52 -42.61 -50.90
N ALA P 230 -14.25 -42.05 -49.73
CA ALA P 230 -15.08 -40.95 -49.25
C ALA P 230 -15.01 -39.73 -50.15
N LEU P 231 -13.85 -39.46 -50.77
CA LEU P 231 -13.83 -38.35 -51.73
C LEU P 231 -14.70 -38.63 -52.93
N VAL P 232 -14.70 -39.87 -53.41
CA VAL P 232 -15.58 -40.21 -54.52
C VAL P 232 -17.04 -40.06 -54.13
N LEU P 233 -17.44 -40.58 -52.97
CA LEU P 233 -18.83 -40.37 -52.55
C LEU P 233 -19.22 -38.89 -52.47
N LEU P 234 -18.36 -38.06 -51.88
CA LEU P 234 -18.66 -36.63 -51.80
C LEU P 234 -18.81 -35.98 -53.17
N LEU P 235 -17.91 -36.31 -54.10
CA LEU P 235 -18.04 -35.79 -55.46
C LEU P 235 -19.32 -36.26 -56.15
N ILE P 236 -19.70 -37.52 -55.95
CA ILE P 236 -20.94 -38.00 -56.56
C ILE P 236 -22.14 -37.28 -55.97
N VAL P 237 -22.22 -37.19 -54.65
CA VAL P 237 -23.37 -36.54 -54.03
C VAL P 237 -23.48 -35.08 -54.42
N LEU P 238 -22.36 -34.41 -54.67
CA LEU P 238 -22.45 -33.06 -55.22
C LEU P 238 -22.86 -33.04 -56.69
N ALA P 239 -22.40 -34.02 -57.48
CA ALA P 239 -22.72 -34.00 -58.91
C ALA P 239 -24.17 -34.37 -59.23
N ILE P 240 -24.80 -35.26 -58.49
CA ILE P 240 -26.22 -35.50 -58.73
C ILE P 240 -27.02 -34.25 -58.39
N GLY Q 15 -23.16 -30.02 9.08
CA GLY Q 15 -24.00 -29.87 7.91
C GLY Q 15 -25.47 -30.10 8.21
N SER Q 16 -26.32 -29.94 7.20
CA SER Q 16 -27.74 -30.20 7.33
C SER Q 16 -28.04 -31.69 7.09
N GLU Q 17 -29.23 -32.10 7.53
CA GLU Q 17 -29.66 -33.47 7.36
C GLU Q 17 -29.68 -33.90 5.90
N GLU Q 18 -29.96 -32.98 4.98
CA GLU Q 18 -29.88 -33.29 3.56
C GLU Q 18 -28.45 -33.61 3.13
N GLU Q 19 -27.47 -32.83 3.58
CA GLU Q 19 -26.09 -33.12 3.19
C GLU Q 19 -25.65 -34.48 3.72
N ILE Q 20 -25.87 -34.74 5.00
CA ILE Q 20 -25.47 -36.01 5.58
C ILE Q 20 -26.13 -37.17 4.86
N ALA Q 21 -27.44 -37.07 4.64
CA ALA Q 21 -28.18 -38.14 3.98
C ALA Q 21 -27.70 -38.37 2.55
N LYS Q 22 -27.52 -37.30 1.78
CA LYS Q 22 -26.97 -37.43 0.44
C LYS Q 22 -25.61 -38.11 0.46
N ALA Q 23 -24.71 -37.66 1.35
CA ALA Q 23 -23.39 -38.26 1.43
C ALA Q 23 -23.43 -39.73 1.86
N LEU Q 24 -24.38 -40.11 2.71
CA LEU Q 24 -24.56 -41.52 3.04
C LEU Q 24 -25.14 -42.32 1.88
N GLU Q 25 -25.98 -41.71 1.05
CA GLU Q 25 -26.37 -42.36 -0.20
C GLU Q 25 -25.16 -42.57 -1.12
N GLU Q 26 -24.27 -41.59 -1.19
CA GLU Q 26 -23.03 -41.78 -1.95
C GLU Q 26 -22.18 -42.88 -1.34
N LEU Q 27 -22.17 -42.96 -0.01
CA LEU Q 27 -21.39 -44.00 0.67
C LEU Q 27 -21.94 -45.39 0.37
N VAL Q 28 -23.25 -45.57 0.48
CA VAL Q 28 -23.84 -46.88 0.19
C VAL Q 28 -23.70 -47.25 -1.28
N ALA Q 29 -23.80 -46.26 -2.19
CA ALA Q 29 -23.46 -46.51 -3.59
C ALA Q 29 -22.01 -46.96 -3.76
N SER Q 30 -21.08 -46.30 -3.07
CA SER Q 30 -19.69 -46.73 -3.13
C SER Q 30 -19.49 -48.11 -2.53
N LEU Q 31 -20.24 -48.45 -1.49
CA LEU Q 31 -20.14 -49.80 -0.92
C LEU Q 31 -20.65 -50.85 -1.88
N ALA Q 32 -21.78 -50.60 -2.55
CA ALA Q 32 -22.26 -51.53 -3.56
C ALA Q 32 -21.23 -51.70 -4.67
N GLU Q 33 -20.67 -50.60 -5.16
CA GLU Q 33 -19.61 -50.66 -6.16
C GLU Q 33 -18.39 -51.43 -5.66
N LEU Q 34 -18.00 -51.21 -4.40
CA LEU Q 34 -16.88 -51.93 -3.82
C LEU Q 34 -17.15 -53.44 -3.73
N LYS Q 35 -18.34 -53.81 -3.30
CA LYS Q 35 -18.71 -55.23 -3.28
C LYS Q 35 -18.62 -55.83 -4.67
N ARG Q 36 -19.23 -55.17 -5.65
CA ARG Q 36 -19.19 -55.64 -7.03
C ARG Q 36 -17.75 -55.82 -7.52
N ALA Q 37 -16.90 -54.83 -7.25
CA ALA Q 37 -15.48 -54.93 -7.61
C ALA Q 37 -14.80 -56.08 -6.90
N THR Q 38 -15.15 -56.35 -5.65
CA THR Q 38 -14.54 -57.47 -4.94
C THR Q 38 -14.93 -58.79 -5.59
N LEU Q 39 -16.19 -58.91 -5.99
CA LEU Q 39 -16.62 -60.12 -6.68
C LEU Q 39 -15.86 -60.30 -8.00
N LYS Q 40 -15.79 -59.24 -8.81
CA LYS Q 40 -15.02 -59.30 -10.05
C LYS Q 40 -13.57 -59.70 -9.79
N LEU Q 41 -12.94 -59.11 -8.77
CA LEU Q 41 -11.55 -59.45 -8.48
C LEU Q 41 -11.42 -60.91 -8.08
N LEU Q 42 -12.38 -61.44 -7.33
CA LEU Q 42 -12.33 -62.86 -7.02
C LEU Q 42 -12.45 -63.70 -8.28
N VAL Q 43 -13.26 -63.26 -9.23
CA VAL Q 43 -13.37 -63.99 -10.49
C VAL Q 43 -12.01 -64.08 -11.16
N ILE Q 44 -11.40 -62.92 -11.40
CA ILE Q 44 -10.14 -62.95 -12.14
C ILE Q 44 -9.05 -63.63 -11.33
N THR Q 45 -9.11 -63.57 -10.00
CA THR Q 45 -8.19 -64.36 -9.18
C THR Q 45 -8.34 -65.85 -9.43
N GLU Q 46 -9.57 -66.33 -9.55
CA GLU Q 46 -9.76 -67.75 -9.86
C GLU Q 46 -9.25 -68.08 -11.25
N GLU Q 47 -9.56 -67.23 -12.23
CA GLU Q 47 -9.07 -67.48 -13.59
C GLU Q 47 -7.56 -67.52 -13.65
N LEU Q 48 -6.89 -66.62 -12.93
CA LEU Q 48 -5.44 -66.65 -12.82
C LEU Q 48 -4.94 -67.92 -12.14
N LYS Q 49 -5.60 -68.35 -11.07
CA LYS Q 49 -5.20 -69.60 -10.42
C LYS Q 49 -5.30 -70.79 -11.37
N LYS Q 50 -6.38 -70.87 -12.13
CA LYS Q 50 -6.58 -72.00 -13.04
C LYS Q 50 -5.63 -71.96 -14.24
N ASN Q 51 -5.40 -70.77 -14.80
CA ASN Q 51 -4.64 -70.64 -16.06
C ASN Q 51 -3.59 -69.54 -15.94
N PRO Q 52 -2.65 -69.70 -15.02
CA PRO Q 52 -1.72 -68.60 -14.70
C PRO Q 52 -0.77 -68.32 -15.85
N SER Q 53 -0.52 -67.03 -16.09
CA SER Q 53 0.37 -66.62 -17.16
C SER Q 53 0.81 -65.19 -16.91
N GLU Q 54 1.87 -64.79 -17.61
CA GLU Q 54 2.47 -63.48 -17.37
C GLU Q 54 1.51 -62.34 -17.67
N SER Q 55 0.83 -62.40 -18.83
CA SER Q 55 -0.15 -61.37 -19.13
C SER Q 55 -1.37 -61.45 -18.22
N ALA Q 56 -1.74 -62.64 -17.79
CA ALA Q 56 -2.76 -62.77 -16.76
C ALA Q 56 -2.33 -62.11 -15.45
N LEU Q 57 -1.07 -62.31 -15.05
CA LEU Q 57 -0.56 -61.64 -13.85
C LEU Q 57 -0.62 -60.12 -13.97
N VAL Q 58 -0.15 -59.60 -15.10
CA VAL Q 58 -0.18 -58.15 -15.31
C VAL Q 58 -1.61 -57.60 -15.27
N SER Q 59 -2.54 -58.26 -15.95
CA SER Q 59 -3.91 -57.76 -15.96
C SER Q 59 -4.58 -57.89 -14.60
N HIS Q 60 -4.28 -58.97 -13.88
CA HIS Q 60 -4.79 -59.13 -12.52
C HIS Q 60 -4.28 -58.02 -11.61
N ASN Q 61 -2.98 -57.73 -11.66
CA ASN Q 61 -2.44 -56.64 -10.86
C ASN Q 61 -3.07 -55.30 -11.19
N LYS Q 62 -3.26 -54.99 -12.47
CA LYS Q 62 -3.95 -53.75 -12.81
C LYS Q 62 -5.38 -53.71 -12.27
N ALA Q 63 -6.09 -54.84 -12.31
CA ALA Q 63 -7.42 -54.88 -11.70
C ALA Q 63 -7.37 -54.66 -10.19
N ILE Q 64 -6.36 -55.20 -9.52
CA ILE Q 64 -6.17 -54.93 -8.10
C ILE Q 64 -5.94 -53.45 -7.84
N VAL Q 65 -5.18 -52.79 -8.73
CA VAL Q 65 -4.97 -51.35 -8.58
C VAL Q 65 -6.27 -50.57 -8.72
N GLU Q 66 -7.13 -50.96 -9.66
CA GLU Q 66 -8.40 -50.25 -9.77
C GLU Q 66 -9.33 -50.55 -8.60
N HIS Q 67 -9.29 -51.77 -8.06
CA HIS Q 67 -10.03 -52.08 -6.84
C HIS Q 67 -9.55 -51.23 -5.67
N ASN Q 68 -8.23 -51.12 -5.49
CA ASN Q 68 -7.71 -50.26 -4.45
C ASN Q 68 -8.13 -48.81 -4.65
N ALA Q 69 -8.15 -48.32 -5.88
CA ALA Q 69 -8.65 -46.97 -6.11
C ALA Q 69 -10.10 -46.80 -5.67
N ILE Q 70 -10.93 -47.84 -5.88
CA ILE Q 70 -12.30 -47.78 -5.36
C ILE Q 70 -12.31 -47.73 -3.83
N ILE Q 71 -11.47 -48.52 -3.17
CA ILE Q 71 -11.38 -48.46 -1.71
C ILE Q 71 -10.99 -47.06 -1.25
N VAL Q 72 -10.01 -46.45 -1.91
CA VAL Q 72 -9.57 -45.11 -1.54
C VAL Q 72 -10.70 -44.09 -1.67
N GLU Q 73 -11.46 -44.14 -2.76
CA GLU Q 73 -12.63 -43.26 -2.84
C GLU Q 73 -13.65 -43.55 -1.74
N ASN Q 74 -13.85 -44.81 -1.39
CA ASN Q 74 -14.72 -45.13 -0.25
C ASN Q 74 -14.24 -44.47 1.04
N ASN Q 75 -12.95 -44.56 1.32
CA ASN Q 75 -12.41 -43.97 2.53
C ASN Q 75 -12.47 -42.45 2.49
N ARG Q 76 -12.34 -41.85 1.32
CA ARG Q 76 -12.51 -40.40 1.22
C ARG Q 76 -13.94 -40.00 1.58
N ILE Q 77 -14.93 -40.73 1.05
CA ILE Q 77 -16.30 -40.39 1.36
C ILE Q 77 -16.60 -40.59 2.85
N ILE Q 78 -16.05 -41.65 3.44
CA ILE Q 78 -16.24 -41.85 4.88
C ILE Q 78 -15.64 -40.69 5.67
N ALA Q 79 -14.42 -40.27 5.33
CA ALA Q 79 -13.82 -39.13 6.02
C ALA Q 79 -14.64 -37.85 5.84
N ALA Q 80 -15.24 -37.67 4.66
CA ALA Q 80 -16.10 -36.50 4.45
C ALA Q 80 -17.31 -36.56 5.37
N VAL Q 81 -17.96 -37.72 5.42
CA VAL Q 81 -19.14 -37.85 6.26
C VAL Q 81 -18.77 -37.58 7.71
N LEU Q 82 -17.65 -38.13 8.18
CA LEU Q 82 -17.23 -37.87 9.55
C LEU Q 82 -16.98 -36.39 9.81
N GLU Q 83 -16.41 -35.67 8.85
CA GLU Q 83 -16.24 -34.24 9.07
C GLU Q 83 -17.58 -33.52 9.20
N LEU Q 84 -18.57 -33.91 8.39
CA LEU Q 84 -19.91 -33.33 8.54
C LEU Q 84 -20.56 -33.72 9.86
N ILE Q 85 -20.38 -34.97 10.30
CA ILE Q 85 -20.95 -35.42 11.56
C ILE Q 85 -20.32 -34.68 12.74
N VAL Q 86 -18.99 -34.59 12.76
CA VAL Q 86 -18.35 -33.90 13.87
C VAL Q 86 -18.71 -32.43 13.89
N ARG Q 87 -18.78 -31.78 12.73
CA ARG Q 87 -19.25 -30.40 12.76
C ARG Q 87 -20.68 -30.31 13.24
N ALA Q 88 -21.49 -31.35 13.01
CA ALA Q 88 -22.83 -31.39 13.58
C ALA Q 88 -22.81 -31.44 15.11
N VAL Q 89 -22.07 -32.40 15.67
CA VAL Q 89 -22.04 -32.53 17.13
C VAL Q 89 -21.14 -31.49 17.80
N GLY Q 90 -20.08 -31.05 17.14
CA GLY Q 90 -19.02 -30.32 17.82
C GLY Q 90 -17.77 -31.15 18.07
N MET Q 91 -16.62 -30.54 17.75
CA MET Q 91 -15.32 -31.08 18.07
C MET Q 91 -15.08 -31.23 19.57
N THR Q 92 -14.07 -32.03 19.89
CA THR Q 92 -13.47 -32.10 21.22
C THR Q 92 -11.98 -32.34 21.05
N ASP Q 93 -11.21 -32.13 22.12
CA ASP Q 93 -9.77 -32.25 22.07
C ASP Q 93 -9.31 -33.55 21.39
N GLU Q 94 -9.79 -34.69 21.88
CA GLU Q 94 -9.34 -35.95 21.31
C GLU Q 94 -9.91 -36.16 19.92
N ILE Q 95 -11.11 -35.65 19.66
CA ILE Q 95 -11.65 -35.72 18.31
C ILE Q 95 -10.81 -34.86 17.38
N LEU Q 96 -10.50 -33.63 17.77
CA LEU Q 96 -9.74 -32.78 16.87
C LEU Q 96 -8.36 -33.37 16.57
N LEU Q 97 -7.70 -33.94 17.57
CA LEU Q 97 -6.43 -34.60 17.31
C LEU Q 97 -6.59 -35.82 16.40
N ALA Q 98 -7.68 -36.56 16.55
CA ALA Q 98 -7.90 -37.69 15.65
C ALA Q 98 -8.27 -37.26 14.25
N LEU Q 99 -9.00 -36.16 14.09
CA LEU Q 99 -9.28 -35.66 12.75
C LEU Q 99 -8.04 -35.09 12.08
N LEU Q 100 -7.13 -34.47 12.82
CA LEU Q 100 -5.87 -34.09 12.21
C LEU Q 100 -5.05 -35.30 11.79
N GLU Q 101 -5.11 -36.37 12.59
CA GLU Q 101 -4.47 -37.62 12.17
C GLU Q 101 -5.15 -38.21 10.95
N LEU Q 102 -6.46 -38.11 10.88
CA LEU Q 102 -7.21 -38.58 9.73
C LEU Q 102 -6.87 -37.79 8.47
N LYS Q 103 -6.83 -36.46 8.57
CA LYS Q 103 -6.50 -35.65 7.40
C LYS Q 103 -5.09 -35.93 6.90
N ALA Q 104 -4.15 -36.13 7.82
CA ALA Q 104 -2.81 -36.56 7.41
C ALA Q 104 -2.84 -37.90 6.68
N SER Q 105 -3.50 -38.89 7.26
CA SER Q 105 -3.56 -40.20 6.64
C SER Q 105 -4.25 -40.16 5.28
N THR Q 106 -5.29 -39.34 5.14
CA THR Q 106 -5.92 -39.13 3.84
C THR Q 106 -4.94 -38.61 2.79
N ALA Q 107 -4.11 -37.63 3.16
CA ALA Q 107 -3.16 -37.12 2.18
C ALA Q 107 -2.11 -38.17 1.86
N ARG Q 108 -1.62 -38.86 2.89
CA ARG Q 108 -0.64 -39.93 2.66
C ARG Q 108 -1.21 -41.00 1.73
N LEU Q 109 -2.50 -41.30 1.88
CA LEU Q 109 -3.10 -42.27 0.99
C LEU Q 109 -3.19 -41.75 -0.44
N LYS Q 110 -3.55 -40.49 -0.65
CA LYS Q 110 -3.55 -39.98 -2.03
C LYS Q 110 -2.16 -40.07 -2.65
N VAL Q 111 -1.13 -39.79 -1.86
CA VAL Q 111 0.25 -39.92 -2.33
C VAL Q 111 0.57 -41.36 -2.70
N ALA Q 112 0.33 -42.30 -1.79
CA ALA Q 112 0.63 -43.70 -2.11
C ALA Q 112 -0.20 -44.22 -3.26
N THR Q 113 -1.42 -43.73 -3.44
CA THR Q 113 -2.23 -44.08 -4.60
C THR Q 113 -1.57 -43.65 -5.90
N ALA Q 114 -1.11 -42.40 -5.98
CA ALA Q 114 -0.34 -41.99 -7.15
C ALA Q 114 0.93 -42.80 -7.34
N LEU Q 115 1.67 -43.08 -6.27
CA LEU Q 115 2.84 -43.93 -6.38
C LEU Q 115 2.50 -45.28 -7.01
N LEU Q 116 1.47 -45.93 -6.48
CA LEU Q 116 1.06 -47.23 -6.99
C LEU Q 116 0.66 -47.15 -8.46
N ARG Q 117 -0.16 -46.18 -8.83
CA ARG Q 117 -0.55 -46.05 -10.23
C ARG Q 117 0.65 -45.87 -11.15
N MET Q 118 1.68 -45.15 -10.69
CA MET Q 118 2.82 -44.91 -11.56
C MET Q 118 3.69 -46.16 -11.72
N ILE Q 119 3.96 -46.87 -10.63
CA ILE Q 119 4.65 -48.16 -10.79
C ILE Q 119 3.79 -49.20 -11.51
N THR Q 120 2.46 -49.11 -11.41
CA THR Q 120 1.59 -49.90 -12.28
C THR Q 120 1.85 -49.63 -13.76
N GLU Q 121 1.92 -48.36 -14.14
CA GLU Q 121 2.22 -48.04 -15.54
C GLU Q 121 3.60 -48.52 -15.95
N GLU Q 122 4.58 -48.42 -15.05
CA GLU Q 122 5.88 -49.01 -15.34
C GLU Q 122 5.80 -50.52 -15.57
N LEU Q 123 5.06 -51.24 -14.73
CA LEU Q 123 4.92 -52.69 -14.91
C LEU Q 123 4.23 -53.02 -16.22
N LYS Q 124 3.09 -52.37 -16.49
CA LYS Q 124 2.36 -52.61 -17.73
C LYS Q 124 3.24 -52.37 -18.95
N LYS Q 125 4.02 -51.30 -18.95
CA LYS Q 125 4.85 -51.00 -20.12
C LYS Q 125 6.03 -51.98 -20.24
N ASN Q 126 6.68 -52.33 -19.14
CA ASN Q 126 7.91 -53.15 -19.18
C ASN Q 126 7.82 -54.30 -18.19
N PRO Q 127 6.87 -55.21 -18.40
CA PRO Q 127 6.61 -56.27 -17.41
C PRO Q 127 7.69 -57.34 -17.41
N SER Q 128 7.95 -57.85 -16.21
CA SER Q 128 8.85 -58.97 -16.00
C SER Q 128 8.60 -59.51 -14.60
N GLU Q 129 9.15 -60.69 -14.33
CA GLU Q 129 8.92 -61.32 -13.03
C GLU Q 129 9.44 -60.44 -11.89
N ASP Q 130 10.63 -59.87 -12.06
CA ASP Q 130 11.14 -58.94 -11.04
C ASP Q 130 10.19 -57.79 -10.83
N ALA Q 131 9.65 -57.25 -11.92
CA ALA Q 131 8.70 -56.16 -11.81
C ALA Q 131 7.42 -56.61 -11.12
N LEU Q 132 6.98 -57.85 -11.33
CA LEU Q 132 5.82 -58.34 -10.61
C LEU Q 132 6.09 -58.45 -9.12
N VAL Q 133 7.27 -58.93 -8.73
CA VAL Q 133 7.59 -58.98 -7.31
C VAL Q 133 7.57 -57.58 -6.70
N GLU Q 134 8.26 -56.64 -7.34
CA GLU Q 134 8.28 -55.27 -6.83
C GLU Q 134 6.88 -54.68 -6.75
N HIS Q 135 6.05 -54.97 -7.75
CA HIS Q 135 4.68 -54.46 -7.77
C HIS Q 135 3.86 -55.07 -6.65
N ASN Q 136 3.97 -56.37 -6.41
CA ASN Q 136 3.25 -56.99 -5.30
C ASN Q 136 3.68 -56.40 -3.96
N ARG Q 137 4.98 -56.17 -3.76
CA ARG Q 137 5.41 -55.52 -2.53
C ARG Q 137 4.84 -54.12 -2.39
N ALA Q 138 4.74 -53.39 -3.49
CA ALA Q 138 4.14 -52.06 -3.41
C ALA Q 138 2.63 -52.11 -3.18
N ILE Q 139 1.95 -53.11 -3.71
CA ILE Q 139 0.54 -53.31 -3.35
C ILE Q 139 0.39 -53.57 -1.87
N VAL Q 140 1.24 -54.42 -1.31
CA VAL Q 140 1.16 -54.71 0.12
C VAL Q 140 1.43 -53.47 0.97
N ASN Q 141 2.36 -52.61 0.54
CA ASN Q 141 2.53 -51.35 1.26
C ASN Q 141 1.33 -50.41 1.13
N HIS Q 142 0.74 -50.33 -0.06
CA HIS Q 142 -0.46 -49.53 -0.24
C HIS Q 142 -1.58 -50.02 0.67
N ASN Q 143 -1.83 -51.32 0.68
CA ASN Q 143 -2.82 -51.88 1.60
C ASN Q 143 -2.49 -51.57 3.05
N ALA Q 144 -1.24 -51.71 3.47
CA ALA Q 144 -0.92 -51.33 4.85
C ALA Q 144 -1.28 -49.89 5.17
N ILE Q 145 -1.18 -49.00 4.19
CA ILE Q 145 -1.63 -47.61 4.41
C ILE Q 145 -3.15 -47.51 4.49
N ILE Q 146 -3.86 -48.24 3.65
CA ILE Q 146 -5.33 -48.32 3.79
C ILE Q 146 -5.71 -48.78 5.19
N VAL Q 147 -5.07 -49.85 5.67
CA VAL Q 147 -5.29 -50.32 7.04
C VAL Q 147 -5.10 -49.21 8.06
N GLU Q 148 -3.99 -48.47 7.99
CA GLU Q 148 -3.82 -47.38 8.94
C GLU Q 148 -4.93 -46.33 8.84
N ASN Q 149 -5.37 -46.03 7.61
CA ASN Q 149 -6.52 -45.14 7.45
C ASN Q 149 -7.75 -45.68 8.17
N ASN Q 150 -7.98 -46.99 8.07
CA ASN Q 150 -9.17 -47.57 8.70
C ASN Q 150 -9.03 -47.57 10.21
N ARG Q 151 -7.82 -47.75 10.73
CA ARG Q 151 -7.66 -47.74 12.17
C ARG Q 151 -7.97 -46.36 12.72
N ILE Q 152 -7.53 -45.33 12.01
CA ILE Q 152 -7.79 -43.98 12.48
C ILE Q 152 -9.28 -43.64 12.39
N ILE Q 153 -9.94 -44.02 11.30
CA ILE Q 153 -11.39 -43.83 11.19
C ILE Q 153 -12.15 -44.56 12.30
N ALA Q 154 -11.78 -45.80 12.59
CA ALA Q 154 -12.39 -46.50 13.73
C ALA Q 154 -12.13 -45.80 15.05
N ALA Q 155 -10.93 -45.28 15.26
CA ALA Q 155 -10.68 -44.55 16.51
C ALA Q 155 -11.55 -43.30 16.59
N VAL Q 156 -11.72 -42.60 15.47
CA VAL Q 156 -12.59 -41.43 15.44
C VAL Q 156 -14.02 -41.80 15.81
N LEU Q 157 -14.56 -42.88 15.22
CA LEU Q 157 -15.92 -43.27 15.56
C LEU Q 157 -16.05 -43.69 17.02
N GLU Q 158 -15.04 -44.40 17.54
CA GLU Q 158 -15.01 -44.72 18.96
C GLU Q 158 -15.09 -43.47 19.81
N LEU Q 159 -14.34 -42.44 19.43
CA LEU Q 159 -14.37 -41.17 20.17
C LEU Q 159 -15.70 -40.45 20.05
N ILE Q 160 -16.29 -40.42 18.85
CA ILE Q 160 -17.57 -39.76 18.67
C ILE Q 160 -18.64 -40.41 19.53
N VAL Q 161 -18.71 -41.74 19.51
CA VAL Q 161 -19.69 -42.43 20.34
C VAL Q 161 -19.41 -42.19 21.83
N ARG Q 162 -18.16 -42.30 22.27
CA ARG Q 162 -17.90 -42.04 23.68
C ARG Q 162 -18.19 -40.59 24.08
N ALA Q 163 -17.95 -39.64 23.18
CA ALA Q 163 -18.26 -38.25 23.47
C ALA Q 163 -19.76 -38.00 23.59
N LEU Q 164 -20.56 -38.60 22.70
CA LEU Q 164 -22.00 -38.49 22.86
C LEU Q 164 -22.49 -39.19 24.13
N ASN Q 165 -21.76 -40.21 24.60
CA ASN Q 165 -22.23 -41.02 25.72
C ASN Q 165 -23.45 -41.83 25.30
N LEU Q 166 -23.43 -42.30 24.06
CA LEU Q 166 -24.60 -42.92 23.46
C LEU Q 166 -24.82 -44.31 24.03
N THR Q 167 -26.04 -44.56 24.49
CA THR Q 167 -26.38 -45.74 25.25
C THR Q 167 -27.03 -46.83 24.40
N ASP Q 168 -27.16 -46.61 23.09
CA ASP Q 168 -27.87 -47.55 22.24
C ASP Q 168 -27.11 -48.86 22.18
N GLU Q 169 -27.78 -49.95 22.57
CA GLU Q 169 -27.15 -51.27 22.52
C GLU Q 169 -26.79 -51.68 21.10
N GLU Q 170 -27.55 -51.20 20.12
CA GLU Q 170 -27.17 -51.44 18.73
C GLU Q 170 -25.82 -50.80 18.40
N VAL Q 171 -25.56 -49.62 18.95
CA VAL Q 171 -24.26 -48.98 18.73
C VAL Q 171 -23.15 -49.72 19.45
N ARG Q 172 -23.38 -50.12 20.70
CA ARG Q 172 -22.34 -50.86 21.43
C ARG Q 172 -21.99 -52.16 20.72
N LYS Q 173 -23.01 -52.89 20.28
CA LYS Q 173 -22.76 -54.11 19.51
C LYS Q 173 -21.96 -53.82 18.24
N ALA Q 174 -22.36 -52.81 17.48
CA ALA Q 174 -21.60 -52.48 16.28
C ALA Q 174 -20.17 -52.06 16.56
N LEU Q 175 -19.91 -51.42 17.70
CA LEU Q 175 -18.53 -51.12 18.06
C LEU Q 175 -17.74 -52.35 18.49
N GLU Q 176 -18.38 -53.32 19.14
CA GLU Q 176 -17.68 -54.57 19.40
C GLU Q 176 -17.33 -55.30 18.11
N GLU Q 177 -18.23 -55.26 17.13
CA GLU Q 177 -17.88 -55.75 15.79
C GLU Q 177 -16.75 -54.96 15.16
N LEU Q 178 -16.76 -53.63 15.31
CA LEU Q 178 -15.72 -52.83 14.68
C LEU Q 178 -14.34 -53.07 15.30
N LYS Q 179 -14.26 -53.20 16.62
CA LYS Q 179 -13.01 -53.55 17.27
C LYS Q 179 -12.52 -54.95 16.90
N ALA Q 180 -13.42 -55.93 16.82
CA ALA Q 180 -13.00 -57.25 16.36
C ALA Q 180 -12.49 -57.20 14.92
N SER Q 181 -13.22 -56.54 14.02
CA SER Q 181 -12.74 -56.40 12.65
C SER Q 181 -11.39 -55.69 12.58
N THR Q 182 -11.15 -54.69 13.42
CA THR Q 182 -9.87 -54.01 13.42
C THR Q 182 -8.72 -54.91 13.85
N ALA Q 183 -8.90 -55.66 14.94
CA ALA Q 183 -7.85 -56.60 15.34
C ALA Q 183 -7.62 -57.69 14.29
N GLU Q 184 -8.71 -58.19 13.69
CA GLU Q 184 -8.55 -59.14 12.59
C GLU Q 184 -7.78 -58.54 11.43
N LEU Q 185 -8.03 -57.28 11.10
CA LEU Q 185 -7.32 -56.64 10.01
C LEU Q 185 -5.85 -56.43 10.31
N LYS Q 186 -5.51 -56.11 11.56
CA LYS Q 186 -4.10 -56.10 11.95
C LYS Q 186 -3.45 -57.47 11.75
N ARG Q 187 -4.08 -58.53 12.23
CA ARG Q 187 -3.50 -59.85 12.05
C ARG Q 187 -3.32 -60.19 10.57
N ALA Q 188 -4.34 -59.94 9.75
CA ALA Q 188 -4.21 -60.24 8.32
C ALA Q 188 -3.13 -59.40 7.66
N THR Q 189 -2.99 -58.14 8.03
CA THR Q 189 -1.92 -57.31 7.49
C THR Q 189 -0.55 -57.87 7.84
N ALA Q 190 -0.33 -58.23 9.10
CA ALA Q 190 0.94 -58.85 9.48
C ALA Q 190 1.21 -60.13 8.69
N SER Q 191 0.21 -61.00 8.58
CA SER Q 191 0.38 -62.23 7.80
C SER Q 191 0.75 -61.93 6.34
N LEU Q 192 0.14 -60.91 5.76
CA LEU Q 192 0.43 -60.61 4.37
C LEU Q 192 1.82 -60.03 4.23
N ARG Q 193 2.27 -59.20 5.18
CA ARG Q 193 3.65 -58.74 5.13
C ARG Q 193 4.64 -59.89 5.29
N ALA Q 194 4.26 -60.91 6.05
CA ALA Q 194 5.14 -62.07 6.22
C ALA Q 194 5.30 -62.85 4.92
N ILE Q 195 4.19 -63.19 4.26
CA ILE Q 195 4.33 -63.88 2.98
C ILE Q 195 4.94 -62.99 1.91
N THR Q 196 4.74 -61.67 1.97
CA THR Q 196 5.47 -60.78 1.08
C THR Q 196 6.98 -60.87 1.26
N GLU Q 197 7.46 -60.92 2.50
CA GLU Q 197 8.88 -61.16 2.75
C GLU Q 197 9.33 -62.54 2.28
N GLU Q 198 8.44 -63.53 2.32
CA GLU Q 198 8.78 -64.81 1.69
C GLU Q 198 8.93 -64.66 0.19
N LEU Q 199 7.96 -64.04 -0.47
CA LEU Q 199 8.03 -63.92 -1.93
C LEU Q 199 9.30 -63.20 -2.33
N LYS Q 200 9.58 -62.07 -1.68
CA LYS Q 200 10.80 -61.33 -1.97
C LYS Q 200 12.03 -62.20 -1.80
N LYS Q 201 12.02 -63.12 -0.83
CA LYS Q 201 13.16 -64.04 -0.73
C LYS Q 201 13.16 -65.10 -1.84
N ASN Q 202 12.01 -65.66 -2.19
CA ASN Q 202 11.93 -66.82 -3.10
C ASN Q 202 10.90 -66.60 -4.19
N PRO Q 203 11.12 -65.62 -5.08
CA PRO Q 203 10.12 -65.29 -6.09
C PRO Q 203 9.98 -66.37 -7.16
N SER Q 204 8.74 -66.75 -7.43
CA SER Q 204 8.41 -67.68 -8.50
C SER Q 204 6.97 -67.45 -8.92
N GLU Q 205 6.65 -67.84 -10.15
CA GLU Q 205 5.28 -67.71 -10.64
C GLU Q 205 4.27 -68.37 -9.70
N ASP Q 206 4.57 -69.58 -9.22
CA ASP Q 206 3.66 -70.23 -8.28
C ASP Q 206 3.53 -69.40 -7.00
N ALA Q 207 4.62 -68.77 -6.58
CA ALA Q 207 4.54 -67.94 -5.40
C ALA Q 207 3.75 -66.68 -5.71
N LEU Q 208 4.00 -66.06 -6.85
CA LEU Q 208 3.26 -64.86 -7.22
C LEU Q 208 1.75 -65.13 -7.21
N VAL Q 209 1.34 -66.32 -7.67
CA VAL Q 209 -0.08 -66.68 -7.66
C VAL Q 209 -0.60 -66.84 -6.25
N GLU Q 210 0.08 -67.63 -5.42
CA GLU Q 210 -0.35 -67.81 -4.04
C GLU Q 210 -0.40 -66.47 -3.31
N HIS Q 211 0.52 -65.57 -3.65
CA HIS Q 211 0.60 -64.28 -2.99
C HIS Q 211 -0.59 -63.42 -3.40
N ASN Q 212 -0.86 -63.34 -4.70
CA ASN Q 212 -2.01 -62.56 -5.15
C ASN Q 212 -3.30 -63.07 -4.52
N ARG Q 213 -3.40 -64.38 -4.34
CA ARG Q 213 -4.52 -64.94 -3.57
C ARG Q 213 -4.60 -64.36 -2.16
N ALA Q 214 -3.48 -64.36 -1.44
CA ALA Q 214 -3.49 -63.79 -0.10
C ALA Q 214 -3.80 -62.30 -0.09
N ILE Q 215 -3.32 -61.56 -1.09
CA ILE Q 215 -3.73 -60.17 -1.26
C ILE Q 215 -5.24 -60.05 -1.36
N VAL Q 216 -5.86 -60.86 -2.21
CA VAL Q 216 -7.30 -60.75 -2.39
C VAL Q 216 -8.06 -61.08 -1.11
N GLU Q 217 -7.54 -62.02 -0.31
CA GLU Q 217 -8.15 -62.25 1.00
C GLU Q 217 -8.01 -61.04 1.91
N HIS Q 218 -6.87 -60.38 1.86
CA HIS Q 218 -6.67 -59.18 2.67
C HIS Q 218 -7.64 -58.08 2.27
N ASN Q 219 -7.77 -57.84 0.96
CA ASN Q 219 -8.74 -56.86 0.48
C ASN Q 219 -10.16 -57.21 0.93
N ALA Q 220 -10.52 -58.49 0.91
CA ALA Q 220 -11.83 -58.88 1.40
C ALA Q 220 -12.02 -58.50 2.87
N ILE Q 221 -10.98 -58.67 3.68
CA ILE Q 221 -11.08 -58.26 5.08
C ILE Q 221 -11.22 -56.73 5.21
N ILE Q 222 -10.53 -55.98 4.36
CA ILE Q 222 -10.72 -54.52 4.36
C ILE Q 222 -12.15 -54.15 4.00
N VAL Q 223 -12.75 -54.86 3.04
CA VAL Q 223 -14.13 -54.57 2.68
C VAL Q 223 -15.09 -54.88 3.82
N GLU Q 224 -14.87 -55.97 4.55
CA GLU Q 224 -15.64 -56.19 5.77
C GLU Q 224 -15.45 -55.06 6.79
N ASN Q 225 -14.23 -54.55 6.92
CA ASN Q 225 -14.03 -53.43 7.82
C ASN Q 225 -14.84 -52.20 7.38
N ASN Q 226 -14.84 -51.91 6.08
CA ASN Q 226 -15.59 -50.77 5.59
C ASN Q 226 -17.10 -50.95 5.76
N ARG Q 227 -17.60 -52.18 5.67
CA ARG Q 227 -19.00 -52.44 5.96
C ARG Q 227 -19.32 -52.12 7.42
N ILE Q 228 -18.50 -52.60 8.35
CA ILE Q 228 -18.79 -52.33 9.75
C ILE Q 228 -18.70 -50.83 10.02
N ILE Q 229 -17.70 -50.16 9.46
CA ILE Q 229 -17.60 -48.70 9.61
C ILE Q 229 -18.88 -48.03 9.15
N ALA Q 230 -19.40 -48.42 8.00
CA ALA Q 230 -20.65 -47.83 7.52
C ALA Q 230 -21.83 -48.14 8.44
N LEU Q 231 -21.87 -49.32 9.07
CA LEU Q 231 -22.94 -49.55 10.03
C LEU Q 231 -22.83 -48.63 11.22
N VAL Q 232 -21.62 -48.39 11.70
CA VAL Q 232 -21.45 -47.44 12.79
C VAL Q 232 -21.88 -46.05 12.39
N LEU Q 233 -21.43 -45.56 11.23
CA LEU Q 233 -21.90 -44.24 10.81
C LEU Q 233 -23.42 -44.13 10.74
N LEU Q 234 -24.08 -45.12 10.13
CA LEU Q 234 -25.55 -45.08 10.07
C LEU Q 234 -26.20 -45.08 11.44
N LEU Q 235 -25.73 -45.92 12.35
CA LEU Q 235 -26.27 -45.91 13.71
C LEU Q 235 -26.02 -44.59 14.41
N ILE Q 236 -24.84 -43.99 14.24
CA ILE Q 236 -24.58 -42.69 14.87
C ILE Q 236 -25.51 -41.63 14.31
N VAL Q 237 -25.62 -41.55 12.99
CA VAL Q 237 -26.47 -40.52 12.39
C VAL Q 237 -27.92 -40.68 12.80
N LEU Q 238 -28.36 -41.92 13.04
CA LEU Q 238 -29.70 -42.07 13.61
C LEU Q 238 -29.75 -41.65 15.07
N ALA Q 239 -28.71 -41.94 15.84
CA ALA Q 239 -28.72 -41.61 17.26
C ALA Q 239 -28.59 -40.13 17.56
N ILE Q 240 -27.83 -39.37 16.78
CA ILE Q 240 -27.81 -37.92 16.98
C ILE Q 240 -29.18 -37.33 16.67
N GLY R 15 -31.41 -70.24 -44.74
CA GLY R 15 -31.65 -68.81 -44.62
C GLY R 15 -30.75 -67.99 -45.54
N SER R 16 -30.94 -66.67 -45.51
CA SER R 16 -30.09 -65.77 -46.29
C SER R 16 -28.84 -65.42 -45.51
N GLU R 17 -27.85 -64.90 -46.24
CA GLU R 17 -26.59 -64.50 -45.61
C GLU R 17 -26.83 -63.47 -44.52
N GLU R 18 -27.84 -62.62 -44.69
CA GLU R 18 -28.22 -61.69 -43.63
C GLU R 18 -28.75 -62.46 -42.42
N GLU R 19 -29.59 -63.47 -42.65
CA GLU R 19 -30.11 -64.25 -41.54
C GLU R 19 -28.98 -64.98 -40.81
N ILE R 20 -28.10 -65.64 -41.55
CA ILE R 20 -27.01 -66.38 -40.92
C ILE R 20 -26.15 -65.42 -40.10
N ALA R 21 -25.79 -64.27 -40.68
CA ALA R 21 -24.97 -63.31 -39.97
C ALA R 21 -25.67 -62.76 -38.72
N LYS R 22 -26.94 -62.39 -38.84
CA LYS R 22 -27.70 -61.97 -37.68
C LYS R 22 -27.70 -63.04 -36.59
N ALA R 23 -27.99 -64.28 -36.98
CA ALA R 23 -28.02 -65.36 -36.00
C ALA R 23 -26.65 -65.60 -35.36
N LEU R 24 -25.56 -65.42 -36.09
CA LEU R 24 -24.24 -65.50 -35.47
C LEU R 24 -23.94 -64.33 -34.54
N GLU R 25 -24.46 -63.14 -34.85
CA GLU R 25 -24.40 -62.05 -33.87
C GLU R 25 -25.18 -62.39 -32.60
N GLU R 26 -26.35 -63.01 -32.76
CA GLU R 26 -27.11 -63.48 -31.61
C GLU R 26 -26.37 -64.57 -30.85
N LEU R 27 -25.67 -65.44 -31.58
CA LEU R 27 -24.90 -66.51 -30.94
C LEU R 27 -23.75 -65.94 -30.12
N VAL R 28 -22.97 -65.02 -30.69
CA VAL R 28 -21.87 -64.44 -29.96
C VAL R 28 -22.36 -63.60 -28.77
N ALA R 29 -23.50 -62.91 -28.93
CA ALA R 29 -24.14 -62.28 -27.79
C ALA R 29 -24.51 -63.28 -26.70
N SER R 30 -25.07 -64.42 -27.09
CA SER R 30 -25.38 -65.46 -26.11
C SER R 30 -24.13 -66.01 -25.45
N LEU R 31 -23.03 -66.12 -26.20
CA LEU R 31 -21.78 -66.58 -25.59
C LEU R 31 -21.23 -65.58 -24.60
N ALA R 32 -21.25 -64.28 -24.92
CA ALA R 32 -20.82 -63.28 -23.96
C ALA R 32 -21.68 -63.32 -22.70
N GLU R 33 -23.01 -63.39 -22.87
CA GLU R 33 -23.90 -63.53 -21.71
C GLU R 33 -23.61 -64.80 -20.92
N LEU R 34 -23.37 -65.91 -21.60
CA LEU R 34 -23.04 -67.16 -20.93
C LEU R 34 -21.74 -67.07 -20.14
N LYS R 35 -20.72 -66.46 -20.73
CA LYS R 35 -19.46 -66.25 -20.02
C LYS R 35 -19.69 -65.41 -18.76
N ARG R 36 -20.39 -64.29 -18.90
CA ARG R 36 -20.69 -63.44 -17.74
C ARG R 36 -21.42 -64.23 -16.65
N ALA R 37 -22.44 -64.99 -17.04
CA ALA R 37 -23.16 -65.83 -16.08
C ALA R 37 -22.25 -66.88 -15.44
N THR R 38 -21.31 -67.43 -16.20
CA THR R 38 -20.40 -68.42 -15.63
C THR R 38 -19.51 -67.76 -14.58
N LEU R 39 -19.03 -66.55 -14.86
CA LEU R 39 -18.23 -65.84 -13.89
C LEU R 39 -19.03 -65.58 -12.61
N LYS R 40 -20.25 -65.05 -12.75
CA LYS R 40 -21.12 -64.85 -11.59
C LYS R 40 -21.34 -66.14 -10.80
N LEU R 41 -21.60 -67.25 -11.49
CA LEU R 41 -21.82 -68.52 -10.79
C LEU R 41 -20.57 -68.95 -10.05
N LEU R 42 -19.40 -68.72 -10.64
CA LEU R 42 -18.16 -69.03 -9.92
C LEU R 42 -18.04 -68.18 -8.66
N VAL R 43 -18.48 -66.92 -8.75
CA VAL R 43 -18.44 -66.06 -7.56
C VAL R 43 -19.28 -66.67 -6.46
N ILE R 44 -20.55 -66.94 -6.75
CA ILE R 44 -21.42 -67.43 -5.68
C ILE R 44 -20.98 -68.80 -5.20
N THR R 45 -20.35 -69.60 -6.07
CA THR R 45 -19.73 -70.85 -5.62
C THR R 45 -18.65 -70.59 -4.58
N GLU R 46 -17.84 -69.56 -4.78
CA GLU R 46 -16.83 -69.23 -3.78
C GLU R 46 -17.49 -68.76 -2.49
N GLU R 47 -18.51 -67.91 -2.61
CA GLU R 47 -19.22 -67.43 -1.43
C GLU R 47 -19.84 -68.58 -0.63
N LEU R 48 -20.42 -69.55 -1.32
CA LEU R 48 -20.92 -70.75 -0.67
C LEU R 48 -19.81 -71.55 0.00
N LYS R 49 -18.67 -71.69 -0.67
CA LYS R 49 -17.54 -72.39 -0.04
C LYS R 49 -17.09 -71.73 1.25
N LYS R 50 -16.98 -70.40 1.25
CA LYS R 50 -16.50 -69.71 2.45
C LYS R 50 -17.51 -69.72 3.60
N ASN R 51 -18.79 -69.54 3.32
CA ASN R 51 -19.81 -69.36 4.36
C ASN R 51 -21.03 -70.23 4.12
N PRO R 52 -20.86 -71.56 4.10
CA PRO R 52 -21.95 -72.43 3.66
C PRO R 52 -23.12 -72.43 4.64
N SER R 53 -24.32 -72.43 4.08
CA SER R 53 -25.54 -72.41 4.86
C SER R 53 -26.69 -72.84 3.96
N GLU R 54 -27.81 -73.21 4.61
CA GLU R 54 -28.94 -73.77 3.89
C GLU R 54 -29.53 -72.79 2.88
N SER R 55 -29.74 -71.54 3.27
CA SER R 55 -30.25 -70.56 2.32
C SER R 55 -29.24 -70.22 1.23
N ALA R 56 -27.94 -70.26 1.56
CA ALA R 56 -26.93 -70.15 0.52
C ALA R 56 -27.01 -71.31 -0.47
N LEU R 57 -27.22 -72.53 0.03
CA LEU R 57 -27.39 -73.68 -0.87
C LEU R 57 -28.60 -73.51 -1.78
N VAL R 58 -29.74 -73.12 -1.21
CA VAL R 58 -30.94 -72.91 -2.02
C VAL R 58 -30.71 -71.84 -3.09
N SER R 59 -30.12 -70.71 -2.73
CA SER R 59 -29.91 -69.65 -3.71
C SER R 59 -28.87 -70.04 -4.76
N HIS R 60 -27.84 -70.77 -4.35
CA HIS R 60 -26.86 -71.28 -5.30
C HIS R 60 -27.50 -72.21 -6.32
N ASN R 61 -28.30 -73.16 -5.84
CA ASN R 61 -29.01 -74.06 -6.76
C ASN R 61 -29.92 -73.30 -7.72
N LYS R 62 -30.68 -72.32 -7.23
CA LYS R 62 -31.50 -71.52 -8.14
C LYS R 62 -30.66 -70.77 -9.18
N ALA R 63 -29.50 -70.24 -8.78
CA ALA R 63 -28.62 -69.60 -9.76
C ALA R 63 -28.09 -70.60 -10.79
N ILE R 64 -27.79 -71.82 -10.36
CA ILE R 64 -27.42 -72.87 -11.32
C ILE R 64 -28.55 -73.15 -12.30
N VAL R 65 -29.79 -73.12 -11.83
CA VAL R 65 -30.92 -73.32 -12.73
C VAL R 65 -31.01 -72.20 -13.77
N GLU R 66 -30.79 -70.95 -13.35
CA GLU R 66 -30.81 -69.88 -14.36
C GLU R 66 -29.62 -69.94 -15.32
N HIS R 67 -28.45 -70.35 -14.84
CA HIS R 67 -27.32 -70.57 -15.73
C HIS R 67 -27.59 -71.67 -16.74
N ASN R 68 -28.14 -72.80 -16.30
CA ASN R 68 -28.51 -73.86 -17.22
C ASN R 68 -29.54 -73.40 -18.24
N ALA R 69 -30.52 -72.59 -17.82
CA ALA R 69 -31.46 -72.05 -18.80
C ALA R 69 -30.76 -71.20 -19.86
N ILE R 70 -29.73 -70.44 -19.47
CA ILE R 70 -28.94 -69.72 -20.47
C ILE R 70 -28.21 -70.68 -21.41
N ILE R 71 -27.64 -71.76 -20.88
CA ILE R 71 -27.01 -72.75 -21.74
C ILE R 71 -28.01 -73.33 -22.74
N VAL R 72 -29.22 -73.65 -22.28
CA VAL R 72 -30.25 -74.18 -23.15
C VAL R 72 -30.61 -73.22 -24.27
N GLU R 73 -30.76 -71.94 -23.95
CA GLU R 73 -30.97 -70.97 -25.02
C GLU R 73 -29.79 -70.90 -26.00
N ASN R 74 -28.57 -71.02 -25.50
CA ASN R 74 -27.42 -71.10 -26.39
C ASN R 74 -27.52 -72.28 -27.36
N ASN R 75 -27.87 -73.45 -26.84
CA ASN R 75 -28.00 -74.64 -27.68
C ASN R 75 -29.15 -74.54 -28.66
N ARG R 76 -30.24 -73.87 -28.27
CA ARG R 76 -31.33 -73.61 -29.20
C ARG R 76 -30.89 -72.74 -30.36
N ILE R 77 -30.17 -71.66 -30.06
CA ILE R 77 -29.71 -70.78 -31.14
C ILE R 77 -28.73 -71.52 -32.04
N ILE R 78 -27.85 -72.35 -31.46
CA ILE R 78 -26.93 -73.14 -32.28
C ILE R 78 -27.70 -74.08 -33.20
N ALA R 79 -28.70 -74.78 -32.69
CA ALA R 79 -29.51 -75.66 -33.54
C ALA R 79 -30.21 -74.87 -34.65
N ALA R 80 -30.65 -73.66 -34.36
CA ALA R 80 -31.27 -72.84 -35.41
C ALA R 80 -30.26 -72.51 -36.50
N VAL R 81 -29.08 -72.06 -36.10
CA VAL R 81 -28.05 -71.70 -37.08
C VAL R 81 -27.72 -72.92 -37.92
N LEU R 82 -27.54 -74.08 -37.29
CA LEU R 82 -27.22 -75.28 -38.05
C LEU R 82 -28.32 -75.62 -39.05
N GLU R 83 -29.58 -75.43 -38.67
CA GLU R 83 -30.65 -75.68 -39.63
C GLU R 83 -30.58 -74.73 -40.83
N LEU R 84 -30.26 -73.45 -40.58
CA LEU R 84 -30.08 -72.53 -41.70
C LEU R 84 -28.88 -72.87 -42.56
N ILE R 85 -27.77 -73.31 -41.95
CA ILE R 85 -26.59 -73.70 -42.71
C ILE R 85 -26.87 -74.92 -43.57
N VAL R 86 -27.49 -75.95 -42.99
CA VAL R 86 -27.76 -77.15 -43.77
C VAL R 86 -28.74 -76.84 -44.89
N ARG R 87 -29.76 -76.01 -44.63
CA ARG R 87 -30.62 -75.64 -45.74
C ARG R 87 -29.87 -74.85 -46.80
N ALA R 88 -28.82 -74.11 -46.39
CA ALA R 88 -27.97 -73.45 -47.37
C ALA R 88 -27.23 -74.46 -48.26
N VAL R 89 -26.56 -75.43 -47.64
CA VAL R 89 -25.79 -76.41 -48.41
C VAL R 89 -26.68 -77.50 -49.01
N GLY R 90 -27.79 -77.84 -48.37
CA GLY R 90 -28.51 -79.06 -48.69
C GLY R 90 -28.29 -80.19 -47.71
N MET R 91 -29.39 -80.83 -47.32
CA MET R 91 -29.36 -82.04 -46.51
C MET R 91 -28.64 -83.19 -47.22
N THR R 92 -28.28 -84.19 -46.43
CA THR R 92 -27.83 -85.49 -46.91
C THR R 92 -28.32 -86.55 -45.94
N ASP R 93 -28.29 -87.81 -46.38
CA ASP R 93 -28.81 -88.90 -45.57
C ASP R 93 -28.30 -88.84 -44.13
N GLU R 94 -26.97 -88.79 -43.94
CA GLU R 94 -26.44 -88.79 -42.59
C GLU R 94 -26.70 -87.45 -41.91
N ILE R 95 -26.74 -86.37 -42.67
CA ILE R 95 -27.08 -85.08 -42.10
C ILE R 95 -28.53 -85.09 -41.64
N LEU R 96 -29.44 -85.57 -42.50
CA LEU R 96 -30.85 -85.55 -42.12
C LEU R 96 -31.09 -86.42 -40.87
N LEU R 97 -30.44 -87.58 -40.80
CA LEU R 97 -30.58 -88.39 -39.59
C LEU R 97 -29.99 -87.73 -38.36
N ALA R 98 -28.89 -87.00 -38.51
CA ALA R 98 -28.35 -86.28 -37.37
C ALA R 98 -29.21 -85.09 -36.97
N LEU R 99 -29.83 -84.40 -37.93
CA LEU R 99 -30.74 -83.31 -37.57
C LEU R 99 -32.01 -83.83 -36.91
N LEU R 100 -32.52 -84.99 -37.33
CA LEU R 100 -33.65 -85.57 -36.60
C LEU R 100 -33.26 -85.96 -35.19
N GLU R 101 -32.03 -86.45 -35.01
CA GLU R 101 -31.53 -86.71 -33.67
C GLU R 101 -31.39 -85.41 -32.87
N LEU R 102 -30.95 -84.34 -33.52
CA LEU R 102 -30.83 -83.05 -32.86
C LEU R 102 -32.19 -82.51 -32.43
N LYS R 103 -33.18 -82.58 -33.32
CA LYS R 103 -34.51 -82.08 -32.94
C LYS R 103 -35.12 -82.89 -31.81
N ALA R 104 -34.89 -84.21 -31.81
CA ALA R 104 -35.33 -85.00 -30.67
C ALA R 104 -34.64 -84.56 -29.38
N SER R 105 -33.32 -84.43 -29.41
CA SER R 105 -32.60 -84.01 -28.21
C SER R 105 -33.01 -82.61 -27.75
N THR R 106 -33.28 -81.71 -28.70
CA THR R 106 -33.81 -80.39 -28.37
C THR R 106 -35.15 -80.47 -27.62
N ALA R 107 -36.06 -81.32 -28.08
CA ALA R 107 -37.34 -81.42 -27.38
C ALA R 107 -37.15 -82.05 -26.00
N ARG R 108 -36.34 -83.10 -25.93
CA ARG R 108 -36.05 -83.72 -24.64
C ARG R 108 -35.44 -82.71 -23.68
N LEU R 109 -34.60 -81.82 -24.18
CA LEU R 109 -34.02 -80.79 -23.34
C LEU R 109 -35.07 -79.79 -22.87
N LYS R 110 -35.98 -79.35 -23.73
CA LYS R 110 -37.03 -78.46 -23.27
C LYS R 110 -37.86 -79.10 -22.16
N VAL R 111 -38.14 -80.40 -22.30
CA VAL R 111 -38.86 -81.13 -21.26
C VAL R 111 -38.08 -81.17 -19.96
N ALA R 112 -36.82 -81.60 -20.01
CA ALA R 112 -36.03 -81.66 -18.79
C ALA R 112 -35.80 -80.29 -18.17
N THR R 113 -35.70 -79.24 -19.00
CA THR R 113 -35.61 -77.88 -18.48
C THR R 113 -36.84 -77.51 -17.66
N ALA R 114 -38.03 -77.76 -18.19
CA ALA R 114 -39.24 -77.55 -17.39
C ALA R 114 -39.25 -78.40 -16.12
N LEU R 115 -38.86 -79.68 -16.23
CA LEU R 115 -38.78 -80.52 -15.03
C LEU R 115 -37.89 -79.89 -13.97
N LEU R 116 -36.68 -79.49 -14.36
CA LEU R 116 -35.74 -78.90 -13.42
C LEU R 116 -36.30 -77.63 -12.80
N ARG R 117 -36.85 -76.73 -13.61
CA ARG R 117 -37.41 -75.50 -13.06
C ARG R 117 -38.51 -75.79 -12.04
N MET R 118 -39.31 -76.83 -12.29
CA MET R 118 -40.42 -77.12 -11.38
C MET R 118 -39.96 -77.74 -10.07
N ILE R 119 -39.03 -78.70 -10.12
CA ILE R 119 -38.46 -79.20 -8.87
C ILE R 119 -37.60 -78.15 -8.15
N THR R 120 -37.00 -77.21 -8.88
CA THR R 120 -36.40 -76.04 -8.26
C THR R 120 -37.42 -75.25 -7.44
N GLU R 121 -38.58 -74.98 -8.02
CA GLU R 121 -39.61 -74.26 -7.28
C GLU R 121 -40.10 -75.05 -6.07
N GLU R 122 -40.21 -76.37 -6.21
CA GLU R 122 -40.53 -77.22 -5.05
C GLU R 122 -39.47 -77.09 -3.95
N LEU R 123 -38.20 -77.12 -4.32
CA LEU R 123 -37.14 -76.98 -3.31
C LEU R 123 -37.20 -75.62 -2.63
N LYS R 124 -37.30 -74.55 -3.42
CA LYS R 124 -37.38 -73.21 -2.87
C LYS R 124 -38.53 -73.10 -1.88
N LYS R 125 -39.69 -73.66 -2.22
CA LYS R 125 -40.84 -73.57 -1.32
C LYS R 125 -40.67 -74.42 -0.08
N ASN R 126 -40.13 -75.64 -0.21
CA ASN R 126 -40.06 -76.59 0.91
C ASN R 126 -38.66 -77.19 1.01
N PRO R 127 -37.66 -76.36 1.29
CA PRO R 127 -36.27 -76.82 1.26
C PRO R 127 -35.90 -77.68 2.46
N SER R 128 -35.02 -78.66 2.19
CA SER R 128 -34.45 -79.52 3.22
C SER R 128 -33.24 -80.22 2.61
N GLU R 129 -32.44 -80.84 3.49
CA GLU R 129 -31.23 -81.51 3.02
C GLU R 129 -31.54 -82.62 2.03
N ASP R 130 -32.56 -83.43 2.33
CA ASP R 130 -32.97 -84.46 1.39
C ASP R 130 -33.35 -83.84 0.05
N ALA R 131 -34.08 -82.73 0.10
CA ALA R 131 -34.47 -82.04 -1.12
C ALA R 131 -33.26 -81.49 -1.86
N LEU R 132 -32.24 -81.04 -1.14
CA LEU R 132 -31.02 -80.59 -1.82
C LEU R 132 -30.32 -81.75 -2.52
N VAL R 133 -30.24 -82.91 -1.87
CA VAL R 133 -29.63 -84.07 -2.54
C VAL R 133 -30.40 -84.41 -3.80
N GLU R 134 -31.73 -84.54 -3.69
CA GLU R 134 -32.54 -84.87 -4.86
C GLU R 134 -32.40 -83.82 -5.96
N HIS R 135 -32.33 -82.55 -5.58
CA HIS R 135 -32.17 -81.47 -6.53
C HIS R 135 -30.82 -81.54 -7.24
N ASN R 136 -29.75 -81.79 -6.50
CA ASN R 136 -28.44 -81.92 -7.13
C ASN R 136 -28.41 -83.10 -8.10
N ARG R 137 -29.02 -84.23 -7.73
CA ARG R 137 -29.09 -85.35 -8.66
C ARG R 137 -29.87 -84.99 -9.93
N ALA R 138 -30.94 -84.20 -9.79
CA ALA R 138 -31.67 -83.78 -10.98
C ALA R 138 -30.89 -82.76 -11.81
N ILE R 139 -30.09 -81.92 -11.18
CA ILE R 139 -29.17 -81.06 -11.94
C ILE R 139 -28.18 -81.89 -12.73
N VAL R 140 -27.63 -82.93 -12.11
CA VAL R 140 -26.68 -83.78 -12.82
C VAL R 140 -27.33 -84.50 -14.00
N ASN R 141 -28.58 -84.90 -13.85
CA ASN R 141 -29.28 -85.48 -15.01
C ASN R 141 -29.54 -84.44 -16.11
N HIS R 142 -29.91 -83.22 -15.72
CA HIS R 142 -30.09 -82.16 -16.71
C HIS R 142 -28.80 -81.90 -17.49
N ASN R 143 -27.68 -81.77 -16.78
CA ASN R 143 -26.40 -81.63 -17.46
C ASN R 143 -26.08 -82.81 -18.37
N ALA R 144 -26.30 -84.05 -17.91
CA ALA R 144 -26.07 -85.18 -18.81
C ALA R 144 -26.88 -85.08 -20.10
N ILE R 145 -28.08 -84.50 -20.04
CA ILE R 145 -28.84 -84.28 -21.27
C ILE R 145 -28.21 -83.18 -22.12
N ILE R 146 -27.74 -82.12 -21.50
CA ILE R 146 -26.97 -81.11 -22.24
C ILE R 146 -25.79 -81.75 -22.97
N VAL R 147 -25.03 -82.58 -22.26
CA VAL R 147 -23.93 -83.33 -22.88
C VAL R 147 -24.40 -84.09 -24.12
N GLU R 148 -25.48 -84.86 -24.01
CA GLU R 148 -25.94 -85.57 -25.20
C GLU R 148 -26.32 -84.62 -26.33
N ASN R 149 -26.91 -83.47 -25.99
CA ASN R 149 -27.18 -82.45 -27.01
C ASN R 149 -25.89 -81.98 -27.69
N ASN R 150 -24.82 -81.82 -26.91
CA ASN R 150 -23.57 -81.34 -27.49
C ASN R 150 -22.94 -82.42 -28.35
N ARG R 151 -23.10 -83.68 -27.98
CA ARG R 151 -22.52 -84.74 -28.81
C ARG R 151 -23.24 -84.77 -30.15
N ILE R 152 -24.56 -84.57 -30.14
CA ILE R 152 -25.28 -84.61 -31.41
C ILE R 152 -24.92 -83.41 -32.28
N ILE R 153 -24.81 -82.22 -31.69
CA ILE R 153 -24.36 -81.04 -32.43
C ILE R 153 -22.95 -81.23 -33.01
N ALA R 154 -22.03 -81.78 -32.23
CA ALA R 154 -20.71 -82.12 -32.77
C ALA R 154 -20.77 -83.14 -33.90
N ALA R 155 -21.63 -84.15 -33.79
CA ALA R 155 -21.74 -85.10 -34.89
C ALA R 155 -22.27 -84.42 -36.14
N VAL R 156 -23.24 -83.51 -35.98
CA VAL R 156 -23.74 -82.74 -37.12
C VAL R 156 -22.62 -81.94 -37.77
N LEU R 157 -21.84 -81.21 -36.98
CA LEU R 157 -20.76 -80.42 -37.57
C LEU R 157 -19.71 -81.30 -38.24
N GLU R 158 -19.38 -82.44 -37.63
CA GLU R 158 -18.48 -83.39 -38.29
C GLU R 158 -19.02 -83.80 -39.65
N LEU R 159 -20.31 -84.08 -39.74
CA LEU R 159 -20.91 -84.47 -41.01
C LEU R 159 -20.94 -83.31 -42.00
N ILE R 160 -21.28 -82.11 -41.56
CA ILE R 160 -21.30 -80.96 -42.46
C ILE R 160 -19.93 -80.70 -43.06
N VAL R 161 -18.89 -80.69 -42.22
CA VAL R 161 -17.54 -80.48 -42.75
C VAL R 161 -17.14 -81.61 -43.69
N ARG R 162 -17.36 -82.86 -43.31
CA ARG R 162 -17.00 -83.95 -44.24
C ARG R 162 -17.80 -83.89 -45.54
N ALA R 163 -19.06 -83.47 -45.48
CA ALA R 163 -19.86 -83.34 -46.69
C ALA R 163 -19.36 -82.23 -47.60
N LEU R 164 -18.98 -81.09 -47.04
CA LEU R 164 -18.37 -80.05 -47.85
C LEU R 164 -17.02 -80.50 -48.41
N ASN R 165 -16.33 -81.40 -47.72
CA ASN R 165 -14.96 -81.79 -48.10
C ASN R 165 -14.00 -80.63 -47.90
N LEU R 166 -14.23 -79.86 -46.83
CA LEU R 166 -13.50 -78.62 -46.64
C LEU R 166 -12.07 -78.90 -46.19
N THR R 167 -11.11 -78.30 -46.90
CA THR R 167 -9.69 -78.60 -46.75
C THR R 167 -8.96 -77.61 -45.85
N ASP R 168 -9.66 -76.64 -45.28
CA ASP R 168 -9.00 -75.59 -44.52
C ASP R 168 -8.36 -76.17 -43.26
N GLU R 169 -7.05 -75.96 -43.13
CA GLU R 169 -6.33 -76.45 -41.95
C GLU R 169 -6.82 -75.78 -40.67
N GLU R 170 -7.30 -74.54 -40.76
CA GLU R 170 -7.93 -73.92 -39.60
C GLU R 170 -9.16 -74.69 -39.16
N VAL R 171 -9.93 -75.21 -40.12
CA VAL R 171 -11.09 -76.02 -39.78
C VAL R 171 -10.67 -77.35 -39.19
N ARG R 172 -9.67 -78.02 -39.78
CA ARG R 172 -9.23 -79.29 -39.23
C ARG R 172 -8.73 -79.12 -37.80
N LYS R 173 -7.93 -78.09 -37.55
CA LYS R 173 -7.48 -77.79 -36.20
C LYS R 173 -8.65 -77.55 -35.25
N ALA R 174 -9.62 -76.73 -35.65
CA ALA R 174 -10.77 -76.49 -34.80
C ALA R 174 -11.59 -77.76 -34.55
N LEU R 175 -11.65 -78.67 -35.51
CA LEU R 175 -12.33 -79.94 -35.25
C LEU R 175 -11.54 -80.85 -34.33
N GLU R 176 -10.21 -80.81 -34.39
CA GLU R 176 -9.42 -81.54 -33.40
C GLU R 176 -9.65 -80.99 -31.99
N GLU R 177 -9.76 -79.67 -31.88
CA GLU R 177 -10.18 -79.08 -30.61
C GLU R 177 -11.57 -79.52 -30.20
N LEU R 178 -12.51 -79.58 -31.13
CA LEU R 178 -13.87 -79.96 -30.77
C LEU R 178 -13.98 -81.41 -30.32
N LYS R 179 -13.26 -82.32 -31.00
CA LYS R 179 -13.23 -83.71 -30.56
C LYS R 179 -12.52 -83.89 -29.21
N ALA R 180 -11.42 -83.17 -28.98
CA ALA R 180 -10.81 -83.21 -27.65
C ALA R 180 -11.75 -82.70 -26.56
N SER R 181 -12.39 -81.56 -26.80
CA SER R 181 -13.37 -81.05 -25.85
C SER R 181 -14.53 -82.04 -25.62
N THR R 182 -14.96 -82.74 -26.66
CA THR R 182 -16.03 -83.72 -26.50
C THR R 182 -15.61 -84.90 -25.63
N ALA R 183 -14.43 -85.48 -25.89
CA ALA R 183 -13.96 -86.56 -25.02
C ALA R 183 -13.72 -86.08 -23.58
N GLU R 184 -13.20 -84.86 -23.42
CA GLU R 184 -13.08 -84.29 -22.08
C GLU R 184 -14.44 -84.16 -21.41
N LEU R 185 -15.45 -83.74 -22.15
CA LEU R 185 -16.79 -83.60 -21.58
C LEU R 185 -17.38 -84.94 -21.19
N LYS R 186 -17.15 -86.00 -21.98
CA LYS R 186 -17.53 -87.33 -21.53
C LYS R 186 -16.86 -87.72 -20.22
N ARG R 187 -15.55 -87.54 -20.13
CA ARG R 187 -14.85 -87.88 -18.89
C ARG R 187 -15.38 -87.08 -17.70
N ALA R 188 -15.57 -85.78 -17.87
CA ALA R 188 -16.11 -84.97 -16.78
C ALA R 188 -17.52 -85.38 -16.39
N THR R 189 -18.34 -85.74 -17.37
CA THR R 189 -19.69 -86.24 -17.06
C THR R 189 -19.63 -87.50 -16.22
N ALA R 190 -18.79 -88.46 -16.62
CA ALA R 190 -18.63 -89.68 -15.83
C ALA R 190 -18.17 -89.37 -14.40
N SER R 191 -17.17 -88.50 -14.26
CA SER R 191 -16.72 -88.13 -12.92
C SER R 191 -17.82 -87.51 -12.07
N LEU R 192 -18.66 -86.67 -12.69
CA LEU R 192 -19.73 -86.04 -11.93
C LEU R 192 -20.81 -87.04 -11.55
N ARG R 193 -21.13 -87.97 -12.44
CA ARG R 193 -22.07 -89.03 -12.06
C ARG R 193 -21.51 -89.91 -10.95
N ALA R 194 -20.20 -90.10 -10.92
CA ALA R 194 -19.59 -90.90 -9.85
C ALA R 194 -19.73 -90.22 -8.49
N ILE R 195 -19.36 -88.94 -8.41
CA ILE R 195 -19.53 -88.26 -7.12
C ILE R 195 -21.01 -88.06 -6.79
N THR R 196 -21.88 -87.93 -7.78
CA THR R 196 -23.31 -87.93 -7.51
C THR R 196 -23.79 -89.22 -6.86
N GLU R 197 -23.33 -90.37 -7.36
CA GLU R 197 -23.64 -91.63 -6.68
C GLU R 197 -23.02 -91.73 -5.29
N GLU R 198 -21.87 -91.10 -5.07
CA GLU R 198 -21.37 -90.99 -3.71
C GLU R 198 -22.30 -90.15 -2.84
N LEU R 199 -22.67 -88.96 -3.32
CA LEU R 199 -23.51 -88.08 -2.52
C LEU R 199 -24.81 -88.79 -2.17
N LYS R 200 -25.45 -89.40 -3.17
CA LYS R 200 -26.67 -90.14 -2.92
C LYS R 200 -26.46 -91.21 -1.88
N LYS R 201 -25.27 -91.84 -1.85
CA LYS R 201 -25.00 -92.79 -0.78
C LYS R 201 -24.74 -92.11 0.56
N ASN R 202 -23.98 -91.01 0.58
CA ASN R 202 -23.51 -90.39 1.83
C ASN R 202 -23.77 -88.89 1.86
N PRO R 203 -25.04 -88.47 1.85
CA PRO R 203 -25.34 -87.04 1.78
C PRO R 203 -24.99 -86.31 3.06
N SER R 204 -24.28 -85.19 2.92
CA SER R 204 -23.95 -84.31 4.03
C SER R 204 -23.69 -82.91 3.49
N GLU R 205 -23.87 -81.91 4.35
CA GLU R 205 -23.59 -80.53 3.96
C GLU R 205 -22.19 -80.37 3.37
N ASP R 206 -21.17 -80.99 3.98
CA ASP R 206 -19.84 -80.89 3.40
C ASP R 206 -19.84 -81.52 2.01
N ALA R 207 -20.63 -82.59 1.85
CA ALA R 207 -20.71 -83.23 0.54
C ALA R 207 -21.49 -82.34 -0.41
N LEU R 208 -22.60 -81.76 0.04
CA LEU R 208 -23.37 -80.88 -0.83
C LEU R 208 -22.50 -79.76 -1.37
N VAL R 209 -21.60 -79.22 -0.54
CA VAL R 209 -20.70 -78.16 -0.99
C VAL R 209 -19.70 -78.70 -2.01
N GLU R 210 -19.03 -79.81 -1.69
CA GLU R 210 -18.09 -80.38 -2.64
C GLU R 210 -18.77 -80.71 -3.96
N HIS R 211 -20.04 -81.11 -3.89
CA HIS R 211 -20.78 -81.48 -5.08
C HIS R 211 -21.11 -80.25 -5.91
N ASN R 212 -21.64 -79.20 -5.29
CA ASN R 212 -21.93 -77.99 -6.04
C ASN R 212 -20.67 -77.44 -6.71
N ARG R 213 -19.54 -77.54 -6.03
CA ARG R 213 -18.26 -77.21 -6.67
C ARG R 213 -17.99 -78.05 -7.93
N ALA R 214 -18.15 -79.36 -7.83
CA ALA R 214 -17.94 -80.20 -9.00
C ALA R 214 -18.93 -79.92 -10.12
N ILE R 215 -20.19 -79.61 -9.77
CA ILE R 215 -21.15 -79.16 -10.78
C ILE R 215 -20.64 -77.92 -11.50
N VAL R 216 -20.17 -76.92 -10.76
CA VAL R 216 -19.71 -75.71 -11.41
C VAL R 216 -18.51 -75.96 -12.32
N GLU R 217 -17.64 -76.89 -11.94
CA GLU R 217 -16.57 -77.29 -12.86
C GLU R 217 -17.10 -77.95 -14.12
N HIS R 218 -18.12 -78.78 -13.98
CA HIS R 218 -18.72 -79.43 -15.14
C HIS R 218 -19.35 -78.40 -16.07
N ASN R 219 -20.10 -77.46 -15.50
CA ASN R 219 -20.68 -76.39 -16.31
C ASN R 219 -19.61 -75.59 -17.04
N ALA R 220 -18.48 -75.32 -16.37
CA ALA R 220 -17.40 -74.62 -17.06
C ALA R 220 -16.89 -75.39 -18.28
N ILE R 221 -16.78 -76.72 -18.15
CA ILE R 221 -16.36 -77.51 -19.31
C ILE R 221 -17.41 -77.47 -20.42
N ILE R 222 -18.69 -77.48 -20.08
CA ILE R 222 -19.73 -77.34 -21.11
C ILE R 222 -19.64 -75.99 -21.81
N VAL R 223 -19.35 -74.93 -21.07
CA VAL R 223 -19.20 -73.61 -21.69
C VAL R 223 -18.00 -73.57 -22.65
N GLU R 224 -16.90 -74.20 -22.27
CA GLU R 224 -15.79 -74.36 -23.22
C GLU R 224 -16.21 -75.14 -24.46
N ASN R 225 -17.02 -76.18 -24.31
CA ASN R 225 -17.51 -76.90 -25.47
C ASN R 225 -18.33 -76.00 -26.38
N ASN R 226 -19.21 -75.19 -25.82
CA ASN R 226 -20.03 -74.31 -26.63
C ASN R 226 -19.20 -73.25 -27.34
N ARG R 227 -18.12 -72.77 -26.72
CA ARG R 227 -17.23 -71.85 -27.40
C ARG R 227 -16.59 -72.51 -28.62
N ILE R 228 -16.07 -73.72 -28.45
CA ILE R 228 -15.42 -74.39 -29.59
C ILE R 228 -16.44 -74.64 -30.70
N ILE R 229 -17.64 -75.09 -30.33
CA ILE R 229 -18.70 -75.29 -31.32
C ILE R 229 -18.94 -74.01 -32.10
N ALA R 230 -19.03 -72.88 -31.41
CA ALA R 230 -19.23 -71.62 -32.12
C ALA R 230 -18.06 -71.28 -33.05
N LEU R 231 -16.82 -71.62 -32.66
CA LEU R 231 -15.72 -71.40 -33.62
C LEU R 231 -15.87 -72.25 -34.86
N VAL R 232 -16.30 -73.50 -34.69
CA VAL R 232 -16.52 -74.33 -35.86
C VAL R 232 -17.62 -73.75 -36.75
N LEU R 233 -18.74 -73.34 -36.15
CA LEU R 233 -19.78 -72.71 -36.98
C LEU R 233 -19.27 -71.50 -37.74
N LEU R 234 -18.52 -70.61 -37.08
CA LEU R 234 -17.99 -69.45 -37.78
C LEU R 234 -17.07 -69.82 -38.93
N LEU R 235 -16.18 -70.79 -38.72
CA LEU R 235 -15.34 -71.25 -39.81
C LEU R 235 -16.14 -71.85 -40.95
N ILE R 236 -17.19 -72.62 -40.65
CA ILE R 236 -18.00 -73.19 -41.71
C ILE R 236 -18.70 -72.08 -42.50
N VAL R 237 -19.33 -71.14 -41.80
CA VAL R 237 -20.06 -70.09 -42.50
C VAL R 237 -19.13 -69.24 -43.35
N LEU R 238 -17.87 -69.07 -42.94
CA LEU R 238 -16.92 -68.41 -43.84
C LEU R 238 -16.52 -69.30 -45.01
N ALA R 239 -16.37 -70.61 -44.78
CA ALA R 239 -15.92 -71.48 -45.86
C ALA R 239 -16.96 -71.73 -46.94
N ILE R 240 -18.25 -71.79 -46.60
CA ILE R 240 -19.26 -71.90 -47.65
C ILE R 240 -19.28 -70.63 -48.49
N GLY S 15 -46.67 -24.73 -7.06
CA GLY S 15 -46.59 -25.23 -8.41
C GLY S 15 -47.83 -24.92 -9.23
N SER S 16 -47.81 -25.31 -10.50
CA SER S 16 -48.98 -25.15 -11.36
C SER S 16 -49.92 -26.34 -11.21
N GLU S 17 -51.15 -26.14 -11.67
CA GLU S 17 -52.16 -27.19 -11.60
C GLU S 17 -51.74 -28.45 -12.33
N GLU S 18 -50.96 -28.30 -13.41
CA GLU S 18 -50.42 -29.46 -14.09
C GLU S 18 -49.42 -30.22 -13.23
N GLU S 19 -48.52 -29.52 -12.54
CA GLU S 19 -47.56 -30.22 -11.69
C GLU S 19 -48.25 -30.98 -10.58
N ILE S 20 -49.17 -30.31 -9.87
CA ILE S 20 -49.87 -30.96 -8.77
C ILE S 20 -50.63 -32.18 -9.27
N ALA S 21 -51.36 -32.02 -10.38
CA ALA S 21 -52.14 -33.13 -10.92
C ALA S 21 -51.24 -34.30 -11.35
N LYS S 22 -50.15 -34.01 -12.06
CA LYS S 22 -49.20 -35.06 -12.41
C LYS S 22 -48.67 -35.78 -11.18
N ALA S 23 -48.25 -35.04 -10.16
CA ALA S 23 -47.74 -35.65 -8.94
C ALA S 23 -48.80 -36.48 -8.23
N LEU S 24 -50.07 -36.07 -8.28
CA LEU S 24 -51.14 -36.90 -7.73
C LEU S 24 -51.42 -38.14 -8.57
N GLU S 25 -51.22 -38.07 -9.89
CA GLU S 25 -51.22 -39.29 -10.69
C GLU S 25 -50.10 -40.23 -10.27
N GLU S 26 -48.92 -39.68 -9.98
CA GLU S 26 -47.83 -40.50 -9.46
C GLU S 26 -48.18 -41.07 -8.09
N LEU S 27 -48.88 -40.30 -7.27
CA LEU S 27 -49.29 -40.77 -5.96
C LEU S 27 -50.27 -41.92 -6.05
N VAL S 28 -51.30 -41.79 -6.89
CA VAL S 28 -52.27 -42.86 -7.04
C VAL S 28 -51.63 -44.11 -7.67
N ALA S 29 -50.69 -43.92 -8.60
CA ALA S 29 -49.88 -45.05 -9.09
C ALA S 29 -49.09 -45.73 -7.97
N SER S 30 -48.46 -44.94 -7.12
CA SER S 30 -47.73 -45.51 -5.98
C SER S 30 -48.67 -46.22 -5.02
N LEU S 31 -49.88 -45.70 -4.83
CA LEU S 31 -50.85 -46.37 -3.97
C LEU S 31 -51.29 -47.70 -4.56
N ALA S 32 -51.56 -47.75 -5.86
CA ALA S 32 -51.90 -49.03 -6.49
C ALA S 32 -50.76 -50.03 -6.34
N GLU S 33 -49.52 -49.59 -6.58
CA GLU S 33 -48.37 -50.45 -6.36
C GLU S 33 -48.25 -50.91 -4.92
N LEU S 34 -48.51 -50.02 -3.97
CA LEU S 34 -48.48 -50.37 -2.55
C LEU S 34 -49.55 -51.40 -2.20
N LYS S 35 -50.76 -51.21 -2.72
CA LYS S 35 -51.82 -52.20 -2.51
C LYS S 35 -51.40 -53.57 -3.04
N ARG S 36 -50.93 -53.61 -4.27
CA ARG S 36 -50.49 -54.86 -4.89
C ARG S 36 -49.41 -55.53 -4.05
N ALA S 37 -48.42 -54.75 -3.60
CA ALA S 37 -47.36 -55.29 -2.75
C ALA S 37 -47.91 -55.80 -1.42
N THR S 38 -48.91 -55.13 -0.86
CA THR S 38 -49.48 -55.60 0.40
C THR S 38 -50.16 -56.94 0.19
N LEU S 39 -50.88 -57.10 -0.91
CA LEU S 39 -51.51 -58.38 -1.20
C LEU S 39 -50.47 -59.49 -1.35
N LYS S 40 -49.43 -59.25 -2.17
CA LYS S 40 -48.35 -60.21 -2.31
C LYS S 40 -47.72 -60.57 -0.96
N LEU S 41 -47.45 -59.57 -0.12
CA LEU S 41 -46.85 -59.84 1.17
C LEU S 41 -47.77 -60.66 2.04
N LEU S 42 -49.08 -60.41 1.97
CA LEU S 42 -50.01 -61.26 2.72
C LEU S 42 -49.95 -62.70 2.22
N VAL S 43 -49.80 -62.88 0.91
CA VAL S 43 -49.69 -64.24 0.37
C VAL S 43 -48.50 -64.94 1.01
N ILE S 44 -47.32 -64.33 0.88
CA ILE S 44 -46.14 -65.03 1.37
C ILE S 44 -46.17 -65.18 2.89
N THR S 45 -46.83 -64.25 3.59
CA THR S 45 -47.07 -64.44 5.02
C THR S 45 -47.90 -65.68 5.31
N GLU S 46 -48.93 -65.93 4.50
CA GLU S 46 -49.71 -67.16 4.70
C GLU S 46 -48.87 -68.39 4.39
N GLU S 47 -48.12 -68.36 3.29
CA GLU S 47 -47.28 -69.50 2.94
C GLU S 47 -46.25 -69.79 4.04
N LEU S 48 -45.66 -68.75 4.61
CA LEU S 48 -44.75 -68.90 5.73
C LEU S 48 -45.45 -69.48 6.96
N LYS S 49 -46.67 -69.01 7.24
CA LYS S 49 -47.42 -69.58 8.37
C LYS S 49 -47.66 -71.07 8.17
N LYS S 50 -48.04 -71.48 6.96
CA LYS S 50 -48.34 -72.88 6.70
C LYS S 50 -47.08 -73.76 6.68
N ASN S 51 -45.98 -73.26 6.10
CA ASN S 51 -44.79 -74.08 5.90
C ASN S 51 -43.52 -73.34 6.32
N PRO S 52 -43.42 -73.00 7.60
CA PRO S 52 -42.34 -72.12 8.06
C PRO S 52 -40.97 -72.81 7.97
N SER S 53 -39.97 -72.04 7.54
CA SER S 53 -38.63 -72.56 7.40
C SER S 53 -37.65 -71.40 7.33
N GLU S 54 -36.36 -71.71 7.55
CA GLU S 54 -35.34 -70.67 7.63
C GLU S 54 -35.21 -69.88 6.34
N SER S 55 -35.14 -70.57 5.20
CA SER S 55 -35.08 -69.86 3.93
C SER S 55 -36.38 -69.14 3.61
N ALA S 56 -37.51 -69.69 4.03
CA ALA S 56 -38.76 -68.96 3.95
C ALA S 56 -38.73 -67.69 4.78
N LEU S 57 -38.18 -67.77 5.99
CA LEU S 57 -38.04 -66.58 6.82
C LEU S 57 -37.17 -65.52 6.15
N VAL S 58 -36.01 -65.93 5.63
CA VAL S 58 -35.13 -64.98 4.96
C VAL S 58 -35.82 -64.32 3.77
N SER S 59 -36.49 -65.10 2.93
CA SER S 59 -37.14 -64.51 1.76
C SER S 59 -38.33 -63.64 2.13
N HIS S 60 -39.07 -64.03 3.17
CA HIS S 60 -40.16 -63.20 3.66
C HIS S 60 -39.64 -61.86 4.16
N ASN S 61 -38.60 -61.88 4.98
CA ASN S 61 -38.00 -60.63 5.46
C ASN S 61 -37.52 -59.75 4.33
N LYS S 62 -36.84 -60.32 3.32
CA LYS S 62 -36.44 -59.50 2.18
C LYS S 62 -37.64 -58.89 1.45
N ALA S 63 -38.73 -59.65 1.32
CA ALA S 63 -39.93 -59.08 0.72
C ALA S 63 -40.51 -57.94 1.57
N ILE S 64 -40.46 -58.08 2.89
CA ILE S 64 -40.87 -57.00 3.78
C ILE S 64 -39.99 -55.76 3.58
N VAL S 65 -38.70 -55.95 3.36
CA VAL S 65 -37.81 -54.83 3.09
C VAL S 65 -38.18 -54.12 1.80
N GLU S 66 -38.52 -54.88 0.75
CA GLU S 66 -38.94 -54.21 -0.48
C GLU S 66 -40.30 -53.53 -0.35
N HIS S 67 -41.20 -54.10 0.43
CA HIS S 67 -42.46 -53.43 0.73
C HIS S 67 -42.23 -52.12 1.48
N ASN S 68 -41.38 -52.13 2.49
CA ASN S 68 -41.04 -50.90 3.20
C ASN S 68 -40.42 -49.87 2.27
N ALA S 69 -39.56 -50.30 1.36
CA ALA S 69 -39.00 -49.35 0.40
C ALA S 69 -40.09 -48.71 -0.47
N ILE S 70 -41.11 -49.48 -0.84
CA ILE S 70 -42.25 -48.89 -1.54
C ILE S 70 -42.99 -47.87 -0.68
N ILE S 71 -43.18 -48.18 0.60
CA ILE S 71 -43.80 -47.21 1.51
C ILE S 71 -42.99 -45.92 1.58
N VAL S 72 -41.67 -46.04 1.69
CA VAL S 72 -40.81 -44.87 1.76
C VAL S 72 -40.93 -44.00 0.50
N GLU S 73 -40.92 -44.62 -0.68
CA GLU S 73 -41.18 -43.85 -1.89
C GLU S 73 -42.56 -43.19 -1.90
N ASN S 74 -43.57 -43.87 -1.38
CA ASN S 74 -44.89 -43.25 -1.23
C ASN S 74 -44.82 -42.00 -0.38
N ASN S 75 -44.13 -42.08 0.75
CA ASN S 75 -44.01 -40.92 1.65
C ASN S 75 -43.19 -39.80 1.02
N ARG S 76 -42.19 -40.14 0.21
CA ARG S 76 -41.46 -39.10 -0.51
C ARG S 76 -42.37 -38.36 -1.47
N ILE S 77 -43.17 -39.09 -2.24
CA ILE S 77 -44.07 -38.41 -3.17
C ILE S 77 -45.10 -37.56 -2.43
N ILE S 78 -45.61 -38.05 -1.31
CA ILE S 78 -46.54 -37.26 -0.51
C ILE S 78 -45.88 -35.97 -0.01
N ALA S 79 -44.66 -36.06 0.51
CA ALA S 79 -43.95 -34.86 0.96
C ALA S 79 -43.72 -33.88 -0.20
N ALA S 80 -43.45 -34.39 -1.39
CA ALA S 80 -43.28 -33.50 -2.54
C ALA S 80 -44.58 -32.77 -2.85
N VAL S 81 -45.69 -33.52 -2.88
CA VAL S 81 -46.97 -32.90 -3.18
C VAL S 81 -47.29 -31.83 -2.14
N LEU S 82 -47.07 -32.13 -0.87
CA LEU S 82 -47.33 -31.13 0.17
C LEU S 82 -46.48 -29.89 0.00
N GLU S 83 -45.22 -30.04 -0.40
CA GLU S 83 -44.42 -28.85 -0.65
C GLU S 83 -44.98 -28.01 -1.80
N LEU S 84 -45.46 -28.67 -2.86
CA LEU S 84 -46.10 -27.92 -3.94
C LEU S 84 -47.40 -27.26 -3.51
N ILE S 85 -48.18 -27.94 -2.68
CA ILE S 85 -49.43 -27.37 -2.18
C ILE S 85 -49.17 -26.15 -1.30
N VAL S 86 -48.24 -26.27 -0.35
CA VAL S 86 -47.97 -25.15 0.53
C VAL S 86 -47.37 -23.98 -0.24
N ARG S 87 -46.48 -24.23 -1.20
CA ARG S 87 -46.02 -23.11 -2.01
C ARG S 87 -47.15 -22.50 -2.82
N ALA S 88 -48.15 -23.30 -3.19
CA ALA S 88 -49.33 -22.74 -3.85
C ALA S 88 -50.10 -21.80 -2.92
N VAL S 89 -50.43 -22.26 -1.73
CA VAL S 89 -51.21 -21.44 -0.79
C VAL S 89 -50.35 -20.39 -0.09
N GLY S 90 -49.08 -20.66 0.14
CA GLY S 90 -48.30 -19.86 1.08
C GLY S 90 -48.05 -20.52 2.42
N MET S 91 -46.80 -20.45 2.85
CA MET S 91 -46.38 -20.87 4.18
C MET S 91 -47.04 -20.07 5.30
N THR S 92 -46.95 -20.62 6.51
CA THR S 92 -47.26 -19.94 7.76
C THR S 92 -46.31 -20.48 8.82
N ASP S 93 -46.21 -19.77 9.95
CA ASP S 93 -45.29 -20.13 11.02
C ASP S 93 -45.37 -21.62 11.37
N GLU S 94 -46.57 -22.10 11.70
CA GLU S 94 -46.68 -23.50 12.11
C GLU S 94 -46.47 -24.43 10.92
N ILE S 95 -46.86 -23.99 9.73
CA ILE S 95 -46.59 -24.80 8.55
C ILE S 95 -45.10 -24.87 8.31
N LEU S 96 -44.40 -23.74 8.34
CA LEU S 96 -42.96 -23.78 8.07
C LEU S 96 -42.22 -24.64 9.08
N LEU S 97 -42.59 -24.56 10.36
CA LEU S 97 -41.96 -25.44 11.36
C LEU S 97 -42.29 -26.90 11.13
N ALA S 98 -43.50 -27.20 10.68
CA ALA S 98 -43.83 -28.59 10.37
C ALA S 98 -43.16 -29.08 9.10
N LEU S 99 -42.95 -28.23 8.11
CA LEU S 99 -42.21 -28.65 6.93
C LEU S 99 -40.73 -28.86 7.23
N LEU S 100 -40.14 -28.06 8.13
CA LEU S 100 -38.78 -28.36 8.55
C LEU S 100 -38.72 -29.68 9.32
N GLU S 101 -39.74 -29.98 10.10
CA GLU S 101 -39.81 -31.29 10.75
C GLU S 101 -40.00 -32.41 9.74
N LEU S 102 -40.78 -32.15 8.70
CA LEU S 102 -40.96 -33.14 7.64
C LEU S 102 -39.68 -33.39 6.87
N LYS S 103 -38.96 -32.35 6.50
CA LYS S 103 -37.71 -32.55 5.77
C LYS S 103 -36.68 -33.29 6.61
N ALA S 104 -36.63 -32.99 7.91
CA ALA S 104 -35.77 -33.78 8.80
C ALA S 104 -36.17 -35.24 8.82
N SER S 105 -37.47 -35.51 9.04
CA SER S 105 -37.93 -36.90 9.08
C SER S 105 -37.71 -37.63 7.76
N THR S 106 -37.86 -36.94 6.64
CA THR S 106 -37.53 -37.51 5.34
C THR S 106 -36.07 -37.94 5.26
N ALA S 107 -35.15 -37.09 5.73
CA ALA S 107 -33.75 -37.49 5.67
C ALA S 107 -33.47 -38.65 6.62
N ARG S 108 -34.03 -38.59 7.83
CA ARG S 108 -33.87 -39.68 8.77
C ARG S 108 -34.40 -40.99 8.20
N LEU S 109 -35.50 -40.92 7.45
CA LEU S 109 -36.02 -42.12 6.81
C LEU S 109 -35.09 -42.64 5.74
N LYS S 110 -34.52 -41.77 4.90
CA LYS S 110 -33.57 -42.28 3.91
C LYS S 110 -32.39 -42.97 4.58
N VAL S 111 -31.93 -42.42 5.71
CA VAL S 111 -30.85 -43.05 6.48
C VAL S 111 -31.26 -44.42 7.00
N ALA S 112 -32.41 -44.50 7.68
CA ALA S 112 -32.84 -45.79 8.21
C ALA S 112 -33.13 -46.79 7.11
N THR S 113 -33.59 -46.33 5.94
CA THR S 113 -33.75 -47.21 4.79
C THR S 113 -32.45 -47.84 4.35
N ALA S 114 -31.39 -47.03 4.20
CA ALA S 114 -30.08 -47.60 3.93
C ALA S 114 -29.61 -48.55 5.02
N LEU S 115 -29.80 -48.19 6.29
CA LEU S 115 -29.45 -49.11 7.36
C LEU S 115 -30.13 -50.46 7.19
N LEU S 116 -31.45 -50.44 6.98
CA LEU S 116 -32.20 -51.68 6.82
C LEU S 116 -31.72 -52.49 5.63
N ARG S 117 -31.53 -51.85 4.47
CA ARG S 117 -31.04 -52.59 3.32
C ARG S 117 -29.70 -53.25 3.57
N MET S 118 -28.82 -52.58 4.33
CA MET S 118 -27.50 -53.14 4.56
C MET S 118 -27.53 -54.31 5.54
N ILE S 119 -28.27 -54.18 6.64
CA ILE S 119 -28.44 -55.36 7.50
C ILE S 119 -29.24 -56.47 6.84
N THR S 120 -30.15 -56.14 5.92
CA THR S 120 -30.77 -57.16 5.08
C THR S 120 -29.73 -57.95 4.29
N GLU S 121 -28.80 -57.26 3.63
CA GLU S 121 -27.76 -57.98 2.90
C GLU S 121 -26.88 -58.81 3.83
N GLU S 122 -26.58 -58.29 5.02
CA GLU S 122 -25.88 -59.10 6.01
C GLU S 122 -26.64 -60.36 6.38
N LEU S 123 -27.95 -60.25 6.60
CA LEU S 123 -28.75 -61.43 6.92
C LEU S 123 -28.77 -62.43 5.78
N LYS S 124 -29.04 -61.96 4.57
CA LYS S 124 -29.07 -62.84 3.40
C LYS S 124 -27.75 -63.59 3.25
N LYS S 125 -26.63 -62.90 3.40
CA LYS S 125 -25.33 -63.54 3.23
C LYS S 125 -25.01 -64.53 4.35
N ASN S 126 -25.31 -64.18 5.60
CA ASN S 126 -24.90 -64.99 6.76
C ASN S 126 -26.10 -65.21 7.69
N PRO S 127 -27.13 -65.88 7.22
CA PRO S 127 -28.37 -66.01 7.99
C PRO S 127 -28.23 -66.97 9.16
N SER S 128 -28.94 -66.63 10.24
CA SER S 128 -29.05 -67.47 11.42
C SER S 128 -30.22 -66.95 12.25
N GLU S 129 -30.63 -67.76 13.23
CA GLU S 129 -31.77 -67.37 14.05
C GLU S 129 -31.53 -66.05 14.78
N ASP S 130 -30.33 -65.88 15.34
CA ASP S 130 -29.99 -64.60 15.97
C ASP S 130 -30.09 -63.47 14.97
N ALA S 131 -29.60 -63.69 13.76
CA ALA S 131 -29.69 -62.67 12.72
C ALA S 131 -31.14 -62.37 12.34
N LEU S 132 -32.00 -63.40 12.32
CA LEU S 132 -33.41 -63.14 12.04
C LEU S 132 -34.05 -62.30 13.15
N VAL S 133 -33.75 -62.60 14.40
CA VAL S 133 -34.28 -61.79 15.50
C VAL S 133 -33.82 -60.35 15.35
N GLU S 134 -32.51 -60.15 15.17
CA GLU S 134 -31.98 -58.81 15.02
C GLU S 134 -32.61 -58.09 13.83
N HIS S 135 -32.82 -58.80 12.74
CA HIS S 135 -33.44 -58.21 11.57
C HIS S 135 -34.88 -57.80 11.85
N ASN S 136 -35.64 -58.63 12.53
CA ASN S 136 -37.00 -58.25 12.88
C ASN S 136 -37.02 -57.02 13.78
N ARG S 137 -36.11 -56.95 14.75
CA ARG S 137 -36.05 -55.73 15.58
C ARG S 137 -35.71 -54.50 14.76
N ALA S 138 -34.82 -54.65 13.77
CA ALA S 138 -34.52 -53.50 12.92
C ALA S 138 -35.67 -53.13 12.00
N ILE S 139 -36.45 -54.11 11.53
CA ILE S 139 -37.67 -53.78 10.81
C ILE S 139 -38.63 -53.01 11.68
N VAL S 140 -38.80 -53.42 12.94
CA VAL S 140 -39.71 -52.70 13.83
C VAL S 140 -39.23 -51.28 14.10
N ASN S 141 -37.93 -51.05 14.19
CA ASN S 141 -37.45 -49.68 14.32
C ASN S 141 -37.67 -48.87 13.04
N HIS S 142 -37.45 -49.48 11.87
CA HIS S 142 -37.72 -48.80 10.61
C HIS S 142 -39.19 -48.40 10.52
N ASN S 143 -40.09 -49.33 10.84
CA ASN S 143 -41.51 -49.00 10.88
C ASN S 143 -41.81 -47.87 11.85
N ALA S 144 -41.23 -47.89 13.05
CA ALA S 144 -41.47 -46.76 13.95
C ALA S 144 -41.06 -45.43 13.34
N ILE S 145 -40.03 -45.42 12.51
CA ILE S 145 -39.68 -44.18 11.81
C ILE S 145 -40.70 -43.83 10.72
N ILE S 146 -41.18 -44.82 9.98
CA ILE S 146 -42.28 -44.57 9.04
C ILE S 146 -43.47 -43.96 9.75
N VAL S 147 -43.87 -44.54 10.88
CA VAL S 147 -44.94 -43.97 11.70
C VAL S 147 -44.70 -42.50 12.03
N GLU S 148 -43.50 -42.16 12.52
CA GLU S 148 -43.25 -40.75 12.80
C GLU S 148 -43.35 -39.87 11.55
N ASN S 149 -42.89 -40.37 10.41
CA ASN S 149 -43.10 -39.63 9.16
C ASN S 149 -44.57 -39.40 8.88
N ASN S 150 -45.40 -40.41 9.13
CA ASN S 150 -46.82 -40.26 8.84
C ASN S 150 -47.48 -39.31 9.82
N ARG S 151 -47.02 -39.29 11.07
CA ARG S 151 -47.61 -38.38 12.04
C ARG S 151 -47.30 -36.95 11.65
N ILE S 152 -46.08 -36.70 11.18
CA ILE S 152 -45.74 -35.34 10.79
C ILE S 152 -46.51 -34.90 9.56
N ILE S 153 -46.63 -35.78 8.57
CA ILE S 153 -47.46 -35.48 7.39
C ILE S 153 -48.91 -35.18 7.76
N ALA S 154 -49.50 -35.98 8.65
CA ALA S 154 -50.84 -35.68 9.15
C ALA S 154 -50.91 -34.34 9.89
N ALA S 155 -49.90 -34.01 10.69
CA ALA S 155 -49.93 -32.72 11.37
C ALA S 155 -49.85 -31.57 10.36
N VAL S 156 -49.04 -31.74 9.32
CA VAL S 156 -48.98 -30.72 8.27
C VAL S 156 -50.34 -30.54 7.61
N LEU S 157 -51.01 -31.63 7.25
CA LEU S 157 -52.32 -31.48 6.63
C LEU S 157 -53.34 -30.86 7.57
N GLU S 158 -53.30 -31.21 8.85
CA GLU S 158 -54.16 -30.54 9.82
C GLU S 158 -53.94 -29.03 9.83
N LEU S 159 -52.66 -28.61 9.79
CA LEU S 159 -52.36 -27.18 9.75
C LEU S 159 -52.78 -26.53 8.45
N ILE S 160 -52.55 -27.18 7.32
CA ILE S 160 -52.94 -26.60 6.03
C ILE S 160 -54.44 -26.38 5.98
N VAL S 161 -55.22 -27.38 6.38
CA VAL S 161 -56.68 -27.21 6.40
C VAL S 161 -57.09 -26.12 7.36
N ARG S 162 -56.55 -26.11 8.59
CA ARG S 162 -56.92 -25.04 9.50
C ARG S 162 -56.51 -23.66 9.01
N ALA S 163 -55.37 -23.55 8.32
CA ALA S 163 -54.93 -22.28 7.76
C ALA S 163 -55.85 -21.81 6.65
N LEU S 164 -56.27 -22.71 5.77
CA LEU S 164 -57.27 -22.33 4.77
C LEU S 164 -58.59 -21.96 5.42
N ASN S 165 -58.90 -22.53 6.59
CA ASN S 165 -60.21 -22.36 7.23
C ASN S 165 -61.29 -23.05 6.42
N LEU S 166 -60.96 -24.19 5.85
CA LEU S 166 -61.83 -24.85 4.91
C LEU S 166 -63.01 -25.51 5.61
N THR S 167 -64.21 -25.20 5.14
CA THR S 167 -65.45 -25.56 5.82
C THR S 167 -66.09 -26.81 5.23
N ASP S 168 -65.45 -27.42 4.24
CA ASP S 168 -66.03 -28.56 3.54
C ASP S 168 -66.19 -29.74 4.49
N GLU S 169 -67.41 -30.24 4.62
CA GLU S 169 -67.68 -31.38 5.47
C GLU S 169 -66.95 -32.63 5.00
N GLU S 170 -66.71 -32.75 3.69
CA GLU S 170 -65.88 -33.85 3.22
C GLU S 170 -64.47 -33.78 3.80
N VAL S 171 -63.92 -32.58 3.93
CA VAL S 171 -62.60 -32.44 4.54
C VAL S 171 -62.64 -32.73 6.02
N ARG S 172 -63.63 -32.20 6.74
CA ARG S 172 -63.70 -32.49 8.17
C ARG S 172 -63.84 -33.97 8.44
N LYS S 173 -64.72 -34.64 7.69
CA LYS S 173 -64.86 -36.09 7.82
C LYS S 173 -63.53 -36.81 7.56
N ALA S 174 -62.85 -36.46 6.47
CA ALA S 174 -61.56 -37.11 6.21
C ALA S 174 -60.52 -36.83 7.27
N LEU S 175 -60.54 -35.65 7.89
CA LEU S 175 -59.62 -35.41 9.01
C LEU S 175 -59.99 -36.17 10.28
N GLU S 176 -61.27 -36.36 10.55
CA GLU S 176 -61.64 -37.22 11.67
C GLU S 176 -61.19 -38.66 11.44
N GLU S 177 -61.31 -39.14 10.19
CA GLU S 177 -60.73 -40.43 9.83
C GLU S 177 -59.22 -40.44 9.99
N LEU S 178 -58.54 -39.36 9.60
CA LEU S 178 -57.09 -39.34 9.68
C LEU S 178 -56.59 -39.33 11.12
N LYS S 179 -57.24 -38.58 12.00
CA LYS S 179 -56.88 -38.62 13.43
C LYS S 179 -57.17 -39.99 14.06
N ALA S 180 -58.29 -40.61 13.73
CA ALA S 180 -58.52 -41.97 14.22
C ALA S 180 -57.46 -42.95 13.73
N SER S 181 -57.14 -42.91 12.43
CA SER S 181 -56.08 -43.76 11.91
C SER S 181 -54.74 -43.51 12.59
N THR S 182 -54.43 -42.24 12.90
CA THR S 182 -53.18 -41.93 13.57
C THR S 182 -53.11 -42.50 14.99
N ALA S 183 -54.16 -42.33 15.78
CA ALA S 183 -54.16 -42.93 17.11
C ALA S 183 -54.12 -44.46 17.05
N GLU S 184 -54.83 -45.05 16.10
CA GLU S 184 -54.73 -46.48 15.90
C GLU S 184 -53.31 -46.91 15.56
N LEU S 185 -52.62 -46.14 14.73
CA LEU S 185 -51.25 -46.48 14.36
C LEU S 185 -50.29 -46.34 15.53
N LYS S 186 -50.48 -45.35 16.41
CA LYS S 186 -49.70 -45.32 17.64
C LYS S 186 -49.92 -46.58 18.48
N ARG S 187 -51.18 -46.95 18.70
CA ARG S 187 -51.44 -48.14 19.49
C ARG S 187 -50.81 -49.39 18.87
N ALA S 188 -50.97 -49.57 17.56
CA ALA S 188 -50.37 -50.73 16.90
C ALA S 188 -48.85 -50.72 16.98
N THR S 189 -48.23 -49.54 16.86
CA THR S 189 -46.79 -49.44 17.01
C THR S 189 -46.34 -49.87 18.40
N ALA S 190 -47.00 -49.37 19.44
CA ALA S 190 -46.68 -49.80 20.79
C ALA S 190 -46.83 -51.31 20.97
N SER S 191 -47.94 -51.87 20.48
CA SER S 191 -48.12 -53.32 20.56
C SER S 191 -47.01 -54.09 19.86
N LEU S 192 -46.55 -53.57 18.71
CA LEU S 192 -45.51 -54.27 17.97
C LEU S 192 -44.18 -54.17 18.70
N ARG S 193 -43.89 -53.03 19.32
CA ARG S 193 -42.68 -52.93 20.13
C ARG S 193 -42.76 -53.87 21.33
N ALA S 194 -43.96 -54.10 21.86
CA ALA S 194 -44.11 -55.03 22.97
C ALA S 194 -43.79 -56.46 22.58
N ILE S 195 -44.38 -56.94 21.48
CA ILE S 195 -44.05 -58.29 21.04
C ILE S 195 -42.60 -58.39 20.56
N THR S 196 -42.04 -57.31 20.02
CA THR S 196 -40.60 -57.30 19.71
C THR S 196 -39.74 -57.50 20.95
N GLU S 197 -40.09 -56.84 22.06
CA GLU S 197 -39.39 -57.10 23.32
C GLU S 197 -39.61 -58.52 23.83
N GLU S 198 -40.77 -59.11 23.55
CA GLU S 198 -40.93 -60.53 23.84
C GLU S 198 -39.99 -61.37 22.99
N LEU S 199 -39.97 -61.16 21.68
CA LEU S 199 -39.14 -61.98 20.82
C LEU S 199 -37.68 -61.87 21.25
N LYS S 200 -37.20 -60.65 21.46
CA LYS S 200 -35.83 -60.46 21.92
C LYS S 200 -35.57 -61.21 23.22
N LYS S 201 -36.57 -61.27 24.12
CA LYS S 201 -36.37 -62.08 25.32
C LYS S 201 -36.43 -63.59 25.03
N ASN S 202 -37.37 -64.03 24.20
CA ASN S 202 -37.64 -65.46 24.01
C ASN S 202 -37.69 -65.83 22.53
N PRO S 203 -36.57 -65.70 21.82
CA PRO S 203 -36.57 -65.95 20.38
C PRO S 203 -36.74 -67.41 20.03
N SER S 204 -37.66 -67.69 19.11
CA SER S 204 -37.88 -69.04 18.59
C SER S 204 -38.51 -68.91 17.21
N GLU S 205 -38.33 -69.96 16.39
CA GLU S 205 -38.95 -69.96 15.07
C GLU S 205 -40.45 -69.70 15.14
N ASP S 206 -41.15 -70.33 16.08
CA ASP S 206 -42.57 -70.07 16.22
C ASP S 206 -42.81 -68.62 16.59
N ALA S 207 -41.91 -68.05 17.40
CA ALA S 207 -42.06 -66.65 17.75
C ALA S 207 -41.75 -65.77 16.56
N LEU S 208 -40.69 -66.09 15.82
CA LEU S 208 -40.36 -65.31 14.64
C LEU S 208 -41.54 -65.25 13.68
N VAL S 209 -42.26 -66.38 13.54
CA VAL S 209 -43.42 -66.42 12.66
C VAL S 209 -44.56 -65.55 13.20
N GLU S 210 -44.91 -65.74 14.48
CA GLU S 210 -45.96 -64.91 15.07
C GLU S 210 -45.62 -63.42 14.98
N HIS S 211 -44.34 -63.10 15.08
CA HIS S 211 -43.90 -61.72 15.05
C HIS S 211 -44.04 -61.17 13.65
N ASN S 212 -43.55 -61.90 12.65
CA ASN S 212 -43.69 -61.45 11.27
C ASN S 212 -45.16 -61.25 10.91
N ARG S 213 -46.04 -62.11 11.42
CA ARG S 213 -47.48 -61.89 11.28
C ARG S 213 -47.91 -60.53 11.84
N ALA S 214 -47.49 -60.22 13.07
CA ALA S 214 -47.85 -58.93 13.64
C ALA S 214 -47.25 -57.76 12.86
N ILE S 215 -46.03 -57.91 12.34
CA ILE S 215 -45.46 -56.92 11.44
C ILE S 215 -46.36 -56.69 10.24
N VAL S 216 -46.81 -57.76 9.59
CA VAL S 216 -47.62 -57.58 8.39
C VAL S 216 -48.94 -56.89 8.71
N GLU S 217 -49.50 -57.16 9.89
CA GLU S 217 -50.67 -56.39 10.32
C GLU S 217 -50.36 -54.92 10.51
N HIS S 218 -49.19 -54.62 11.07
CA HIS S 218 -48.79 -53.23 11.27
C HIS S 218 -48.61 -52.51 9.94
N ASN S 219 -47.93 -53.15 8.99
CA ASN S 219 -47.79 -52.56 7.66
C ASN S 219 -49.14 -52.32 7.01
N ALA S 220 -50.09 -53.24 7.19
CA ALA S 220 -51.44 -53.00 6.66
C ALA S 220 -52.07 -51.74 7.26
N ILE S 221 -51.87 -51.53 8.56
CA ILE S 221 -52.38 -50.31 9.18
C ILE S 221 -51.69 -49.06 8.64
N ILE S 222 -50.39 -49.14 8.35
CA ILE S 222 -49.71 -48.01 7.72
C ILE S 222 -50.28 -47.73 6.33
N VAL S 223 -50.62 -48.77 5.59
CA VAL S 223 -51.23 -48.58 4.28
C VAL S 223 -52.59 -47.92 4.38
N GLU S 224 -53.39 -48.30 5.36
CA GLU S 224 -54.61 -47.54 5.63
C GLU S 224 -54.34 -46.07 5.95
N ASN S 225 -53.29 -45.80 6.72
CA ASN S 225 -52.96 -44.40 6.98
C ASN S 225 -52.63 -43.65 5.71
N ASN S 226 -51.83 -44.26 4.84
CA ASN S 226 -51.47 -43.59 3.59
C ASN S 226 -52.67 -43.38 2.67
N ARG S 227 -53.63 -44.30 2.69
CA ARG S 227 -54.86 -44.09 1.93
C ARG S 227 -55.62 -42.87 2.45
N ILE S 228 -55.80 -42.78 3.76
CA ILE S 228 -56.55 -41.64 4.30
C ILE S 228 -55.80 -40.34 4.00
N ILE S 229 -54.49 -40.33 4.16
CA ILE S 229 -53.69 -39.15 3.83
C ILE S 229 -53.93 -38.74 2.38
N ALA S 230 -53.92 -39.71 1.46
CA ALA S 230 -54.17 -39.35 0.07
C ALA S 230 -55.59 -38.81 -0.14
N LEU S 231 -56.59 -39.30 0.59
CA LEU S 231 -57.91 -38.67 0.45
C LEU S 231 -57.91 -37.24 0.93
N VAL S 232 -57.20 -36.96 2.02
CA VAL S 232 -57.12 -35.58 2.49
C VAL S 232 -56.41 -34.71 1.47
N LEU S 233 -55.28 -35.14 0.94
CA LEU S 233 -54.63 -34.34 -0.11
C LEU S 233 -55.55 -34.06 -1.29
N LEU S 234 -56.26 -35.08 -1.79
CA LEU S 234 -57.17 -34.86 -2.91
C LEU S 234 -58.28 -33.87 -2.58
N LEU S 235 -58.88 -33.99 -1.39
CA LEU S 235 -59.89 -33.02 -0.99
C LEU S 235 -59.33 -31.61 -0.85
N ILE S 236 -58.12 -31.47 -0.31
CA ILE S 236 -57.53 -30.14 -0.19
C ILE S 236 -57.26 -29.55 -1.57
N VAL S 237 -56.63 -30.33 -2.45
CA VAL S 237 -56.30 -29.82 -3.77
C VAL S 237 -57.55 -29.45 -4.56
N LEU S 238 -58.67 -30.13 -4.32
CA LEU S 238 -59.91 -29.67 -4.93
C LEU S 238 -60.44 -28.41 -4.26
N ALA S 239 -60.30 -28.30 -2.94
CA ALA S 239 -60.83 -27.13 -2.24
C ALA S 239 -60.03 -25.86 -2.48
N ILE S 240 -58.71 -25.95 -2.64
CA ILE S 240 -57.95 -24.75 -2.99
C ILE S 240 -58.33 -24.27 -4.37
N GLY T 15 -48.72 -88.33 -30.48
CA GLY T 15 -48.14 -87.18 -31.17
C GLY T 15 -46.64 -87.30 -31.34
N SER T 16 -46.05 -86.31 -31.99
CA SER T 16 -44.60 -86.24 -32.15
C SER T 16 -43.96 -85.58 -30.95
N GLU T 17 -42.63 -85.78 -30.82
CA GLU T 17 -41.90 -85.18 -29.71
C GLU T 17 -42.04 -83.67 -29.69
N GLU T 18 -42.16 -83.04 -30.86
CA GLU T 18 -42.44 -81.62 -30.90
C GLU T 18 -43.81 -81.30 -30.30
N GLU T 19 -44.83 -82.09 -30.66
CA GLU T 19 -46.16 -81.86 -30.11
C GLU T 19 -46.17 -82.06 -28.60
N ILE T 20 -45.59 -83.16 -28.13
CA ILE T 20 -45.56 -83.44 -26.69
C ILE T 20 -44.85 -82.31 -25.95
N ALA T 21 -43.68 -81.91 -26.46
CA ALA T 21 -42.92 -80.84 -25.81
C ALA T 21 -43.69 -79.52 -25.79
N LYS T 22 -44.29 -79.14 -26.92
CA LYS T 22 -45.12 -77.95 -26.96
C LYS T 22 -46.25 -78.02 -25.94
N ALA T 23 -46.96 -79.15 -25.90
CA ALA T 23 -48.05 -79.30 -24.96
C ALA T 23 -47.58 -79.27 -23.51
N LEU T 24 -46.38 -79.77 -23.22
CA LEU T 24 -45.83 -79.62 -21.88
C LEU T 24 -45.41 -78.19 -21.55
N GLU T 25 -44.96 -77.43 -22.54
CA GLU T 25 -44.78 -75.99 -22.33
C GLU T 25 -46.11 -75.31 -22.01
N GLU T 26 -47.18 -75.69 -22.70
CA GLU T 26 -48.51 -75.18 -22.38
C GLU T 26 -48.95 -75.62 -20.99
N LEU T 27 -48.61 -76.85 -20.61
CA LEU T 27 -48.96 -77.35 -19.28
C LEU T 27 -48.26 -76.55 -18.18
N VAL T 28 -46.95 -76.36 -18.32
CA VAL T 28 -46.22 -75.60 -17.31
C VAL T 28 -46.68 -74.14 -17.26
N ALA T 29 -47.01 -73.55 -18.40
CA ALA T 29 -47.65 -72.24 -18.41
C ALA T 29 -48.98 -72.25 -17.63
N SER T 30 -49.80 -73.26 -17.85
CA SER T 30 -51.05 -73.38 -17.10
C SER T 30 -50.81 -73.59 -15.62
N LEU T 31 -49.75 -74.32 -15.26
CA LEU T 31 -49.41 -74.51 -13.85
C LEU T 31 -48.99 -73.20 -13.20
N ALA T 32 -48.15 -72.41 -13.87
CA ALA T 32 -47.79 -71.10 -13.34
C ALA T 32 -49.01 -70.22 -13.16
N GLU T 33 -49.89 -70.18 -14.16
CA GLU T 33 -51.14 -69.45 -14.03
C GLU T 33 -52.00 -69.96 -12.88
N LEU T 34 -52.07 -71.28 -12.70
CA LEU T 34 -52.82 -71.85 -11.58
C LEU T 34 -52.24 -71.45 -10.24
N LYS T 35 -50.92 -71.48 -10.10
CA LYS T 35 -50.30 -71.03 -8.86
C LYS T 35 -50.65 -69.58 -8.57
N ARG T 36 -50.47 -68.71 -9.57
CA ARG T 36 -50.80 -67.30 -9.40
C ARG T 36 -52.27 -67.10 -8.98
N ALA T 37 -53.18 -67.80 -9.66
CA ALA T 37 -54.59 -67.71 -9.29
C ALA T 37 -54.86 -68.22 -7.88
N THR T 38 -54.14 -69.26 -7.46
CA THR T 38 -54.34 -69.77 -6.10
C THR T 38 -53.88 -68.74 -5.08
N LEU T 39 -52.76 -68.08 -5.35
CA LEU T 39 -52.29 -67.03 -4.45
C LEU T 39 -53.32 -65.90 -4.35
N LYS T 40 -53.79 -65.41 -5.50
CA LYS T 40 -54.84 -64.39 -5.51
C LYS T 40 -56.08 -64.82 -4.72
N LEU T 41 -56.53 -66.06 -4.91
CA LEU T 41 -57.70 -66.54 -4.18
C LEU T 41 -57.45 -66.58 -2.69
N LEU T 42 -56.23 -66.96 -2.28
CA LEU T 42 -55.92 -66.91 -0.85
C LEU T 42 -55.98 -65.48 -0.34
N VAL T 43 -55.53 -64.51 -1.14
CA VAL T 43 -55.60 -63.12 -0.72
C VAL T 43 -57.05 -62.73 -0.44
N ILE T 44 -57.91 -62.93 -1.43
CA ILE T 44 -59.28 -62.47 -1.25
C ILE T 44 -59.99 -63.27 -0.15
N THR T 45 -59.61 -64.52 0.06
CA THR T 45 -60.11 -65.27 1.22
C THR T 45 -59.73 -64.61 2.54
N GLU T 46 -58.49 -64.12 2.64
CA GLU T 46 -58.11 -63.42 3.86
C GLU T 46 -58.88 -62.11 4.01
N GLU T 47 -59.01 -61.36 2.92
CA GLU T 47 -59.75 -60.10 2.96
C GLU T 47 -61.21 -60.34 3.39
N LEU T 48 -61.82 -61.39 2.87
CA LEU T 48 -63.16 -61.77 3.29
C LEU T 48 -63.20 -62.14 4.77
N LYS T 49 -62.21 -62.88 5.24
CA LYS T 49 -62.17 -63.22 6.67
C LYS T 49 -62.09 -61.97 7.54
N LYS T 50 -61.27 -61.00 7.16
CA LYS T 50 -61.12 -59.79 7.97
C LYS T 50 -62.33 -58.87 7.91
N ASN T 51 -62.96 -58.71 6.74
CA ASN T 51 -64.03 -57.73 6.55
C ASN T 51 -65.22 -58.34 5.83
N PRO T 52 -65.85 -59.35 6.43
CA PRO T 52 -66.88 -60.11 5.71
C PRO T 52 -68.11 -59.28 5.43
N SER T 53 -68.66 -59.44 4.24
CA SER T 53 -69.84 -58.72 3.80
C SER T 53 -70.45 -59.43 2.61
N GLU T 54 -71.69 -59.10 2.31
CA GLU T 54 -72.42 -59.81 1.27
C GLU T 54 -71.76 -59.66 -0.09
N SER T 55 -71.37 -58.44 -0.46
CA SER T 55 -70.68 -58.26 -1.73
C SER T 55 -69.28 -58.87 -1.71
N ALA T 56 -68.63 -58.89 -0.56
CA ALA T 56 -67.38 -59.64 -0.45
C ALA T 56 -67.60 -61.13 -0.68
N LEU T 57 -68.67 -61.69 -0.13
CA LEU T 57 -68.99 -63.09 -0.37
C LEU T 57 -69.26 -63.36 -1.85
N VAL T 58 -70.06 -62.51 -2.49
CA VAL T 58 -70.35 -62.67 -3.91
C VAL T 58 -69.08 -62.61 -4.76
N SER T 59 -68.21 -61.64 -4.48
CA SER T 59 -67.00 -61.51 -5.27
C SER T 59 -66.03 -62.66 -5.00
N HIS T 60 -65.97 -63.13 -3.76
CA HIS T 60 -65.16 -64.30 -3.45
C HIS T 60 -65.63 -65.52 -4.22
N ASN T 61 -66.94 -65.78 -4.21
CA ASN T 61 -67.47 -66.90 -4.97
C ASN T 61 -67.18 -66.78 -6.47
N LYS T 62 -67.35 -65.59 -7.06
CA LYS T 62 -67.00 -65.42 -8.47
C LYS T 62 -65.52 -65.68 -8.74
N ALA T 63 -64.64 -65.25 -7.83
CA ALA T 63 -63.23 -65.56 -7.98
C ALA T 63 -62.96 -67.06 -7.89
N ILE T 64 -63.67 -67.76 -7.00
CA ILE T 64 -63.56 -69.21 -6.94
C ILE T 64 -63.99 -69.84 -8.26
N VAL T 65 -65.03 -69.29 -8.88
CA VAL T 65 -65.45 -69.81 -10.18
C VAL T 65 -64.38 -69.63 -11.25
N GLU T 66 -63.72 -68.48 -11.27
CA GLU T 66 -62.64 -68.31 -12.25
C GLU T 66 -61.42 -69.17 -11.95
N HIS T 67 -61.12 -69.40 -10.67
CA HIS T 67 -60.06 -70.34 -10.31
C HIS T 67 -60.39 -71.76 -10.75
N ASN T 68 -61.63 -72.20 -10.49
CA ASN T 68 -62.05 -73.52 -10.96
C ASN T 68 -61.97 -73.63 -12.48
N ALA T 69 -62.34 -72.57 -13.21
CA ALA T 69 -62.20 -72.62 -14.66
C ALA T 69 -60.74 -72.80 -15.08
N ILE T 70 -59.80 -72.16 -14.36
CA ILE T 70 -58.38 -72.41 -14.63
C ILE T 70 -58.00 -73.87 -14.36
N ILE T 71 -58.48 -74.43 -13.26
CA ILE T 71 -58.23 -75.85 -12.99
C ILE T 71 -58.75 -76.74 -14.11
N VAL T 72 -59.97 -76.46 -14.58
CA VAL T 72 -60.56 -77.24 -15.66
C VAL T 72 -59.73 -77.17 -16.94
N GLU T 73 -59.27 -75.98 -17.32
CA GLU T 73 -58.36 -75.90 -18.45
C GLU T 73 -57.06 -76.68 -18.24
N ASN T 74 -56.52 -76.64 -17.02
CA ASN T 74 -55.35 -77.46 -16.73
C ASN T 74 -55.61 -78.94 -16.93
N ASN T 75 -56.75 -79.43 -16.43
CA ASN T 75 -57.08 -80.84 -16.57
C ASN T 75 -57.35 -81.23 -18.02
N ARG T 76 -57.92 -80.30 -18.81
CA ARG T 76 -58.08 -80.56 -20.23
C ARG T 76 -56.73 -80.72 -20.92
N ILE T 77 -55.79 -79.83 -20.62
CA ILE T 77 -54.48 -79.94 -21.24
C ILE T 77 -53.78 -81.23 -20.81
N ILE T 78 -53.92 -81.61 -19.53
CA ILE T 78 -53.34 -82.87 -19.07
C ILE T 78 -53.94 -84.06 -19.82
N ALA T 79 -55.26 -84.09 -19.98
CA ALA T 79 -55.88 -85.17 -20.75
C ALA T 79 -55.39 -85.20 -22.19
N ALA T 80 -55.16 -84.02 -22.78
CA ALA T 80 -54.63 -83.99 -24.14
C ALA T 80 -53.23 -84.60 -24.19
N VAL T 81 -52.36 -84.18 -23.27
CA VAL T 81 -51.00 -84.69 -23.25
C VAL T 81 -51.03 -86.19 -23.07
N LEU T 82 -51.85 -86.67 -22.14
CA LEU T 82 -51.95 -88.12 -21.91
C LEU T 82 -52.40 -88.85 -23.17
N GLU T 83 -53.33 -88.28 -23.92
CA GLU T 83 -53.73 -88.92 -25.17
C GLU T 83 -52.58 -89.00 -26.17
N LEU T 84 -51.77 -87.95 -26.25
CA LEU T 84 -50.58 -88.01 -27.12
C LEU T 84 -49.54 -89.03 -26.61
N ILE T 85 -49.35 -89.12 -25.31
CA ILE T 85 -48.41 -90.09 -24.76
C ILE T 85 -48.87 -91.51 -25.01
N VAL T 86 -50.14 -91.80 -24.75
CA VAL T 86 -50.62 -93.16 -24.98
C VAL T 86 -50.58 -93.51 -26.46
N ARG T 87 -50.93 -92.58 -27.34
CA ARG T 87 -50.76 -92.89 -28.75
C ARG T 87 -49.30 -93.09 -29.11
N ALA T 88 -48.38 -92.44 -28.39
CA ALA T 88 -46.96 -92.70 -28.58
C ALA T 88 -46.60 -94.13 -28.22
N VAL T 89 -46.99 -94.57 -27.01
CA VAL T 89 -46.64 -95.92 -26.57
C VAL T 89 -47.55 -96.98 -27.20
N GLY T 90 -48.79 -96.64 -27.52
CA GLY T 90 -49.79 -97.64 -27.83
C GLY T 90 -50.77 -97.88 -26.69
N MET T 91 -52.05 -97.92 -27.06
CA MET T 91 -53.12 -98.32 -26.15
C MET T 91 -52.94 -99.75 -25.64
N THR T 92 -53.66 -100.05 -24.56
CA THR T 92 -53.85 -101.40 -24.08
C THR T 92 -55.24 -101.51 -23.52
N ASP T 93 -55.72 -102.74 -23.33
CA ASP T 93 -57.08 -102.95 -22.84
C ASP T 93 -57.40 -102.09 -21.64
N GLU T 94 -56.59 -102.18 -20.58
CA GLU T 94 -56.88 -101.41 -19.37
C GLU T 94 -56.61 -99.93 -19.58
N ILE T 95 -55.62 -99.60 -20.41
CA ILE T 95 -55.38 -98.21 -20.72
C ILE T 95 -56.56 -97.64 -21.52
N LEU T 96 -56.99 -98.36 -22.54
CA LEU T 96 -58.09 -97.85 -23.36
C LEU T 96 -59.36 -97.68 -22.53
N LEU T 97 -59.63 -98.62 -21.63
CA LEU T 97 -60.79 -98.46 -20.74
C LEU T 97 -60.63 -97.28 -19.79
N ALA T 98 -59.41 -97.01 -19.32
CA ALA T 98 -59.21 -95.85 -18.48
C ALA T 98 -59.29 -94.54 -19.26
N LEU T 99 -58.85 -94.52 -20.51
CA LEU T 99 -59.00 -93.34 -21.34
C LEU T 99 -60.46 -93.07 -21.71
N LEU T 100 -61.25 -94.13 -21.92
CA LEU T 100 -62.68 -93.92 -22.11
C LEU T 100 -63.33 -93.38 -20.84
N GLU T 101 -62.87 -93.83 -19.69
CA GLU T 101 -63.33 -93.26 -18.42
C GLU T 101 -62.89 -91.81 -18.28
N LEU T 102 -61.67 -91.49 -18.73
CA LEU T 102 -61.19 -90.12 -18.70
C LEU T 102 -62.01 -89.20 -19.60
N LYS T 103 -62.29 -89.64 -20.83
CA LYS T 103 -63.09 -88.82 -21.73
C LYS T 103 -64.50 -88.60 -21.19
N ALA T 104 -65.07 -89.63 -20.55
CA ALA T 104 -66.36 -89.44 -19.89
C ALA T 104 -66.26 -88.41 -18.78
N SER T 105 -65.27 -88.54 -17.90
CA SER T 105 -65.12 -87.58 -16.81
C SER T 105 -64.86 -86.16 -17.32
N THR T 106 -64.12 -86.03 -18.41
CA THR T 106 -63.94 -84.74 -19.06
C THR T 106 -65.25 -84.13 -19.51
N ALA T 107 -66.13 -84.93 -20.12
CA ALA T 107 -67.41 -84.37 -20.55
C ALA T 107 -68.28 -84.01 -19.36
N ARG T 108 -68.30 -84.88 -18.34
CA ARG T 108 -69.07 -84.58 -17.14
C ARG T 108 -68.57 -83.28 -16.49
N LEU T 109 -67.26 -83.06 -16.51
CA LEU T 109 -66.72 -81.83 -15.97
C LEU T 109 -67.11 -80.61 -16.81
N LYS T 110 -67.04 -80.70 -18.14
CA LYS T 110 -67.47 -79.56 -18.94
C LYS T 110 -68.93 -79.21 -18.68
N VAL T 111 -69.78 -80.22 -18.51
CA VAL T 111 -71.18 -79.97 -18.18
C VAL T 111 -71.32 -79.29 -16.83
N ALA T 112 -70.70 -79.85 -15.79
CA ALA T 112 -70.81 -79.23 -14.47
C ALA T 112 -70.16 -77.86 -14.42
N THR T 113 -69.12 -77.62 -15.21
CA THR T 113 -68.53 -76.29 -15.33
C THR T 113 -69.51 -75.27 -15.87
N ALA T 114 -70.20 -75.61 -16.96
CA ALA T 114 -71.26 -74.72 -17.44
C ALA T 114 -72.36 -74.53 -16.40
N LEU T 115 -72.78 -75.60 -15.73
CA LEU T 115 -73.77 -75.46 -14.67
C LEU T 115 -73.31 -74.45 -13.61
N LEU T 116 -72.08 -74.62 -13.13
CA LEU T 116 -71.57 -73.71 -12.10
C LEU T 116 -71.53 -72.28 -12.59
N ARG T 117 -71.01 -72.05 -13.80
CA ARG T 117 -70.98 -70.68 -14.32
C ARG T 117 -72.38 -70.07 -14.39
N MET T 118 -73.38 -70.87 -14.72
CA MET T 118 -74.73 -70.32 -14.86
C MET T 118 -75.36 -70.00 -13.50
N ILE T 119 -75.23 -70.90 -12.52
CA ILE T 119 -75.70 -70.54 -11.17
C ILE T 119 -74.86 -69.44 -10.54
N THR T 120 -73.58 -69.32 -10.91
CA THR T 120 -72.79 -68.14 -10.56
C THR T 120 -73.43 -66.86 -11.08
N GLU T 121 -73.82 -66.85 -12.34
CA GLU T 121 -74.49 -65.67 -12.89
C GLU T 121 -75.81 -65.39 -12.20
N GLU T 122 -76.56 -66.44 -11.87
CA GLU T 122 -77.77 -66.25 -11.07
C GLU T 122 -77.48 -65.62 -9.71
N LEU T 123 -76.45 -66.09 -9.01
CA LEU T 123 -76.11 -65.50 -7.72
C LEU T 123 -75.68 -64.05 -7.86
N LYS T 124 -74.78 -63.77 -8.80
CA LYS T 124 -74.33 -62.40 -9.02
C LYS T 124 -75.50 -61.47 -9.30
N LYS T 125 -76.44 -61.90 -10.14
CA LYS T 125 -77.59 -61.05 -10.45
C LYS T 125 -78.54 -60.90 -9.27
N ASN T 126 -78.81 -61.98 -8.54
CA ASN T 126 -79.82 -61.98 -7.48
C ASN T 126 -79.27 -62.60 -6.21
N PRO T 127 -78.25 -61.99 -5.62
CA PRO T 127 -77.58 -62.60 -4.47
C PRO T 127 -78.40 -62.52 -3.20
N SER T 128 -78.26 -63.57 -2.38
CA SER T 128 -78.87 -63.64 -1.06
C SER T 128 -78.19 -64.76 -0.29
N GLU T 129 -78.44 -64.80 1.02
CA GLU T 129 -77.79 -65.81 1.85
C GLU T 129 -78.17 -67.23 1.42
N ASP T 130 -79.45 -67.45 1.12
CA ASP T 130 -79.85 -68.75 0.61
C ASP T 130 -79.12 -69.08 -0.68
N ALA T 131 -79.00 -68.09 -1.56
CA ALA T 131 -78.28 -68.27 -2.81
C ALA T 131 -76.80 -68.55 -2.57
N LEU T 132 -76.21 -67.91 -1.56
CA LEU T 132 -74.81 -68.21 -1.23
C LEU T 132 -74.66 -69.65 -0.76
N VAL T 133 -75.57 -70.12 0.08
CA VAL T 133 -75.51 -71.51 0.53
C VAL T 133 -75.61 -72.45 -0.68
N GLU T 134 -76.63 -72.25 -1.52
CA GLU T 134 -76.80 -73.10 -2.68
C GLU T 134 -75.58 -73.08 -3.59
N HIS T 135 -74.99 -71.89 -3.77
CA HIS T 135 -73.81 -71.76 -4.60
C HIS T 135 -72.61 -72.48 -4.01
N ASN T 136 -72.39 -72.35 -2.71
CA ASN T 136 -71.30 -73.07 -2.07
C ASN T 136 -71.47 -74.58 -2.20
N ARG T 137 -72.68 -75.08 -2.01
CA ARG T 137 -72.91 -76.51 -2.21
C ARG T 137 -72.65 -76.95 -3.65
N ALA T 138 -72.98 -76.10 -4.62
CA ALA T 138 -72.68 -76.46 -6.00
C ALA T 138 -71.19 -76.37 -6.31
N ILE T 139 -70.47 -75.46 -5.66
CA ILE T 139 -69.01 -75.46 -5.76
C ILE T 139 -68.43 -76.75 -5.21
N VAL T 140 -68.94 -77.20 -4.06
CA VAL T 140 -68.43 -78.44 -3.46
C VAL T 140 -68.71 -79.64 -4.35
N ASN T 141 -69.86 -79.67 -5.02
CA ASN T 141 -70.10 -80.75 -5.98
C ASN T 141 -69.18 -80.65 -7.20
N HIS T 142 -68.94 -79.43 -7.69
CA HIS T 142 -68.00 -79.25 -8.78
C HIS T 142 -66.61 -79.76 -8.40
N ASN T 143 -66.12 -79.37 -7.23
CA ASN T 143 -64.85 -79.89 -6.74
C ASN T 143 -64.85 -81.41 -6.63
N ALA T 144 -65.90 -82.02 -6.08
CA ALA T 144 -65.94 -83.49 -6.04
C ALA T 144 -65.80 -84.10 -7.43
N ILE T 145 -66.31 -83.44 -8.46
CA ILE T 145 -66.09 -83.93 -9.83
C ILE T 145 -64.64 -83.73 -10.27
N ILE T 146 -64.04 -82.61 -9.93
CA ILE T 146 -62.60 -82.41 -10.17
C ILE T 146 -61.79 -83.55 -9.54
N VAL T 147 -62.09 -83.87 -8.28
CA VAL T 147 -61.44 -85.00 -7.60
C VAL T 147 -61.57 -86.29 -8.41
N GLU T 148 -62.79 -86.62 -8.85
CA GLU T 148 -62.92 -87.84 -9.64
C GLU T 148 -62.12 -87.78 -10.94
N ASN T 149 -62.07 -86.61 -11.58
CA ASN T 149 -61.21 -86.44 -12.75
C ASN T 149 -59.75 -86.72 -12.43
N ASN T 150 -59.29 -86.25 -11.27
CA ASN T 150 -57.89 -86.47 -10.92
C ASN T 150 -57.64 -87.92 -10.58
N ARG T 151 -58.62 -88.60 -9.99
CA ARG T 151 -58.41 -90.01 -9.68
C ARG T 151 -58.29 -90.82 -10.96
N ILE T 152 -59.08 -90.47 -11.97
CA ILE T 152 -59.00 -91.21 -13.22
C ILE T 152 -57.67 -90.93 -13.92
N ILE T 153 -57.24 -89.67 -13.95
CA ILE T 153 -55.92 -89.33 -14.49
C ILE T 153 -54.79 -90.06 -13.77
N ALA T 154 -54.84 -90.11 -12.43
CA ALA T 154 -53.87 -90.90 -11.69
C ALA T 154 -53.93 -92.40 -12.03
N ALA T 155 -55.12 -92.95 -12.20
CA ALA T 155 -55.20 -94.35 -12.59
C ALA T 155 -54.58 -94.58 -13.97
N VAL T 156 -54.81 -93.65 -14.89
CA VAL T 156 -54.20 -93.75 -16.21
C VAL T 156 -52.68 -93.74 -16.10
N LEU T 157 -52.12 -92.79 -15.33
CA LEU T 157 -50.67 -92.74 -15.19
C LEU T 157 -50.11 -93.99 -14.52
N GLU T 158 -50.82 -94.51 -13.50
CA GLU T 158 -50.42 -95.77 -12.90
C GLU T 158 -50.36 -96.89 -13.93
N LEU T 159 -51.34 -96.95 -14.83
CA LEU T 159 -51.33 -97.97 -15.87
C LEU T 159 -50.22 -97.74 -16.88
N ILE T 160 -49.99 -96.50 -17.29
CA ILE T 160 -48.92 -96.22 -18.24
C ILE T 160 -47.57 -96.63 -17.69
N VAL T 161 -47.27 -96.26 -16.44
CA VAL T 161 -46.00 -96.66 -15.85
C VAL T 161 -45.90 -98.17 -15.71
N ARG T 162 -46.95 -98.83 -15.20
CA ARG T 162 -46.86 -100.28 -15.10
C ARG T 162 -46.73 -100.95 -16.46
N ALA T 163 -47.36 -100.40 -17.49
CA ALA T 163 -47.23 -100.95 -18.84
C ALA T 163 -45.82 -100.80 -19.39
N LEU T 164 -45.20 -99.64 -19.18
CA LEU T 164 -43.80 -99.50 -19.56
C LEU T 164 -42.88 -100.42 -18.77
N ASN T 165 -43.26 -100.77 -17.54
CA ASN T 165 -42.37 -101.52 -16.65
C ASN T 165 -41.18 -100.66 -16.26
N LEU T 166 -41.43 -99.38 -16.07
CA LEU T 166 -40.36 -98.42 -15.87
C LEU T 166 -39.75 -98.55 -14.49
N THR T 167 -38.42 -98.69 -14.45
CA THR T 167 -37.68 -99.03 -13.24
C THR T 167 -37.08 -97.82 -12.55
N ASP T 168 -37.33 -96.62 -13.07
CA ASP T 168 -36.70 -95.41 -12.54
C ASP T 168 -37.18 -95.17 -11.11
N GLU T 169 -36.22 -95.11 -10.18
CA GLU T 169 -36.57 -94.84 -8.79
C GLU T 169 -37.17 -93.45 -8.62
N GLU T 170 -36.78 -92.50 -9.45
CA GLU T 170 -37.43 -91.19 -9.44
C GLU T 170 -38.91 -91.31 -9.79
N VAL T 171 -39.25 -92.19 -10.72
CA VAL T 171 -40.65 -92.41 -11.07
C VAL T 171 -41.39 -93.11 -9.94
N ARG T 172 -40.79 -94.14 -9.34
CA ARG T 172 -41.47 -94.82 -8.24
C ARG T 172 -41.73 -93.85 -7.09
N LYS T 173 -40.73 -93.05 -6.74
CA LYS T 173 -40.92 -92.02 -5.72
C LYS T 173 -42.04 -91.06 -6.08
N ALA T 174 -42.04 -90.56 -7.32
CA ALA T 174 -43.12 -89.65 -7.74
C ALA T 174 -44.49 -90.31 -7.71
N LEU T 175 -44.56 -91.61 -7.98
CA LEU T 175 -45.85 -92.29 -7.83
C LEU T 175 -46.25 -92.47 -6.37
N GLU T 176 -45.30 -92.67 -5.47
CA GLU T 176 -45.64 -92.67 -4.05
C GLU T 176 -46.16 -91.31 -3.59
N GLU T 177 -45.57 -90.23 -4.12
CA GLU T 177 -46.13 -88.90 -3.89
C GLU T 177 -47.52 -88.75 -4.48
N LEU T 178 -47.75 -89.28 -5.68
CA LEU T 178 -49.05 -89.12 -6.32
C LEU T 178 -50.14 -89.90 -5.59
N LYS T 179 -49.84 -91.12 -5.14
CA LYS T 179 -50.78 -91.88 -4.33
C LYS T 179 -51.06 -91.24 -2.96
N ALA T 180 -50.03 -90.70 -2.30
CA ALA T 180 -50.28 -89.96 -1.06
C ALA T 180 -51.15 -88.74 -1.30
N SER T 181 -50.84 -87.94 -2.32
CA SER T 181 -51.67 -86.79 -2.65
C SER T 181 -53.10 -87.20 -2.98
N THR T 182 -53.28 -88.33 -3.66
CA THR T 182 -54.62 -88.81 -3.98
C THR T 182 -55.43 -89.19 -2.75
N ALA T 183 -54.83 -89.95 -1.83
CA ALA T 183 -55.53 -90.26 -0.58
C ALA T 183 -55.80 -89.02 0.26
N GLU T 184 -54.86 -88.08 0.30
CA GLU T 184 -55.10 -86.82 0.96
C GLU T 184 -56.27 -86.07 0.34
N LEU T 185 -56.37 -86.08 -0.98
CA LEU T 185 -57.47 -85.39 -1.65
C LEU T 185 -58.82 -86.06 -1.39
N LYS T 186 -58.85 -87.39 -1.32
CA LYS T 186 -60.08 -88.05 -0.88
C LYS T 186 -60.49 -87.62 0.53
N ARG T 187 -59.56 -87.65 1.47
CA ARG T 187 -59.87 -87.23 2.83
C ARG T 187 -60.36 -85.79 2.90
N ALA T 188 -59.68 -84.88 2.21
CA ALA T 188 -60.11 -83.49 2.20
C ALA T 188 -61.48 -83.31 1.57
N THR T 189 -61.77 -84.07 0.51
CA THR T 189 -63.10 -84.02 -0.08
C THR T 189 -64.17 -84.46 0.90
N ALA T 190 -63.94 -85.56 1.60
CA ALA T 190 -64.89 -86.00 2.62
C ALA T 190 -65.10 -84.95 3.70
N SER T 191 -64.00 -84.35 4.20
CA SER T 191 -64.13 -83.30 5.20
C SER T 191 -64.94 -82.11 4.69
N LEU T 192 -64.74 -81.74 3.43
CA LEU T 192 -65.47 -80.60 2.89
C LEU T 192 -66.94 -80.92 2.69
N ARG T 193 -67.25 -82.14 2.28
CA ARG T 193 -68.67 -82.52 2.22
C ARG T 193 -69.31 -82.57 3.60
N ALA T 194 -68.53 -82.91 4.62
CA ALA T 194 -69.08 -82.91 5.97
C ALA T 194 -69.45 -81.50 6.44
N ILE T 195 -68.52 -80.56 6.30
CA ILE T 195 -68.88 -79.19 6.70
C ILE T 195 -69.92 -78.58 5.76
N THR T 196 -69.95 -78.97 4.49
CA THR T 196 -71.05 -78.56 3.61
C THR T 196 -72.40 -79.05 4.10
N GLU T 197 -72.49 -80.30 4.55
CA GLU T 197 -73.72 -80.79 5.17
C GLU T 197 -74.05 -80.07 6.47
N GLU T 198 -73.02 -79.61 7.20
CA GLU T 198 -73.30 -78.74 8.34
C GLU T 198 -73.90 -77.41 7.87
N LEU T 199 -73.28 -76.77 6.88
CA LEU T 199 -73.76 -75.48 6.42
C LEU T 199 -75.21 -75.60 5.95
N LYS T 200 -75.48 -76.62 5.12
CA LYS T 200 -76.84 -76.85 4.66
C LYS T 200 -77.79 -77.03 5.83
N LYS T 201 -77.33 -77.66 6.91
CA LYS T 201 -78.18 -77.74 8.10
C LYS T 201 -78.27 -76.40 8.84
N ASN T 202 -77.16 -75.69 8.99
CA ASN T 202 -77.10 -74.50 9.85
C ASN T 202 -76.45 -73.32 9.13
N PRO T 203 -77.06 -72.81 8.06
CA PRO T 203 -76.42 -71.74 7.27
C PRO T 203 -76.39 -70.42 8.04
N SER T 204 -75.22 -69.80 8.07
CA SER T 204 -75.05 -68.47 8.65
C SER T 204 -73.83 -67.82 8.01
N GLU T 205 -73.80 -66.49 8.04
CA GLU T 205 -72.65 -65.75 7.51
C GLU T 205 -71.34 -66.24 8.13
N ASP T 206 -71.29 -66.46 9.44
CA ASP T 206 -70.06 -66.97 10.03
C ASP T 206 -69.73 -68.34 9.44
N ALA T 207 -70.78 -69.13 9.17
CA ALA T 207 -70.56 -70.43 8.57
C ALA T 207 -70.13 -70.28 7.12
N LEU T 208 -70.79 -69.38 6.38
CA LEU T 208 -70.40 -69.17 4.99
C LEU T 208 -68.92 -68.81 4.88
N VAL T 209 -68.42 -68.00 5.82
CA VAL T 209 -67.01 -67.62 5.81
C VAL T 209 -66.12 -68.82 6.12
N GLU T 210 -66.42 -69.53 7.22
CA GLU T 210 -65.62 -70.70 7.55
C GLU T 210 -65.64 -71.73 6.42
N HIS T 211 -66.76 -71.83 5.73
CA HIS T 211 -66.92 -72.79 4.66
C HIS T 211 -66.09 -72.38 3.46
N ASN T 212 -66.19 -71.12 3.03
CA ASN T 212 -65.38 -70.66 1.91
C ASN T 212 -63.90 -70.85 2.19
N ARG T 213 -63.48 -70.63 3.44
CA ARG T 213 -62.11 -70.95 3.83
C ARG T 213 -61.78 -72.42 3.60
N ALA T 214 -62.64 -73.32 4.04
CA ALA T 214 -62.38 -74.75 3.81
C ALA T 214 -62.38 -75.10 2.33
N ILE T 215 -63.23 -74.47 1.53
CA ILE T 215 -63.16 -74.63 0.08
C ILE T 215 -61.77 -74.26 -0.44
N VAL T 216 -61.27 -73.10 -0.04
CA VAL T 216 -59.96 -72.67 -0.55
C VAL T 216 -58.84 -73.62 -0.12
N GLU T 217 -58.94 -74.19 1.08
CA GLU T 217 -57.99 -75.24 1.47
C GLU T 217 -58.11 -76.48 0.59
N HIS T 218 -59.34 -76.85 0.25
CA HIS T 218 -59.54 -78.01 -0.61
C HIS T 218 -58.95 -77.75 -1.99
N ASN T 219 -59.20 -76.58 -2.55
CA ASN T 219 -58.60 -76.21 -3.82
C ASN T 219 -57.07 -76.24 -3.76
N ALA T 220 -56.49 -75.79 -2.65
CA ALA T 220 -55.03 -75.86 -2.51
C ALA T 220 -54.53 -77.31 -2.58
N ILE T 221 -55.25 -78.23 -1.96
CA ILE T 221 -54.86 -79.64 -2.06
C ILE T 221 -55.01 -80.16 -3.48
N ILE T 222 -56.03 -79.71 -4.20
CA ILE T 222 -56.17 -80.08 -5.61
C ILE T 222 -55.00 -79.56 -6.43
N VAL T 223 -54.55 -78.34 -6.14
CA VAL T 223 -53.39 -77.79 -6.85
C VAL T 223 -52.12 -78.58 -6.59
N GLU T 224 -51.90 -79.01 -5.34
CA GLU T 224 -50.79 -79.94 -5.07
C GLU T 224 -50.93 -81.26 -5.83
N ASN T 225 -52.14 -81.79 -5.93
CA ASN T 225 -52.33 -83.01 -6.72
C ASN T 225 -51.97 -82.79 -8.18
N ASN T 226 -52.40 -81.67 -8.74
CA ASN T 226 -52.11 -81.37 -10.13
C ASN T 226 -50.62 -81.15 -10.39
N ARG T 227 -49.90 -80.56 -9.41
CA ARG T 227 -48.46 -80.43 -9.54
C ARG T 227 -47.79 -81.81 -9.59
N ILE T 228 -48.16 -82.70 -8.69
CA ILE T 228 -47.53 -84.02 -8.68
C ILE T 228 -47.85 -84.76 -9.98
N ILE T 229 -49.09 -84.68 -10.44
CA ILE T 229 -49.46 -85.29 -11.71
C ILE T 229 -48.56 -84.77 -12.83
N ALA T 230 -48.33 -83.46 -12.88
CA ALA T 230 -47.45 -82.92 -13.91
C ALA T 230 -46.01 -83.42 -13.77
N LEU T 231 -45.53 -83.64 -12.53
CA LEU T 231 -44.19 -84.22 -12.40
C LEU T 231 -44.15 -85.64 -12.94
N VAL T 232 -45.20 -86.40 -12.71
CA VAL T 232 -45.24 -87.74 -13.28
C VAL T 232 -45.24 -87.70 -14.79
N LEU T 233 -46.06 -86.84 -15.40
CA LEU T 233 -46.01 -86.73 -16.85
C LEU T 233 -44.63 -86.38 -17.39
N LEU T 234 -43.96 -85.40 -16.76
CA LEU T 234 -42.61 -85.04 -17.21
C LEU T 234 -41.63 -86.20 -17.09
N LEU T 235 -41.67 -86.94 -15.97
CA LEU T 235 -40.83 -88.11 -15.82
C LEU T 235 -41.14 -89.19 -16.86
N ILE T 236 -42.41 -89.41 -17.17
CA ILE T 236 -42.74 -90.41 -18.18
C ILE T 236 -42.21 -89.99 -19.54
N VAL T 237 -42.47 -88.73 -19.94
CA VAL T 237 -42.02 -88.28 -21.25
C VAL T 237 -40.51 -88.32 -21.36
N LEU T 238 -39.78 -88.12 -20.26
CA LEU T 238 -38.34 -88.32 -20.30
C LEU T 238 -37.97 -89.80 -20.38
N ALA T 239 -38.72 -90.66 -19.69
CA ALA T 239 -38.38 -92.08 -19.68
C ALA T 239 -38.68 -92.78 -21.00
N ILE T 240 -39.73 -92.38 -21.70
CA ILE T 240 -39.97 -92.94 -23.03
C ILE T 240 -38.85 -92.53 -23.98
N GLY U 15 -51.85 -27.49 -35.26
CA GLY U 15 -51.42 -28.74 -35.87
C GLY U 15 -51.68 -28.78 -37.36
N SER U 16 -51.28 -29.88 -38.00
CA SER U 16 -51.53 -30.08 -39.42
C SER U 16 -52.91 -30.69 -39.63
N GLU U 17 -53.39 -30.60 -40.87
CA GLU U 17 -54.69 -31.16 -41.22
C GLU U 17 -54.76 -32.66 -40.92
N GLU U 18 -53.63 -33.35 -41.06
CA GLU U 18 -53.58 -34.75 -40.67
C GLU U 18 -53.77 -34.93 -39.18
N GLU U 19 -53.12 -34.10 -38.36
CA GLU U 19 -53.27 -34.21 -36.91
C GLU U 19 -54.71 -33.94 -36.51
N ILE U 20 -55.30 -32.85 -37.01
CA ILE U 20 -56.67 -32.51 -36.65
C ILE U 20 -57.61 -33.64 -37.06
N ALA U 21 -57.47 -34.13 -38.28
CA ALA U 21 -58.33 -35.21 -38.77
C ALA U 21 -58.17 -36.47 -37.95
N LYS U 22 -56.93 -36.88 -37.68
CA LYS U 22 -56.70 -38.03 -36.82
C LYS U 22 -57.36 -37.86 -35.46
N ALA U 23 -57.16 -36.70 -34.82
CA ALA U 23 -57.76 -36.46 -33.53
C ALA U 23 -59.28 -36.45 -33.57
N LEU U 24 -59.88 -35.99 -34.67
CA LEU U 24 -61.32 -36.10 -34.83
C LEU U 24 -61.78 -37.53 -35.06
N GLU U 25 -60.96 -38.35 -35.72
CA GLU U 25 -61.24 -39.79 -35.76
C GLU U 25 -61.21 -40.40 -34.36
N GLU U 26 -60.25 -39.98 -33.54
CA GLU U 26 -60.22 -40.42 -32.15
C GLU U 26 -61.44 -39.94 -31.39
N LEU U 27 -61.89 -38.72 -31.68
CA LEU U 27 -63.08 -38.18 -31.03
C LEU U 27 -64.33 -38.97 -31.39
N VAL U 28 -64.52 -39.25 -32.67
CA VAL U 28 -65.70 -40.01 -33.09
C VAL U 28 -65.65 -41.45 -32.57
N ALA U 29 -64.45 -42.05 -32.51
CA ALA U 29 -64.30 -43.34 -31.83
C ALA U 29 -64.69 -43.27 -30.36
N SER U 30 -64.24 -42.23 -29.65
CA SER U 30 -64.61 -42.06 -28.26
C SER U 30 -66.11 -41.81 -28.10
N LEU U 31 -66.72 -41.09 -29.04
CA LEU U 31 -68.16 -40.87 -29.00
C LEU U 31 -68.94 -42.15 -29.21
N ALA U 32 -68.53 -42.98 -30.17
CA ALA U 32 -69.19 -44.28 -30.35
C ALA U 32 -69.06 -45.12 -29.08
N GLU U 33 -67.87 -45.16 -28.50
CA GLU U 33 -67.67 -45.87 -27.22
C GLU U 33 -68.55 -45.29 -26.13
N LEU U 34 -68.67 -43.97 -26.06
CA LEU U 34 -69.54 -43.32 -25.07
C LEU U 34 -71.01 -43.68 -25.28
N LYS U 35 -71.47 -43.69 -26.52
CA LYS U 35 -72.85 -44.11 -26.78
C LYS U 35 -73.08 -45.54 -26.31
N ARG U 36 -72.18 -46.46 -26.70
CA ARG U 36 -72.28 -47.85 -26.29
C ARG U 36 -72.33 -47.99 -24.77
N ALA U 37 -71.42 -47.28 -24.08
CA ALA U 37 -71.41 -47.30 -22.62
C ALA U 37 -72.69 -46.72 -22.03
N THR U 38 -73.26 -45.70 -22.67
CA THR U 38 -74.52 -45.14 -22.16
C THR U 38 -75.64 -46.15 -22.28
N LEU U 39 -75.69 -46.87 -23.40
CA LEU U 39 -76.70 -47.92 -23.55
C LEU U 39 -76.54 -49.00 -22.48
N LYS U 40 -75.32 -49.52 -22.32
CA LYS U 40 -75.07 -50.50 -21.26
C LYS U 40 -75.47 -49.99 -19.88
N LEU U 41 -75.13 -48.74 -19.56
CA LEU U 41 -75.49 -48.19 -18.26
C LEU U 41 -77.00 -48.10 -18.10
N LEU U 42 -77.71 -47.75 -19.18
CA LEU U 42 -79.16 -47.75 -19.11
C LEU U 42 -79.70 -49.15 -18.84
N VAL U 43 -79.06 -50.16 -19.44
CA VAL U 43 -79.48 -51.53 -19.19
C VAL U 43 -79.38 -51.85 -17.72
N ILE U 44 -78.19 -51.66 -17.15
CA ILE U 44 -78.02 -52.07 -15.76
C ILE U 44 -78.85 -51.20 -14.83
N THR U 45 -79.12 -49.95 -15.20
CA THR U 45 -80.08 -49.14 -14.44
C THR U 45 -81.47 -49.76 -14.44
N GLU U 46 -81.92 -50.28 -15.58
CA GLU U 46 -83.21 -50.95 -15.60
C GLU U 46 -83.20 -52.22 -14.78
N GLU U 47 -82.14 -53.02 -14.90
CA GLU U 47 -82.04 -54.25 -14.12
C GLU U 47 -82.06 -53.95 -12.62
N LEU U 48 -81.35 -52.91 -12.20
CA LEU U 48 -81.39 -52.46 -10.81
C LEU U 48 -82.79 -52.02 -10.41
N LYS U 49 -83.49 -51.29 -11.28
CA LYS U 49 -84.85 -50.88 -10.97
C LYS U 49 -85.77 -52.08 -10.75
N LYS U 50 -85.65 -53.10 -11.60
CA LYS U 50 -86.52 -54.27 -11.47
C LYS U 50 -86.17 -55.13 -10.26
N ASN U 51 -84.89 -55.31 -9.97
CA ASN U 51 -84.44 -56.24 -8.93
C ASN U 51 -83.39 -55.59 -8.03
N PRO U 52 -83.76 -54.51 -7.35
CA PRO U 52 -82.75 -53.71 -6.63
C PRO U 52 -82.19 -54.47 -5.43
N SER U 53 -80.88 -54.33 -5.24
CA SER U 53 -80.20 -54.99 -4.14
C SER U 53 -78.85 -54.32 -3.90
N GLU U 54 -78.28 -54.58 -2.73
CA GLU U 54 -77.05 -53.90 -2.31
C GLU U 54 -75.88 -54.20 -3.25
N SER U 55 -75.67 -55.47 -3.60
CA SER U 55 -74.60 -55.79 -4.54
C SER U 55 -74.89 -55.28 -5.94
N ALA U 56 -76.16 -55.23 -6.32
CA ALA U 56 -76.53 -54.56 -7.57
C ALA U 56 -76.18 -53.08 -7.51
N LEU U 57 -76.44 -52.42 -6.37
CA LEU U 57 -76.07 -51.02 -6.22
C LEU U 57 -74.57 -50.81 -6.34
N VAL U 58 -73.77 -51.64 -5.65
CA VAL U 58 -72.32 -51.53 -5.73
C VAL U 58 -71.82 -51.71 -7.16
N SER U 59 -72.31 -52.73 -7.85
CA SER U 59 -71.82 -52.97 -9.22
C SER U 59 -72.30 -51.89 -10.18
N HIS U 60 -73.52 -51.39 -9.98
CA HIS U 60 -74.01 -50.29 -10.79
C HIS U 60 -73.16 -49.04 -10.59
N ASN U 61 -72.87 -48.69 -9.35
CA ASN U 61 -72.00 -47.55 -9.07
C ASN U 61 -70.62 -47.70 -9.69
N LYS U 62 -70.01 -48.88 -9.59
CA LYS U 62 -68.72 -49.07 -10.25
C LYS U 62 -68.82 -48.90 -11.77
N ALA U 63 -69.92 -49.37 -12.37
CA ALA U 63 -70.12 -49.15 -13.80
C ALA U 63 -70.28 -47.66 -14.12
N ILE U 64 -70.97 -46.92 -13.25
CA ILE U 64 -71.08 -45.47 -13.41
C ILE U 64 -69.70 -44.81 -13.35
N VAL U 65 -68.84 -45.30 -12.47
CA VAL U 65 -67.47 -44.76 -12.39
C VAL U 65 -66.71 -45.01 -13.69
N GLU U 66 -66.84 -46.20 -14.26
CA GLU U 66 -66.15 -46.43 -15.54
C GLU U 66 -66.75 -45.63 -16.69
N HIS U 67 -68.07 -45.41 -16.67
CA HIS U 67 -68.68 -44.52 -17.65
C HIS U 67 -68.17 -43.08 -17.51
N ASN U 68 -68.09 -42.59 -16.28
CA ASN U 68 -67.53 -41.26 -16.05
C ASN U 68 -66.09 -41.17 -16.51
N ALA U 69 -65.29 -42.20 -16.28
CA ALA U 69 -63.92 -42.19 -16.80
C ALA U 69 -63.90 -42.08 -18.31
N ILE U 70 -64.83 -42.74 -19.00
CA ILE U 70 -64.93 -42.57 -20.45
C ILE U 70 -65.29 -41.13 -20.83
N ILE U 71 -66.23 -40.52 -20.10
CA ILE U 71 -66.56 -39.12 -20.35
C ILE U 71 -65.33 -38.22 -20.19
N VAL U 72 -64.56 -38.45 -19.13
CA VAL U 72 -63.36 -37.65 -18.89
C VAL U 72 -62.36 -37.78 -20.04
N GLU U 73 -62.12 -39.00 -20.51
CA GLU U 73 -61.27 -39.18 -21.69
C GLU U 73 -61.84 -38.47 -22.93
N ASN U 74 -63.15 -38.49 -23.11
CA ASN U 74 -63.77 -37.74 -24.19
C ASN U 74 -63.45 -36.25 -24.10
N ASN U 75 -63.58 -35.69 -22.90
CA ASN U 75 -63.29 -34.27 -22.72
C ASN U 75 -61.81 -33.95 -22.89
N ARG U 76 -60.94 -34.88 -22.53
CA ARG U 76 -59.51 -34.67 -22.79
C ARG U 76 -59.24 -34.59 -24.28
N ILE U 77 -59.80 -35.51 -25.05
CA ILE U 77 -59.57 -35.48 -26.49
C ILE U 77 -60.14 -34.20 -27.11
N ILE U 78 -61.31 -33.77 -26.65
CA ILE U 78 -61.88 -32.51 -27.14
C ILE U 78 -60.96 -31.33 -26.82
N ALA U 79 -60.45 -31.25 -25.59
CA ALA U 79 -59.52 -30.18 -25.25
C ALA U 79 -58.26 -30.21 -26.10
N ALA U 80 -57.78 -31.40 -26.45
CA ALA U 80 -56.63 -31.50 -27.33
C ALA U 80 -56.95 -30.94 -28.69
N VAL U 81 -58.09 -31.34 -29.25
CA VAL U 81 -58.48 -30.85 -30.56
C VAL U 81 -58.59 -29.33 -30.56
N LEU U 82 -59.22 -28.77 -29.53
CA LEU U 82 -59.34 -27.32 -29.45
C LEU U 82 -57.99 -26.63 -29.39
N GLU U 83 -57.03 -27.21 -28.67
CA GLU U 83 -55.70 -26.60 -28.67
C GLU U 83 -55.07 -26.61 -30.06
N LEU U 84 -55.24 -27.70 -30.80
CA LEU U 84 -54.74 -27.71 -32.18
C LEU U 84 -55.47 -26.72 -33.08
N ILE U 85 -56.78 -26.59 -32.92
CA ILE U 85 -57.55 -25.63 -33.71
C ILE U 85 -57.12 -24.20 -33.42
N VAL U 86 -57.02 -23.85 -32.13
CA VAL U 86 -56.64 -22.47 -31.81
C VAL U 86 -55.22 -22.18 -32.29
N ARG U 87 -54.29 -23.13 -32.12
CA ARG U 87 -52.97 -22.87 -32.67
C ARG U 87 -53.00 -22.74 -34.20
N ALA U 88 -53.95 -23.42 -34.86
CA ALA U 88 -54.15 -23.23 -36.28
C ALA U 88 -54.60 -21.82 -36.63
N VAL U 89 -55.65 -21.34 -35.98
CA VAL U 89 -56.18 -20.01 -36.28
C VAL U 89 -55.36 -18.89 -35.65
N GLY U 90 -54.73 -19.13 -34.50
CA GLY U 90 -54.21 -18.05 -33.68
C GLY U 90 -55.05 -17.74 -32.46
N MET U 91 -54.36 -17.59 -31.34
CA MET U 91 -54.94 -17.13 -30.08
C MET U 91 -55.50 -15.71 -30.17
N THR U 92 -56.34 -15.37 -29.20
CA THR U 92 -56.76 -14.01 -28.92
C THR U 92 -56.93 -13.89 -27.40
N ASP U 93 -57.01 -12.65 -26.93
CA ASP U 93 -57.09 -12.40 -25.48
C ASP U 93 -58.13 -13.27 -24.79
N GLU U 94 -59.37 -13.22 -25.27
CA GLU U 94 -60.42 -13.99 -24.61
C GLU U 94 -60.24 -15.48 -24.83
N ILE U 95 -59.70 -15.88 -25.98
CA ILE U 95 -59.41 -17.28 -26.21
C ILE U 95 -58.30 -17.74 -25.27
N LEU U 96 -57.22 -16.97 -25.16
CA LEU U 96 -56.13 -17.42 -24.30
C LEU U 96 -56.58 -17.54 -22.85
N LEU U 97 -57.40 -16.60 -22.37
CA LEU U 97 -57.92 -16.72 -21.02
C LEU U 97 -58.85 -17.92 -20.86
N ALA U 98 -59.63 -18.24 -21.90
CA ALA U 98 -60.47 -19.42 -21.82
C ALA U 98 -59.68 -20.71 -21.91
N LEU U 99 -58.60 -20.74 -22.68
CA LEU U 99 -57.75 -21.94 -22.71
C LEU U 99 -57.02 -22.15 -21.39
N LEU U 100 -56.60 -21.07 -20.72
CA LEU U 100 -56.04 -21.25 -19.38
C LEU U 100 -57.10 -21.75 -18.41
N GLU U 101 -58.33 -21.28 -18.55
CA GLU U 101 -59.42 -21.83 -17.75
C GLU U 101 -59.69 -23.30 -18.08
N LEU U 102 -59.60 -23.64 -19.36
CA LEU U 102 -59.78 -25.03 -19.76
C LEU U 102 -58.70 -25.94 -19.21
N LYS U 103 -57.43 -25.53 -19.30
CA LYS U 103 -56.35 -26.34 -18.77
C LYS U 103 -56.47 -26.51 -17.26
N ALA U 104 -56.89 -25.46 -16.56
CA ALA U 104 -57.15 -25.61 -15.13
C ALA U 104 -58.26 -26.61 -14.87
N SER U 105 -59.39 -26.47 -15.57
CA SER U 105 -60.50 -27.40 -15.37
C SER U 105 -60.13 -28.83 -15.72
N THR U 106 -59.31 -29.03 -16.75
CA THR U 106 -58.78 -30.35 -17.06
C THR U 106 -58.00 -30.95 -15.91
N ALA U 107 -57.12 -30.16 -15.29
CA ALA U 107 -56.37 -30.73 -14.17
C ALA U 107 -57.27 -31.00 -12.97
N ARG U 108 -58.17 -30.08 -12.67
CA ARG U 108 -59.12 -30.31 -11.59
C ARG U 108 -59.94 -31.56 -11.82
N LEU U 109 -60.31 -31.81 -13.08
CA LEU U 109 -61.05 -33.03 -13.40
C LEU U 109 -60.20 -34.28 -13.20
N LYS U 110 -58.94 -34.26 -13.63
CA LYS U 110 -58.11 -35.45 -13.37
C LYS U 110 -58.01 -35.74 -11.87
N VAL U 111 -57.90 -34.68 -11.07
CA VAL U 111 -57.87 -34.85 -9.61
C VAL U 111 -59.17 -35.45 -9.10
N ALA U 112 -60.31 -34.86 -9.47
CA ALA U 112 -61.58 -35.40 -8.99
C ALA U 112 -61.85 -36.81 -9.51
N THR U 113 -61.36 -37.14 -10.70
CA THR U 113 -61.43 -38.49 -11.23
C THR U 113 -60.69 -39.49 -10.35
N ALA U 114 -59.45 -39.17 -9.98
CA ALA U 114 -58.74 -40.02 -9.02
C ALA U 114 -59.45 -40.10 -7.68
N LEU U 115 -59.97 -38.99 -7.17
CA LEU U 115 -60.74 -39.04 -5.93
C LEU U 115 -61.89 -40.02 -6.04
N LEU U 116 -62.69 -39.91 -7.10
CA LEU U 116 -63.82 -40.81 -7.28
C LEU U 116 -63.39 -42.26 -7.37
N ARG U 117 -62.37 -42.56 -8.18
CA ARG U 117 -61.91 -43.94 -8.27
C ARG U 117 -61.45 -44.49 -6.93
N MET U 118 -60.84 -43.64 -6.09
CA MET U 118 -60.34 -44.15 -4.81
C MET U 118 -61.46 -44.40 -3.81
N ILE U 119 -62.42 -43.49 -3.71
CA ILE U 119 -63.58 -43.81 -2.87
C ILE U 119 -64.43 -44.94 -3.46
N THR U 120 -64.43 -45.11 -4.78
CA THR U 120 -65.01 -46.32 -5.39
C THR U 120 -64.34 -47.58 -4.87
N GLU U 121 -63.01 -47.63 -4.85
CA GLU U 121 -62.33 -48.80 -4.32
C GLU U 121 -62.62 -49.01 -2.84
N GLU U 122 -62.70 -47.92 -2.08
CA GLU U 122 -63.14 -48.04 -0.69
C GLU U 122 -64.53 -48.64 -0.57
N LEU U 123 -65.47 -48.19 -1.40
CA LEU U 123 -66.82 -48.76 -1.36
C LEU U 123 -66.82 -50.24 -1.73
N LYS U 124 -66.16 -50.59 -2.83
CA LYS U 124 -66.08 -51.98 -3.24
C LYS U 124 -65.53 -52.86 -2.13
N LYS U 125 -64.46 -52.41 -1.47
CA LYS U 125 -63.85 -53.21 -0.41
C LYS U 125 -64.74 -53.27 0.83
N ASN U 126 -65.36 -52.15 1.22
CA ASN U 126 -66.10 -52.07 2.49
C ASN U 126 -67.48 -51.46 2.26
N PRO U 127 -68.33 -52.12 1.48
CA PRO U 127 -69.61 -51.53 1.10
C PRO U 127 -70.61 -51.52 2.24
N SER U 128 -71.41 -50.46 2.26
CA SER U 128 -72.51 -50.32 3.21
C SER U 128 -73.42 -49.21 2.70
N GLU U 129 -74.61 -49.11 3.29
CA GLU U 129 -75.56 -48.10 2.84
C GLU U 129 -75.01 -46.70 3.00
N ASP U 130 -74.38 -46.41 4.13
CA ASP U 130 -73.75 -45.12 4.32
C ASP U 130 -72.70 -44.86 3.25
N ALA U 131 -71.90 -45.88 2.93
CA ALA U 131 -70.89 -45.74 1.89
C ALA U 131 -71.52 -45.50 0.53
N LEU U 132 -72.66 -46.14 0.26
CA LEU U 132 -73.35 -45.88 -1.00
C LEU U 132 -73.86 -44.45 -1.08
N VAL U 133 -74.41 -43.93 0.00
CA VAL U 133 -74.86 -42.54 0.00
C VAL U 133 -73.67 -41.61 -0.26
N GLU U 134 -72.59 -41.79 0.50
CA GLU U 134 -71.41 -40.94 0.31
C GLU U 134 -70.89 -41.05 -1.13
N HIS U 135 -70.91 -42.25 -1.68
CA HIS U 135 -70.45 -42.47 -3.05
C HIS U 135 -71.33 -41.74 -4.05
N ASN U 136 -72.65 -41.82 -3.88
CA ASN U 136 -73.56 -41.10 -4.76
C ASN U 136 -73.33 -39.59 -4.70
N ARG U 137 -73.14 -39.05 -3.50
CA ARG U 137 -72.84 -37.62 -3.39
C ARG U 137 -71.52 -37.26 -4.08
N ALA U 138 -70.53 -38.14 -3.99
CA ALA U 138 -69.28 -37.86 -4.70
C ALA U 138 -69.41 -38.01 -6.21
N ILE U 139 -70.27 -38.92 -6.68
CA ILE U 139 -70.58 -38.97 -8.11
C ILE U 139 -71.23 -37.68 -8.57
N VAL U 140 -72.17 -37.16 -7.80
CA VAL U 140 -72.83 -35.91 -8.18
C VAL U 140 -71.85 -34.73 -8.20
N ASN U 141 -70.88 -34.70 -7.28
CA ASN U 141 -69.85 -33.67 -7.38
C ASN U 141 -68.94 -33.86 -8.58
N HIS U 142 -68.57 -35.10 -8.89
CA HIS U 142 -67.76 -35.36 -10.08
C HIS U 142 -68.48 -34.89 -11.33
N ASN U 143 -69.76 -35.24 -11.46
CA ASN U 143 -70.55 -34.73 -12.58
C ASN U 143 -70.59 -33.21 -12.62
N ALA U 144 -70.80 -32.56 -11.48
CA ALA U 144 -70.76 -31.09 -11.50
C ALA U 144 -69.44 -30.53 -12.04
N ILE U 145 -68.34 -31.23 -11.79
CA ILE U 145 -67.07 -30.79 -12.40
C ILE U 145 -67.04 -31.05 -13.91
N ILE U 146 -67.55 -32.19 -14.35
CA ILE U 146 -67.70 -32.43 -15.78
C ILE U 146 -68.52 -31.32 -16.44
N VAL U 147 -69.66 -30.98 -15.84
CA VAL U 147 -70.47 -29.87 -16.34
C VAL U 147 -69.65 -28.59 -16.48
N GLU U 148 -68.92 -28.20 -15.44
CA GLU U 148 -68.11 -26.99 -15.58
C GLU U 148 -67.08 -27.09 -16.70
N ASN U 149 -66.48 -28.27 -16.86
CA ASN U 149 -65.58 -28.49 -18.00
C ASN U 149 -66.28 -28.27 -19.33
N ASN U 150 -67.52 -28.74 -19.44
CA ASN U 150 -68.23 -28.59 -20.70
C ASN U 150 -68.63 -27.15 -20.93
N ARG U 151 -68.93 -26.41 -19.87
CA ARG U 151 -69.29 -25.01 -20.04
C ARG U 151 -68.10 -24.23 -20.54
N ILE U 152 -66.91 -24.54 -20.04
CA ILE U 152 -65.72 -23.83 -20.48
C ILE U 152 -65.39 -24.19 -21.92
N ILE U 153 -65.49 -25.46 -22.29
CA ILE U 153 -65.30 -25.86 -23.69
C ILE U 153 -66.30 -25.16 -24.62
N ALA U 154 -67.56 -25.08 -24.24
CA ALA U 154 -68.53 -24.31 -25.01
C ALA U 154 -68.17 -22.84 -25.10
N ALA U 155 -67.68 -22.23 -24.03
CA ALA U 155 -67.28 -20.84 -24.11
C ALA U 155 -66.11 -20.66 -25.08
N VAL U 156 -65.16 -21.59 -25.06
CA VAL U 156 -64.05 -21.54 -26.01
C VAL U 156 -64.57 -21.61 -27.44
N LEU U 157 -65.47 -22.55 -27.73
CA LEU U 157 -65.98 -22.64 -29.10
C LEU U 157 -66.76 -21.41 -29.51
N GLU U 158 -67.55 -20.84 -28.59
CA GLU U 158 -68.21 -19.58 -28.86
C GLU U 158 -67.22 -18.50 -29.25
N LEU U 159 -66.11 -18.42 -28.52
CA LEU U 159 -65.08 -17.42 -28.84
C LEU U 159 -64.38 -17.72 -30.16
N ILE U 160 -64.05 -18.98 -30.44
CA ILE U 160 -63.39 -19.32 -31.69
C ILE U 160 -64.26 -18.95 -32.88
N VAL U 161 -65.54 -19.29 -32.83
CA VAL U 161 -66.44 -18.93 -33.92
C VAL U 161 -66.56 -17.41 -34.04
N ARG U 162 -66.77 -16.70 -32.93
CA ARG U 162 -66.85 -15.24 -33.05
C ARG U 162 -65.56 -14.61 -33.54
N ALA U 163 -64.41 -15.16 -33.17
CA ALA U 163 -63.12 -14.65 -33.65
C ALA U 163 -62.96 -14.87 -35.15
N LEU U 164 -63.35 -16.04 -35.65
CA LEU U 164 -63.34 -16.27 -37.08
C LEU U 164 -64.34 -15.36 -37.78
N ASN U 165 -65.41 -14.96 -37.10
CA ASN U 165 -66.50 -14.21 -37.72
C ASN U 165 -67.25 -15.09 -38.72
N LEU U 166 -67.39 -16.36 -38.38
CA LEU U 166 -67.89 -17.33 -39.33
C LEU U 166 -69.39 -17.17 -39.52
N THR U 167 -69.80 -17.06 -40.78
CA THR U 167 -71.16 -16.70 -41.16
C THR U 167 -72.01 -17.90 -41.51
N ASP U 168 -71.46 -19.11 -41.38
CA ASP U 168 -72.16 -20.32 -41.80
C ASP U 168 -73.39 -20.54 -40.93
N GLU U 169 -74.55 -20.63 -41.58
CA GLU U 169 -75.79 -20.87 -40.85
C GLU U 169 -75.80 -22.23 -40.17
N GLU U 170 -75.08 -23.19 -40.73
CA GLU U 170 -74.92 -24.48 -40.04
C GLU U 170 -74.22 -24.30 -38.70
N VAL U 171 -73.22 -23.43 -38.64
CA VAL U 171 -72.55 -23.16 -37.39
C VAL U 171 -73.44 -22.40 -36.42
N ARG U 172 -74.15 -21.38 -36.89
CA ARG U 172 -75.03 -20.64 -35.99
C ARG U 172 -76.10 -21.56 -35.41
N LYS U 173 -76.71 -22.39 -36.25
CA LYS U 173 -77.68 -23.36 -35.75
C LYS U 173 -77.06 -24.30 -34.71
N ALA U 174 -75.88 -24.84 -35.00
CA ALA U 174 -75.24 -25.71 -34.01
C ALA U 174 -74.88 -25.00 -32.72
N LEU U 175 -74.55 -23.71 -32.77
CA LEU U 175 -74.32 -22.98 -31.53
C LEU U 175 -75.60 -22.68 -30.76
N GLU U 176 -76.71 -22.45 -31.46
CA GLU U 176 -77.99 -22.34 -30.75
C GLU U 176 -78.35 -23.64 -30.05
N GLU U 177 -78.09 -24.76 -30.71
CA GLU U 177 -78.22 -26.05 -30.05
C GLU U 177 -77.27 -26.19 -28.87
N LEU U 178 -76.03 -25.73 -29.00
CA LEU U 178 -75.08 -25.89 -27.91
C LEU U 178 -75.43 -25.03 -26.70
N LYS U 179 -75.88 -23.80 -26.91
CA LYS U 179 -76.35 -22.98 -25.80
C LYS U 179 -77.60 -23.54 -25.13
N ALA U 180 -78.55 -24.06 -25.91
CA ALA U 180 -79.70 -24.73 -25.30
C ALA U 180 -79.28 -25.95 -24.48
N SER U 181 -78.42 -26.80 -25.03
CA SER U 181 -77.92 -27.94 -24.27
C SER U 181 -77.20 -27.52 -23.00
N THR U 182 -76.44 -26.42 -23.05
CA THR U 182 -75.75 -25.94 -21.84
C THR U 182 -76.71 -25.47 -20.76
N ALA U 183 -77.71 -24.66 -21.12
CA ALA U 183 -78.71 -24.26 -20.12
C ALA U 183 -79.49 -25.45 -19.57
N GLU U 184 -79.83 -26.40 -20.44
CA GLU U 184 -80.45 -27.63 -19.97
C GLU U 184 -79.56 -28.38 -18.99
N LEU U 185 -78.26 -28.43 -19.26
CA LEU U 185 -77.34 -29.13 -18.36
C LEU U 185 -77.20 -28.43 -17.02
N LYS U 186 -77.21 -27.10 -17.00
CA LYS U 186 -77.28 -26.40 -15.71
C LYS U 186 -78.53 -26.76 -14.93
N ARG U 187 -79.69 -26.71 -15.58
CA ARG U 187 -80.93 -27.06 -14.88
C ARG U 187 -80.90 -28.48 -14.35
N ALA U 188 -80.47 -29.45 -15.17
CA ALA U 188 -80.40 -30.83 -14.73
C ALA U 188 -79.41 -31.02 -13.58
N THR U 189 -78.27 -30.32 -13.63
CA THR U 189 -77.32 -30.38 -12.53
C THR U 189 -77.93 -29.86 -11.23
N ALA U 190 -78.58 -28.71 -11.28
CA ALA U 190 -79.25 -28.21 -10.08
C ALA U 190 -80.29 -29.18 -9.55
N SER U 191 -81.12 -29.75 -10.43
CA SER U 191 -82.10 -30.74 -9.99
C SER U 191 -81.43 -31.94 -9.34
N LEU U 192 -80.29 -32.37 -9.88
CA LEU U 192 -79.63 -33.54 -9.31
C LEU U 192 -79.01 -33.21 -7.96
N ARG U 193 -78.48 -32.00 -7.80
CA ARG U 193 -77.99 -31.61 -6.47
C ARG U 193 -79.14 -31.51 -5.47
N ALA U 194 -80.33 -31.14 -5.94
CA ALA U 194 -81.48 -31.07 -5.05
C ALA U 194 -81.88 -32.44 -4.53
N ILE U 195 -82.05 -33.40 -5.44
CA ILE U 195 -82.38 -34.74 -4.97
C ILE U 195 -81.23 -35.39 -4.19
N THR U 196 -79.98 -35.06 -4.52
CA THR U 196 -78.87 -35.50 -3.69
C THR U 196 -78.95 -34.98 -2.26
N GLU U 197 -79.30 -33.70 -2.09
CA GLU U 197 -79.55 -33.16 -0.75
C GLU U 197 -80.75 -33.82 -0.06
N GLU U 198 -81.75 -34.24 -0.83
CA GLU U 198 -82.81 -35.05 -0.26
C GLU U 198 -82.27 -36.39 0.22
N LEU U 199 -81.53 -37.08 -0.63
CA LEU U 199 -81.01 -38.40 -0.27
C LEU U 199 -80.17 -38.30 0.99
N LYS U 200 -79.26 -37.32 1.02
CA LYS U 200 -78.45 -37.11 2.22
C LYS U 200 -79.32 -36.89 3.44
N LYS U 201 -80.46 -36.22 3.29
CA LYS U 201 -81.35 -36.11 4.45
C LYS U 201 -82.07 -37.42 4.75
N ASN U 202 -82.54 -38.14 3.73
CA ASN U 202 -83.41 -39.30 3.92
C ASN U 202 -82.93 -40.51 3.11
N PRO U 203 -81.75 -41.03 3.43
CA PRO U 203 -81.18 -42.13 2.63
C PRO U 203 -81.95 -43.42 2.83
N SER U 204 -82.29 -44.08 1.72
CA SER U 204 -82.95 -45.38 1.74
C SER U 204 -82.66 -46.08 0.43
N GLU U 205 -82.74 -47.42 0.45
CA GLU U 205 -82.54 -48.20 -0.76
C GLU U 205 -83.46 -47.74 -1.90
N ASP U 206 -84.73 -47.49 -1.60
CA ASP U 206 -85.62 -46.98 -2.65
C ASP U 206 -85.12 -45.63 -3.14
N ALA U 207 -84.58 -44.83 -2.23
CA ALA U 207 -84.06 -43.53 -2.62
C ALA U 207 -82.79 -43.72 -3.41
N LEU U 208 -81.90 -44.60 -2.95
CA LEU U 208 -80.66 -44.85 -3.68
C LEU U 208 -80.95 -45.23 -5.12
N VAL U 209 -82.00 -46.04 -5.33
CA VAL U 209 -82.37 -46.45 -6.69
C VAL U 209 -82.89 -45.27 -7.49
N GLU U 210 -83.84 -44.52 -6.93
CA GLU U 210 -84.37 -43.35 -7.63
C GLU U 210 -83.26 -42.36 -7.94
N HIS U 211 -82.27 -42.26 -7.06
CA HIS U 211 -81.18 -41.33 -7.25
C HIS U 211 -80.29 -41.80 -8.38
N ASN U 212 -79.89 -43.07 -8.37
CA ASN U 212 -79.07 -43.59 -9.46
C ASN U 212 -79.77 -43.41 -10.80
N ARG U 213 -81.10 -43.56 -10.82
CA ARG U 213 -81.87 -43.22 -12.01
C ARG U 213 -81.69 -41.78 -12.44
N ALA U 214 -81.82 -40.84 -11.50
CA ALA U 214 -81.60 -39.44 -11.87
C ALA U 214 -80.18 -39.16 -12.32
N ILE U 215 -79.19 -39.81 -11.71
CA ILE U 215 -77.82 -39.74 -12.20
C ILE U 215 -77.74 -40.16 -13.66
N VAL U 216 -78.35 -41.30 -13.99
CA VAL U 216 -78.26 -41.77 -15.38
C VAL U 216 -78.93 -40.82 -16.34
N GLU U 217 -80.01 -40.16 -15.92
CA GLU U 217 -80.59 -39.11 -16.76
C GLU U 217 -79.63 -37.93 -16.95
N HIS U 218 -78.93 -37.56 -15.88
CA HIS U 218 -77.97 -36.47 -15.99
C HIS U 218 -76.82 -36.84 -16.94
N ASN U 219 -76.30 -38.05 -16.80
CA ASN U 219 -75.27 -38.51 -17.73
C ASN U 219 -75.75 -38.51 -19.17
N ALA U 220 -77.01 -38.90 -19.40
CA ALA U 220 -77.54 -38.82 -20.76
C ALA U 220 -77.52 -37.39 -21.30
N ILE U 221 -77.84 -36.41 -20.44
CA ILE U 221 -77.77 -35.02 -20.87
C ILE U 221 -76.33 -34.59 -21.15
N ILE U 222 -75.36 -35.08 -20.35
CA ILE U 222 -73.96 -34.79 -20.65
C ILE U 222 -73.53 -35.38 -21.98
N VAL U 223 -74.02 -36.57 -22.30
CA VAL U 223 -73.69 -37.18 -23.59
C VAL U 223 -74.28 -36.38 -24.75
N GLU U 224 -75.51 -35.89 -24.61
CA GLU U 224 -76.03 -34.96 -25.60
C GLU U 224 -75.19 -33.70 -25.73
N ASN U 225 -74.70 -33.16 -24.62
CA ASN U 225 -73.83 -32.00 -24.71
C ASN U 225 -72.55 -32.31 -25.48
N ASN U 226 -71.93 -33.45 -25.20
CA ASN U 226 -70.69 -33.81 -25.92
C ASN U 226 -70.94 -34.07 -27.39
N ARG U 227 -72.10 -34.61 -27.75
CA ARG U 227 -72.43 -34.75 -29.17
C ARG U 227 -72.52 -33.39 -29.85
N ILE U 228 -73.24 -32.45 -29.24
CA ILE U 228 -73.37 -31.14 -29.87
C ILE U 228 -72.00 -30.45 -29.98
N ILE U 229 -71.21 -30.53 -28.92
CA ILE U 229 -69.86 -29.96 -28.96
C ILE U 229 -69.05 -30.54 -30.11
N ALA U 230 -69.09 -31.86 -30.27
CA ALA U 230 -68.36 -32.46 -31.40
C ALA U 230 -68.90 -32.03 -32.76
N LEU U 231 -70.21 -31.82 -32.89
CA LEU U 231 -70.71 -31.32 -34.16
C LEU U 231 -70.20 -29.91 -34.44
N VAL U 232 -70.15 -29.08 -33.40
CA VAL U 232 -69.60 -27.73 -33.59
C VAL U 232 -68.13 -27.81 -34.00
N LEU U 233 -67.33 -28.62 -33.32
CA LEU U 233 -65.94 -28.74 -33.76
C LEU U 233 -65.82 -29.18 -35.22
N LEU U 234 -66.62 -30.17 -35.64
CA LEU U 234 -66.56 -30.60 -37.04
C LEU U 234 -66.94 -29.48 -38.01
N LEU U 235 -67.99 -28.72 -37.69
CA LEU U 235 -68.34 -27.58 -38.54
C LEU U 235 -67.25 -26.52 -38.57
N ILE U 236 -66.61 -26.25 -37.43
CA ILE U 236 -65.53 -25.26 -37.42
C ILE U 236 -64.36 -25.73 -38.26
N VAL U 237 -63.92 -26.98 -38.05
CA VAL U 237 -62.78 -27.49 -38.79
C VAL U 237 -63.05 -27.52 -40.29
N LEU U 238 -64.30 -27.73 -40.70
CA LEU U 238 -64.60 -27.59 -42.12
C LEU U 238 -64.59 -26.12 -42.56
N ALA U 239 -65.07 -25.21 -41.71
CA ALA U 239 -65.13 -23.81 -42.09
C ALA U 239 -63.76 -23.12 -42.14
N ILE U 240 -62.82 -23.49 -41.28
CA ILE U 240 -61.48 -22.94 -41.41
C ILE U 240 -60.84 -23.41 -42.70
N GLY V 15 -77.51 -89.81 -28.32
CA GLY V 15 -76.16 -89.45 -28.73
C GLY V 15 -75.11 -89.87 -27.72
N SER V 16 -73.85 -89.62 -28.05
CA SER V 16 -72.74 -89.89 -27.13
C SER V 16 -72.52 -88.72 -26.18
N GLU V 17 -71.79 -89.00 -25.10
CA GLU V 17 -71.49 -87.98 -24.11
C GLU V 17 -70.77 -86.79 -24.73
N GLU V 18 -69.95 -87.03 -25.75
CA GLU V 18 -69.33 -85.93 -26.48
C GLU V 18 -70.37 -85.09 -27.21
N GLU V 19 -71.34 -85.75 -27.85
CA GLU V 19 -72.39 -85.00 -28.55
C GLU V 19 -73.20 -84.18 -27.56
N ILE V 20 -73.63 -84.81 -26.46
CA ILE V 20 -74.44 -84.11 -25.46
C ILE V 20 -73.68 -82.90 -24.92
N ALA V 21 -72.40 -83.09 -24.55
CA ALA V 21 -71.62 -81.99 -24.02
C ALA V 21 -71.43 -80.86 -25.04
N LYS V 22 -71.09 -81.21 -26.28
CA LYS V 22 -70.99 -80.20 -27.33
C LYS V 22 -72.30 -79.43 -27.49
N ALA V 23 -73.42 -80.14 -27.57
CA ALA V 23 -74.71 -79.48 -27.71
C ALA V 23 -75.05 -78.59 -26.51
N LEU V 24 -74.64 -78.98 -25.31
CA LEU V 24 -74.81 -78.09 -24.15
C LEU V 24 -73.89 -76.87 -24.20
N GLU V 25 -72.70 -77.01 -24.76
CA GLU V 25 -71.88 -75.83 -25.05
C GLU V 25 -72.56 -74.90 -26.05
N GLU V 26 -73.19 -75.47 -27.07
CA GLU V 26 -73.97 -74.66 -28.01
C GLU V 26 -75.16 -74.01 -27.33
N LEU V 27 -75.79 -74.72 -26.39
CA LEU V 27 -76.92 -74.16 -25.66
C LEU V 27 -76.50 -72.99 -24.79
N VAL V 28 -75.42 -73.14 -24.03
CA VAL V 28 -74.95 -72.05 -23.18
C VAL V 28 -74.47 -70.86 -24.00
N ALA V 29 -73.84 -71.11 -25.16
CA ALA V 29 -73.55 -70.02 -26.10
C ALA V 29 -74.81 -69.30 -26.57
N SER V 30 -75.85 -70.07 -26.91
CA SER V 30 -77.12 -69.46 -27.31
C SER V 30 -77.76 -68.70 -26.17
N LEU V 31 -77.62 -69.17 -24.94
CA LEU V 31 -78.15 -68.45 -23.79
C LEU V 31 -77.42 -67.14 -23.55
N ALA V 32 -76.10 -67.13 -23.64
CA ALA V 32 -75.36 -65.87 -23.54
C ALA V 32 -75.78 -64.88 -24.62
N GLU V 33 -75.87 -65.36 -25.86
CA GLU V 33 -76.35 -64.52 -26.95
C GLU V 33 -77.77 -64.01 -26.70
N LEU V 34 -78.65 -64.87 -26.18
CA LEU V 34 -80.01 -64.45 -25.86
C LEU V 34 -80.04 -63.40 -24.77
N LYS V 35 -79.23 -63.55 -23.73
CA LYS V 35 -79.16 -62.52 -22.70
C LYS V 35 -78.72 -61.18 -23.28
N ARG V 36 -77.63 -61.20 -24.05
CA ARG V 36 -77.15 -59.98 -24.69
C ARG V 36 -78.22 -59.32 -25.55
N ALA V 37 -78.90 -60.11 -26.38
CA ALA V 37 -79.98 -59.59 -27.22
C ALA V 37 -81.12 -59.04 -26.38
N THR V 38 -81.44 -59.68 -25.25
CA THR V 38 -82.51 -59.17 -24.39
C THR V 38 -82.12 -57.82 -23.81
N LEU V 39 -80.87 -57.66 -23.40
CA LEU V 39 -80.41 -56.37 -22.89
C LEU V 39 -80.52 -55.29 -23.97
N LYS V 40 -80.01 -55.59 -25.18
CA LYS V 40 -80.15 -54.65 -26.29
C LYS V 40 -81.61 -54.27 -26.55
N LEU V 41 -82.50 -55.26 -26.54
CA LEU V 41 -83.91 -54.98 -26.77
C LEU V 41 -84.48 -54.10 -25.69
N LEU V 42 -84.05 -54.31 -24.44
CA LEU V 42 -84.49 -53.43 -23.37
C LEU V 42 -84.00 -52.00 -23.61
N VAL V 43 -82.79 -51.86 -24.13
CA VAL V 43 -82.28 -50.53 -24.44
C VAL V 43 -83.20 -49.84 -25.43
N ILE V 44 -83.43 -50.49 -26.58
CA ILE V 44 -84.21 -49.81 -27.60
C ILE V 44 -85.66 -49.62 -27.17
N THR V 45 -86.17 -50.50 -26.30
CA THR V 45 -87.48 -50.25 -25.69
C THR V 45 -87.49 -48.96 -24.87
N GLU V 46 -86.43 -48.71 -24.11
CA GLU V 46 -86.36 -47.45 -23.37
C GLU V 46 -86.24 -46.26 -24.32
N GLU V 47 -85.39 -46.37 -25.34
CA GLU V 47 -85.24 -45.28 -26.30
C GLU V 47 -86.55 -44.97 -27.01
N LEU V 48 -87.30 -46.00 -27.39
CA LEU V 48 -88.63 -45.80 -27.97
C LEU V 48 -89.58 -45.14 -26.97
N LYS V 49 -89.55 -45.55 -25.70
CA LYS V 49 -90.39 -44.92 -24.69
C LYS V 49 -90.08 -43.43 -24.55
N LYS V 50 -88.80 -43.07 -24.52
CA LYS V 50 -88.43 -41.67 -24.34
C LYS V 50 -88.72 -40.82 -25.57
N ASN V 51 -88.48 -41.35 -26.77
CA ASN V 51 -88.59 -40.57 -28.01
C ASN V 51 -89.37 -41.33 -29.07
N PRO V 52 -90.64 -41.63 -28.79
CA PRO V 52 -91.39 -42.54 -29.66
C PRO V 52 -91.67 -41.91 -31.02
N SER V 53 -91.54 -42.73 -32.06
CA SER V 53 -91.78 -42.26 -33.42
C SER V 53 -92.00 -43.47 -34.32
N GLU V 54 -92.55 -43.21 -35.50
CA GLU V 54 -92.94 -44.28 -36.41
C GLU V 54 -91.74 -45.12 -36.84
N SER V 55 -90.65 -44.46 -37.24
CA SER V 55 -89.46 -45.22 -37.61
C SER V 55 -88.82 -45.90 -36.41
N ALA V 56 -88.92 -45.29 -35.23
CA ALA V 56 -88.52 -45.97 -34.01
C ALA V 56 -89.36 -47.22 -33.77
N LEU V 57 -90.67 -47.13 -34.01
CA LEU V 57 -91.53 -48.30 -33.89
C LEU V 57 -91.13 -49.40 -34.87
N VAL V 58 -90.89 -49.04 -36.12
CA VAL V 58 -90.47 -50.02 -37.12
C VAL V 58 -89.17 -50.71 -36.71
N SER V 59 -88.18 -49.93 -36.27
CA SER V 59 -86.90 -50.54 -35.91
C SER V 59 -87.01 -51.38 -34.64
N HIS V 60 -87.83 -50.94 -33.68
CA HIS V 60 -88.08 -51.73 -32.48
C HIS V 60 -88.72 -53.06 -32.83
N ASN V 61 -89.76 -53.05 -33.66
CA ASN V 61 -90.39 -54.28 -34.10
C ASN V 61 -89.43 -55.20 -34.82
N LYS V 62 -88.60 -54.67 -35.72
CA LYS V 62 -87.61 -55.52 -36.38
C LYS V 62 -86.61 -56.13 -35.39
N ALA V 63 -86.21 -55.37 -34.38
CA ALA V 63 -85.34 -55.93 -33.35
C ALA V 63 -86.05 -57.02 -32.56
N ILE V 64 -87.33 -56.85 -32.28
CA ILE V 64 -88.11 -57.91 -31.63
C ILE V 64 -88.16 -59.16 -32.51
N VAL V 65 -88.28 -58.98 -33.82
CA VAL V 65 -88.26 -60.13 -34.72
C VAL V 65 -86.92 -60.87 -34.68
N GLU V 66 -85.82 -60.13 -34.63
CA GLU V 66 -84.53 -60.81 -34.53
C GLU V 66 -84.32 -61.47 -33.17
N HIS V 67 -84.84 -60.86 -32.10
CA HIS V 67 -84.82 -61.49 -30.78
C HIS V 67 -85.63 -62.78 -30.78
N ASN V 68 -86.83 -62.76 -31.36
CA ASN V 68 -87.63 -63.97 -31.47
C ASN V 68 -86.91 -65.04 -32.28
N ALA V 69 -86.23 -64.67 -33.36
CA ALA V 69 -85.46 -65.65 -34.11
C ALA V 69 -84.37 -66.28 -33.25
N ILE V 70 -83.74 -65.50 -32.37
CA ILE V 70 -82.78 -66.07 -31.42
C ILE V 70 -83.46 -67.04 -30.46
N ILE V 71 -84.64 -66.69 -29.97
CA ILE V 71 -85.39 -67.61 -29.11
C ILE V 71 -85.68 -68.92 -29.84
N VAL V 72 -86.12 -68.84 -31.09
CA VAL V 72 -86.42 -70.02 -31.87
C VAL V 72 -85.20 -70.91 -32.04
N GLU V 73 -84.04 -70.32 -32.36
CA GLU V 73 -82.81 -71.12 -32.40
C GLU V 73 -82.48 -71.76 -31.04
N ASN V 74 -82.72 -71.04 -29.95
CA ASN V 74 -82.55 -71.62 -28.63
C ASN V 74 -83.43 -72.85 -28.43
N ASN V 75 -84.70 -72.74 -28.81
CA ASN V 75 -85.63 -73.86 -28.66
C ASN V 75 -85.28 -75.03 -29.57
N ARG V 76 -84.74 -74.74 -30.76
CA ARG V 76 -84.28 -75.82 -31.63
C ARG V 76 -83.12 -76.58 -30.99
N ILE V 77 -82.15 -75.86 -30.44
CA ILE V 77 -81.03 -76.55 -29.80
C ILE V 77 -81.50 -77.34 -28.58
N ILE V 78 -82.44 -76.79 -27.81
CA ILE V 78 -83.00 -77.52 -26.68
C ILE V 78 -83.68 -78.80 -27.13
N ALA V 79 -84.50 -78.72 -28.19
CA ALA V 79 -85.14 -79.92 -28.71
C ALA V 79 -84.12 -80.95 -29.20
N ALA V 80 -83.00 -80.50 -29.76
CA ALA V 80 -81.97 -81.43 -30.18
C ALA V 80 -81.37 -82.15 -28.97
N VAL V 81 -81.02 -81.38 -27.94
CA VAL V 81 -80.45 -81.98 -26.74
C VAL V 81 -81.42 -82.99 -26.15
N LEU V 82 -82.69 -82.61 -26.04
CA LEU V 82 -83.68 -83.53 -25.49
C LEU V 82 -83.80 -84.81 -26.30
N GLU V 83 -83.73 -84.71 -27.63
CA GLU V 83 -83.76 -85.93 -28.44
C GLU V 83 -82.55 -86.82 -28.18
N LEU V 84 -81.37 -86.21 -28.01
CA LEU V 84 -80.19 -87.00 -27.67
C LEU V 84 -80.29 -87.63 -26.28
N ILE V 85 -80.85 -86.90 -25.31
CA ILE V 85 -81.02 -87.44 -23.96
C ILE V 85 -81.98 -88.62 -23.97
N VAL V 86 -83.13 -88.47 -24.62
CA VAL V 86 -84.10 -89.56 -24.63
C VAL V 86 -83.53 -90.77 -25.37
N ARG V 87 -82.83 -90.55 -26.50
CA ARG V 87 -82.19 -91.69 -27.13
C ARG V 87 -81.13 -92.32 -26.23
N ALA V 88 -80.50 -91.53 -25.37
CA ALA V 88 -79.58 -92.09 -24.38
C ALA V 88 -80.28 -93.01 -23.41
N VAL V 89 -81.36 -92.54 -22.80
CA VAL V 89 -82.10 -93.34 -21.83
C VAL V 89 -82.98 -94.39 -22.49
N GLY V 90 -83.50 -94.12 -23.68
CA GLY V 90 -84.58 -94.90 -24.23
C GLY V 90 -85.93 -94.20 -24.17
N MET V 91 -86.64 -94.23 -25.29
CA MET V 91 -88.02 -93.76 -25.36
C MET V 91 -88.94 -94.55 -24.43
N THR V 92 -90.11 -93.96 -24.18
CA THR V 92 -91.24 -94.64 -23.56
C THR V 92 -92.51 -94.09 -24.19
N ASP V 93 -93.62 -94.82 -23.97
CA ASP V 93 -94.88 -94.44 -24.59
C ASP V 93 -95.21 -92.96 -24.39
N GLU V 94 -95.22 -92.50 -23.14
CA GLU V 94 -95.57 -91.11 -22.88
C GLU V 94 -94.46 -90.17 -23.32
N ILE V 95 -93.20 -90.61 -23.23
CA ILE V 95 -92.11 -89.80 -23.73
C ILE V 95 -92.19 -89.67 -25.23
N LEU V 96 -92.40 -90.79 -25.93
CA LEU V 96 -92.47 -90.75 -27.39
C LEU V 96 -93.63 -89.88 -27.86
N LEU V 97 -94.77 -89.97 -27.19
CA LEU V 97 -95.91 -89.11 -27.53
C LEU V 97 -95.62 -87.63 -27.26
N ALA V 98 -94.87 -87.34 -26.20
CA ALA V 98 -94.50 -85.95 -25.95
C ALA V 98 -93.46 -85.45 -26.93
N LEU V 99 -92.54 -86.31 -27.37
CA LEU V 99 -91.58 -85.91 -28.40
C LEU V 99 -92.25 -85.71 -29.75
N LEU V 100 -93.26 -86.50 -30.08
CA LEU V 100 -94.03 -86.23 -31.30
C LEU V 100 -94.79 -84.91 -31.19
N GLU V 101 -95.29 -84.60 -29.99
CA GLU V 101 -95.90 -83.28 -29.77
C GLU V 101 -94.86 -82.17 -29.89
N LEU V 102 -93.66 -82.42 -29.41
CA LEU V 102 -92.58 -81.44 -29.53
C LEU V 102 -92.19 -81.21 -30.99
N LYS V 103 -92.05 -82.28 -31.76
CA LYS V 103 -91.70 -82.12 -33.17
C LYS V 103 -92.78 -81.38 -33.94
N ALA V 104 -94.05 -81.64 -33.62
CA ALA V 104 -95.13 -80.87 -34.21
C ALA V 104 -95.03 -79.39 -33.85
N SER V 105 -94.85 -79.09 -32.56
CA SER V 105 -94.74 -77.69 -32.14
C SER V 105 -93.53 -77.01 -32.76
N THR V 106 -92.42 -77.74 -32.91
CA THR V 106 -91.26 -77.22 -33.61
C THR V 106 -91.57 -76.83 -35.05
N ALA V 107 -92.31 -77.68 -35.77
CA ALA V 107 -92.63 -77.33 -37.15
C ALA V 107 -93.60 -76.15 -37.20
N ARG V 108 -94.61 -76.15 -36.33
CA ARG V 108 -95.54 -75.03 -36.28
C ARG V 108 -94.81 -73.72 -35.98
N LEU V 109 -93.82 -73.77 -35.10
CA LEU V 109 -93.04 -72.58 -34.80
C LEU V 109 -92.20 -72.14 -36.00
N LYS V 110 -91.54 -73.07 -36.69
CA LYS V 110 -90.79 -72.68 -37.87
C LYS V 110 -91.69 -72.01 -38.92
N VAL V 111 -92.90 -72.53 -39.07
CA VAL V 111 -93.87 -71.92 -39.98
C VAL V 111 -94.23 -70.51 -39.54
N ALA V 112 -94.64 -70.34 -38.27
CA ALA V 112 -94.99 -69.01 -37.80
C ALA V 112 -93.80 -68.05 -37.82
N THR V 113 -92.60 -68.56 -37.61
CA THR V 113 -91.39 -67.75 -37.74
C THR V 113 -91.22 -67.20 -39.15
N ALA V 114 -91.35 -68.06 -40.16
CA ALA V 114 -91.34 -67.55 -41.53
C ALA V 114 -92.48 -66.56 -41.78
N LEU V 115 -93.68 -66.85 -41.28
CA LEU V 115 -94.78 -65.90 -41.42
C LEU V 115 -94.40 -64.54 -40.85
N LEU V 116 -93.86 -64.53 -39.63
CA LEU V 116 -93.47 -63.28 -38.99
C LEU V 116 -92.43 -62.55 -39.81
N ARG V 117 -91.39 -63.26 -40.26
CA ARG V 117 -90.37 -62.62 -41.08
C ARG V 117 -90.97 -61.99 -42.34
N MET V 118 -91.98 -62.62 -42.91
CA MET V 118 -92.57 -62.09 -44.13
C MET V 118 -93.42 -60.85 -43.90
N ILE V 119 -94.27 -60.87 -42.87
CA ILE V 119 -94.99 -59.65 -42.52
C ILE V 119 -94.07 -58.57 -41.96
N THR V 120 -92.96 -58.93 -41.31
CA THR V 120 -91.93 -57.95 -40.99
C THR V 120 -91.38 -57.25 -42.22
N GLU V 121 -91.03 -58.01 -43.26
CA GLU V 121 -90.55 -57.37 -44.50
C GLU V 121 -91.63 -56.52 -45.16
N GLU V 122 -92.88 -56.98 -45.14
CA GLU V 122 -93.98 -56.15 -45.63
C GLU V 122 -94.10 -54.85 -44.84
N LEU V 123 -94.03 -54.91 -43.52
CA LEU V 123 -94.12 -53.70 -42.70
C LEU V 123 -92.96 -52.76 -42.98
N LYS V 124 -91.74 -53.28 -42.99
CA LYS V 124 -90.58 -52.45 -43.28
C LYS V 124 -90.74 -51.75 -44.62
N LYS V 125 -91.19 -52.48 -45.64
CA LYS V 125 -91.34 -51.86 -46.96
C LYS V 125 -92.51 -50.87 -46.99
N ASN V 126 -93.64 -51.21 -46.37
CA ASN V 126 -94.85 -50.41 -46.47
C ASN V 126 -95.45 -50.17 -45.08
N PRO V 127 -94.72 -49.47 -44.21
CA PRO V 127 -95.16 -49.32 -42.83
C PRO V 127 -96.31 -48.33 -42.69
N SER V 128 -97.19 -48.63 -41.74
CA SER V 128 -98.29 -47.74 -41.38
C SER V 128 -98.84 -48.19 -40.04
N GLU V 129 -99.68 -47.34 -39.43
CA GLU V 129 -100.22 -47.65 -38.11
C GLU V 129 -101.04 -48.94 -38.14
N ASP V 130 -101.87 -49.11 -39.16
CA ASP V 130 -102.63 -50.35 -39.29
C ASP V 130 -101.68 -51.54 -39.39
N ALA V 131 -100.61 -51.39 -40.16
CA ALA V 131 -99.62 -52.45 -40.30
C ALA V 131 -98.90 -52.69 -38.98
N LEU V 132 -98.66 -51.65 -38.19
CA LEU V 132 -98.06 -51.86 -36.88
C LEU V 132 -98.99 -52.64 -35.96
N VAL V 133 -100.29 -52.32 -35.97
CA VAL V 133 -101.23 -53.08 -35.15
C VAL V 133 -101.23 -54.54 -35.56
N GLU V 134 -101.38 -54.80 -36.86
CA GLU V 134 -101.39 -56.18 -37.35
C GLU V 134 -100.09 -56.89 -37.00
N HIS V 135 -98.96 -56.20 -37.10
CA HIS V 135 -97.66 -56.77 -36.78
C HIS V 135 -97.55 -57.12 -35.29
N ASN V 136 -98.00 -56.22 -34.42
CA ASN V 136 -97.99 -56.52 -32.99
C ASN V 136 -98.86 -57.72 -32.66
N ARG V 137 -100.04 -57.80 -33.28
CA ARG V 137 -100.90 -58.97 -33.08
C ARG V 137 -100.23 -60.26 -33.56
N ALA V 138 -99.50 -60.19 -34.67
CA ALA V 138 -98.78 -61.37 -35.14
C ALA V 138 -97.59 -61.73 -34.25
N ILE V 139 -96.93 -60.72 -33.67
CA ILE V 139 -95.91 -60.99 -32.66
C ILE V 139 -96.51 -61.70 -31.46
N VAL V 140 -97.66 -61.24 -30.99
CA VAL V 140 -98.29 -61.89 -29.83
C VAL V 140 -98.71 -63.33 -30.15
N ASN V 141 -99.17 -63.59 -31.37
CA ASN V 141 -99.44 -64.99 -31.75
C ASN V 141 -98.16 -65.82 -31.84
N HIS V 142 -97.09 -65.24 -32.39
CA HIS V 142 -95.82 -65.94 -32.44
C HIS V 142 -95.33 -66.30 -31.03
N ASN V 143 -95.37 -65.32 -30.13
CA ASN V 143 -95.04 -65.59 -28.74
C ASN V 143 -95.92 -66.67 -28.12
N ALA V 144 -97.23 -66.62 -28.34
CA ALA V 144 -98.09 -67.69 -27.84
C ALA V 144 -97.65 -69.07 -28.33
N ILE V 145 -97.12 -69.13 -29.55
CA ILE V 145 -96.57 -70.40 -30.03
C ILE V 145 -95.28 -70.76 -29.31
N ILE V 146 -94.43 -69.77 -29.04
CA ILE V 146 -93.26 -70.00 -28.19
C ILE V 146 -93.66 -70.58 -26.84
N VAL V 147 -94.67 -69.99 -26.22
CA VAL V 147 -95.22 -70.51 -24.96
C VAL V 147 -95.63 -71.96 -25.09
N GLU V 148 -96.39 -72.31 -26.13
CA GLU V 148 -96.77 -73.71 -26.28
C GLU V 148 -95.56 -74.63 -26.45
N ASN V 149 -94.54 -74.16 -27.17
CA ASN V 149 -93.28 -74.91 -27.27
C ASN V 149 -92.66 -75.13 -25.89
N ASN V 150 -92.71 -74.10 -25.04
CA ASN V 150 -92.10 -74.24 -23.72
C ASN V 150 -92.91 -75.17 -22.84
N ARG V 151 -94.23 -75.17 -23.01
CA ARG V 151 -95.07 -76.06 -22.21
C ARG V 151 -94.78 -77.51 -22.58
N ILE V 152 -94.59 -77.77 -23.87
CA ILE V 152 -94.31 -79.14 -24.29
C ILE V 152 -92.92 -79.58 -23.82
N ILE V 153 -91.92 -78.70 -23.94
CA ILE V 153 -90.59 -79.00 -23.41
C ILE V 153 -90.61 -79.28 -21.90
N ALA V 154 -91.33 -78.46 -21.14
CA ALA V 154 -91.50 -78.74 -19.71
C ALA V 154 -92.20 -80.06 -19.45
N ALA V 155 -93.22 -80.40 -20.23
CA ALA V 155 -93.87 -81.69 -20.02
C ALA V 155 -92.90 -82.84 -20.31
N VAL V 156 -92.09 -82.70 -21.35
CA VAL V 156 -91.08 -83.70 -21.65
C VAL V 156 -90.11 -83.87 -20.50
N LEU V 157 -89.58 -82.77 -19.96
CA LEU V 157 -88.64 -82.89 -18.86
C LEU V 157 -89.29 -83.48 -17.61
N GLU V 158 -90.54 -83.12 -17.33
CA GLU V 158 -91.27 -83.75 -16.23
C GLU V 158 -91.35 -85.27 -16.41
N LEU V 159 -91.63 -85.71 -17.64
CA LEU V 159 -91.70 -87.14 -17.89
C LEU V 159 -90.33 -87.80 -17.78
N ILE V 160 -89.29 -87.17 -18.31
CA ILE V 160 -87.94 -87.74 -18.23
C ILE V 160 -87.51 -87.92 -16.78
N VAL V 161 -87.70 -86.89 -15.94
CA VAL V 161 -87.34 -87.03 -14.54
C VAL V 161 -88.17 -88.11 -13.84
N ARG V 162 -89.49 -88.11 -14.04
CA ARG V 162 -90.28 -89.16 -13.41
C ARG V 162 -89.90 -90.55 -13.90
N ALA V 163 -89.53 -90.69 -15.17
CA ALA V 163 -89.09 -91.97 -15.69
C ALA V 163 -87.78 -92.43 -15.06
N LEU V 164 -86.82 -91.52 -14.89
CA LEU V 164 -85.61 -91.89 -14.16
C LEU V 164 -85.89 -92.21 -12.70
N ASN V 165 -86.93 -91.63 -12.11
CA ASN V 165 -87.19 -91.76 -10.68
C ASN V 165 -86.08 -91.07 -9.87
N LEU V 166 -85.60 -89.94 -10.39
CA LEU V 166 -84.43 -89.29 -9.81
C LEU V 166 -84.78 -88.59 -8.52
N THR V 167 -84.01 -88.87 -7.47
CA THR V 167 -84.32 -88.45 -6.11
C THR V 167 -83.56 -87.20 -5.70
N ASP V 168 -82.78 -86.61 -6.60
CA ASP V 168 -81.96 -85.47 -6.26
C ASP V 168 -82.83 -84.27 -5.90
N GLU V 169 -82.64 -83.75 -4.68
CA GLU V 169 -83.39 -82.58 -4.24
C GLU V 169 -83.07 -81.35 -5.07
N GLU V 170 -81.86 -81.25 -5.61
CA GLU V 170 -81.56 -80.17 -6.53
C GLU V 170 -82.42 -80.24 -7.78
N VAL V 171 -82.69 -81.46 -8.27
CA VAL V 171 -83.56 -81.60 -9.43
C VAL V 171 -85.00 -81.26 -9.06
N ARG V 172 -85.48 -81.75 -7.93
CA ARG V 172 -86.85 -81.43 -7.53
C ARG V 172 -87.04 -79.92 -7.39
N LYS V 173 -86.09 -79.26 -6.74
CA LYS V 173 -86.14 -77.80 -6.63
C LYS V 173 -86.16 -77.13 -8.01
N ALA V 174 -85.28 -77.56 -8.91
CA ALA V 174 -85.28 -76.96 -10.24
C ALA V 174 -86.58 -77.22 -11.00
N LEU V 175 -87.23 -78.36 -10.77
CA LEU V 175 -88.54 -78.58 -11.38
C LEU V 175 -89.64 -77.73 -10.75
N GLU V 176 -89.55 -77.44 -9.45
CA GLU V 176 -90.47 -76.49 -8.85
C GLU V 176 -90.29 -75.09 -9.43
N GLU V 177 -89.03 -74.71 -9.69
CA GLU V 177 -88.77 -73.48 -10.43
C GLU V 177 -89.35 -73.51 -11.83
N LEU V 178 -89.22 -74.64 -12.53
CA LEU V 178 -89.72 -74.71 -13.89
C LEU V 178 -91.25 -74.64 -13.94
N LYS V 179 -91.93 -75.31 -13.02
CA LYS V 179 -93.38 -75.18 -12.92
C LYS V 179 -93.85 -73.79 -12.55
N ALA V 180 -93.15 -73.12 -11.62
CA ALA V 180 -93.49 -71.73 -11.32
C ALA V 180 -93.29 -70.83 -12.53
N SER V 181 -92.16 -70.95 -13.23
CA SER V 181 -91.95 -70.18 -14.45
C SER V 181 -93.00 -70.47 -15.51
N THR V 182 -93.45 -71.72 -15.62
CA THR V 182 -94.48 -72.06 -16.59
C THR V 182 -95.82 -71.41 -16.26
N ALA V 183 -96.26 -71.48 -15.01
CA ALA V 183 -97.50 -70.80 -14.63
C ALA V 183 -97.39 -69.28 -14.77
N GLU V 184 -96.24 -68.71 -14.42
CA GLU V 184 -96.02 -67.29 -14.66
C GLU V 184 -96.12 -66.94 -16.14
N LEU V 185 -95.55 -67.78 -17.01
CA LEU V 185 -95.61 -67.51 -18.44
C LEU V 185 -97.02 -67.63 -18.98
N LYS V 186 -97.82 -68.58 -18.48
CA LYS V 186 -99.23 -68.61 -18.84
C LYS V 186 -99.95 -67.33 -18.44
N ARG V 187 -99.78 -66.88 -17.21
CA ARG V 187 -100.42 -65.65 -16.76
C ARG V 187 -100.00 -64.45 -17.61
N ALA V 188 -98.70 -64.31 -17.86
CA ALA V 188 -98.22 -63.20 -18.67
C ALA V 188 -98.76 -63.27 -20.10
N THR V 189 -98.85 -64.47 -20.67
CA THR V 189 -99.43 -64.62 -21.99
C THR V 189 -100.90 -64.17 -22.03
N ALA V 190 -101.69 -64.61 -21.06
CA ALA V 190 -103.08 -64.15 -20.99
C ALA V 190 -103.18 -62.63 -20.87
N SER V 191 -102.37 -62.03 -19.98
CA SER V 191 -102.37 -60.58 -19.85
C SER V 191 -102.00 -59.89 -21.17
N LEU V 192 -101.04 -60.45 -21.89
CA LEU V 192 -100.61 -59.83 -23.14
C LEU V 192 -101.67 -59.97 -24.21
N ARG V 193 -102.37 -61.10 -24.27
CA ARG V 193 -103.49 -61.22 -25.20
C ARG V 193 -104.60 -60.25 -24.85
N ALA V 194 -104.79 -59.97 -23.57
CA ALA V 194 -105.83 -59.00 -23.17
C ALA V 194 -105.50 -57.60 -23.66
N ILE V 195 -104.27 -57.13 -23.39
CA ILE V 195 -103.91 -55.81 -23.88
C ILE V 195 -103.81 -55.77 -25.40
N THR V 196 -103.45 -56.89 -26.05
CA THR V 196 -103.53 -56.96 -27.51
C THR V 196 -104.95 -56.77 -28.04
N GLU V 197 -105.94 -57.39 -27.41
CA GLU V 197 -107.33 -57.13 -27.77
C GLU V 197 -107.77 -55.71 -27.48
N GLU V 198 -107.20 -55.07 -26.45
CA GLU V 198 -107.43 -53.64 -26.27
C GLU V 198 -106.84 -52.85 -27.43
N LEU V 199 -105.58 -53.10 -27.76
CA LEU V 199 -104.93 -52.33 -28.83
C LEU V 199 -105.71 -52.48 -30.13
N LYS V 200 -106.05 -53.73 -30.48
CA LYS V 200 -106.85 -53.96 -31.68
C LYS V 200 -108.16 -53.20 -31.64
N LYS V 201 -108.76 -53.05 -30.45
CA LYS V 201 -109.95 -52.23 -30.36
C LYS V 201 -109.63 -50.74 -30.44
N ASN V 202 -108.57 -50.29 -29.77
CA ASN V 202 -108.27 -48.86 -29.63
C ASN V 202 -106.82 -48.56 -29.98
N PRO V 203 -106.43 -48.76 -31.23
CA PRO V 203 -105.02 -48.58 -31.61
C PRO V 203 -104.61 -47.11 -31.59
N SER V 204 -103.48 -46.84 -30.95
CA SER V 204 -102.90 -45.50 -30.93
C SER V 204 -101.40 -45.63 -30.67
N GLU V 205 -100.65 -44.60 -31.09
CA GLU V 205 -99.21 -44.59 -30.85
C GLU V 205 -98.88 -44.80 -29.39
N ASP V 206 -99.58 -44.13 -28.48
CA ASP V 206 -99.33 -44.35 -27.06
C ASP V 206 -99.64 -45.79 -26.69
N ALA V 207 -100.66 -46.37 -27.31
CA ALA V 207 -100.99 -47.76 -27.03
C ALA V 207 -99.94 -48.66 -27.64
N LEU V 208 -99.53 -48.37 -28.88
CA LEU V 208 -98.50 -49.19 -29.51
C LEU V 208 -97.25 -49.24 -28.66
N VAL V 209 -96.89 -48.11 -28.03
CA VAL V 209 -95.72 -48.06 -27.16
C VAL V 209 -95.93 -48.91 -25.92
N GLU V 210 -97.05 -48.69 -25.21
CA GLU V 210 -97.33 -49.50 -24.03
C GLU V 210 -97.36 -50.99 -24.37
N HIS V 211 -97.83 -51.31 -25.58
CA HIS V 211 -97.94 -52.69 -26.01
C HIS V 211 -96.57 -53.28 -26.27
N ASN V 212 -95.74 -52.57 -27.03
CA ASN V 212 -94.38 -53.06 -27.29
C ASN V 212 -93.62 -53.26 -25.98
N ARG V 213 -93.84 -52.37 -25.01
CA ARG V 213 -93.29 -52.57 -23.67
C ARG V 213 -93.76 -53.89 -23.04
N ALA V 214 -95.06 -54.15 -23.09
CA ALA V 214 -95.57 -55.42 -22.54
C ALA V 214 -95.03 -56.63 -23.29
N ILE V 215 -94.88 -56.52 -24.61
CA ILE V 215 -94.21 -57.57 -25.39
C ILE V 215 -92.81 -57.83 -24.84
N VAL V 216 -92.03 -56.77 -24.64
CA VAL V 216 -90.67 -56.97 -24.17
C VAL V 216 -90.62 -57.60 -22.77
N GLU V 217 -91.59 -57.27 -21.92
CA GLU V 217 -91.71 -57.95 -20.63
C GLU V 217 -92.04 -59.43 -20.80
N HIS V 218 -92.93 -59.76 -21.74
CA HIS V 218 -93.28 -61.15 -21.99
C HIS V 218 -92.07 -61.93 -22.49
N ASN V 219 -91.33 -61.36 -23.44
CA ASN V 219 -90.11 -62.00 -23.90
C ASN V 219 -89.10 -62.19 -22.78
N ALA V 220 -88.98 -61.21 -21.87
CA ALA V 220 -88.08 -61.39 -20.73
C ALA V 220 -88.50 -62.58 -19.87
N ILE V 221 -89.80 -62.77 -19.67
CA ILE V 221 -90.26 -63.95 -18.91
C ILE V 221 -89.95 -65.24 -19.67
N ILE V 222 -90.06 -65.21 -21.00
CA ILE V 222 -89.67 -66.39 -21.78
C ILE V 222 -88.18 -66.68 -21.63
N VAL V 223 -87.35 -65.64 -21.57
CA VAL V 223 -85.92 -65.85 -21.37
C VAL V 223 -85.62 -66.46 -20.00
N GLU V 224 -86.34 -66.02 -18.96
CA GLU V 224 -86.25 -66.72 -17.68
C GLU V 224 -86.66 -68.18 -17.79
N ASN V 225 -87.70 -68.47 -18.57
CA ASN V 225 -88.09 -69.86 -18.77
C ASN V 225 -86.97 -70.66 -19.42
N ASN V 226 -86.34 -70.10 -20.44
CA ASN V 226 -85.25 -70.81 -21.11
C ASN V 226 -84.05 -71.03 -20.20
N ARG V 227 -83.78 -70.09 -19.30
CA ARG V 227 -82.72 -70.30 -18.32
C ARG V 227 -83.05 -71.48 -17.41
N ILE V 228 -84.27 -71.53 -16.90
CA ILE V 228 -84.63 -72.63 -16.00
C ILE V 228 -84.58 -73.95 -16.75
N ILE V 229 -85.09 -73.97 -17.99
CA ILE V 229 -85.00 -75.17 -18.82
C ILE V 229 -83.56 -75.64 -18.94
N ALA V 230 -82.65 -74.72 -19.21
CA ALA V 230 -81.24 -75.11 -19.31
C ALA V 230 -80.68 -75.63 -17.99
N LEU V 231 -81.12 -75.09 -16.85
CA LEU V 231 -80.66 -75.68 -15.59
C LEU V 231 -81.19 -77.09 -15.40
N VAL V 232 -82.44 -77.33 -15.79
CA VAL V 232 -82.96 -78.69 -15.68
C VAL V 232 -82.20 -79.64 -16.59
N LEU V 233 -81.98 -79.26 -17.85
CA LEU V 233 -81.18 -80.14 -18.72
C LEU V 233 -79.80 -80.42 -18.16
N LEU V 234 -79.10 -79.40 -17.67
CA LEU V 234 -77.77 -79.63 -17.09
C LEU V 234 -77.81 -80.56 -15.88
N LEU V 235 -78.79 -80.37 -14.98
CA LEU V 235 -78.93 -81.27 -13.85
C LEU V 235 -79.24 -82.70 -14.28
N ILE V 236 -80.09 -82.87 -15.29
CA ILE V 236 -80.38 -84.23 -15.75
C ILE V 236 -79.13 -84.88 -16.34
N VAL V 237 -78.44 -84.17 -17.23
CA VAL V 237 -77.26 -84.74 -17.86
C VAL V 237 -76.16 -85.05 -16.85
N LEU V 238 -76.09 -84.28 -15.76
CA LEU V 238 -75.17 -84.67 -14.68
C LEU V 238 -75.70 -85.87 -13.90
N ALA V 239 -77.01 -85.96 -13.70
CA ALA V 239 -77.56 -87.06 -12.91
C ALA V 239 -77.51 -88.39 -13.64
N ILE V 240 -77.67 -88.39 -14.96
CA ILE V 240 -77.50 -89.63 -15.72
C ILE V 240 -76.06 -90.10 -15.64
N GLY W 15 16.27 22.11 -13.32
CA GLY W 15 16.13 20.71 -12.93
C GLY W 15 16.65 19.75 -13.97
N SER W 16 16.59 18.47 -13.66
CA SER W 16 16.99 17.43 -14.59
C SER W 16 15.82 17.06 -15.53
N GLU W 17 16.18 16.39 -16.62
CA GLU W 17 15.17 15.96 -17.60
C GLU W 17 14.12 15.07 -16.98
N GLU W 18 14.49 14.28 -15.96
CA GLU W 18 13.48 13.50 -15.24
C GLU W 18 12.50 14.41 -14.52
N GLU W 19 12.99 15.46 -13.85
CA GLU W 19 12.08 16.37 -13.16
C GLU W 19 11.15 17.07 -14.16
N ILE W 20 11.70 17.60 -15.23
CA ILE W 20 10.87 18.30 -16.22
C ILE W 20 9.81 17.36 -16.79
N ALA W 21 10.22 16.14 -17.17
CA ALA W 21 9.27 15.19 -17.73
C ALA W 21 8.19 14.80 -16.72
N LYS W 22 8.58 14.51 -15.49
CA LYS W 22 7.60 14.25 -14.43
C LYS W 22 6.62 15.40 -14.28
N ALA W 23 7.13 16.63 -14.19
CA ALA W 23 6.27 17.79 -14.04
C ALA W 23 5.36 18.02 -15.23
N LEU W 24 5.80 17.70 -16.45
CA LEU W 24 4.91 17.76 -17.61
C LEU W 24 3.85 16.66 -17.59
N GLU W 25 4.19 15.49 -17.06
CA GLU W 25 3.15 14.48 -16.81
C GLU W 25 2.13 14.99 -15.79
N GLU W 26 2.59 15.67 -14.75
CA GLU W 26 1.68 16.29 -13.79
C GLU W 26 0.84 17.38 -14.44
N LEU W 27 1.44 18.13 -15.36
CA LEU W 27 0.71 19.18 -16.07
C LEU W 27 -0.38 18.59 -16.94
N VAL W 28 -0.06 17.58 -17.72
CA VAL W 28 -1.07 16.95 -18.59
C VAL W 28 -2.15 16.26 -17.77
N ALA W 29 -1.79 15.66 -16.63
CA ALA W 29 -2.80 15.16 -15.70
C ALA W 29 -3.71 16.27 -15.20
N SER W 30 -3.15 17.42 -14.83
CA SER W 30 -3.96 18.55 -14.40
C SER W 30 -4.84 19.06 -15.52
N LEU W 31 -4.35 19.03 -16.76
CA LEU W 31 -5.17 19.45 -17.89
C LEU W 31 -6.35 18.50 -18.12
N ALA W 32 -6.11 17.20 -18.05
CA ALA W 32 -7.21 16.24 -18.17
C ALA W 32 -8.24 16.45 -17.06
N GLU W 33 -7.78 16.61 -15.82
CA GLU W 33 -8.69 16.92 -14.72
C GLU W 33 -9.45 18.22 -14.94
N LEU W 34 -8.77 19.25 -15.44
CA LEU W 34 -9.43 20.52 -15.75
C LEU W 34 -10.49 20.37 -16.83
N LYS W 35 -10.19 19.63 -17.88
CA LYS W 35 -11.19 19.37 -18.92
C LYS W 35 -12.41 18.66 -18.33
N ARG W 36 -12.18 17.59 -17.58
CA ARG W 36 -13.28 16.87 -16.95
C ARG W 36 -14.14 17.80 -16.09
N ALA W 37 -13.49 18.63 -15.27
CA ALA W 37 -14.22 19.57 -14.44
C ALA W 37 -14.98 20.58 -15.29
N THR W 38 -14.43 21.01 -16.41
CA THR W 38 -15.15 21.95 -17.27
C THR W 38 -16.41 21.32 -17.84
N LEU W 39 -16.32 20.05 -18.25
CA LEU W 39 -17.50 19.35 -18.74
C LEU W 39 -18.57 19.27 -17.65
N LYS W 40 -18.18 18.83 -16.47
CA LYS W 40 -19.11 18.79 -15.33
C LYS W 40 -19.74 20.15 -15.06
N LEU W 41 -18.95 21.22 -15.09
CA LEU W 41 -19.50 22.55 -14.84
C LEU W 41 -20.50 22.95 -15.91
N LEU W 42 -20.24 22.58 -17.17
CA LEU W 42 -21.23 22.86 -18.21
C LEU W 42 -22.52 22.10 -17.94
N VAL W 43 -22.40 20.87 -17.43
CA VAL W 43 -23.60 20.11 -17.09
C VAL W 43 -24.42 20.86 -16.05
N ILE W 44 -23.80 21.19 -14.93
CA ILE W 44 -24.59 21.81 -13.86
C ILE W 44 -25.09 23.19 -14.28
N THR W 45 -24.36 23.88 -15.15
CA THR W 45 -24.89 25.11 -15.74
C THR W 45 -26.17 24.87 -16.52
N GLU W 46 -26.23 23.79 -17.29
CA GLU W 46 -27.48 23.48 -17.98
C GLU W 46 -28.59 23.13 -17.01
N GLU W 47 -28.29 22.31 -16.01
CA GLU W 47 -29.30 21.94 -15.03
C GLU W 47 -29.85 23.16 -14.29
N LEU W 48 -28.97 24.09 -13.91
CA LEU W 48 -29.40 25.35 -13.31
C LEU W 48 -30.25 26.17 -14.26
N LYS W 49 -29.86 26.23 -15.54
CA LYS W 49 -30.66 26.96 -16.52
C LYS W 49 -32.07 26.39 -16.65
N LYS W 50 -32.18 25.07 -16.68
CA LYS W 50 -33.50 24.43 -16.85
C LYS W 50 -34.38 24.56 -15.62
N ASN W 51 -33.82 24.42 -14.41
CA ASN W 51 -34.61 24.37 -13.18
C ASN W 51 -34.02 25.27 -12.10
N PRO W 52 -33.98 26.58 -12.36
CA PRO W 52 -33.24 27.48 -11.46
C PRO W 52 -33.90 27.58 -10.10
N SER W 53 -33.06 27.60 -9.06
CA SER W 53 -33.54 27.70 -7.69
C SER W 53 -32.40 28.14 -6.79
N GLU W 54 -32.76 28.59 -5.59
CA GLU W 54 -31.78 29.18 -4.68
C GLU W 54 -30.70 28.18 -4.27
N SER W 55 -31.10 26.97 -3.89
CA SER W 55 -30.09 25.98 -3.55
C SER W 55 -29.29 25.52 -4.75
N ALA W 56 -29.92 25.49 -5.93
CA ALA W 56 -29.17 25.26 -7.16
C ALA W 56 -28.15 26.36 -7.43
N LEU W 57 -28.52 27.62 -7.22
CA LEU W 57 -27.57 28.71 -7.38
C LEU W 57 -26.39 28.58 -6.42
N VAL W 58 -26.66 28.31 -5.15
CA VAL W 58 -25.59 28.14 -4.17
C VAL W 58 -24.66 26.99 -4.56
N SER W 59 -25.22 25.85 -4.94
CA SER W 59 -24.39 24.71 -5.28
C SER W 59 -23.60 24.94 -6.57
N HIS W 60 -24.20 25.62 -7.54
CA HIS W 60 -23.48 25.98 -8.76
C HIS W 60 -22.29 26.87 -8.44
N ASN W 61 -22.50 27.92 -7.64
CA ASN W 61 -21.39 28.77 -7.24
C ASN W 61 -20.29 28.00 -6.52
N LYS W 62 -20.64 27.11 -5.60
CA LYS W 62 -19.61 26.30 -4.95
C LYS W 62 -18.84 25.42 -5.94
N ALA W 63 -19.54 24.87 -6.94
CA ALA W 63 -18.84 24.12 -7.98
C ALA W 63 -17.89 25.00 -8.78
N ILE W 64 -18.29 26.23 -9.06
CA ILE W 64 -17.39 27.19 -9.72
C ILE W 64 -16.16 27.46 -8.86
N VAL W 65 -16.34 27.54 -7.55
CA VAL W 65 -15.18 27.73 -6.67
C VAL W 65 -14.23 26.54 -6.73
N GLU W 66 -14.75 25.32 -6.77
CA GLU W 66 -13.84 24.18 -6.88
C GLU W 66 -13.17 24.09 -8.25
N HIS W 67 -13.86 24.48 -9.31
CA HIS W 67 -13.24 24.57 -10.62
C HIS W 67 -12.12 25.60 -10.64
N ASN W 68 -12.36 26.77 -10.07
CA ASN W 68 -11.30 27.77 -9.97
C ASN W 68 -10.10 27.26 -9.17
N ALA W 69 -10.36 26.54 -8.08
CA ALA W 69 -9.23 25.96 -7.35
C ALA W 69 -8.41 25.01 -8.21
N ILE W 70 -9.07 24.23 -9.08
CA ILE W 70 -8.33 23.40 -10.02
C ILE W 70 -7.51 24.23 -11.01
N ILE W 71 -8.09 25.32 -11.52
CA ILE W 71 -7.32 26.21 -12.39
C ILE W 71 -6.09 26.76 -11.69
N VAL W 72 -6.25 27.19 -10.43
CA VAL W 72 -5.13 27.73 -9.66
C VAL W 72 -4.02 26.69 -9.49
N GLU W 73 -4.38 25.46 -9.17
CA GLU W 73 -3.35 24.42 -9.13
C GLU W 73 -2.68 24.20 -10.48
N ASN W 74 -3.45 24.29 -11.57
CA ASN W 74 -2.84 24.23 -12.90
C ASN W 74 -1.80 25.33 -13.10
N ASN W 75 -2.14 26.56 -12.72
CA ASN W 75 -1.22 27.68 -12.88
C ASN W 75 -0.01 27.56 -11.97
N ARG W 76 -0.17 26.98 -10.79
CA ARG W 76 0.98 26.72 -9.93
C ARG W 76 1.93 25.74 -10.59
N ILE W 77 1.40 24.65 -11.15
CA ILE W 77 2.26 23.68 -11.81
C ILE W 77 2.95 24.29 -13.03
N ILE W 78 2.24 25.14 -13.78
CA ILE W 78 2.87 25.81 -14.92
C ILE W 78 4.03 26.69 -14.46
N ALA W 79 3.81 27.47 -13.40
CA ALA W 79 4.90 28.30 -12.87
C ALA W 79 6.09 27.46 -12.40
N ALA W 80 5.83 26.29 -11.83
CA ALA W 80 6.93 25.43 -11.42
C ALA W 80 7.72 24.97 -12.64
N VAL W 81 7.01 24.49 -13.66
CA VAL W 81 7.68 24.02 -14.86
C VAL W 81 8.52 25.14 -15.46
N LEU W 82 7.95 26.34 -15.57
CA LEU W 82 8.70 27.45 -16.13
C LEU W 82 9.95 27.78 -15.33
N GLU W 83 9.88 27.70 -14.00
CA GLU W 83 11.10 27.93 -13.24
C GLU W 83 12.17 26.88 -13.53
N LEU W 84 11.77 25.61 -13.67
CA LEU W 84 12.76 24.59 -14.05
C LEU W 84 13.29 24.79 -15.47
N ILE W 85 12.43 25.19 -16.40
CA ILE W 85 12.86 25.44 -17.78
C ILE W 85 13.83 26.62 -17.84
N VAL W 86 13.49 27.72 -17.19
CA VAL W 86 14.38 28.87 -17.24
C VAL W 86 15.70 28.56 -16.56
N ARG W 87 15.69 27.84 -15.43
CA ARG W 87 16.97 27.45 -14.87
C ARG W 87 17.75 26.53 -15.80
N ALA W 88 17.04 25.76 -16.64
CA ALA W 88 17.70 24.97 -17.66
C ALA W 88 18.40 25.85 -18.70
N VAL W 89 17.68 26.81 -19.27
CA VAL W 89 18.26 27.68 -20.30
C VAL W 89 19.15 28.76 -19.71
N GLY W 90 18.86 29.23 -18.50
CA GLY W 90 19.45 30.46 -18.00
C GLY W 90 18.52 31.65 -18.04
N MET W 91 18.51 32.38 -16.92
CA MET W 91 17.82 33.66 -16.82
C MET W 91 18.39 34.69 -17.78
N THR W 92 17.60 35.75 -17.99
CA THR W 92 18.03 36.97 -18.64
C THR W 92 17.29 38.12 -17.97
N ASP W 93 17.76 39.35 -18.19
CA ASP W 93 17.18 40.53 -17.56
C ASP W 93 15.66 40.54 -17.67
N GLU W 94 15.15 40.44 -18.90
CA GLU W 94 13.70 40.52 -19.06
C GLU W 94 13.02 39.28 -18.53
N ILE W 95 13.68 38.13 -18.61
CA ILE W 95 13.12 36.91 -18.02
C ILE W 95 13.06 37.06 -16.51
N LEU W 96 14.15 37.50 -15.88
CA LEU W 96 14.14 37.62 -14.43
C LEU W 96 13.08 38.61 -13.95
N LEU W 97 12.92 39.73 -14.65
CA LEU W 97 11.86 40.66 -14.28
C LEU W 97 10.46 40.08 -14.49
N ALA W 98 10.28 39.27 -15.53
CA ALA W 98 8.99 38.63 -15.73
C ALA W 98 8.74 37.52 -14.72
N LEU W 99 9.77 36.80 -14.29
CA LEU W 99 9.57 35.80 -13.25
C LEU W 99 9.28 36.44 -11.89
N LEU W 100 9.88 37.59 -11.59
CA LEU W 100 9.47 38.29 -10.37
C LEU W 100 8.03 38.77 -10.45
N GLU W 101 7.60 39.20 -11.64
CA GLU W 101 6.20 39.54 -11.83
C GLU W 101 5.31 38.31 -11.69
N LEU W 102 5.76 37.18 -12.20
CA LEU W 102 5.01 35.93 -12.07
C LEU W 102 4.89 35.50 -10.61
N LYS W 103 5.98 35.54 -9.85
CA LYS W 103 5.91 35.15 -8.45
C LYS W 103 4.99 36.08 -7.65
N ALA W 104 5.02 37.37 -7.96
CA ALA W 104 4.06 38.26 -7.32
C ALA W 104 2.62 37.87 -7.66
N SER W 105 2.34 37.67 -8.94
CA SER W 105 0.98 37.31 -9.33
C SER W 105 0.54 35.97 -8.74
N THR W 106 1.46 35.01 -8.63
CA THR W 106 1.17 33.76 -7.94
C THR W 106 0.75 33.97 -6.49
N ALA W 107 1.45 34.83 -5.76
CA ALA W 107 1.06 35.06 -4.38
C ALA W 107 -0.29 35.78 -4.31
N ARG W 108 -0.48 36.78 -5.16
CA ARG W 108 -1.76 37.48 -5.20
C ARG W 108 -2.90 36.51 -5.49
N LEU W 109 -2.65 35.54 -6.36
CA LEU W 109 -3.68 34.55 -6.65
C LEU W 109 -3.95 33.65 -5.44
N LYS W 110 -2.93 33.20 -4.73
CA LYS W 110 -3.21 32.41 -3.53
C LYS W 110 -4.06 33.19 -2.53
N VAL W 111 -3.77 34.48 -2.40
CA VAL W 111 -4.58 35.34 -1.52
C VAL W 111 -6.02 35.41 -1.99
N ALA W 112 -6.24 35.75 -3.27
CA ALA W 112 -7.61 35.85 -3.76
C ALA W 112 -8.34 34.51 -3.71
N THR W 113 -7.63 33.40 -3.88
CA THR W 113 -8.23 32.09 -3.72
C THR W 113 -8.77 31.88 -2.31
N ALA W 114 -7.95 32.17 -1.29
CA ALA W 114 -8.46 32.12 0.08
C ALA W 114 -9.63 33.09 0.31
N LEU W 115 -9.53 34.30 -0.21
CA LEU W 115 -10.66 35.24 -0.10
C LEU W 115 -11.95 34.64 -0.66
N LEU W 116 -11.86 34.10 -1.88
CA LEU W 116 -13.03 33.52 -2.52
C LEU W 116 -13.59 32.36 -1.72
N ARG W 117 -12.74 31.44 -1.27
CA ARG W 117 -13.23 30.32 -0.47
C ARG W 117 -13.94 30.79 0.79
N MET W 118 -13.46 31.88 1.40
CA MET W 118 -14.08 32.32 2.65
C MET W 118 -15.43 32.99 2.42
N ILE W 119 -15.53 33.84 1.40
CA ILE W 119 -16.86 34.37 1.05
C ILE W 119 -17.79 33.29 0.49
N THR W 120 -17.24 32.25 -0.14
CA THR W 120 -18.04 31.07 -0.47
C THR W 120 -18.65 30.44 0.77
N GLU W 121 -17.86 30.23 1.81
CA GLU W 121 -18.41 29.67 3.04
C GLU W 121 -19.45 30.59 3.68
N GLU W 122 -19.22 31.90 3.62
CA GLU W 122 -20.26 32.83 4.07
C GLU W 122 -21.55 32.69 3.27
N LEU W 123 -21.45 32.57 1.94
CA LEU W 123 -22.65 32.41 1.13
C LEU W 123 -23.37 31.11 1.44
N LYS W 124 -22.63 30.01 1.48
CA LYS W 124 -23.21 28.71 1.79
C LYS W 124 -23.94 28.74 3.13
N LYS W 125 -23.32 29.36 4.14
CA LYS W 125 -23.93 29.42 5.46
C LYS W 125 -25.15 30.35 5.49
N ASN W 126 -25.08 31.51 4.84
CA ASN W 126 -26.13 32.53 4.94
C ASN W 126 -26.55 33.04 3.56
N PRO W 127 -27.12 32.16 2.73
CA PRO W 127 -27.41 32.54 1.34
C PRO W 127 -28.60 33.46 1.22
N SER W 128 -28.51 34.36 0.25
CA SER W 128 -29.58 35.28 -0.13
C SER W 128 -29.20 35.85 -1.49
N GLU W 129 -30.17 36.51 -2.13
CA GLU W 129 -29.92 37.05 -3.47
C GLU W 129 -28.79 38.08 -3.45
N ASP W 130 -28.76 38.96 -2.45
CA ASP W 130 -27.65 39.90 -2.34
C ASP W 130 -26.33 39.16 -2.21
N ALA W 131 -26.30 38.10 -1.40
CA ALA W 131 -25.08 37.32 -1.24
C ALA W 131 -24.68 36.64 -2.54
N LEU W 132 -25.66 36.19 -3.34
CA LEU W 132 -25.33 35.61 -4.64
C LEU W 132 -24.72 36.65 -5.56
N VAL W 133 -25.27 37.86 -5.58
CA VAL W 133 -24.68 38.91 -6.41
C VAL W 133 -23.24 39.19 -5.98
N GLU W 134 -23.03 39.41 -4.69
CA GLU W 134 -21.68 39.67 -4.20
C GLU W 134 -20.73 38.53 -4.53
N HIS W 135 -21.20 37.29 -4.39
CA HIS W 135 -20.36 36.14 -4.71
C HIS W 135 -20.02 36.07 -6.18
N ASN W 136 -20.99 36.30 -7.06
CA ASN W 136 -20.69 36.31 -8.49
C ASN W 136 -19.70 37.39 -8.85
N ARG W 137 -19.84 38.59 -8.28
CA ARG W 137 -18.86 39.64 -8.51
C ARG W 137 -17.47 39.25 -8.01
N ALA W 138 -17.40 38.53 -6.88
CA ALA W 138 -16.10 38.09 -6.41
C ALA W 138 -15.52 36.98 -7.27
N ILE W 139 -16.35 36.11 -7.84
CA ILE W 139 -15.87 35.17 -8.83
C ILE W 139 -15.29 35.89 -10.04
N VAL W 140 -15.98 36.92 -10.51
CA VAL W 140 -15.48 37.68 -11.67
C VAL W 140 -14.16 38.37 -11.37
N ASN W 141 -13.99 38.88 -10.14
CA ASN W 141 -12.67 39.43 -9.79
C ASN W 141 -11.60 38.35 -9.68
N HIS W 142 -11.93 37.19 -9.11
CA HIS W 142 -10.98 36.10 -9.06
C HIS W 142 -10.54 35.69 -10.45
N ASN W 143 -11.49 35.52 -11.36
CA ASN W 143 -11.15 35.23 -12.74
C ASN W 143 -10.27 36.32 -13.36
N ALA W 144 -10.59 37.58 -13.14
CA ALA W 144 -9.70 38.63 -13.67
C ALA W 144 -8.26 38.49 -13.16
N ILE W 145 -8.08 38.00 -11.94
CA ILE W 145 -6.71 37.74 -11.46
C ILE W 145 -6.10 36.52 -12.15
N ILE W 146 -6.88 35.47 -12.37
CA ILE W 146 -6.39 34.34 -13.18
C ILE W 146 -5.93 34.83 -14.54
N VAL W 147 -6.73 35.65 -15.21
CA VAL W 147 -6.34 36.24 -16.49
C VAL W 147 -4.98 36.94 -16.39
N GLU W 148 -4.79 37.80 -15.39
CA GLU W 148 -3.49 38.45 -15.29
C GLU W 148 -2.35 37.45 -15.08
N ASN W 149 -2.60 36.39 -14.30
CA ASN W 149 -1.60 35.33 -14.18
C ASN W 149 -1.27 34.70 -15.53
N ASN W 150 -2.29 34.49 -16.36
CA ASN W 150 -2.05 33.87 -17.65
C ASN W 150 -1.31 34.82 -18.58
N ARG W 151 -1.57 36.12 -18.48
CA ARG W 151 -0.85 37.05 -19.34
C ARG W 151 0.62 37.04 -19.00
N ILE W 152 0.93 36.97 -17.70
CA ILE W 152 2.34 36.98 -17.30
C ILE W 152 3.02 35.69 -17.73
N ILE W 153 2.36 34.55 -17.55
CA ILE W 153 2.91 33.28 -18.03
C ILE W 153 3.15 33.29 -19.55
N ALA W 154 2.20 33.81 -20.32
CA ALA W 154 2.43 33.98 -21.75
C ALA W 154 3.59 34.91 -22.07
N ALA W 155 3.74 36.00 -21.32
CA ALA W 155 4.88 36.87 -21.56
C ALA W 155 6.19 36.17 -21.27
N VAL W 156 6.23 35.36 -20.22
CA VAL W 156 7.43 34.58 -19.91
C VAL W 156 7.76 33.63 -21.06
N LEU W 157 6.76 32.90 -21.56
CA LEU W 157 7.05 31.99 -22.67
C LEU W 157 7.49 32.72 -23.93
N GLU W 158 6.87 33.86 -24.22
CA GLU W 158 7.33 34.70 -25.33
C GLU W 158 8.80 35.09 -25.18
N LEU W 159 9.20 35.46 -23.97
CA LEU W 159 10.60 35.83 -23.73
C LEU W 159 11.52 34.62 -23.83
N ILE W 160 11.12 33.47 -23.29
CA ILE W 160 11.97 32.29 -23.38
C ILE W 160 12.21 31.89 -24.83
N VAL W 161 11.15 31.87 -25.64
CA VAL W 161 11.33 31.56 -27.05
C VAL W 161 12.21 32.59 -27.75
N ARG W 162 11.94 33.88 -27.55
CA ARG W 162 12.82 34.87 -28.20
C ARG W 162 14.26 34.80 -27.72
N ALA W 163 14.49 34.47 -26.45
CA ALA W 163 15.84 34.32 -25.92
C ALA W 163 16.58 33.14 -26.53
N LEU W 164 15.91 32.00 -26.68
CA LEU W 164 16.55 30.88 -27.37
C LEU W 164 16.83 31.21 -28.84
N ASN W 165 16.04 32.09 -29.44
CA ASN W 165 16.13 32.36 -30.88
C ASN W 165 15.66 31.15 -31.66
N LEU W 166 14.64 30.49 -31.12
CA LEU W 166 14.19 29.21 -31.65
C LEU W 166 13.43 29.40 -32.96
N THR W 167 13.84 28.67 -33.98
CA THR W 167 13.36 28.88 -35.34
C THR W 167 12.24 27.91 -35.73
N ASP W 168 11.80 27.05 -34.82
CA ASP W 168 10.82 26.04 -35.16
C ASP W 168 9.49 26.68 -35.53
N GLU W 169 9.01 26.38 -36.74
CA GLU W 169 7.73 26.89 -37.20
C GLU W 169 6.57 26.37 -36.36
N GLU W 170 6.70 25.17 -35.78
CA GLU W 170 5.69 24.70 -34.85
C GLU W 170 5.59 25.62 -33.63
N VAL W 171 6.73 26.12 -33.17
CA VAL W 171 6.71 27.07 -32.05
C VAL W 171 6.09 28.39 -32.47
N ARG W 172 6.47 28.91 -33.63
CA ARG W 172 5.90 30.17 -34.09
C ARG W 172 4.38 30.06 -34.24
N LYS W 173 3.91 28.97 -34.84
CA LYS W 173 2.47 28.74 -34.94
C LYS W 173 1.81 28.71 -33.57
N ALA W 174 2.38 27.97 -32.62
CA ALA W 174 1.79 27.94 -31.29
C ALA W 174 1.81 29.30 -30.60
N LEU W 175 2.81 30.12 -30.87
CA LEU W 175 2.79 31.48 -30.33
C LEU W 175 1.76 32.38 -31.01
N GLU W 176 1.51 32.20 -32.29
CA GLU W 176 0.41 32.94 -32.91
C GLU W 176 -0.94 32.54 -32.30
N GLU W 177 -1.11 31.25 -32.01
CA GLU W 177 -2.27 30.82 -31.25
C GLU W 177 -2.31 31.43 -29.85
N LEU W 178 -1.17 31.48 -29.16
CA LEU W 178 -1.18 32.01 -27.80
C LEU W 178 -1.45 33.50 -27.75
N LYS W 179 -0.89 34.29 -28.66
CA LYS W 179 -1.22 35.71 -28.74
C LYS W 179 -2.68 35.97 -29.12
N ALA W 180 -3.22 35.20 -30.06
CA ALA W 180 -4.65 35.33 -30.36
C ALA W 180 -5.51 34.98 -29.14
N SER W 181 -5.21 33.87 -28.48
CA SER W 181 -5.93 33.50 -27.27
C SER W 181 -5.82 34.57 -26.18
N THR W 182 -4.66 35.21 -26.04
CA THR W 182 -4.51 36.26 -25.04
C THR W 182 -5.37 37.48 -25.34
N ALA W 183 -5.36 37.96 -26.58
CA ALA W 183 -6.24 39.08 -26.92
C ALA W 183 -7.71 38.71 -26.78
N GLU W 184 -8.07 37.48 -27.18
CA GLU W 184 -9.43 37.00 -26.96
C GLU W 184 -9.80 36.99 -25.48
N LEU W 185 -8.86 36.57 -24.63
CA LEU W 185 -9.12 36.53 -23.20
C LEU W 185 -9.26 37.91 -22.59
N LYS W 186 -8.49 38.89 -23.05
CA LYS W 186 -8.75 40.27 -22.63
C LYS W 186 -10.15 40.73 -23.00
N ARG W 187 -10.56 40.53 -24.25
CA ARG W 187 -11.90 40.94 -24.64
C ARG W 187 -12.98 40.23 -23.83
N ALA W 188 -12.87 38.93 -23.64
CA ALA W 188 -13.86 38.20 -22.86
C ALA W 188 -13.90 38.66 -21.41
N THR W 189 -12.75 38.94 -20.82
CA THR W 189 -12.72 39.48 -19.46
C THR W 189 -13.44 40.81 -19.37
N ALA W 190 -13.17 41.72 -20.30
CA ALA W 190 -13.88 42.99 -20.31
C ALA W 190 -15.39 42.79 -20.45
N SER W 191 -15.82 41.92 -21.37
CA SER W 191 -17.24 41.63 -21.52
C SER W 191 -17.86 41.11 -20.23
N LEU W 192 -17.13 40.26 -19.50
CA LEU W 192 -17.70 39.71 -18.28
C LEU W 192 -17.77 40.78 -17.19
N ARG W 193 -16.79 41.67 -17.13
CA ARG W 193 -16.91 42.77 -16.18
C ARG W 193 -18.07 43.69 -16.54
N ALA W 194 -18.38 43.83 -17.83
CA ALA W 194 -19.50 44.65 -18.24
C ALA W 194 -20.83 44.07 -17.78
N ILE W 195 -21.08 42.79 -18.05
CA ILE W 195 -22.33 42.21 -17.56
C ILE W 195 -22.36 42.10 -16.04
N THR W 196 -21.20 41.94 -15.38
CA THR W 196 -21.17 42.02 -13.93
C THR W 196 -21.62 43.38 -13.40
N GLU W 197 -21.17 44.47 -14.03
CA GLU W 197 -21.67 45.79 -13.67
C GLU W 197 -23.16 45.96 -13.98
N GLU W 198 -23.66 45.29 -15.01
CA GLU W 198 -25.10 45.27 -15.20
C GLU W 198 -25.80 44.55 -14.05
N LEU W 199 -25.33 43.36 -13.69
CA LEU W 199 -26.00 42.60 -12.64
C LEU W 199 -26.02 43.41 -11.35
N LYS W 200 -24.87 43.97 -10.98
CA LYS W 200 -24.81 44.81 -9.79
C LYS W 200 -25.81 45.94 -9.87
N LYS W 201 -26.05 46.49 -11.06
CA LYS W 201 -27.09 47.51 -11.18
C LYS W 201 -28.50 46.93 -11.08
N ASN W 202 -28.76 45.78 -11.72
CA ASN W 202 -30.13 45.25 -11.85
C ASN W 202 -30.20 43.77 -11.48
N PRO W 203 -29.93 43.43 -10.22
CA PRO W 203 -29.87 42.00 -9.83
C PRO W 203 -31.24 41.34 -9.84
N SER W 204 -31.30 40.17 -10.47
CA SER W 204 -32.50 39.34 -10.48
C SER W 204 -32.08 37.90 -10.76
N GLU W 205 -32.93 36.96 -10.33
CA GLU W 205 -32.65 35.55 -10.58
C GLU W 205 -32.41 35.27 -12.07
N ASP W 206 -33.22 35.84 -12.97
CA ASP W 206 -32.96 35.63 -14.39
C ASP W 206 -31.58 36.17 -14.75
N ALA W 207 -31.18 37.26 -14.12
CA ALA W 207 -29.87 37.81 -14.40
C ALA W 207 -28.81 36.92 -13.81
N LEU W 208 -29.00 36.45 -12.59
CA LEU W 208 -28.00 35.57 -11.97
C LEU W 208 -27.74 34.36 -12.85
N VAL W 209 -28.79 33.81 -13.48
CA VAL W 209 -28.62 32.66 -14.35
C VAL W 209 -27.85 33.04 -15.61
N GLU W 210 -28.28 34.10 -16.30
CA GLU W 210 -27.57 34.52 -17.51
C GLU W 210 -26.10 34.85 -17.20
N HIS W 211 -25.85 35.40 -16.01
CA HIS W 211 -24.51 35.80 -15.63
C HIS W 211 -23.66 34.56 -15.38
N ASN W 212 -24.17 33.61 -14.59
CA ASN W 212 -23.41 32.38 -14.34
C ASN W 212 -23.10 31.66 -15.65
N ARG W 213 -24.02 31.70 -16.61
CA ARG W 213 -23.72 31.19 -17.95
C ARG W 213 -22.51 31.89 -18.58
N ALA W 214 -22.50 33.23 -18.55
CA ALA W 214 -21.36 33.95 -19.10
C ALA W 214 -20.06 33.65 -18.36
N ILE W 215 -20.13 33.50 -17.03
CA ILE W 215 -18.96 33.06 -16.27
C ILE W 215 -18.45 31.72 -16.79
N VAL W 216 -19.33 30.75 -16.97
CA VAL W 216 -18.87 29.44 -17.42
C VAL W 216 -18.24 29.51 -18.80
N GLU W 217 -18.75 30.38 -19.67
CA GLU W 217 -18.07 30.61 -20.95
C GLU W 217 -16.69 31.21 -20.76
N HIS W 218 -16.56 32.14 -19.83
CA HIS W 218 -15.26 32.75 -19.56
C HIS W 218 -14.26 31.71 -19.04
N ASN W 219 -14.69 30.88 -18.09
CA ASN W 219 -13.82 29.81 -17.60
C ASN W 219 -13.41 28.86 -18.72
N ALA W 220 -14.32 28.55 -19.64
CA ALA W 220 -13.94 27.71 -20.78
C ALA W 220 -12.84 28.36 -21.62
N ILE W 221 -12.93 29.68 -21.83
CA ILE W 221 -11.87 30.37 -22.56
C ILE W 221 -10.55 30.34 -21.81
N ILE W 222 -10.58 30.45 -20.49
CA ILE W 222 -9.36 30.32 -19.70
C ILE W 222 -8.75 28.92 -19.86
N VAL W 223 -9.59 27.89 -19.89
CA VAL W 223 -9.10 26.54 -20.09
C VAL W 223 -8.46 26.36 -21.47
N GLU W 224 -9.06 26.95 -22.51
CA GLU W 224 -8.38 26.98 -23.80
C GLU W 224 -7.03 27.69 -23.74
N ASN W 225 -6.95 28.78 -22.98
CA ASN W 225 -5.67 29.46 -22.82
C ASN W 225 -4.65 28.53 -22.17
N ASN W 226 -5.06 27.80 -21.13
CA ASN W 226 -4.13 26.90 -20.47
C ASN W 226 -3.69 25.76 -21.37
N ARG W 227 -4.57 25.30 -22.27
CA ARG W 227 -4.16 24.30 -23.25
C ARG W 227 -3.08 24.84 -24.18
N ILE W 228 -3.28 26.05 -24.70
CA ILE W 228 -2.27 26.60 -25.62
C ILE W 228 -0.96 26.81 -24.89
N ILE W 229 -1.02 27.32 -23.66
CA ILE W 229 0.19 27.49 -22.85
C ILE W 229 0.92 26.16 -22.72
N ALA W 230 0.20 25.09 -22.43
CA ALA W 230 0.85 23.79 -22.33
C ALA W 230 1.45 23.33 -23.65
N LEU W 231 0.84 23.67 -24.79
CA LEU W 231 1.50 23.33 -26.06
C LEU W 231 2.79 24.10 -26.23
N VAL W 232 2.81 25.37 -25.84
CA VAL W 232 4.06 26.10 -25.92
C VAL W 232 5.13 25.50 -25.01
N LEU W 233 4.78 25.19 -23.76
CA LEU W 233 5.79 24.54 -22.91
C LEU W 233 6.32 23.24 -23.50
N LEU W 234 5.44 22.39 -24.02
CA LEU W 234 5.90 21.15 -24.63
C LEU W 234 6.82 21.36 -25.81
N LEU W 235 6.47 22.29 -26.70
CA LEU W 235 7.35 22.61 -27.82
C LEU W 235 8.69 23.17 -27.37
N ILE W 236 8.71 24.02 -26.35
CA ILE W 236 9.97 24.55 -25.86
C ILE W 236 10.83 23.43 -25.27
N VAL W 237 10.24 22.61 -24.41
CA VAL W 237 11.02 21.54 -23.78
C VAL W 237 11.54 20.55 -24.79
N LEU W 238 10.84 20.34 -25.90
CA LEU W 238 11.41 19.54 -26.97
C LEU W 238 12.51 20.27 -27.72
N ALA W 239 12.37 21.57 -27.93
CA ALA W 239 13.38 22.30 -28.71
C ALA W 239 14.70 22.52 -27.97
N ILE W 240 14.68 22.71 -26.66
CA ILE W 240 15.95 22.78 -25.94
C ILE W 240 16.67 21.44 -26.01
N GLY X 15 -40.20 -14.00 -6.47
CA GLY X 15 -38.95 -14.20 -5.77
C GLY X 15 -39.05 -13.89 -4.29
N SER X 16 -37.95 -14.09 -3.57
CA SER X 16 -37.89 -13.77 -2.16
C SER X 16 -37.53 -12.30 -1.95
N GLU X 17 -37.78 -11.81 -0.73
CA GLU X 17 -37.48 -10.43 -0.41
C GLU X 17 -36.01 -10.11 -0.62
N GLU X 18 -35.11 -11.08 -0.42
CA GLU X 18 -33.71 -10.85 -0.73
C GLU X 18 -33.52 -10.64 -2.23
N GLU X 19 -34.16 -11.45 -3.06
CA GLU X 19 -34.03 -11.28 -4.51
C GLU X 19 -34.57 -9.92 -4.95
N ILE X 20 -35.77 -9.57 -4.50
CA ILE X 20 -36.37 -8.31 -4.88
C ILE X 20 -35.47 -7.15 -4.44
N ALA X 21 -35.00 -7.18 -3.20
CA ALA X 21 -34.14 -6.10 -2.70
C ALA X 21 -32.85 -6.00 -3.50
N LYS X 22 -32.20 -7.14 -3.76
CA LYS X 22 -31.02 -7.13 -4.61
C LYS X 22 -31.31 -6.51 -5.97
N ALA X 23 -32.40 -6.94 -6.61
CA ALA X 23 -32.76 -6.40 -7.91
C ALA X 23 -33.07 -4.92 -7.87
N LEU X 24 -33.65 -4.41 -6.78
CA LEU X 24 -33.84 -2.97 -6.63
C LEU X 24 -32.53 -2.23 -6.40
N GLU X 25 -31.56 -2.85 -5.74
CA GLU X 25 -30.21 -2.29 -5.70
C GLU X 25 -29.61 -2.22 -7.11
N GLU X 26 -29.82 -3.25 -7.91
CA GLU X 26 -29.38 -3.22 -9.30
C GLU X 26 -30.11 -2.15 -10.09
N LEU X 27 -31.40 -1.95 -9.81
CA LEU X 27 -32.17 -0.93 -10.50
C LEU X 27 -31.66 0.46 -10.15
N VAL X 28 -31.47 0.75 -8.87
CA VAL X 28 -30.97 2.07 -8.48
C VAL X 28 -29.54 2.30 -8.97
N ALA X 29 -28.71 1.26 -8.99
CA ALA X 29 -27.41 1.37 -9.65
C ALA X 29 -27.54 1.71 -11.14
N SER X 30 -28.44 1.05 -11.84
CA SER X 30 -28.69 1.37 -13.24
C SER X 30 -29.22 2.78 -13.42
N LEU X 31 -30.04 3.25 -12.49
CA LEU X 31 -30.54 4.62 -12.56
C LEU X 31 -29.42 5.63 -12.36
N ALA X 32 -28.53 5.40 -11.40
CA ALA X 32 -27.37 6.27 -11.24
C ALA X 32 -26.52 6.29 -12.50
N GLU X 33 -26.24 5.11 -13.07
CA GLU X 33 -25.52 5.04 -14.33
C GLU X 33 -26.23 5.77 -15.46
N LEU X 34 -27.56 5.64 -15.53
CA LEU X 34 -28.34 6.35 -16.54
C LEU X 34 -28.26 7.86 -16.37
N LYS X 35 -28.37 8.34 -15.13
CA LYS X 35 -28.21 9.76 -14.88
C LYS X 35 -26.84 10.26 -15.32
N ARG X 36 -25.79 9.56 -14.91
CA ARG X 36 -24.43 9.93 -15.31
C ARG X 36 -24.31 10.00 -16.82
N ALA X 37 -24.81 8.98 -17.52
CA ALA X 37 -24.79 8.98 -18.97
C ALA X 37 -25.59 10.12 -19.56
N THR X 38 -26.71 10.49 -18.94
CA THR X 38 -27.49 11.61 -19.46
C THR X 38 -26.71 12.91 -19.33
N LEU X 39 -26.02 13.10 -18.21
CA LEU X 39 -25.19 14.30 -18.06
C LEU X 39 -24.09 14.34 -19.12
N LYS X 40 -23.38 13.23 -19.29
CA LYS X 40 -22.36 13.14 -20.34
C LYS X 40 -22.93 13.44 -21.72
N LEU X 41 -24.10 12.89 -22.04
CA LEU X 41 -24.70 13.15 -23.33
C LEU X 41 -25.05 14.62 -23.51
N LEU X 42 -25.51 15.27 -22.45
CA LEU X 42 -25.76 16.71 -22.55
C LEU X 42 -24.45 17.46 -22.82
N VAL X 43 -23.36 17.00 -22.22
CA VAL X 43 -22.07 17.64 -22.48
C VAL X 43 -21.74 17.56 -23.96
N ILE X 44 -21.72 16.34 -24.50
CA ILE X 44 -21.30 16.22 -25.89
C ILE X 44 -22.29 16.89 -26.83
N THR X 45 -23.57 16.96 -26.47
CA THR X 45 -24.52 17.77 -27.23
C THR X 45 -24.12 19.24 -27.27
N GLU X 46 -23.67 19.78 -26.13
CA GLU X 46 -23.21 21.16 -26.14
C GLU X 46 -21.96 21.33 -26.99
N GLU X 47 -21.00 20.41 -26.84
CA GLU X 47 -19.78 20.50 -27.64
C GLU X 47 -20.07 20.43 -29.13
N LEU X 48 -20.98 19.55 -29.53
CA LEU X 48 -21.42 19.48 -30.92
C LEU X 48 -22.10 20.77 -31.37
N LYS X 49 -22.95 21.35 -30.52
CA LYS X 49 -23.59 22.62 -30.87
C LYS X 49 -22.56 23.72 -31.10
N LYS X 50 -21.56 23.81 -30.23
CA LYS X 50 -20.56 24.88 -30.36
C LYS X 50 -19.62 24.68 -31.54
N ASN X 51 -19.19 23.45 -31.81
CA ASN X 51 -18.16 23.18 -32.82
C ASN X 51 -18.57 22.03 -33.73
N PRO X 52 -19.67 22.19 -34.47
CA PRO X 52 -20.24 21.06 -35.22
C PRO X 52 -19.34 20.62 -36.36
N SER X 53 -19.24 19.31 -36.53
CA SER X 53 -18.42 18.73 -37.58
C SER X 53 -18.86 17.28 -37.81
N GLU X 54 -18.44 16.74 -38.95
CA GLU X 54 -18.91 15.42 -39.37
C GLU X 54 -18.49 14.32 -38.40
N SER X 55 -17.23 14.32 -37.97
CA SER X 55 -16.80 13.32 -37.00
C SER X 55 -17.42 13.55 -35.63
N ALA X 56 -17.69 14.81 -35.28
CA ALA X 56 -18.47 15.09 -34.09
C ALA X 56 -19.88 14.54 -34.19
N LEU X 57 -20.52 14.69 -35.35
CA LEU X 57 -21.86 14.12 -35.54
C LEU X 57 -21.84 12.60 -35.39
N VAL X 58 -20.89 11.94 -36.03
CA VAL X 58 -20.79 10.48 -35.92
C VAL X 58 -20.59 10.05 -34.46
N SER X 59 -19.68 10.71 -33.75
CA SER X 59 -19.41 10.31 -32.36
C SER X 59 -20.59 10.62 -31.45
N HIS X 60 -21.30 11.72 -31.69
CA HIS X 60 -22.49 12.02 -30.92
C HIS X 60 -23.55 10.94 -31.12
N ASN X 61 -23.81 10.57 -32.36
CA ASN X 61 -24.76 9.48 -32.63
C ASN X 61 -24.35 8.18 -31.95
N LYS X 62 -23.08 7.81 -32.01
CA LYS X 62 -22.63 6.61 -31.31
C LYS X 62 -22.83 6.71 -29.80
N ALA X 63 -22.61 7.88 -29.21
CA ALA X 63 -22.89 8.05 -27.79
C ALA X 63 -24.38 7.90 -27.48
N ILE X 64 -25.24 8.41 -28.37
CA ILE X 64 -26.68 8.20 -28.22
C ILE X 64 -27.02 6.72 -28.26
N VAL X 65 -26.36 5.96 -29.13
CA VAL X 65 -26.61 4.52 -29.18
C VAL X 65 -26.20 3.82 -27.88
N GLU X 66 -25.07 4.21 -27.29
CA GLU X 66 -24.70 3.58 -26.02
C GLU X 66 -25.61 4.00 -24.86
N HIS X 67 -26.08 5.24 -24.88
CA HIS X 67 -27.07 5.67 -23.90
C HIS X 67 -28.37 4.89 -24.04
N ASN X 68 -28.85 4.72 -25.27
CA ASN X 68 -30.04 3.91 -25.49
C ASN X 68 -29.85 2.47 -25.02
N ALA X 69 -28.68 1.88 -25.26
CA ALA X 69 -28.45 0.53 -24.74
C ALA X 69 -28.54 0.48 -23.22
N ILE X 70 -28.06 1.51 -22.53
CA ILE X 70 -28.24 1.57 -21.08
C ILE X 70 -29.71 1.68 -20.68
N ILE X 71 -30.49 2.50 -21.40
CA ILE X 71 -31.92 2.57 -21.12
C ILE X 71 -32.58 1.21 -21.28
N VAL X 72 -32.25 0.50 -22.35
CA VAL X 72 -32.83 -0.82 -22.60
C VAL X 72 -32.49 -1.79 -21.47
N GLU X 73 -31.23 -1.81 -21.02
CA GLU X 73 -30.92 -2.64 -19.85
C GLU X 73 -31.70 -2.23 -18.60
N ASN X 74 -31.91 -0.94 -18.39
CA ASN X 74 -32.75 -0.52 -17.27
C ASN X 74 -34.16 -1.10 -17.40
N ASN X 75 -34.73 -1.04 -18.59
CA ASN X 75 -36.08 -1.56 -18.81
C ASN X 75 -36.13 -3.08 -18.65
N ARG X 76 -35.05 -3.77 -19.01
CA ARG X 76 -34.98 -5.20 -18.76
C ARG X 76 -35.03 -5.49 -17.27
N ILE X 77 -34.25 -4.74 -16.48
CA ILE X 77 -34.27 -4.98 -15.04
C ILE X 77 -35.64 -4.65 -14.45
N ILE X 78 -36.29 -3.60 -14.94
CA ILE X 78 -37.64 -3.29 -14.46
C ILE X 78 -38.61 -4.42 -14.78
N ALA X 79 -38.56 -4.95 -16.00
CA ALA X 79 -39.44 -6.08 -16.33
C ALA X 79 -39.15 -7.29 -15.46
N ALA X 80 -37.89 -7.54 -15.12
CA ALA X 80 -37.57 -8.66 -14.23
C ALA X 80 -38.18 -8.44 -12.86
N VAL X 81 -37.99 -7.24 -12.31
CA VAL X 81 -38.52 -6.93 -11.00
C VAL X 81 -40.03 -7.10 -11.00
N LEU X 82 -40.70 -6.57 -12.02
CA LEU X 82 -42.16 -6.70 -12.09
C LEU X 82 -42.60 -8.16 -12.15
N GLU X 83 -41.88 -9.01 -12.87
CA GLU X 83 -42.26 -10.42 -12.86
C GLU X 83 -42.11 -11.04 -11.48
N LEU X 84 -41.05 -10.69 -10.75
CA LEU X 84 -40.92 -11.18 -9.38
C LEU X 84 -42.00 -10.63 -8.45
N ILE X 85 -42.35 -9.35 -8.61
CA ILE X 85 -43.40 -8.75 -7.80
C ILE X 85 -44.76 -9.40 -8.08
N VAL X 86 -45.10 -9.57 -9.35
CA VAL X 86 -46.39 -10.18 -9.66
C VAL X 86 -46.43 -11.63 -9.18
N ARG X 87 -45.35 -12.38 -9.35
CA ARG X 87 -45.39 -13.73 -8.78
C ARG X 87 -45.50 -13.69 -7.26
N ALA X 88 -44.99 -12.64 -6.62
CA ALA X 88 -45.20 -12.46 -5.19
C ALA X 88 -46.67 -12.26 -4.86
N VAL X 89 -47.33 -11.30 -5.52
CA VAL X 89 -48.73 -11.00 -5.24
C VAL X 89 -49.69 -12.01 -5.87
N GLY X 90 -49.34 -12.60 -6.99
CA GLY X 90 -50.30 -13.32 -7.82
C GLY X 90 -50.77 -12.58 -9.05
N MET X 91 -50.77 -13.30 -10.16
CA MET X 91 -51.34 -12.83 -11.42
C MET X 91 -52.85 -12.56 -11.31
N THR X 92 -53.34 -11.81 -12.29
CA THR X 92 -54.76 -11.65 -12.57
C THR X 92 -54.92 -11.55 -14.07
N ASP X 93 -56.17 -11.70 -14.54
CA ASP X 93 -56.43 -11.70 -15.98
C ASP X 93 -55.76 -10.53 -16.69
N GLU X 94 -56.02 -9.31 -16.23
CA GLU X 94 -55.45 -8.15 -16.90
C GLU X 94 -53.96 -8.05 -16.68
N ILE X 95 -53.47 -8.51 -15.53
CA ILE X 95 -52.04 -8.53 -15.32
C ILE X 95 -51.38 -9.52 -16.26
N LEU X 96 -51.92 -10.73 -16.37
CA LEU X 96 -51.29 -11.71 -17.25
C LEU X 96 -51.28 -11.25 -18.70
N LEU X 97 -52.37 -10.64 -19.16
CA LEU X 97 -52.38 -10.10 -20.52
C LEU X 97 -51.40 -8.95 -20.70
N ALA X 98 -51.22 -8.12 -19.66
CA ALA X 98 -50.23 -7.06 -19.76
C ALA X 98 -48.81 -7.57 -19.67
N LEU X 99 -48.55 -8.62 -18.91
CA LEU X 99 -47.21 -9.20 -18.89
C LEU X 99 -46.87 -9.90 -20.20
N LEU X 100 -47.83 -10.53 -20.86
CA LEU X 100 -47.54 -11.05 -22.20
C LEU X 100 -47.28 -9.93 -23.20
N GLU X 101 -48.00 -8.82 -23.06
CA GLU X 101 -47.69 -7.65 -23.87
C GLU X 101 -46.32 -7.08 -23.56
N LEU X 102 -45.94 -7.09 -22.28
CA LEU X 102 -44.62 -6.62 -21.88
C LEU X 102 -43.51 -7.50 -22.43
N LYS X 103 -43.65 -8.82 -22.33
CA LYS X 103 -42.63 -9.71 -22.86
C LYS X 103 -42.50 -9.58 -24.37
N ALA X 104 -43.61 -9.40 -25.07
CA ALA X 104 -43.52 -9.12 -26.50
C ALA X 104 -42.76 -7.84 -26.77
N SER X 105 -43.11 -6.75 -26.08
CA SER X 105 -42.43 -5.49 -26.30
C SER X 105 -40.94 -5.57 -25.93
N THR X 106 -40.60 -6.33 -24.89
CA THR X 106 -39.20 -6.58 -24.55
C THR X 106 -38.44 -7.25 -25.69
N ALA X 107 -39.04 -8.26 -26.32
CA ALA X 107 -38.33 -8.90 -27.43
C ALA X 107 -38.22 -7.96 -28.61
N ARG X 108 -39.29 -7.24 -28.92
CA ARG X 108 -39.23 -6.26 -30.00
C ARG X 108 -38.16 -5.23 -29.75
N LEU X 109 -37.98 -4.82 -28.49
CA LEU X 109 -36.93 -3.88 -28.16
C LEU X 109 -35.54 -4.49 -28.35
N LYS X 110 -35.32 -5.74 -27.93
CA LYS X 110 -34.01 -6.33 -28.19
C LYS X 110 -33.69 -6.38 -29.68
N VAL X 111 -34.72 -6.68 -30.49
CA VAL X 111 -34.54 -6.67 -31.94
C VAL X 111 -34.18 -5.30 -32.46
N ALA X 112 -34.96 -4.28 -32.11
CA ALA X 112 -34.65 -2.93 -32.59
C ALA X 112 -33.32 -2.43 -32.07
N THR X 113 -32.91 -2.84 -30.88
CA THR X 113 -31.59 -2.52 -30.37
C THR X 113 -30.48 -3.08 -31.24
N ALA X 114 -30.57 -4.36 -31.61
CA ALA X 114 -29.62 -4.91 -32.57
C ALA X 114 -29.67 -4.20 -33.92
N LEU X 115 -30.87 -3.90 -34.42
CA LEU X 115 -30.96 -3.14 -35.66
C LEU X 115 -30.21 -1.82 -35.58
N LEU X 116 -30.46 -1.07 -34.51
CA LEU X 116 -29.80 0.22 -34.35
C LEU X 116 -28.29 0.07 -34.26
N ARG X 117 -27.80 -0.87 -33.46
CA ARG X 117 -26.36 -1.07 -33.37
C ARG X 117 -25.74 -1.39 -34.73
N MET X 118 -26.45 -2.14 -35.57
CA MET X 118 -25.87 -2.52 -36.85
C MET X 118 -25.86 -1.36 -37.84
N ILE X 119 -26.94 -0.58 -37.93
CA ILE X 119 -26.88 0.62 -38.76
C ILE X 119 -25.94 1.67 -38.17
N THR X 120 -25.74 1.70 -36.86
CA THR X 120 -24.67 2.49 -36.27
C THR X 120 -23.30 2.09 -36.82
N GLU X 121 -23.01 0.80 -36.87
CA GLU X 121 -21.74 0.37 -37.44
C GLU X 121 -21.63 0.71 -38.92
N GLU X 122 -22.72 0.61 -39.67
CA GLU X 122 -22.71 1.08 -41.05
C GLU X 122 -22.39 2.58 -41.15
N LEU X 123 -23.00 3.39 -40.30
CA LEU X 123 -22.70 4.83 -40.33
C LEU X 123 -21.26 5.12 -39.97
N LYS X 124 -20.77 4.52 -38.88
CA LYS X 124 -19.39 4.71 -38.47
C LYS X 124 -18.42 4.34 -39.59
N LYS X 125 -18.67 3.22 -40.27
CA LYS X 125 -17.78 2.78 -41.34
C LYS X 125 -17.88 3.66 -42.59
N ASN X 126 -19.09 4.07 -42.98
CA ASN X 126 -19.31 4.78 -44.23
C ASN X 126 -20.15 6.03 -44.02
N PRO X 127 -19.65 6.99 -43.24
CA PRO X 127 -20.47 8.15 -42.86
C PRO X 127 -20.67 9.13 -44.01
N SER X 128 -21.85 9.73 -44.02
CA SER X 128 -22.22 10.80 -44.95
C SER X 128 -23.47 11.45 -44.40
N GLU X 129 -23.81 12.61 -44.97
CA GLU X 129 -24.97 13.34 -44.47
C GLU X 129 -26.25 12.51 -44.61
N ASP X 130 -26.42 11.84 -45.76
CA ASP X 130 -27.57 10.95 -45.92
C ASP X 130 -27.57 9.87 -44.86
N ALA X 131 -26.40 9.29 -44.57
CA ALA X 131 -26.34 8.26 -43.53
C ALA X 131 -26.67 8.82 -42.17
N LEU X 132 -26.28 10.07 -41.89
CA LEU X 132 -26.68 10.67 -40.61
C LEU X 132 -28.18 10.86 -40.54
N VAL X 133 -28.81 11.31 -41.62
CA VAL X 133 -30.26 11.45 -41.61
C VAL X 133 -30.93 10.11 -41.34
N GLU X 134 -30.56 9.08 -42.11
CA GLU X 134 -31.17 7.78 -41.90
C GLU X 134 -30.93 7.28 -40.48
N HIS X 135 -29.74 7.51 -39.95
CA HIS X 135 -29.42 7.10 -38.59
C HIS X 135 -30.27 7.84 -37.57
N ASN X 136 -30.43 9.15 -37.74
CA ASN X 136 -31.29 9.90 -36.81
C ASN X 136 -32.73 9.39 -36.85
N ARG X 137 -33.24 9.10 -38.04
CA ARG X 137 -34.58 8.53 -38.12
C ARG X 137 -34.67 7.17 -37.43
N ALA X 138 -33.61 6.35 -37.53
CA ALA X 138 -33.63 5.08 -36.82
C ALA X 138 -33.50 5.24 -35.31
N ILE X 139 -32.75 6.24 -34.85
CA ILE X 139 -32.76 6.56 -33.41
C ILE X 139 -34.14 6.94 -32.95
N VAL X 140 -34.84 7.77 -33.73
CA VAL X 140 -36.19 8.18 -33.34
C VAL X 140 -37.15 7.00 -33.30
N ASN X 141 -36.99 6.04 -34.22
CA ASN X 141 -37.81 4.83 -34.12
C ASN X 141 -37.46 3.98 -32.90
N HIS X 142 -36.17 3.84 -32.59
CA HIS X 142 -35.77 3.10 -31.40
C HIS X 142 -36.37 3.74 -30.15
N ASN X 143 -36.25 5.05 -30.02
CA ASN X 143 -36.89 5.73 -28.90
C ASN X 143 -38.39 5.52 -28.86
N ALA X 144 -39.08 5.62 -30.01
CA ALA X 144 -40.52 5.33 -30.00
C ALA X 144 -40.84 3.93 -29.46
N ILE X 145 -39.95 2.97 -29.71
CA ILE X 145 -40.16 1.64 -29.11
C ILE X 145 -39.91 1.66 -27.61
N ILE X 146 -38.89 2.37 -27.16
CA ILE X 146 -38.70 2.57 -25.71
C ILE X 146 -39.96 3.16 -25.08
N VAL X 147 -40.51 4.20 -25.69
CA VAL X 147 -41.76 4.78 -25.20
C VAL X 147 -42.86 3.73 -25.07
N GLU X 148 -43.09 2.92 -26.10
CA GLU X 148 -44.12 1.89 -25.96
C GLU X 148 -43.80 0.91 -24.83
N ASN X 149 -42.53 0.56 -24.65
CA ASN X 149 -42.15 -0.27 -23.51
C ASN X 149 -42.52 0.40 -22.19
N ASN X 150 -42.32 1.71 -22.10
CA ASN X 150 -42.63 2.40 -20.86
C ASN X 150 -44.12 2.48 -20.63
N ARG X 151 -44.90 2.61 -21.70
CA ARG X 151 -46.34 2.65 -21.52
C ARG X 151 -46.85 1.33 -20.98
N ILE X 152 -46.30 0.23 -21.49
CA ILE X 152 -46.75 -1.07 -21.01
C ILE X 152 -46.33 -1.30 -19.56
N ILE X 153 -45.09 -0.95 -19.21
CA ILE X 153 -44.64 -1.04 -17.81
C ILE X 153 -45.51 -0.19 -16.87
N ALA X 154 -45.84 1.04 -17.28
CA ALA X 154 -46.77 1.84 -16.50
C ALA X 154 -48.15 1.21 -16.39
N ALA X 155 -48.65 0.60 -17.46
CA ALA X 155 -49.94 -0.07 -17.37
C ALA X 155 -49.88 -1.24 -16.39
N VAL X 156 -48.78 -1.99 -16.41
CA VAL X 156 -48.60 -3.08 -15.46
C VAL X 156 -48.64 -2.56 -14.02
N LEU X 157 -47.89 -1.49 -13.74
CA LEU X 157 -47.91 -0.96 -12.37
C LEU X 157 -49.27 -0.43 -11.97
N GLU X 158 -49.98 0.23 -12.89
CA GLU X 158 -51.35 0.64 -12.63
C GLU X 158 -52.24 -0.55 -12.26
N LEU X 159 -52.10 -1.67 -12.98
CA LEU X 159 -52.89 -2.85 -12.68
C LEU X 159 -52.48 -3.48 -11.35
N ILE X 160 -51.19 -3.56 -11.07
CA ILE X 160 -50.74 -4.15 -9.80
C ILE X 160 -51.29 -3.35 -8.63
N VAL X 161 -51.18 -2.03 -8.68
CA VAL X 161 -51.73 -1.22 -7.59
C VAL X 161 -53.24 -1.37 -7.48
N ARG X 162 -53.96 -1.29 -8.60
CA ARG X 162 -55.41 -1.47 -8.49
C ARG X 162 -55.80 -2.86 -8.01
N ALA X 163 -55.05 -3.89 -8.38
CA ALA X 163 -55.33 -5.24 -7.91
C ALA X 163 -55.08 -5.40 -6.42
N LEU X 164 -54.00 -4.81 -5.91
CA LEU X 164 -53.78 -4.81 -4.47
C LEU X 164 -54.84 -4.00 -3.74
N ASN X 165 -55.43 -3.01 -4.39
CA ASN X 165 -56.35 -2.08 -3.72
C ASN X 165 -55.61 -1.21 -2.71
N LEU X 166 -54.39 -0.82 -3.07
CA LEU X 166 -53.51 -0.15 -2.14
C LEU X 166 -53.96 1.29 -1.93
N THR X 167 -54.11 1.67 -0.65
CA THR X 167 -54.72 2.92 -0.27
C THR X 167 -53.72 4.02 0.06
N ASP X 168 -52.43 3.74 -0.07
CA ASP X 168 -51.39 4.70 0.33
C ASP X 168 -51.46 5.95 -0.54
N GLU X 169 -51.63 7.11 0.10
CA GLU X 169 -51.66 8.37 -0.64
C GLU X 169 -50.32 8.65 -1.31
N GLU X 170 -49.22 8.17 -0.74
CA GLU X 170 -47.94 8.28 -1.43
C GLU X 170 -47.95 7.52 -2.75
N VAL X 171 -48.61 6.36 -2.77
CA VAL X 171 -48.73 5.60 -4.01
C VAL X 171 -49.63 6.32 -5.01
N ARG X 172 -50.77 6.82 -4.56
CA ARG X 172 -51.65 7.54 -5.46
C ARG X 172 -50.95 8.75 -6.07
N LYS X 173 -50.24 9.51 -5.24
CA LYS X 173 -49.45 10.62 -5.74
C LYS X 173 -48.44 10.18 -6.78
N ALA X 174 -47.69 9.12 -6.50
CA ALA X 174 -46.72 8.64 -7.48
C ALA X 174 -47.38 8.17 -8.77
N LEU X 175 -48.59 7.61 -8.70
CA LEU X 175 -49.30 7.27 -9.94
C LEU X 175 -49.81 8.48 -10.69
N GLU X 176 -50.21 9.54 -9.99
CA GLU X 176 -50.55 10.77 -10.70
C GLU X 176 -49.34 11.35 -11.42
N GLU X 177 -48.17 11.29 -10.78
CA GLU X 177 -46.94 11.64 -11.48
C GLU X 177 -46.66 10.71 -12.67
N LEU X 178 -46.88 9.42 -12.50
CA LEU X 178 -46.56 8.51 -13.61
C LEU X 178 -47.49 8.69 -14.80
N LYS X 179 -48.79 8.89 -14.57
CA LYS X 179 -49.70 9.20 -15.67
C LYS X 179 -49.42 10.55 -16.34
N ALA X 180 -49.10 11.58 -15.56
CA ALA X 180 -48.70 12.84 -16.18
C ALA X 180 -47.42 12.69 -17.01
N SER X 181 -46.40 12.03 -16.46
CA SER X 181 -45.19 11.78 -17.23
C SER X 181 -45.46 10.98 -18.49
N THR X 182 -46.37 10.00 -18.43
CA THR X 182 -46.69 9.22 -19.62
C THR X 182 -47.36 10.05 -20.71
N ALA X 183 -48.36 10.86 -20.36
CA ALA X 183 -48.97 11.73 -21.36
C ALA X 183 -47.96 12.75 -21.91
N GLU X 184 -47.11 13.29 -21.05
CA GLU X 184 -46.03 14.16 -21.52
C GLU X 184 -45.11 13.43 -22.50
N LEU X 185 -44.79 12.17 -22.22
CA LEU X 185 -43.92 11.40 -23.11
C LEU X 185 -44.58 11.10 -24.44
N LYS X 186 -45.88 10.84 -24.47
CA LYS X 186 -46.58 10.75 -25.75
C LYS X 186 -46.47 12.05 -26.54
N ARG X 187 -46.76 13.18 -25.90
CA ARG X 187 -46.66 14.45 -26.63
C ARG X 187 -45.24 14.70 -27.15
N ALA X 188 -44.23 14.47 -26.31
CA ALA X 188 -42.85 14.67 -26.76
C ALA X 188 -42.47 13.72 -27.90
N THR X 189 -42.93 12.48 -27.85
CA THR X 189 -42.68 11.56 -28.95
C THR X 189 -43.29 12.05 -30.25
N ALA X 190 -44.55 12.49 -30.20
CA ALA X 190 -45.17 13.05 -31.40
C ALA X 190 -44.40 14.26 -31.92
N SER X 191 -44.01 15.18 -31.03
CA SER X 191 -43.22 16.33 -31.47
C SER X 191 -41.91 15.92 -32.13
N LEU X 192 -41.26 14.89 -31.60
CA LEU X 192 -39.99 14.47 -32.19
C LEU X 192 -40.20 13.81 -33.54
N ARG X 193 -41.27 13.04 -33.69
CA ARG X 193 -41.57 12.51 -35.01
C ARG X 193 -41.90 13.62 -36.00
N ALA X 194 -42.50 14.70 -35.53
CA ALA X 194 -42.80 15.83 -36.41
C ALA X 194 -41.55 16.51 -36.93
N ILE X 195 -40.62 16.86 -36.02
CA ILE X 195 -39.38 17.46 -36.51
C ILE X 195 -38.54 16.47 -37.29
N THR X 196 -38.62 15.18 -36.98
CA THR X 196 -37.97 14.17 -37.82
C THR X 196 -38.52 14.15 -39.25
N GLU X 197 -39.84 14.25 -39.42
CA GLU X 197 -40.41 14.38 -40.76
C GLU X 197 -40.01 15.68 -41.45
N GLU X 198 -39.80 16.75 -40.69
CA GLU X 198 -39.23 17.95 -41.29
C GLU X 198 -37.80 17.68 -41.77
N LEU X 199 -36.98 17.11 -40.91
CA LEU X 199 -35.58 16.87 -41.25
C LEU X 199 -35.51 16.00 -42.51
N LYS X 200 -36.27 14.91 -42.53
CA LYS X 200 -36.31 14.05 -43.69
C LYS X 200 -36.68 14.84 -44.95
N LYS X 201 -37.55 15.84 -44.82
CA LYS X 201 -37.80 16.66 -46.00
C LYS X 201 -36.63 17.59 -46.33
N ASN X 202 -36.01 18.22 -45.33
CA ASN X 202 -35.02 19.26 -45.57
C ASN X 202 -33.75 19.04 -44.74
N PRO X 203 -33.03 17.95 -45.02
CA PRO X 203 -31.85 17.61 -44.20
C PRO X 203 -30.69 18.59 -44.43
N SER X 204 -30.12 19.07 -43.33
CA SER X 204 -28.93 19.91 -43.37
C SER X 204 -28.21 19.81 -42.04
N GLU X 205 -26.91 20.11 -42.06
CA GLU X 205 -26.10 20.09 -40.84
C GLU X 205 -26.72 20.95 -39.74
N ASP X 206 -27.21 22.15 -40.07
CA ASP X 206 -27.86 22.94 -39.01
C ASP X 206 -29.09 22.21 -38.50
N ALA X 207 -29.77 21.49 -39.39
CA ALA X 207 -30.93 20.74 -38.97
C ALA X 207 -30.49 19.54 -38.16
N LEU X 208 -29.44 18.84 -38.60
CA LEU X 208 -28.95 17.70 -37.84
C LEU X 208 -28.63 18.09 -36.41
N VAL X 209 -28.06 19.29 -36.22
CA VAL X 209 -27.74 19.76 -34.87
C VAL X 209 -29.00 20.02 -34.08
N GLU X 210 -29.93 20.80 -34.64
CA GLU X 210 -31.18 21.06 -33.93
C GLU X 210 -31.93 19.77 -33.61
N HIS X 211 -31.83 18.80 -34.50
CA HIS X 211 -32.54 17.54 -34.33
C HIS X 211 -31.90 16.72 -33.22
N ASN X 212 -30.57 16.56 -33.25
CA ASN X 212 -29.90 15.82 -32.19
C ASN X 212 -30.16 16.45 -30.83
N ARG X 213 -30.24 17.77 -30.77
CA ARG X 213 -30.68 18.45 -29.55
C ARG X 213 -32.07 17.99 -29.11
N ALA X 214 -33.03 17.96 -30.03
CA ALA X 214 -34.37 17.49 -29.66
C ALA X 214 -34.37 16.02 -29.24
N ILE X 215 -33.57 15.18 -29.89
CA ILE X 215 -33.40 13.80 -29.42
C ILE X 215 -32.93 13.76 -27.98
N VAL X 216 -31.89 14.52 -27.66
CA VAL X 216 -31.37 14.48 -26.30
C VAL X 216 -32.39 14.97 -25.27
N GLU X 217 -33.23 15.94 -25.66
CA GLU X 217 -34.33 16.32 -24.79
C GLU X 217 -35.33 15.19 -24.61
N HIS X 218 -35.62 14.46 -25.68
CA HIS X 218 -36.53 13.33 -25.58
C HIS X 218 -35.98 12.25 -24.67
N ASN X 219 -34.71 11.92 -24.82
CA ASN X 219 -34.08 10.95 -23.93
C ASN X 219 -34.14 11.41 -22.47
N ALA X 220 -33.93 12.69 -22.22
CA ALA X 220 -34.06 13.18 -20.85
C ALA X 220 -35.47 12.96 -20.29
N ILE X 221 -36.49 13.17 -21.11
CA ILE X 221 -37.87 12.91 -20.67
C ILE X 221 -38.10 11.42 -20.42
N ILE X 222 -37.50 10.55 -21.23
CA ILE X 222 -37.61 9.12 -20.96
C ILE X 222 -36.96 8.77 -19.63
N VAL X 223 -35.83 9.39 -19.32
CA VAL X 223 -35.17 9.14 -18.05
C VAL X 223 -36.01 9.62 -16.86
N GLU X 224 -36.67 10.78 -16.98
CA GLU X 224 -37.63 11.17 -15.95
C GLU X 224 -38.77 10.16 -15.80
N ASN X 225 -39.27 9.62 -16.91
CA ASN X 225 -40.31 8.60 -16.82
C ASN X 225 -39.80 7.38 -16.08
N ASN X 226 -38.58 6.96 -16.40
CA ASN X 226 -37.99 5.79 -15.78
C ASN X 226 -37.73 6.00 -14.29
N ARG X 227 -37.40 7.22 -13.88
CA ARG X 227 -37.28 7.53 -12.45
C ARG X 227 -38.62 7.36 -11.75
N ILE X 228 -39.69 7.92 -12.32
CA ILE X 228 -40.99 7.82 -11.67
C ILE X 228 -41.41 6.36 -11.58
N ILE X 229 -41.20 5.60 -12.65
CA ILE X 229 -41.50 4.16 -12.63
C ILE X 229 -40.78 3.50 -11.47
N ALA X 230 -39.49 3.80 -11.27
CA ALA X 230 -38.78 3.21 -10.16
C ALA X 230 -39.37 3.63 -8.80
N LEU X 231 -39.87 4.86 -8.68
CA LEU X 231 -40.54 5.21 -7.42
C LEU X 231 -41.80 4.41 -7.20
N VAL X 232 -42.56 4.15 -8.26
CA VAL X 232 -43.75 3.32 -8.10
C VAL X 232 -43.36 1.91 -7.69
N LEU X 233 -42.37 1.30 -8.33
CA LEU X 233 -41.95 -0.03 -7.87
C LEU X 233 -41.54 -0.04 -6.41
N LEU X 234 -40.75 0.94 -5.96
CA LEU X 234 -40.34 0.98 -4.57
C LEU X 234 -41.52 1.12 -3.61
N LEU X 235 -42.46 2.00 -3.93
CA LEU X 235 -43.66 2.13 -3.09
C LEU X 235 -44.50 0.85 -3.06
N ILE X 236 -44.63 0.18 -4.20
CA ILE X 236 -45.39 -1.08 -4.20
C ILE X 236 -44.70 -2.13 -3.34
N VAL X 237 -43.40 -2.31 -3.55
CA VAL X 237 -42.67 -3.33 -2.79
C VAL X 237 -42.69 -3.05 -1.30
N LEU X 238 -42.73 -1.78 -0.89
CA LEU X 238 -42.93 -1.50 0.52
C LEU X 238 -44.36 -1.77 0.98
N ALA X 239 -45.35 -1.48 0.14
CA ALA X 239 -46.74 -1.67 0.58
C ALA X 239 -47.17 -3.13 0.67
N ILE X 240 -46.67 -4.00 -0.19
CA ILE X 240 -46.99 -5.41 -0.02
C ILE X 240 -46.36 -5.92 1.26
#